data_7ZMK
#
_entry.id   7ZMK
#
_cell.length_a   317.320
_cell.length_b   126.600
_cell.length_c   187.550
_cell.angle_alpha   90.000
_cell.angle_beta   98.857
_cell.angle_gamma   90.000
#
_symmetry.space_group_name_H-M   'C 1 2 1'
#
loop_
_entity.id
_entity.type
_entity.pdbx_description
1 polymer 'Microfibril-associated glycoprotein 4'
2 polymer 'heavy chain of antibody AS0326'
3 polymer 'Light chain of AS0326'
4 non-polymer 'CALCIUM ION'
5 water water
#
loop_
_entity_poly.entity_id
_entity_poly.type
_entity_poly.pdbx_seq_one_letter_code
_entity_poly.pdbx_strand_id
1 'polypeptide(L)'
;MKALLALPLLLLLSTPPCAPQVSGIRGDALERFCLQQPLDCDDIYAQGYQSDGVYLIYPSGPSVPVPVFCDMTTEGGKWT
VFQKRFNGSVSFFRGWNDYKLGFGRADGEYWLGLQNMHLLTLKQKYELRVDLEDFENNTAYAKYADFSISPNAVSAEEDG
YTLFVAGFEDGGAGDSLSYHSGQKFSTFDRDQDLFVQNCAALSSGAFWFRSCHFANLNGFYLGGSHLSYANGINWAQWKG
FYYSLKRTEMKIRRA
;
A,D,I,L,O,R,U,X
2 'polypeptide(L)'
;QMQLVQSGPEVKKPGTSVKVSCKASGFTFTSYWMHWVRQARGQRLEWIGVIHPNSGNTKYNEKFRSRVTMTTDTSTSTAY
MELRSLRSDDTAVYYCAREMWNYGNSWYFDVWGQGTTVTVSSASTKGPSVFPLAPSSKSTSGGTAALGCLVKDYFPEPVT
VSWNSGALTSGVHTFPAVLQSSGLYSLSSVVTVPSSSLGTQTYICNVNHKPSNTKVDKKVEP
;
B,E,G,J,M,P,S,V
3 'polypeptide(L)'
;DIQMTQSPSSLSASVGDRVTITCRASKSISKYLAWYQQKPGKAPELLIYSGSTLQSGIPARFSGSGSGTEFTLTISSLQS
EDFAVYYCQQHNEYPFTFGQGTKLEIKRTVAAPSVFIFPPSDEQLKSGTASVVCLLNNFYPREAKVQWKVDNALQSGNSQ
ESVTEQDSKDSTYSLSSTLTLSKADYEKHKVYACEVTHQGLSSPVTKSFNRGEC
;
C,F,H,K,N,Q,T,W
#
loop_
_chem_comp.id
_chem_comp.type
_chem_comp.name
_chem_comp.formula
CA non-polymer 'CALCIUM ION' 'Ca 2'
#
# COMPACT_ATOMS: atom_id res chain seq x y z
N LEU A 35 39.96 -0.94 7.69
CA LEU A 35 38.92 -1.61 8.47
C LEU A 35 38.23 -0.71 9.50
N GLN A 36 38.67 0.55 9.58
CA GLN A 36 38.02 1.56 10.40
C GLN A 36 37.35 2.58 9.49
N GLN A 37 36.15 3.02 9.89
CA GLN A 37 35.23 3.76 9.05
C GLN A 37 35.04 5.19 9.59
N PRO A 38 35.05 6.23 8.73
CA PRO A 38 34.73 7.57 9.23
C PRO A 38 33.25 7.86 9.11
N LEU A 39 32.54 8.05 10.22
CA LEU A 39 31.09 8.21 10.13
C LEU A 39 30.68 9.63 9.80
N ASP A 40 31.48 10.62 10.17
CA ASP A 40 31.26 12.01 9.82
C ASP A 40 32.45 12.44 8.97
N CYS A 41 32.52 13.73 8.65
CA CYS A 41 33.63 14.22 7.85
C CYS A 41 34.74 14.83 8.69
N ASP A 42 34.49 15.13 9.97
CA ASP A 42 35.62 15.51 10.84
C ASP A 42 36.55 14.34 11.05
N ASP A 43 36.02 13.11 10.99
CA ASP A 43 36.91 11.95 10.99
C ASP A 43 37.81 11.96 9.76
N ILE A 44 37.24 12.32 8.60
CA ILE A 44 38.03 12.33 7.37
C ILE A 44 39.20 13.28 7.49
N TYR A 45 38.99 14.40 8.18
CA TYR A 45 40.13 15.25 8.50
C TYR A 45 41.18 14.45 9.27
N ALA A 46 40.73 13.66 10.25
CA ALA A 46 41.66 12.86 11.04
C ALA A 46 42.28 11.73 10.23
N GLN A 47 41.55 11.20 9.25
CA GLN A 47 42.11 10.15 8.39
C GLN A 47 43.36 10.64 7.67
N GLY A 48 43.41 11.93 7.34
CA GLY A 48 44.57 12.52 6.68
C GLY A 48 44.20 13.19 5.36
N TYR A 49 42.94 13.53 5.20
CA TYR A 49 42.43 14.15 3.98
C TYR A 49 41.85 15.51 4.34
N GLN A 50 42.30 16.55 3.63
CA GLN A 50 41.94 17.93 3.90
C GLN A 50 41.48 18.67 2.65
N SER A 51 41.51 18.04 1.48
CA SER A 51 41.01 18.64 0.26
C SER A 51 39.49 18.52 0.22
N ASP A 52 38.82 19.65 0.02
CA ASP A 52 37.36 19.65 -0.01
C ASP A 52 36.87 18.96 -1.28
N GLY A 53 35.98 17.98 -1.12
CA GLY A 53 35.47 17.25 -2.25
C GLY A 53 34.49 16.19 -1.81
N VAL A 54 34.21 15.25 -2.72
CA VAL A 54 33.28 14.17 -2.44
C VAL A 54 34.00 13.07 -1.67
N TYR A 55 33.37 12.57 -0.61
CA TYR A 55 33.95 11.55 0.23
C TYR A 55 32.86 10.59 0.72
N LEU A 56 33.30 9.39 1.09
CA LEU A 56 32.40 8.38 1.64
C LEU A 56 32.48 8.38 3.15
N ILE A 57 31.32 8.49 3.80
CA ILE A 57 31.20 8.39 5.24
C ILE A 57 30.12 7.35 5.55
N TYR A 58 30.21 6.76 6.75
CA TYR A 58 29.37 5.64 7.14
C TYR A 58 28.51 6.06 8.33
N PRO A 59 27.42 6.81 8.09
CA PRO A 59 26.56 7.20 9.21
C PRO A 59 25.75 6.04 9.75
N SER A 60 25.21 5.20 8.86
CA SER A 60 24.52 4.00 9.31
C SER A 60 25.54 3.04 9.90
N GLY A 61 26.37 2.44 9.05
CA GLY A 61 27.37 1.51 9.51
C GLY A 61 28.33 1.12 8.41
N PRO A 62 29.26 0.20 8.71
CA PRO A 62 30.23 -0.21 7.69
C PRO A 62 29.62 -0.93 6.50
N SER A 63 28.37 -1.37 6.59
CA SER A 63 27.76 -2.10 5.49
C SER A 63 27.64 -1.22 4.24
N VAL A 64 26.97 -0.07 4.38
CA VAL A 64 26.67 0.80 3.25
C VAL A 64 27.12 2.22 3.59
N PRO A 65 27.98 2.85 2.78
CA PRO A 65 28.25 4.28 2.95
C PRO A 65 27.25 5.11 2.15
N VAL A 66 27.34 6.42 2.34
CA VAL A 66 26.58 7.40 1.56
C VAL A 66 27.54 8.53 1.22
N PRO A 67 27.69 8.91 -0.05
CA PRO A 67 28.66 9.97 -0.37
C PRO A 67 28.13 11.35 -0.01
N VAL A 68 29.05 12.21 0.42
CA VAL A 68 28.76 13.61 0.73
C VAL A 68 29.92 14.45 0.23
N PHE A 69 29.67 15.75 0.12
CA PHE A 69 30.70 16.74 -0.18
C PHE A 69 31.04 17.44 1.11
N CYS A 70 32.33 17.64 1.34
CA CYS A 70 32.86 18.26 2.55
C CYS A 70 33.63 19.51 2.22
N ASP A 71 33.37 20.56 2.98
CA ASP A 71 34.03 21.85 2.80
C ASP A 71 35.12 21.94 3.87
N MET A 72 36.26 21.32 3.55
CA MET A 72 37.44 21.32 4.40
C MET A 72 38.20 22.63 4.42
N THR A 73 37.75 23.68 3.73
CA THR A 73 38.46 24.96 3.68
C THR A 73 37.87 25.99 4.63
N THR A 74 36.54 26.11 4.65
CA THR A 74 35.90 27.24 5.31
C THR A 74 35.98 27.12 6.82
N GLU A 75 36.56 28.14 7.46
CA GLU A 75 36.63 28.30 8.91
C GLU A 75 37.14 27.03 9.58
N GLY A 76 38.33 26.61 9.17
CA GLY A 76 38.94 25.43 9.70
C GLY A 76 38.54 24.13 9.02
N GLY A 77 37.46 24.12 8.24
CA GLY A 77 37.11 22.93 7.49
C GLY A 77 36.28 21.96 8.31
N LYS A 78 36.39 20.68 7.95
CA LYS A 78 35.68 19.61 8.65
C LYS A 78 34.17 19.75 8.56
N TRP A 79 33.68 20.40 7.51
CA TRP A 79 32.25 20.63 7.34
C TRP A 79 31.64 19.49 6.53
N THR A 80 30.57 18.90 7.06
CA THR A 80 29.74 17.94 6.32
C THR A 80 28.55 18.70 5.78
N VAL A 81 28.31 18.58 4.48
CA VAL A 81 27.29 19.36 3.79
C VAL A 81 26.08 18.46 3.55
N PHE A 82 24.91 18.87 4.06
CA PHE A 82 23.67 18.13 3.88
C PHE A 82 22.70 18.87 2.95
N GLN A 83 23.18 19.81 2.14
CA GLN A 83 22.34 20.73 1.37
C GLN A 83 23.26 21.54 0.46
N LYS A 84 23.03 21.51 -0.84
CA LYS A 84 23.77 22.33 -1.80
C LYS A 84 22.82 22.76 -2.91
N ARG A 85 22.93 24.02 -3.33
CA ARG A 85 22.11 24.56 -4.40
C ARG A 85 22.86 25.69 -5.06
N PHE A 86 22.77 25.78 -6.40
CA PHE A 86 23.49 26.83 -7.10
C PHE A 86 23.10 26.90 -8.58
N ASN A 87 22.95 25.74 -9.21
CA ASN A 87 22.57 25.66 -10.62
C ASN A 87 21.09 25.96 -10.81
N GLY A 88 20.26 25.60 -9.84
CA GLY A 88 18.82 25.61 -9.99
C GLY A 88 18.24 24.45 -10.77
N SER A 89 19.10 23.55 -11.30
CA SER A 89 18.63 22.46 -12.14
C SER A 89 17.81 21.44 -11.35
N VAL A 90 18.38 20.94 -10.25
CA VAL A 90 17.68 19.96 -9.43
C VAL A 90 16.48 20.62 -8.76
N SER A 91 15.31 20.01 -8.89
CA SER A 91 14.13 20.52 -8.22
C SER A 91 14.08 19.98 -6.80
N PHE A 92 13.93 20.88 -5.83
CA PHE A 92 13.81 20.50 -4.44
C PHE A 92 12.37 20.39 -3.97
N PHE A 93 11.38 20.59 -4.85
CA PHE A 93 9.99 20.36 -4.50
C PHE A 93 9.75 18.86 -4.67
N ARG A 94 10.22 18.11 -3.68
CA ARG A 94 10.19 16.66 -3.62
C ARG A 94 9.28 16.26 -2.47
N GLY A 95 9.05 14.95 -2.34
CA GLY A 95 8.15 14.43 -1.36
C GLY A 95 8.81 14.15 -0.02
N TRP A 96 7.97 13.73 0.93
CA TRP A 96 8.47 13.37 2.25
C TRP A 96 9.41 12.17 2.17
N ASN A 97 9.17 11.25 1.25
CA ASN A 97 10.02 10.07 1.14
C ASN A 97 11.38 10.44 0.55
N ASP A 98 11.40 11.27 -0.50
CA ASP A 98 12.67 11.69 -1.09
C ASP A 98 13.50 12.47 -0.08
N TYR A 99 12.85 13.30 0.72
CA TYR A 99 13.57 14.06 1.74
C TYR A 99 13.95 13.21 2.95
N LYS A 100 13.30 12.06 3.14
CA LYS A 100 13.72 11.16 4.21
C LYS A 100 14.98 10.40 3.79
N LEU A 101 14.96 9.79 2.61
CA LEU A 101 16.09 9.00 2.14
C LEU A 101 17.21 9.84 1.54
N GLY A 102 16.93 11.07 1.15
CA GLY A 102 17.90 11.91 0.48
C GLY A 102 17.80 11.80 -1.03
N PHE A 103 18.31 12.83 -1.70
CA PHE A 103 18.18 12.93 -3.14
C PHE A 103 19.22 13.89 -3.69
N GLY A 104 19.77 13.58 -4.86
CA GLY A 104 20.68 14.46 -5.57
C GLY A 104 22.07 13.87 -5.70
N ARG A 105 22.98 14.70 -6.21
CA ARG A 105 24.37 14.33 -6.44
C ARG A 105 25.29 15.02 -5.46
N ALA A 106 26.15 14.25 -4.78
CA ALA A 106 27.13 14.85 -3.88
C ALA A 106 28.06 15.81 -4.61
N ASP A 107 28.23 15.66 -5.93
CA ASP A 107 29.02 16.62 -6.69
C ASP A 107 28.33 17.98 -6.70
N GLY A 108 27.15 18.04 -7.32
CA GLY A 108 26.40 19.29 -7.43
C GLY A 108 25.36 19.47 -6.35
N GLU A 109 24.14 19.86 -6.75
CA GLU A 109 23.09 20.13 -5.79
C GLU A 109 22.55 18.83 -5.23
N TYR A 110 22.26 18.81 -3.93
CA TYR A 110 21.70 17.60 -3.32
C TYR A 110 21.13 17.92 -1.96
N TRP A 111 20.50 16.90 -1.38
CA TRP A 111 20.00 16.91 -0.01
C TRP A 111 20.39 15.57 0.60
N LEU A 112 21.11 15.59 1.72
CA LEU A 112 21.70 14.36 2.22
C LEU A 112 20.64 13.37 2.70
N GLY A 113 19.54 13.86 3.25
CA GLY A 113 18.48 12.96 3.72
C GLY A 113 18.26 13.04 5.21
N LEU A 114 16.97 13.17 5.57
CA LEU A 114 16.62 13.38 6.97
C LEU A 114 17.03 12.22 7.85
N GLN A 115 16.93 10.99 7.33
CA GLN A 115 17.34 9.85 8.15
C GLN A 115 18.81 9.92 8.48
N ASN A 116 19.67 10.07 7.45
CA ASN A 116 21.10 10.21 7.66
C ASN A 116 21.43 11.33 8.65
N MET A 117 20.86 12.53 8.41
CA MET A 117 21.05 13.65 9.33
C MET A 117 20.69 13.27 10.75
N HIS A 118 19.59 12.53 10.93
CA HIS A 118 19.23 12.08 12.26
C HIS A 118 20.27 11.10 12.82
N LEU A 119 20.82 10.21 11.98
CA LEU A 119 21.82 9.29 12.54
C LEU A 119 23.05 10.04 13.04
N LEU A 120 23.53 11.04 12.30
CA LEU A 120 24.71 11.78 12.76
C LEU A 120 24.42 12.51 14.07
N THR A 121 23.42 13.40 14.04
CA THR A 121 23.11 14.22 15.21
C THR A 121 22.74 13.38 16.42
N LEU A 122 22.30 12.14 16.21
CA LEU A 122 21.88 11.30 17.33
C LEU A 122 23.09 10.84 18.14
N LYS A 123 24.22 10.56 17.47
CA LYS A 123 25.38 9.97 18.13
C LYS A 123 26.51 10.95 18.42
N GLN A 124 26.44 12.18 17.90
CA GLN A 124 27.41 13.22 18.23
C GLN A 124 26.71 14.57 18.24
N LYS A 125 27.31 15.51 18.98
CA LYS A 125 26.81 16.88 19.05
C LYS A 125 27.46 17.69 17.94
N TYR A 126 26.66 18.52 17.26
CA TYR A 126 27.07 19.16 16.02
C TYR A 126 26.76 20.65 16.01
N GLU A 127 27.51 21.36 15.17
CA GLU A 127 27.41 22.79 14.95
C GLU A 127 26.88 23.02 13.54
N LEU A 128 26.05 24.06 13.36
CA LEU A 128 25.46 24.37 12.07
C LEU A 128 26.07 25.65 11.49
N ARG A 129 26.29 25.64 10.18
CA ARG A 129 26.64 26.83 9.43
C ARG A 129 25.94 26.76 8.09
N VAL A 130 25.27 27.85 7.71
CA VAL A 130 24.65 28.00 6.40
C VAL A 130 25.32 29.15 5.69
N ASP A 131 25.68 28.96 4.42
CA ASP A 131 26.39 29.94 3.62
C ASP A 131 25.53 30.28 2.41
N LEU A 132 25.32 31.58 2.18
CA LEU A 132 24.36 32.07 1.20
C LEU A 132 25.04 33.03 0.23
N GLU A 133 24.43 33.18 -0.94
CA GLU A 133 24.92 34.14 -1.92
C GLU A 133 23.75 34.61 -2.78
N ASP A 134 23.72 35.91 -3.04
CA ASP A 134 22.73 36.54 -3.88
C ASP A 134 23.27 36.69 -5.30
N PHE A 135 22.54 37.42 -6.14
CA PHE A 135 22.96 37.68 -7.52
C PHE A 135 23.73 38.97 -7.67
N GLU A 136 24.14 39.61 -6.56
CA GLU A 136 24.90 40.85 -6.59
C GLU A 136 26.35 40.64 -6.12
N ASN A 137 26.86 39.41 -6.19
CA ASN A 137 28.23 39.10 -5.78
C ASN A 137 28.46 39.42 -4.31
N ASN A 138 27.51 39.03 -3.47
CA ASN A 138 27.62 39.17 -2.03
C ASN A 138 27.45 37.82 -1.35
N THR A 139 28.14 37.64 -0.23
CA THR A 139 28.13 36.42 0.56
C THR A 139 27.68 36.75 1.97
N ALA A 140 27.11 35.75 2.63
CA ALA A 140 26.62 35.91 3.99
C ALA A 140 26.53 34.53 4.61
N TYR A 141 26.29 34.49 5.92
CA TYR A 141 26.19 33.22 6.61
C TYR A 141 25.58 33.43 7.99
N ALA A 142 25.26 32.32 8.64
CA ALA A 142 24.78 32.32 10.01
C ALA A 142 25.21 31.00 10.63
N LYS A 143 25.65 31.05 11.87
CA LYS A 143 26.12 29.89 12.60
C LYS A 143 25.26 29.66 13.83
N TYR A 144 25.07 28.39 14.17
CA TYR A 144 24.33 27.99 15.36
C TYR A 144 25.15 26.96 16.10
N ALA A 145 25.37 27.21 17.40
CA ALA A 145 26.29 26.40 18.17
C ALA A 145 25.85 24.94 18.21
N ASP A 146 24.60 24.70 18.57
CA ASP A 146 24.03 23.36 18.63
C ASP A 146 23.10 23.16 17.45
N PHE A 147 23.05 21.93 16.95
CA PHE A 147 22.14 21.59 15.87
C PHE A 147 21.85 20.09 15.95
N SER A 148 20.58 19.74 15.87
CA SER A 148 20.17 18.35 15.98
C SER A 148 18.82 18.20 15.31
N ILE A 149 18.57 17.01 14.78
CA ILE A 149 17.26 16.63 14.23
C ILE A 149 16.67 15.62 15.20
N SER A 150 15.56 16.02 15.83
CA SER A 150 14.80 15.17 16.75
C SER A 150 15.72 14.52 17.79
N PRO A 151 16.47 15.31 18.55
CA PRO A 151 17.48 14.73 19.44
C PRO A 151 16.84 13.94 20.57
N ASN A 152 17.47 12.81 20.90
CA ASN A 152 16.99 11.94 21.96
C ASN A 152 15.58 11.42 21.71
N ALA A 153 15.26 11.21 20.44
CA ALA A 153 13.97 10.67 20.04
C ALA A 153 14.16 9.18 19.75
N VAL A 154 13.37 8.36 20.42
CA VAL A 154 13.47 6.91 20.24
C VAL A 154 13.11 6.52 18.82
N SER A 155 12.28 7.33 18.15
CA SER A 155 11.95 7.13 16.73
C SER A 155 11.76 8.49 16.09
N ALA A 156 12.52 8.76 15.03
CA ALA A 156 12.46 10.07 14.38
C ALA A 156 11.11 10.27 13.69
N GLU A 157 10.57 9.22 13.07
CA GLU A 157 9.27 9.33 12.40
C GLU A 157 8.20 9.83 13.36
N GLU A 158 8.06 9.17 14.52
CA GLU A 158 7.03 9.55 15.49
C GLU A 158 7.18 11.01 15.90
N ASP A 159 8.40 11.46 16.13
CA ASP A 159 8.67 12.85 16.49
C ASP A 159 8.73 13.78 15.28
N GLY A 160 8.54 13.27 14.07
CA GLY A 160 8.48 14.09 12.87
C GLY A 160 9.78 14.75 12.46
N TYR A 161 10.91 14.27 12.97
CA TYR A 161 12.22 14.83 12.66
C TYR A 161 12.27 16.34 12.95
N THR A 162 11.95 16.68 14.19
CA THR A 162 12.00 18.08 14.62
C THR A 162 13.41 18.64 14.47
N LEU A 163 13.48 19.93 14.17
CA LEU A 163 14.73 20.67 14.07
C LEU A 163 14.97 21.40 15.39
N PHE A 164 16.19 21.31 15.90
CA PHE A 164 16.58 22.04 17.10
C PHE A 164 17.87 22.78 16.81
N VAL A 165 17.87 24.08 17.12
CA VAL A 165 19.05 24.93 17.02
C VAL A 165 19.07 25.82 18.26
N ALA A 166 20.27 26.02 18.82
CA ALA A 166 20.43 26.78 20.06
C ALA A 166 21.18 28.07 19.75
N GLY A 167 22.10 28.49 20.63
CA GLY A 167 22.85 29.73 20.48
C GLY A 167 23.33 30.07 19.09
N PHE A 168 23.04 31.30 18.66
CA PHE A 168 23.23 31.73 17.29
C PHE A 168 24.33 32.79 17.24
N GLU A 169 25.35 32.54 16.43
CA GLU A 169 26.42 33.50 16.18
C GLU A 169 26.18 34.12 14.80
N ASP A 170 26.15 35.44 14.76
CA ASP A 170 25.77 36.15 13.54
C ASP A 170 26.92 36.21 12.55
N GLY A 171 26.60 35.95 11.29
CA GLY A 171 27.51 36.16 10.20
C GLY A 171 27.00 37.30 9.36
N GLY A 172 27.00 37.16 8.04
CA GLY A 172 26.44 38.21 7.19
C GLY A 172 24.93 38.31 7.31
N ALA A 173 24.25 37.17 7.29
CA ALA A 173 22.79 37.10 7.33
C ALA A 173 22.30 37.15 8.77
N GLY A 174 21.01 37.36 8.92
CA GLY A 174 20.41 37.38 10.24
C GLY A 174 20.10 35.98 10.72
N ASP A 175 19.27 35.91 11.75
CA ASP A 175 18.85 34.66 12.37
C ASP A 175 17.40 34.37 11.98
N SER A 176 17.23 33.49 11.01
CA SER A 176 15.93 33.01 10.60
C SER A 176 15.58 31.66 11.23
N LEU A 177 16.58 30.81 11.48
CA LEU A 177 16.30 29.43 11.86
C LEU A 177 15.81 29.30 13.30
N SER A 178 16.19 30.22 14.19
CA SER A 178 15.72 30.12 15.57
C SER A 178 14.20 30.16 15.65
N TYR A 179 13.56 30.83 14.69
CA TYR A 179 12.11 30.80 14.59
C TYR A 179 11.59 29.40 14.28
N HIS A 180 12.39 28.58 13.60
CA HIS A 180 11.96 27.27 13.15
C HIS A 180 12.22 26.16 14.16
N SER A 181 13.03 26.40 15.19
CA SER A 181 13.42 25.33 16.09
C SER A 181 12.20 24.74 16.78
N GLY A 182 12.18 23.42 16.88
CA GLY A 182 11.08 22.69 17.49
C GLY A 182 9.98 22.28 16.55
N GLN A 183 10.14 22.47 15.25
CA GLN A 183 9.11 22.19 14.27
C GLN A 183 9.45 20.94 13.48
N LYS A 184 8.43 20.11 13.25
CA LYS A 184 8.61 18.91 12.45
C LYS A 184 8.80 19.30 10.99
N PHE A 185 9.47 18.42 10.26
CA PHE A 185 9.72 18.65 8.84
C PHE A 185 8.46 18.31 8.04
N SER A 186 8.10 19.20 7.12
CA SER A 186 6.82 19.15 6.42
C SER A 186 7.05 19.15 4.92
N THR A 187 6.21 18.39 4.21
CA THR A 187 6.18 18.38 2.77
C THR A 187 4.73 18.43 2.33
N PHE A 188 4.52 18.66 1.04
CA PHE A 188 3.18 18.54 0.48
C PHE A 188 2.60 17.14 0.64
N ASP A 189 3.43 16.12 0.88
CA ASP A 189 2.94 14.80 1.27
C ASP A 189 2.44 14.82 2.71
N ARG A 190 3.27 15.31 3.63
CA ARG A 190 2.98 15.30 5.07
C ARG A 190 3.03 16.74 5.58
N ASP A 191 1.86 17.27 5.95
CA ASP A 191 1.74 18.63 6.49
C ASP A 191 1.85 18.52 8.00
N GLN A 192 2.95 19.06 8.54
CA GLN A 192 3.17 19.13 9.97
C GLN A 192 3.15 20.55 10.51
N ASP A 193 3.09 21.56 9.62
CA ASP A 193 3.18 22.95 10.05
C ASP A 193 1.99 23.32 10.94
N LEU A 194 2.13 24.45 11.63
CA LEU A 194 1.12 24.98 12.53
C LEU A 194 0.06 25.81 11.84
N PHE A 195 0.06 25.86 10.51
CA PHE A 195 -0.85 26.69 9.73
C PHE A 195 -1.99 25.84 9.20
N VAL A 196 -3.20 26.44 9.12
CA VAL A 196 -4.36 25.73 8.58
C VAL A 196 -4.09 25.28 7.15
N GLN A 197 -3.46 26.12 6.35
CA GLN A 197 -3.08 25.75 5.00
C GLN A 197 -1.83 24.87 5.06
N ASN A 198 -1.35 24.46 3.89
CA ASN A 198 -0.15 23.65 3.76
C ASN A 198 0.98 24.59 3.35
N CYS A 199 1.70 25.10 4.36
CA CYS A 199 2.74 26.10 4.10
C CYS A 199 3.83 25.55 3.20
N ALA A 200 4.09 24.25 3.26
CA ALA A 200 5.04 23.65 2.33
C ALA A 200 4.54 23.77 0.90
N ALA A 201 3.23 23.57 0.69
CA ALA A 201 2.68 23.66 -0.66
C ALA A 201 2.65 25.10 -1.15
N LEU A 202 2.27 26.04 -0.28
CA LEU A 202 2.22 27.44 -0.67
C LEU A 202 3.60 28.00 -0.96
N SER A 203 4.62 27.46 -0.29
CA SER A 203 5.98 27.94 -0.41
C SER A 203 6.79 27.20 -1.46
N SER A 204 6.24 26.16 -2.09
CA SER A 204 6.92 25.40 -3.13
C SER A 204 8.26 24.84 -2.62
N GLY A 205 8.21 24.25 -1.44
CA GLY A 205 9.41 23.63 -0.89
C GLY A 205 9.09 22.82 0.34
N ALA A 206 10.16 22.39 1.02
CA ALA A 206 10.07 21.60 2.24
C ALA A 206 10.98 22.22 3.29
N PHE A 207 10.47 22.31 4.52
CA PHE A 207 11.20 22.92 5.62
C PHE A 207 10.46 22.61 6.91
N TRP A 208 11.12 22.89 8.03
CA TRP A 208 10.51 22.75 9.34
C TRP A 208 9.62 23.98 9.56
N PHE A 209 8.42 23.92 8.97
CA PHE A 209 7.56 25.09 8.88
C PHE A 209 6.75 25.28 10.16
N ARG A 210 6.47 26.54 10.48
CA ARG A 210 5.67 26.94 11.64
C ARG A 210 4.34 27.49 11.14
N SER A 211 3.93 28.71 11.52
CA SER A 211 2.85 29.37 10.79
C SER A 211 3.25 29.56 9.34
N CYS A 212 4.48 30.00 9.11
CA CYS A 212 5.18 29.87 7.83
C CYS A 212 6.60 30.38 8.05
N HIS A 213 7.45 30.09 7.09
CA HIS A 213 8.88 30.22 7.26
C HIS A 213 9.36 31.67 7.36
N PHE A 214 10.51 31.84 8.02
CA PHE A 214 11.43 32.94 7.76
C PHE A 214 12.63 32.51 6.92
N ALA A 215 12.82 31.20 6.73
CA ALA A 215 13.86 30.68 5.85
C ALA A 215 13.29 29.51 5.07
N ASN A 216 13.34 29.60 3.75
CA ASN A 216 12.83 28.56 2.85
C ASN A 216 13.94 28.13 1.91
N LEU A 217 14.99 27.53 2.46
CA LEU A 217 16.16 27.18 1.66
C LEU A 217 15.91 26.03 0.68
N ASN A 218 14.71 25.45 0.65
CA ASN A 218 14.33 24.45 -0.34
C ASN A 218 13.23 24.93 -1.30
N GLY A 219 12.96 26.23 -1.36
CA GLY A 219 11.94 26.76 -2.25
C GLY A 219 12.34 26.67 -3.71
N PHE A 220 11.46 27.19 -4.55
CA PHE A 220 11.69 27.15 -5.99
C PHE A 220 12.74 28.19 -6.39
N TYR A 221 13.64 27.79 -7.27
CA TYR A 221 14.80 28.62 -7.64
C TYR A 221 14.33 29.60 -8.69
N LEU A 222 13.78 30.72 -8.21
CA LEU A 222 13.22 31.76 -9.05
C LEU A 222 14.25 32.75 -9.58
N GLY A 223 15.51 32.61 -9.18
CA GLY A 223 16.58 33.39 -9.77
C GLY A 223 16.46 34.89 -9.69
N GLY A 224 16.49 35.44 -8.47
CA GLY A 224 16.46 36.87 -8.25
C GLY A 224 15.26 37.29 -7.40
N SER A 225 14.69 38.44 -7.75
CA SER A 225 13.50 38.95 -7.07
C SER A 225 12.25 38.33 -7.66
N HIS A 226 11.21 38.21 -6.83
CA HIS A 226 9.95 37.66 -7.27
C HIS A 226 8.79 38.36 -6.57
N LEU A 227 7.71 38.56 -7.33
CA LEU A 227 6.55 39.28 -6.82
C LEU A 227 5.63 38.37 -6.01
N SER A 228 5.76 37.06 -6.14
CA SER A 228 5.03 36.14 -5.29
C SER A 228 5.68 36.10 -3.91
N TYR A 229 4.90 35.67 -2.93
CA TYR A 229 5.24 35.82 -1.52
C TYR A 229 5.87 34.55 -0.98
N ALA A 230 7.15 34.62 -0.63
CA ALA A 230 7.76 33.70 0.31
C ALA A 230 7.77 32.27 -0.19
N ASN A 231 8.12 32.07 -1.45
CA ASN A 231 8.12 30.75 -2.04
C ASN A 231 9.47 30.37 -2.65
N GLY A 232 10.41 31.31 -2.79
CA GLY A 232 11.73 31.00 -3.30
C GLY A 232 12.73 30.67 -2.20
N ILE A 233 13.96 30.37 -2.64
CA ILE A 233 15.06 30.23 -1.69
C ILE A 233 15.24 31.58 -1.00
N ASN A 234 14.66 31.74 0.19
CA ASN A 234 14.60 33.00 0.89
C ASN A 234 15.21 32.87 2.29
N TRP A 235 16.08 33.81 2.62
CA TRP A 235 16.50 34.05 3.99
C TRP A 235 15.92 35.41 4.35
N ALA A 236 14.88 35.40 5.20
CA ALA A 236 14.12 36.62 5.46
C ALA A 236 15.01 37.73 5.99
N GLN A 237 15.86 37.41 6.98
CA GLN A 237 16.60 38.46 7.66
C GLN A 237 17.71 39.05 6.82
N TRP A 238 18.14 38.38 5.74
CA TRP A 238 19.20 38.88 4.88
C TRP A 238 18.67 39.60 3.65
N LYS A 239 17.80 38.95 2.86
CA LYS A 239 17.28 39.54 1.63
C LYS A 239 15.75 39.47 1.56
N GLY A 240 15.09 39.24 2.68
CA GLY A 240 13.64 39.36 2.71
C GLY A 240 12.94 38.20 2.03
N PHE A 241 11.62 38.36 1.91
CA PHE A 241 10.77 37.32 1.34
C PHE A 241 10.61 37.39 -0.18
N TYR A 242 10.98 38.50 -0.82
CA TYR A 242 10.82 38.67 -2.27
C TYR A 242 12.15 38.61 -3.00
N TYR A 243 13.12 37.89 -2.45
CA TYR A 243 14.43 37.75 -3.09
C TYR A 243 14.86 36.30 -2.97
N SER A 244 15.22 35.72 -4.12
CA SER A 244 15.62 34.33 -4.23
C SER A 244 17.13 34.28 -4.40
N LEU A 245 17.81 33.60 -3.49
CA LEU A 245 19.27 33.56 -3.53
C LEU A 245 19.75 32.84 -4.80
N LYS A 246 21.08 32.89 -5.02
CA LYS A 246 21.72 32.17 -6.12
C LYS A 246 22.35 30.87 -5.66
N ARG A 247 23.01 30.87 -4.49
CA ARG A 247 23.67 29.70 -3.96
C ARG A 247 23.24 29.52 -2.52
N THR A 248 23.29 28.27 -2.06
CA THR A 248 22.79 27.93 -0.73
C THR A 248 23.41 26.60 -0.34
N GLU A 249 23.91 26.52 0.89
CA GLU A 249 24.43 25.25 1.39
C GLU A 249 24.50 25.29 2.90
N MET A 250 24.12 24.19 3.52
CA MET A 250 24.03 24.06 4.97
C MET A 250 25.06 23.04 5.43
N LYS A 251 25.98 23.48 6.28
CA LYS A 251 27.17 22.73 6.67
C LYS A 251 27.09 22.32 8.12
N ILE A 252 27.77 21.22 8.46
CA ILE A 252 27.74 20.64 9.80
C ILE A 252 29.15 20.17 10.19
N ARG A 253 29.51 20.39 11.46
CA ARG A 253 30.81 19.99 11.99
C ARG A 253 30.64 19.52 13.42
N ARG A 254 31.58 18.73 13.90
CA ARG A 254 31.50 18.18 15.25
C ARG A 254 31.60 19.29 16.29
N ALA A 255 30.61 19.32 17.18
CA ALA A 255 30.48 20.19 18.36
C ALA A 255 31.34 21.45 18.36
N GLN B 1 -52.67 -8.20 -33.70
CA GLN B 1 -51.59 -9.12 -34.17
C GLN B 1 -50.56 -8.36 -34.99
N MET B 2 -49.35 -8.93 -35.11
CA MET B 2 -48.29 -8.30 -35.88
C MET B 2 -48.69 -8.15 -37.34
N GLN B 3 -48.93 -6.91 -37.77
CA GLN B 3 -49.42 -6.63 -39.11
C GLN B 3 -48.77 -5.36 -39.65
N LEU B 4 -48.53 -5.35 -40.94
CA LEU B 4 -48.07 -4.17 -41.67
C LEU B 4 -49.09 -3.89 -42.76
N VAL B 5 -49.66 -2.68 -42.74
CA VAL B 5 -50.71 -2.29 -43.67
C VAL B 5 -50.11 -1.30 -44.65
N GLN B 6 -49.88 -1.77 -45.88
CA GLN B 6 -49.31 -0.93 -46.91
C GLN B 6 -50.40 -0.13 -47.62
N SER B 7 -49.95 0.81 -48.45
CA SER B 7 -50.83 1.62 -49.26
C SER B 7 -51.38 0.83 -50.45
N GLY B 8 -52.57 1.23 -50.91
CA GLY B 8 -53.18 0.70 -52.10
C GLY B 8 -52.44 1.11 -53.36
N PRO B 9 -52.91 0.63 -54.51
CA PRO B 9 -52.22 0.90 -55.77
C PRO B 9 -52.28 2.36 -56.18
N GLU B 10 -51.30 2.76 -56.97
CA GLU B 10 -51.22 4.09 -57.54
C GLU B 10 -50.79 3.97 -58.99
N VAL B 11 -51.32 4.85 -59.83
CA VAL B 11 -50.96 4.93 -61.24
C VAL B 11 -50.28 6.28 -61.43
N LYS B 12 -49.06 6.26 -61.97
CA LYS B 12 -48.24 7.45 -62.08
C LYS B 12 -47.72 7.58 -63.49
N LYS B 13 -47.52 8.81 -63.93
CA LYS B 13 -46.92 9.03 -65.24
C LYS B 13 -45.42 8.89 -65.12
N PRO B 14 -44.72 8.63 -66.22
CA PRO B 14 -43.26 8.54 -66.14
C PRO B 14 -42.65 9.87 -65.76
N GLY B 15 -41.59 9.81 -64.95
CA GLY B 15 -40.90 11.00 -64.49
C GLY B 15 -41.46 11.60 -63.21
N THR B 16 -42.67 11.21 -62.82
CA THR B 16 -43.27 11.71 -61.59
C THR B 16 -42.74 10.93 -60.40
N SER B 17 -43.23 11.27 -59.21
CA SER B 17 -42.84 10.65 -57.95
C SER B 17 -44.05 9.97 -57.33
N VAL B 18 -43.78 8.89 -56.61
CA VAL B 18 -44.79 8.13 -55.87
C VAL B 18 -44.31 8.01 -54.43
N LYS B 19 -45.27 8.03 -53.50
CA LYS B 19 -45.01 7.96 -52.07
C LYS B 19 -45.83 6.84 -51.48
N VAL B 20 -45.16 5.82 -50.95
CA VAL B 20 -45.78 4.60 -50.45
C VAL B 20 -45.72 4.60 -48.93
N SER B 21 -46.86 4.30 -48.30
CA SER B 21 -46.97 4.20 -46.86
C SER B 21 -47.00 2.75 -46.39
N CYS B 22 -46.65 2.57 -45.12
CA CYS B 22 -46.63 1.24 -44.53
C CYS B 22 -46.73 1.42 -43.01
N LYS B 23 -47.91 1.16 -42.46
CA LYS B 23 -48.17 1.41 -41.04
C LYS B 23 -48.08 0.11 -40.25
N ALA B 24 -47.49 0.20 -39.06
CA ALA B 24 -47.19 -0.95 -38.22
C ALA B 24 -48.11 -1.01 -37.01
N SER B 25 -48.46 -2.24 -36.63
CA SER B 25 -49.27 -2.50 -35.45
C SER B 25 -48.90 -3.89 -34.94
N GLY B 26 -49.06 -4.09 -33.63
CA GLY B 26 -48.75 -5.36 -33.01
C GLY B 26 -47.33 -5.49 -32.49
N PHE B 27 -46.49 -4.49 -32.71
CA PHE B 27 -45.12 -4.52 -32.20
C PHE B 27 -44.64 -3.08 -32.07
N THR B 28 -43.71 -2.87 -31.15
CA THR B 28 -43.13 -1.54 -30.96
C THR B 28 -42.38 -1.12 -32.22
N PHE B 29 -42.87 -0.07 -32.88
CA PHE B 29 -42.35 0.29 -34.20
C PHE B 29 -40.89 0.73 -34.15
N THR B 30 -40.46 1.32 -33.05
CA THR B 30 -39.11 1.89 -32.96
C THR B 30 -38.03 0.83 -32.76
N SER B 31 -38.39 -0.42 -32.47
CA SER B 31 -37.41 -1.43 -32.10
C SER B 31 -36.76 -2.13 -33.28
N TYR B 32 -37.48 -2.31 -34.38
CA TYR B 32 -37.06 -3.15 -35.50
C TYR B 32 -36.73 -2.32 -36.72
N TRP B 33 -35.79 -2.82 -37.52
CA TRP B 33 -35.47 -2.20 -38.79
C TRP B 33 -36.59 -2.47 -39.80
N MET B 34 -36.73 -1.57 -40.77
CA MET B 34 -37.75 -1.66 -41.80
C MET B 34 -37.08 -1.73 -43.16
N HIS B 35 -37.46 -2.75 -43.95
CA HIS B 35 -36.89 -2.99 -45.27
C HIS B 35 -37.96 -2.77 -46.32
N TRP B 36 -37.51 -2.40 -47.53
CA TRP B 36 -38.40 -2.18 -48.66
C TRP B 36 -37.92 -3.00 -49.84
N VAL B 37 -38.83 -3.79 -50.41
CA VAL B 37 -38.53 -4.75 -51.47
C VAL B 37 -39.60 -4.61 -52.55
N ARG B 38 -39.20 -4.71 -53.81
CA ARG B 38 -40.12 -4.66 -54.93
C ARG B 38 -40.05 -5.96 -55.72
N GLN B 39 -41.20 -6.40 -56.22
CA GLN B 39 -41.32 -7.64 -56.98
C GLN B 39 -41.96 -7.31 -58.33
N ALA B 40 -41.13 -7.09 -59.34
CA ALA B 40 -41.63 -7.03 -60.70
C ALA B 40 -42.23 -8.37 -61.07
N ARG B 41 -43.34 -8.33 -61.79
CA ARG B 41 -44.08 -9.55 -62.12
C ARG B 41 -43.19 -10.57 -62.84
N GLY B 42 -43.15 -11.78 -62.30
CA GLY B 42 -42.37 -12.85 -62.90
C GLY B 42 -40.90 -12.55 -63.04
N GLN B 43 -40.31 -11.85 -62.07
CA GLN B 43 -38.92 -11.44 -62.16
C GLN B 43 -38.33 -11.40 -60.76
N ARG B 44 -37.03 -11.08 -60.69
CA ARG B 44 -36.32 -11.19 -59.42
C ARG B 44 -36.64 -10.03 -58.50
N LEU B 45 -36.86 -10.36 -57.24
CA LEU B 45 -37.17 -9.35 -56.25
C LEU B 45 -35.95 -8.47 -56.04
N GLU B 46 -36.17 -7.18 -55.87
CA GLU B 46 -35.10 -6.22 -55.68
C GLU B 46 -35.29 -5.56 -54.34
N TRP B 47 -34.23 -5.57 -53.54
CA TRP B 47 -34.22 -4.95 -52.23
C TRP B 47 -33.93 -3.46 -52.42
N ILE B 48 -34.85 -2.61 -51.96
CA ILE B 48 -34.69 -1.18 -52.13
C ILE B 48 -33.69 -0.63 -51.12
N GLY B 49 -34.01 -0.73 -49.85
CA GLY B 49 -33.15 -0.19 -48.82
C GLY B 49 -33.72 -0.50 -47.45
N VAL B 50 -33.12 0.14 -46.44
CA VAL B 50 -33.47 -0.10 -45.05
C VAL B 50 -33.50 1.24 -44.34
N ILE B 51 -34.33 1.32 -43.30
CA ILE B 51 -34.42 2.49 -42.43
C ILE B 51 -34.80 2.01 -41.04
N HIS B 52 -34.21 2.66 -40.02
CA HIS B 52 -34.61 2.39 -38.63
C HIS B 52 -35.45 3.55 -38.11
N PRO B 53 -36.63 3.33 -37.53
CA PRO B 53 -37.44 4.48 -37.11
C PRO B 53 -36.84 5.27 -35.95
N ASN B 54 -36.18 4.59 -35.01
CA ASN B 54 -35.69 5.27 -33.81
C ASN B 54 -34.60 6.27 -34.16
N SER B 55 -33.61 5.85 -34.95
CA SER B 55 -32.49 6.72 -35.29
C SER B 55 -32.70 7.48 -36.59
N GLY B 56 -33.44 6.91 -37.53
CA GLY B 56 -33.59 7.50 -38.84
C GLY B 56 -32.45 7.22 -39.81
N ASN B 57 -31.42 6.50 -39.38
CA ASN B 57 -30.36 6.10 -40.31
C ASN B 57 -30.95 5.22 -41.42
N THR B 58 -30.39 5.37 -42.61
CA THR B 58 -30.88 4.68 -43.80
C THR B 58 -29.70 4.04 -44.51
N LYS B 59 -29.97 2.95 -45.23
CA LYS B 59 -28.98 2.33 -46.11
C LYS B 59 -29.72 1.80 -47.33
N TYR B 60 -29.38 2.33 -48.50
CA TYR B 60 -30.07 2.07 -49.76
C TYR B 60 -29.29 1.11 -50.65
N ASN B 61 -30.00 0.55 -51.64
CA ASN B 61 -29.36 -0.16 -52.73
C ASN B 61 -28.68 0.86 -53.64
N GLU B 62 -27.50 0.49 -54.16
CA GLU B 62 -26.67 1.45 -54.89
C GLU B 62 -27.37 2.01 -56.11
N LYS B 63 -28.10 1.18 -56.84
CA LYS B 63 -28.71 1.64 -58.08
C LYS B 63 -29.89 2.58 -57.86
N PHE B 64 -30.48 2.58 -56.66
CA PHE B 64 -31.63 3.42 -56.35
C PHE B 64 -31.29 4.70 -55.60
N ARG B 65 -30.04 4.89 -55.15
CA ARG B 65 -29.69 6.12 -54.48
C ARG B 65 -29.99 7.32 -55.35
N SER B 66 -30.36 8.42 -54.69
CA SER B 66 -30.76 9.69 -55.29
C SER B 66 -32.21 9.69 -55.77
N ARG B 67 -32.73 8.50 -56.08
CA ARG B 67 -34.09 8.33 -56.56
C ARG B 67 -35.05 8.00 -55.44
N VAL B 68 -34.66 7.13 -54.51
CA VAL B 68 -35.54 6.73 -53.42
C VAL B 68 -35.10 7.44 -52.16
N THR B 69 -36.07 7.86 -51.35
CA THR B 69 -35.81 8.47 -50.05
C THR B 69 -36.84 7.93 -49.07
N MET B 70 -36.38 7.50 -47.91
CA MET B 70 -37.21 6.85 -46.91
C MET B 70 -37.37 7.76 -45.69
N THR B 71 -38.58 7.81 -45.15
CA THR B 71 -38.85 8.59 -43.96
C THR B 71 -39.76 7.76 -43.06
N THR B 72 -39.87 8.17 -41.79
CA THR B 72 -40.70 7.51 -40.81
C THR B 72 -41.34 8.54 -39.89
N ASP B 73 -42.62 8.36 -39.60
CA ASP B 73 -43.36 9.16 -38.63
C ASP B 73 -43.51 8.32 -37.37
N THR B 74 -42.79 8.71 -36.30
CA THR B 74 -42.79 7.92 -35.09
C THR B 74 -44.14 7.98 -34.37
N SER B 75 -44.84 9.11 -34.45
CA SER B 75 -46.10 9.26 -33.73
C SER B 75 -47.16 8.29 -34.23
N THR B 76 -47.27 8.13 -35.54
CA THR B 76 -48.29 7.29 -36.15
C THR B 76 -47.82 5.88 -36.44
N SER B 77 -46.57 5.54 -36.10
CA SER B 77 -46.02 4.20 -36.33
C SER B 77 -46.04 3.84 -37.82
N THR B 78 -45.69 4.80 -38.67
CA THR B 78 -45.74 4.66 -40.12
C THR B 78 -44.34 4.79 -40.70
N ALA B 79 -44.07 3.99 -41.73
CA ALA B 79 -42.82 4.03 -42.48
C ALA B 79 -43.15 4.42 -43.92
N TYR B 80 -42.35 5.33 -44.48
CA TYR B 80 -42.59 5.86 -45.82
C TYR B 80 -41.46 5.48 -46.76
N MET B 81 -41.83 5.29 -48.04
CA MET B 81 -40.88 5.04 -49.11
C MET B 81 -41.36 5.82 -50.32
N GLU B 82 -40.45 6.58 -50.94
CA GLU B 82 -40.81 7.44 -52.06
C GLU B 82 -39.73 7.35 -53.12
N LEU B 83 -40.11 6.98 -54.35
CA LEU B 83 -39.21 6.93 -55.49
C LEU B 83 -39.43 8.17 -56.34
N ARG B 84 -38.39 8.99 -56.50
CA ARG B 84 -38.57 10.36 -56.97
C ARG B 84 -38.88 10.40 -58.47
N SER B 85 -37.96 9.95 -59.31
CA SER B 85 -38.14 9.98 -60.76
C SER B 85 -38.46 8.56 -61.22
N LEU B 86 -39.66 8.39 -61.79
CA LEU B 86 -40.15 7.07 -62.14
C LEU B 86 -39.85 6.73 -63.60
N ARG B 87 -39.83 5.43 -63.87
CA ARG B 87 -39.38 4.86 -65.12
C ARG B 87 -40.27 3.67 -65.43
N SER B 88 -40.59 3.50 -66.72
CA SER B 88 -41.58 2.51 -67.14
C SER B 88 -41.28 1.11 -66.59
N ASP B 89 -40.00 0.76 -66.42
CA ASP B 89 -39.64 -0.54 -65.88
C ASP B 89 -39.82 -0.65 -64.37
N ASP B 90 -40.01 0.46 -63.65
CA ASP B 90 -40.23 0.41 -62.22
C ASP B 90 -41.59 -0.15 -61.82
N THR B 91 -42.48 -0.40 -62.79
CA THR B 91 -43.76 -1.05 -62.53
C THR B 91 -43.54 -2.36 -61.78
N ALA B 92 -44.00 -2.43 -60.53
CA ALA B 92 -43.79 -3.63 -59.72
C ALA B 92 -44.64 -3.51 -58.46
N VAL B 93 -44.64 -4.57 -57.66
CA VAL B 93 -45.31 -4.61 -56.37
C VAL B 93 -44.28 -4.30 -55.30
N TYR B 94 -44.55 -3.28 -54.49
CA TYR B 94 -43.61 -2.79 -53.49
C TYR B 94 -44.04 -3.25 -52.11
N TYR B 95 -43.14 -3.94 -51.40
CA TYR B 95 -43.41 -4.44 -50.05
C TYR B 95 -42.55 -3.73 -49.01
N CYS B 96 -43.09 -3.61 -47.80
CA CYS B 96 -42.34 -3.24 -46.62
C CYS B 96 -42.25 -4.46 -45.71
N ALA B 97 -41.05 -4.74 -45.20
CA ALA B 97 -40.83 -5.94 -44.41
C ALA B 97 -39.94 -5.60 -43.22
N ARG B 98 -40.22 -6.28 -42.11
CA ARG B 98 -39.55 -6.06 -40.83
C ARG B 98 -38.44 -7.08 -40.66
N GLU B 99 -37.25 -6.59 -40.31
CA GLU B 99 -36.14 -7.44 -39.97
C GLU B 99 -36.29 -7.86 -38.52
N MET B 100 -36.45 -9.15 -38.26
CA MET B 100 -36.41 -9.59 -36.88
C MET B 100 -34.99 -9.46 -36.33
N TRP B 101 -34.89 -9.44 -35.01
CA TRP B 101 -33.61 -9.58 -34.34
C TRP B 101 -33.45 -11.05 -33.96
N ASN B 102 -32.22 -11.54 -33.99
CA ASN B 102 -32.02 -12.95 -33.67
C ASN B 102 -30.55 -13.28 -33.44
N TYR B 103 -29.90 -12.50 -32.57
CA TYR B 103 -28.60 -12.85 -32.00
C TYR B 103 -27.59 -13.33 -33.06
N GLY B 104 -27.53 -12.62 -34.17
CA GLY B 104 -26.57 -12.99 -35.18
C GLY B 104 -26.73 -12.25 -36.47
N ASN B 105 -26.71 -12.98 -37.59
CA ASN B 105 -26.71 -12.30 -38.88
C ASN B 105 -27.99 -11.52 -39.07
N SER B 106 -29.13 -12.08 -38.63
CA SER B 106 -30.45 -11.47 -38.78
C SER B 106 -30.58 -11.12 -40.26
N TRP B 107 -31.02 -9.91 -40.61
CA TRP B 107 -31.01 -9.45 -42.01
C TRP B 107 -31.90 -10.34 -42.89
N TYR B 108 -32.90 -10.97 -42.28
CA TYR B 108 -33.92 -11.72 -42.99
C TYR B 108 -35.28 -11.30 -42.43
N PHE B 109 -36.27 -11.31 -43.31
CA PHE B 109 -37.50 -10.55 -43.09
C PHE B 109 -38.61 -11.52 -42.69
N ASP B 110 -39.10 -11.40 -41.45
CA ASP B 110 -40.05 -12.34 -40.90
C ASP B 110 -41.49 -11.89 -41.03
N VAL B 111 -41.73 -10.60 -41.24
CA VAL B 111 -43.08 -10.05 -41.28
C VAL B 111 -43.15 -9.07 -42.44
N TRP B 112 -44.15 -9.24 -43.29
CA TRP B 112 -44.31 -8.49 -44.53
C TRP B 112 -45.64 -7.76 -44.52
N GLY B 113 -45.73 -6.74 -45.36
CA GLY B 113 -47.00 -6.10 -45.57
C GLY B 113 -47.89 -6.99 -46.42
N GLN B 114 -48.51 -6.39 -47.43
CA GLN B 114 -49.33 -7.16 -48.37
C GLN B 114 -49.34 -6.51 -49.75
N GLY B 115 -48.32 -5.72 -50.09
CA GLY B 115 -48.15 -5.22 -51.44
C GLY B 115 -48.77 -3.86 -51.74
N THR B 116 -48.03 -3.05 -52.50
CA THR B 116 -48.52 -1.83 -53.11
C THR B 116 -48.19 -1.92 -54.60
N THR B 117 -49.12 -2.44 -55.38
CA THR B 117 -48.89 -2.56 -56.82
C THR B 117 -48.83 -1.17 -57.43
N VAL B 118 -47.66 -0.81 -57.97
CA VAL B 118 -47.42 0.50 -58.58
C VAL B 118 -47.32 0.31 -60.09
N THR B 119 -48.11 1.09 -60.82
CA THR B 119 -48.13 1.07 -62.28
C THR B 119 -47.66 2.41 -62.80
N VAL B 120 -46.65 2.40 -63.66
CA VAL B 120 -46.12 3.60 -64.30
C VAL B 120 -46.24 3.42 -65.80
N SER B 121 -46.91 4.37 -66.45
CA SER B 121 -47.16 4.31 -67.88
C SER B 121 -47.70 5.65 -68.35
N SER B 122 -47.44 5.97 -69.61
CA SER B 122 -47.94 7.19 -70.22
C SER B 122 -49.38 7.09 -70.68
N ALA B 123 -50.01 5.91 -70.58
CA ALA B 123 -51.40 5.76 -71.00
C ALA B 123 -52.34 6.45 -70.01
N SER B 124 -53.47 6.91 -70.53
CA SER B 124 -54.50 7.56 -69.74
C SER B 124 -55.64 6.59 -69.48
N THR B 125 -56.39 6.85 -68.40
CA THR B 125 -57.45 5.95 -67.99
C THR B 125 -58.54 5.91 -69.06
N LYS B 126 -58.88 4.70 -69.50
CA LYS B 126 -59.86 4.48 -70.56
C LYS B 126 -60.72 3.28 -70.21
N GLY B 127 -61.98 3.34 -70.62
CA GLY B 127 -62.91 2.27 -70.35
C GLY B 127 -62.76 1.14 -71.35
N PRO B 128 -63.26 -0.05 -71.02
CA PRO B 128 -63.08 -1.20 -71.91
C PRO B 128 -64.07 -1.22 -73.05
N SER B 129 -63.72 -2.00 -74.07
CA SER B 129 -64.61 -2.34 -75.16
C SER B 129 -64.80 -3.85 -75.14
N VAL B 130 -66.03 -4.30 -74.88
CA VAL B 130 -66.34 -5.71 -74.73
C VAL B 130 -66.84 -6.22 -76.06
N PHE B 131 -66.32 -7.37 -76.49
CA PHE B 131 -66.68 -8.00 -77.75
C PHE B 131 -67.03 -9.47 -77.50
N PRO B 132 -68.12 -9.99 -78.10
CA PRO B 132 -68.48 -11.38 -77.84
C PRO B 132 -67.61 -12.34 -78.64
N LEU B 133 -67.38 -13.50 -78.04
CA LEU B 133 -66.69 -14.61 -78.69
C LEU B 133 -67.73 -15.71 -78.87
N ALA B 134 -68.45 -15.62 -79.99
CA ALA B 134 -69.63 -16.46 -80.18
C ALA B 134 -69.23 -17.92 -80.36
N PRO B 135 -70.04 -18.86 -79.87
CA PRO B 135 -69.79 -20.26 -80.17
C PRO B 135 -70.35 -20.63 -81.54
N SER B 136 -69.81 -21.70 -82.11
CA SER B 136 -70.22 -22.17 -83.43
C SER B 136 -70.27 -23.69 -83.41
N SER B 137 -70.93 -24.24 -84.45
CA SER B 137 -70.93 -25.68 -84.66
C SER B 137 -69.56 -26.20 -85.04
N LYS B 138 -68.67 -25.33 -85.52
CA LYS B 138 -67.31 -25.70 -85.92
C LYS B 138 -66.38 -25.75 -84.71
N SER B 139 -66.61 -24.90 -83.71
CA SER B 139 -65.87 -24.92 -82.45
C SER B 139 -66.51 -25.84 -81.41
N THR B 140 -67.38 -26.75 -81.81
CA THR B 140 -68.04 -27.69 -80.91
C THR B 140 -67.33 -29.03 -80.96
N SER B 141 -66.86 -29.51 -79.81
CA SER B 141 -66.21 -30.82 -79.67
C SER B 141 -67.19 -31.73 -78.94
N GLY B 142 -67.85 -32.59 -79.69
CA GLY B 142 -68.85 -33.48 -79.12
C GLY B 142 -70.07 -32.71 -78.66
N GLY B 143 -70.36 -32.77 -77.36
CA GLY B 143 -71.49 -32.08 -76.77
C GLY B 143 -71.16 -30.86 -75.94
N THR B 144 -69.91 -30.39 -75.95
CA THR B 144 -69.49 -29.25 -75.14
C THR B 144 -68.85 -28.21 -76.06
N ALA B 145 -69.38 -26.99 -76.01
CA ALA B 145 -68.88 -25.86 -76.77
C ALA B 145 -68.38 -24.79 -75.80
N ALA B 146 -67.68 -23.81 -76.35
CA ALA B 146 -67.06 -22.74 -75.58
C ALA B 146 -67.48 -21.40 -76.16
N LEU B 147 -67.66 -20.42 -75.27
CA LEU B 147 -67.97 -19.04 -75.65
C LEU B 147 -67.25 -18.13 -74.68
N GLY B 148 -67.21 -16.84 -75.00
CA GLY B 148 -66.48 -15.93 -74.13
C GLY B 148 -66.73 -14.48 -74.47
N CYS B 149 -66.03 -13.62 -73.72
CA CYS B 149 -66.03 -12.17 -73.90
C CYS B 149 -64.60 -11.69 -74.02
N LEU B 150 -64.39 -10.70 -74.90
CA LEU B 150 -63.08 -10.10 -75.12
C LEU B 150 -63.14 -8.69 -74.57
N VAL B 151 -62.51 -8.48 -73.41
CA VAL B 151 -62.44 -7.16 -72.78
C VAL B 151 -61.17 -6.51 -73.31
N LYS B 152 -61.32 -5.63 -74.30
CA LYS B 152 -60.18 -5.06 -75.03
C LYS B 152 -60.05 -3.57 -74.77
N ASP B 153 -58.80 -3.11 -74.74
CA ASP B 153 -58.45 -1.69 -74.68
C ASP B 153 -59.05 -1.02 -73.45
N TYR B 154 -58.37 -1.13 -72.32
CA TYR B 154 -58.75 -0.44 -71.09
C TYR B 154 -57.50 -0.14 -70.28
N PHE B 155 -57.57 0.92 -69.48
CA PHE B 155 -56.47 1.30 -68.60
C PHE B 155 -57.07 2.02 -67.41
N PRO B 156 -56.56 1.78 -66.19
CA PRO B 156 -55.56 0.83 -65.70
C PRO B 156 -56.22 -0.45 -65.23
N GLU B 157 -55.42 -1.39 -64.74
CA GLU B 157 -55.97 -2.55 -64.05
C GLU B 157 -56.77 -2.05 -62.84
N PRO B 158 -57.71 -2.85 -62.31
CA PRO B 158 -58.25 -4.13 -62.75
C PRO B 158 -59.66 -4.05 -63.33
N VAL B 159 -60.06 -5.11 -64.03
CA VAL B 159 -61.42 -5.27 -64.52
C VAL B 159 -61.92 -6.64 -64.04
N THR B 160 -63.20 -6.70 -63.69
CA THR B 160 -63.82 -7.90 -63.14
C THR B 160 -64.87 -8.42 -64.12
N VAL B 161 -64.81 -9.71 -64.42
CA VAL B 161 -65.72 -10.36 -65.34
C VAL B 161 -66.46 -11.46 -64.57
N SER B 162 -67.77 -11.51 -64.75
CA SER B 162 -68.62 -12.53 -64.15
C SER B 162 -69.70 -12.90 -65.14
N TRP B 163 -70.14 -14.16 -65.09
CA TRP B 163 -71.09 -14.71 -66.04
C TRP B 163 -72.45 -14.91 -65.38
N ASN B 164 -73.49 -14.34 -66.00
CA ASN B 164 -74.86 -14.39 -65.48
C ASN B 164 -74.93 -13.86 -64.05
N SER B 165 -74.28 -12.72 -63.82
CA SER B 165 -74.28 -12.04 -62.53
C SER B 165 -73.70 -12.95 -61.43
N GLY B 166 -72.72 -13.77 -61.79
CA GLY B 166 -72.08 -14.66 -60.84
C GLY B 166 -72.77 -15.99 -60.63
N ALA B 167 -73.91 -16.21 -61.27
CA ALA B 167 -74.63 -17.48 -61.11
C ALA B 167 -73.93 -18.64 -61.79
N LEU B 168 -73.05 -18.38 -62.76
CA LEU B 168 -72.31 -19.40 -63.49
C LEU B 168 -70.83 -19.29 -63.13
N THR B 169 -70.26 -20.38 -62.62
CA THR B 169 -68.87 -20.43 -62.21
C THR B 169 -68.13 -21.67 -62.71
N SER B 170 -68.81 -22.82 -62.77
CA SER B 170 -68.15 -24.05 -63.20
C SER B 170 -67.78 -23.95 -64.68
N GLY B 171 -66.51 -24.25 -64.99
CA GLY B 171 -66.03 -24.18 -66.34
C GLY B 171 -65.50 -22.83 -66.78
N VAL B 172 -65.58 -21.82 -65.92
CA VAL B 172 -65.12 -20.48 -66.26
C VAL B 172 -63.60 -20.41 -66.14
N HIS B 173 -62.98 -19.67 -67.04
CA HIS B 173 -61.54 -19.40 -67.00
C HIS B 173 -61.32 -17.96 -67.46
N THR B 174 -61.10 -17.06 -66.50
CA THR B 174 -60.74 -15.68 -66.80
C THR B 174 -59.21 -15.60 -66.81
N PHE B 175 -58.64 -15.18 -67.97
CA PHE B 175 -57.20 -15.22 -68.11
C PHE B 175 -56.57 -13.93 -67.59
N PRO B 176 -55.31 -13.96 -67.16
CA PRO B 176 -54.62 -12.71 -66.81
C PRO B 176 -54.57 -11.76 -67.99
N ALA B 177 -54.70 -10.47 -67.71
CA ALA B 177 -54.68 -9.47 -68.76
C ALA B 177 -53.29 -9.35 -69.35
N VAL B 178 -53.25 -8.89 -70.60
CA VAL B 178 -52.02 -8.65 -71.33
C VAL B 178 -51.91 -7.16 -71.62
N LEU B 179 -50.69 -6.64 -71.55
CA LEU B 179 -50.41 -5.24 -71.88
C LEU B 179 -50.02 -5.16 -73.34
N GLN B 180 -50.89 -4.55 -74.15
CA GLN B 180 -50.60 -4.41 -75.58
C GLN B 180 -49.66 -3.23 -75.82
N SER B 181 -49.15 -3.17 -77.05
CA SER B 181 -48.19 -2.14 -77.42
C SER B 181 -48.77 -0.73 -77.34
N SER B 182 -50.10 -0.60 -77.41
CA SER B 182 -50.74 0.70 -77.31
C SER B 182 -50.72 1.26 -75.90
N GLY B 183 -50.24 0.52 -74.90
CA GLY B 183 -50.24 0.96 -73.52
C GLY B 183 -51.49 0.60 -72.75
N LEU B 184 -52.46 -0.03 -73.39
CA LEU B 184 -53.73 -0.42 -72.77
C LEU B 184 -53.74 -1.93 -72.58
N TYR B 185 -54.50 -2.39 -71.58
CA TYR B 185 -54.60 -3.80 -71.29
C TYR B 185 -55.72 -4.47 -72.10
N SER B 186 -55.64 -5.80 -72.17
CA SER B 186 -56.62 -6.61 -72.89
C SER B 186 -56.62 -8.00 -72.29
N LEU B 187 -57.80 -8.54 -72.02
CA LEU B 187 -57.94 -9.89 -71.51
C LEU B 187 -59.11 -10.57 -72.21
N SER B 188 -59.31 -11.83 -71.91
CA SER B 188 -60.44 -12.61 -72.39
C SER B 188 -60.92 -13.52 -71.29
N SER B 189 -62.23 -13.77 -71.26
CA SER B 189 -62.86 -14.67 -70.30
C SER B 189 -63.76 -15.63 -71.08
N VAL B 190 -63.60 -16.93 -70.82
CA VAL B 190 -64.31 -17.98 -71.53
C VAL B 190 -64.98 -18.91 -70.53
N VAL B 191 -65.88 -19.74 -71.03
CA VAL B 191 -66.53 -20.77 -70.24
C VAL B 191 -67.01 -21.86 -71.17
N THR B 192 -66.87 -23.11 -70.73
CA THR B 192 -67.34 -24.26 -71.49
C THR B 192 -68.74 -24.62 -71.01
N VAL B 193 -69.65 -24.82 -71.95
CA VAL B 193 -71.04 -25.15 -71.65
C VAL B 193 -71.49 -26.26 -72.58
N PRO B 194 -72.54 -26.99 -72.21
CA PRO B 194 -73.08 -27.99 -73.14
C PRO B 194 -73.61 -27.34 -74.40
N SER B 195 -73.22 -27.89 -75.55
CA SER B 195 -73.69 -27.37 -76.82
C SER B 195 -75.21 -27.48 -76.96
N SER B 196 -75.84 -28.41 -76.24
CA SER B 196 -77.29 -28.55 -76.32
C SER B 196 -78.00 -27.40 -75.63
N SER B 197 -77.44 -26.89 -74.53
CA SER B 197 -78.06 -25.83 -73.74
C SER B 197 -77.95 -24.45 -74.38
N LEU B 198 -77.33 -24.34 -75.56
CA LEU B 198 -77.20 -23.04 -76.22
C LEU B 198 -78.56 -22.44 -76.57
N GLY B 199 -79.54 -23.29 -76.88
CA GLY B 199 -80.82 -22.77 -77.33
C GLY B 199 -81.64 -22.16 -76.22
N THR B 200 -81.69 -22.83 -75.06
CA THR B 200 -82.51 -22.39 -73.95
C THR B 200 -81.81 -21.38 -73.05
N GLN B 201 -80.56 -21.66 -72.68
CA GLN B 201 -79.86 -20.84 -71.70
C GLN B 201 -79.23 -19.62 -72.34
N THR B 202 -79.36 -18.48 -71.67
CA THR B 202 -78.73 -17.22 -72.07
C THR B 202 -77.46 -17.02 -71.26
N TYR B 203 -76.40 -16.56 -71.93
CA TYR B 203 -75.11 -16.34 -71.30
C TYR B 203 -74.71 -14.87 -71.45
N ILE B 204 -74.48 -14.22 -70.32
CA ILE B 204 -74.13 -12.79 -70.27
C ILE B 204 -72.91 -12.64 -69.38
N CYS B 205 -71.87 -11.97 -69.90
CA CYS B 205 -70.69 -11.62 -69.13
C CYS B 205 -70.85 -10.20 -68.62
N ASN B 206 -70.54 -9.99 -67.34
CA ASN B 206 -70.70 -8.71 -66.67
C ASN B 206 -69.32 -8.12 -66.41
N VAL B 207 -68.98 -7.06 -67.13
CA VAL B 207 -67.68 -6.42 -67.04
C VAL B 207 -67.84 -5.16 -66.21
N ASN B 208 -66.96 -4.98 -65.22
CA ASN B 208 -66.98 -3.81 -64.34
C ASN B 208 -65.58 -3.21 -64.29
N HIS B 209 -65.48 -1.93 -64.64
CA HIS B 209 -64.22 -1.18 -64.64
C HIS B 209 -64.39 0.00 -63.68
N LYS B 210 -64.01 -0.20 -62.42
CA LYS B 210 -64.20 0.81 -61.38
C LYS B 210 -63.36 2.06 -61.59
N PRO B 211 -62.09 1.97 -62.04
CA PRO B 211 -61.32 3.21 -62.29
C PRO B 211 -61.99 4.21 -63.21
N SER B 212 -62.76 3.75 -64.21
CA SER B 212 -63.52 4.64 -65.06
C SER B 212 -65.04 4.59 -64.80
N ASN B 213 -65.49 3.75 -63.86
CA ASN B 213 -66.91 3.59 -63.55
C ASN B 213 -67.68 3.16 -64.80
N THR B 214 -67.39 1.94 -65.23
CA THR B 214 -68.02 1.34 -66.41
C THR B 214 -68.53 -0.04 -66.02
N LYS B 215 -69.84 -0.21 -66.06
CA LYS B 215 -70.49 -1.51 -65.90
C LYS B 215 -71.11 -1.87 -67.24
N VAL B 216 -70.74 -3.03 -67.76
CA VAL B 216 -71.19 -3.49 -69.06
C VAL B 216 -71.65 -4.93 -68.90
N ASP B 217 -72.76 -5.26 -69.57
CA ASP B 217 -73.29 -6.61 -69.63
C ASP B 217 -73.44 -6.94 -71.10
N LYS B 218 -72.80 -8.02 -71.55
CA LYS B 218 -72.78 -8.37 -72.96
C LYS B 218 -73.32 -9.78 -73.15
N LYS B 219 -74.33 -9.90 -74.01
CA LYS B 219 -74.94 -11.18 -74.35
C LYS B 219 -74.23 -11.78 -75.56
N VAL B 220 -74.19 -13.11 -75.62
CA VAL B 220 -73.49 -13.84 -76.67
C VAL B 220 -74.47 -14.84 -77.29
N GLU B 221 -74.47 -14.88 -78.62
CA GLU B 221 -75.31 -15.78 -79.39
C GLU B 221 -74.46 -16.45 -80.46
N PRO B 222 -74.91 -17.58 -81.01
CA PRO B 222 -74.12 -18.22 -82.08
C PRO B 222 -74.09 -17.40 -83.36
N ASP C 1 -23.31 -7.86 -58.79
CA ASP C 1 -22.75 -8.27 -57.48
C ASP C 1 -23.63 -9.30 -56.77
N ILE C 2 -23.12 -10.53 -56.70
CA ILE C 2 -23.71 -11.60 -55.90
C ILE C 2 -25.03 -12.02 -56.54
N GLN C 3 -25.00 -12.44 -57.79
CA GLN C 3 -26.20 -12.98 -58.41
C GLN C 3 -26.61 -14.29 -57.75
N MET C 4 -27.91 -14.54 -57.76
CA MET C 4 -28.52 -15.77 -57.26
C MET C 4 -29.33 -16.37 -58.40
N THR C 5 -29.08 -17.64 -58.70
CA THR C 5 -29.77 -18.32 -59.79
C THR C 5 -30.36 -19.61 -59.24
N GLN C 6 -31.68 -19.75 -59.35
CA GLN C 6 -32.37 -20.91 -58.80
C GLN C 6 -32.52 -21.99 -59.87
N SER C 7 -32.63 -23.24 -59.40
CA SER C 7 -32.84 -24.38 -60.30
C SER C 7 -33.64 -25.44 -59.59
N PRO C 8 -34.61 -26.09 -60.26
CA PRO C 8 -35.07 -25.88 -61.64
C PRO C 8 -35.98 -24.67 -61.72
N SER C 9 -36.14 -24.11 -62.92
CA SER C 9 -37.02 -22.96 -63.09
C SER C 9 -38.46 -23.32 -62.73
N SER C 10 -38.87 -24.55 -63.02
CA SER C 10 -40.19 -25.04 -62.66
C SER C 10 -40.05 -26.53 -62.34
N LEU C 11 -40.70 -26.95 -61.26
CA LEU C 11 -40.70 -28.36 -60.85
C LEU C 11 -42.13 -28.81 -60.58
N SER C 12 -42.46 -30.01 -61.03
CA SER C 12 -43.80 -30.57 -60.90
C SER C 12 -43.69 -31.90 -60.16
N ALA C 13 -44.40 -32.01 -59.05
CA ALA C 13 -44.39 -33.23 -58.26
C ALA C 13 -45.72 -33.37 -57.53
N SER C 14 -45.95 -34.56 -57.00
CA SER C 14 -47.21 -34.92 -56.38
C SER C 14 -47.09 -34.87 -54.85
N VAL C 15 -48.23 -35.03 -54.19
CA VAL C 15 -48.25 -35.03 -52.75
C VAL C 15 -47.47 -36.23 -52.21
N GLY C 16 -46.84 -36.05 -51.05
CA GLY C 16 -46.09 -37.10 -50.41
C GLY C 16 -44.66 -37.28 -50.90
N ASP C 17 -44.30 -36.70 -52.04
CA ASP C 17 -42.97 -36.92 -52.60
C ASP C 17 -41.93 -36.09 -51.87
N ARG C 18 -40.68 -36.51 -52.02
CA ARG C 18 -39.53 -35.73 -51.56
C ARG C 18 -39.09 -34.82 -52.70
N VAL C 19 -39.00 -33.53 -52.41
CA VAL C 19 -38.69 -32.52 -53.41
C VAL C 19 -37.50 -31.73 -52.90
N THR C 20 -36.64 -31.30 -53.83
CA THR C 20 -35.44 -30.56 -53.51
C THR C 20 -35.31 -29.39 -54.48
N ILE C 21 -35.03 -28.21 -53.95
CA ILE C 21 -34.78 -27.00 -54.74
C ILE C 21 -33.38 -26.53 -54.38
N THR C 22 -32.68 -25.95 -55.37
CA THR C 22 -31.32 -25.51 -55.21
C THR C 22 -31.19 -24.03 -55.56
N CYS C 23 -30.44 -23.29 -54.73
CA CYS C 23 -30.04 -21.92 -54.99
C CYS C 23 -28.53 -21.85 -55.14
N ARG C 24 -28.08 -21.21 -56.21
CA ARG C 24 -26.67 -21.10 -56.57
C ARG C 24 -26.22 -19.67 -56.36
N ALA C 25 -24.97 -19.51 -55.92
CA ALA C 25 -24.35 -18.21 -55.68
C ALA C 25 -23.20 -17.98 -56.63
N SER C 26 -23.09 -16.76 -57.14
CA SER C 26 -22.01 -16.46 -58.08
C SER C 26 -20.66 -16.42 -57.37
N LYS C 27 -20.61 -15.84 -56.17
CA LYS C 27 -19.42 -15.74 -55.36
C LYS C 27 -19.70 -16.36 -54.00
N SER C 28 -18.63 -16.70 -53.28
CA SER C 28 -18.77 -17.33 -51.97
C SER C 28 -19.60 -16.46 -51.03
N ILE C 29 -20.66 -17.05 -50.49
CA ILE C 29 -21.67 -16.34 -49.71
C ILE C 29 -21.70 -16.75 -48.25
N SER C 30 -20.93 -17.77 -47.87
CA SER C 30 -20.83 -18.25 -46.50
C SER C 30 -22.11 -18.94 -46.05
N LYS C 31 -22.22 -19.19 -44.75
CA LYS C 31 -23.30 -20.00 -44.17
C LYS C 31 -24.69 -19.42 -44.40
N TYR C 32 -24.78 -18.14 -44.75
CA TYR C 32 -26.01 -17.38 -44.59
C TYR C 32 -26.83 -17.36 -45.87
N LEU C 33 -28.02 -17.97 -45.82
CA LEU C 33 -29.02 -17.90 -46.88
C LEU C 33 -30.39 -18.11 -46.24
N ALA C 34 -31.42 -17.62 -46.91
CA ALA C 34 -32.78 -17.78 -46.42
C ALA C 34 -33.74 -18.03 -47.57
N TRP C 35 -34.82 -18.76 -47.27
CA TRP C 35 -35.84 -19.16 -48.24
C TRP C 35 -37.20 -18.58 -47.86
N TYR C 36 -38.03 -18.37 -48.88
CA TYR C 36 -39.39 -17.87 -48.70
C TYR C 36 -40.37 -18.74 -49.49
N GLN C 37 -41.64 -18.66 -49.11
CA GLN C 37 -42.74 -19.34 -49.79
C GLN C 37 -43.80 -18.31 -50.13
N GLN C 38 -43.98 -18.01 -51.41
CA GLN C 38 -44.94 -17.01 -51.87
C GLN C 38 -46.11 -17.71 -52.56
N LYS C 39 -47.27 -17.61 -51.95
CA LYS C 39 -48.51 -18.03 -52.57
C LYS C 39 -48.93 -16.99 -53.60
N PRO C 40 -49.83 -17.33 -54.52
CA PRO C 40 -50.21 -16.35 -55.55
C PRO C 40 -50.95 -15.17 -54.93
N GLY C 41 -50.53 -13.96 -55.33
CA GLY C 41 -51.14 -12.72 -54.86
C GLY C 41 -51.06 -12.52 -53.36
N LYS C 42 -50.02 -13.03 -52.72
CA LYS C 42 -49.83 -12.90 -51.29
C LYS C 42 -48.41 -12.41 -51.01
N ALA C 43 -48.21 -11.98 -49.78
CA ALA C 43 -46.89 -11.57 -49.35
C ALA C 43 -46.03 -12.81 -49.12
N PRO C 44 -44.73 -12.74 -49.41
CA PRO C 44 -43.85 -13.87 -49.08
C PRO C 44 -43.84 -14.17 -47.59
N GLU C 45 -43.67 -15.44 -47.26
CA GLU C 45 -43.50 -15.92 -45.90
C GLU C 45 -42.14 -16.59 -45.78
N LEU C 46 -41.45 -16.32 -44.67
CA LEU C 46 -40.10 -16.81 -44.46
C LEU C 46 -40.11 -18.23 -43.88
N LEU C 47 -39.25 -19.08 -44.44
CA LEU C 47 -39.15 -20.47 -44.02
C LEU C 47 -37.82 -20.74 -43.32
N ILE C 48 -36.71 -20.74 -44.06
CA ILE C 48 -35.39 -21.05 -43.52
C ILE C 48 -34.56 -19.79 -43.52
N TYR C 49 -33.61 -19.74 -42.58
CA TYR C 49 -32.70 -18.61 -42.45
C TYR C 49 -31.35 -19.08 -41.95
N SER C 50 -30.31 -18.32 -42.31
CA SER C 50 -28.93 -18.69 -42.03
C SER C 50 -28.58 -20.07 -42.58
N GLY C 51 -29.16 -20.43 -43.71
CA GLY C 51 -28.78 -21.64 -44.41
C GLY C 51 -29.54 -22.89 -44.03
N SER C 52 -29.69 -23.14 -42.73
CA SER C 52 -30.23 -24.40 -42.24
C SER C 52 -31.26 -24.28 -41.11
N THR C 53 -31.48 -23.10 -40.54
CA THR C 53 -32.36 -22.94 -39.39
C THR C 53 -33.75 -22.45 -39.84
N LEU C 54 -34.80 -23.09 -39.33
CA LEU C 54 -36.16 -22.77 -39.71
C LEU C 54 -36.83 -21.86 -38.69
N GLN C 55 -37.77 -21.04 -39.18
CA GLN C 55 -38.54 -20.13 -38.36
C GLN C 55 -39.56 -20.87 -37.52
N SER C 56 -39.93 -20.28 -36.39
CA SER C 56 -40.94 -20.88 -35.53
C SER C 56 -42.27 -20.98 -36.28
N GLY C 57 -43.00 -22.06 -36.00
CA GLY C 57 -44.27 -22.29 -36.64
C GLY C 57 -44.21 -22.94 -38.00
N ILE C 58 -43.03 -23.10 -38.57
CA ILE C 58 -42.87 -23.72 -39.89
C ILE C 58 -42.88 -25.23 -39.66
N PRO C 59 -43.51 -26.05 -40.51
CA PRO C 59 -43.52 -27.49 -40.26
C PRO C 59 -42.12 -28.08 -40.31
N ALA C 60 -41.96 -29.19 -39.57
CA ALA C 60 -40.64 -29.82 -39.47
C ALA C 60 -40.17 -30.37 -40.81
N ARG C 61 -41.09 -30.72 -41.71
CA ARG C 61 -40.69 -31.30 -42.99
C ARG C 61 -39.86 -30.35 -43.83
N PHE C 62 -39.93 -29.04 -43.58
CA PHE C 62 -39.03 -28.10 -44.22
C PHE C 62 -37.66 -28.16 -43.55
N SER C 63 -36.60 -28.22 -44.37
CA SER C 63 -35.24 -28.29 -43.84
C SER C 63 -34.30 -27.76 -44.91
N GLY C 64 -33.26 -27.06 -44.48
CA GLY C 64 -32.29 -26.48 -45.38
C GLY C 64 -30.89 -26.90 -45.02
N SER C 65 -30.04 -26.97 -46.05
CA SER C 65 -28.64 -27.32 -45.87
C SER C 65 -27.84 -26.67 -46.97
N GLY C 66 -26.52 -26.82 -46.88
CA GLY C 66 -25.59 -26.27 -47.84
C GLY C 66 -24.76 -25.13 -47.22
N SER C 67 -23.67 -24.82 -47.91
CA SER C 67 -22.76 -23.76 -47.52
C SER C 67 -21.91 -23.40 -48.72
N GLY C 68 -21.32 -22.22 -48.67
CA GLY C 68 -20.45 -21.77 -49.75
C GLY C 68 -21.23 -21.32 -50.97
N THR C 69 -21.09 -22.00 -52.09
CA THR C 69 -21.73 -21.56 -53.33
C THR C 69 -23.07 -22.24 -53.62
N GLU C 70 -23.27 -23.47 -53.15
CA GLU C 70 -24.48 -24.24 -53.42
C GLU C 70 -25.30 -24.41 -52.14
N PHE C 71 -26.62 -24.29 -52.27
CA PHE C 71 -27.56 -24.50 -51.19
C PHE C 71 -28.74 -25.30 -51.70
N THR C 72 -29.44 -25.98 -50.79
CA THR C 72 -30.57 -26.82 -51.15
C THR C 72 -31.67 -26.67 -50.11
N LEU C 73 -32.91 -26.71 -50.58
CA LEU C 73 -34.09 -26.75 -49.73
C LEU C 73 -34.87 -28.01 -50.07
N THR C 74 -35.21 -28.78 -49.05
CA THR C 74 -35.89 -30.06 -49.25
C THR C 74 -37.10 -30.15 -48.33
N ILE C 75 -38.10 -30.90 -48.81
CA ILE C 75 -39.33 -31.16 -48.08
C ILE C 75 -39.49 -32.68 -48.06
N SER C 76 -39.68 -33.23 -46.86
CA SER C 76 -39.76 -34.68 -46.70
C SER C 76 -40.89 -35.25 -47.53
N SER C 77 -42.10 -34.78 -47.27
CA SER C 77 -43.30 -35.25 -47.97
C SER C 77 -44.19 -34.03 -48.21
N LEU C 78 -44.47 -33.74 -49.48
CA LEU C 78 -45.26 -32.55 -49.80
C LEU C 78 -46.65 -32.64 -49.20
N GLN C 79 -47.32 -31.48 -49.20
CA GLN C 79 -48.73 -31.40 -48.85
C GLN C 79 -49.34 -30.32 -49.71
N SER C 80 -50.68 -30.33 -49.77
CA SER C 80 -51.41 -29.42 -50.66
C SER C 80 -51.04 -27.96 -50.40
N GLU C 81 -50.78 -27.62 -49.14
CA GLU C 81 -50.36 -26.26 -48.80
C GLU C 81 -48.97 -25.93 -49.34
N ASP C 82 -48.13 -26.94 -49.60
CA ASP C 82 -46.73 -26.66 -49.95
C ASP C 82 -46.57 -26.13 -51.36
N PHE C 83 -47.57 -26.26 -52.23
CA PHE C 83 -47.38 -25.89 -53.63
C PHE C 83 -47.46 -24.38 -53.74
N ALA C 84 -46.36 -23.77 -54.18
CA ALA C 84 -46.24 -22.32 -54.23
C ALA C 84 -44.96 -22.01 -55.00
N VAL C 85 -44.54 -20.75 -54.96
CA VAL C 85 -43.28 -20.32 -55.53
C VAL C 85 -42.32 -20.10 -54.36
N TYR C 86 -41.09 -20.60 -54.50
CA TYR C 86 -40.07 -20.47 -53.47
C TYR C 86 -38.95 -19.58 -53.99
N TYR C 87 -38.53 -18.65 -53.13
CA TYR C 87 -37.48 -17.69 -53.44
C TYR C 87 -36.37 -17.85 -52.42
N CYS C 88 -35.13 -17.70 -52.89
CA CYS C 88 -33.92 -17.74 -52.08
C CYS C 88 -33.29 -16.35 -52.07
N GLN C 89 -32.85 -15.89 -50.90
CA GLN C 89 -32.28 -14.57 -50.75
C GLN C 89 -30.81 -14.67 -50.35
N GLN C 90 -30.10 -13.58 -50.67
CA GLN C 90 -28.65 -13.56 -50.58
C GLN C 90 -28.17 -13.61 -49.13
N HIS C 91 -28.51 -12.60 -48.33
CA HIS C 91 -28.47 -12.64 -46.86
C HIS C 91 -27.11 -12.32 -46.23
N ASN C 92 -26.01 -12.63 -46.91
CA ASN C 92 -24.69 -12.50 -46.29
C ASN C 92 -24.14 -11.08 -46.40
N GLU C 93 -24.17 -10.52 -47.59
CA GLU C 93 -23.62 -9.21 -47.93
C GLU C 93 -24.76 -8.20 -48.02
N TYR C 94 -24.41 -6.89 -48.14
CA TYR C 94 -25.44 -5.85 -48.10
C TYR C 94 -25.87 -5.26 -49.44
N PRO C 95 -25.33 -5.66 -50.59
CA PRO C 95 -26.10 -5.37 -51.81
C PRO C 95 -27.46 -6.04 -51.79
N PHE C 96 -27.57 -7.26 -51.23
CA PHE C 96 -28.81 -8.02 -51.11
C PHE C 96 -29.50 -8.41 -52.41
N THR C 97 -29.19 -9.60 -52.90
CA THR C 97 -29.81 -10.17 -54.08
C THR C 97 -30.84 -11.23 -53.69
N PHE C 98 -31.69 -11.58 -54.65
CA PHE C 98 -32.77 -12.54 -54.46
C PHE C 98 -32.68 -13.60 -55.55
N GLY C 99 -33.40 -14.72 -55.32
CA GLY C 99 -33.43 -15.81 -56.27
C GLY C 99 -34.46 -15.64 -57.35
N GLN C 100 -34.22 -16.33 -58.47
CA GLN C 100 -35.06 -16.16 -59.65
C GLN C 100 -36.49 -16.62 -59.43
N GLY C 101 -36.73 -17.49 -58.45
CA GLY C 101 -38.04 -18.03 -58.18
C GLY C 101 -38.22 -19.39 -58.82
N THR C 102 -38.79 -20.33 -58.06
CA THR C 102 -39.01 -21.69 -58.52
C THR C 102 -40.48 -22.01 -58.31
N LYS C 103 -41.16 -22.37 -59.39
CA LYS C 103 -42.56 -22.76 -59.32
C LYS C 103 -42.63 -24.24 -58.95
N LEU C 104 -43.35 -24.55 -57.87
CA LEU C 104 -43.64 -25.92 -57.48
C LEU C 104 -45.14 -26.15 -57.70
N GLU C 105 -45.47 -27.00 -58.67
CA GLU C 105 -46.82 -27.27 -59.12
C GLU C 105 -47.17 -28.72 -58.84
N ILE C 106 -48.47 -29.01 -58.80
CA ILE C 106 -48.93 -30.37 -58.62
C ILE C 106 -48.88 -31.11 -59.95
N LYS C 107 -48.58 -32.40 -59.89
CA LYS C 107 -48.49 -33.25 -61.06
C LYS C 107 -49.72 -34.15 -61.12
N ARG C 108 -50.40 -34.09 -62.26
CA ARG C 108 -51.58 -34.91 -62.51
C ARG C 108 -51.36 -35.77 -63.76
N THR C 109 -52.44 -36.33 -64.31
CA THR C 109 -52.34 -37.12 -65.52
C THR C 109 -52.24 -36.18 -66.73
N VAL C 110 -51.43 -36.57 -67.70
CA VAL C 110 -51.28 -35.74 -68.90
C VAL C 110 -52.61 -35.67 -69.63
N ALA C 111 -52.99 -34.48 -70.03
CA ALA C 111 -54.23 -34.25 -70.76
C ALA C 111 -53.93 -33.29 -71.90
N ALA C 112 -54.44 -33.61 -73.07
CA ALA C 112 -54.22 -32.78 -74.24
C ALA C 112 -55.18 -31.60 -74.20
N PRO C 113 -54.90 -30.53 -74.94
CA PRO C 113 -55.78 -29.36 -74.89
C PRO C 113 -56.97 -29.45 -75.84
N SER C 114 -58.15 -29.18 -75.30
CA SER C 114 -59.32 -28.97 -76.13
C SER C 114 -59.23 -27.59 -76.77
N VAL C 115 -59.17 -27.56 -78.10
CA VAL C 115 -58.86 -26.34 -78.85
C VAL C 115 -60.15 -25.80 -79.45
N PHE C 116 -60.37 -24.49 -79.26
CA PHE C 116 -61.46 -23.76 -79.88
C PHE C 116 -60.93 -22.46 -80.44
N ILE C 117 -61.42 -22.08 -81.62
CA ILE C 117 -61.06 -20.84 -82.29
C ILE C 117 -62.32 -19.99 -82.41
N PHE C 118 -62.20 -18.70 -82.11
CA PHE C 118 -63.32 -17.76 -82.09
C PHE C 118 -63.04 -16.65 -83.11
N PRO C 119 -63.84 -16.47 -84.16
CA PRO C 119 -63.57 -15.37 -85.10
C PRO C 119 -63.78 -14.02 -84.44
N PRO C 120 -63.50 -12.92 -85.15
CA PRO C 120 -63.84 -11.60 -84.62
C PRO C 120 -65.34 -11.34 -84.75
N SER C 121 -65.91 -10.75 -83.70
CA SER C 121 -67.32 -10.42 -83.74
C SER C 121 -67.58 -9.28 -84.71
N ASP C 122 -68.81 -9.22 -85.24
CA ASP C 122 -69.19 -8.16 -86.16
C ASP C 122 -69.06 -6.79 -85.51
N GLU C 123 -69.24 -6.71 -84.19
CA GLU C 123 -69.13 -5.43 -83.50
C GLU C 123 -67.71 -4.87 -83.59
N GLN C 124 -66.72 -5.74 -83.34
CA GLN C 124 -65.32 -5.34 -83.44
C GLN C 124 -64.97 -4.85 -84.84
N LEU C 125 -65.36 -5.62 -85.86
CA LEU C 125 -64.96 -5.34 -87.22
C LEU C 125 -65.43 -3.97 -87.69
N LYS C 126 -66.52 -3.47 -87.09
CA LYS C 126 -66.98 -2.12 -87.39
C LYS C 126 -65.99 -1.07 -86.89
N SER C 127 -65.40 -1.29 -85.72
CA SER C 127 -64.53 -0.27 -85.13
C SER C 127 -63.28 -0.03 -85.96
N GLY C 128 -62.80 -1.06 -86.66
CA GLY C 128 -61.59 -0.97 -87.47
C GLY C 128 -60.46 -1.88 -87.01
N THR C 129 -60.75 -2.78 -86.07
CA THR C 129 -59.76 -3.70 -85.55
C THR C 129 -60.39 -5.08 -85.44
N ALA C 130 -59.57 -6.11 -85.70
CA ALA C 130 -59.99 -7.50 -85.68
C ALA C 130 -59.08 -8.28 -84.75
N SER C 131 -59.68 -9.08 -83.88
CA SER C 131 -58.95 -9.93 -82.93
C SER C 131 -59.43 -11.36 -83.09
N VAL C 132 -58.49 -12.27 -83.35
CA VAL C 132 -58.76 -13.69 -83.45
C VAL C 132 -58.27 -14.34 -82.17
N VAL C 133 -59.09 -15.22 -81.59
CA VAL C 133 -58.80 -15.84 -80.31
C VAL C 133 -58.66 -17.34 -80.52
N CYS C 134 -57.73 -17.94 -79.79
CA CYS C 134 -57.49 -19.39 -79.78
C CYS C 134 -57.43 -19.83 -78.33
N LEU C 135 -58.35 -20.72 -77.95
CA LEU C 135 -58.46 -21.20 -76.58
C LEU C 135 -57.93 -22.62 -76.49
N LEU C 136 -57.07 -22.87 -75.52
CA LEU C 136 -56.59 -24.21 -75.18
C LEU C 136 -57.06 -24.49 -73.76
N ASN C 137 -58.14 -25.26 -73.61
CA ASN C 137 -58.83 -25.42 -72.34
C ASN C 137 -58.47 -26.75 -71.68
N ASN C 138 -58.14 -26.69 -70.38
CA ASN C 138 -57.92 -27.85 -69.53
C ASN C 138 -56.89 -28.81 -70.12
N PHE C 139 -55.61 -28.55 -69.83
CA PHE C 139 -54.51 -29.31 -70.42
C PHE C 139 -53.36 -29.36 -69.42
N TYR C 140 -52.60 -30.44 -69.47
CA TYR C 140 -51.43 -30.60 -68.61
C TYR C 140 -50.39 -31.41 -69.37
N PRO C 141 -49.09 -31.05 -69.30
CA PRO C 141 -48.41 -29.99 -68.55
C PRO C 141 -48.59 -28.59 -69.12
N ARG C 142 -48.18 -27.59 -68.33
CA ARG C 142 -48.37 -26.20 -68.70
C ARG C 142 -47.70 -25.86 -70.02
N GLU C 143 -46.60 -26.52 -70.33
CA GLU C 143 -45.83 -26.19 -71.53
C GLU C 143 -46.66 -26.45 -72.78
N ALA C 144 -46.91 -25.39 -73.54
CA ALA C 144 -47.66 -25.48 -74.79
C ALA C 144 -47.21 -24.35 -75.69
N LYS C 145 -47.42 -24.53 -76.99
CA LYS C 145 -46.96 -23.58 -77.99
C LYS C 145 -48.05 -23.37 -79.01
N VAL C 146 -48.32 -22.10 -79.34
CA VAL C 146 -49.34 -21.72 -80.29
C VAL C 146 -48.67 -20.92 -81.40
N GLN C 147 -48.92 -21.32 -82.64
CA GLN C 147 -48.42 -20.65 -83.83
C GLN C 147 -49.61 -20.26 -84.71
N TRP C 148 -49.68 -18.97 -85.06
CA TRP C 148 -50.74 -18.47 -85.90
C TRP C 148 -50.36 -18.57 -87.38
N LYS C 149 -51.31 -19.02 -88.19
CA LYS C 149 -51.10 -19.16 -89.63
C LYS C 149 -52.27 -18.50 -90.36
N VAL C 150 -51.95 -17.54 -91.22
CA VAL C 150 -52.93 -16.86 -92.07
C VAL C 150 -52.59 -17.21 -93.51
N ASP C 151 -53.51 -17.91 -94.19
CA ASP C 151 -53.26 -18.44 -95.53
C ASP C 151 -52.02 -19.34 -95.53
N ASN C 152 -51.87 -20.13 -94.47
CA ASN C 152 -50.75 -21.06 -94.32
C ASN C 152 -49.41 -20.32 -94.33
N ALA C 153 -49.38 -19.15 -93.69
CA ALA C 153 -48.18 -18.33 -93.57
C ALA C 153 -47.98 -18.01 -92.10
N LEU C 154 -46.83 -18.41 -91.55
CA LEU C 154 -46.57 -18.23 -90.13
C LEU C 154 -46.56 -16.75 -89.77
N GLN C 155 -47.00 -16.45 -88.55
CA GLN C 155 -47.15 -15.09 -88.05
C GLN C 155 -46.36 -14.93 -86.75
N SER C 156 -45.78 -13.76 -86.55
CA SER C 156 -45.00 -13.47 -85.36
C SER C 156 -45.04 -11.98 -85.06
N GLY C 157 -44.93 -11.65 -83.78
CA GLY C 157 -44.88 -10.27 -83.35
C GLY C 157 -46.21 -9.57 -83.29
N ASN C 158 -47.31 -10.24 -83.61
CA ASN C 158 -48.65 -9.66 -83.56
C ASN C 158 -49.62 -10.51 -82.75
N SER C 159 -49.13 -11.50 -81.99
CA SER C 159 -49.96 -12.38 -81.19
C SER C 159 -49.43 -12.40 -79.77
N GLN C 160 -50.36 -12.33 -78.81
CA GLN C 160 -50.06 -12.37 -77.39
C GLN C 160 -50.91 -13.45 -76.74
N GLU C 161 -50.34 -14.14 -75.75
CA GLU C 161 -51.03 -15.21 -75.04
C GLU C 161 -50.95 -14.99 -73.54
N SER C 162 -51.91 -15.61 -72.85
CA SER C 162 -52.00 -15.58 -71.40
C SER C 162 -52.39 -16.96 -70.92
N VAL C 163 -51.88 -17.35 -69.76
CA VAL C 163 -52.08 -18.69 -69.20
C VAL C 163 -52.65 -18.54 -67.81
N THR C 164 -53.80 -19.17 -67.55
CA THR C 164 -54.33 -19.19 -66.20
C THR C 164 -53.44 -20.03 -65.30
N GLU C 165 -53.46 -19.72 -64.01
CA GLU C 165 -52.74 -20.56 -63.06
C GLU C 165 -53.45 -21.91 -62.93
N GLN C 166 -52.77 -22.84 -62.27
CA GLN C 166 -53.26 -24.20 -62.17
C GLN C 166 -54.63 -24.23 -61.49
N ASP C 167 -55.56 -24.95 -62.11
CA ASP C 167 -56.92 -25.02 -61.58
C ASP C 167 -56.93 -25.67 -60.21
N SER C 168 -57.94 -25.33 -59.40
CA SER C 168 -58.01 -25.84 -58.05
C SER C 168 -58.59 -27.26 -58.00
N LYS C 169 -59.60 -27.52 -58.83
CA LYS C 169 -60.32 -28.79 -58.76
C LYS C 169 -59.61 -29.90 -59.54
N ASP C 170 -59.27 -29.65 -60.81
CA ASP C 170 -58.69 -30.65 -61.68
C ASP C 170 -57.22 -30.39 -62.01
N SER C 171 -56.64 -29.29 -61.54
CA SER C 171 -55.21 -29.04 -61.64
C SER C 171 -54.72 -28.93 -63.09
N THR C 172 -55.60 -28.51 -63.99
CA THR C 172 -55.27 -28.30 -65.39
C THR C 172 -55.18 -26.82 -65.70
N TYR C 173 -54.27 -26.48 -66.60
CA TYR C 173 -54.09 -25.10 -67.03
C TYR C 173 -55.02 -24.77 -68.19
N SER C 174 -54.96 -23.53 -68.65
CA SER C 174 -55.70 -23.06 -69.82
C SER C 174 -54.95 -21.88 -70.41
N LEU C 175 -54.96 -21.78 -71.73
CA LEU C 175 -54.22 -20.76 -72.46
C LEU C 175 -55.13 -20.09 -73.47
N SER C 176 -54.99 -18.78 -73.60
CA SER C 176 -55.75 -17.98 -74.55
C SER C 176 -54.79 -17.10 -75.34
N SER C 177 -54.74 -17.30 -76.66
CA SER C 177 -53.87 -16.53 -77.54
C SER C 177 -54.72 -15.64 -78.45
N THR C 178 -54.38 -14.36 -78.49
CA THR C 178 -55.11 -13.35 -79.24
C THR C 178 -54.24 -12.80 -80.35
N LEU C 179 -54.70 -12.93 -81.59
CA LEU C 179 -54.03 -12.37 -82.76
C LEU C 179 -54.80 -11.12 -83.18
N THR C 180 -54.15 -9.96 -83.06
CA THR C 180 -54.79 -8.66 -83.30
C THR C 180 -54.26 -8.11 -84.62
N LEU C 181 -55.18 -7.94 -85.59
CA LEU C 181 -54.88 -7.27 -86.86
C LEU C 181 -55.93 -6.20 -87.11
N SER C 182 -55.65 -5.33 -88.08
CA SER C 182 -56.56 -4.27 -88.45
C SER C 182 -57.65 -4.80 -89.37
N LYS C 183 -58.66 -3.96 -89.61
CA LYS C 183 -59.78 -4.34 -90.46
C LYS C 183 -59.30 -4.68 -91.87
N ALA C 184 -58.49 -3.79 -92.47
CA ALA C 184 -58.04 -4.00 -93.83
C ALA C 184 -57.20 -5.27 -93.95
N ASP C 185 -56.23 -5.45 -93.04
CA ASP C 185 -55.38 -6.64 -93.08
C ASP C 185 -56.20 -7.92 -92.94
N TYR C 186 -57.24 -7.89 -92.11
CA TYR C 186 -58.05 -9.08 -91.90
C TYR C 186 -58.80 -9.48 -93.17
N GLU C 187 -59.23 -8.49 -93.96
CA GLU C 187 -60.01 -8.79 -95.15
C GLU C 187 -59.16 -9.24 -96.34
N LYS C 188 -57.86 -8.90 -96.36
CA LYS C 188 -57.03 -9.28 -97.50
C LYS C 188 -56.83 -10.78 -97.60
N HIS C 189 -56.78 -11.47 -96.46
CA HIS C 189 -56.50 -12.90 -96.41
C HIS C 189 -57.80 -13.67 -96.15
N LYS C 190 -57.71 -14.99 -96.19
CA LYS C 190 -58.90 -15.85 -96.18
C LYS C 190 -58.91 -16.86 -95.03
N VAL C 191 -57.90 -17.72 -94.93
CA VAL C 191 -57.90 -18.83 -93.97
C VAL C 191 -57.06 -18.41 -92.76
N TYR C 192 -57.64 -18.55 -91.56
CA TYR C 192 -56.94 -18.28 -90.31
C TYR C 192 -56.97 -19.54 -89.44
N ALA C 193 -55.86 -19.82 -88.78
CA ALA C 193 -55.69 -21.05 -88.02
C ALA C 193 -54.62 -20.86 -86.96
N CYS C 194 -54.85 -21.42 -85.77
CA CYS C 194 -53.84 -21.48 -84.72
C CYS C 194 -53.36 -22.91 -84.58
N GLU C 195 -52.05 -23.09 -84.62
CA GLU C 195 -51.41 -24.40 -84.60
C GLU C 195 -50.87 -24.68 -83.20
N VAL C 196 -51.43 -25.70 -82.55
CA VAL C 196 -51.10 -26.04 -81.16
C VAL C 196 -50.08 -27.18 -81.16
N THR C 197 -48.97 -26.98 -80.46
CA THR C 197 -47.99 -28.02 -80.21
C THR C 197 -48.00 -28.32 -78.71
N HIS C 198 -48.15 -29.60 -78.37
CA HIS C 198 -48.23 -30.01 -76.97
C HIS C 198 -47.71 -31.44 -76.85
N GLN C 199 -47.24 -31.77 -75.64
CA GLN C 199 -46.62 -33.08 -75.40
C GLN C 199 -47.60 -34.21 -75.67
N GLY C 200 -48.87 -34.01 -75.32
CA GLY C 200 -49.87 -35.04 -75.52
C GLY C 200 -50.24 -35.30 -76.97
N LEU C 201 -49.74 -34.49 -77.90
CA LEU C 201 -49.99 -34.65 -79.33
C LEU C 201 -48.71 -35.13 -80.02
N SER C 202 -48.87 -35.91 -81.09
CA SER C 202 -47.74 -36.37 -81.88
C SER C 202 -47.22 -35.27 -82.80
N SER C 203 -48.13 -34.68 -83.55
CA SER C 203 -47.88 -33.57 -84.46
C SER C 203 -48.87 -32.49 -84.10
N PRO C 204 -48.59 -31.24 -84.41
CA PRO C 204 -49.45 -30.16 -83.92
C PRO C 204 -50.85 -30.19 -84.53
N VAL C 205 -51.83 -29.95 -83.67
CA VAL C 205 -53.22 -29.83 -84.10
C VAL C 205 -53.43 -28.44 -84.68
N THR C 206 -54.36 -28.34 -85.63
CA THR C 206 -54.69 -27.09 -86.31
C THR C 206 -56.19 -26.91 -86.28
N LYS C 207 -56.66 -25.86 -85.58
CA LYS C 207 -58.04 -25.42 -85.65
C LYS C 207 -58.10 -24.16 -86.50
N SER C 208 -59.01 -24.16 -87.48
CA SER C 208 -59.05 -23.11 -88.50
C SER C 208 -60.48 -22.71 -88.79
N PHE C 209 -60.63 -21.61 -89.53
CA PHE C 209 -61.92 -21.17 -90.02
C PHE C 209 -61.71 -20.28 -91.23
N ASN C 210 -62.81 -19.99 -91.92
CA ASN C 210 -62.83 -19.13 -93.10
C ASN C 210 -63.73 -17.92 -92.85
N ARG C 211 -63.33 -16.77 -93.38
CA ARG C 211 -64.10 -15.54 -93.18
C ARG C 211 -65.48 -15.67 -93.81
N GLY C 212 -66.52 -15.60 -92.97
CA GLY C 212 -67.89 -15.77 -93.41
C GLY C 212 -68.27 -17.18 -93.72
N GLU C 213 -67.58 -18.16 -93.11
CA GLU C 213 -67.90 -19.57 -93.31
C GLU C 213 -69.13 -19.96 -92.50
N CYS C 214 -69.21 -19.47 -91.25
CA CYS C 214 -70.32 -19.77 -90.37
C CYS C 214 -70.73 -18.52 -89.60
N GLN D 36 -32.53 5.83 -22.53
CA GLN D 36 -32.21 4.41 -22.50
C GLN D 36 -30.77 4.20 -22.97
N GLN D 37 -30.07 3.24 -22.33
CA GLN D 37 -28.63 3.08 -22.51
C GLN D 37 -28.32 1.75 -23.21
N PRO D 38 -27.40 1.73 -24.21
CA PRO D 38 -27.00 0.44 -24.79
C PRO D 38 -25.79 -0.13 -24.08
N LEU D 39 -25.90 -1.32 -23.48
CA LEU D 39 -24.78 -1.85 -22.70
C LEU D 39 -23.78 -2.62 -23.56
N ASP D 40 -24.21 -3.22 -24.65
CA ASP D 40 -23.34 -3.90 -25.60
C ASP D 40 -23.50 -3.20 -26.95
N CYS D 41 -22.87 -3.75 -27.98
CA CYS D 41 -22.98 -3.12 -29.30
C CYS D 41 -24.05 -3.75 -30.18
N ASP D 42 -24.57 -4.92 -29.83
CA ASP D 42 -25.78 -5.39 -30.50
C ASP D 42 -26.97 -4.51 -30.17
N ASP D 43 -26.97 -3.89 -28.98
CA ASP D 43 -27.98 -2.89 -28.68
C ASP D 43 -27.86 -1.71 -29.64
N ILE D 44 -26.64 -1.29 -29.95
CA ILE D 44 -26.43 -0.17 -30.86
C ILE D 44 -27.03 -0.48 -32.23
N TYR D 45 -26.93 -1.73 -32.66
CA TYR D 45 -27.65 -2.14 -33.85
C TYR D 45 -29.14 -1.87 -33.70
N ALA D 46 -29.72 -2.20 -32.53
CA ALA D 46 -31.12 -1.93 -32.30
C ALA D 46 -31.40 -0.44 -32.12
N GLN D 47 -30.43 0.32 -31.58
CA GLN D 47 -30.62 1.77 -31.46
C GLN D 47 -30.86 2.39 -32.82
N GLY D 48 -30.23 1.85 -33.87
CA GLY D 48 -30.42 2.30 -35.23
C GLY D 48 -29.13 2.73 -35.90
N TYR D 49 -28.00 2.27 -35.38
CA TYR D 49 -26.68 2.62 -35.91
C TYR D 49 -25.99 1.35 -36.39
N GLN D 50 -25.55 1.40 -37.65
CA GLN D 50 -25.00 0.27 -38.37
C GLN D 50 -23.68 0.58 -39.03
N SER D 51 -23.22 1.84 -38.99
CA SER D 51 -21.91 2.17 -39.52
C SER D 51 -20.85 1.80 -38.49
N ASP D 52 -19.88 1.01 -38.91
CA ASP D 52 -18.86 0.55 -37.99
C ASP D 52 -17.94 1.70 -37.59
N GLY D 53 -17.75 1.87 -36.29
CA GLY D 53 -16.90 2.92 -35.79
C GLY D 53 -16.85 2.87 -34.27
N VAL D 54 -16.35 3.95 -33.69
CA VAL D 54 -16.25 4.04 -32.24
C VAL D 54 -17.60 4.42 -31.68
N TYR D 55 -18.02 3.75 -30.61
CA TYR D 55 -19.32 3.99 -30.01
C TYR D 55 -19.24 3.85 -28.49
N LEU D 56 -20.19 4.49 -27.82
CA LEU D 56 -20.29 4.43 -26.37
C LEU D 56 -21.34 3.41 -25.96
N ILE D 57 -20.93 2.49 -25.08
CA ILE D 57 -21.80 1.50 -24.49
C ILE D 57 -21.61 1.55 -22.98
N TYR D 58 -22.64 1.13 -22.25
CA TYR D 58 -22.66 1.25 -20.79
C TYR D 58 -22.67 -0.14 -20.15
N PRO D 59 -21.51 -0.82 -20.08
CA PRO D 59 -21.49 -2.14 -19.45
C PRO D 59 -21.62 -2.07 -17.94
N SER D 60 -20.99 -1.09 -17.30
CA SER D 60 -21.19 -0.91 -15.86
C SER D 60 -22.61 -0.43 -15.65
N GLY D 61 -22.89 0.82 -16.02
CA GLY D 61 -24.21 1.37 -15.86
C GLY D 61 -24.31 2.71 -16.53
N PRO D 62 -25.45 3.38 -16.38
CA PRO D 62 -25.61 4.71 -16.98
C PRO D 62 -24.66 5.75 -16.40
N SER D 63 -24.00 5.46 -15.28
CA SER D 63 -23.10 6.41 -14.66
C SER D 63 -21.93 6.73 -15.59
N VAL D 64 -21.18 5.70 -16.00
CA VAL D 64 -19.97 5.85 -16.77
C VAL D 64 -20.02 4.95 -18.01
N PRO D 65 -19.87 5.48 -19.22
CA PRO D 65 -19.68 4.61 -20.38
C PRO D 65 -18.19 4.32 -20.58
N VAL D 66 -17.93 3.42 -21.54
CA VAL D 66 -16.58 3.11 -21.98
C VAL D 66 -16.63 3.00 -23.50
N PRO D 67 -15.80 3.72 -24.26
CA PRO D 67 -15.89 3.63 -25.72
C PRO D 67 -15.25 2.36 -26.25
N VAL D 68 -15.85 1.82 -27.32
CA VAL D 68 -15.35 0.64 -28.02
C VAL D 68 -15.54 0.86 -29.51
N PHE D 69 -14.83 0.06 -30.31
CA PHE D 69 -15.01 0.03 -31.75
C PHE D 69 -15.83 -1.20 -32.08
N CYS D 70 -16.81 -1.02 -32.97
CA CYS D 70 -17.74 -2.08 -33.36
C CYS D 70 -17.64 -2.32 -34.86
N ASP D 71 -17.59 -3.60 -35.22
CA ASP D 71 -17.51 -4.02 -36.62
C ASP D 71 -18.91 -4.46 -37.02
N MET D 72 -19.73 -3.48 -37.38
CA MET D 72 -21.09 -3.71 -37.84
C MET D 72 -21.18 -4.27 -39.27
N THR D 73 -20.05 -4.57 -39.93
CA THR D 73 -20.05 -5.06 -41.31
C THR D 73 -19.89 -6.57 -41.40
N THR D 74 -18.94 -7.13 -40.66
CA THR D 74 -18.53 -8.50 -40.85
C THR D 74 -19.57 -9.49 -40.35
N GLU D 75 -20.01 -10.38 -41.24
CA GLU D 75 -20.94 -11.47 -40.93
C GLU D 75 -22.18 -10.98 -40.19
N GLY D 76 -22.86 -10.03 -40.82
CA GLY D 76 -24.08 -9.47 -40.25
C GLY D 76 -23.87 -8.34 -39.28
N GLY D 77 -22.64 -8.14 -38.77
CA GLY D 77 -22.33 -7.02 -37.90
C GLY D 77 -22.58 -7.30 -36.43
N LYS D 78 -22.86 -6.24 -35.67
CA LYS D 78 -23.13 -6.34 -34.24
C LYS D 78 -21.93 -6.84 -33.44
N TRP D 79 -20.71 -6.61 -33.91
CA TRP D 79 -19.52 -7.09 -33.23
C TRP D 79 -19.00 -6.04 -32.25
N THR D 80 -18.79 -6.43 -31.00
CA THR D 80 -18.08 -5.62 -30.01
C THR D 80 -16.64 -6.10 -29.97
N VAL D 81 -15.70 -5.19 -30.16
CA VAL D 81 -14.29 -5.53 -30.29
C VAL D 81 -13.62 -5.21 -28.96
N PHE D 82 -12.97 -6.23 -28.37
CA PHE D 82 -12.24 -6.07 -27.11
C PHE D 82 -10.74 -6.21 -27.31
N GLN D 83 -10.24 -6.05 -28.53
CA GLN D 83 -8.85 -6.36 -28.86
C GLN D 83 -8.62 -5.90 -30.30
N LYS D 84 -7.65 -5.02 -30.54
CA LYS D 84 -7.29 -4.58 -31.89
C LYS D 84 -5.78 -4.38 -31.95
N ARG D 85 -5.18 -4.81 -33.05
CA ARG D 85 -3.75 -4.66 -33.24
C ARG D 85 -3.46 -4.62 -34.72
N PHE D 86 -2.52 -3.76 -35.13
CA PHE D 86 -2.22 -3.64 -36.55
C PHE D 86 -0.94 -2.86 -36.82
N ASN D 87 -0.77 -1.73 -36.12
CA ASN D 87 0.41 -0.89 -36.29
C ASN D 87 1.63 -1.48 -35.59
N GLY D 88 1.42 -2.19 -34.48
CA GLY D 88 2.49 -2.62 -33.61
C GLY D 88 3.01 -1.53 -32.69
N SER D 89 2.47 -0.31 -32.79
CA SER D 89 2.96 0.81 -31.99
C SER D 89 2.68 0.62 -30.51
N VAL D 90 1.42 0.33 -30.16
CA VAL D 90 1.06 0.13 -28.77
C VAL D 90 1.67 -1.18 -28.30
N SER D 91 2.39 -1.14 -27.18
CA SER D 91 2.95 -2.34 -26.59
C SER D 91 1.90 -3.00 -25.72
N PHE D 92 1.67 -4.29 -25.94
CA PHE D 92 0.72 -5.06 -25.14
C PHE D 92 1.39 -5.81 -24.00
N PHE D 93 2.70 -5.66 -23.81
CA PHE D 93 3.37 -6.25 -22.65
C PHE D 93 3.15 -5.30 -21.47
N ARG D 94 1.95 -5.38 -20.93
CA ARG D 94 1.47 -4.56 -19.83
C ARG D 94 1.25 -5.47 -18.63
N GLY D 95 0.92 -4.85 -17.49
CA GLY D 95 0.75 -5.56 -16.24
C GLY D 95 -0.66 -6.08 -16.04
N TRP D 96 -0.83 -6.79 -14.91
CA TRP D 96 -2.14 -7.33 -14.56
C TRP D 96 -3.17 -6.22 -14.33
N ASN D 97 -2.74 -5.07 -13.82
CA ASN D 97 -3.69 -3.99 -13.55
C ASN D 97 -4.18 -3.34 -14.84
N ASP D 98 -3.28 -3.08 -15.78
CA ASP D 98 -3.69 -2.49 -17.05
C ASP D 98 -4.63 -3.41 -17.81
N TYR D 99 -4.41 -4.72 -17.72
CA TYR D 99 -5.28 -5.65 -18.40
C TYR D 99 -6.62 -5.82 -17.70
N LYS D 100 -6.71 -5.45 -16.43
CA LYS D 100 -8.00 -5.46 -15.75
C LYS D 100 -8.84 -4.25 -16.15
N LEU D 101 -8.25 -3.06 -16.06
CA LEU D 101 -8.96 -1.82 -16.37
C LEU D 101 -9.01 -1.52 -17.86
N GLY D 102 -8.15 -2.12 -18.67
CA GLY D 102 -8.10 -1.83 -20.07
C GLY D 102 -7.14 -0.70 -20.41
N PHE D 103 -6.74 -0.66 -21.67
CA PHE D 103 -5.75 0.30 -22.12
C PHE D 103 -5.82 0.47 -23.63
N GLY D 104 -5.61 1.70 -24.09
CA GLY D 104 -5.52 2.01 -25.51
C GLY D 104 -6.65 2.92 -25.96
N ARG D 105 -6.68 3.14 -27.27
CA ARG D 105 -7.65 4.02 -27.94
C ARG D 105 -8.64 3.17 -28.74
N ALA D 106 -9.93 3.43 -28.53
CA ALA D 106 -10.94 2.73 -29.31
C ALA D 106 -10.77 2.92 -30.81
N ASP D 107 -10.12 4.01 -31.24
CA ASP D 107 -9.85 4.20 -32.66
C ASP D 107 -8.90 3.13 -33.17
N GLY D 108 -7.66 3.15 -32.69
CA GLY D 108 -6.65 2.21 -33.15
C GLY D 108 -6.52 0.98 -32.28
N GLU D 109 -5.29 0.63 -31.91
CA GLU D 109 -5.06 -0.57 -31.12
C GLU D 109 -5.50 -0.34 -29.68
N TYR D 110 -6.12 -1.35 -29.08
CA TYR D 110 -6.55 -1.23 -27.69
C TYR D 110 -6.92 -2.58 -27.13
N TRP D 111 -7.19 -2.59 -25.83
CA TRP D 111 -7.68 -3.75 -25.11
C TRP D 111 -8.78 -3.26 -24.17
N LEU D 112 -9.98 -3.84 -24.31
CA LEU D 112 -11.13 -3.26 -23.63
C LEU D 112 -11.01 -3.37 -22.10
N GLY D 113 -10.40 -4.45 -21.61
CA GLY D 113 -10.26 -4.61 -20.16
C GLY D 113 -11.03 -5.81 -19.66
N LEU D 114 -10.34 -6.62 -18.84
CA LEU D 114 -10.90 -7.88 -18.38
C LEU D 114 -12.15 -7.66 -17.53
N GLN D 115 -12.17 -6.60 -16.72
CA GLN D 115 -13.34 -6.34 -15.90
C GLN D 115 -14.55 -6.03 -16.78
N ASN D 116 -14.40 -5.09 -17.71
CA ASN D 116 -15.47 -4.77 -18.66
C ASN D 116 -15.99 -6.01 -19.39
N MET D 117 -15.08 -6.79 -19.97
CA MET D 117 -15.45 -8.03 -20.64
C MET D 117 -16.28 -8.93 -19.73
N HIS D 118 -15.85 -9.10 -18.48
CA HIS D 118 -16.60 -9.93 -17.55
C HIS D 118 -17.98 -9.36 -17.31
N LEU D 119 -18.12 -8.03 -17.27
CA LEU D 119 -19.46 -7.47 -17.08
C LEU D 119 -20.38 -7.88 -18.21
N LEU D 120 -19.89 -7.84 -19.46
CA LEU D 120 -20.74 -8.24 -20.58
C LEU D 120 -21.08 -9.72 -20.50
N THR D 121 -20.06 -10.59 -20.49
CA THR D 121 -20.28 -12.02 -20.48
C THR D 121 -21.07 -12.50 -19.27
N LEU D 122 -21.10 -11.70 -18.21
CA LEU D 122 -21.83 -12.10 -17.01
C LEU D 122 -23.34 -11.99 -17.22
N LYS D 123 -23.80 -10.97 -17.96
CA LYS D 123 -25.22 -10.66 -18.08
C LYS D 123 -25.85 -11.12 -19.38
N GLN D 124 -25.06 -11.54 -20.37
CA GLN D 124 -25.60 -12.08 -21.60
C GLN D 124 -24.67 -13.17 -22.11
N LYS D 125 -25.23 -14.07 -22.92
CA LYS D 125 -24.44 -15.13 -23.55
C LYS D 125 -23.91 -14.60 -24.88
N TYR D 126 -22.63 -14.90 -25.17
CA TYR D 126 -21.91 -14.25 -26.24
C TYR D 126 -21.17 -15.26 -27.11
N GLU D 127 -20.93 -14.84 -28.35
CA GLU D 127 -20.21 -15.58 -29.38
C GLU D 127 -18.90 -14.87 -29.67
N LEU D 128 -17.85 -15.65 -29.97
CA LEU D 128 -16.52 -15.13 -30.24
C LEU D 128 -16.17 -15.28 -31.72
N ARG D 129 -15.47 -14.28 -32.25
CA ARG D 129 -14.84 -14.33 -33.56
C ARG D 129 -13.52 -13.58 -33.46
N VAL D 130 -12.44 -14.19 -33.94
CA VAL D 130 -11.14 -13.54 -34.02
C VAL D 130 -10.75 -13.51 -35.50
N ASP D 131 -10.28 -12.36 -35.96
CA ASP D 131 -9.93 -12.17 -37.36
C ASP D 131 -8.46 -11.80 -37.44
N LEU D 132 -7.71 -12.51 -38.29
CA LEU D 132 -6.27 -12.45 -38.34
C LEU D 132 -5.80 -12.11 -39.74
N GLU D 133 -4.58 -11.57 -39.82
CA GLU D 133 -3.96 -11.27 -41.11
C GLU D 133 -2.45 -11.32 -40.98
N ASP D 134 -1.81 -11.92 -41.98
CA ASP D 134 -0.37 -12.03 -42.07
C ASP D 134 0.19 -10.92 -42.96
N PHE D 135 1.48 -11.02 -43.28
CA PHE D 135 2.15 -10.05 -44.14
C PHE D 135 2.15 -10.44 -45.61
N GLU D 136 1.36 -11.46 -45.99
CA GLU D 136 1.26 -11.91 -47.37
C GLU D 136 -0.11 -11.61 -47.97
N ASN D 137 -0.84 -10.65 -47.40
CA ASN D 137 -2.17 -10.26 -47.89
C ASN D 137 -3.14 -11.44 -47.80
N ASN D 138 -3.11 -12.16 -46.68
CA ASN D 138 -4.02 -13.25 -46.41
C ASN D 138 -4.78 -13.01 -45.12
N THR D 139 -6.02 -13.49 -45.08
CA THR D 139 -6.92 -13.33 -43.95
C THR D 139 -7.37 -14.69 -43.47
N ALA D 140 -7.73 -14.77 -42.19
CA ALA D 140 -8.18 -16.01 -41.58
C ALA D 140 -9.01 -15.65 -40.37
N TYR D 141 -9.66 -16.63 -39.78
CA TYR D 141 -10.47 -16.36 -38.59
C TYR D 141 -10.84 -17.67 -37.92
N ALA D 142 -11.43 -17.55 -36.74
CA ALA D 142 -11.96 -18.69 -36.00
C ALA D 142 -13.12 -18.19 -35.15
N LYS D 143 -14.19 -18.97 -35.08
CA LYS D 143 -15.38 -18.62 -34.33
C LYS D 143 -15.63 -19.67 -33.26
N TYR D 144 -16.16 -19.21 -32.12
CA TYR D 144 -16.52 -20.09 -31.00
C TYR D 144 -17.92 -19.73 -30.53
N ALA D 145 -18.78 -20.74 -30.46
CA ALA D 145 -20.20 -20.50 -30.19
C ALA D 145 -20.38 -19.80 -28.85
N ASP D 146 -19.83 -20.37 -27.79
CA ASP D 146 -19.93 -19.79 -26.46
C ASP D 146 -18.62 -19.10 -26.11
N PHE D 147 -18.72 -18.01 -25.38
CA PHE D 147 -17.52 -17.31 -24.93
C PHE D 147 -17.90 -16.56 -23.67
N SER D 148 -17.07 -16.69 -22.64
CA SER D 148 -17.33 -16.05 -21.36
C SER D 148 -16.01 -15.91 -20.62
N ILE D 149 -15.92 -14.88 -19.78
CA ILE D 149 -14.81 -14.69 -18.86
C ILE D 149 -15.35 -14.96 -17.47
N SER D 150 -14.86 -16.03 -16.85
CA SER D 150 -15.23 -16.43 -15.50
C SER D 150 -16.76 -16.44 -15.32
N PRO D 151 -17.47 -17.21 -16.14
CA PRO D 151 -18.94 -17.12 -16.13
C PRO D 151 -19.52 -17.58 -14.81
N ASN D 152 -20.54 -16.84 -14.37
CA ASN D 152 -21.27 -17.16 -13.14
C ASN D 152 -20.35 -17.17 -11.92
N ALA D 153 -19.36 -16.29 -11.92
CA ALA D 153 -18.44 -16.14 -10.81
C ALA D 153 -18.86 -14.94 -9.97
N VAL D 154 -19.05 -15.16 -8.67
CA VAL D 154 -19.47 -14.09 -7.78
C VAL D 154 -18.41 -12.99 -7.71
N SER D 155 -17.14 -13.33 -7.94
CA SER D 155 -16.07 -12.34 -7.99
C SER D 155 -15.06 -12.78 -9.03
N ALA D 156 -14.80 -11.91 -10.02
CA ALA D 156 -13.89 -12.28 -11.09
C ALA D 156 -12.45 -12.38 -10.61
N GLU D 157 -12.04 -11.46 -9.71
CA GLU D 157 -10.67 -11.48 -9.18
C GLU D 157 -10.33 -12.83 -8.57
N GLU D 158 -11.18 -13.31 -7.66
CA GLU D 158 -10.93 -14.58 -6.99
C GLU D 158 -10.75 -15.71 -7.99
N ASP D 159 -11.57 -15.75 -9.03
CA ASP D 159 -11.48 -16.80 -10.06
C ASP D 159 -10.40 -16.50 -11.10
N GLY D 160 -9.70 -15.39 -11.01
CA GLY D 160 -8.63 -15.11 -11.96
C GLY D 160 -9.09 -14.84 -13.37
N TYR D 161 -10.37 -14.54 -13.56
CA TYR D 161 -10.95 -14.26 -14.86
C TYR D 161 -10.67 -15.38 -15.86
N THR D 162 -11.12 -16.58 -15.51
CA THR D 162 -10.95 -17.72 -16.39
C THR D 162 -11.65 -17.49 -17.73
N LEU D 163 -11.06 -18.05 -18.78
CA LEU D 163 -11.60 -18.03 -20.14
C LEU D 163 -12.35 -19.33 -20.38
N PHE D 164 -13.54 -19.22 -20.96
CA PHE D 164 -14.33 -20.38 -21.36
C PHE D 164 -14.72 -20.24 -22.82
N VAL D 165 -14.46 -21.28 -23.61
CA VAL D 165 -14.90 -21.34 -24.99
C VAL D 165 -15.41 -22.76 -25.25
N ALA D 166 -16.52 -22.86 -25.98
CA ALA D 166 -17.18 -24.13 -26.23
C ALA D 166 -17.06 -24.45 -27.72
N GLY D 167 -18.12 -24.96 -28.35
CA GLY D 167 -18.12 -25.34 -29.75
C GLY D 167 -17.42 -24.38 -30.69
N PHE D 168 -16.54 -24.93 -31.52
CA PHE D 168 -15.63 -24.15 -32.35
C PHE D 168 -16.03 -24.36 -33.81
N GLU D 169 -16.31 -23.27 -34.51
CA GLU D 169 -16.57 -23.30 -35.94
C GLU D 169 -15.32 -22.78 -36.65
N ASP D 170 -14.82 -23.56 -37.59
CA ASP D 170 -13.55 -23.27 -38.23
C ASP D 170 -13.72 -22.23 -39.33
N GLY D 171 -12.80 -21.28 -39.36
CA GLY D 171 -12.68 -20.36 -40.47
C GLY D 171 -11.39 -20.69 -41.19
N GLY D 172 -10.62 -19.68 -41.58
CA GLY D 172 -9.33 -19.96 -42.21
C GLY D 172 -8.32 -20.55 -41.26
N ALA D 173 -8.23 -19.99 -40.06
CA ALA D 173 -7.25 -20.41 -39.05
C ALA D 173 -7.79 -21.59 -38.25
N GLY D 174 -6.91 -22.24 -37.52
CA GLY D 174 -7.32 -23.38 -36.72
C GLY D 174 -7.88 -22.98 -35.38
N ASP D 175 -7.98 -23.99 -34.51
CA ASP D 175 -8.53 -23.85 -33.17
C ASP D 175 -7.39 -23.91 -32.16
N SER D 176 -6.97 -22.73 -31.72
CA SER D 176 -5.97 -22.61 -30.66
C SER D 176 -6.60 -22.35 -29.31
N LEU D 177 -7.75 -21.68 -29.27
CA LEU D 177 -8.31 -21.21 -28.00
C LEU D 177 -8.91 -22.36 -27.18
N SER D 178 -9.40 -23.42 -27.85
CA SER D 178 -9.97 -24.55 -27.10
C SER D 178 -8.94 -25.16 -26.15
N TYR D 179 -7.66 -25.06 -26.50
CA TYR D 179 -6.60 -25.46 -25.59
C TYR D 179 -6.56 -24.58 -24.34
N HIS D 180 -6.97 -23.32 -24.46
CA HIS D 180 -6.86 -22.36 -23.37
C HIS D 180 -8.07 -22.33 -22.45
N SER D 181 -9.17 -22.96 -22.84
CA SER D 181 -10.40 -22.84 -22.05
C SER D 181 -10.19 -23.37 -20.63
N GLY D 182 -10.70 -22.62 -19.67
CA GLY D 182 -10.59 -22.97 -18.27
C GLY D 182 -9.38 -22.41 -17.58
N GLN D 183 -8.60 -21.56 -18.24
CA GLN D 183 -7.33 -21.06 -17.71
C GLN D 183 -7.49 -19.61 -17.27
N LYS D 184 -6.88 -19.30 -16.12
CA LYS D 184 -6.87 -17.94 -15.60
C LYS D 184 -5.94 -17.06 -16.42
N PHE D 185 -6.21 -15.76 -16.41
CA PHE D 185 -5.42 -14.82 -17.18
C PHE D 185 -4.14 -14.49 -16.40
N SER D 186 -3.00 -14.52 -17.11
CA SER D 186 -1.68 -14.42 -16.48
C SER D 186 -0.87 -13.31 -17.10
N THR D 187 -0.10 -12.63 -16.25
CA THR D 187 0.83 -11.59 -16.64
C THR D 187 2.12 -11.80 -15.86
N PHE D 188 3.17 -11.09 -16.26
CA PHE D 188 4.42 -11.11 -15.48
C PHE D 188 4.22 -10.59 -14.06
N ASP D 189 3.15 -9.82 -13.80
CA ASP D 189 2.79 -9.49 -12.43
C ASP D 189 2.21 -10.68 -11.70
N ARG D 190 1.21 -11.34 -12.31
CA ARG D 190 0.48 -12.44 -11.71
C ARG D 190 0.61 -13.66 -12.59
N ASP D 191 1.34 -14.66 -12.12
CA ASP D 191 1.54 -15.92 -12.82
C ASP D 191 0.44 -16.87 -12.36
N GLN D 192 -0.48 -17.19 -13.27
CA GLN D 192 -1.50 -18.19 -13.02
C GLN D 192 -1.29 -19.46 -13.85
N ASP D 193 -0.37 -19.45 -14.81
CA ASP D 193 -0.21 -20.56 -15.73
C ASP D 193 0.18 -21.85 -15.01
N LEU D 194 0.03 -22.96 -15.73
CA LEU D 194 0.36 -24.29 -15.21
C LEU D 194 1.82 -24.66 -15.37
N PHE D 195 2.66 -23.72 -15.79
CA PHE D 195 4.08 -23.96 -16.07
C PHE D 195 4.92 -23.52 -14.88
N VAL D 196 6.01 -24.25 -14.61
CA VAL D 196 6.91 -23.84 -13.53
C VAL D 196 7.48 -22.46 -13.80
N GLN D 197 7.82 -22.18 -15.06
CA GLN D 197 8.28 -20.86 -15.45
C GLN D 197 7.09 -19.91 -15.53
N ASN D 198 7.36 -18.66 -15.89
CA ASN D 198 6.33 -17.65 -16.08
C ASN D 198 6.13 -17.54 -17.59
N CYS D 199 5.16 -18.30 -18.10
CA CYS D 199 4.96 -18.35 -19.54
C CYS D 199 4.59 -16.99 -20.11
N ALA D 200 3.94 -16.15 -19.31
CA ALA D 200 3.66 -14.78 -19.75
C ALA D 200 4.96 -14.00 -19.96
N ALA D 201 5.94 -14.20 -19.08
CA ALA D 201 7.21 -13.50 -19.24
C ALA D 201 7.99 -14.05 -20.43
N LEU D 202 8.01 -15.38 -20.60
CA LEU D 202 8.75 -15.98 -21.70
C LEU D 202 8.13 -15.63 -23.05
N SER D 203 6.81 -15.43 -23.09
CA SER D 203 6.10 -15.17 -24.32
C SER D 203 5.98 -13.69 -24.66
N SER D 204 6.44 -12.80 -23.77
CA SER D 204 6.39 -11.36 -24.01
C SER D 204 4.96 -10.91 -24.32
N GLY D 205 4.03 -11.38 -23.50
CA GLY D 205 2.65 -10.99 -23.67
C GLY D 205 1.81 -11.47 -22.50
N ALA D 206 0.50 -11.36 -22.69
CA ALA D 206 -0.48 -11.79 -21.70
C ALA D 206 -1.56 -12.62 -22.37
N PHE D 207 -1.96 -13.71 -21.72
CA PHE D 207 -2.98 -14.59 -22.26
C PHE D 207 -3.36 -15.56 -21.16
N TRP D 208 -4.44 -16.31 -21.40
CA TRP D 208 -4.87 -17.36 -20.50
C TRP D 208 -3.97 -18.56 -20.75
N PHE D 209 -2.79 -18.53 -20.14
CA PHE D 209 -1.75 -19.49 -20.45
C PHE D 209 -1.93 -20.80 -19.69
N ARG D 210 -1.53 -21.89 -20.32
CA ARG D 210 -1.58 -23.23 -19.75
C ARG D 210 -0.14 -23.69 -19.46
N SER D 211 0.31 -24.84 -19.96
CA SER D 211 1.75 -25.09 -19.98
C SER D 211 2.45 -24.01 -20.78
N CYS D 212 1.89 -23.69 -21.94
CA CYS D 212 2.17 -22.45 -22.67
C CYS D 212 1.22 -22.40 -23.85
N HIS D 213 1.14 -21.23 -24.47
CA HIS D 213 0.06 -20.94 -25.39
C HIS D 213 0.15 -21.73 -26.69
N PHE D 214 -1.03 -21.89 -27.31
CA PHE D 214 -1.15 -22.03 -28.77
C PHE D 214 -1.60 -20.73 -29.43
N ALA D 215 -2.04 -19.74 -28.67
CA ALA D 215 -2.40 -18.43 -29.19
C ALA D 215 -1.86 -17.38 -28.24
N ASN D 216 -1.02 -16.49 -28.78
CA ASN D 216 -0.41 -15.41 -28.00
C ASN D 216 -0.72 -14.09 -28.69
N LEU D 217 -2.00 -13.72 -28.73
CA LEU D 217 -2.42 -12.53 -29.46
C LEU D 217 -2.00 -11.22 -28.79
N ASN D 218 -1.35 -11.26 -27.63
CA ASN D 218 -0.80 -10.06 -26.98
C ASN D 218 0.72 -10.09 -26.93
N GLY D 219 1.36 -10.95 -27.72
CA GLY D 219 2.80 -11.01 -27.76
C GLY D 219 3.43 -9.79 -28.41
N PHE D 220 4.75 -9.80 -28.49
CA PHE D 220 5.47 -8.67 -29.05
C PHE D 220 5.30 -8.66 -30.56
N TYR D 221 5.12 -7.46 -31.12
CA TYR D 221 4.81 -7.32 -32.54
C TYR D 221 6.14 -7.36 -33.29
N LEU D 222 6.59 -8.58 -33.57
CA LEU D 222 7.85 -8.83 -34.26
C LEU D 222 7.72 -8.76 -35.77
N GLY D 223 6.51 -8.56 -36.29
CA GLY D 223 6.27 -8.23 -37.68
C GLY D 223 6.84 -9.18 -38.70
N GLY D 224 6.33 -10.42 -38.73
CA GLY D 224 6.75 -11.41 -39.70
C GLY D 224 7.28 -12.66 -39.01
N SER D 225 8.34 -13.24 -39.58
CA SER D 225 8.99 -14.40 -38.98
C SER D 225 10.00 -13.98 -37.92
N HIS D 226 10.17 -14.86 -36.93
CA HIS D 226 11.14 -14.62 -35.86
C HIS D 226 11.75 -15.94 -35.43
N LEU D 227 13.04 -15.90 -35.11
CA LEU D 227 13.77 -17.11 -34.76
C LEU D 227 13.57 -17.51 -33.31
N SER D 228 13.06 -16.60 -32.48
CA SER D 228 12.70 -16.94 -31.12
C SER D 228 11.38 -17.70 -31.10
N TYR D 229 11.14 -18.43 -30.01
CA TYR D 229 10.06 -19.39 -29.91
C TYR D 229 8.85 -18.78 -29.19
N ALA D 230 7.75 -18.64 -29.94
CA ALA D 230 6.42 -18.53 -29.34
C ALA D 230 6.27 -17.30 -28.46
N ASN D 231 6.77 -16.16 -28.96
CA ASN D 231 6.71 -14.90 -28.23
C ASN D 231 6.02 -13.78 -28.98
N GLY D 232 5.75 -13.94 -30.27
CA GLY D 232 5.04 -12.93 -31.04
C GLY D 232 3.53 -13.17 -31.06
N ILE D 233 2.84 -12.25 -31.76
CA ILE D 233 1.43 -12.44 -32.04
C ILE D 233 1.32 -13.68 -32.93
N ASN D 234 1.04 -14.82 -32.31
CA ASN D 234 1.10 -16.12 -32.96
C ASN D 234 -0.24 -16.81 -32.82
N TRP D 235 -0.76 -17.32 -33.93
CA TRP D 235 -1.84 -18.30 -33.93
C TRP D 235 -1.20 -19.59 -34.42
N ALA D 236 -0.99 -20.52 -33.49
CA ALA D 236 -0.21 -21.72 -33.78
C ALA D 236 -0.80 -22.48 -34.96
N GLN D 237 -2.11 -22.69 -34.96
CA GLN D 237 -2.71 -23.56 -35.95
C GLN D 237 -2.74 -22.94 -37.35
N TRP D 238 -2.59 -21.61 -37.46
CA TRP D 238 -2.62 -20.94 -38.77
C TRP D 238 -1.22 -20.69 -39.33
N LYS D 239 -0.34 -20.04 -38.56
CA LYS D 239 1.00 -19.71 -39.04
C LYS D 239 2.10 -20.14 -38.08
N GLY D 240 1.81 -21.04 -37.15
CA GLY D 240 2.84 -21.62 -36.34
C GLY D 240 3.34 -20.67 -35.28
N PHE D 241 4.42 -21.12 -34.61
CA PHE D 241 5.01 -20.40 -33.50
C PHE D 241 6.08 -19.40 -33.92
N TYR D 242 6.59 -19.46 -35.16
CA TYR D 242 7.66 -18.58 -35.63
C TYR D 242 7.15 -17.56 -36.65
N TYR D 243 5.88 -17.16 -36.54
CA TYR D 243 5.31 -16.17 -37.44
C TYR D 243 4.47 -15.21 -36.62
N SER D 244 4.75 -13.93 -36.76
CA SER D 244 4.07 -12.86 -36.06
C SER D 244 3.13 -12.16 -37.04
N LEU D 245 1.83 -12.15 -36.73
CA LEU D 245 0.83 -11.61 -37.64
C LEU D 245 1.05 -10.11 -37.85
N LYS D 246 0.28 -9.55 -38.78
CA LYS D 246 0.29 -8.11 -39.03
C LYS D 246 -0.89 -7.41 -38.37
N ARG D 247 -2.08 -8.00 -38.43
CA ARG D 247 -3.28 -7.43 -37.85
C ARG D 247 -4.00 -8.50 -37.04
N THR D 248 -4.76 -8.06 -36.05
CA THR D 248 -5.36 -8.96 -35.09
C THR D 248 -6.53 -8.25 -34.42
N GLU D 249 -7.65 -8.93 -34.29
CA GLU D 249 -8.78 -8.33 -33.59
C GLU D 249 -9.75 -9.43 -33.17
N MET D 250 -10.24 -9.34 -31.93
CA MET D 250 -11.11 -10.33 -31.33
C MET D 250 -12.48 -9.69 -31.08
N LYS D 251 -13.52 -10.25 -31.71
CA LYS D 251 -14.84 -9.67 -31.77
C LYS D 251 -15.83 -10.49 -30.97
N ILE D 252 -16.89 -9.83 -30.49
CA ILE D 252 -17.90 -10.46 -29.63
C ILE D 252 -19.28 -9.97 -30.04
N ARG D 253 -20.26 -10.90 -30.05
CA ARG D 253 -21.65 -10.58 -30.39
C ARG D 253 -22.57 -11.40 -29.50
N ARG D 254 -23.80 -10.92 -29.35
CA ARG D 254 -24.76 -11.60 -28.50
C ARG D 254 -25.09 -12.97 -29.06
N ALA D 255 -24.93 -14.00 -28.21
CA ALA D 255 -25.29 -15.41 -28.42
C ALA D 255 -25.53 -15.85 -29.86
N GLN E 1 55.98 10.25 27.98
CA GLN E 1 55.18 11.50 27.81
C GLN E 1 55.26 11.98 26.37
N MET E 2 54.28 12.82 25.97
CA MET E 2 54.26 13.35 24.61
C MET E 2 55.49 14.21 24.36
N GLN E 3 56.39 13.72 23.51
CA GLN E 3 57.65 14.39 23.23
C GLN E 3 57.97 14.24 21.74
N LEU E 4 58.59 15.28 21.18
CA LEU E 4 59.07 15.27 19.81
C LEU E 4 60.58 15.52 19.85
N VAL E 5 61.34 14.57 19.33
CA VAL E 5 62.80 14.59 19.37
C VAL E 5 63.30 14.84 17.96
N GLN E 6 63.84 16.02 17.73
CA GLN E 6 64.39 16.38 16.43
C GLN E 6 65.85 15.92 16.30
N SER E 7 66.36 16.01 15.08
CA SER E 7 67.74 15.65 14.79
C SER E 7 68.68 16.74 15.29
N GLY E 8 69.95 16.39 15.40
CA GLY E 8 70.97 17.33 15.79
C GLY E 8 71.20 18.38 14.72
N PRO E 9 71.99 19.40 15.05
CA PRO E 9 72.22 20.49 14.10
C PRO E 9 73.07 20.05 12.92
N GLU E 10 72.91 20.77 11.82
CA GLU E 10 73.67 20.49 10.60
C GLU E 10 74.15 21.79 10.00
N VAL E 11 75.35 21.73 9.42
CA VAL E 11 75.97 22.85 8.71
C VAL E 11 76.10 22.43 7.26
N LYS E 12 75.57 23.25 6.35
CA LYS E 12 75.49 22.93 4.94
C LYS E 12 76.03 24.08 4.10
N LYS E 13 76.59 23.73 2.94
CA LYS E 13 77.04 24.74 2.00
C LYS E 13 75.87 25.23 1.16
N PRO E 14 75.98 26.41 0.53
CA PRO E 14 74.87 26.88 -0.31
C PRO E 14 74.63 25.94 -1.49
N GLY E 15 73.35 25.77 -1.83
CA GLY E 15 72.95 24.92 -2.93
C GLY E 15 72.76 23.46 -2.58
N THR E 16 73.27 23.02 -1.43
CA THR E 16 73.13 21.63 -1.02
C THR E 16 71.75 21.40 -0.41
N SER E 17 71.51 20.17 0.03
CA SER E 17 70.25 19.75 0.63
C SER E 17 70.48 19.31 2.08
N VAL E 18 69.47 19.54 2.92
CA VAL E 18 69.49 19.14 4.32
C VAL E 18 68.23 18.32 4.57
N LYS E 19 68.33 17.31 5.44
CA LYS E 19 67.22 16.42 5.78
C LYS E 19 67.13 16.38 7.31
N VAL E 20 66.02 16.89 7.85
CA VAL E 20 65.82 17.00 9.28
C VAL E 20 64.79 15.97 9.70
N SER E 21 65.14 15.17 10.71
CA SER E 21 64.24 14.15 11.24
C SER E 21 63.61 14.62 12.54
N CYS E 22 62.48 14.00 12.87
CA CYS E 22 61.70 14.38 14.04
C CYS E 22 60.86 13.17 14.46
N LYS E 23 61.26 12.50 15.53
CA LYS E 23 60.62 11.26 15.96
C LYS E 23 59.64 11.53 17.09
N ALA E 24 58.49 10.86 17.01
CA ALA E 24 57.37 11.08 17.91
C ALA E 24 57.23 9.93 18.89
N SER E 25 56.84 10.27 20.12
CA SER E 25 56.60 9.30 21.17
C SER E 25 55.57 9.89 22.13
N GLY E 26 54.81 9.01 22.77
CA GLY E 26 53.80 9.44 23.72
C GLY E 26 52.43 9.68 23.13
N PHE E 27 52.27 9.55 21.82
CA PHE E 27 50.98 9.70 21.17
C PHE E 27 51.01 8.92 19.88
N THR E 28 49.83 8.45 19.45
CA THR E 28 49.74 7.71 18.21
C THR E 28 50.15 8.62 17.06
N PHE E 29 51.27 8.30 16.41
CA PHE E 29 51.83 9.20 15.42
C PHE E 29 50.91 9.37 14.23
N THR E 30 50.14 8.34 13.88
CA THR E 30 49.30 8.37 12.69
C THR E 30 48.02 9.19 12.86
N SER E 31 47.70 9.61 14.09
CA SER E 31 46.42 10.26 14.35
C SER E 31 46.43 11.76 14.12
N TYR E 32 47.58 12.41 14.31
CA TYR E 32 47.68 13.87 14.30
C TYR E 32 48.46 14.34 13.09
N TRP E 33 48.11 15.53 12.62
CA TRP E 33 48.86 16.19 11.55
C TRP E 33 50.18 16.71 12.10
N MET E 34 51.17 16.82 11.22
CA MET E 34 52.51 17.30 11.58
C MET E 34 52.86 18.53 10.78
N HIS E 35 53.30 19.58 11.49
CA HIS E 35 53.66 20.87 10.92
C HIS E 35 55.15 21.10 11.08
N TRP E 36 55.72 21.90 10.18
CA TRP E 36 57.13 22.26 10.23
C TRP E 36 57.23 23.78 10.17
N VAL E 37 57.97 24.35 11.12
CA VAL E 37 58.08 25.80 11.28
C VAL E 37 59.55 26.14 11.51
N ARG E 38 59.98 27.27 10.95
CA ARG E 38 61.34 27.77 11.14
C ARG E 38 61.30 29.15 11.78
N GLN E 39 62.27 29.41 12.64
CA GLN E 39 62.38 30.67 13.37
C GLN E 39 63.76 31.27 13.08
N ALA E 40 63.81 32.15 12.10
CA ALA E 40 65.02 32.94 11.90
C ALA E 40 65.26 33.78 13.15
N ARG E 41 66.51 33.88 13.55
CA ARG E 41 66.86 34.56 14.80
C ARG E 41 66.35 36.00 14.79
N GLY E 42 65.60 36.35 15.83
CA GLY E 42 65.08 37.71 15.97
C GLY E 42 64.20 38.15 14.82
N GLN E 43 63.38 37.24 14.29
CA GLN E 43 62.57 37.54 13.13
C GLN E 43 61.27 36.76 13.21
N ARG E 44 60.39 37.01 12.24
CA ARG E 44 59.03 36.46 12.25
C ARG E 44 59.02 35.01 11.80
N LEU E 45 58.32 34.17 12.55
CA LEU E 45 58.29 32.74 12.27
C LEU E 45 57.59 32.45 10.95
N GLU E 46 58.09 31.43 10.24
CA GLU E 46 57.54 31.04 8.95
C GLU E 46 57.10 29.58 9.02
N TRP E 47 55.85 29.36 8.61
CA TRP E 47 55.25 28.03 8.55
C TRP E 47 55.68 27.35 7.25
N ILE E 48 56.34 26.20 7.36
CA ILE E 48 56.86 25.49 6.18
C ILE E 48 55.73 24.76 5.47
N GLY E 49 55.14 23.78 6.13
CA GLY E 49 54.09 22.99 5.50
C GLY E 49 53.53 21.99 6.49
N VAL E 50 52.70 21.08 5.98
CA VAL E 50 52.02 20.09 6.79
C VAL E 50 52.02 18.76 6.05
N ILE E 51 52.01 17.68 6.82
CA ILE E 51 51.88 16.33 6.30
C ILE E 51 51.14 15.51 7.33
N HIS E 52 50.29 14.58 6.86
CA HIS E 52 49.63 13.64 7.77
C HIS E 52 50.30 12.29 7.64
N PRO E 53 50.75 11.65 8.74
CA PRO E 53 51.46 10.38 8.55
C PRO E 53 50.59 9.25 8.01
N ASN E 54 49.30 9.20 8.40
CA ASN E 54 48.47 8.07 7.99
C ASN E 54 48.26 8.05 6.49
N SER E 55 47.87 9.18 5.91
CA SER E 55 47.59 9.25 4.48
C SER E 55 48.78 9.70 3.65
N GLY E 56 49.68 10.49 4.24
CA GLY E 56 50.79 11.04 3.48
C GLY E 56 50.46 12.28 2.67
N ASN E 57 49.22 12.76 2.71
CA ASN E 57 48.88 14.01 2.04
C ASN E 57 49.73 15.15 2.61
N THR E 58 50.10 16.09 1.73
CA THR E 58 50.98 17.19 2.08
C THR E 58 50.36 18.50 1.62
N LYS E 59 50.66 19.57 2.36
CA LYS E 59 50.30 20.92 1.95
C LYS E 59 51.41 21.87 2.38
N TYR E 60 52.07 22.50 1.41
CA TYR E 60 53.25 23.33 1.62
C TYR E 60 52.89 24.81 1.53
N ASN E 61 53.79 25.63 2.06
CA ASN E 61 53.74 27.07 1.81
C ASN E 61 54.14 27.34 0.37
N GLU E 62 53.51 28.35 -0.22
CA GLU E 62 53.67 28.61 -1.66
C GLU E 62 55.13 28.86 -2.03
N LYS E 63 55.84 29.63 -1.21
CA LYS E 63 57.20 30.02 -1.55
C LYS E 63 58.22 28.89 -1.42
N PHE E 64 57.90 27.84 -0.65
CA PHE E 64 58.83 26.73 -0.44
C PHE E 64 58.56 25.52 -1.32
N ARG E 65 57.45 25.50 -2.08
CA ARG E 65 57.21 24.39 -2.99
C ARG E 65 58.37 24.26 -3.96
N SER E 66 58.63 23.01 -4.37
CA SER E 66 59.72 22.62 -5.26
C SER E 66 61.04 22.47 -4.49
N ARG E 67 61.18 23.18 -3.38
CA ARG E 67 62.38 23.15 -2.56
C ARG E 67 62.28 22.17 -1.40
N VAL E 68 61.15 22.14 -0.70
CA VAL E 68 60.95 21.29 0.47
C VAL E 68 60.07 20.11 0.09
N THR E 69 60.40 18.94 0.63
CA THR E 69 59.58 17.75 0.47
C THR E 69 59.57 17.01 1.80
N MET E 70 58.38 16.61 2.24
CA MET E 70 58.19 15.97 3.54
C MET E 70 57.80 14.51 3.35
N THR E 71 58.38 13.65 4.18
CA THR E 71 58.11 12.22 4.18
C THR E 71 57.97 11.74 5.61
N THR E 72 57.42 10.54 5.77
CA THR E 72 57.21 9.95 7.09
C THR E 72 57.47 8.46 7.02
N ASP E 73 58.15 7.95 8.05
CA ASP E 73 58.38 6.53 8.25
C ASP E 73 57.41 6.07 9.34
N THR E 74 56.38 5.30 8.94
CA THR E 74 55.35 4.92 9.89
C THR E 74 55.86 3.93 10.93
N SER E 75 56.79 3.05 10.55
CA SER E 75 57.26 2.03 11.48
C SER E 75 57.99 2.65 12.66
N THR E 76 58.81 3.66 12.41
CA THR E 76 59.64 4.30 13.42
C THR E 76 59.00 5.54 14.04
N SER E 77 57.77 5.90 13.63
CA SER E 77 57.09 7.09 14.16
C SER E 77 57.92 8.35 13.94
N THR E 78 58.53 8.46 12.77
CA THR E 78 59.43 9.55 12.45
C THR E 78 58.86 10.37 11.29
N ALA E 79 59.03 11.68 11.37
CA ALA E 79 58.64 12.61 10.32
C ALA E 79 59.89 13.31 9.81
N TYR E 80 60.02 13.40 8.48
CA TYR E 80 61.19 13.99 7.86
C TYR E 80 60.79 15.24 7.10
N MET E 81 61.69 16.23 7.10
CA MET E 81 61.55 17.45 6.34
C MET E 81 62.91 17.76 5.74
N GLU E 82 62.91 18.02 4.43
CA GLU E 82 64.16 18.18 3.69
C GLU E 82 64.01 19.35 2.73
N LEU E 83 64.91 20.32 2.84
CA LEU E 83 64.94 21.47 1.95
C LEU E 83 66.04 21.25 0.93
N ARG E 84 65.66 21.18 -0.35
CA ARG E 84 66.55 20.63 -1.37
C ARG E 84 67.69 21.59 -1.70
N SER E 85 67.34 22.78 -2.21
CA SER E 85 68.34 23.77 -2.59
C SER E 85 68.39 24.85 -1.50
N LEU E 86 69.53 24.96 -0.84
CA LEU E 86 69.66 25.84 0.31
C LEU E 86 70.19 27.21 -0.11
N ARG E 87 69.94 28.18 0.77
CA ARG E 87 70.19 29.59 0.52
C ARG E 87 70.67 30.20 1.84
N SER E 88 71.65 31.11 1.75
CA SER E 88 72.32 31.63 2.94
C SER E 88 71.35 32.17 3.99
N ASP E 89 70.21 32.72 3.56
CA ASP E 89 69.24 33.26 4.50
C ASP E 89 68.43 32.18 5.20
N ASP E 90 68.45 30.93 4.72
CA ASP E 90 67.70 29.86 5.36
C ASP E 90 68.25 29.48 6.73
N THR E 91 69.40 30.03 7.14
CA THR E 91 69.93 29.81 8.47
C THR E 91 68.86 30.14 9.50
N ALA E 92 68.37 29.12 10.20
CA ALA E 92 67.31 29.31 11.19
C ALA E 92 67.17 28.02 11.99
N VAL E 93 66.32 28.08 13.01
CA VAL E 93 66.00 26.92 13.85
C VAL E 93 64.71 26.33 13.30
N TYR E 94 64.74 25.04 12.96
CA TYR E 94 63.61 24.35 12.33
C TYR E 94 62.93 23.45 13.35
N TYR E 95 61.63 23.65 13.54
CA TYR E 95 60.84 22.90 14.49
C TYR E 95 59.80 22.03 13.77
N CYS E 96 59.47 20.90 14.39
CA CYS E 96 58.31 20.10 14.03
C CYS E 96 57.29 20.25 15.15
N ALA E 97 56.03 20.49 14.79
CA ALA E 97 54.99 20.76 15.78
C ALA E 97 53.71 20.01 15.38
N ARG E 98 52.99 19.55 16.42
CA ARG E 98 51.81 18.72 16.25
C ARG E 98 50.56 19.58 16.33
N GLU E 99 49.67 19.41 15.34
CA GLU E 99 48.37 20.05 15.35
C GLU E 99 47.42 19.23 16.20
N MET E 100 46.94 19.81 17.30
CA MET E 100 45.91 19.15 18.07
C MET E 100 44.61 19.13 17.28
N TRP E 101 43.72 18.21 17.67
CA TRP E 101 42.34 18.25 17.21
C TRP E 101 41.50 18.92 18.29
N ASN E 102 40.46 19.64 17.85
CA ASN E 102 39.64 20.35 18.82
C ASN E 102 38.33 20.86 18.24
N TYR E 103 37.59 19.98 17.59
CA TYR E 103 36.18 20.21 17.24
C TYR E 103 35.94 21.59 16.61
N GLY E 104 36.83 21.98 15.71
CA GLY E 104 36.66 23.28 15.09
C GLY E 104 37.83 23.70 14.27
N ASN E 105 38.32 24.93 14.49
CA ASN E 105 39.36 25.43 13.60
C ASN E 105 40.63 24.62 13.74
N SER E 106 40.99 24.23 14.97
CA SER E 106 42.23 23.50 15.25
C SER E 106 43.34 24.31 14.59
N TRP E 107 44.25 23.68 13.86
CA TRP E 107 45.25 24.40 13.07
C TRP E 107 46.15 25.28 13.95
N TYR E 108 46.29 24.90 15.21
CA TYR E 108 47.23 25.51 16.14
C TYR E 108 47.97 24.39 16.85
N PHE E 109 49.23 24.66 17.17
CA PHE E 109 50.20 23.61 17.45
C PHE E 109 50.41 23.52 18.95
N ASP E 110 50.04 22.36 19.53
CA ASP E 110 50.05 22.19 20.98
C ASP E 110 51.31 21.55 21.52
N VAL E 111 52.07 20.85 20.67
CA VAL E 111 53.25 20.12 21.10
C VAL E 111 54.35 20.34 20.07
N TRP E 112 55.52 20.76 20.54
CA TRP E 112 56.64 21.16 19.70
C TRP E 112 57.83 20.27 19.98
N GLY E 113 58.76 20.25 19.02
CA GLY E 113 60.01 19.57 19.25
C GLY E 113 60.87 20.40 20.18
N GLN E 114 62.14 20.56 19.80
CA GLN E 114 63.04 21.43 20.57
C GLN E 114 64.12 22.00 19.68
N GLY E 115 63.85 22.13 18.37
CA GLY E 115 64.73 22.85 17.49
C GLY E 115 65.83 22.05 16.83
N THR E 116 66.07 22.33 15.56
CA THR E 116 67.22 21.84 14.80
C THR E 116 67.89 23.08 14.21
N THR E 117 68.86 23.63 14.92
CA THR E 117 69.57 24.81 14.43
C THR E 117 70.35 24.46 13.17
N VAL E 118 69.94 25.04 12.04
CA VAL E 118 70.56 24.79 10.74
C VAL E 118 71.34 26.02 10.33
N THR E 119 72.61 25.81 9.96
CA THR E 119 73.50 26.87 9.51
C THR E 119 73.85 26.60 8.05
N VAL E 120 73.64 27.60 7.20
CA VAL E 120 73.99 27.52 5.78
C VAL E 120 74.94 28.68 5.47
N SER E 121 76.12 28.35 4.95
CA SER E 121 77.15 29.34 4.69
C SER E 121 78.25 28.72 3.85
N SER E 122 78.92 29.56 3.08
CA SER E 122 80.06 29.13 2.26
C SER E 122 81.36 29.04 3.04
N ALA E 123 81.37 29.42 4.32
CA ALA E 123 82.58 29.36 5.11
C ALA E 123 82.94 27.90 5.44
N SER E 124 84.24 27.67 5.65
CA SER E 124 84.76 26.38 6.04
C SER E 124 85.02 26.37 7.54
N THR E 125 85.00 25.16 8.13
CA THR E 125 85.17 25.03 9.57
C THR E 125 86.57 25.49 9.95
N LYS E 126 86.65 26.46 10.88
CA LYS E 126 87.91 27.06 11.29
C LYS E 126 87.89 27.27 12.80
N GLY E 127 89.05 27.11 13.42
CA GLY E 127 89.17 27.29 14.85
C GLY E 127 89.34 28.75 15.23
N PRO E 128 89.09 29.07 16.50
CA PRO E 128 89.19 30.48 16.92
C PRO E 128 90.63 30.91 17.17
N SER E 129 90.82 32.23 17.17
CA SER E 129 92.04 32.86 17.64
C SER E 129 91.68 33.72 18.84
N VAL E 130 92.20 33.38 20.00
CA VAL E 130 91.83 34.04 21.24
C VAL E 130 92.84 35.15 21.50
N PHE E 131 92.35 36.33 21.87
CA PHE E 131 93.16 37.49 22.14
C PHE E 131 92.77 38.07 23.49
N PRO E 132 93.72 38.46 24.33
CA PRO E 132 93.36 38.99 25.65
C PRO E 132 92.86 40.42 25.56
N LEU E 133 91.95 40.76 26.48
CA LEU E 133 91.48 42.13 26.68
C LEU E 133 91.99 42.55 28.05
N ALA E 134 93.22 43.05 28.09
CA ALA E 134 93.91 43.28 29.34
C ALA E 134 93.27 44.45 30.11
N PRO E 135 93.26 44.39 31.44
CA PRO E 135 92.84 45.56 32.21
C PRO E 135 93.99 46.53 32.35
N SER E 136 93.65 47.79 32.64
CA SER E 136 94.62 48.85 32.79
C SER E 136 94.23 49.72 33.98
N SER E 137 95.18 50.54 34.42
CA SER E 137 94.88 51.51 35.45
C SER E 137 93.89 52.58 34.98
N LYS E 138 93.77 52.81 33.66
CA LYS E 138 92.78 53.79 33.22
C LYS E 138 91.39 53.18 33.12
N SER E 139 91.28 51.88 32.82
CA SER E 139 89.98 51.23 32.76
C SER E 139 89.47 50.79 34.13
N THR E 140 90.03 51.36 35.20
CA THR E 140 89.62 51.08 36.58
C THR E 140 88.69 52.21 37.02
N SER E 141 87.47 51.85 37.43
CA SER E 141 86.49 52.80 37.95
C SER E 141 86.40 52.53 39.46
N GLY E 142 87.04 53.39 40.24
CA GLY E 142 87.09 53.20 41.67
C GLY E 142 87.94 52.00 42.04
N GLY E 143 87.32 51.00 42.66
CA GLY E 143 87.99 49.78 43.05
C GLY E 143 87.66 48.56 42.22
N THR E 144 86.96 48.71 41.10
CA THR E 144 86.55 47.59 40.25
C THR E 144 87.00 47.84 38.82
N ALA E 145 87.76 46.90 38.25
CA ALA E 145 88.22 46.92 36.87
C ALA E 145 87.65 45.73 36.12
N ALA E 146 87.79 45.77 34.79
CA ALA E 146 87.23 44.77 33.90
C ALA E 146 88.30 44.24 32.96
N LEU E 147 88.20 42.94 32.64
CA LEU E 147 89.09 42.28 31.69
C LEU E 147 88.27 41.26 30.89
N GLY E 148 88.87 40.73 29.83
CA GLY E 148 88.12 39.79 29.01
C GLY E 148 88.98 39.05 28.01
N CYS E 149 88.29 38.23 27.19
CA CYS E 149 88.89 37.50 26.09
C CYS E 149 88.08 37.74 24.82
N LEU E 150 88.78 37.84 23.69
CA LEU E 150 88.18 38.06 22.38
C LEU E 150 88.36 36.78 21.56
N VAL E 151 87.27 36.02 21.41
CA VAL E 151 87.28 34.78 20.63
C VAL E 151 86.91 35.17 19.20
N LYS E 152 87.91 35.32 18.34
CA LYS E 152 87.72 35.89 17.01
C LYS E 152 87.94 34.85 15.92
N ASP E 153 87.17 35.00 14.84
CA ASP E 153 87.34 34.22 13.61
C ASP E 153 87.26 32.72 13.88
N TYR E 154 86.05 32.19 13.93
CA TYR E 154 85.82 30.77 14.07
C TYR E 154 84.53 30.43 13.34
N PHE E 155 84.46 29.18 12.86
CA PHE E 155 83.27 28.70 12.17
C PHE E 155 83.20 27.19 12.38
N PRO E 156 82.00 26.63 12.62
CA PRO E 156 80.68 27.20 12.88
C PRO E 156 80.46 27.39 14.37
N GLU E 157 79.27 27.89 14.75
CA GLU E 157 78.88 27.88 16.15
C GLU E 157 78.87 26.44 16.65
N PRO E 158 78.97 26.22 17.98
CA PRO E 158 79.20 27.13 19.10
C PRO E 158 80.58 27.03 19.70
N VAL E 159 80.94 28.05 20.48
CA VAL E 159 82.15 28.07 21.28
C VAL E 159 81.75 28.37 22.71
N THR E 160 82.44 27.75 23.66
CA THR E 160 82.14 27.85 25.08
C THR E 160 83.30 28.56 25.75
N VAL E 161 82.98 29.58 26.55
CA VAL E 161 83.97 30.36 27.28
C VAL E 161 83.68 30.22 28.76
N SER E 162 84.73 29.96 29.53
CA SER E 162 84.62 29.86 30.98
C SER E 162 85.88 30.44 31.58
N TRP E 163 85.73 31.01 32.77
CA TRP E 163 86.82 31.72 33.46
C TRP E 163 87.32 30.89 34.62
N ASN E 164 88.63 30.63 34.64
CA ASN E 164 89.27 29.80 35.66
C ASN E 164 88.62 28.42 35.73
N SER E 165 88.39 27.81 34.56
CA SER E 165 87.82 26.46 34.45
C SER E 165 86.46 26.38 35.13
N GLY E 166 85.68 27.46 35.07
CA GLY E 166 84.38 27.52 35.69
C GLY E 166 84.40 27.97 37.14
N ALA E 167 85.58 28.20 37.71
CA ALA E 167 85.67 28.64 39.10
C ALA E 167 85.22 30.08 39.28
N LEU E 168 85.20 30.88 38.22
CA LEU E 168 84.76 32.27 38.26
C LEU E 168 83.47 32.40 37.44
N THR E 169 82.41 32.87 38.10
CA THR E 169 81.10 33.05 37.47
C THR E 169 80.48 34.40 37.81
N SER E 170 80.68 34.90 39.02
CA SER E 170 80.10 36.18 39.41
C SER E 170 80.75 37.32 38.64
N GLY E 171 79.93 38.16 38.03
CA GLY E 171 80.42 39.28 37.25
C GLY E 171 80.75 38.97 35.81
N VAL E 172 80.66 37.70 35.41
CA VAL E 172 80.99 37.31 34.04
C VAL E 172 79.84 37.69 33.12
N HIS E 173 80.17 38.12 31.90
CA HIS E 173 79.18 38.42 30.88
C HIS E 173 79.78 37.98 29.54
N THR E 174 79.35 36.82 29.06
CA THR E 174 79.73 36.33 27.74
C THR E 174 78.68 36.81 26.74
N PHE E 175 79.12 37.58 25.72
CA PHE E 175 78.14 38.19 24.83
C PHE E 175 77.78 37.25 23.69
N PRO E 176 76.58 37.39 23.11
CA PRO E 176 76.25 36.60 21.92
C PRO E 176 77.22 36.84 20.78
N ALA E 177 77.53 35.78 20.05
CA ALA E 177 78.49 35.88 18.96
C ALA E 177 77.90 36.69 17.82
N VAL E 178 78.80 37.31 17.05
CA VAL E 178 78.43 38.10 15.89
C VAL E 178 78.99 37.42 14.65
N LEU E 179 78.20 37.44 13.58
CA LEU E 179 78.63 36.93 12.29
C LEU E 179 79.26 38.09 11.53
N GLN E 180 80.57 38.05 11.36
CA GLN E 180 81.21 39.14 10.63
C GLN E 180 81.00 38.96 9.14
N SER E 181 81.30 40.02 8.39
CA SER E 181 81.06 39.98 6.95
C SER E 181 81.91 38.92 6.27
N SER E 182 83.04 38.53 6.86
CA SER E 182 83.90 37.50 6.28
C SER E 182 83.30 36.10 6.35
N GLY E 183 82.13 35.93 6.96
CA GLY E 183 81.50 34.63 7.09
C GLY E 183 81.87 33.87 8.34
N LEU E 184 82.78 34.40 9.16
CA LEU E 184 83.22 33.76 10.38
C LEU E 184 82.61 34.47 11.58
N TYR E 185 82.44 33.74 12.67
CA TYR E 185 81.86 34.30 13.88
C TYR E 185 82.95 34.89 14.77
N SER E 186 82.50 35.74 15.69
CA SER E 186 83.36 36.43 16.64
C SER E 186 82.52 36.80 17.85
N LEU E 187 83.07 36.56 19.05
CA LEU E 187 82.42 36.98 20.28
C LEU E 187 83.49 37.53 21.23
N SER E 188 83.02 38.04 22.36
CA SER E 188 83.88 38.50 23.44
C SER E 188 83.23 38.16 24.78
N SER E 189 84.07 37.85 25.77
CA SER E 189 83.65 37.52 27.12
C SER E 189 84.46 38.33 28.11
N VAL E 190 83.77 39.02 29.04
CA VAL E 190 84.40 39.90 30.00
C VAL E 190 83.93 39.53 31.40
N VAL E 191 84.62 40.08 32.39
CA VAL E 191 84.22 39.92 33.79
C VAL E 191 84.81 41.09 34.57
N THR E 192 84.02 41.61 35.50
CA THR E 192 84.44 42.70 36.37
C THR E 192 85.01 42.11 37.66
N VAL E 193 86.18 42.60 38.05
CA VAL E 193 86.86 42.13 39.26
C VAL E 193 87.39 43.34 40.01
N PRO E 194 87.66 43.20 41.31
CA PRO E 194 88.27 44.32 42.04
C PRO E 194 89.65 44.64 41.50
N SER E 195 89.90 45.94 41.32
CA SER E 195 91.20 46.39 40.83
C SER E 195 92.35 46.04 41.78
N SER E 196 92.06 45.85 43.07
CA SER E 196 93.12 45.52 44.01
C SER E 196 93.62 44.08 43.83
N SER E 197 92.72 43.15 43.51
CA SER E 197 93.05 41.73 43.40
C SER E 197 93.83 41.36 42.14
N LEU E 198 94.15 42.33 41.28
CA LEU E 198 94.86 42.01 40.05
C LEU E 198 96.25 41.42 40.32
N GLY E 199 96.88 41.81 41.42
CA GLY E 199 98.25 41.39 41.66
C GLY E 199 98.37 39.92 42.06
N THR E 200 97.49 39.46 42.95
CA THR E 200 97.56 38.10 43.46
C THR E 200 96.82 37.09 42.60
N GLN E 201 95.59 37.42 42.17
CA GLN E 201 94.74 36.46 41.49
C GLN E 201 95.08 36.37 40.01
N THR E 202 95.12 35.14 39.50
CA THR E 202 95.33 34.84 38.10
C THR E 202 93.98 34.57 37.43
N TYR E 203 93.80 35.13 36.23
CA TYR E 203 92.56 35.01 35.47
C TYR E 203 92.85 34.35 34.14
N ILE E 204 92.18 33.24 33.86
CA ILE E 204 92.35 32.46 32.64
C ILE E 204 90.97 32.17 32.06
N CYS E 205 90.79 32.50 30.79
CA CYS E 205 89.57 32.14 30.06
C CYS E 205 89.83 30.87 29.27
N ASN E 206 88.89 29.94 29.33
CA ASN E 206 89.01 28.63 28.70
C ASN E 206 88.03 28.56 27.54
N VAL E 207 88.55 28.56 26.32
CA VAL E 207 87.74 28.53 25.11
C VAL E 207 87.78 27.12 24.55
N ASN E 208 86.61 26.56 24.25
CA ASN E 208 86.50 25.22 23.68
C ASN E 208 85.64 25.28 22.43
N HIS E 209 86.21 24.84 21.31
CA HIS E 209 85.55 24.84 20.01
C HIS E 209 85.50 23.39 19.53
N LYS E 210 84.40 22.70 19.84
CA LYS E 210 84.25 21.28 19.55
C LYS E 210 84.20 20.95 18.05
N PRO E 211 83.53 21.75 17.21
CA PRO E 211 83.54 21.43 15.76
C PRO E 211 84.92 21.26 15.15
N SER E 212 85.93 22.00 15.62
CA SER E 212 87.31 21.83 15.17
C SER E 212 88.19 21.14 16.20
N ASN E 213 87.66 20.80 17.37
CA ASN E 213 88.41 20.15 18.45
C ASN E 213 89.60 21.03 18.86
N THR E 214 89.25 22.18 19.45
CA THR E 214 90.23 23.15 19.92
C THR E 214 89.90 23.51 21.36
N LYS E 215 90.81 23.19 22.27
CA LYS E 215 90.74 23.62 23.66
C LYS E 215 91.88 24.60 23.88
N VAL E 216 91.56 25.80 24.34
CA VAL E 216 92.53 26.88 24.52
C VAL E 216 92.32 27.50 25.90
N ASP E 217 93.44 27.79 26.56
CA ASP E 217 93.46 28.50 27.84
C ASP E 217 94.34 29.72 27.65
N LYS E 218 93.77 30.90 27.92
CA LYS E 218 94.47 32.16 27.73
C LYS E 218 94.50 32.92 29.04
N LYS E 219 95.69 33.28 29.50
CA LYS E 219 95.88 34.04 30.72
C LYS E 219 95.89 35.53 30.37
N VAL E 220 95.40 36.35 31.29
CA VAL E 220 95.30 37.79 31.09
C VAL E 220 95.95 38.49 32.27
N GLU E 221 96.85 39.43 31.98
CA GLU E 221 97.53 40.23 32.98
C GLU E 221 97.60 41.67 32.48
N PRO E 222 97.71 42.65 33.39
CA PRO E 222 97.70 44.05 32.92
C PRO E 222 98.94 44.41 32.12
N ASP F 1 50.68 38.33 1.75
CA ASP F 1 49.34 37.77 2.12
C ASP F 1 49.19 37.58 3.63
N ILE F 2 48.37 38.43 4.23
CA ILE F 2 47.95 38.26 5.62
C ILE F 2 49.15 38.49 6.53
N GLN F 3 49.77 39.66 6.43
CA GLN F 3 50.84 40.01 7.36
C GLN F 3 50.31 40.16 8.77
N MET F 4 51.19 39.88 9.74
CA MET F 4 50.91 40.04 11.16
C MET F 4 51.97 40.97 11.75
N THR F 5 51.51 42.02 12.42
CA THR F 5 52.41 43.02 13.00
C THR F 5 52.02 43.19 14.47
N GLN F 6 52.97 42.93 15.36
CA GLN F 6 52.73 42.98 16.79
C GLN F 6 53.14 44.34 17.34
N SER F 7 52.52 44.74 18.45
CA SER F 7 52.83 45.98 19.12
C SER F 7 52.58 45.83 20.61
N PRO F 8 53.42 46.42 21.47
CA PRO F 8 54.63 47.21 21.20
C PRO F 8 55.81 46.30 20.88
N SER F 9 56.83 46.85 20.20
CA SER F 9 57.99 46.05 19.86
C SER F 9 58.72 45.55 21.11
N SER F 10 58.76 46.36 22.15
CA SER F 10 59.34 45.97 23.44
C SER F 10 58.55 46.63 24.55
N LEU F 11 58.19 45.84 25.56
CA LEU F 11 57.41 46.32 26.69
C LEU F 11 58.10 45.87 27.97
N SER F 12 58.14 46.78 28.95
CA SER F 12 58.79 46.55 30.22
C SER F 12 57.79 46.82 31.34
N ALA F 13 57.60 45.85 32.23
CA ALA F 13 56.68 46.00 33.34
C ALA F 13 57.16 45.14 34.50
N SER F 14 56.57 45.39 35.66
CA SER F 14 56.96 44.75 36.92
C SER F 14 55.93 43.69 37.29
N VAL F 15 56.26 42.93 38.34
CA VAL F 15 55.37 41.90 38.84
C VAL F 15 54.11 42.54 39.38
N GLY F 16 52.99 41.82 39.29
CA GLY F 16 51.72 42.29 39.79
C GLY F 16 50.96 43.21 38.86
N ASP F 17 51.58 43.72 37.80
CA ASP F 17 50.96 44.68 36.92
C ASP F 17 50.00 44.01 35.93
N ARG F 18 49.08 44.81 35.41
CA ARG F 18 48.23 44.42 34.28
C ARG F 18 48.92 44.84 32.99
N VAL F 19 49.10 43.90 32.09
CA VAL F 19 49.83 44.11 30.84
C VAL F 19 48.93 43.68 29.69
N THR F 20 49.07 44.37 28.55
CA THR F 20 48.27 44.09 27.36
C THR F 20 49.18 44.11 26.14
N ILE F 21 49.06 43.10 25.28
CA ILE F 21 49.80 43.04 24.02
C ILE F 21 48.76 42.94 22.91
N THR F 22 49.08 43.54 21.75
CA THR F 22 48.19 43.63 20.62
C THR F 22 48.82 43.02 19.37
N CYS F 23 48.05 42.22 18.64
CA CYS F 23 48.42 41.72 17.33
C CYS F 23 47.46 42.28 16.29
N ARG F 24 48.01 42.82 15.21
CA ARG F 24 47.26 43.46 14.16
C ARG F 24 47.32 42.61 12.89
N ALA F 25 46.22 42.62 12.14
CA ALA F 25 46.08 41.87 10.91
C ALA F 25 45.94 42.79 9.72
N SER F 26 46.63 42.46 8.63
CA SER F 26 46.55 43.29 7.43
C SER F 26 45.19 43.14 6.75
N LYS F 27 44.65 41.92 6.74
CA LYS F 27 43.36 41.63 6.15
C LYS F 27 42.48 40.95 7.20
N SER F 28 41.17 41.00 6.97
CA SER F 28 40.19 40.42 7.90
C SER F 28 40.46 38.94 8.12
N ILE F 29 40.60 38.56 9.39
CA ILE F 29 41.02 37.22 9.79
C ILE F 29 39.94 36.46 10.54
N SER F 30 38.84 37.12 10.92
CA SER F 30 37.74 36.49 11.63
C SER F 30 38.18 36.12 13.03
N LYS F 31 37.39 35.30 13.72
CA LYS F 31 37.56 35.02 15.14
C LYS F 31 38.90 34.38 15.48
N TYR F 32 39.60 33.82 14.51
CA TYR F 32 40.61 32.80 14.78
C TYR F 32 42.00 33.42 14.88
N LEU F 33 42.58 33.36 16.08
CA LEU F 33 43.96 33.76 16.33
C LEU F 33 44.46 32.96 17.53
N ALA F 34 45.78 32.81 17.61
CA ALA F 34 46.39 32.11 18.74
C ALA F 34 47.69 32.81 19.12
N TRP F 35 48.03 32.67 20.41
CA TRP F 35 49.21 33.27 21.00
C TRP F 35 50.13 32.16 21.53
N TYR F 36 51.43 32.46 21.56
CA TYR F 36 52.43 31.55 22.11
C TYR F 36 53.30 32.29 23.10
N GLN F 37 53.98 31.52 23.94
CA GLN F 37 54.97 32.03 24.89
C GLN F 37 56.27 31.26 24.67
N GLN F 38 57.28 31.94 24.15
CA GLN F 38 58.58 31.33 23.89
C GLN F 38 59.61 31.88 24.86
N LYS F 39 60.13 31.01 25.70
CA LYS F 39 61.27 31.30 26.55
C LYS F 39 62.54 31.26 25.71
N PRO F 40 63.65 31.81 26.21
CA PRO F 40 64.88 31.80 25.40
C PRO F 40 65.40 30.40 25.19
N GLY F 41 65.76 30.10 23.94
CA GLY F 41 66.31 28.81 23.58
C GLY F 41 65.40 27.63 23.88
N LYS F 42 64.09 27.84 23.79
CA LYS F 42 63.10 26.80 24.04
C LYS F 42 62.08 26.78 22.92
N ALA F 43 61.31 25.73 22.88
CA ALA F 43 60.24 25.64 21.90
C ALA F 43 59.08 26.54 22.34
N PRO F 44 58.36 27.15 21.39
CA PRO F 44 57.15 27.91 21.78
C PRO F 44 56.11 27.03 22.45
N GLU F 45 55.39 27.61 23.38
CA GLU F 45 54.27 26.97 24.06
C GLU F 45 53.01 27.75 23.77
N LEU F 46 51.92 27.03 23.51
CA LEU F 46 50.66 27.64 23.12
C LEU F 46 49.85 28.04 24.35
N LEU F 47 49.28 29.25 24.28
CA LEU F 47 48.49 29.82 25.37
C LEU F 47 47.02 29.94 24.97
N ILE F 48 46.70 30.86 24.08
CA ILE F 48 45.33 31.13 23.66
C ILE F 48 45.17 30.64 22.22
N TYR F 49 43.94 30.26 21.89
CA TYR F 49 43.63 29.80 20.55
C TYR F 49 42.20 30.21 20.20
N SER F 50 41.97 30.38 18.90
CA SER F 50 40.70 30.90 18.37
C SER F 50 40.32 32.21 19.03
N GLY F 51 41.32 33.03 19.35
CA GLY F 51 41.10 34.38 19.84
C GLY F 51 40.96 34.57 21.34
N SER F 52 40.15 33.73 22.00
CA SER F 52 39.77 33.96 23.39
C SER F 52 39.83 32.74 24.31
N THR F 53 40.04 31.53 23.78
CA THR F 53 40.01 30.31 24.58
C THR F 53 41.43 29.88 24.92
N LEU F 54 41.65 29.54 26.19
CA LEU F 54 42.97 29.17 26.67
C LEU F 54 43.12 27.65 26.73
N GLN F 55 44.35 27.18 26.55
CA GLN F 55 44.67 25.77 26.62
C GLN F 55 44.60 25.30 28.07
N SER F 56 44.33 24.01 28.26
CA SER F 56 44.27 23.45 29.59
C SER F 56 45.62 23.59 30.29
N GLY F 57 45.57 23.84 31.60
CA GLY F 57 46.78 24.00 32.39
C GLY F 57 47.38 25.39 32.39
N ILE F 58 46.88 26.30 31.56
CA ILE F 58 47.43 27.66 31.51
C ILE F 58 46.79 28.43 32.65
N PRO F 59 47.52 29.30 33.36
CA PRO F 59 46.90 29.99 34.50
C PRO F 59 45.74 30.88 34.08
N ALA F 60 44.81 31.07 35.01
CA ALA F 60 43.60 31.82 34.73
C ALA F 60 43.89 33.27 34.38
N ARG F 61 44.98 33.83 34.90
CA ARG F 61 45.30 35.22 34.64
C ARG F 61 45.55 35.49 33.16
N PHE F 62 45.90 34.46 32.38
CA PHE F 62 45.98 34.64 30.94
C PHE F 62 44.58 34.69 30.35
N SER F 63 44.35 35.66 29.46
CA SER F 63 43.04 35.83 28.85
C SER F 63 43.20 36.58 27.53
N GLY F 64 42.40 36.20 26.54
CA GLY F 64 42.46 36.82 25.24
C GLY F 64 41.11 37.31 24.78
N SER F 65 41.13 38.37 23.97
CA SER F 65 39.92 38.94 23.42
C SER F 65 40.26 39.59 22.09
N GLY F 66 39.22 40.05 21.40
CA GLY F 66 39.33 40.66 20.09
C GLY F 66 38.72 39.79 18.99
N SER F 67 38.49 40.41 17.85
CA SER F 67 37.92 39.75 16.68
C SER F 67 38.20 40.62 15.46
N GLY F 68 38.12 40.00 14.29
CA GLY F 68 38.32 40.73 13.05
C GLY F 68 39.78 41.03 12.77
N THR F 69 40.14 42.31 12.77
CA THR F 69 41.51 42.74 12.45
C THR F 69 42.38 42.98 13.68
N GLU F 70 41.79 43.38 14.81
CA GLU F 70 42.54 43.70 16.03
C GLU F 70 42.31 42.63 17.08
N PHE F 71 43.39 42.25 17.76
CA PHE F 71 43.35 41.26 18.82
C PHE F 71 44.24 41.74 19.96
N THR F 72 43.94 41.27 21.17
CA THR F 72 44.67 41.67 22.36
C THR F 72 44.88 40.47 23.27
N LEU F 73 46.03 40.44 23.93
CA LEU F 73 46.34 39.49 24.98
C LEU F 73 46.66 40.27 26.24
N THR F 74 46.00 39.93 27.36
CA THR F 74 46.18 40.63 28.62
C THR F 74 46.41 39.63 29.74
N ILE F 75 47.16 40.08 30.75
CA ILE F 75 47.48 39.29 31.93
C ILE F 75 47.08 40.11 33.14
N SER F 76 46.27 39.51 34.03
CA SER F 76 45.74 40.21 35.19
C SER F 76 46.86 40.77 36.06
N SER F 77 47.71 39.89 36.56
CA SER F 77 48.84 40.26 37.41
C SER F 77 50.03 39.41 37.00
N LEU F 78 51.11 40.06 36.56
CA LEU F 78 52.25 39.31 36.09
C LEU F 78 52.85 38.48 37.21
N GLN F 79 53.73 37.56 36.82
CA GLN F 79 54.54 36.79 37.75
C GLN F 79 55.88 36.56 37.07
N SER F 80 56.88 36.17 37.87
CA SER F 80 58.24 36.03 37.37
C SER F 80 58.31 35.07 36.18
N GLU F 81 57.48 34.02 36.18
CA GLU F 81 57.45 33.10 35.05
C GLU F 81 56.92 33.74 33.77
N ASP F 82 56.13 34.81 33.88
CA ASP F 82 55.44 35.35 32.71
C ASP F 82 56.36 36.09 31.75
N PHE F 83 57.56 36.44 32.18
CA PHE F 83 58.44 37.26 31.36
C PHE F 83 59.07 36.37 30.29
N ALA F 84 58.83 36.70 29.03
CA ALA F 84 59.28 35.89 27.90
C ALA F 84 59.00 36.70 26.65
N VAL F 85 59.06 36.03 25.49
CA VAL F 85 58.66 36.58 24.20
C VAL F 85 57.34 35.94 23.85
N TYR F 86 56.40 36.75 23.36
CA TYR F 86 55.08 36.27 22.97
C TYR F 86 54.90 36.43 21.46
N TYR F 87 54.38 35.38 20.83
CA TYR F 87 54.17 35.35 19.39
C TYR F 87 52.70 35.13 19.05
N CYS F 88 52.26 35.79 17.99
CA CYS F 88 50.90 35.77 17.48
C CYS F 88 50.87 35.09 16.12
N GLN F 89 49.93 34.16 15.92
CA GLN F 89 49.83 33.41 14.67
C GLN F 89 48.50 33.69 13.98
N GLN F 90 48.53 33.46 12.66
CA GLN F 90 47.44 33.86 11.78
C GLN F 90 46.18 33.03 11.99
N HIS F 91 46.25 31.72 11.75
CA HIS F 91 45.27 30.72 12.24
C HIS F 91 44.04 30.54 11.35
N ASN F 92 43.59 31.58 10.64
CA ASN F 92 42.33 31.48 9.92
C ASN F 92 42.50 30.84 8.54
N GLU F 93 43.45 31.36 7.76
CA GLU F 93 43.71 30.96 6.39
C GLU F 93 44.95 30.05 6.34
N TYR F 94 45.22 29.45 5.15
CA TYR F 94 46.32 28.49 5.08
C TYR F 94 47.67 28.95 4.54
N PRO F 95 47.87 30.19 4.10
CA PRO F 95 49.26 30.63 3.98
C PRO F 95 50.00 30.56 5.31
N PHE F 96 49.33 30.85 6.43
CA PHE F 96 49.85 30.80 7.80
C PHE F 96 51.04 31.71 8.09
N THR F 97 50.73 32.90 8.58
CA THR F 97 51.71 33.89 8.99
C THR F 97 51.80 33.93 10.51
N PHE F 98 52.88 34.52 11.01
CA PHE F 98 53.15 34.65 12.44
C PHE F 98 53.43 36.11 12.78
N GLY F 99 53.34 36.42 14.07
CA GLY F 99 53.56 37.78 14.54
C GLY F 99 55.03 38.08 14.78
N GLN F 100 55.35 39.37 14.72
CA GLN F 100 56.75 39.81 14.74
C GLN F 100 57.45 39.48 16.06
N GLY F 101 56.70 39.26 17.13
CA GLY F 101 57.27 38.96 18.43
C GLY F 101 57.29 40.18 19.32
N THR F 102 56.93 39.99 20.60
CA THR F 102 56.88 41.06 21.59
C THR F 102 57.73 40.63 22.77
N LYS F 103 58.73 41.43 23.11
CA LYS F 103 59.57 41.19 24.28
C LYS F 103 58.89 41.75 25.51
N LEU F 104 58.65 40.92 26.52
CA LEU F 104 58.13 41.35 27.82
C LEU F 104 59.26 41.16 28.83
N GLU F 105 59.82 42.27 29.31
CA GLU F 105 60.97 42.31 30.19
C GLU F 105 60.59 42.92 31.54
N ILE F 106 61.41 42.64 32.53
CA ILE F 106 61.19 43.19 33.87
C ILE F 106 61.73 44.62 33.93
N LYS F 107 61.04 45.46 34.71
CA LYS F 107 61.41 46.85 34.88
C LYS F 107 62.03 47.04 36.26
N ARG F 108 63.23 47.60 36.28
CA ARG F 108 63.97 47.88 37.50
C ARG F 108 64.26 49.39 37.57
N THR F 109 65.17 49.76 38.46
CA THR F 109 65.57 51.15 38.59
C THR F 109 66.57 51.49 37.50
N VAL F 110 66.47 52.71 36.97
CA VAL F 110 67.36 53.12 35.88
C VAL F 110 68.79 53.14 36.40
N ALA F 111 69.69 52.57 35.62
CA ALA F 111 71.11 52.51 35.96
C ALA F 111 71.92 52.88 34.73
N ALA F 112 72.94 53.69 34.95
CA ALA F 112 73.81 54.12 33.88
C ALA F 112 74.84 53.04 33.60
N PRO F 113 75.47 53.05 32.41
CA PRO F 113 76.46 52.02 32.11
C PRO F 113 77.86 52.35 32.61
N SER F 114 78.50 51.38 33.27
CA SER F 114 79.92 51.45 33.56
C SER F 114 80.69 51.13 32.28
N VAL F 115 81.44 52.10 31.78
CA VAL F 115 82.09 52.00 30.47
C VAL F 115 83.57 51.71 30.66
N PHE F 116 84.07 50.72 29.90
CA PHE F 116 85.48 50.40 29.84
C PHE F 116 85.87 50.22 28.38
N ILE F 117 87.08 50.68 28.03
CA ILE F 117 87.64 50.54 26.70
C ILE F 117 88.90 49.68 26.80
N PHE F 118 89.02 48.72 25.87
CA PHE F 118 90.12 47.76 25.87
C PHE F 118 90.90 47.90 24.57
N PRO F 119 92.18 48.32 24.58
CA PRO F 119 92.93 48.42 23.32
C PRO F 119 93.20 47.05 22.71
N PRO F 120 93.80 47.01 21.52
CA PRO F 120 94.19 45.72 20.96
C PRO F 120 95.44 45.16 21.63
N SER F 121 95.40 43.87 21.91
CA SER F 121 96.55 43.19 22.50
C SER F 121 97.68 43.10 21.49
N ASP F 122 98.91 43.03 21.99
CA ASP F 122 100.07 42.92 21.10
C ASP F 122 100.03 41.66 20.26
N GLU F 123 99.38 40.59 20.75
CA GLU F 123 99.30 39.35 19.99
C GLU F 123 98.50 39.55 18.70
N GLN F 124 97.35 40.21 18.81
CA GLN F 124 96.52 40.50 17.66
C GLN F 124 97.27 41.34 16.64
N LEU F 125 97.93 42.40 17.12
CA LEU F 125 98.58 43.35 16.22
C LEU F 125 99.67 42.69 15.40
N LYS F 126 100.24 41.59 15.89
CA LYS F 126 101.19 40.82 15.09
C LYS F 126 100.51 40.18 13.89
N SER F 127 99.28 39.69 14.06
CA SER F 127 98.62 38.94 12.99
C SER F 127 98.35 39.82 11.79
N GLY F 128 98.13 41.12 12.01
CA GLY F 128 97.83 42.05 10.94
C GLY F 128 96.46 42.68 11.07
N THR F 129 95.77 42.43 12.19
CA THR F 129 94.44 42.96 12.44
C THR F 129 94.37 43.48 13.87
N ALA F 130 93.61 44.56 14.03
CA ALA F 130 93.43 45.22 15.31
C ALA F 130 91.94 45.33 15.60
N SER F 131 91.55 44.95 16.82
CA SER F 131 90.16 45.03 17.27
C SER F 131 90.10 45.81 18.56
N VAL F 132 89.30 46.87 18.56
CA VAL F 132 89.08 47.71 19.73
C VAL F 132 87.71 47.35 20.29
N VAL F 133 87.64 47.20 21.61
CA VAL F 133 86.43 46.76 22.31
C VAL F 133 85.94 47.88 23.21
N CYS F 134 84.63 48.01 23.32
CA CYS F 134 83.96 48.96 24.21
C CYS F 134 82.90 48.20 24.99
N LEU F 135 83.06 48.15 26.31
CA LEU F 135 82.16 47.41 27.18
C LEU F 135 81.27 48.39 27.94
N LEU F 136 79.96 48.13 27.93
CA LEU F 136 78.98 48.86 28.73
C LEU F 136 78.35 47.85 29.68
N ASN F 137 78.78 47.84 30.94
CA ASN F 137 78.44 46.77 31.88
C ASN F 137 77.32 47.20 32.81
N ASN F 138 76.33 46.30 32.96
CA ASN F 138 75.26 46.45 33.94
C ASN F 138 74.56 47.78 33.83
N PHE F 139 73.58 47.87 32.93
CA PHE F 139 72.92 49.13 32.63
C PHE F 139 71.49 48.83 32.25
N TYR F 140 70.60 49.77 32.56
CA TYR F 140 69.19 49.65 32.25
C TYR F 140 68.67 51.06 31.99
N PRO F 141 67.77 51.26 31.01
CA PRO F 141 67.09 50.34 30.08
C PRO F 141 67.98 49.82 28.96
N ARG F 142 67.47 48.83 28.22
CA ARG F 142 68.25 48.18 27.18
C ARG F 142 68.70 49.15 26.10
N GLU F 143 67.90 50.18 25.83
CA GLU F 143 68.23 51.11 24.76
C GLU F 143 69.51 51.86 25.08
N ALA F 144 70.52 51.69 24.21
CA ALA F 144 71.78 52.39 24.35
C ALA F 144 72.41 52.50 22.96
N LYS F 145 73.31 53.47 22.81
CA LYS F 145 73.90 53.76 21.52
C LYS F 145 75.38 54.03 21.72
N VAL F 146 76.21 53.41 20.87
CA VAL F 146 77.66 53.54 20.91
C VAL F 146 78.12 54.04 19.55
N GLN F 147 78.95 55.09 19.56
CA GLN F 147 79.52 55.67 18.35
C GLN F 147 81.04 55.67 18.46
N TRP F 148 81.69 55.12 17.45
CA TRP F 148 83.14 55.04 17.41
C TRP F 148 83.74 56.29 16.77
N LYS F 149 84.77 56.82 17.41
CA LYS F 149 85.48 58.01 16.93
C LYS F 149 86.98 57.71 16.95
N VAL F 150 87.63 57.86 15.79
CA VAL F 150 89.07 57.72 15.66
C VAL F 150 89.64 59.07 15.26
N ASP F 151 90.46 59.65 16.13
CA ASP F 151 90.94 61.03 15.96
C ASP F 151 89.75 61.97 15.81
N ASN F 152 88.72 61.75 16.63
CA ASN F 152 87.53 62.59 16.65
C ASN F 152 86.84 62.61 15.30
N ALA F 153 86.83 61.45 14.63
CA ALA F 153 86.19 61.29 13.33
C ALA F 153 85.23 60.11 13.45
N LEU F 154 83.94 60.37 13.25
CA LEU F 154 82.92 59.35 13.45
C LEU F 154 83.16 58.17 12.52
N GLN F 155 82.79 56.99 12.98
CA GLN F 155 83.02 55.74 12.27
C GLN F 155 81.71 54.98 12.07
N SER F 156 81.60 54.31 10.92
CA SER F 156 80.42 53.53 10.58
C SER F 156 80.81 52.40 9.66
N GLY F 157 80.07 51.29 9.75
CA GLY F 157 80.25 50.16 8.87
C GLY F 157 81.42 49.27 9.18
N ASN F 158 82.18 49.56 10.24
CA ASN F 158 83.33 48.75 10.65
C ASN F 158 83.25 48.35 12.11
N SER F 159 82.10 48.52 12.76
CA SER F 159 81.91 48.17 14.15
C SER F 159 80.67 47.30 14.29
N GLN F 160 80.79 46.24 15.11
CA GLN F 160 79.69 45.34 15.42
C GLN F 160 79.53 45.24 16.93
N GLU F 161 78.29 45.14 17.38
CA GLU F 161 77.97 45.06 18.80
C GLU F 161 77.05 43.89 19.10
N SER F 162 77.08 43.46 20.35
CA SER F 162 76.24 42.38 20.86
C SER F 162 75.79 42.76 22.27
N VAL F 163 74.57 42.35 22.62
CA VAL F 163 73.94 42.71 23.90
C VAL F 163 73.53 41.43 24.60
N THR F 164 74.01 41.24 25.83
CA THR F 164 73.58 40.10 26.61
C THR F 164 72.11 40.25 26.99
N GLU F 165 71.46 39.11 27.20
CA GLU F 165 70.08 39.13 27.66
C GLU F 165 70.03 39.64 29.10
N GLN F 166 68.80 39.95 29.54
CA GLN F 166 68.61 40.56 30.85
C GLN F 166 69.15 39.66 31.96
N ASP F 167 69.94 40.25 32.86
CA ASP F 167 70.55 39.49 33.93
C ASP F 167 69.48 38.92 34.86
N SER F 168 69.81 37.79 35.49
CA SER F 168 68.85 37.11 36.34
C SER F 168 68.78 37.73 37.73
N LYS F 169 69.93 38.14 38.27
CA LYS F 169 69.98 38.61 39.64
C LYS F 169 69.57 40.07 39.76
N ASP F 170 70.22 40.95 38.97
CA ASP F 170 70.01 42.39 39.07
C ASP F 170 69.26 42.98 37.87
N SER F 171 68.88 42.17 36.88
CA SER F 171 67.98 42.58 35.81
C SER F 171 68.56 43.69 34.93
N THR F 172 69.89 43.77 34.85
CA THR F 172 70.59 44.74 34.01
C THR F 172 71.19 44.06 32.80
N TYR F 173 71.24 44.80 31.69
CA TYR F 173 71.84 44.32 30.45
C TYR F 173 73.33 44.64 30.44
N SER F 174 73.99 44.26 29.35
CA SER F 174 75.39 44.61 29.13
C SER F 174 75.63 44.57 27.63
N LEU F 175 76.48 45.46 27.14
CA LEU F 175 76.74 45.63 25.72
C LEU F 175 78.24 45.65 25.47
N SER F 176 78.66 45.01 24.39
CA SER F 176 80.05 44.97 23.97
C SER F 176 80.12 45.27 22.48
N SER F 177 80.81 46.36 22.12
CA SER F 177 80.96 46.79 20.73
C SER F 177 82.40 46.61 20.29
N THR F 178 82.57 45.97 19.13
CA THR F 178 83.89 45.63 18.59
C THR F 178 84.12 46.42 17.31
N LEU F 179 85.17 47.23 17.29
CA LEU F 179 85.60 47.98 16.11
C LEU F 179 86.84 47.29 15.54
N THR F 180 86.69 46.70 14.35
CA THR F 180 87.74 45.90 13.73
C THR F 180 88.33 46.66 12.55
N LEU F 181 89.62 46.99 12.64
CA LEU F 181 90.39 47.60 11.58
C LEU F 181 91.67 46.80 11.38
N SER F 182 92.36 47.08 10.28
CA SER F 182 93.62 46.40 9.99
C SER F 182 94.77 47.04 10.77
N LYS F 183 95.91 46.34 10.75
CA LYS F 183 97.08 46.83 11.47
C LYS F 183 97.50 48.20 10.95
N ALA F 184 97.69 48.31 9.63
CA ALA F 184 98.18 49.56 9.05
C ALA F 184 97.21 50.70 9.33
N ASP F 185 95.92 50.48 9.11
CA ASP F 185 94.93 51.52 9.38
C ASP F 185 94.94 51.92 10.86
N TYR F 186 95.14 50.95 11.74
CA TYR F 186 95.15 51.24 13.18
C TYR F 186 96.31 52.15 13.54
N GLU F 187 97.45 51.98 12.87
CA GLU F 187 98.64 52.74 13.19
C GLU F 187 98.63 54.14 12.61
N LYS F 188 97.82 54.41 11.58
CA LYS F 188 97.83 55.75 10.99
C LYS F 188 97.28 56.80 11.94
N HIS F 189 96.32 56.43 12.79
CA HIS F 189 95.65 57.37 13.68
C HIS F 189 96.18 57.19 15.12
N LYS F 190 95.69 58.05 16.02
CA LYS F 190 96.24 58.15 17.38
C LYS F 190 95.19 57.93 18.46
N VAL F 191 94.12 58.73 18.49
CA VAL F 191 93.16 58.70 19.59
C VAL F 191 91.95 57.87 19.16
N TYR F 192 91.59 56.88 19.98
CA TYR F 192 90.43 56.04 19.77
C TYR F 192 89.51 56.15 20.98
N ALA F 193 88.21 56.24 20.72
CA ALA F 193 87.25 56.49 21.78
C ALA F 193 85.88 56.00 21.33
N CYS F 194 85.13 55.39 22.26
CA CYS F 194 83.75 55.02 22.02
C CYS F 194 82.85 55.97 22.81
N GLU F 195 81.87 56.54 22.12
CA GLU F 195 80.95 57.54 22.68
C GLU F 195 79.63 56.88 23.03
N VAL F 196 79.30 56.84 24.32
CA VAL F 196 78.12 56.14 24.81
C VAL F 196 77.00 57.14 25.03
N THR F 197 75.84 56.88 24.42
CA THR F 197 74.62 57.63 24.68
C THR F 197 73.63 56.71 25.38
N HIS F 198 73.10 57.16 26.51
CA HIS F 198 72.17 56.36 27.28
C HIS F 198 71.23 57.31 28.04
N GLN F 199 70.03 56.81 28.36
CA GLN F 199 69.01 57.64 28.96
C GLN F 199 69.45 58.19 30.31
N GLY F 200 70.20 57.40 31.08
CA GLY F 200 70.65 57.85 32.39
C GLY F 200 71.71 58.94 32.40
N LEU F 201 72.24 59.31 31.23
CA LEU F 201 73.26 60.34 31.08
C LEU F 201 72.66 61.58 30.44
N SER F 202 73.21 62.75 30.78
CA SER F 202 72.79 64.00 30.16
C SER F 202 73.37 64.16 28.77
N SER F 203 74.68 64.02 28.66
CA SER F 203 75.43 64.13 27.43
C SER F 203 76.27 62.86 27.30
N PRO F 204 76.67 62.49 26.08
CA PRO F 204 77.34 61.20 25.92
C PRO F 204 78.70 61.13 26.60
N VAL F 205 78.95 59.99 27.22
CA VAL F 205 80.24 59.68 27.84
C VAL F 205 81.22 59.26 26.75
N THR F 206 82.50 59.56 26.96
CA THR F 206 83.58 59.19 26.04
C THR F 206 84.73 58.63 26.86
N LYS F 207 85.03 57.34 26.66
CA LYS F 207 86.23 56.70 27.17
C LYS F 207 87.20 56.50 26.02
N SER F 208 88.44 56.91 26.20
CA SER F 208 89.40 56.96 25.11
C SER F 208 90.78 56.50 25.58
N PHE F 209 91.67 56.32 24.61
CA PHE F 209 93.07 56.02 24.87
C PHE F 209 93.87 56.42 23.64
N ASN F 210 95.18 56.42 23.80
CA ASN F 210 96.14 56.72 22.75
C ASN F 210 97.03 55.51 22.52
N ARG F 211 97.39 55.29 21.27
CA ARG F 211 98.25 54.14 20.93
C ARG F 211 99.60 54.26 21.62
N GLY F 212 100.27 55.40 21.45
CA GLY F 212 101.60 55.56 22.01
C GLY F 212 101.62 55.50 23.53
N GLU F 213 100.53 55.90 24.18
CA GLU F 213 100.51 55.85 25.64
C GLU F 213 100.39 54.41 26.14
N CYS F 214 99.52 53.62 25.52
CA CYS F 214 99.33 52.21 25.86
C CYS F 214 99.07 52.00 27.35
N GLN G 1 -61.14 0.46 -14.05
CA GLN G 1 -61.00 -0.55 -12.96
C GLN G 1 -60.26 -1.78 -13.46
N MET G 2 -59.71 -2.56 -12.53
CA MET G 2 -58.99 -3.79 -12.90
C MET G 2 -59.95 -4.76 -13.55
N GLN G 3 -59.82 -4.93 -14.88
CA GLN G 3 -60.73 -5.75 -15.65
C GLN G 3 -59.96 -6.50 -16.73
N LEU G 4 -60.43 -7.72 -17.00
CA LEU G 4 -59.91 -8.55 -18.08
C LEU G 4 -61.06 -8.82 -19.04
N VAL G 5 -60.88 -8.44 -20.30
CA VAL G 5 -61.91 -8.55 -21.33
C VAL G 5 -61.47 -9.66 -22.28
N GLN G 6 -62.17 -10.79 -22.22
CA GLN G 6 -61.87 -11.92 -23.09
C GLN G 6 -62.58 -11.79 -24.44
N SER G 7 -62.18 -12.64 -25.37
CA SER G 7 -62.79 -12.69 -26.69
C SER G 7 -64.16 -13.38 -26.61
N GLY G 8 -64.96 -13.17 -27.65
CA GLY G 8 -66.25 -13.80 -27.73
C GLY G 8 -66.13 -15.30 -27.95
N PRO G 9 -67.24 -16.01 -27.85
CA PRO G 9 -67.20 -17.48 -28.01
C PRO G 9 -66.94 -17.88 -29.45
N GLU G 10 -66.42 -19.10 -29.61
CA GLU G 10 -66.13 -19.66 -30.92
C GLU G 10 -66.58 -21.12 -30.96
N VAL G 11 -67.03 -21.55 -32.13
CA VAL G 11 -67.41 -22.93 -32.41
C VAL G 11 -66.46 -23.47 -33.47
N LYS G 12 -65.81 -24.60 -33.17
CA LYS G 12 -64.74 -25.13 -34.00
C LYS G 12 -64.97 -26.60 -34.28
N LYS G 13 -64.47 -27.06 -35.43
CA LYS G 13 -64.51 -28.47 -35.77
C LYS G 13 -63.34 -29.19 -35.11
N PRO G 14 -63.42 -30.51 -34.93
CA PRO G 14 -62.29 -31.23 -34.32
C PRO G 14 -61.05 -31.16 -35.20
N GLY G 15 -59.89 -31.07 -34.55
CA GLY G 15 -58.62 -31.00 -35.24
C GLY G 15 -58.18 -29.60 -35.64
N THR G 16 -59.09 -28.63 -35.62
CA THR G 16 -58.76 -27.26 -35.98
C THR G 16 -58.12 -26.56 -34.79
N SER G 17 -57.78 -25.29 -34.98
CA SER G 17 -57.16 -24.44 -33.97
C SER G 17 -58.07 -23.28 -33.62
N VAL G 18 -58.01 -22.86 -32.36
CA VAL G 18 -58.74 -21.70 -31.84
C VAL G 18 -57.73 -20.78 -31.17
N LYS G 19 -57.98 -19.48 -31.27
CA LYS G 19 -57.11 -18.46 -30.69
C LYS G 19 -57.96 -17.52 -29.85
N VAL G 20 -57.74 -17.52 -28.53
CA VAL G 20 -58.53 -16.76 -27.58
C VAL G 20 -57.69 -15.58 -27.10
N SER G 21 -58.28 -14.39 -27.16
CA SER G 21 -57.62 -13.18 -26.68
C SER G 21 -58.18 -12.78 -25.32
N CYS G 22 -57.37 -11.99 -24.61
CA CYS G 22 -57.66 -11.55 -23.25
C CYS G 22 -56.93 -10.22 -23.02
N LYS G 23 -57.68 -9.12 -23.03
CA LYS G 23 -57.10 -7.79 -22.92
C LYS G 23 -57.22 -7.26 -21.50
N ALA G 24 -56.16 -6.60 -21.03
CA ALA G 24 -56.06 -6.14 -19.66
C ALA G 24 -56.20 -4.62 -19.60
N SER G 25 -56.84 -4.15 -18.53
CA SER G 25 -57.01 -2.73 -18.28
C SER G 25 -57.13 -2.53 -16.77
N GLY G 26 -56.70 -1.36 -16.31
CA GLY G 26 -56.75 -1.04 -14.90
C GLY G 26 -55.51 -1.38 -14.12
N PHE G 27 -54.51 -2.01 -14.75
CA PHE G 27 -53.26 -2.34 -14.08
C PHE G 27 -52.18 -2.47 -15.14
N THR G 28 -50.94 -2.19 -14.74
CA THR G 28 -49.80 -2.33 -15.65
C THR G 28 -49.68 -3.78 -16.08
N PHE G 29 -49.89 -4.04 -17.37
CA PHE G 29 -49.97 -5.42 -17.85
C PHE G 29 -48.65 -6.16 -17.71
N THR G 30 -47.52 -5.46 -17.81
CA THR G 30 -46.22 -6.10 -17.83
C THR G 30 -45.73 -6.55 -16.45
N SER G 31 -46.40 -6.15 -15.37
CA SER G 31 -45.89 -6.42 -14.03
C SER G 31 -46.34 -7.75 -13.45
N TYR G 32 -47.53 -8.24 -13.83
CA TYR G 32 -48.13 -9.42 -13.20
C TYR G 32 -48.12 -10.61 -14.14
N TRP G 33 -48.04 -11.81 -13.55
CA TRP G 33 -48.13 -13.04 -14.31
C TRP G 33 -49.57 -13.30 -14.74
N MET G 34 -49.71 -14.00 -15.86
CA MET G 34 -51.02 -14.33 -16.43
C MET G 34 -51.18 -15.83 -16.53
N HIS G 35 -52.32 -16.33 -16.02
CA HIS G 35 -52.66 -17.73 -15.99
C HIS G 35 -53.86 -18.00 -16.87
N TRP G 36 -53.95 -19.23 -17.37
CA TRP G 36 -55.07 -19.67 -18.20
C TRP G 36 -55.64 -20.93 -17.59
N VAL G 37 -56.95 -20.93 -17.36
CA VAL G 37 -57.65 -22.02 -16.70
C VAL G 37 -58.93 -22.29 -17.46
N ARG G 38 -59.30 -23.56 -17.58
CA ARG G 38 -60.55 -23.95 -18.23
C ARG G 38 -61.42 -24.71 -17.23
N GLN G 39 -62.73 -24.53 -17.37
CA GLN G 39 -63.72 -25.16 -16.51
C GLN G 39 -64.69 -25.94 -17.40
N ALA G 40 -64.44 -27.24 -17.56
CA ALA G 40 -65.44 -28.09 -18.17
C ALA G 40 -66.69 -28.09 -17.30
N ARG G 41 -67.85 -28.07 -17.95
CA ARG G 41 -69.12 -27.98 -17.25
C ARG G 41 -69.27 -29.15 -16.26
N GLY G 42 -69.58 -28.81 -15.01
CA GLY G 42 -69.79 -29.81 -13.98
C GLY G 42 -68.58 -30.71 -13.75
N GLN G 43 -67.38 -30.14 -13.82
CA GLN G 43 -66.15 -30.91 -13.72
C GLN G 43 -65.08 -30.03 -13.08
N ARG G 44 -63.90 -30.62 -12.87
CA ARG G 44 -62.81 -29.93 -12.19
C ARG G 44 -62.10 -28.96 -13.12
N LEU G 45 -61.75 -27.81 -12.57
CA LEU G 45 -61.03 -26.79 -13.33
C LEU G 45 -59.64 -27.32 -13.64
N GLU G 46 -59.14 -26.97 -14.83
CA GLU G 46 -57.84 -27.43 -15.28
C GLU G 46 -56.97 -26.21 -15.56
N TRP G 47 -55.78 -26.21 -14.97
CA TRP G 47 -54.82 -25.13 -15.15
C TRP G 47 -54.03 -25.38 -16.43
N ILE G 48 -54.13 -24.46 -17.38
CA ILE G 48 -53.48 -24.62 -18.66
C ILE G 48 -51.99 -24.32 -18.54
N GLY G 49 -51.65 -23.08 -18.21
CA GLY G 49 -50.26 -22.68 -18.12
C GLY G 49 -50.15 -21.25 -17.64
N VAL G 50 -48.94 -20.70 -17.75
CA VAL G 50 -48.63 -19.37 -17.26
C VAL G 50 -47.73 -18.68 -18.27
N ILE G 51 -47.84 -17.36 -18.34
CA ILE G 51 -46.97 -16.54 -19.16
C ILE G 51 -46.83 -15.17 -18.49
N HIS G 52 -45.63 -14.59 -18.57
CA HIS G 52 -45.41 -13.23 -18.13
C HIS G 52 -45.27 -12.34 -19.35
N PRO G 53 -46.00 -11.21 -19.46
CA PRO G 53 -45.89 -10.44 -20.71
C PRO G 53 -44.53 -9.79 -20.92
N ASN G 54 -43.89 -9.33 -19.85
CA ASN G 54 -42.65 -8.56 -20.00
C ASN G 54 -41.53 -9.42 -20.56
N SER G 55 -41.35 -10.62 -19.99
CA SER G 55 -40.26 -11.50 -20.39
C SER G 55 -40.65 -12.48 -21.50
N GLY G 56 -41.92 -12.85 -21.59
CA GLY G 56 -42.35 -13.85 -22.54
C GLY G 56 -42.11 -15.28 -22.12
N ASN G 57 -41.48 -15.49 -20.95
CA ASN G 57 -41.31 -16.84 -20.44
C ASN G 57 -42.66 -17.50 -20.21
N THR G 58 -42.70 -18.80 -20.43
CA THR G 58 -43.91 -19.59 -20.34
C THR G 58 -43.65 -20.82 -19.50
N LYS G 59 -44.70 -21.30 -18.83
CA LYS G 59 -44.66 -22.61 -18.17
C LYS G 59 -46.04 -23.24 -18.31
N TYR G 60 -46.10 -24.36 -19.01
CA TYR G 60 -47.35 -25.01 -19.38
C TYR G 60 -47.61 -26.21 -18.49
N ASN G 61 -48.86 -26.66 -18.51
CA ASN G 61 -49.21 -27.95 -17.93
C ASN G 61 -48.65 -29.05 -18.83
N GLU G 62 -48.23 -30.15 -18.20
CA GLU G 62 -47.53 -31.21 -18.92
C GLU G 62 -48.42 -31.80 -20.02
N LYS G 63 -49.70 -32.02 -19.72
CA LYS G 63 -50.58 -32.70 -20.67
C LYS G 63 -50.96 -31.84 -21.86
N PHE G 64 -50.84 -30.52 -21.76
CA PHE G 64 -51.21 -29.61 -22.85
C PHE G 64 -50.02 -29.13 -23.68
N ARG G 65 -48.78 -29.46 -23.30
CA ARG G 65 -47.63 -29.09 -24.11
C ARG G 65 -47.76 -29.65 -25.52
N SER G 66 -47.21 -28.90 -26.48
CA SER G 66 -47.21 -29.19 -27.91
C SER G 66 -48.52 -28.76 -28.57
N ARG G 67 -49.61 -28.69 -27.80
CA ARG G 67 -50.92 -28.30 -28.31
C ARG G 67 -51.21 -26.83 -28.12
N VAL G 68 -50.91 -26.26 -26.95
CA VAL G 68 -51.22 -24.87 -26.63
C VAL G 68 -49.96 -24.04 -26.71
N THR G 69 -50.10 -22.80 -27.21
CA THR G 69 -48.99 -21.85 -27.29
C THR G 69 -49.50 -20.47 -26.88
N MET G 70 -48.76 -19.81 -26.01
CA MET G 70 -49.15 -18.53 -25.43
C MET G 70 -48.25 -17.42 -25.95
N THR G 71 -48.87 -16.28 -26.28
CA THR G 71 -48.15 -15.10 -26.75
C THR G 71 -48.76 -13.89 -26.06
N THR G 72 -48.05 -12.77 -26.16
CA THR G 72 -48.49 -11.51 -25.57
C THR G 72 -48.10 -10.36 -26.47
N ASP G 73 -49.03 -9.42 -26.67
CA ASP G 73 -48.77 -8.17 -27.39
C ASP G 73 -48.65 -7.07 -26.34
N THR G 74 -47.43 -6.57 -26.16
CA THR G 74 -47.19 -5.57 -25.13
C THR G 74 -47.85 -4.24 -25.48
N SER G 75 -47.91 -3.91 -26.78
CA SER G 75 -48.45 -2.60 -27.17
C SER G 75 -49.92 -2.46 -26.80
N THR G 76 -50.72 -3.50 -27.04
CA THR G 76 -52.15 -3.46 -26.77
C THR G 76 -52.52 -4.01 -25.39
N SER G 77 -51.54 -4.45 -24.61
CA SER G 77 -51.78 -5.01 -23.27
C SER G 77 -52.74 -6.20 -23.33
N THR G 78 -52.54 -7.06 -24.33
CA THR G 78 -53.39 -8.21 -24.59
C THR G 78 -52.59 -9.49 -24.44
N ALA G 79 -53.25 -10.52 -23.91
CA ALA G 79 -52.69 -11.85 -23.76
C ALA G 79 -53.47 -12.82 -24.63
N TYR G 80 -52.75 -13.67 -25.37
CA TYR G 80 -53.37 -14.63 -26.27
C TYR G 80 -53.04 -16.05 -25.83
N MET G 81 -54.00 -16.95 -26.07
CA MET G 81 -53.87 -18.38 -25.83
C MET G 81 -54.49 -19.10 -27.00
N GLU G 82 -53.77 -20.09 -27.54
CA GLU G 82 -54.18 -20.78 -28.76
C GLU G 82 -53.96 -22.26 -28.57
N LEU G 83 -55.02 -23.05 -28.75
CA LEU G 83 -54.96 -24.51 -28.69
C LEU G 83 -54.94 -25.06 -30.11
N ARG G 84 -53.86 -25.76 -30.48
CA ARG G 84 -53.59 -26.04 -31.88
C ARG G 84 -54.52 -27.13 -32.44
N SER G 85 -54.44 -28.35 -31.90
CA SER G 85 -55.26 -29.46 -32.36
C SER G 85 -56.37 -29.69 -31.34
N LEU G 86 -57.61 -29.54 -31.78
CA LEU G 86 -58.76 -29.59 -30.89
C LEU G 86 -59.35 -31.00 -30.82
N ARG G 87 -60.09 -31.24 -29.74
CA ARG G 87 -60.61 -32.55 -29.38
C ARG G 87 -61.98 -32.33 -28.76
N SER G 88 -62.92 -33.22 -29.07
CA SER G 88 -64.32 -33.02 -28.68
C SER G 88 -64.49 -32.75 -27.18
N ASP G 89 -63.62 -33.32 -26.35
CA ASP G 89 -63.72 -33.10 -24.90
C ASP G 89 -63.26 -31.73 -24.47
N ASP G 90 -62.57 -30.98 -25.32
CA ASP G 90 -62.11 -29.64 -24.96
C ASP G 90 -63.24 -28.63 -24.84
N THR G 91 -64.48 -28.99 -25.19
CA THR G 91 -65.63 -28.13 -24.98
C THR G 91 -65.69 -27.69 -23.52
N ALA G 92 -65.42 -26.41 -23.27
CA ALA G 92 -65.39 -25.88 -21.91
C ALA G 92 -65.28 -24.36 -21.98
N VAL G 93 -65.36 -23.74 -20.80
CA VAL G 93 -65.22 -22.29 -20.64
C VAL G 93 -63.79 -22.00 -20.24
N TYR G 94 -63.13 -21.13 -21.00
CA TYR G 94 -61.72 -20.80 -20.81
C TYR G 94 -61.60 -19.42 -20.17
N TYR G 95 -60.87 -19.36 -19.04
CA TYR G 95 -60.62 -18.11 -18.34
C TYR G 95 -59.15 -17.74 -18.39
N CYS G 96 -58.91 -16.43 -18.40
CA CYS G 96 -57.60 -15.83 -18.18
C CYS G 96 -57.64 -15.15 -16.81
N ALA G 97 -56.61 -15.38 -16.00
CA ALA G 97 -56.58 -14.92 -14.63
C ALA G 97 -55.20 -14.38 -14.29
N ARG G 98 -55.19 -13.36 -13.42
CA ARG G 98 -53.98 -12.67 -13.01
C ARG G 98 -53.53 -13.19 -11.65
N GLU G 99 -52.24 -13.54 -11.55
CA GLU G 99 -51.63 -13.92 -10.29
C GLU G 99 -51.19 -12.67 -9.53
N MET G 100 -51.77 -12.47 -8.35
CA MET G 100 -51.29 -11.40 -7.48
C MET G 100 -49.90 -11.73 -6.95
N TRP G 101 -49.20 -10.69 -6.51
CA TRP G 101 -47.97 -10.81 -5.74
C TRP G 101 -48.29 -10.65 -4.26
N ASN G 102 -47.55 -11.36 -3.39
CA ASN G 102 -47.83 -11.29 -1.97
C ASN G 102 -46.73 -11.91 -1.10
N TYR G 103 -45.47 -11.49 -1.31
CA TYR G 103 -44.36 -11.74 -0.38
C TYR G 103 -44.28 -13.20 0.10
N GLY G 104 -44.45 -14.13 -0.82
CA GLY G 104 -44.40 -15.52 -0.44
C GLY G 104 -44.81 -16.46 -1.56
N ASN G 105 -45.72 -17.38 -1.24
CA ASN G 105 -46.07 -18.41 -2.22
C ASN G 105 -46.74 -17.81 -3.45
N SER G 106 -47.60 -16.82 -3.25
CA SER G 106 -48.40 -16.22 -4.33
C SER G 106 -49.11 -17.38 -5.04
N TRP G 107 -49.09 -17.47 -6.37
CA TRP G 107 -49.62 -18.62 -7.10
C TRP G 107 -51.13 -18.80 -6.85
N TYR G 108 -51.81 -17.71 -6.53
CA TYR G 108 -53.26 -17.69 -6.45
C TYR G 108 -53.80 -16.47 -7.18
N PHE G 109 -54.99 -16.62 -7.75
CA PHE G 109 -55.50 -15.75 -8.79
C PHE G 109 -56.55 -14.83 -8.17
N ASP G 110 -56.28 -13.52 -8.17
CA ASP G 110 -57.13 -12.54 -7.51
C ASP G 110 -58.11 -11.85 -8.45
N VAL G 111 -57.82 -11.86 -9.76
CA VAL G 111 -58.61 -11.15 -10.75
C VAL G 111 -58.75 -12.05 -11.97
N TRP G 112 -59.98 -12.22 -12.45
CA TRP G 112 -60.32 -13.14 -13.52
C TRP G 112 -60.98 -12.37 -14.66
N GLY G 113 -61.02 -13.03 -15.83
CA GLY G 113 -61.80 -12.52 -16.94
C GLY G 113 -63.28 -12.76 -16.70
N GLN G 114 -63.96 -13.31 -17.71
CA GLN G 114 -65.38 -13.66 -17.53
C GLN G 114 -65.77 -14.86 -18.39
N GLY G 115 -64.82 -15.65 -18.87
CA GLY G 115 -65.13 -16.87 -19.60
C GLY G 115 -65.27 -16.66 -21.08
N THR G 116 -64.70 -17.58 -21.85
CA THR G 116 -64.89 -17.67 -23.29
C THR G 116 -65.38 -19.09 -23.58
N THR G 117 -66.69 -19.27 -23.67
CA THR G 117 -67.27 -20.58 -23.93
C THR G 117 -66.84 -21.08 -25.31
N VAL G 118 -66.05 -22.15 -25.34
CA VAL G 118 -65.56 -22.75 -26.57
C VAL G 118 -66.26 -24.09 -26.76
N THR G 119 -66.88 -24.27 -27.92
CA THR G 119 -67.58 -25.50 -28.26
C THR G 119 -66.89 -26.15 -29.45
N VAL G 120 -66.51 -27.41 -29.28
CA VAL G 120 -65.84 -28.19 -30.31
C VAL G 120 -66.70 -29.40 -30.60
N SER G 121 -67.05 -29.56 -31.88
CA SER G 121 -67.93 -30.64 -32.30
C SER G 121 -67.90 -30.70 -33.82
N SER G 122 -68.10 -31.90 -34.35
CA SER G 122 -68.14 -32.10 -35.80
C SER G 122 -69.50 -31.75 -36.40
N ALA G 123 -70.49 -31.40 -35.59
CA ALA G 123 -71.79 -31.06 -36.11
C ALA G 123 -71.75 -29.72 -36.84
N SER G 124 -72.65 -29.56 -37.79
CA SER G 124 -72.80 -28.34 -38.58
C SER G 124 -73.96 -27.51 -38.03
N THR G 125 -73.91 -26.22 -38.34
CA THR G 125 -74.93 -25.30 -37.82
C THR G 125 -76.29 -25.67 -38.39
N LYS G 126 -77.26 -25.92 -37.51
CA LYS G 126 -78.59 -26.35 -37.90
C LYS G 126 -79.62 -25.65 -37.01
N GLY G 127 -80.76 -25.31 -37.60
CA GLY G 127 -81.83 -24.65 -36.88
C GLY G 127 -82.71 -25.64 -36.14
N PRO G 128 -83.47 -25.16 -35.16
CA PRO G 128 -84.31 -26.06 -34.37
C PRO G 128 -85.61 -26.43 -35.06
N SER G 129 -86.22 -27.51 -34.56
CA SER G 129 -87.58 -27.90 -34.90
C SER G 129 -88.41 -27.84 -33.63
N VAL G 130 -89.41 -26.96 -33.61
CA VAL G 130 -90.21 -26.71 -32.42
C VAL G 130 -91.47 -27.57 -32.49
N PHE G 131 -91.79 -28.24 -31.38
CA PHE G 131 -92.94 -29.12 -31.26
C PHE G 131 -93.72 -28.76 -30.00
N PRO G 132 -95.05 -28.67 -30.04
CA PRO G 132 -95.78 -28.31 -28.83
C PRO G 132 -95.93 -29.49 -27.89
N LEU G 133 -95.99 -29.17 -26.60
CA LEU G 133 -96.28 -30.14 -25.54
C LEU G 133 -97.65 -29.78 -25.00
N ALA G 134 -98.69 -30.32 -25.64
CA ALA G 134 -100.04 -29.87 -25.38
C ALA G 134 -100.50 -30.26 -23.97
N PRO G 135 -101.31 -29.44 -23.32
CA PRO G 135 -101.94 -29.87 -22.07
C PRO G 135 -103.17 -30.70 -22.36
N SER G 136 -103.56 -31.51 -21.38
CA SER G 136 -104.70 -32.40 -21.52
C SER G 136 -105.49 -32.38 -20.22
N SER G 137 -106.71 -32.91 -20.28
CA SER G 137 -107.49 -33.06 -19.06
C SER G 137 -106.85 -34.04 -18.08
N LYS G 138 -105.98 -34.94 -18.56
CA LYS G 138 -105.34 -35.85 -17.60
C LYS G 138 -104.14 -35.22 -16.91
N SER G 139 -103.44 -34.30 -17.59
CA SER G 139 -102.32 -33.60 -16.97
C SER G 139 -102.76 -32.41 -16.13
N THR G 140 -104.04 -32.35 -15.76
CA THR G 140 -104.59 -31.30 -14.91
C THR G 140 -104.63 -31.83 -13.49
N SER G 141 -103.94 -31.14 -12.58
CA SER G 141 -103.94 -31.46 -11.16
C SER G 141 -104.72 -30.35 -10.46
N GLY G 142 -105.97 -30.65 -10.12
CA GLY G 142 -106.83 -29.64 -9.52
C GLY G 142 -107.19 -28.57 -10.53
N GLY G 143 -106.78 -27.33 -10.26
CA GLY G 143 -107.02 -26.22 -11.14
C GLY G 143 -105.82 -25.72 -11.91
N THR G 144 -104.69 -26.43 -11.87
CA THR G 144 -103.46 -26.00 -12.55
C THR G 144 -102.96 -27.14 -13.44
N ALA G 145 -102.77 -26.82 -14.72
CA ALA G 145 -102.22 -27.73 -15.71
C ALA G 145 -100.90 -27.17 -16.24
N ALA G 146 -100.18 -28.01 -16.98
CA ALA G 146 -98.86 -27.67 -17.49
C ALA G 146 -98.80 -27.87 -18.99
N LEU G 147 -98.07 -26.99 -19.68
CA LEU G 147 -97.82 -27.10 -21.11
C LEU G 147 -96.41 -26.63 -21.40
N GLY G 148 -95.94 -26.87 -22.61
CA GLY G 148 -94.58 -26.48 -22.93
C GLY G 148 -94.29 -26.59 -24.42
N CYS G 149 -93.03 -26.30 -24.75
CA CYS G 149 -92.50 -26.42 -26.09
C CYS G 149 -91.23 -27.26 -26.06
N LEU G 150 -91.03 -28.06 -27.09
CA LEU G 150 -89.86 -28.92 -27.23
C LEU G 150 -89.02 -28.38 -28.39
N VAL G 151 -87.91 -27.73 -28.05
CA VAL G 151 -86.97 -27.20 -29.04
C VAL G 151 -85.93 -28.29 -29.27
N LYS G 152 -86.10 -29.05 -30.35
CA LYS G 152 -85.32 -30.25 -30.61
C LYS G 152 -84.42 -30.06 -31.82
N ASP G 153 -83.25 -30.71 -31.76
CA ASP G 153 -82.31 -30.81 -32.87
C ASP G 153 -81.87 -29.45 -33.39
N TYR G 154 -80.88 -28.86 -32.75
CA TYR G 154 -80.30 -27.60 -33.20
C TYR G 154 -78.84 -27.58 -32.83
N PHE G 155 -78.05 -26.86 -33.62
CA PHE G 155 -76.63 -26.71 -33.36
C PHE G 155 -76.18 -25.39 -33.95
N PRO G 156 -75.31 -24.62 -33.26
CA PRO G 156 -74.76 -24.78 -31.92
C PRO G 156 -75.61 -24.05 -30.89
N GLU G 157 -75.21 -24.11 -29.61
CA GLU G 157 -75.83 -23.27 -28.61
C GLU G 157 -75.63 -21.80 -29.01
N PRO G 158 -76.46 -20.87 -28.49
CA PRO G 158 -77.65 -20.98 -27.65
C PRO G 158 -78.96 -20.68 -28.38
N VAL G 159 -80.07 -21.07 -27.75
CA VAL G 159 -81.41 -20.74 -28.22
C VAL G 159 -82.15 -20.08 -27.07
N THR G 160 -83.01 -19.12 -27.40
CA THR G 160 -83.75 -18.33 -26.42
C THR G 160 -85.23 -18.64 -26.57
N VAL G 161 -85.90 -18.92 -25.45
CA VAL G 161 -87.32 -19.25 -25.42
C VAL G 161 -88.04 -18.23 -24.56
N SER G 162 -89.15 -17.71 -25.06
CA SER G 162 -90.00 -16.78 -24.32
C SER G 162 -91.45 -17.06 -24.66
N TRP G 163 -92.33 -16.81 -23.69
CA TRP G 163 -93.75 -17.12 -23.79
C TRP G 163 -94.54 -15.83 -23.95
N ASN G 164 -95.35 -15.76 -25.01
CA ASN G 164 -96.14 -14.56 -25.33
C ASN G 164 -95.25 -13.34 -25.47
N SER G 165 -94.12 -13.51 -26.15
CA SER G 165 -93.18 -12.41 -26.39
C SER G 165 -92.69 -11.80 -25.09
N GLY G 166 -92.54 -12.64 -24.05
CA GLY G 166 -92.08 -12.18 -22.75
C GLY G 166 -93.15 -11.70 -21.81
N ALA G 167 -94.42 -11.68 -22.23
CA ALA G 167 -95.47 -11.21 -21.35
C ALA G 167 -95.77 -12.17 -20.21
N LEU G 168 -95.43 -13.44 -20.35
CA LEU G 168 -95.66 -14.46 -19.33
C LEU G 168 -94.31 -14.96 -18.80
N THR G 169 -94.11 -14.83 -17.48
CA THR G 169 -92.88 -15.24 -16.83
C THR G 169 -93.13 -16.08 -15.59
N SER G 170 -94.21 -15.77 -14.85
CA SER G 170 -94.51 -16.50 -13.63
C SER G 170 -94.87 -17.95 -13.95
N GLY G 171 -94.20 -18.88 -13.27
CA GLY G 171 -94.42 -20.29 -13.47
C GLY G 171 -93.61 -20.92 -14.59
N VAL G 172 -92.82 -20.14 -15.33
CA VAL G 172 -92.05 -20.66 -16.45
C VAL G 172 -90.83 -21.39 -15.93
N HIS G 173 -90.44 -22.46 -16.62
CA HIS G 173 -89.21 -23.19 -16.32
C HIS G 173 -88.61 -23.63 -17.65
N THR G 174 -87.57 -22.92 -18.09
CA THR G 174 -86.80 -23.29 -19.27
C THR G 174 -85.60 -24.13 -18.81
N PHE G 175 -85.53 -25.38 -19.28
CA PHE G 175 -84.51 -26.29 -18.74
C PHE G 175 -83.20 -26.16 -19.51
N PRO G 176 -82.07 -26.52 -18.88
CA PRO G 176 -80.81 -26.57 -19.63
C PRO G 176 -80.88 -27.53 -20.81
N ALA G 177 -80.20 -27.16 -21.89
CA ALA G 177 -80.20 -28.00 -23.08
C ALA G 177 -79.36 -29.25 -22.83
N VAL G 178 -79.71 -30.31 -23.55
CA VAL G 178 -79.01 -31.58 -23.51
C VAL G 178 -78.39 -31.82 -24.88
N LEU G 179 -77.19 -32.37 -24.89
CA LEU G 179 -76.49 -32.75 -26.11
C LEU G 179 -76.83 -34.21 -26.40
N GLN G 180 -77.63 -34.44 -27.43
CA GLN G 180 -78.01 -35.80 -27.78
C GLN G 180 -76.88 -36.48 -28.55
N SER G 181 -77.02 -37.81 -28.71
CA SER G 181 -75.98 -38.59 -29.35
C SER G 181 -75.76 -38.17 -30.81
N SER G 182 -76.77 -37.57 -31.44
CA SER G 182 -76.63 -37.11 -32.82
C SER G 182 -75.71 -35.90 -32.96
N GLY G 183 -75.23 -35.32 -31.86
CA GLY G 183 -74.42 -34.13 -31.92
C GLY G 183 -75.19 -32.84 -31.88
N LEU G 184 -76.52 -32.90 -31.85
CA LEU G 184 -77.38 -31.73 -31.82
C LEU G 184 -77.97 -31.57 -30.43
N TYR G 185 -78.27 -30.33 -30.06
CA TYR G 185 -78.83 -30.05 -28.75
C TYR G 185 -80.36 -30.11 -28.79
N SER G 186 -80.94 -30.26 -27.61
CA SER G 186 -82.39 -30.35 -27.45
C SER G 186 -82.73 -29.89 -26.04
N LEU G 187 -83.75 -29.04 -25.92
CA LEU G 187 -84.24 -28.59 -24.63
C LEU G 187 -85.75 -28.57 -24.66
N SER G 188 -86.34 -28.30 -23.49
CA SER G 188 -87.77 -28.13 -23.36
C SER G 188 -88.04 -27.01 -22.36
N SER G 189 -89.11 -26.26 -22.62
CA SER G 189 -89.54 -25.15 -21.78
C SER G 189 -91.02 -25.31 -21.49
N VAL G 190 -91.40 -25.24 -20.21
CA VAL G 190 -92.76 -25.48 -19.76
C VAL G 190 -93.21 -24.28 -18.92
N VAL G 191 -94.52 -24.22 -18.67
CA VAL G 191 -95.09 -23.22 -17.79
C VAL G 191 -96.43 -23.74 -17.28
N THR G 192 -96.69 -23.49 -15.99
CA THR G 192 -97.93 -23.89 -15.34
C THR G 192 -98.92 -22.73 -15.38
N VAL G 193 -100.16 -23.02 -15.78
CA VAL G 193 -101.23 -22.04 -15.87
C VAL G 193 -102.50 -22.65 -15.29
N PRO G 194 -103.46 -21.82 -14.89
CA PRO G 194 -104.73 -22.39 -14.42
C PRO G 194 -105.44 -23.15 -15.52
N SER G 195 -105.95 -24.34 -15.17
CA SER G 195 -106.68 -25.15 -16.14
C SER G 195 -107.94 -24.46 -16.64
N SER G 196 -108.48 -23.51 -15.87
CA SER G 196 -109.68 -22.80 -16.31
C SER G 196 -109.36 -21.84 -17.45
N SER G 197 -108.18 -21.22 -17.43
CA SER G 197 -107.80 -20.23 -18.42
C SER G 197 -107.40 -20.83 -19.76
N LEU G 198 -107.40 -22.17 -19.91
CA LEU G 198 -106.98 -22.79 -21.16
C LEU G 198 -107.90 -22.43 -22.32
N GLY G 199 -109.19 -22.22 -22.06
CA GLY G 199 -110.14 -22.04 -23.16
C GLY G 199 -110.01 -20.69 -23.84
N THR G 200 -109.87 -19.62 -23.07
CA THR G 200 -109.84 -18.27 -23.61
C THR G 200 -108.42 -17.83 -24.00
N GLN G 201 -107.43 -18.08 -23.14
CA GLN G 201 -106.11 -17.53 -23.33
C GLN G 201 -105.31 -18.32 -24.35
N THR G 202 -104.59 -17.61 -25.20
CA THR G 202 -103.69 -18.20 -26.18
C THR G 202 -102.25 -18.17 -25.66
N TYR G 203 -101.54 -19.28 -25.84
CA TYR G 203 -100.16 -19.44 -25.36
C TYR G 203 -99.26 -19.73 -26.55
N ILE G 204 -98.23 -18.89 -26.72
CA ILE G 204 -97.28 -19.00 -27.82
C ILE G 204 -95.87 -18.92 -27.25
N CYS G 205 -95.02 -19.89 -27.58
CA CYS G 205 -93.61 -19.87 -27.23
C CYS G 205 -92.81 -19.35 -28.42
N ASN G 206 -91.88 -18.44 -28.14
CA ASN G 206 -91.08 -17.76 -29.16
C ASN G 206 -89.65 -18.27 -29.06
N VAL G 207 -89.23 -19.04 -30.07
CA VAL G 207 -87.89 -19.62 -30.12
C VAL G 207 -87.06 -18.84 -31.12
N ASN G 208 -85.85 -18.45 -30.72
CA ASN G 208 -84.91 -17.72 -31.56
C ASN G 208 -83.56 -18.41 -31.50
N HIS G 209 -83.03 -18.78 -32.67
CA HIS G 209 -81.73 -19.44 -32.81
C HIS G 209 -80.85 -18.55 -33.69
N LYS G 210 -80.08 -17.67 -33.05
CA LYS G 210 -79.27 -16.70 -33.77
C LYS G 210 -78.15 -17.31 -34.62
N PRO G 211 -77.43 -18.34 -34.16
CA PRO G 211 -76.38 -18.92 -35.01
C PRO G 211 -76.82 -19.35 -36.40
N SER G 212 -78.06 -19.84 -36.56
CA SER G 212 -78.61 -20.16 -37.87
C SER G 212 -79.63 -19.14 -38.35
N ASN G 213 -79.93 -18.11 -37.54
CA ASN G 213 -80.88 -17.05 -37.89
C ASN G 213 -82.27 -17.63 -38.20
N THR G 214 -82.90 -18.13 -37.13
CA THR G 214 -84.23 -18.72 -37.19
C THR G 214 -85.09 -18.12 -36.09
N LYS G 215 -86.17 -17.45 -36.47
CA LYS G 215 -87.20 -16.98 -35.54
C LYS G 215 -88.47 -17.79 -35.79
N VAL G 216 -88.98 -18.41 -34.73
CA VAL G 216 -90.15 -19.29 -34.81
C VAL G 216 -91.10 -18.96 -33.67
N ASP G 217 -92.40 -18.93 -33.99
CA ASP G 217 -93.46 -18.75 -33.01
C ASP G 217 -94.41 -19.93 -33.15
N LYS G 218 -94.64 -20.65 -32.06
CA LYS G 218 -95.46 -21.85 -32.07
C LYS G 218 -96.59 -21.73 -31.05
N LYS G 219 -97.82 -21.92 -31.53
CA LYS G 219 -99.00 -21.89 -30.68
C LYS G 219 -99.27 -23.30 -30.17
N VAL G 220 -99.90 -23.37 -29.00
CA VAL G 220 -100.17 -24.63 -28.31
C VAL G 220 -101.67 -24.71 -28.06
N GLU G 221 -102.25 -25.87 -28.36
CA GLU G 221 -103.66 -26.17 -28.17
C GLU G 221 -103.78 -27.53 -27.53
N PRO G 222 -104.92 -27.83 -26.87
CA PRO G 222 -105.10 -29.20 -26.37
C PRO G 222 -105.87 -30.09 -27.35
N ASP H 1 -51.29 -36.67 -10.38
CA ASP H 1 -50.36 -35.95 -9.46
C ASP H 1 -51.09 -34.86 -8.67
N ILE H 2 -51.28 -35.14 -7.38
CA ILE H 2 -51.79 -34.19 -6.41
C ILE H 2 -53.26 -33.95 -6.75
N GLN H 3 -54.07 -35.00 -6.76
CA GLN H 3 -55.50 -34.82 -6.93
C GLN H 3 -56.08 -34.08 -5.73
N MET H 4 -57.17 -33.35 -5.99
CA MET H 4 -57.90 -32.60 -4.97
C MET H 4 -59.33 -33.11 -4.98
N THR H 5 -59.80 -33.55 -3.82
CA THR H 5 -61.15 -34.11 -3.68
C THR H 5 -61.85 -33.37 -2.55
N GLN H 6 -62.96 -32.74 -2.88
CA GLN H 6 -63.73 -31.93 -1.96
C GLN H 6 -64.82 -32.75 -1.32
N SER H 7 -65.23 -32.33 -0.12
CA SER H 7 -66.32 -32.99 0.58
C SER H 7 -67.07 -31.98 1.42
N PRO H 8 -68.42 -32.05 1.49
CA PRO H 8 -69.33 -32.93 0.77
C PRO H 8 -69.55 -32.47 -0.67
N SER H 9 -69.98 -33.39 -1.55
CA SER H 9 -70.21 -33.03 -2.94
C SER H 9 -71.32 -32.00 -3.07
N SER H 10 -72.33 -32.07 -2.21
CA SER H 10 -73.42 -31.12 -2.18
C SER H 10 -73.84 -30.94 -0.73
N LEU H 11 -74.00 -29.68 -0.32
CA LEU H 11 -74.39 -29.36 1.04
C LEU H 11 -75.53 -28.36 1.03
N SER H 12 -76.49 -28.58 1.91
CA SER H 12 -77.70 -27.76 2.03
C SER H 12 -77.78 -27.28 3.46
N ALA H 13 -77.84 -25.95 3.62
CA ALA H 13 -77.95 -25.35 4.94
C ALA H 13 -78.69 -24.02 4.80
N SER H 14 -79.13 -23.48 5.92
CA SER H 14 -79.93 -22.27 5.97
C SER H 14 -79.08 -21.08 6.37
N VAL H 15 -79.68 -19.89 6.28
CA VAL H 15 -78.99 -18.67 6.65
C VAL H 15 -78.72 -18.67 8.16
N GLY H 16 -77.62 -18.05 8.55
CA GLY H 16 -77.24 -17.96 9.94
C GLY H 16 -76.52 -19.17 10.49
N ASP H 17 -76.51 -20.29 9.79
CA ASP H 17 -75.92 -21.51 10.29
C ASP H 17 -74.40 -21.49 10.12
N ARG H 18 -73.72 -22.32 10.91
CA ARG H 18 -72.30 -22.56 10.76
C ARG H 18 -72.10 -23.72 9.79
N VAL H 19 -71.30 -23.48 8.76
CA VAL H 19 -71.08 -24.43 7.68
C VAL H 19 -69.59 -24.69 7.56
N THR H 20 -69.25 -25.92 7.20
CA THR H 20 -67.87 -26.34 7.03
C THR H 20 -67.74 -27.16 5.76
N ILE H 21 -66.72 -26.84 4.97
CA ILE H 21 -66.38 -27.58 3.76
C ILE H 21 -64.96 -28.06 3.94
N THR H 22 -64.66 -29.25 3.40
CA THR H 22 -63.36 -29.87 3.54
C THR H 22 -62.79 -30.19 2.17
N CYS H 23 -61.50 -29.89 1.98
CA CYS H 23 -60.74 -30.27 0.81
C CYS H 23 -59.62 -31.21 1.23
N ARG H 24 -59.50 -32.33 0.51
CA ARG H 24 -58.53 -33.37 0.82
C ARG H 24 -57.46 -33.41 -0.27
N ALA H 25 -56.23 -33.73 0.14
CA ALA H 25 -55.08 -33.81 -0.76
C ALA H 25 -54.57 -35.25 -0.80
N SER H 26 -54.20 -35.69 -2.00
CA SER H 26 -53.68 -37.05 -2.17
C SER H 26 -52.29 -37.17 -1.58
N LYS H 27 -51.45 -36.16 -1.76
CA LYS H 27 -50.08 -36.12 -1.28
C LYS H 27 -49.90 -34.88 -0.41
N SER H 28 -48.85 -34.91 0.41
CA SER H 28 -48.54 -33.81 1.32
C SER H 28 -48.40 -32.50 0.55
N ILE H 29 -49.21 -31.51 0.92
CA ILE H 29 -49.31 -30.26 0.16
C ILE H 29 -48.79 -29.05 0.94
N SER H 30 -48.46 -29.23 2.23
CA SER H 30 -47.92 -28.17 3.09
C SER H 30 -48.99 -27.13 3.40
N LYS H 31 -48.57 -25.99 3.95
CA LYS H 31 -49.48 -24.96 4.43
C LYS H 31 -50.36 -24.35 3.33
N TYR H 32 -49.99 -24.51 2.06
CA TYR H 32 -50.45 -23.62 1.01
C TYR H 32 -51.68 -24.19 0.31
N LEU H 33 -52.81 -23.49 0.45
CA LEU H 33 -54.05 -23.81 -0.22
C LEU H 33 -54.87 -22.53 -0.38
N ALA H 34 -55.78 -22.53 -1.34
CA ALA H 34 -56.66 -21.39 -1.56
C ALA H 34 -58.05 -21.86 -1.95
N TRP H 35 -59.05 -21.04 -1.62
CA TRP H 35 -60.45 -21.32 -1.90
C TRP H 35 -61.02 -20.25 -2.82
N TYR H 36 -62.04 -20.64 -3.60
CA TYR H 36 -62.72 -19.73 -4.51
C TYR H 36 -64.23 -19.84 -4.33
N GLN H 37 -64.93 -18.79 -4.78
CA GLN H 37 -66.38 -18.72 -4.78
C GLN H 37 -66.83 -18.36 -6.19
N GLN H 38 -67.50 -19.30 -6.87
CA GLN H 38 -68.00 -19.08 -8.21
C GLN H 38 -69.52 -19.00 -8.17
N LYS H 39 -70.04 -17.83 -8.50
CA LYS H 39 -71.46 -17.62 -8.71
C LYS H 39 -71.85 -18.20 -10.08
N PRO H 40 -73.14 -18.45 -10.32
CA PRO H 40 -73.51 -19.07 -11.60
C PRO H 40 -73.21 -18.14 -12.77
N GLY H 41 -72.55 -18.70 -13.79
CA GLY H 41 -72.20 -17.97 -14.98
C GLY H 41 -71.29 -16.79 -14.71
N LYS H 42 -70.45 -16.89 -13.68
CA LYS H 42 -69.52 -15.83 -13.32
C LYS H 42 -68.13 -16.42 -13.14
N ALA H 43 -67.14 -15.54 -13.13
CA ALA H 43 -65.77 -15.98 -12.89
C ALA H 43 -65.59 -16.29 -11.41
N PRO H 44 -64.73 -17.27 -11.07
CA PRO H 44 -64.48 -17.52 -9.65
C PRO H 44 -63.86 -16.30 -8.98
N GLU H 45 -64.19 -16.13 -7.71
CA GLU H 45 -63.66 -15.06 -6.87
C GLU H 45 -62.86 -15.69 -5.74
N LEU H 46 -61.70 -15.12 -5.46
CA LEU H 46 -60.81 -15.69 -4.47
C LEU H 46 -61.19 -15.23 -3.07
N LEU H 47 -61.22 -16.20 -2.14
CA LEU H 47 -61.58 -15.96 -0.75
C LEU H 47 -60.38 -16.12 0.17
N ILE H 48 -59.92 -17.36 0.36
CA ILE H 48 -58.82 -17.68 1.26
C ILE H 48 -57.63 -18.07 0.40
N TYR H 49 -56.44 -17.86 0.95
CA TYR H 49 -55.20 -18.19 0.25
C TYR H 49 -54.15 -18.61 1.26
N SER H 50 -53.22 -19.46 0.81
CA SER H 50 -52.18 -20.04 1.65
C SER H 50 -52.78 -20.72 2.89
N GLY H 51 -53.95 -21.31 2.73
CA GLY H 51 -54.56 -22.15 3.76
C GLY H 51 -55.48 -21.47 4.74
N SER H 52 -55.05 -20.33 5.30
CA SER H 52 -55.76 -19.68 6.39
C SER H 52 -55.91 -18.17 6.25
N THR H 53 -55.27 -17.53 5.27
CA THR H 53 -55.30 -16.08 5.14
C THR H 53 -56.35 -15.67 4.11
N LEU H 54 -57.18 -14.68 4.47
CA LEU H 54 -58.26 -14.24 3.61
C LEU H 54 -57.84 -13.00 2.82
N GLN H 55 -58.44 -12.87 1.63
CA GLN H 55 -58.19 -11.75 0.75
C GLN H 55 -58.86 -10.49 1.28
N SER H 56 -58.29 -9.33 0.92
CA SER H 56 -58.89 -8.07 1.31
C SER H 56 -60.29 -7.93 0.71
N GLY H 57 -61.20 -7.33 1.47
CA GLY H 57 -62.57 -7.15 1.06
C GLY H 57 -63.49 -8.31 1.35
N ILE H 58 -62.96 -9.45 1.79
CA ILE H 58 -63.78 -10.62 2.09
C ILE H 58 -64.33 -10.46 3.51
N PRO H 59 -65.58 -10.82 3.78
CA PRO H 59 -66.10 -10.65 5.15
C PRO H 59 -65.35 -11.48 6.17
N ALA H 60 -65.38 -11.01 7.42
CA ALA H 60 -64.63 -11.66 8.49
C ALA H 60 -65.15 -13.06 8.79
N ARG H 61 -66.43 -13.33 8.52
CA ARG H 61 -67.00 -14.64 8.82
C ARG H 61 -66.35 -15.77 8.02
N PHE H 62 -65.74 -15.47 6.88
CA PHE H 62 -64.98 -16.47 6.15
C PHE H 62 -63.65 -16.72 6.83
N SER H 63 -63.30 -17.99 6.99
CA SER H 63 -62.06 -18.36 7.67
C SER H 63 -61.62 -19.73 7.20
N GLY H 64 -60.31 -19.91 7.06
CA GLY H 64 -59.75 -21.17 6.62
C GLY H 64 -58.72 -21.69 7.60
N SER H 65 -58.60 -23.01 7.65
CA SER H 65 -57.65 -23.67 8.52
C SER H 65 -57.24 -24.99 7.89
N GLY H 66 -56.30 -25.67 8.53
CA GLY H 66 -55.80 -26.95 8.09
C GLY H 66 -54.37 -26.87 7.57
N SER H 67 -53.75 -28.05 7.47
CA SER H 67 -52.37 -28.18 7.00
C SER H 67 -52.14 -29.63 6.64
N GLY H 68 -51.08 -29.87 5.87
CA GLY H 68 -50.73 -31.23 5.50
C GLY H 68 -51.60 -31.80 4.41
N THR H 69 -52.42 -32.81 4.71
CA THR H 69 -53.28 -33.41 3.69
C THR H 69 -54.71 -32.89 3.70
N GLU H 70 -55.22 -32.49 4.87
CA GLU H 70 -56.61 -32.08 5.02
C GLU H 70 -56.70 -30.58 5.31
N PHE H 71 -57.69 -29.94 4.70
CA PHE H 71 -57.99 -28.52 4.92
C PHE H 71 -59.50 -28.36 5.02
N THR H 72 -59.91 -27.26 5.64
CA THR H 72 -61.31 -26.96 5.86
C THR H 72 -61.58 -25.47 5.64
N LEU H 73 -62.76 -25.18 5.12
CA LEU H 73 -63.28 -23.82 4.99
C LEU H 73 -64.59 -23.75 5.77
N THR H 74 -64.70 -22.75 6.63
CA THR H 74 -65.86 -22.62 7.50
C THR H 74 -66.37 -21.19 7.45
N ILE H 75 -67.68 -21.04 7.64
CA ILE H 75 -68.35 -19.75 7.66
C ILE H 75 -69.17 -19.67 8.95
N SER H 76 -68.96 -18.59 9.71
CA SER H 76 -69.61 -18.45 11.02
C SER H 76 -71.13 -18.49 10.88
N SER H 77 -71.68 -17.56 10.10
CA SER H 77 -73.12 -17.45 9.90
C SER H 77 -73.35 -17.12 8.42
N LEU H 78 -74.08 -17.99 7.72
CA LEU H 78 -74.28 -17.79 6.29
C LEU H 78 -75.06 -16.50 6.03
N GLN H 79 -75.04 -16.10 4.77
CA GLN H 79 -75.86 -15.00 4.28
C GLN H 79 -76.24 -15.30 2.83
N SER H 80 -77.25 -14.58 2.36
CA SER H 80 -77.80 -14.83 1.02
C SER H 80 -76.74 -14.75 -0.05
N GLU H 81 -75.75 -13.87 0.12
CA GLU H 81 -74.65 -13.76 -0.84
C GLU H 81 -73.76 -15.00 -0.84
N ASP H 82 -73.75 -15.78 0.24
CA ASP H 82 -72.81 -16.88 0.38
C ASP H 82 -73.15 -18.10 -0.47
N PHE H 83 -74.39 -18.24 -0.94
CA PHE H 83 -74.78 -19.47 -1.61
C PHE H 83 -74.22 -19.47 -3.03
N ALA H 84 -73.40 -20.46 -3.33
CA ALA H 84 -72.69 -20.55 -4.59
C ALA H 84 -71.96 -21.89 -4.65
N VAL H 85 -71.03 -22.03 -5.59
CA VAL H 85 -70.14 -23.18 -5.66
C VAL H 85 -68.77 -22.73 -5.17
N TYR H 86 -68.14 -23.55 -4.33
CA TYR H 86 -66.82 -23.27 -3.79
C TYR H 86 -65.82 -24.28 -4.32
N TYR H 87 -64.66 -23.77 -4.75
CA TYR H 87 -63.59 -24.58 -5.31
C TYR H 87 -62.32 -24.43 -4.49
N CYS H 88 -61.60 -25.54 -4.39
CA CYS H 88 -60.35 -25.66 -3.67
C CYS H 88 -59.21 -25.90 -4.66
N GLN H 89 -58.12 -25.15 -4.53
CA GLN H 89 -57.00 -25.25 -5.46
C GLN H 89 -55.75 -25.75 -4.75
N GLN H 90 -54.85 -26.30 -5.57
CA GLN H 90 -53.69 -27.04 -5.09
C GLN H 90 -52.66 -26.10 -4.49
N HIS H 91 -52.08 -25.19 -5.29
CA HIS H 91 -51.37 -24.01 -4.80
C HIS H 91 -49.89 -24.26 -4.44
N ASN H 92 -49.53 -25.44 -3.94
CA ASN H 92 -48.18 -25.65 -3.40
C ASN H 92 -47.17 -25.98 -4.49
N GLU H 93 -47.50 -26.95 -5.34
CA GLU H 93 -46.66 -27.46 -6.41
C GLU H 93 -47.14 -26.92 -7.76
N TYR H 94 -46.37 -27.19 -8.83
CA TYR H 94 -46.67 -26.58 -10.12
C TYR H 94 -47.46 -27.44 -11.12
N PRO H 95 -47.82 -28.69 -10.84
CA PRO H 95 -48.89 -29.28 -11.68
C PRO H 95 -50.18 -28.48 -11.61
N PHE H 96 -50.53 -27.94 -10.43
CA PHE H 96 -51.72 -27.12 -10.21
C PHE H 96 -53.02 -27.85 -10.50
N THR H 97 -53.58 -28.50 -9.48
CA THR H 97 -54.86 -29.18 -9.53
C THR H 97 -55.93 -28.31 -8.84
N PHE H 98 -57.19 -28.63 -9.11
CA PHE H 98 -58.32 -27.92 -8.53
C PHE H 98 -59.28 -28.91 -7.87
N GLY H 99 -60.16 -28.37 -7.02
CA GLY H 99 -61.09 -29.19 -6.28
C GLY H 99 -62.35 -29.53 -7.08
N GLN H 100 -63.01 -30.60 -6.64
CA GLN H 100 -64.14 -31.15 -7.38
C GLN H 100 -65.33 -30.18 -7.44
N GLY H 101 -65.39 -29.23 -6.52
CA GLY H 101 -66.50 -28.30 -6.48
C GLY H 101 -67.53 -28.75 -5.46
N THR H 102 -68.02 -27.81 -4.65
CA THR H 102 -68.98 -28.11 -3.60
C THR H 102 -70.19 -27.22 -3.81
N LYS H 103 -71.37 -27.83 -3.94
CA LYS H 103 -72.60 -27.07 -4.06
C LYS H 103 -73.09 -26.68 -2.67
N LEU H 104 -73.23 -25.38 -2.42
CA LEU H 104 -73.83 -24.87 -1.19
C LEU H 104 -75.16 -24.24 -1.57
N GLU H 105 -76.25 -24.90 -1.19
CA GLU H 105 -77.61 -24.51 -1.56
C GLU H 105 -78.40 -24.17 -0.30
N ILE H 106 -79.48 -23.43 -0.48
CA ILE H 106 -80.34 -23.08 0.63
C ILE H 106 -81.27 -24.26 0.93
N LYS H 107 -81.59 -24.41 2.20
CA LYS H 107 -82.46 -25.49 2.67
C LYS H 107 -83.84 -24.92 2.98
N ARG H 108 -84.85 -25.53 2.38
CA ARG H 108 -86.25 -25.19 2.61
C ARG H 108 -86.99 -26.43 3.13
N THR H 109 -88.32 -26.34 3.11
CA THR H 109 -89.16 -27.46 3.53
C THR H 109 -89.26 -28.47 2.39
N VAL H 110 -89.32 -29.75 2.76
CA VAL H 110 -89.42 -30.80 1.74
C VAL H 110 -90.72 -30.59 0.97
N ALA H 111 -90.61 -30.63 -0.36
CA ALA H 111 -91.76 -30.46 -1.24
C ALA H 111 -91.72 -31.52 -2.33
N ALA H 112 -92.86 -32.15 -2.57
CA ALA H 112 -92.97 -33.21 -3.57
C ALA H 112 -93.16 -32.61 -4.96
N PRO H 113 -92.86 -33.39 -6.03
CA PRO H 113 -93.03 -32.87 -7.39
C PRO H 113 -94.42 -33.08 -7.96
N SER H 114 -95.02 -32.03 -8.52
CA SER H 114 -96.23 -32.17 -9.33
C SER H 114 -95.81 -32.72 -10.69
N VAL H 115 -96.29 -33.91 -11.02
CA VAL H 115 -95.82 -34.66 -12.18
C VAL H 115 -96.82 -34.51 -13.32
N PHE H 116 -96.32 -34.21 -14.51
CA PHE H 116 -97.11 -34.18 -15.73
C PHE H 116 -96.37 -34.89 -16.85
N ILE H 117 -97.12 -35.63 -17.66
CA ILE H 117 -96.57 -36.38 -18.80
C ILE H 117 -97.16 -35.80 -20.08
N PHE H 118 -96.30 -35.61 -21.07
CA PHE H 118 -96.68 -34.99 -22.34
C PHE H 118 -96.42 -35.95 -23.49
N PRO H 119 -97.42 -36.43 -24.23
CA PRO H 119 -97.15 -37.32 -25.37
C PRO H 119 -96.43 -36.60 -26.49
N PRO H 120 -96.06 -37.32 -27.55
CA PRO H 120 -95.50 -36.65 -28.74
C PRO H 120 -96.59 -35.97 -29.56
N SER H 121 -96.28 -34.78 -30.04
CA SER H 121 -97.22 -34.04 -30.89
C SER H 121 -97.35 -34.72 -32.25
N ASP H 122 -98.51 -34.52 -32.88
CA ASP H 122 -98.75 -35.08 -34.21
C ASP H 122 -97.77 -34.54 -35.24
N GLU H 123 -97.27 -33.33 -35.04
CA GLU H 123 -96.28 -32.78 -35.97
C GLU H 123 -95.00 -33.60 -35.94
N GLN H 124 -94.53 -33.93 -34.74
CA GLN H 124 -93.34 -34.75 -34.59
C GLN H 124 -93.52 -36.11 -35.26
N LEU H 125 -94.65 -36.77 -34.99
CA LEU H 125 -94.87 -38.13 -35.47
C LEU H 125 -94.83 -38.20 -37.00
N LYS H 126 -95.15 -37.09 -37.66
CA LYS H 126 -95.03 -37.03 -39.12
C LYS H 126 -93.57 -37.14 -39.55
N SER H 127 -92.67 -36.49 -38.80
CA SER H 127 -91.26 -36.44 -39.20
C SER H 127 -90.62 -37.82 -39.17
N GLY H 128 -91.07 -38.69 -38.26
CA GLY H 128 -90.53 -40.02 -38.13
C GLY H 128 -89.89 -40.30 -36.78
N THR H 129 -90.06 -39.40 -35.82
CA THR H 129 -89.47 -39.54 -34.49
C THR H 129 -90.51 -39.15 -33.44
N ALA H 130 -90.45 -39.83 -32.29
CA ALA H 130 -91.37 -39.62 -31.18
C ALA H 130 -90.57 -39.32 -29.92
N SER H 131 -90.95 -38.27 -29.21
CA SER H 131 -90.31 -37.88 -27.96
C SER H 131 -91.38 -37.75 -26.88
N VAL H 132 -91.21 -38.48 -25.78
CA VAL H 132 -92.10 -38.40 -24.63
C VAL H 132 -91.39 -37.63 -23.52
N VAL H 133 -92.11 -36.71 -22.90
CA VAL H 133 -91.56 -35.82 -21.89
C VAL H 133 -92.24 -36.09 -20.55
N CYS H 134 -91.48 -35.99 -19.48
CA CYS H 134 -91.98 -36.14 -18.11
C CYS H 134 -91.45 -34.98 -17.29
N LEU H 135 -92.36 -34.17 -16.74
CA LEU H 135 -92.03 -32.97 -15.99
C LEU H 135 -92.26 -33.22 -14.50
N LEU H 136 -91.28 -32.85 -13.68
CA LEU H 136 -91.40 -32.84 -12.22
C LEU H 136 -91.23 -31.39 -11.78
N ASN H 137 -92.33 -30.73 -11.43
CA ASN H 137 -92.35 -29.28 -11.22
C ASN H 137 -92.29 -28.95 -9.74
N ASN H 138 -91.40 -28.01 -9.39
CA ASN H 138 -91.33 -27.41 -8.06
C ASN H 138 -91.22 -28.45 -6.96
N PHE H 139 -90.01 -28.90 -6.67
CA PHE H 139 -89.80 -29.98 -5.71
C PHE H 139 -88.45 -29.81 -5.05
N TYR H 140 -88.37 -30.24 -3.79
CA TYR H 140 -87.15 -30.16 -3.02
C TYR H 140 -87.14 -31.33 -2.06
N PRO H 141 -85.97 -31.99 -1.82
CA PRO H 141 -84.60 -31.74 -2.29
C PRO H 141 -84.34 -32.11 -3.76
N ARG H 142 -83.17 -31.72 -4.26
CA ARG H 142 -82.83 -31.93 -5.66
C ARG H 142 -82.82 -33.41 -6.04
N GLU H 143 -82.45 -34.29 -5.11
CA GLU H 143 -82.30 -35.70 -5.43
C GLU H 143 -83.64 -36.31 -5.83
N ALA H 144 -83.73 -36.76 -7.09
CA ALA H 144 -84.92 -37.39 -7.61
C ALA H 144 -84.52 -38.34 -8.73
N LYS H 145 -85.41 -39.31 -8.99
CA LYS H 145 -85.15 -40.37 -9.96
C LYS H 145 -86.38 -40.60 -10.79
N VAL H 146 -86.19 -40.73 -12.11
CA VAL H 146 -87.26 -40.96 -13.07
C VAL H 146 -86.95 -42.25 -13.81
N GLN H 147 -87.93 -43.15 -13.88
CA GLN H 147 -87.82 -44.41 -14.61
C GLN H 147 -88.92 -44.51 -15.66
N TRP H 148 -88.53 -44.74 -16.90
CA TRP H 148 -89.47 -44.86 -18.01
C TRP H 148 -89.93 -46.30 -18.15
N LYS H 149 -91.24 -46.47 -18.33
CA LYS H 149 -91.85 -47.79 -18.51
C LYS H 149 -92.76 -47.75 -19.72
N VAL H 150 -92.48 -48.60 -20.71
CA VAL H 150 -93.31 -48.74 -21.91
C VAL H 150 -93.87 -50.16 -21.89
N ASP H 151 -95.19 -50.27 -21.79
CA ASP H 151 -95.87 -51.56 -21.61
C ASP H 151 -95.32 -52.27 -20.36
N ASN H 152 -95.09 -51.49 -19.30
CA ASN H 152 -94.59 -52.01 -18.03
C ASN H 152 -93.23 -52.69 -18.22
N ALA H 153 -92.41 -52.12 -19.09
CA ALA H 153 -91.06 -52.61 -19.36
C ALA H 153 -90.10 -51.46 -19.16
N LEU H 154 -89.16 -51.62 -18.22
CA LEU H 154 -88.22 -50.56 -17.89
C LEU H 154 -87.39 -50.21 -19.11
N GLN H 155 -87.00 -48.94 -19.20
CA GLN H 155 -86.26 -48.40 -20.34
C GLN H 155 -84.96 -47.79 -19.84
N SER H 156 -83.91 -47.92 -20.66
CA SER H 156 -82.61 -47.35 -20.32
C SER H 156 -81.86 -47.07 -21.62
N GLY H 157 -80.96 -46.07 -21.55
CA GLY H 157 -80.12 -45.74 -22.66
C GLY H 157 -80.78 -44.91 -23.75
N ASN H 158 -82.06 -44.57 -23.58
CA ASN H 158 -82.79 -43.76 -24.54
C ASN H 158 -83.47 -42.55 -23.88
N SER H 159 -83.13 -42.24 -22.63
CA SER H 159 -83.74 -41.14 -21.90
C SER H 159 -82.66 -40.23 -21.35
N GLN H 160 -82.88 -38.93 -21.50
CA GLN H 160 -82.01 -37.89 -20.99
C GLN H 160 -82.84 -36.91 -20.18
N GLU H 161 -82.25 -36.40 -19.10
CA GLU H 161 -82.93 -35.46 -18.21
C GLU H 161 -82.10 -34.20 -18.01
N SER H 162 -82.80 -33.13 -17.63
CA SER H 162 -82.19 -31.85 -17.33
C SER H 162 -82.87 -31.25 -16.10
N VAL H 163 -82.09 -30.57 -15.27
CA VAL H 163 -82.57 -30.02 -14.00
C VAL H 163 -82.27 -28.52 -14.00
N THR H 164 -83.31 -27.71 -13.81
CA THR H 164 -83.09 -26.29 -13.65
C THR H 164 -82.40 -26.02 -12.32
N GLU H 165 -81.67 -24.91 -12.26
CA GLU H 165 -81.05 -24.49 -11.02
C GLU H 165 -82.11 -24.07 -10.01
N GLN H 166 -81.68 -23.93 -8.76
CA GLN H 166 -82.61 -23.63 -7.67
C GLN H 166 -83.34 -22.33 -7.93
N ASP H 167 -84.67 -22.36 -7.78
CA ASP H 167 -85.48 -21.18 -8.06
C ASP H 167 -85.13 -20.05 -7.10
N SER H 168 -85.38 -18.82 -7.55
CA SER H 168 -85.05 -17.66 -6.73
C SER H 168 -86.12 -17.37 -5.69
N LYS H 169 -87.40 -17.55 -6.07
CA LYS H 169 -88.49 -17.15 -5.19
C LYS H 169 -88.79 -18.22 -4.14
N ASP H 170 -89.00 -19.47 -4.57
CA ASP H 170 -89.39 -20.55 -3.67
C ASP H 170 -88.30 -21.59 -3.47
N SER H 171 -87.16 -21.47 -4.14
CA SER H 171 -85.99 -22.32 -3.89
C SER H 171 -86.26 -23.80 -4.20
N THR H 172 -87.19 -24.06 -5.11
CA THR H 172 -87.53 -25.41 -5.56
C THR H 172 -86.97 -25.65 -6.95
N TYR H 173 -86.56 -26.89 -7.19
CA TYR H 173 -86.03 -27.29 -8.49
C TYR H 173 -87.16 -27.73 -9.41
N SER H 174 -86.79 -28.12 -10.63
CA SER H 174 -87.70 -28.69 -11.60
C SER H 174 -86.89 -29.56 -12.54
N LEU H 175 -87.48 -30.67 -12.97
CA LEU H 175 -86.79 -31.68 -13.76
C LEU H 175 -87.59 -32.02 -15.01
N SER H 176 -86.88 -32.20 -16.13
CA SER H 176 -87.48 -32.55 -17.41
C SER H 176 -86.73 -33.72 -18.01
N SER H 177 -87.42 -34.85 -18.18
CA SER H 177 -86.87 -36.07 -18.74
C SER H 177 -87.48 -36.34 -20.10
N THR H 178 -86.64 -36.56 -21.11
CA THR H 178 -87.07 -36.76 -22.49
C THR H 178 -86.72 -38.17 -22.93
N LEU H 179 -87.74 -38.94 -23.31
CA LEU H 179 -87.56 -40.30 -23.86
C LEU H 179 -87.77 -40.23 -25.36
N THR H 180 -86.70 -40.48 -26.12
CA THR H 180 -86.71 -40.33 -27.58
C THR H 180 -86.71 -41.71 -28.22
N LEU H 181 -87.78 -42.02 -28.96
CA LEU H 181 -87.91 -43.22 -29.76
C LEU H 181 -88.34 -42.85 -31.17
N SER H 182 -88.23 -43.80 -32.09
CA SER H 182 -88.63 -43.59 -33.47
C SER H 182 -90.14 -43.76 -33.63
N LYS H 183 -90.64 -43.36 -34.80
CA LYS H 183 -92.07 -43.47 -35.09
C LYS H 183 -92.52 -44.93 -35.00
N ALA H 184 -91.82 -45.81 -35.71
CA ALA H 184 -92.23 -47.21 -35.74
C ALA H 184 -92.20 -47.83 -34.35
N ASP H 185 -91.09 -47.61 -33.62
CA ASP H 185 -90.99 -48.14 -32.27
C ASP H 185 -92.09 -47.58 -31.38
N TYR H 186 -92.43 -46.30 -31.57
CA TYR H 186 -93.47 -45.69 -30.76
C TYR H 186 -94.83 -46.33 -31.01
N GLU H 187 -95.10 -46.72 -32.26
CA GLU H 187 -96.40 -47.26 -32.61
C GLU H 187 -96.57 -48.73 -32.23
N LYS H 188 -95.46 -49.47 -32.05
CA LYS H 188 -95.59 -50.89 -31.72
C LYS H 188 -96.18 -51.09 -30.32
N HIS H 189 -95.90 -50.18 -29.40
CA HIS H 189 -96.32 -50.30 -28.02
C HIS H 189 -97.54 -49.41 -27.78
N LYS H 190 -98.10 -49.52 -26.57
CA LYS H 190 -99.39 -48.90 -26.25
C LYS H 190 -99.28 -47.96 -25.04
N VAL H 191 -98.86 -48.47 -23.88
CA VAL H 191 -98.87 -47.72 -22.63
C VAL H 191 -97.49 -47.15 -22.37
N TYR H 192 -97.42 -45.84 -22.12
CA TYR H 192 -96.19 -45.16 -21.76
C TYR H 192 -96.38 -44.46 -20.41
N ALA H 193 -95.35 -44.52 -19.58
CA ALA H 193 -95.42 -44.03 -18.21
C ALA H 193 -94.02 -43.72 -17.72
N CYS H 194 -93.89 -42.62 -16.97
CA CYS H 194 -92.66 -42.29 -16.26
C CYS H 194 -92.90 -42.48 -14.76
N GLU H 195 -91.98 -43.22 -14.13
CA GLU H 195 -92.08 -43.56 -12.71
C GLU H 195 -91.14 -42.65 -11.91
N VAL H 196 -91.72 -41.83 -11.02
CA VAL H 196 -90.98 -40.84 -10.26
C VAL H 196 -90.74 -41.37 -8.85
N THR H 197 -89.48 -41.38 -8.42
CA THR H 197 -89.09 -41.67 -7.04
C THR H 197 -88.51 -40.41 -6.41
N HIS H 198 -89.04 -40.01 -5.25
CA HIS H 198 -88.60 -38.80 -4.58
C HIS H 198 -88.79 -38.94 -3.08
N GLN H 199 -87.97 -38.20 -2.31
CA GLN H 199 -87.97 -38.33 -0.85
C GLN H 199 -89.32 -37.96 -0.27
N GLY H 200 -89.99 -36.95 -0.83
CA GLY H 200 -91.29 -36.55 -0.32
C GLY H 200 -92.39 -37.53 -0.60
N LEU H 201 -92.12 -38.57 -1.40
CA LEU H 201 -93.07 -39.63 -1.71
C LEU H 201 -92.62 -40.90 -0.99
N SER H 202 -93.60 -41.71 -0.58
CA SER H 202 -93.28 -42.98 0.06
C SER H 202 -92.92 -44.04 -0.97
N SER H 203 -93.75 -44.19 -1.99
CA SER H 203 -93.59 -45.16 -3.07
C SER H 203 -93.61 -44.40 -4.38
N PRO H 204 -93.07 -44.96 -5.45
CA PRO H 204 -92.96 -44.19 -6.69
C PRO H 204 -94.31 -43.85 -7.32
N VAL H 205 -94.44 -42.59 -7.75
CA VAL H 205 -95.61 -42.13 -8.50
C VAL H 205 -95.44 -42.52 -9.97
N THR H 206 -96.57 -42.74 -10.64
CA THR H 206 -96.59 -43.10 -12.05
C THR H 206 -97.66 -42.26 -12.75
N LYS H 207 -97.23 -41.41 -13.68
CA LYS H 207 -98.14 -40.73 -14.60
C LYS H 207 -97.99 -41.39 -15.97
N SER H 208 -99.13 -41.77 -16.55
CA SER H 208 -99.15 -42.59 -17.76
C SER H 208 -100.25 -42.13 -18.70
N PHE H 209 -100.22 -42.70 -19.91
CA PHE H 209 -101.25 -42.52 -20.91
C PHE H 209 -101.13 -43.70 -21.89
N ASN H 210 -102.12 -43.82 -22.77
CA ASN H 210 -102.13 -44.85 -23.81
C ASN H 210 -102.06 -44.16 -25.16
N ARG H 211 -101.29 -44.73 -26.07
CA ARG H 211 -101.10 -44.13 -27.38
C ARG H 211 -102.40 -44.05 -28.15
N GLY H 212 -102.76 -42.84 -28.57
CA GLY H 212 -104.00 -42.59 -29.26
C GLY H 212 -105.22 -42.61 -28.37
N GLU H 213 -105.05 -42.36 -27.07
CA GLU H 213 -106.19 -42.27 -26.17
C GLU H 213 -106.92 -40.94 -26.35
N CYS H 214 -106.16 -39.85 -26.44
CA CYS H 214 -106.68 -38.50 -26.65
C CYS H 214 -107.86 -38.13 -25.76
N GLN I 37 -33.84 -2.28 -12.70
CA GLN I 37 -32.85 -3.23 -12.21
C GLN I 37 -33.43 -4.03 -11.03
N PRO I 38 -33.23 -5.38 -11.01
CA PRO I 38 -33.68 -6.14 -9.84
C PRO I 38 -32.59 -6.29 -8.80
N LEU I 39 -32.78 -5.75 -7.59
CA LEU I 39 -31.72 -5.82 -6.61
C LEU I 39 -31.71 -7.15 -5.84
N ASP I 40 -32.87 -7.79 -5.71
CA ASP I 40 -33.01 -9.11 -5.11
C ASP I 40 -33.60 -10.04 -6.15
N CYS I 41 -33.89 -11.27 -5.76
CA CYS I 41 -34.46 -12.25 -6.67
C CYS I 41 -35.98 -12.35 -6.58
N ASP I 42 -36.60 -11.84 -5.52
CA ASP I 42 -38.05 -11.71 -5.53
C ASP I 42 -38.49 -10.67 -6.55
N ASP I 43 -37.64 -9.67 -6.81
CA ASP I 43 -37.90 -8.76 -7.91
C ASP I 43 -37.88 -9.51 -9.23
N ILE I 44 -36.93 -10.44 -9.39
CA ILE I 44 -36.82 -11.20 -10.63
C ILE I 44 -38.10 -11.99 -10.89
N TYR I 45 -38.73 -12.51 -9.84
CA TYR I 45 -40.05 -13.12 -10.00
C TYR I 45 -41.01 -12.13 -10.65
N ALA I 46 -40.99 -10.87 -10.20
CA ALA I 46 -41.83 -9.86 -10.82
C ALA I 46 -41.34 -9.49 -12.21
N GLN I 47 -40.03 -9.57 -12.47
CA GLN I 47 -39.52 -9.31 -13.81
C GLN I 47 -40.13 -10.26 -14.84
N GLY I 48 -40.42 -11.50 -14.43
CA GLY I 48 -41.08 -12.47 -15.29
C GLY I 48 -40.33 -13.77 -15.49
N TYR I 49 -39.40 -14.08 -14.58
CA TYR I 49 -38.55 -15.27 -14.66
C TYR I 49 -38.82 -16.15 -13.44
N GLN I 50 -39.13 -17.42 -13.69
CA GLN I 50 -39.54 -18.35 -12.64
C GLN I 50 -38.76 -19.67 -12.66
N SER I 51 -37.89 -19.89 -13.64
CA SER I 51 -37.04 -21.08 -13.65
C SER I 51 -35.84 -20.86 -12.76
N ASP I 52 -35.62 -21.78 -11.80
CA ASP I 52 -34.51 -21.64 -10.88
C ASP I 52 -33.19 -21.84 -11.61
N GLY I 53 -32.27 -20.89 -11.43
CA GLY I 53 -31.00 -20.94 -12.11
C GLY I 53 -30.16 -19.73 -11.76
N VAL I 54 -29.13 -19.48 -12.56
CA VAL I 54 -28.26 -18.33 -12.33
C VAL I 54 -28.95 -17.09 -12.84
N TYR I 55 -28.90 -16.02 -12.03
CA TYR I 55 -29.50 -14.74 -12.38
C TYR I 55 -28.63 -13.61 -11.84
N LEU I 56 -28.75 -12.44 -12.49
CA LEU I 56 -28.04 -11.23 -12.07
C LEU I 56 -28.97 -10.30 -11.31
N ILE I 57 -28.50 -9.84 -10.16
CA ILE I 57 -29.18 -8.83 -9.36
C ILE I 57 -28.18 -7.73 -9.01
N TYR I 58 -28.72 -6.54 -8.76
CA TYR I 58 -27.92 -5.35 -8.52
C TYR I 58 -28.07 -4.88 -7.08
N PRO I 59 -27.40 -5.54 -6.12
CA PRO I 59 -27.56 -5.14 -4.72
C PRO I 59 -26.89 -3.82 -4.40
N SER I 60 -25.70 -3.58 -4.95
CA SER I 60 -25.04 -2.30 -4.77
C SER I 60 -25.83 -1.25 -5.53
N GLY I 61 -25.80 -1.33 -6.85
CA GLY I 61 -26.51 -0.40 -7.69
C GLY I 61 -26.44 -0.83 -9.13
N PRO I 62 -26.96 -0.02 -10.05
CA PRO I 62 -26.90 -0.39 -11.48
C PRO I 62 -25.48 -0.50 -12.02
N SER I 63 -24.48 -0.03 -11.28
CA SER I 63 -23.09 -0.06 -11.75
C SER I 63 -22.59 -1.48 -11.95
N VAL I 64 -22.66 -2.31 -10.90
CA VAL I 64 -22.07 -3.65 -10.91
C VAL I 64 -23.07 -4.70 -10.45
N PRO I 65 -23.34 -5.74 -11.22
CA PRO I 65 -24.13 -6.87 -10.70
C PRO I 65 -23.28 -7.95 -10.03
N VAL I 66 -23.98 -8.90 -9.42
CA VAL I 66 -23.35 -10.09 -8.85
C VAL I 66 -24.26 -11.28 -9.15
N PRO I 67 -23.78 -12.36 -9.76
CA PRO I 67 -24.68 -13.49 -10.06
C PRO I 67 -24.99 -14.33 -8.83
N VAL I 68 -26.22 -14.83 -8.79
CA VAL I 68 -26.66 -15.73 -7.73
C VAL I 68 -27.52 -16.80 -8.35
N PHE I 69 -27.72 -17.88 -7.61
CA PHE I 69 -28.66 -18.93 -7.96
C PHE I 69 -29.90 -18.72 -7.09
N CYS I 70 -31.06 -18.84 -7.72
CA CYS I 70 -32.33 -18.60 -7.06
C CYS I 70 -33.17 -19.86 -7.11
N ASP I 71 -33.79 -20.18 -5.97
CA ASP I 71 -34.64 -21.36 -5.86
C ASP I 71 -36.09 -20.89 -5.95
N MET I 72 -36.55 -20.72 -7.20
CA MET I 72 -37.93 -20.36 -7.50
C MET I 72 -38.92 -21.50 -7.30
N THR I 73 -38.49 -22.66 -6.81
CA THR I 73 -39.36 -23.80 -6.62
C THR I 73 -39.80 -23.97 -5.16
N THR I 74 -38.87 -23.87 -4.22
CA THR I 74 -39.14 -24.30 -2.85
C THR I 74 -40.12 -23.35 -2.20
N GLU I 75 -41.23 -23.91 -1.69
CA GLU I 75 -42.24 -23.18 -0.93
C GLU I 75 -42.67 -21.92 -1.67
N GLY I 76 -43.03 -22.11 -2.94
CA GLY I 76 -43.43 -21.00 -3.77
C GLY I 76 -42.30 -20.24 -4.44
N GLY I 77 -41.06 -20.44 -4.02
CA GLY I 77 -39.93 -19.84 -4.67
C GLY I 77 -39.50 -18.47 -4.17
N LYS I 78 -38.92 -17.67 -5.08
CA LYS I 78 -38.45 -16.32 -4.75
C LYS I 78 -37.33 -16.35 -3.72
N TRP I 79 -36.55 -17.43 -3.70
CA TRP I 79 -35.45 -17.57 -2.75
C TRP I 79 -34.16 -17.07 -3.38
N THR I 80 -33.45 -16.20 -2.66
CA THR I 80 -32.09 -15.80 -3.01
C THR I 80 -31.13 -16.62 -2.17
N VAL I 81 -30.18 -17.29 -2.82
CA VAL I 81 -29.27 -18.21 -2.17
C VAL I 81 -27.92 -17.53 -2.04
N PHE I 82 -27.42 -17.44 -0.81
CA PHE I 82 -26.12 -16.85 -0.52
C PHE I 82 -25.10 -17.89 -0.05
N GLN I 83 -25.35 -19.17 -0.35
CA GLN I 83 -24.62 -20.28 0.24
C GLN I 83 -25.05 -21.55 -0.49
N LYS I 84 -24.11 -22.28 -1.10
CA LYS I 84 -24.40 -23.56 -1.74
C LYS I 84 -23.23 -24.51 -1.53
N ARG I 85 -23.55 -25.77 -1.21
CA ARG I 85 -22.54 -26.80 -1.03
C ARG I 85 -23.17 -28.15 -1.35
N PHE I 86 -22.41 -29.00 -2.04
CA PHE I 86 -22.91 -30.33 -2.39
C PHE I 86 -21.78 -31.20 -2.95
N ASN I 87 -20.98 -30.66 -3.88
CA ASN I 87 -19.90 -31.42 -4.50
C ASN I 87 -18.72 -31.58 -3.55
N GLY I 88 -18.53 -30.62 -2.64
CA GLY I 88 -17.37 -30.56 -1.78
C GLY I 88 -16.12 -30.04 -2.44
N SER I 89 -16.16 -29.72 -3.74
CA SER I 89 -14.95 -29.33 -4.45
C SER I 89 -14.42 -28.00 -3.95
N VAL I 90 -15.26 -26.97 -3.90
CA VAL I 90 -14.82 -25.67 -3.43
C VAL I 90 -14.56 -25.73 -1.93
N SER I 91 -13.38 -25.28 -1.51
CA SER I 91 -13.03 -25.23 -0.10
C SER I 91 -13.55 -23.95 0.52
N PHE I 92 -14.25 -24.07 1.64
CA PHE I 92 -14.79 -22.92 2.35
C PHE I 92 -13.89 -22.46 3.50
N PHE I 93 -12.72 -23.06 3.69
CA PHE I 93 -11.76 -22.57 4.69
C PHE I 93 -10.94 -21.47 4.02
N ARG I 94 -11.58 -20.30 3.88
CA ARG I 94 -11.03 -19.13 3.21
C ARG I 94 -10.88 -17.99 4.21
N GLY I 95 -10.32 -16.87 3.71
CA GLY I 95 -10.05 -15.72 4.54
C GLY I 95 -11.22 -14.76 4.65
N TRP I 96 -11.03 -13.75 5.51
CA TRP I 96 -12.07 -12.75 5.73
C TRP I 96 -12.36 -11.95 4.46
N ASN I 97 -11.36 -11.71 3.62
CA ASN I 97 -11.61 -10.92 2.42
C ASN I 97 -12.46 -11.68 1.43
N ASP I 98 -12.18 -12.98 1.23
CA ASP I 98 -12.98 -13.78 0.32
C ASP I 98 -14.43 -13.84 0.80
N TYR I 99 -14.63 -13.92 2.11
CA TYR I 99 -15.97 -13.95 2.67
C TYR I 99 -16.66 -12.58 2.68
N LYS I 100 -15.91 -11.48 2.60
CA LYS I 100 -16.55 -10.18 2.47
C LYS I 100 -17.04 -9.97 1.04
N LEU I 101 -16.14 -10.14 0.06
CA LEU I 101 -16.50 -9.92 -1.34
C LEU I 101 -17.22 -11.12 -1.96
N GLY I 102 -17.12 -12.29 -1.35
CA GLY I 102 -17.69 -13.50 -1.90
C GLY I 102 -16.72 -14.27 -2.76
N PHE I 103 -17.02 -15.56 -2.94
CA PHE I 103 -16.14 -16.49 -3.65
C PHE I 103 -16.95 -17.68 -4.13
N GLY I 104 -16.60 -18.20 -5.31
CA GLY I 104 -17.17 -19.42 -5.85
C GLY I 104 -17.96 -19.15 -7.11
N ARG I 105 -18.61 -20.22 -7.59
CA ARG I 105 -19.39 -20.18 -8.81
C ARG I 105 -20.87 -20.29 -8.49
N ALA I 106 -21.66 -19.34 -9.01
CA ALA I 106 -23.11 -19.35 -8.82
C ALA I 106 -23.76 -20.63 -9.34
N ASP I 107 -23.11 -21.34 -10.27
CA ASP I 107 -23.64 -22.62 -10.73
C ASP I 107 -23.65 -23.62 -9.58
N GLY I 108 -22.47 -23.98 -9.09
CA GLY I 108 -22.30 -24.96 -8.04
C GLY I 108 -22.16 -24.33 -6.68
N GLU I 109 -21.14 -24.75 -5.95
CA GLU I 109 -20.93 -24.24 -4.59
C GLU I 109 -20.40 -22.81 -4.66
N TYR I 110 -20.89 -21.97 -3.75
CA TYR I 110 -20.41 -20.59 -3.70
C TYR I 110 -20.84 -19.94 -2.39
N TRP I 111 -20.32 -18.73 -2.18
CA TRP I 111 -20.69 -17.86 -1.08
C TRP I 111 -20.87 -16.48 -1.66
N LEU I 112 -22.06 -15.89 -1.45
CA LEU I 112 -22.40 -14.67 -2.17
C LEU I 112 -21.52 -13.49 -1.75
N GLY I 113 -21.15 -13.43 -0.48
CA GLY I 113 -20.33 -12.33 0.03
C GLY I 113 -21.08 -11.56 1.09
N LEU I 114 -20.40 -11.32 2.21
CA LEU I 114 -21.04 -10.69 3.37
C LEU I 114 -21.50 -9.27 3.05
N GLN I 115 -20.72 -8.53 2.25
CA GLN I 115 -21.11 -7.16 1.93
C GLN I 115 -22.42 -7.14 1.17
N ASN I 116 -22.48 -7.90 0.06
CA ASN I 116 -23.71 -8.03 -0.71
C ASN I 116 -24.89 -8.40 0.17
N MET I 117 -24.72 -9.43 1.02
CA MET I 117 -25.75 -9.81 1.98
C MET I 117 -26.20 -8.61 2.81
N HIS I 118 -25.25 -7.80 3.27
CA HIS I 118 -25.62 -6.62 4.06
C HIS I 118 -26.45 -5.63 3.23
N LEU I 119 -26.11 -5.42 1.95
CA LEU I 119 -26.89 -4.47 1.16
C LEU I 119 -28.34 -4.92 1.05
N LEU I 120 -28.58 -6.22 0.88
CA LEU I 120 -29.96 -6.68 0.80
C LEU I 120 -30.68 -6.45 2.12
N THR I 121 -30.16 -7.04 3.20
CA THR I 121 -30.81 -6.95 4.51
C THR I 121 -30.93 -5.52 5.01
N LEU I 122 -30.12 -4.60 4.52
CA LEU I 122 -30.18 -3.23 5.02
C LEU I 122 -31.43 -2.50 4.54
N LYS I 123 -31.83 -2.72 3.28
CA LYS I 123 -32.90 -1.95 2.65
C LYS I 123 -34.24 -2.68 2.57
N GLN I 124 -34.28 -3.98 2.87
CA GLN I 124 -35.52 -4.73 2.91
C GLN I 124 -35.47 -5.76 4.03
N LYS I 125 -36.66 -6.14 4.50
CA LYS I 125 -36.81 -7.16 5.53
C LYS I 125 -36.95 -8.52 4.87
N TYR I 126 -36.25 -9.52 5.43
CA TYR I 126 -36.06 -10.80 4.77
C TYR I 126 -36.34 -11.98 5.71
N GLU I 127 -36.64 -13.11 5.09
CA GLU I 127 -36.92 -14.38 5.75
C GLU I 127 -35.82 -15.38 5.42
N LEU I 128 -35.47 -16.23 6.38
CA LEU I 128 -34.38 -17.19 6.24
C LEU I 128 -34.92 -18.62 6.15
N ARG I 129 -34.30 -19.41 5.27
CA ARG I 129 -34.52 -20.84 5.19
C ARG I 129 -33.18 -21.48 4.84
N VAL I 130 -32.80 -22.54 5.58
CA VAL I 130 -31.62 -23.33 5.28
C VAL I 130 -32.09 -24.76 4.98
N ASP I 131 -31.54 -25.35 3.93
CA ASP I 131 -31.92 -26.69 3.48
C ASP I 131 -30.70 -27.60 3.55
N LEU I 132 -30.87 -28.75 4.21
CA LEU I 132 -29.77 -29.66 4.51
C LEU I 132 -30.12 -31.05 4.03
N GLU I 133 -29.09 -31.84 3.78
CA GLU I 133 -29.26 -33.24 3.39
C GLU I 133 -28.03 -34.03 3.81
N ASP I 134 -28.27 -35.22 4.34
CA ASP I 134 -27.23 -36.13 4.78
C ASP I 134 -26.94 -37.14 3.66
N PHE I 135 -26.15 -38.18 3.99
CA PHE I 135 -25.81 -39.23 3.05
C PHE I 135 -26.76 -40.42 3.10
N GLU I 136 -27.89 -40.30 3.81
CA GLU I 136 -28.88 -41.36 3.90
C GLU I 136 -30.17 -41.02 3.15
N ASN I 137 -30.10 -40.10 2.19
CA ASN I 137 -31.26 -39.70 1.40
C ASN I 137 -32.36 -39.11 2.28
N ASN I 138 -31.97 -38.25 3.22
CA ASN I 138 -32.90 -37.53 4.08
C ASN I 138 -32.68 -36.04 3.93
N THR I 139 -33.78 -35.29 4.05
CA THR I 139 -33.79 -33.85 3.90
C THR I 139 -34.31 -33.23 5.18
N ALA I 140 -33.89 -32.00 5.44
CA ALA I 140 -34.32 -31.28 6.62
C ALA I 140 -34.14 -29.80 6.36
N TYR I 141 -34.71 -28.97 7.23
CA TYR I 141 -34.59 -27.52 7.05
C TYR I 141 -35.01 -26.83 8.34
N ALA I 142 -34.75 -25.53 8.38
CA ALA I 142 -35.16 -24.68 9.48
C ALA I 142 -35.40 -23.28 8.93
N LYS I 143 -36.46 -22.64 9.40
CA LYS I 143 -36.86 -21.31 8.94
C LYS I 143 -36.83 -20.32 10.10
N TYR I 144 -36.45 -19.08 9.78
CA TYR I 144 -36.40 -17.98 10.74
C TYR I 144 -37.08 -16.77 10.12
N ALA I 145 -38.05 -16.21 10.84
CA ALA I 145 -38.91 -15.16 10.29
C ALA I 145 -38.11 -13.94 9.87
N ASP I 146 -37.31 -13.38 10.79
CA ASP I 146 -36.49 -12.22 10.52
C ASP I 146 -35.03 -12.66 10.37
N PHE I 147 -34.31 -11.97 9.50
CA PHE I 147 -32.89 -12.25 9.30
C PHE I 147 -32.22 -10.98 8.80
N SER I 148 -31.08 -10.64 9.38
CA SER I 148 -30.39 -9.41 9.04
C SER I 148 -28.91 -9.56 9.35
N ILE I 149 -28.08 -8.86 8.57
CA ILE I 149 -26.65 -8.76 8.79
C ILE I 149 -26.38 -7.32 9.22
N SER I 150 -25.88 -7.17 10.45
CA SER I 150 -25.50 -5.87 11.01
C SER I 150 -26.64 -4.84 10.87
N PRO I 151 -27.83 -5.15 11.38
CA PRO I 151 -28.96 -4.25 11.16
C PRO I 151 -28.78 -2.94 11.90
N ASN I 152 -29.16 -1.85 11.22
CA ASN I 152 -29.09 -0.50 11.80
C ASN I 152 -27.66 -0.14 12.21
N ALA I 153 -26.68 -0.66 11.47
CA ALA I 153 -25.27 -0.35 11.68
C ALA I 153 -24.80 0.63 10.61
N VAL I 154 -24.21 1.74 11.04
CA VAL I 154 -23.74 2.74 10.09
C VAL I 154 -22.64 2.19 9.19
N SER I 155 -21.89 1.19 9.67
CA SER I 155 -20.88 0.53 8.86
C SER I 155 -20.80 -0.93 9.26
N ALA I 156 -20.95 -1.82 8.27
CA ALA I 156 -20.97 -3.25 8.56
C ALA I 156 -19.60 -3.74 9.04
N GLU I 157 -18.52 -3.21 8.46
CA GLU I 157 -17.18 -3.60 8.86
C GLU I 157 -16.96 -3.43 10.36
N GLU I 158 -17.23 -2.23 10.87
CA GLU I 158 -17.02 -1.94 12.29
C GLU I 158 -17.80 -2.90 13.17
N ASP I 159 -19.02 -3.21 12.79
CA ASP I 159 -19.84 -4.13 13.57
C ASP I 159 -19.47 -5.59 13.32
N GLY I 160 -18.51 -5.87 12.44
CA GLY I 160 -18.12 -7.24 12.21
C GLY I 160 -19.19 -8.06 11.52
N TYR I 161 -20.16 -7.42 10.90
CA TYR I 161 -21.27 -8.07 10.22
C TYR I 161 -22.00 -9.04 11.16
N THR I 162 -22.55 -8.49 12.24
CA THR I 162 -23.30 -9.31 13.19
C THR I 162 -24.48 -9.98 12.50
N LEU I 163 -24.78 -11.20 12.94
CA LEU I 163 -25.91 -11.98 12.46
C LEU I 163 -27.05 -11.83 13.46
N PHE I 164 -28.25 -11.55 12.94
CA PHE I 164 -29.45 -11.47 13.77
C PHE I 164 -30.52 -12.34 13.13
N VAL I 165 -31.11 -13.21 13.93
CA VAL I 165 -32.25 -14.04 13.53
C VAL I 165 -33.25 -14.04 14.68
N ALA I 166 -34.53 -13.96 14.34
CA ALA I 166 -35.60 -13.86 15.33
C ALA I 166 -36.44 -15.14 15.31
N GLY I 167 -37.78 -15.01 15.39
CA GLY I 167 -38.69 -16.14 15.42
C GLY I 167 -38.39 -17.28 14.46
N PHE I 168 -38.38 -18.49 15.00
CA PHE I 168 -37.92 -19.68 14.31
C PHE I 168 -39.08 -20.66 14.12
N GLU I 169 -39.33 -21.05 12.88
CA GLU I 169 -40.30 -22.09 12.55
C GLU I 169 -39.56 -23.39 12.26
N ASP I 170 -39.94 -24.45 12.96
CA ASP I 170 -39.19 -25.70 12.88
C ASP I 170 -39.55 -26.50 11.64
N GLY I 171 -38.52 -27.00 10.96
CA GLY I 171 -38.66 -27.95 9.88
C GLY I 171 -38.11 -29.30 10.30
N GLY I 172 -37.30 -29.92 9.43
CA GLY I 172 -36.69 -31.18 9.79
C GLY I 172 -35.63 -31.04 10.86
N ALA I 173 -34.75 -30.05 10.70
CA ALA I 173 -33.64 -29.84 11.62
C ALA I 173 -34.08 -29.01 12.81
N GLY I 174 -33.22 -28.99 13.83
CA GLY I 174 -33.50 -28.21 15.02
C GLY I 174 -33.10 -26.75 14.82
N ASP I 175 -33.02 -26.04 15.93
CA ASP I 175 -32.67 -24.63 15.96
C ASP I 175 -31.25 -24.47 16.47
N SER I 176 -30.31 -24.32 15.54
CA SER I 176 -28.92 -24.05 15.86
C SER I 176 -28.55 -22.58 15.73
N LEU I 177 -29.21 -21.83 14.83
CA LEU I 177 -28.79 -20.47 14.53
C LEU I 177 -29.16 -19.48 15.64
N SER I 178 -30.23 -19.76 16.40
CA SER I 178 -30.59 -18.85 17.48
C SER I 178 -29.47 -18.71 18.50
N TYR I 179 -28.67 -19.77 18.67
CA TYR I 179 -27.48 -19.67 19.51
C TYR I 179 -26.47 -18.67 18.95
N HIS I 180 -26.46 -18.49 17.63
CA HIS I 180 -25.46 -17.65 16.98
C HIS I 180 -25.87 -16.18 16.86
N SER I 181 -27.15 -15.86 17.08
CA SER I 181 -27.63 -14.50 16.86
C SER I 181 -26.89 -13.51 17.74
N GLY I 182 -26.50 -12.38 17.14
CA GLY I 182 -25.79 -11.35 17.84
C GLY I 182 -24.28 -11.47 17.80
N GLN I 183 -23.72 -12.42 17.07
CA GLN I 183 -22.29 -12.68 17.03
C GLN I 183 -21.70 -12.19 15.72
N LYS I 184 -20.52 -11.58 15.81
CA LYS I 184 -19.82 -11.11 14.63
C LYS I 184 -19.29 -12.28 13.83
N PHE I 185 -19.09 -12.04 12.53
CA PHE I 185 -18.57 -13.08 11.65
C PHE I 185 -17.06 -13.16 11.84
N SER I 186 -16.56 -14.39 11.97
CA SER I 186 -15.19 -14.63 12.36
C SER I 186 -14.50 -15.55 11.35
N THR I 187 -13.21 -15.30 11.13
CA THR I 187 -12.38 -16.14 10.29
C THR I 187 -11.05 -16.34 10.98
N PHE I 188 -10.25 -17.28 10.47
CA PHE I 188 -8.88 -17.42 10.95
C PHE I 188 -8.05 -16.15 10.73
N ASP I 189 -8.48 -15.28 9.82
CA ASP I 189 -7.88 -13.95 9.73
C ASP I 189 -8.31 -13.06 10.89
N ARG I 190 -9.62 -13.01 11.14
CA ARG I 190 -10.20 -12.11 12.12
C ARG I 190 -10.99 -12.91 13.15
N ASP I 191 -10.49 -12.96 14.37
CA ASP I 191 -11.15 -13.66 15.46
C ASP I 191 -12.04 -12.65 16.17
N GLN I 192 -13.35 -12.82 16.04
CA GLN I 192 -14.33 -12.03 16.76
C GLN I 192 -15.05 -12.82 17.85
N ASP I 193 -14.87 -14.15 17.87
CA ASP I 193 -15.63 -15.01 18.77
C ASP I 193 -15.35 -14.66 20.23
N LEU I 194 -16.22 -15.18 21.11
CA LEU I 194 -16.09 -14.97 22.54
C LEU I 194 -15.16 -15.98 23.20
N PHE I 195 -14.47 -16.81 22.43
CA PHE I 195 -13.62 -17.86 22.95
C PHE I 195 -12.18 -17.37 22.99
N VAL I 196 -11.45 -17.78 24.03
CA VAL I 196 -10.04 -17.38 24.14
C VAL I 196 -9.25 -17.90 22.95
N GLN I 197 -9.54 -19.12 22.50
CA GLN I 197 -8.92 -19.67 21.32
C GLN I 197 -9.57 -19.05 20.08
N ASN I 198 -9.12 -19.50 18.91
CA ASN I 198 -9.69 -19.07 17.63
C ASN I 198 -10.63 -20.17 17.17
N CYS I 199 -11.91 -20.02 17.54
CA CYS I 199 -12.90 -21.05 17.23
C CYS I 199 -13.04 -21.25 15.73
N ALA I 200 -12.81 -20.21 14.94
CA ALA I 200 -12.84 -20.37 13.48
C ALA I 200 -11.75 -21.33 13.02
N ALA I 201 -10.57 -21.28 13.64
CA ALA I 201 -9.50 -22.18 13.25
C ALA I 201 -9.80 -23.62 13.65
N LEU I 202 -10.35 -23.82 14.86
CA LEU I 202 -10.63 -25.16 15.33
C LEU I 202 -11.74 -25.83 14.54
N SER I 203 -12.67 -25.04 14.00
CA SER I 203 -13.84 -25.57 13.31
C SER I 203 -13.63 -25.74 11.80
N SER I 204 -12.46 -25.36 11.28
CA SER I 204 -12.16 -25.51 9.84
C SER I 204 -13.20 -24.80 8.98
N GLY I 205 -13.56 -23.59 9.37
CA GLY I 205 -14.55 -22.85 8.61
C GLY I 205 -14.67 -21.44 9.12
N ALA I 206 -15.72 -20.76 8.66
CA ALA I 206 -16.04 -19.40 9.07
C ALA I 206 -17.51 -19.33 9.43
N PHE I 207 -17.83 -18.64 10.52
CA PHE I 207 -19.21 -18.52 10.97
C PHE I 207 -19.27 -17.47 12.06
N TRP I 208 -20.50 -17.09 12.41
CA TRP I 208 -20.76 -16.17 13.51
C TRP I 208 -20.64 -16.97 14.81
N PHE I 209 -19.40 -17.14 15.26
CA PHE I 209 -19.09 -18.04 16.36
C PHE I 209 -19.29 -17.35 17.70
N ARG I 210 -19.66 -18.15 18.70
CA ARG I 210 -19.80 -17.71 20.08
C ARG I 210 -18.67 -18.33 20.90
N SER I 211 -18.94 -19.04 22.00
CA SER I 211 -17.91 -19.88 22.59
C SER I 211 -17.44 -20.91 21.57
N CYS I 212 -18.38 -21.52 20.87
CA CYS I 212 -18.14 -22.22 19.61
C CYS I 212 -19.50 -22.65 19.07
N HIS I 213 -19.50 -23.02 17.80
CA HIS I 213 -20.74 -23.13 17.05
C HIS I 213 -21.62 -24.28 17.51
N PHE I 214 -22.93 -24.13 17.26
CA PHE I 214 -23.83 -25.24 17.06
C PHE I 214 -24.11 -25.51 15.58
N ALA I 215 -23.75 -24.57 14.70
CA ALA I 215 -23.89 -24.75 13.25
C ALA I 215 -22.66 -24.19 12.56
N ASN I 216 -21.96 -25.03 11.82
CA ASN I 216 -20.74 -24.65 11.09
C ASN I 216 -20.94 -25.01 9.61
N LEU I 217 -21.87 -24.33 8.97
CA LEU I 217 -22.20 -24.67 7.58
C LEU I 217 -21.09 -24.34 6.59
N ASN I 218 -19.97 -23.77 7.04
CA ASN I 218 -18.79 -23.56 6.22
C ASN I 218 -17.61 -24.41 6.67
N GLY I 219 -17.86 -25.44 7.48
CA GLY I 219 -16.79 -26.30 7.94
C GLY I 219 -16.20 -27.10 6.80
N PHE I 220 -15.25 -27.96 7.14
CA PHE I 220 -14.57 -28.76 6.14
C PHE I 220 -15.47 -29.90 5.67
N TYR I 221 -15.45 -30.18 4.37
CA TYR I 221 -16.39 -31.14 3.79
C TYR I 221 -15.80 -32.54 4.02
N LEU I 222 -16.07 -33.07 5.20
CA LEU I 222 -15.58 -34.38 5.63
C LEU I 222 -16.46 -35.54 5.17
N GLY I 223 -17.60 -35.25 4.52
CA GLY I 223 -18.38 -36.25 3.82
C GLY I 223 -18.83 -37.47 4.60
N GLY I 224 -19.68 -37.26 5.62
CA GLY I 224 -20.22 -38.33 6.43
C GLY I 224 -19.85 -38.15 7.89
N SER I 225 -19.61 -39.26 8.58
CA SER I 225 -19.20 -39.20 9.97
C SER I 225 -17.70 -38.96 10.06
N HIS I 226 -17.30 -38.29 11.14
CA HIS I 226 -15.91 -37.97 11.38
C HIS I 226 -15.62 -38.00 12.86
N LEU I 227 -14.42 -38.46 13.22
CA LEU I 227 -14.04 -38.59 14.62
C LEU I 227 -13.56 -37.27 15.21
N SER I 228 -13.23 -36.28 14.38
CA SER I 228 -12.86 -34.97 14.88
C SER I 228 -14.11 -34.22 15.38
N TYR I 229 -13.88 -33.23 16.24
CA TYR I 229 -14.95 -32.57 16.98
C TYR I 229 -15.33 -31.27 16.29
N ALA I 230 -16.53 -31.26 15.72
CA ALA I 230 -17.23 -30.01 15.40
C ALA I 230 -16.43 -29.16 14.43
N ASN I 231 -15.85 -29.80 13.40
CA ASN I 231 -15.04 -29.12 12.40
C ASN I 231 -15.55 -29.30 10.98
N GLY I 232 -16.53 -30.17 10.76
CA GLY I 232 -17.15 -30.31 9.46
C GLY I 232 -18.42 -29.47 9.34
N ILE I 233 -19.04 -29.56 8.16
CA ILE I 233 -20.36 -28.99 7.96
C ILE I 233 -21.31 -29.70 8.92
N ASN I 234 -21.58 -29.08 10.06
CA ASN I 234 -22.34 -29.70 11.14
C ASN I 234 -23.53 -28.82 11.50
N TRP I 235 -24.69 -29.43 11.59
CA TRP I 235 -25.86 -28.86 12.23
C TRP I 235 -26.08 -29.66 13.50
N ALA I 236 -25.74 -29.06 14.64
CA ALA I 236 -25.70 -29.79 15.90
C ALA I 236 -27.03 -30.46 16.22
N GLN I 237 -28.13 -29.72 16.06
CA GLN I 237 -29.42 -30.22 16.52
C GLN I 237 -29.97 -31.34 15.63
N TRP I 238 -29.49 -31.47 14.39
CA TRP I 238 -30.02 -32.49 13.48
C TRP I 238 -29.18 -33.77 13.52
N LYS I 239 -27.88 -33.67 13.24
CA LYS I 239 -27.00 -34.83 13.17
C LYS I 239 -25.76 -34.67 14.03
N GLY I 240 -25.79 -33.78 15.01
CA GLY I 240 -24.72 -33.73 15.98
C GLY I 240 -23.44 -33.12 15.44
N PHE I 241 -22.40 -33.18 16.27
CA PHE I 241 -21.12 -32.57 15.94
C PHE I 241 -20.19 -33.51 15.16
N TYR I 242 -20.47 -34.82 15.13
CA TYR I 242 -19.60 -35.79 14.48
C TYR I 242 -20.17 -36.29 13.15
N TYR I 243 -20.99 -35.49 12.49
CA TYR I 243 -21.56 -35.86 11.20
C TYR I 243 -21.49 -34.66 10.28
N SER I 244 -20.93 -34.88 9.09
CA SER I 244 -20.76 -33.87 8.07
C SER I 244 -21.80 -34.09 6.98
N LEU I 245 -22.63 -33.08 6.74
CA LEU I 245 -23.72 -33.20 5.78
C LEU I 245 -23.17 -33.41 4.36
N LYS I 246 -24.08 -33.70 3.43
CA LYS I 246 -23.75 -33.83 2.01
C LYS I 246 -24.07 -32.58 1.23
N ARG I 247 -25.22 -31.97 1.50
CA ARG I 247 -25.66 -30.76 0.80
C ARG I 247 -26.10 -29.73 1.82
N THR I 248 -25.95 -28.46 1.44
CA THR I 248 -26.22 -27.35 2.33
C THR I 248 -26.42 -26.10 1.50
N GLU I 249 -27.46 -25.33 1.82
CA GLU I 249 -27.71 -24.07 1.15
C GLU I 249 -28.64 -23.22 2.01
N MET I 250 -28.32 -21.93 2.08
CA MET I 250 -29.03 -20.97 2.93
C MET I 250 -29.74 -19.96 2.04
N LYS I 251 -31.06 -19.89 2.18
CA LYS I 251 -31.94 -19.18 1.26
C LYS I 251 -32.54 -17.97 1.95
N ILE I 252 -32.87 -16.95 1.14
CA ILE I 252 -33.39 -15.68 1.64
C ILE I 252 -34.51 -15.20 0.72
N ARG I 253 -35.59 -14.66 1.30
CA ARG I 253 -36.72 -14.15 0.53
C ARG I 253 -37.28 -12.91 1.22
N ARG I 254 -37.98 -12.09 0.44
CA ARG I 254 -38.54 -10.84 0.96
C ARG I 254 -39.60 -11.11 2.03
N ALA I 255 -39.45 -10.43 3.17
CA ALA I 255 -40.37 -10.40 4.32
C ALA I 255 -41.41 -11.50 4.45
N GLN J 1 -50.86 21.39 -30.61
CA GLN J 1 -49.63 22.07 -31.13
C GLN J 1 -49.14 23.10 -30.12
N MET J 2 -47.88 23.49 -30.23
CA MET J 2 -47.29 24.47 -29.34
C MET J 2 -48.00 25.81 -29.45
N GLN J 3 -48.75 26.18 -28.41
CA GLN J 3 -49.54 27.41 -28.40
C GLN J 3 -49.50 28.04 -27.02
N LEU J 4 -49.52 29.38 -27.00
CA LEU J 4 -49.61 30.15 -25.77
C LEU J 4 -50.89 31.00 -25.86
N VAL J 5 -51.79 30.81 -24.89
CA VAL J 5 -53.09 31.46 -24.87
C VAL J 5 -53.06 32.51 -23.78
N GLN J 6 -53.05 33.77 -24.17
CA GLN J 6 -53.04 34.89 -23.22
C GLN J 6 -54.47 35.25 -22.79
N SER J 7 -54.54 36.08 -21.75
CA SER J 7 -55.81 36.57 -21.26
C SER J 7 -56.35 37.65 -22.19
N GLY J 8 -57.65 37.91 -22.05
CA GLY J 8 -58.29 38.94 -22.84
C GLY J 8 -57.81 40.32 -22.45
N PRO J 9 -58.20 41.34 -23.21
CA PRO J 9 -57.73 42.70 -22.93
C PRO J 9 -58.38 43.23 -21.67
N GLU J 10 -57.70 44.22 -21.05
CA GLU J 10 -58.21 44.88 -19.86
C GLU J 10 -57.99 46.38 -19.99
N VAL J 11 -58.95 47.14 -19.45
CA VAL J 11 -58.89 48.59 -19.38
C VAL J 11 -58.82 48.99 -17.92
N LYS J 12 -57.82 49.77 -17.56
CA LYS J 12 -57.52 50.09 -16.16
C LYS J 12 -57.33 51.58 -15.99
N LYS J 13 -57.66 52.07 -14.80
CA LYS J 13 -57.43 53.47 -14.47
C LYS J 13 -55.98 53.65 -14.02
N PRO J 14 -55.45 54.88 -14.07
CA PRO J 14 -54.07 55.09 -13.64
C PRO J 14 -53.88 54.76 -12.17
N GLY J 15 -52.72 54.17 -11.85
CA GLY J 15 -52.38 53.79 -10.51
C GLY J 15 -52.86 52.42 -10.09
N THR J 16 -53.80 51.83 -10.82
CA THR J 16 -54.31 50.52 -10.49
C THR J 16 -53.35 49.44 -11.00
N SER J 17 -53.70 48.18 -10.75
CA SER J 17 -52.91 47.03 -11.15
C SER J 17 -53.68 46.17 -12.14
N VAL J 18 -52.94 45.52 -13.02
CA VAL J 18 -53.47 44.59 -14.01
C VAL J 18 -52.70 43.28 -13.85
N LYS J 19 -53.40 42.16 -14.08
CA LYS J 19 -52.82 40.82 -13.97
C LYS J 19 -53.13 40.06 -15.25
N VAL J 20 -52.09 39.73 -16.01
CA VAL J 20 -52.22 39.09 -17.31
C VAL J 20 -51.82 37.63 -17.16
N SER J 21 -52.68 36.73 -17.63
CA SER J 21 -52.38 35.31 -17.63
C SER J 21 -51.98 34.86 -19.03
N CYS J 22 -51.27 33.74 -19.07
CA CYS J 22 -50.74 33.19 -20.32
C CYS J 22 -50.56 31.70 -20.12
N LYS J 23 -51.45 30.90 -20.73
CA LYS J 23 -51.46 29.46 -20.54
C LYS J 23 -50.76 28.76 -21.70
N ALA J 24 -50.00 27.73 -21.37
CA ALA J 24 -49.15 27.02 -22.32
C ALA J 24 -49.73 25.65 -22.63
N SER J 25 -49.55 25.22 -23.88
CA SER J 25 -49.98 23.89 -24.31
C SER J 25 -49.08 23.45 -25.45
N GLY J 26 -48.91 22.12 -25.57
CA GLY J 26 -48.08 21.55 -26.60
C GLY J 26 -46.62 21.32 -26.23
N PHE J 27 -46.20 21.72 -25.04
CA PHE J 27 -44.84 21.49 -24.59
C PHE J 27 -44.83 21.46 -23.07
N THR J 28 -43.86 20.74 -22.51
CA THR J 28 -43.70 20.65 -21.07
C THR J 28 -43.39 22.04 -20.51
N PHE J 29 -44.31 22.58 -19.72
CA PHE J 29 -44.20 23.96 -19.27
C PHE J 29 -42.98 24.16 -18.38
N THR J 30 -42.57 23.13 -17.64
CA THR J 30 -41.49 23.24 -16.67
C THR J 30 -40.10 23.26 -17.28
N SER J 31 -39.96 22.95 -18.57
CA SER J 31 -38.63 22.79 -19.16
C SER J 31 -38.05 24.09 -19.68
N TYR J 32 -38.88 25.01 -20.16
CA TYR J 32 -38.42 26.19 -20.88
C TYR J 32 -38.61 27.45 -20.06
N TRP J 33 -37.74 28.42 -20.32
CA TRP J 33 -37.87 29.73 -19.72
C TRP J 33 -39.01 30.50 -20.40
N MET J 34 -39.65 31.39 -19.65
CA MET J 34 -40.76 32.20 -20.13
C MET J 34 -40.41 33.68 -20.02
N HIS J 35 -40.61 34.42 -21.10
CA HIS J 35 -40.32 35.83 -21.20
C HIS J 35 -41.60 36.62 -21.40
N TRP J 36 -41.55 37.89 -20.99
CA TRP J 36 -42.67 38.81 -21.16
C TRP J 36 -42.15 40.06 -21.87
N VAL J 37 -42.83 40.45 -22.94
CA VAL J 37 -42.41 41.56 -23.79
C VAL J 37 -43.65 42.39 -24.12
N ARG J 38 -43.49 43.71 -24.17
CA ARG J 38 -44.56 44.62 -24.54
C ARG J 38 -44.15 45.41 -25.78
N GLN J 39 -45.15 45.71 -26.61
CA GLN J 39 -44.95 46.45 -27.86
C GLN J 39 -45.88 47.65 -27.85
N ALA J 40 -45.34 48.81 -27.45
CA ALA J 40 -46.07 50.05 -27.65
C ALA J 40 -46.27 50.28 -29.15
N ARG J 41 -47.46 50.75 -29.51
CA ARG J 41 -47.81 50.90 -30.91
C ARG J 41 -46.82 51.81 -31.64
N GLY J 42 -46.30 51.31 -32.75
CA GLY J 42 -45.37 52.07 -33.57
C GLY J 42 -44.13 52.53 -32.84
N GLN J 43 -43.62 51.69 -31.93
CA GLN J 43 -42.51 52.06 -31.08
C GLN J 43 -41.68 50.81 -30.79
N ARG J 44 -40.58 50.98 -30.05
CA ARG J 44 -39.67 49.88 -29.80
C ARG J 44 -40.20 48.95 -28.72
N LEU J 45 -40.05 47.66 -28.97
CA LEU J 45 -40.46 46.65 -28.02
C LEU J 45 -39.58 46.72 -26.78
N GLU J 46 -40.18 46.47 -25.61
CA GLU J 46 -39.47 46.52 -24.35
C GLU J 46 -39.59 45.15 -23.68
N TRP J 47 -38.44 44.60 -23.29
CA TRP J 47 -38.39 43.30 -22.64
C TRP J 47 -38.67 43.50 -21.15
N ILE J 48 -39.73 42.83 -20.67
CA ILE J 48 -40.16 42.99 -19.29
C ILE J 48 -39.26 42.20 -18.36
N GLY J 49 -39.27 40.88 -18.50
CA GLY J 49 -38.48 40.02 -17.64
C GLY J 49 -38.61 38.58 -18.04
N VAL J 50 -38.10 37.70 -17.17
CA VAL J 50 -38.07 36.26 -17.42
C VAL J 50 -38.43 35.53 -16.14
N ILE J 51 -39.03 34.36 -16.29
CA ILE J 51 -39.32 33.46 -15.17
C ILE J 51 -39.26 32.03 -15.68
N HIS J 52 -38.72 31.12 -14.84
CA HIS J 52 -38.74 29.69 -15.13
C HIS J 52 -39.80 29.02 -14.29
N PRO J 53 -40.73 28.24 -14.85
CA PRO J 53 -41.78 27.68 -13.98
C PRO J 53 -41.28 26.66 -12.98
N ASN J 54 -40.28 25.85 -13.35
CA ASN J 54 -39.87 24.75 -12.48
C ASN J 54 -39.23 25.28 -11.20
N SER J 55 -38.29 26.22 -11.34
CA SER J 55 -37.57 26.78 -10.20
C SER J 55 -38.23 28.02 -9.63
N GLY J 56 -38.97 28.76 -10.45
CA GLY J 56 -39.56 30.00 -10.02
C GLY J 56 -38.62 31.18 -10.01
N ASN J 57 -37.35 30.98 -10.34
CA ASN J 57 -36.41 32.09 -10.42
C ASN J 57 -36.88 33.11 -11.45
N THR J 58 -36.59 34.37 -11.16
CA THR J 58 -37.05 35.48 -11.97
C THR J 58 -35.87 36.40 -12.25
N LYS J 59 -35.91 37.07 -13.40
CA LYS J 59 -34.98 38.16 -13.66
C LYS J 59 -35.71 39.24 -14.45
N TYR J 60 -35.84 40.43 -13.85
CA TYR J 60 -36.62 41.52 -14.38
C TYR J 60 -35.72 42.56 -15.04
N ASN J 61 -36.32 43.40 -15.86
CA ASN J 61 -35.64 44.58 -16.35
C ASN J 61 -35.51 45.59 -15.22
N GLU J 62 -34.42 46.34 -15.24
CA GLU J 62 -34.10 47.24 -14.14
C GLU J 62 -35.20 48.27 -13.93
N LYS J 63 -35.73 48.81 -15.03
CA LYS J 63 -36.70 49.90 -14.94
C LYS J 63 -38.07 49.44 -14.47
N PHE J 64 -38.38 48.15 -14.59
CA PHE J 64 -39.69 47.64 -14.20
C PHE J 64 -39.70 46.99 -12.82
N ARG J 65 -38.56 46.84 -12.16
CA ARG J 65 -38.54 46.32 -10.79
C ARG J 65 -39.43 47.17 -9.88
N SER J 66 -40.01 46.51 -8.87
CA SER J 66 -40.91 47.09 -7.88
C SER J 66 -42.34 47.22 -8.40
N ARG J 67 -42.50 47.32 -9.71
CA ARG J 67 -43.79 47.46 -10.35
C ARG J 67 -44.35 46.13 -10.83
N VAL J 68 -43.53 45.30 -11.46
CA VAL J 68 -43.98 44.04 -12.05
C VAL J 68 -43.53 42.88 -11.17
N THR J 69 -44.40 41.87 -11.06
CA THR J 69 -44.11 40.63 -10.34
C THR J 69 -44.67 39.48 -11.15
N MET J 70 -43.86 38.45 -11.37
CA MET J 70 -44.21 37.30 -12.20
C MET J 70 -44.40 36.06 -11.33
N THR J 71 -45.44 35.30 -11.63
CA THR J 71 -45.74 34.07 -10.91
C THR J 71 -46.11 33.00 -11.94
N THR J 72 -46.12 31.75 -11.49
CA THR J 72 -46.46 30.62 -12.34
C THR J 72 -47.24 29.59 -11.54
N ASP J 73 -48.29 29.06 -12.16
CA ASP J 73 -49.06 27.94 -11.62
C ASP J 73 -48.68 26.68 -12.38
N THR J 74 -47.95 25.78 -11.73
CA THR J 74 -47.46 24.58 -12.40
C THR J 74 -48.60 23.64 -12.73
N SER J 75 -49.63 23.57 -11.88
CA SER J 75 -50.72 22.63 -12.10
C SER J 75 -51.50 22.94 -13.37
N THR J 76 -51.77 24.22 -13.61
CA THR J 76 -52.57 24.65 -14.76
C THR J 76 -51.73 25.04 -15.98
N SER J 77 -50.40 24.95 -15.89
CA SER J 77 -49.52 25.32 -16.99
C SER J 77 -49.72 26.77 -17.42
N THR J 78 -49.89 27.66 -16.43
CA THR J 78 -50.18 29.07 -16.66
C THR J 78 -49.06 29.93 -16.08
N ALA J 79 -48.72 31.01 -16.80
CA ALA J 79 -47.76 32.00 -16.37
C ALA J 79 -48.47 33.34 -16.22
N TYR J 80 -48.22 34.03 -15.10
CA TYR J 80 -48.88 35.30 -14.81
C TYR J 80 -47.86 36.43 -14.78
N MET J 81 -48.32 37.60 -15.20
CA MET J 81 -47.56 38.83 -15.15
C MET J 81 -48.49 39.92 -14.65
N GLU J 82 -48.03 40.69 -13.68
CA GLU J 82 -48.86 41.71 -13.03
C GLU J 82 -48.05 42.97 -12.86
N LEU J 83 -48.53 44.08 -13.41
CA LEU J 83 -47.90 45.38 -13.27
C LEU J 83 -48.67 46.18 -12.22
N ARG J 84 -48.00 46.53 -11.13
CA ARG J 84 -48.70 46.98 -9.92
C ARG J 84 -49.29 48.37 -10.11
N SER J 85 -48.43 49.38 -10.31
CA SER J 85 -48.87 50.76 -10.47
C SER J 85 -48.80 51.12 -11.95
N LEU J 86 -49.95 51.44 -12.54
CA LEU J 86 -50.04 51.66 -13.96
C LEU J 86 -49.88 53.15 -14.29
N ARG J 87 -49.50 53.40 -15.54
CA ARG J 87 -49.11 54.72 -16.01
C ARG J 87 -49.59 54.87 -17.45
N SER J 88 -50.05 56.07 -17.79
CA SER J 88 -50.70 56.31 -19.08
C SER J 88 -49.86 55.84 -20.27
N ASP J 89 -48.53 55.90 -20.15
CA ASP J 89 -47.67 55.44 -21.25
C ASP J 89 -47.59 53.92 -21.34
N ASP J 90 -48.01 53.19 -20.31
CA ASP J 90 -47.95 51.73 -20.36
C ASP J 90 -48.96 51.12 -21.33
N THR J 91 -49.86 51.93 -21.90
CA THR J 91 -50.78 51.47 -22.94
C THR J 91 -49.99 50.81 -24.06
N ALA J 92 -50.11 49.49 -24.18
CA ALA J 92 -49.37 48.74 -25.18
C ALA J 92 -49.92 47.31 -25.19
N VAL J 93 -49.41 46.52 -26.14
CA VAL J 93 -49.77 45.11 -26.27
C VAL J 93 -48.71 44.28 -25.56
N TYR J 94 -49.14 43.42 -24.64
CA TYR J 94 -48.25 42.64 -23.80
C TYR J 94 -48.23 41.19 -24.27
N TYR J 95 -47.04 40.66 -24.56
CA TYR J 95 -46.86 39.29 -25.01
C TYR J 95 -46.11 38.47 -23.98
N CYS J 96 -46.41 37.17 -23.97
CA CYS J 96 -45.64 36.15 -23.28
C CYS J 96 -44.95 35.30 -24.35
N ALA J 97 -43.66 35.04 -24.17
CA ALA J 97 -42.87 34.34 -25.17
C ALA J 97 -41.94 33.32 -24.52
N ARG J 98 -41.75 32.21 -25.22
CA ARG J 98 -40.95 31.09 -24.75
C ARG J 98 -39.55 31.18 -25.33
N GLU J 99 -38.54 31.06 -24.48
CA GLU J 99 -37.15 30.97 -24.90
C GLU J 99 -36.83 29.54 -25.28
N MET J 100 -36.49 29.33 -26.55
CA MET J 100 -36.02 28.02 -26.97
C MET J 100 -34.66 27.75 -26.33
N TRP J 101 -34.32 26.47 -26.24
CA TRP J 101 -32.97 26.04 -25.86
C TRP J 101 -32.17 25.68 -27.10
N ASN J 102 -30.86 25.94 -27.06
CA ASN J 102 -30.04 25.68 -28.23
C ASN J 102 -28.53 25.72 -27.99
N TYR J 103 -28.04 24.94 -27.01
CA TYR J 103 -26.60 24.62 -26.86
C TYR J 103 -25.70 25.86 -26.99
N GLY J 104 -26.11 26.96 -26.39
CA GLY J 104 -25.31 28.14 -26.51
C GLY J 104 -26.00 29.36 -25.97
N ASN J 105 -26.04 30.42 -26.77
CA ASN J 105 -26.55 31.68 -26.26
C ASN J 105 -28.02 31.58 -25.89
N SER J 106 -28.82 30.88 -26.70
CA SER J 106 -30.27 30.78 -26.51
C SER J 106 -30.77 32.22 -26.41
N TRP J 107 -31.63 32.56 -25.44
CA TRP J 107 -32.01 33.96 -25.18
C TRP J 107 -32.70 34.60 -26.38
N TYR J 108 -33.33 33.78 -27.22
CA TYR J 108 -34.19 34.25 -28.30
C TYR J 108 -35.48 33.43 -28.29
N PHE J 109 -36.56 34.09 -28.69
CA PHE J 109 -37.92 33.66 -28.38
C PHE J 109 -38.54 33.03 -29.63
N ASP J 110 -38.86 31.74 -29.56
CA ASP J 110 -39.33 31.03 -30.74
C ASP J 110 -40.84 30.95 -30.83
N VAL J 111 -41.55 31.07 -29.71
CA VAL J 111 -42.99 30.88 -29.66
C VAL J 111 -43.58 31.95 -28.75
N TRP J 112 -44.60 32.64 -29.24
CA TRP J 112 -45.22 33.78 -28.60
C TRP J 112 -46.69 33.50 -28.34
N GLY J 113 -47.29 34.31 -27.48
CA GLY J 113 -48.72 34.26 -27.32
C GLY J 113 -49.39 34.90 -28.52
N GLN J 114 -50.36 35.79 -28.27
CA GLN J 114 -51.00 36.51 -29.36
C GLN J 114 -51.50 37.88 -28.92
N GLY J 115 -50.92 38.46 -27.86
CA GLY J 115 -51.21 39.81 -27.45
C GLY J 115 -52.33 39.94 -26.44
N THR J 116 -52.11 40.76 -25.43
CA THR J 116 -53.14 41.19 -24.48
C THR J 116 -53.06 42.71 -24.52
N THR J 117 -53.88 43.33 -25.37
CA THR J 117 -53.91 44.77 -25.51
C THR J 117 -54.41 45.39 -24.22
N VAL J 118 -53.54 46.13 -23.53
CA VAL J 118 -53.84 46.78 -22.25
C VAL J 118 -53.94 48.28 -22.49
N THR J 119 -55.06 48.86 -22.06
CA THR J 119 -55.32 50.29 -22.18
C THR J 119 -55.42 50.88 -20.78
N VAL J 120 -54.62 51.92 -20.54
CA VAL J 120 -54.62 52.64 -19.28
C VAL J 120 -54.91 54.10 -19.57
N SER J 121 -55.93 54.64 -18.90
CA SER J 121 -56.35 56.02 -19.12
C SER J 121 -57.35 56.40 -18.04
N SER J 122 -57.37 57.69 -17.72
CA SER J 122 -58.32 58.22 -16.74
C SER J 122 -59.70 58.45 -17.33
N ALA J 123 -59.88 58.27 -18.63
CA ALA J 123 -61.19 58.47 -19.23
C ALA J 123 -62.13 57.34 -18.82
N SER J 124 -63.42 57.65 -18.81
CA SER J 124 -64.48 56.70 -18.49
C SER J 124 -65.12 56.20 -19.78
N THR J 125 -65.75 55.03 -19.69
CA THR J 125 -66.35 54.42 -20.88
C THR J 125 -67.47 55.31 -21.42
N LYS J 126 -67.37 55.67 -22.69
CA LYS J 126 -68.32 56.58 -23.33
C LYS J 126 -68.62 56.11 -24.74
N GLY J 127 -69.87 56.34 -25.17
CA GLY J 127 -70.32 55.95 -26.48
C GLY J 127 -70.00 56.98 -27.55
N PRO J 128 -70.02 56.57 -28.82
CA PRO J 128 -69.68 57.51 -29.91
C PRO J 128 -70.84 58.42 -30.28
N SER J 129 -70.48 59.50 -30.95
CA SER J 129 -71.43 60.40 -31.60
C SER J 129 -71.16 60.38 -33.09
N VAL J 130 -72.13 59.91 -33.87
CA VAL J 130 -71.95 59.71 -35.30
C VAL J 130 -72.43 60.95 -36.03
N PHE J 131 -71.63 61.42 -36.98
CA PHE J 131 -71.93 62.60 -37.78
C PHE J 131 -71.73 62.28 -39.26
N PRO J 132 -72.64 62.68 -40.14
CA PRO J 132 -72.46 62.37 -41.56
C PRO J 132 -71.46 63.32 -42.21
N LEU J 133 -70.74 62.79 -43.19
CA LEU J 133 -69.83 63.57 -44.02
C LEU J 133 -70.48 63.63 -45.40
N ALA J 134 -71.32 64.64 -45.59
CA ALA J 134 -72.18 64.64 -46.77
C ALA J 134 -71.33 64.88 -48.02
N PRO J 135 -71.68 64.26 -49.15
CA PRO J 135 -71.03 64.62 -50.41
C PRO J 135 -71.70 65.83 -51.03
N SER J 136 -70.96 66.49 -51.91
CA SER J 136 -71.45 67.68 -52.58
C SER J 136 -71.01 67.65 -54.04
N SER J 137 -71.64 68.50 -54.84
CA SER J 137 -71.22 68.69 -56.23
C SER J 137 -69.83 69.32 -56.31
N LYS J 138 -69.39 69.99 -55.25
CA LYS J 138 -68.08 70.62 -55.20
C LYS J 138 -67.00 69.60 -54.86
N SER J 139 -67.34 68.57 -54.08
CA SER J 139 -66.47 67.44 -53.78
C SER J 139 -66.57 66.30 -54.80
N THR J 140 -67.16 66.55 -55.97
CA THR J 140 -67.30 65.54 -57.01
C THR J 140 -66.20 65.74 -58.05
N SER J 141 -65.40 64.70 -58.28
CA SER J 141 -64.34 64.69 -59.29
C SER J 141 -64.77 63.78 -60.43
N GLY J 142 -65.24 64.38 -61.52
CA GLY J 142 -65.74 63.61 -62.65
C GLY J 142 -67.04 62.90 -62.34
N GLY J 143 -67.02 61.57 -62.41
CA GLY J 143 -68.20 60.76 -62.12
C GLY J 143 -68.17 60.02 -60.81
N THR J 144 -67.19 60.26 -59.94
CA THR J 144 -67.06 59.56 -58.66
C THR J 144 -66.96 60.60 -57.54
N ALA J 145 -67.85 60.49 -56.56
CA ALA J 145 -67.85 61.33 -55.37
C ALA J 145 -67.61 60.47 -54.14
N ALA J 146 -67.32 61.12 -53.02
CA ALA J 146 -66.98 60.46 -51.77
C ALA J 146 -67.85 60.97 -50.63
N LEU J 147 -68.19 60.06 -49.72
CA LEU J 147 -68.97 60.38 -48.52
C LEU J 147 -68.43 59.54 -47.38
N GLY J 148 -68.85 59.85 -46.16
CA GLY J 148 -68.34 59.11 -45.02
C GLY J 148 -69.10 59.40 -43.75
N CYS J 149 -68.59 58.82 -42.66
CA CYS J 149 -69.10 59.02 -41.31
C CYS J 149 -67.94 59.40 -40.40
N LEU J 150 -68.20 60.28 -39.44
CA LEU J 150 -67.22 60.71 -38.43
C LEU J 150 -67.68 60.16 -37.08
N VAL J 151 -67.02 59.09 -36.62
CA VAL J 151 -67.32 58.49 -35.33
C VAL J 151 -66.41 59.18 -34.32
N LYS J 152 -66.96 60.15 -33.60
CA LYS J 152 -66.18 61.03 -32.74
C LYS J 152 -66.50 60.82 -31.28
N ASP J 153 -65.47 60.98 -30.44
CA ASP J 153 -65.58 60.97 -28.98
C ASP J 153 -66.20 59.68 -28.47
N TYR J 154 -65.37 58.65 -28.31
CA TYR J 154 -65.79 57.38 -27.72
C TYR J 154 -64.60 56.79 -26.98
N PHE J 155 -64.90 56.02 -25.94
CA PHE J 155 -63.87 55.36 -25.15
C PHE J 155 -64.45 54.10 -24.53
N PRO J 156 -63.69 52.99 -24.48
CA PRO J 156 -62.35 52.70 -25.02
C PRO J 156 -62.45 52.09 -26.40
N GLU J 157 -61.30 51.77 -27.02
CA GLU J 157 -61.32 51.01 -28.25
C GLU J 157 -62.00 49.66 -28.00
N PRO J 158 -62.49 48.99 -29.06
CA PRO J 158 -62.62 49.34 -30.48
C PRO J 158 -64.07 49.60 -30.91
N VAL J 159 -64.23 50.22 -32.08
CA VAL J 159 -65.53 50.41 -32.70
C VAL J 159 -65.46 49.87 -34.12
N THR J 160 -66.56 49.30 -34.58
CA THR J 160 -66.66 48.64 -35.88
C THR J 160 -67.61 49.44 -36.76
N VAL J 161 -67.18 49.73 -37.99
CA VAL J 161 -67.95 50.51 -38.95
C VAL J 161 -68.20 49.64 -40.17
N SER J 162 -69.44 49.63 -40.64
CA SER J 162 -69.82 48.90 -41.85
C SER J 162 -70.87 49.72 -42.60
N TRP J 163 -70.87 49.57 -43.93
CA TRP J 163 -71.73 50.34 -44.81
C TRP J 163 -72.84 49.44 -45.36
N ASN J 164 -74.09 49.86 -45.15
CA ASN J 164 -75.27 49.11 -45.58
C ASN J 164 -75.26 47.69 -45.02
N SER J 165 -74.95 47.58 -43.73
CA SER J 165 -74.92 46.29 -43.03
C SER J 165 -73.92 45.32 -43.66
N GLY J 166 -72.81 45.86 -44.18
CA GLY J 166 -71.78 45.05 -44.80
C GLY J 166 -71.99 44.76 -46.27
N ALA J 167 -73.09 45.21 -46.86
CA ALA J 167 -73.34 44.95 -48.27
C ALA J 167 -72.42 45.75 -49.19
N LEU J 168 -71.85 46.85 -48.72
CA LEU J 168 -70.94 47.69 -49.49
C LEU J 168 -69.54 47.59 -48.88
N THR J 169 -68.57 47.16 -49.68
CA THR J 169 -67.19 47.01 -49.22
C THR J 169 -66.20 47.61 -50.20
N SER J 170 -66.49 47.53 -51.50
CA SER J 170 -65.57 48.06 -52.50
C SER J 170 -65.50 49.58 -52.39
N GLY J 171 -64.29 50.11 -52.31
CA GLY J 171 -64.05 51.53 -52.19
C GLY J 171 -64.07 52.07 -50.78
N VAL J 172 -64.35 51.24 -49.78
CA VAL J 172 -64.42 51.68 -48.40
C VAL J 172 -63.02 51.84 -47.83
N HIS J 173 -62.83 52.84 -46.99
CA HIS J 173 -61.57 53.05 -46.27
C HIS J 173 -61.92 53.54 -44.88
N THR J 174 -61.85 52.64 -43.91
CA THR J 174 -62.02 52.99 -42.50
C THR J 174 -60.63 53.26 -41.95
N PHE J 175 -60.40 54.48 -41.43
CA PHE J 175 -59.05 54.87 -41.04
C PHE J 175 -58.75 54.44 -39.61
N PRO J 176 -57.46 54.28 -39.27
CA PRO J 176 -57.11 54.01 -37.87
C PRO J 176 -57.58 55.13 -36.96
N ALA J 177 -57.99 54.75 -35.75
CA ALA J 177 -58.47 55.72 -34.79
C ALA J 177 -57.33 56.58 -34.26
N VAL J 178 -57.68 57.80 -33.87
CA VAL J 178 -56.75 58.76 -33.29
C VAL J 178 -57.19 59.05 -31.87
N LEU J 179 -56.23 59.21 -30.97
CA LEU J 179 -56.49 59.61 -29.59
C LEU J 179 -56.41 61.13 -29.52
N GLN J 180 -57.56 61.78 -29.32
CA GLN J 180 -57.59 63.23 -29.23
C GLN J 180 -57.16 63.68 -27.84
N SER J 181 -56.88 64.98 -27.71
CA SER J 181 -56.38 65.52 -26.46
C SER J 181 -57.34 65.34 -25.30
N SER J 182 -58.64 65.20 -25.58
CA SER J 182 -59.62 64.99 -24.53
C SER J 182 -59.56 63.60 -23.90
N GLY J 183 -58.71 62.71 -24.40
CA GLY J 183 -58.64 61.35 -23.92
C GLY J 183 -59.59 60.39 -24.58
N LEU J 184 -60.42 60.86 -25.51
CA LEU J 184 -61.38 60.03 -26.22
C LEU J 184 -60.92 59.81 -27.66
N TYR J 185 -61.32 58.68 -28.24
CA TYR J 185 -60.92 58.34 -29.59
C TYR J 185 -61.90 58.91 -30.60
N SER J 186 -61.43 59.01 -31.84
CA SER J 186 -62.22 59.50 -32.96
C SER J 186 -61.62 58.96 -34.25
N LEU J 187 -62.48 58.48 -35.13
CA LEU J 187 -62.05 58.00 -36.44
C LEU J 187 -63.07 58.48 -37.47
N SER J 188 -62.75 58.21 -38.73
CA SER J 188 -63.64 58.50 -39.83
C SER J 188 -63.57 57.36 -40.84
N SER J 189 -64.71 57.07 -41.46
CA SER J 189 -64.84 56.01 -42.46
C SER J 189 -65.50 56.60 -43.69
N VAL J 190 -64.87 56.40 -44.84
CA VAL J 190 -65.32 56.98 -46.10
C VAL J 190 -65.48 55.87 -47.14
N VAL J 191 -66.15 56.22 -48.23
CA VAL J 191 -66.31 55.30 -49.36
C VAL J 191 -66.58 56.14 -50.60
N THR J 192 -65.97 55.75 -51.71
CA THR J 192 -66.14 56.41 -52.99
C THR J 192 -67.24 55.71 -53.78
N VAL J 193 -68.17 56.49 -54.32
CA VAL J 193 -69.30 55.96 -55.09
C VAL J 193 -69.49 56.84 -56.32
N PRO J 194 -70.15 56.31 -57.36
CA PRO J 194 -70.45 57.15 -58.52
C PRO J 194 -71.39 58.30 -58.16
N SER J 195 -71.06 59.49 -58.67
CA SER J 195 -71.89 60.66 -58.42
C SER J 195 -73.31 60.50 -58.97
N SER J 196 -73.49 59.64 -59.98
CA SER J 196 -74.82 59.45 -60.55
C SER J 196 -75.72 58.66 -59.60
N SER J 197 -75.17 57.67 -58.90
CA SER J 197 -75.96 56.80 -58.04
C SER J 197 -76.40 57.44 -56.73
N LEU J 198 -76.07 58.71 -56.50
CA LEU J 198 -76.46 59.35 -55.25
C LEU J 198 -77.97 59.46 -55.10
N GLY J 199 -78.69 59.61 -56.22
CA GLY J 199 -80.14 59.84 -56.13
C GLY J 199 -80.92 58.60 -55.75
N THR J 200 -80.58 57.46 -56.36
CA THR J 200 -81.34 56.23 -56.13
C THR J 200 -80.85 55.46 -54.91
N GLN J 201 -79.55 55.27 -54.77
CA GLN J 201 -79.02 54.41 -53.73
C GLN J 201 -78.90 55.16 -52.41
N THR J 202 -79.28 54.47 -51.33
CA THR J 202 -79.16 54.97 -49.97
C THR J 202 -77.90 54.39 -49.33
N TYR J 203 -77.16 55.23 -48.61
CA TYR J 203 -75.90 54.86 -47.97
C TYR J 203 -76.03 55.08 -46.46
N ILE J 204 -75.81 54.02 -45.70
CA ILE J 204 -75.92 54.02 -44.25
C ILE J 204 -74.66 53.39 -43.67
N CYS J 205 -74.00 54.09 -42.75
CA CYS J 205 -72.88 53.53 -42.01
C CYS J 205 -73.39 53.00 -40.67
N ASN J 206 -72.97 51.80 -40.32
CA ASN J 206 -73.43 51.11 -39.12
C ASN J 206 -72.27 51.06 -38.12
N VAL J 207 -72.41 51.83 -37.04
CA VAL J 207 -71.39 51.93 -36.00
C VAL J 207 -71.85 51.10 -34.82
N ASN J 208 -70.96 50.24 -34.32
CA ASN J 208 -71.24 49.39 -33.16
C ASN J 208 -70.10 49.58 -32.17
N HIS J 209 -70.43 49.99 -30.95
CA HIS J 209 -69.49 50.23 -29.87
C HIS J 209 -69.87 49.31 -28.71
N LYS J 210 -69.26 48.14 -28.69
CA LYS J 210 -69.56 47.08 -27.71
C LYS J 210 -69.21 47.44 -26.27
N PRO J 211 -68.08 48.13 -25.98
CA PRO J 211 -67.79 48.48 -24.58
C PRO J 211 -68.91 49.21 -23.84
N SER J 212 -69.68 50.06 -24.54
CA SER J 212 -70.83 50.73 -23.95
C SER J 212 -72.16 50.18 -24.45
N ASN J 213 -72.15 49.19 -25.34
CA ASN J 213 -73.37 48.60 -25.93
C ASN J 213 -74.17 49.69 -26.65
N THR J 214 -73.59 50.16 -27.75
CA THR J 214 -74.18 51.19 -28.59
C THR J 214 -74.18 50.72 -30.03
N LYS J 215 -75.38 50.54 -30.60
CA LYS J 215 -75.56 50.28 -32.02
C LYS J 215 -76.24 51.49 -32.64
N VAL J 216 -75.61 52.06 -33.67
CA VAL J 216 -76.10 53.26 -34.33
C VAL J 216 -76.02 53.05 -35.84
N ASP J 217 -77.05 53.51 -36.55
CA ASP J 217 -77.10 53.51 -38.00
C ASP J 217 -77.37 54.93 -38.46
N LYS J 218 -76.49 55.47 -39.30
CA LYS J 218 -76.59 56.85 -39.75
C LYS J 218 -76.65 56.91 -41.27
N LYS J 219 -77.69 57.57 -41.77
CA LYS J 219 -77.89 57.77 -43.20
C LYS J 219 -77.22 59.06 -43.62
N VAL J 220 -76.77 59.11 -44.87
CA VAL J 220 -76.02 60.24 -45.41
C VAL J 220 -76.69 60.72 -46.69
N GLU J 221 -76.84 62.03 -46.81
CA GLU J 221 -77.46 62.68 -47.96
C GLU J 221 -76.59 63.85 -48.39
N PRO J 222 -76.68 64.26 -49.68
CA PRO J 222 -75.94 65.47 -50.06
C PRO J 222 -76.60 66.74 -49.55
N ASP K 1 -28.83 51.91 -22.09
CA ASP K 1 -27.90 50.75 -22.26
C ASP K 1 -28.25 49.91 -23.49
N ILE K 2 -27.38 50.01 -24.50
CA ILE K 2 -27.42 49.16 -25.68
C ILE K 2 -28.63 49.55 -26.53
N GLN K 3 -28.71 50.79 -26.97
CA GLN K 3 -29.77 51.15 -27.89
C GLN K 3 -29.58 50.43 -29.22
N MET K 4 -30.71 50.16 -29.89
CA MET K 4 -30.73 49.52 -31.19
C MET K 4 -31.48 50.46 -32.13
N THR K 5 -30.82 50.83 -33.24
CA THR K 5 -31.39 51.77 -34.20
C THR K 5 -31.37 51.13 -35.57
N GLN K 6 -32.55 50.98 -36.16
CA GLN K 6 -32.70 50.31 -37.44
C GLN K 6 -32.68 51.33 -38.56
N SER K 7 -32.26 50.88 -39.75
CA SER K 7 -32.25 51.71 -40.93
C SER K 7 -32.49 50.84 -42.17
N PRO K 8 -33.26 51.32 -43.16
CA PRO K 8 -34.02 52.58 -43.24
C PRO K 8 -35.32 52.49 -42.46
N SER K 9 -35.88 53.65 -42.10
CA SER K 9 -37.13 53.68 -41.36
C SER K 9 -38.26 53.05 -42.17
N SER K 10 -38.24 53.26 -43.49
CA SER K 10 -39.21 52.65 -44.39
C SER K 10 -38.52 52.33 -45.71
N LEU K 11 -38.74 51.12 -46.22
CA LEU K 11 -38.17 50.69 -47.49
C LEU K 11 -39.27 50.08 -48.35
N SER K 12 -39.25 50.43 -49.64
CA SER K 12 -40.26 50.02 -50.60
C SER K 12 -39.57 49.34 -51.77
N ALA K 13 -39.99 48.11 -52.07
CA ALA K 13 -39.41 47.34 -53.16
C ALA K 13 -40.47 46.38 -53.70
N SER K 14 -40.19 45.82 -54.87
CA SER K 14 -41.11 44.93 -55.57
C SER K 14 -40.66 43.49 -55.39
N VAL K 15 -41.51 42.56 -55.86
CA VAL K 15 -41.19 41.15 -55.77
C VAL K 15 -39.98 40.84 -56.63
N GLY K 16 -39.19 39.85 -56.20
CA GLY K 16 -38.01 39.45 -56.94
C GLY K 16 -36.77 40.27 -56.68
N ASP K 17 -36.89 41.42 -56.00
CA ASP K 17 -35.74 42.29 -55.78
C ASP K 17 -34.89 41.78 -54.62
N ARG K 18 -33.63 42.23 -54.61
CA ARG K 18 -32.73 42.00 -53.48
C ARG K 18 -32.87 43.18 -52.52
N VAL K 19 -33.15 42.88 -51.26
CA VAL K 19 -33.44 43.87 -50.25
C VAL K 19 -32.48 43.68 -49.10
N THR K 20 -32.10 44.79 -48.46
CA THR K 20 -31.16 44.78 -47.35
C THR K 20 -31.67 45.69 -46.25
N ILE K 21 -31.65 45.18 -45.01
CA ILE K 21 -31.99 45.94 -43.81
C ILE K 21 -30.79 45.90 -42.89
N THR K 22 -30.57 47.00 -42.15
CA THR K 22 -29.42 47.12 -41.26
C THR K 22 -29.89 47.45 -39.84
N CYS K 23 -29.29 46.76 -38.86
CA CYS K 23 -29.47 47.05 -37.45
C CYS K 23 -28.13 47.50 -36.87
N ARG K 24 -28.15 48.62 -36.15
CA ARG K 24 -26.95 49.21 -35.56
C ARG K 24 -27.01 49.07 -34.04
N ALA K 25 -25.83 48.92 -33.45
CA ALA K 25 -25.67 48.82 -32.01
C ALA K 25 -24.88 50.02 -31.49
N SER K 26 -25.29 50.55 -30.33
CA SER K 26 -24.58 51.68 -29.75
C SER K 26 -23.23 51.22 -29.22
N LYS K 27 -23.20 50.05 -28.60
CA LYS K 27 -22.00 49.46 -28.04
C LYS K 27 -21.80 48.08 -28.67
N SER K 28 -20.56 47.59 -28.58
CA SER K 28 -20.20 46.30 -29.16
C SER K 28 -21.08 45.20 -28.59
N ILE K 29 -21.73 44.45 -29.47
CA ILE K 29 -22.74 43.47 -29.09
C ILE K 29 -22.29 42.05 -29.35
N SER K 30 -21.12 41.85 -29.97
CA SER K 30 -20.56 40.54 -30.28
C SER K 30 -21.37 39.86 -31.38
N LYS K 31 -21.14 38.57 -31.57
CA LYS K 31 -21.77 37.80 -32.64
C LYS K 31 -23.28 37.74 -32.51
N TYR K 32 -23.84 38.02 -31.35
CA TYR K 32 -25.19 37.58 -31.00
C TYR K 32 -26.23 38.66 -31.28
N LEU K 33 -27.11 38.35 -32.23
CA LEU K 33 -28.25 39.18 -32.58
C LEU K 33 -29.33 38.27 -33.14
N ALA K 34 -30.57 38.75 -33.08
CA ALA K 34 -31.69 38.01 -33.67
C ALA K 34 -32.68 38.98 -34.30
N TRP K 35 -33.37 38.50 -35.34
CA TRP K 35 -34.34 39.25 -36.11
C TRP K 35 -35.72 38.61 -35.98
N TYR K 36 -36.75 39.42 -36.11
CA TYR K 36 -38.13 38.96 -36.07
C TYR K 36 -38.90 39.52 -37.26
N GLN K 37 -40.02 38.86 -37.56
CA GLN K 37 -40.96 39.29 -38.60
C GLN K 37 -42.33 39.36 -37.96
N GLN K 38 -42.90 40.56 -37.89
CA GLN K 38 -44.23 40.77 -37.35
C GLN K 38 -45.18 41.13 -38.48
N LYS K 39 -46.17 40.29 -38.71
CA LYS K 39 -47.28 40.63 -39.58
C LYS K 39 -48.25 41.56 -38.84
N PRO K 40 -49.11 42.27 -39.54
CA PRO K 40 -50.02 43.19 -38.84
C PRO K 40 -50.99 42.44 -37.93
N GLY K 41 -51.11 42.93 -36.69
CA GLY K 41 -52.01 42.33 -35.72
C GLY K 41 -51.68 40.90 -35.38
N LYS K 42 -50.41 40.52 -35.44
CA LYS K 42 -49.95 39.17 -35.13
C LYS K 42 -48.78 39.24 -34.17
N ALA K 43 -48.45 38.10 -33.59
CA ALA K 43 -47.27 38.01 -32.75
C ALA K 43 -46.02 37.97 -33.63
N PRO K 44 -44.90 38.53 -33.18
CA PRO K 44 -43.66 38.41 -33.95
C PRO K 44 -43.24 36.96 -34.11
N GLU K 45 -42.62 36.68 -35.26
CA GLU K 45 -42.08 35.37 -35.58
C GLU K 45 -40.58 35.50 -35.77
N LEU K 46 -39.84 34.54 -35.23
CA LEU K 46 -38.39 34.60 -35.24
C LEU K 46 -37.83 34.06 -36.55
N LEU K 47 -36.88 34.78 -37.13
CA LEU K 47 -36.24 34.40 -38.39
C LEU K 47 -34.79 34.00 -38.17
N ILE K 48 -33.92 34.96 -37.87
CA ILE K 48 -32.49 34.74 -37.70
C ILE K 48 -32.17 34.87 -36.22
N TYR K 49 -31.11 34.18 -35.81
CA TYR K 49 -30.65 34.24 -34.43
C TYR K 49 -29.14 34.10 -34.43
N SER K 50 -28.51 34.68 -33.41
CA SER K 50 -27.05 34.76 -33.30
C SER K 50 -26.43 35.35 -34.57
N GLY K 51 -27.12 36.30 -35.18
CA GLY K 51 -26.56 37.06 -36.28
C GLY K 51 -26.74 36.50 -37.67
N SER K 52 -26.47 35.20 -37.84
CA SER K 52 -26.42 34.59 -39.15
C SER K 52 -27.14 33.25 -39.26
N THR K 53 -27.61 32.67 -38.15
CA THR K 53 -28.23 31.36 -38.17
C THR K 53 -29.74 31.52 -38.22
N LEU K 54 -30.38 30.80 -39.14
CA LEU K 54 -31.82 30.90 -39.34
C LEU K 54 -32.55 29.77 -38.64
N GLN K 55 -33.78 30.06 -38.23
CA GLN K 55 -34.62 29.09 -37.55
C GLN K 55 -35.16 28.07 -38.55
N SER K 56 -35.49 26.89 -38.04
CA SER K 56 -36.06 25.86 -38.90
C SER K 56 -37.38 26.35 -39.48
N GLY K 57 -37.63 25.96 -40.73
CA GLY K 57 -38.84 26.36 -41.42
C GLY K 57 -38.77 27.70 -42.13
N ILE K 58 -37.69 28.46 -41.96
CA ILE K 58 -37.57 29.75 -42.62
C ILE K 58 -37.00 29.52 -44.02
N PRO K 59 -37.49 30.22 -45.06
CA PRO K 59 -36.97 29.96 -46.42
C PRO K 59 -35.51 30.31 -46.56
N ALA K 60 -34.88 29.66 -47.54
CA ALA K 60 -33.44 29.81 -47.76
C ALA K 60 -33.08 31.22 -48.20
N ARG K 61 -34.01 31.95 -48.82
CA ARG K 61 -33.72 33.30 -49.28
C ARG K 61 -33.39 34.25 -48.12
N PHE K 62 -33.85 33.95 -46.91
CA PHE K 62 -33.46 34.74 -45.73
C PHE K 62 -32.04 34.37 -45.31
N SER K 63 -31.23 35.40 -45.05
CA SER K 63 -29.85 35.19 -44.64
C SER K 63 -29.38 36.41 -43.87
N GLY K 64 -28.59 36.17 -42.82
CA GLY K 64 -28.10 37.24 -41.97
C GLY K 64 -26.60 37.20 -41.86
N SER K 65 -26.01 38.38 -41.66
CA SER K 65 -24.58 38.51 -41.52
C SER K 65 -24.28 39.72 -40.65
N GLY K 66 -23.00 39.90 -40.35
CA GLY K 66 -22.51 41.00 -39.54
C GLY K 66 -22.00 40.53 -38.19
N SER K 67 -21.24 41.41 -37.54
CA SER K 67 -20.67 41.14 -36.23
C SER K 67 -20.24 42.48 -35.64
N GLY K 68 -20.06 42.50 -34.33
CA GLY K 68 -19.62 43.71 -33.67
C GLY K 68 -20.71 44.75 -33.51
N THR K 69 -20.59 45.90 -34.16
CA THR K 69 -21.57 46.96 -33.99
C THR K 69 -22.64 47.00 -35.07
N GLU K 70 -22.32 46.57 -36.29
CA GLU K 70 -23.21 46.65 -37.44
C GLU K 70 -23.68 45.27 -37.86
N PHE K 71 -24.96 45.17 -38.24
CA PHE K 71 -25.54 43.94 -38.74
C PHE K 71 -26.44 44.25 -39.92
N THR K 72 -26.68 43.22 -40.73
CA THR K 72 -27.49 43.35 -41.94
C THR K 72 -28.36 42.11 -42.10
N LEU K 73 -29.57 42.31 -42.63
CA LEU K 73 -30.46 41.24 -43.05
C LEU K 73 -30.80 41.43 -44.53
N THR K 74 -30.63 40.38 -45.31
CA THR K 74 -30.85 40.44 -46.76
C THR K 74 -31.73 39.28 -47.20
N ILE K 75 -32.49 39.54 -48.26
CA ILE K 75 -33.37 38.55 -48.88
C ILE K 75 -33.05 38.51 -50.36
N SER K 76 -32.80 37.29 -50.87
CA SER K 76 -32.37 37.13 -52.26
C SER K 76 -33.41 37.68 -53.23
N SER K 77 -34.63 37.16 -53.16
CA SER K 77 -35.73 37.56 -54.04
C SER K 77 -36.99 37.61 -53.20
N LEU K 78 -37.62 38.78 -53.13
CA LEU K 78 -38.80 38.93 -52.29
C LEU K 78 -39.93 38.02 -52.77
N GLN K 79 -40.93 37.88 -51.90
CA GLN K 79 -42.17 37.19 -52.23
C GLN K 79 -43.29 37.90 -51.49
N SER K 80 -44.52 37.65 -51.93
CA SER K 80 -45.68 38.35 -51.39
C SER K 80 -45.79 38.16 -49.87
N GLU K 81 -45.44 36.98 -49.37
CA GLU K 81 -45.48 36.73 -47.93
C GLU K 81 -44.43 37.54 -47.17
N ASP K 82 -43.36 37.99 -47.83
CA ASP K 82 -42.25 38.61 -47.12
C ASP K 82 -42.57 40.02 -46.64
N PHE K 83 -43.58 40.68 -47.19
CA PHE K 83 -43.81 42.08 -46.85
C PHE K 83 -44.45 42.14 -45.47
N ALA K 84 -43.77 42.82 -44.55
CA ALA K 84 -44.17 42.92 -43.15
C ALA K 84 -43.25 43.95 -42.50
N VAL K 85 -43.28 43.99 -41.17
CA VAL K 85 -42.35 44.80 -40.37
C VAL K 85 -41.35 43.84 -39.75
N TYR K 86 -40.07 44.20 -39.82
CA TYR K 86 -38.98 43.39 -39.28
C TYR K 86 -38.35 44.12 -38.10
N TYR K 87 -38.12 43.38 -37.02
CA TYR K 87 -37.54 43.91 -35.80
C TYR K 87 -36.25 43.19 -35.48
N CYS K 88 -35.31 43.96 -34.93
CA CYS K 88 -33.99 43.50 -34.53
C CYS K 88 -33.89 43.55 -33.01
N GLN K 89 -33.38 42.47 -32.40
CA GLN K 89 -33.26 42.40 -30.95
C GLN K 89 -31.80 42.32 -30.55
N GLN K 90 -31.56 42.69 -29.30
CA GLN K 90 -30.22 42.90 -28.76
C GLN K 90 -29.48 41.59 -28.59
N HIS K 91 -29.97 40.71 -27.71
CA HIS K 91 -29.63 39.29 -27.65
C HIS K 91 -28.36 38.96 -26.83
N ASN K 92 -27.36 39.85 -26.81
CA ASN K 92 -26.08 39.48 -26.21
C ASN K 92 -26.05 39.68 -24.71
N GLU K 93 -26.48 40.85 -24.24
CA GLU K 93 -26.44 41.24 -22.84
C GLU K 93 -27.85 41.08 -22.26
N TYR K 94 -27.97 41.24 -20.95
CA TYR K 94 -29.24 40.95 -20.29
C TYR K 94 -30.14 42.17 -20.00
N PRO K 95 -29.76 43.42 -20.32
CA PRO K 95 -30.82 44.46 -20.40
C PRO K 95 -31.88 44.17 -21.45
N PHE K 96 -31.49 43.60 -22.60
CA PHE K 96 -32.37 43.22 -23.71
C PHE K 96 -33.12 44.40 -24.35
N THR K 97 -32.51 44.99 -25.37
CA THR K 97 -33.09 46.07 -26.15
C THR K 97 -33.62 45.53 -27.48
N PHE K 98 -34.47 46.32 -28.15
CA PHE K 98 -35.04 45.96 -29.43
C PHE K 98 -34.83 47.09 -30.43
N GLY K 99 -34.97 46.75 -31.72
CA GLY K 99 -34.78 47.70 -32.78
C GLY K 99 -36.01 48.53 -33.09
N GLN K 100 -35.78 49.68 -33.73
CA GLN K 100 -36.85 50.66 -33.95
C GLN K 100 -37.97 50.13 -34.86
N GLY K 101 -37.68 49.13 -35.68
CA GLY K 101 -38.66 48.58 -36.59
C GLY K 101 -38.52 49.16 -37.98
N THR K 102 -38.60 48.29 -39.00
CA THR K 102 -38.44 48.66 -40.39
C THR K 102 -39.67 48.20 -41.17
N LYS K 103 -40.32 49.14 -41.85
CA LYS K 103 -41.47 48.82 -42.69
C LYS K 103 -40.96 48.39 -44.06
N LEU K 104 -41.38 47.20 -44.48
CA LEU K 104 -41.11 46.70 -45.83
C LEU K 104 -42.44 46.68 -46.57
N GLU K 105 -42.59 47.58 -47.54
CA GLU K 105 -43.83 47.80 -48.28
C GLU K 105 -43.61 47.50 -49.76
N ILE K 106 -44.71 47.24 -50.46
CA ILE K 106 -44.64 46.97 -51.89
C ILE K 106 -44.58 48.29 -52.67
N LYS K 107 -43.84 48.26 -53.79
CA LYS K 107 -43.66 49.41 -54.65
C LYS K 107 -44.51 49.25 -55.90
N ARG K 108 -45.34 50.25 -56.16
CA ARG K 108 -46.19 50.30 -57.34
C ARG K 108 -45.87 51.57 -58.14
N THR K 109 -46.76 51.91 -59.07
CA THR K 109 -46.62 53.11 -59.87
C THR K 109 -47.08 54.33 -59.08
N VAL K 110 -46.40 55.46 -59.28
CA VAL K 110 -46.75 56.69 -58.58
C VAL K 110 -48.16 57.10 -59.00
N ALA K 111 -49.00 57.42 -58.01
CA ALA K 111 -50.37 57.85 -58.24
C ALA K 111 -50.69 59.05 -57.36
N ALA K 112 -51.34 60.05 -57.94
CA ALA K 112 -51.69 61.25 -57.21
C ALA K 112 -52.95 61.04 -56.38
N PRO K 113 -53.18 61.86 -55.33
CA PRO K 113 -54.37 61.68 -54.49
C PRO K 113 -55.60 62.42 -55.00
N SER K 114 -56.73 61.73 -55.07
CA SER K 114 -58.02 62.39 -55.29
C SER K 114 -58.47 63.06 -53.99
N VAL K 115 -58.60 64.38 -54.00
CA VAL K 115 -58.82 65.16 -52.79
C VAL K 115 -60.29 65.57 -52.70
N PHE K 116 -60.89 65.35 -51.53
CA PHE K 116 -62.25 65.79 -51.23
C PHE K 116 -62.25 66.42 -49.85
N ILE K 117 -63.03 67.50 -49.71
CA ILE K 117 -63.17 68.22 -48.44
C ILE K 117 -64.63 68.11 -48.00
N PHE K 118 -64.82 67.85 -46.70
CA PHE K 118 -66.13 67.64 -46.12
C PHE K 118 -66.36 68.69 -45.04
N PRO K 119 -67.33 69.60 -45.16
CA PRO K 119 -67.56 70.57 -44.09
C PRO K 119 -68.07 69.91 -42.82
N PRO K 120 -68.30 70.68 -41.76
CA PRO K 120 -68.93 70.12 -40.56
C PRO K 120 -70.42 69.94 -40.77
N SER K 121 -70.93 68.80 -40.32
CA SER K 121 -72.35 68.54 -40.40
C SER K 121 -73.12 69.42 -39.41
N ASP K 122 -74.37 69.70 -39.76
CA ASP K 122 -75.22 70.50 -38.88
C ASP K 122 -75.41 69.84 -37.52
N GLU K 123 -75.35 68.50 -37.48
CA GLU K 123 -75.50 67.82 -36.19
C GLU K 123 -74.36 68.18 -35.25
N GLN K 124 -73.13 68.19 -35.77
CA GLN K 124 -71.98 68.57 -34.96
C GLN K 124 -72.11 70.00 -34.46
N LEU K 125 -72.42 70.93 -35.37
CA LEU K 125 -72.41 72.34 -35.05
C LEU K 125 -73.42 72.66 -33.95
N LYS K 126 -74.47 71.83 -33.83
CA LYS K 126 -75.42 71.97 -32.73
C LYS K 126 -74.75 71.71 -31.40
N SER K 127 -73.88 70.69 -31.33
CA SER K 127 -73.29 70.30 -30.06
C SER K 127 -72.38 71.38 -29.49
N GLY K 128 -71.73 72.15 -30.37
CA GLY K 128 -70.80 73.19 -29.95
C GLY K 128 -69.39 72.97 -30.44
N THR K 129 -69.19 71.98 -31.32
CA THR K 129 -67.88 71.65 -31.88
C THR K 129 -68.02 71.39 -33.37
N ALA K 130 -66.98 71.74 -34.13
CA ALA K 130 -66.95 71.57 -35.57
C ALA K 130 -65.69 70.81 -35.97
N SER K 131 -65.85 69.82 -36.86
CA SER K 131 -64.73 69.04 -37.39
C SER K 131 -64.77 69.10 -38.91
N VAL K 132 -63.66 69.56 -39.51
CA VAL K 132 -63.49 69.60 -40.96
C VAL K 132 -62.55 68.46 -41.33
N VAL K 133 -62.90 67.72 -42.38
CA VAL K 133 -62.17 66.53 -42.80
C VAL K 133 -61.61 66.77 -44.20
N CYS K 134 -60.40 66.24 -44.43
CA CYS K 134 -59.75 66.31 -45.74
C CYS K 134 -59.27 64.91 -46.08
N LEU K 135 -59.80 64.35 -47.17
CA LEU K 135 -59.52 62.99 -47.60
C LEU K 135 -58.58 63.00 -48.80
N LEU K 136 -57.52 62.20 -48.72
CA LEU K 136 -56.61 61.94 -49.83
C LEU K 136 -56.73 60.46 -50.15
N ASN K 137 -57.47 60.12 -51.21
CA ASN K 137 -57.86 58.74 -51.49
C ASN K 137 -56.97 58.12 -52.55
N ASN K 138 -56.48 56.91 -52.26
CA ASN K 138 -55.75 56.07 -53.22
C ASN K 138 -54.57 56.81 -53.85
N PHE K 139 -53.43 56.78 -53.18
CA PHE K 139 -52.26 57.54 -53.62
C PHE K 139 -51.01 56.80 -53.20
N TYR K 140 -49.96 56.95 -54.00
CA TYR K 140 -48.68 56.34 -53.70
C TYR K 140 -47.61 57.28 -54.26
N PRO K 141 -46.48 57.48 -53.55
CA PRO K 141 -46.00 56.90 -52.29
C PRO K 141 -46.71 57.40 -51.03
N ARG K 142 -46.44 56.72 -49.91
CA ARG K 142 -47.09 57.05 -48.64
C ARG K 142 -46.81 58.49 -48.22
N GLU K 143 -45.65 59.01 -48.58
CA GLU K 143 -45.25 60.34 -48.14
C GLU K 143 -46.19 61.40 -48.70
N ALA K 144 -46.89 62.10 -47.82
CA ALA K 144 -47.77 63.19 -48.19
C ALA K 144 -47.90 64.14 -47.00
N LYS K 145 -48.29 65.37 -47.31
CA LYS K 145 -48.37 66.43 -46.31
C LYS K 145 -49.65 67.23 -46.54
N VAL K 146 -50.38 67.49 -45.45
CA VAL K 146 -51.64 68.23 -45.47
C VAL K 146 -51.48 69.45 -44.56
N GLN K 147 -51.82 70.62 -45.08
CA GLN K 147 -51.79 71.87 -44.35
C GLN K 147 -53.16 72.52 -44.39
N TRP K 148 -53.70 72.85 -43.23
CA TRP K 148 -54.99 73.50 -43.11
C TRP K 148 -54.83 75.01 -43.17
N LYS K 149 -55.69 75.66 -43.94
CA LYS K 149 -55.69 77.11 -44.09
C LYS K 149 -57.11 77.63 -43.86
N VAL K 150 -57.26 78.52 -42.88
CA VAL K 150 -58.53 79.17 -42.59
C VAL K 150 -58.34 80.67 -42.83
N ASP K 151 -59.08 81.22 -43.80
CA ASP K 151 -58.91 82.60 -44.24
C ASP K 151 -57.46 82.86 -44.65
N ASN K 152 -56.87 81.89 -45.34
CA ASN K 152 -55.49 81.99 -45.83
C ASN K 152 -54.49 82.19 -44.68
N ALA K 153 -54.76 81.53 -43.56
CA ALA K 153 -53.90 81.58 -42.38
C ALA K 153 -53.57 80.15 -42.00
N LEU K 154 -52.27 79.83 -42.00
CA LEU K 154 -51.85 78.46 -41.70
C LEU K 154 -52.26 78.09 -40.28
N GLN K 155 -52.53 76.80 -40.08
CA GLN K 155 -53.01 76.27 -38.82
C GLN K 155 -52.07 75.17 -38.35
N SER K 156 -51.89 75.07 -37.04
CA SER K 156 -51.03 74.05 -36.47
C SER K 156 -51.52 73.73 -35.06
N GLY K 157 -51.28 72.49 -34.63
CA GLY K 157 -51.61 72.07 -33.29
C GLY K 157 -53.07 71.77 -33.06
N ASN K 158 -53.91 71.88 -34.09
CA ASN K 158 -55.34 71.59 -33.98
C ASN K 158 -55.82 70.61 -35.04
N SER K 159 -54.91 69.93 -35.76
CA SER K 159 -55.27 68.98 -36.80
C SER K 159 -54.55 67.66 -36.55
N GLN K 160 -55.29 66.58 -36.69
CA GLN K 160 -54.76 65.22 -36.55
C GLN K 160 -55.11 64.45 -37.82
N GLU K 161 -54.19 63.59 -38.24
CA GLU K 161 -54.37 62.80 -39.44
C GLU K 161 -54.16 61.32 -39.13
N SER K 162 -54.73 60.49 -39.99
CA SER K 162 -54.61 59.04 -39.89
C SER K 162 -54.42 58.48 -41.29
N VAL K 163 -53.63 57.42 -41.39
CA VAL K 163 -53.26 56.81 -42.66
C VAL K 163 -53.65 55.34 -42.60
N THR K 164 -54.48 54.90 -43.54
CA THR K 164 -54.80 53.49 -43.65
C THR K 164 -53.59 52.71 -44.14
N GLU K 165 -53.54 51.43 -43.80
CA GLU K 165 -52.47 50.58 -44.29
C GLU K 165 -52.61 50.35 -45.79
N GLN K 166 -51.55 49.83 -46.38
CA GLN K 166 -51.49 49.65 -47.83
C GLN K 166 -52.60 48.71 -48.28
N ASP K 167 -53.33 49.13 -49.32
CA ASP K 167 -54.46 48.35 -49.81
C ASP K 167 -54.00 47.01 -50.36
N SER K 168 -54.90 46.03 -50.35
CA SER K 168 -54.55 44.68 -50.81
C SER K 168 -54.63 44.58 -52.32
N LYS K 169 -55.62 45.23 -52.94
CA LYS K 169 -55.85 45.07 -54.37
C LYS K 169 -54.92 45.95 -55.19
N ASP K 170 -54.91 47.26 -54.91
CA ASP K 170 -54.16 48.23 -55.70
C ASP K 170 -52.94 48.81 -54.97
N SER K 171 -52.72 48.44 -53.70
CA SER K 171 -51.49 48.80 -52.97
C SER K 171 -51.33 50.30 -52.78
N THR K 172 -52.44 51.03 -52.75
CA THR K 172 -52.46 52.47 -52.55
C THR K 172 -52.91 52.80 -51.12
N TYR K 173 -52.36 53.88 -50.57
CA TYR K 173 -52.72 54.34 -49.25
C TYR K 173 -53.92 55.29 -49.33
N SER K 174 -54.35 55.77 -48.17
CA SER K 174 -55.38 56.80 -48.08
C SER K 174 -55.16 57.55 -46.77
N LEU K 175 -55.42 58.85 -46.78
CA LEU K 175 -55.15 59.72 -45.64
C LEU K 175 -56.39 60.54 -45.30
N SER K 176 -56.63 60.69 -44.00
CA SER K 176 -57.76 61.47 -43.48
C SER K 176 -57.24 62.42 -42.43
N SER K 177 -57.37 63.72 -42.67
CA SER K 177 -56.93 64.76 -41.75
C SER K 177 -58.15 65.46 -41.18
N THR K 178 -58.20 65.55 -39.86
CA THR K 178 -59.36 66.10 -39.15
C THR K 178 -58.93 67.37 -38.44
N LEU K 179 -59.58 68.49 -38.79
CA LEU K 179 -59.37 69.77 -38.13
C LEU K 179 -60.56 70.04 -37.21
N THR K 180 -60.31 70.02 -35.90
CA THR K 180 -61.36 70.14 -34.89
C THR K 180 -61.26 71.52 -34.26
N LEU K 181 -62.32 72.32 -34.43
CA LEU K 181 -62.45 73.62 -33.79
C LEU K 181 -63.80 73.70 -33.09
N SER K 182 -63.95 74.71 -32.25
CA SER K 182 -65.21 74.92 -31.55
C SER K 182 -66.20 75.63 -32.48
N LYS K 183 -67.46 75.67 -32.04
CA LYS K 183 -68.50 76.31 -32.83
C LYS K 183 -68.18 77.79 -33.07
N ALA K 184 -67.85 78.50 -32.00
CA ALA K 184 -67.58 79.93 -32.12
C ALA K 184 -66.39 80.20 -33.03
N ASP K 185 -65.29 79.46 -32.83
CA ASP K 185 -64.11 79.66 -33.67
C ASP K 185 -64.41 79.38 -35.13
N TYR K 186 -65.24 78.37 -35.40
CA TYR K 186 -65.57 78.03 -36.78
C TYR K 186 -66.37 79.15 -37.45
N GLU K 187 -67.24 79.82 -36.70
CA GLU K 187 -68.11 80.82 -37.30
C GLU K 187 -67.43 82.16 -37.51
N LYS K 188 -66.34 82.45 -36.81
CA LYS K 188 -65.68 83.75 -36.97
C LYS K 188 -65.07 83.89 -38.37
N HIS K 189 -64.59 82.80 -38.94
CA HIS K 189 -63.90 82.81 -40.23
C HIS K 189 -64.85 82.31 -41.31
N LYS K 190 -64.39 82.37 -42.56
CA LYS K 190 -65.25 82.13 -43.73
C LYS K 190 -64.73 81.00 -44.62
N VAL K 191 -63.51 81.10 -45.13
CA VAL K 191 -62.98 80.18 -46.12
C VAL K 191 -62.11 79.15 -45.41
N TYR K 192 -62.39 77.86 -45.66
CA TYR K 192 -61.61 76.75 -45.12
C TYR K 192 -61.11 75.89 -46.26
N ALA K 193 -59.85 75.45 -46.15
CA ALA K 193 -59.18 74.74 -47.22
C ALA K 193 -58.04 73.91 -46.65
N CYS K 194 -57.87 72.70 -47.17
CA CYS K 194 -56.73 71.85 -46.87
C CYS K 194 -55.80 71.82 -48.08
N GLU K 195 -54.52 72.09 -47.84
CA GLU K 195 -53.52 72.18 -48.89
C GLU K 195 -52.69 70.89 -48.90
N VAL K 196 -52.75 70.16 -50.00
CA VAL K 196 -52.10 68.86 -50.15
C VAL K 196 -50.80 69.06 -50.92
N THR K 197 -49.70 68.57 -50.35
CA THR K 197 -48.41 68.49 -51.02
C THR K 197 -48.08 67.02 -51.23
N HIS K 198 -47.80 66.65 -52.48
CA HIS K 198 -47.53 65.25 -52.81
C HIS K 198 -46.58 65.19 -54.01
N GLN K 199 -45.81 64.11 -54.07
CA GLN K 199 -44.78 63.96 -55.09
C GLN K 199 -45.36 63.99 -56.50
N GLY K 200 -46.55 63.40 -56.68
CA GLY K 200 -47.19 63.32 -57.98
C GLY K 200 -47.72 64.62 -58.53
N LEU K 201 -47.70 65.70 -57.74
CA LEU K 201 -48.22 67.00 -58.13
C LEU K 201 -47.08 67.98 -58.41
N SER K 202 -47.34 68.93 -59.31
CA SER K 202 -46.36 69.97 -59.58
C SER K 202 -46.34 71.00 -58.46
N SER K 203 -47.50 71.52 -58.11
CA SER K 203 -47.70 72.47 -57.03
C SER K 203 -48.82 71.94 -56.16
N PRO K 204 -48.89 72.33 -54.88
CA PRO K 204 -49.88 71.72 -53.99
C PRO K 204 -51.31 72.03 -54.40
N VAL K 205 -52.14 71.01 -54.35
CA VAL K 205 -53.57 71.16 -54.62
C VAL K 205 -54.26 71.71 -53.39
N THR K 206 -55.33 72.47 -53.60
CA THR K 206 -56.12 73.07 -52.55
C THR K 206 -57.60 72.82 -52.85
N LYS K 207 -58.25 72.05 -51.98
CA LYS K 207 -59.70 71.91 -51.99
C LYS K 207 -60.27 72.73 -50.85
N SER K 208 -61.27 73.58 -51.17
CA SER K 208 -61.76 74.58 -50.24
C SER K 208 -63.28 74.67 -50.33
N PHE K 209 -63.84 75.39 -49.37
CA PHE K 209 -65.27 75.70 -49.35
C PHE K 209 -65.49 76.93 -48.48
N ASN K 210 -66.71 77.47 -48.57
CA ASN K 210 -67.15 78.60 -47.75
C ASN K 210 -68.33 78.17 -46.89
N ARG K 211 -68.42 78.74 -45.69
CA ARG K 211 -69.47 78.37 -44.75
C ARG K 211 -70.84 78.68 -45.33
N GLY K 212 -71.69 77.66 -45.38
CA GLY K 212 -73.01 77.75 -45.95
C GLY K 212 -73.05 77.81 -47.45
N GLU K 213 -72.01 77.32 -48.13
CA GLU K 213 -72.01 77.23 -49.58
C GLU K 213 -72.82 76.03 -50.05
N CYS K 214 -72.67 74.90 -49.37
CA CYS K 214 -73.36 73.66 -49.69
C CYS K 214 -74.06 73.11 -48.45
N LEU L 35 -35.62 10.93 -10.80
CA LEU L 35 -35.47 11.68 -12.05
C LEU L 35 -33.97 11.80 -12.35
N GLN L 36 -33.61 12.12 -13.59
CA GLN L 36 -32.21 12.29 -13.92
C GLN L 36 -31.61 13.48 -13.18
N GLN L 37 -30.31 13.38 -12.88
CA GLN L 37 -29.44 14.30 -12.18
C GLN L 37 -28.74 15.22 -13.17
N PRO L 38 -28.49 16.50 -12.87
CA PRO L 38 -27.78 17.35 -13.83
C PRO L 38 -26.28 17.12 -13.73
N LEU L 39 -25.70 16.59 -14.79
CA LEU L 39 -24.28 16.23 -14.79
C LEU L 39 -23.37 17.40 -15.18
N ASP L 40 -23.85 18.32 -16.00
CA ASP L 40 -23.14 19.52 -16.38
C ASP L 40 -23.96 20.71 -15.91
N CYS L 41 -23.52 21.92 -16.28
CA CYS L 41 -24.22 23.12 -15.87
C CYS L 41 -25.19 23.64 -16.93
N ASP L 42 -25.10 23.17 -18.17
CA ASP L 42 -26.18 23.48 -19.12
C ASP L 42 -27.47 22.79 -18.70
N ASP L 43 -27.35 21.65 -18.02
CA ASP L 43 -28.53 21.04 -17.43
C ASP L 43 -29.15 21.97 -16.40
N ILE L 44 -28.30 22.59 -15.57
CA ILE L 44 -28.78 23.48 -14.52
C ILE L 44 -29.52 24.68 -15.11
N TYR L 45 -29.04 25.20 -16.24
CA TYR L 45 -29.79 26.24 -16.94
C TYR L 45 -31.21 25.78 -17.23
N ALA L 46 -31.37 24.54 -17.69
CA ALA L 46 -32.69 24.00 -17.96
C ALA L 46 -33.47 23.73 -16.68
N GLN L 47 -32.77 23.41 -15.58
CA GLN L 47 -33.47 23.23 -14.31
C GLN L 47 -34.20 24.49 -13.90
N GLY L 48 -33.66 25.67 -14.25
CA GLY L 48 -34.30 26.94 -13.98
C GLY L 48 -33.45 27.93 -13.20
N TYR L 49 -32.14 27.71 -13.20
CA TYR L 49 -31.20 28.53 -12.45
C TYR L 49 -30.26 29.22 -13.44
N GLN L 50 -30.20 30.55 -13.36
CA GLN L 50 -29.46 31.37 -14.30
C GLN L 50 -28.52 32.36 -13.62
N SER L 51 -28.53 32.42 -12.29
CA SER L 51 -27.58 33.25 -11.57
C SER L 51 -26.26 32.51 -11.43
N ASP L 52 -25.18 33.15 -11.85
CA ASP L 52 -23.86 32.52 -11.81
C ASP L 52 -23.39 32.37 -10.37
N GLY L 53 -22.96 31.17 -10.02
CA GLY L 53 -22.53 30.90 -8.67
C GLY L 53 -22.10 29.46 -8.51
N VAL L 54 -22.03 29.01 -7.26
CA VAL L 54 -21.66 27.63 -6.97
C VAL L 54 -22.89 26.75 -7.15
N TYR L 55 -22.70 25.61 -7.82
CA TYR L 55 -23.76 24.66 -8.07
C TYR L 55 -23.20 23.24 -7.99
N LEU L 56 -24.09 22.30 -7.72
CA LEU L 56 -23.73 20.89 -7.67
C LEU L 56 -24.13 20.21 -8.97
N ILE L 57 -23.18 19.50 -9.57
CA ILE L 57 -23.44 18.67 -10.72
C ILE L 57 -22.85 17.29 -10.46
N TYR L 58 -23.43 16.26 -11.07
CA TYR L 58 -23.11 14.87 -10.79
C TYR L 58 -22.45 14.21 -12.00
N PRO L 59 -21.17 14.45 -12.23
CA PRO L 59 -20.53 13.89 -13.43
C PRO L 59 -20.33 12.39 -13.37
N SER L 60 -19.94 11.87 -12.21
CA SER L 60 -19.83 10.43 -12.04
C SER L 60 -21.22 9.80 -12.10
N GLY L 61 -22.03 10.07 -11.08
CA GLY L 61 -23.37 9.55 -11.03
C GLY L 61 -24.13 10.15 -9.86
N PRO L 62 -25.36 9.67 -9.64
CA PRO L 62 -26.15 10.20 -8.51
C PRO L 62 -25.53 9.94 -7.14
N SER L 63 -24.52 9.08 -7.05
CA SER L 63 -23.93 8.74 -5.75
C SER L 63 -23.27 9.96 -5.10
N VAL L 64 -22.35 10.60 -5.80
CA VAL L 64 -21.55 11.70 -5.23
C VAL L 64 -21.58 12.92 -6.14
N PRO L 65 -21.96 14.11 -5.66
CA PRO L 65 -21.79 15.32 -6.47
C PRO L 65 -20.42 15.95 -6.27
N VAL L 66 -20.15 16.94 -7.10
CA VAL L 66 -18.95 17.78 -6.97
C VAL L 66 -19.39 19.22 -7.22
N PRO L 67 -19.11 20.18 -6.33
CA PRO L 67 -19.56 21.55 -6.59
C PRO L 67 -18.66 22.21 -7.61
N VAL L 68 -19.27 23.05 -8.47
CA VAL L 68 -18.53 23.82 -9.45
C VAL L 68 -19.14 25.22 -9.53
N PHE L 69 -18.38 26.13 -10.10
CA PHE L 69 -18.86 27.47 -10.35
C PHE L 69 -19.21 27.56 -11.82
N CYS L 70 -20.35 28.17 -12.10
CA CYS L 70 -20.92 28.27 -13.43
C CYS L 70 -21.04 29.73 -13.82
N ASP L 71 -20.62 30.04 -15.04
CA ASP L 71 -20.71 31.40 -15.58
C ASP L 71 -21.94 31.44 -16.48
N MET L 72 -23.11 31.64 -15.85
CA MET L 72 -24.37 31.82 -16.56
C MET L 72 -24.51 33.18 -17.22
N THR L 73 -23.49 34.04 -17.16
CA THR L 73 -23.55 35.39 -17.71
C THR L 73 -22.85 35.51 -19.06
N THR L 74 -21.66 34.93 -19.18
CA THR L 74 -20.81 35.19 -20.34
C THR L 74 -21.36 34.48 -21.56
N GLU L 75 -21.61 35.24 -22.62
CA GLU L 75 -22.05 34.74 -23.93
C GLU L 75 -23.23 33.79 -23.79
N GLY L 76 -24.28 34.26 -23.14
CA GLY L 76 -25.46 33.46 -22.93
C GLY L 76 -25.42 32.53 -21.74
N GLY L 77 -24.24 32.26 -21.20
CA GLY L 77 -24.13 31.44 -19.99
C GLY L 77 -23.98 29.95 -20.20
N LYS L 78 -24.47 29.17 -19.23
CA LYS L 78 -24.39 27.71 -19.30
C LYS L 78 -22.94 27.22 -19.32
N TRP L 79 -22.02 27.98 -18.75
CA TRP L 79 -20.60 27.62 -18.73
C TRP L 79 -20.28 26.86 -17.45
N THR L 80 -19.62 25.71 -17.59
CA THR L 80 -19.05 24.99 -16.46
C THR L 80 -17.57 25.34 -16.39
N VAL L 81 -17.13 25.79 -15.23
CA VAL L 81 -15.77 26.30 -15.04
C VAL L 81 -14.98 25.21 -14.33
N PHE L 82 -13.88 24.76 -14.95
CA PHE L 82 -13.02 23.73 -14.37
C PHE L 82 -11.67 24.28 -13.93
N GLN L 83 -11.57 25.59 -13.72
CA GLN L 83 -10.29 26.27 -13.53
C GLN L 83 -10.62 27.72 -13.14
N LYS L 84 -10.15 28.19 -11.99
CA LYS L 84 -10.33 29.59 -11.58
C LYS L 84 -9.09 30.09 -10.86
N ARG L 85 -8.68 31.31 -11.18
CA ARG L 85 -7.54 31.94 -10.54
C ARG L 85 -7.71 33.45 -10.59
N PHE L 86 -7.35 34.12 -9.49
CA PHE L 86 -7.48 35.58 -9.42
C PHE L 86 -6.80 36.13 -8.17
N ASN L 87 -7.06 35.50 -7.02
CA ASN L 87 -6.54 35.97 -5.75
C ASN L 87 -5.04 35.69 -5.63
N GLY L 88 -4.56 34.64 -6.29
CA GLY L 88 -3.22 34.16 -6.11
C GLY L 88 -3.00 33.34 -4.87
N SER L 89 -4.03 33.18 -4.03
CA SER L 89 -3.83 32.48 -2.76
C SER L 89 -3.53 31.00 -2.97
N VAL L 90 -4.39 30.29 -3.70
CA VAL L 90 -4.21 28.86 -3.90
C VAL L 90 -3.03 28.61 -4.82
N SER L 91 -2.12 27.74 -4.38
CA SER L 91 -0.97 27.34 -5.20
C SER L 91 -1.38 26.21 -6.13
N PHE L 92 -1.13 26.39 -7.42
CA PHE L 92 -1.46 25.37 -8.40
C PHE L 92 -0.26 24.48 -8.75
N PHE L 93 0.87 24.67 -8.07
CA PHE L 93 2.02 23.78 -8.22
C PHE L 93 1.77 22.59 -7.30
N ARG L 94 0.85 21.72 -7.75
CA ARG L 94 0.42 20.54 -7.02
C ARG L 94 0.81 19.28 -7.78
N GLY L 95 0.54 18.12 -7.15
CA GLY L 95 0.92 16.85 -7.70
C GLY L 95 -0.14 16.29 -8.64
N TRP L 96 0.23 15.17 -9.27
CA TRP L 96 -0.68 14.51 -10.20
C TRP L 96 -1.95 14.04 -9.52
N ASN L 97 -1.87 13.63 -8.24
CA ASN L 97 -3.07 13.14 -7.58
C ASN L 97 -4.06 14.26 -7.31
N ASP L 98 -3.58 15.41 -6.84
CA ASP L 98 -4.47 16.54 -6.59
C ASP L 98 -5.10 17.02 -7.88
N TYR L 99 -4.34 16.97 -8.97
CA TYR L 99 -4.87 17.39 -10.27
C TYR L 99 -5.80 16.36 -10.89
N LYS L 100 -5.71 15.09 -10.49
CA LYS L 100 -6.68 14.11 -10.97
C LYS L 100 -8.01 14.26 -10.25
N LEU L 101 -7.98 14.26 -8.92
CA LEU L 101 -9.19 14.32 -8.13
C LEU L 101 -9.77 15.72 -8.01
N GLY L 102 -8.98 16.75 -8.28
CA GLY L 102 -9.40 18.13 -8.11
C GLY L 102 -9.03 18.68 -6.73
N PHE L 103 -8.96 20.01 -6.67
CA PHE L 103 -8.49 20.71 -5.49
C PHE L 103 -9.00 22.15 -5.50
N GLY L 104 -9.33 22.66 -4.33
CA GLY L 104 -9.68 24.05 -4.17
C GLY L 104 -11.14 24.24 -3.77
N ARG L 105 -11.52 25.51 -3.70
CA ARG L 105 -12.86 25.92 -3.30
C ARG L 105 -13.61 26.43 -4.52
N ALA L 106 -14.82 25.91 -4.74
CA ALA L 106 -15.65 26.37 -5.83
C ALA L 106 -15.95 27.87 -5.77
N ASP L 107 -15.89 28.46 -4.56
CA ASP L 107 -16.05 29.91 -4.43
C ASP L 107 -14.92 30.65 -5.12
N GLY L 108 -13.70 30.48 -4.62
CA GLY L 108 -12.56 31.19 -5.15
C GLY L 108 -11.79 30.41 -6.19
N GLU L 109 -10.47 30.34 -6.03
CA GLU L 109 -9.63 29.62 -6.99
C GLU L 109 -9.75 28.13 -6.78
N TYR L 110 -9.80 27.37 -7.87
CA TYR L 110 -9.86 25.92 -7.76
C TYR L 110 -9.57 25.27 -9.11
N TRP L 111 -9.44 23.95 -9.07
CA TRP L 111 -9.26 23.11 -10.25
C TRP L 111 -10.20 21.92 -10.08
N LEU L 112 -11.07 21.70 -11.06
CA LEU L 112 -12.17 20.76 -10.86
C LEU L 112 -11.67 19.33 -10.69
N GLY L 113 -10.59 18.96 -11.38
CA GLY L 113 -10.03 17.63 -11.31
C GLY L 113 -10.17 16.96 -12.66
N LEU L 114 -9.08 16.38 -13.16
CA LEU L 114 -9.11 15.84 -14.52
C LEU L 114 -10.10 14.70 -14.66
N GLN L 115 -10.28 13.88 -13.63
CA GLN L 115 -11.18 12.74 -13.76
C GLN L 115 -12.58 13.23 -14.09
N ASN L 116 -13.12 14.15 -13.27
CA ASN L 116 -14.42 14.77 -13.55
C ASN L 116 -14.47 15.35 -14.95
N MET L 117 -13.44 16.12 -15.33
CA MET L 117 -13.36 16.66 -16.68
C MET L 117 -13.51 15.57 -17.73
N HIS L 118 -12.85 14.43 -17.52
CA HIS L 118 -12.97 13.33 -18.47
C HIS L 118 -14.40 12.79 -18.51
N LEU L 119 -15.08 12.68 -17.36
CA LEU L 119 -16.45 12.16 -17.41
C LEU L 119 -17.36 13.08 -18.23
N LEU L 120 -17.21 14.39 -18.10
CA LEU L 120 -18.05 15.28 -18.89
C LEU L 120 -17.77 15.12 -20.38
N THR L 121 -16.52 15.34 -20.80
CA THR L 121 -16.19 15.25 -22.22
C THR L 121 -16.42 13.85 -22.81
N LEU L 122 -16.48 12.82 -21.97
CA LEU L 122 -16.67 11.47 -22.49
C LEU L 122 -18.09 11.28 -23.01
N LYS L 123 -19.09 11.82 -22.31
CA LYS L 123 -20.48 11.54 -22.62
C LYS L 123 -21.19 12.67 -23.36
N GLN L 124 -20.57 13.83 -23.50
CA GLN L 124 -21.14 14.93 -24.27
C GLN L 124 -20.02 15.65 -25.01
N LYS L 125 -20.39 16.32 -26.11
CA LYS L 125 -19.45 17.14 -26.86
C LYS L 125 -19.51 18.55 -26.31
N TYR L 126 -18.33 19.17 -26.15
CA TYR L 126 -18.21 20.40 -25.39
C TYR L 126 -17.40 21.45 -26.13
N GLU L 127 -17.66 22.71 -25.76
CA GLU L 127 -17.01 23.89 -26.33
C GLU L 127 -16.16 24.54 -25.24
N LEU L 128 -15.00 25.07 -25.64
CA LEU L 128 -14.04 25.66 -24.71
C LEU L 128 -13.99 27.17 -24.87
N ARG L 129 -13.89 27.86 -23.73
CA ARG L 129 -13.58 29.27 -23.69
C ARG L 129 -12.68 29.51 -22.49
N VAL L 130 -11.60 30.24 -22.70
CA VAL L 130 -10.72 30.69 -21.63
C VAL L 130 -10.77 32.22 -21.63
N ASP L 131 -10.95 32.80 -20.45
CA ASP L 131 -11.10 34.24 -20.29
C ASP L 131 -9.98 34.72 -19.39
N LEU L 132 -9.26 35.75 -19.83
CA LEU L 132 -8.05 36.22 -19.20
C LEU L 132 -8.16 37.71 -18.90
N GLU L 133 -7.36 38.15 -17.93
CA GLU L 133 -7.26 39.57 -17.60
C GLU L 133 -5.88 39.81 -17.03
N ASP L 134 -5.26 40.90 -17.47
CA ASP L 134 -3.95 41.33 -17.02
C ASP L 134 -4.11 42.34 -15.89
N PHE L 135 -3.01 42.99 -15.50
CA PHE L 135 -3.03 43.98 -14.44
C PHE L 135 -3.21 45.40 -14.97
N GLU L 136 -3.54 45.56 -16.25
CA GLU L 136 -3.76 46.86 -16.87
C GLU L 136 -5.21 47.12 -17.23
N ASN L 137 -6.15 46.41 -16.57
CA ASN L 137 -7.58 46.57 -16.80
C ASN L 137 -7.94 46.26 -18.26
N ASN L 138 -7.35 45.18 -18.78
CA ASN L 138 -7.65 44.68 -20.11
C ASN L 138 -8.16 43.24 -20.00
N THR L 139 -9.05 42.90 -20.91
CA THR L 139 -9.65 41.58 -20.97
C THR L 139 -9.34 40.98 -22.33
N ALA L 140 -9.34 39.66 -22.37
CA ALA L 140 -9.09 38.92 -23.60
C ALA L 140 -9.67 37.52 -23.42
N TYR L 141 -9.73 36.77 -24.51
CA TYR L 141 -10.26 35.41 -24.45
C TYR L 141 -9.90 34.68 -25.74
N ALA L 142 -10.13 33.38 -25.72
CA ALA L 142 -9.95 32.53 -26.88
C ALA L 142 -10.94 31.38 -26.76
N LYS L 143 -11.55 31.01 -27.89
CA LYS L 143 -12.54 29.95 -27.94
C LYS L 143 -12.04 28.82 -28.84
N TYR L 144 -12.41 27.60 -28.46
CA TYR L 144 -12.10 26.41 -29.24
C TYR L 144 -13.39 25.59 -29.35
N ALA L 145 -13.78 25.28 -30.60
CA ALA L 145 -15.09 24.69 -30.86
C ALA L 145 -15.24 23.34 -30.16
N ASP L 146 -14.31 22.42 -30.38
CA ASP L 146 -14.31 21.10 -29.77
C ASP L 146 -13.26 21.05 -28.66
N PHE L 147 -13.56 20.28 -27.63
CA PHE L 147 -12.63 20.11 -26.51
C PHE L 147 -12.91 18.77 -25.84
N SER L 148 -11.86 18.00 -25.59
CA SER L 148 -12.01 16.69 -25.00
C SER L 148 -10.76 16.32 -24.23
N ILE L 149 -10.96 15.51 -23.19
CA ILE L 149 -9.88 14.92 -22.42
C ILE L 149 -9.87 13.43 -22.72
N SER L 150 -8.78 12.96 -23.32
CA SER L 150 -8.59 11.55 -23.64
C SER L 150 -9.76 10.94 -24.42
N PRO L 151 -10.15 11.54 -25.54
CA PRO L 151 -11.36 11.09 -26.22
C PRO L 151 -11.18 9.70 -26.81
N ASN L 152 -12.23 8.89 -26.68
CA ASN L 152 -12.24 7.51 -27.19
C ASN L 152 -11.12 6.68 -26.57
N ALA L 153 -10.78 6.97 -25.31
CA ALA L 153 -9.78 6.22 -24.57
C ALA L 153 -10.48 5.31 -23.58
N VAL L 154 -10.13 4.01 -23.64
CA VAL L 154 -10.76 3.04 -22.76
C VAL L 154 -10.45 3.32 -21.29
N SER L 155 -9.34 4.01 -21.02
CA SER L 155 -8.98 4.46 -19.67
C SER L 155 -8.23 5.77 -19.80
N ALA L 156 -8.72 6.81 -19.10
CA ALA L 156 -8.09 8.13 -19.17
C ALA L 156 -6.70 8.12 -18.52
N GLU L 157 -6.56 7.38 -17.41
CA GLU L 157 -5.26 7.27 -16.74
C GLU L 157 -4.17 6.79 -17.70
N GLU L 158 -4.40 5.64 -18.35
CA GLU L 158 -3.40 5.07 -19.24
C GLU L 158 -3.01 6.06 -20.32
N ASP L 159 -3.99 6.77 -20.85
CA ASP L 159 -3.73 7.74 -21.90
C ASP L 159 -3.18 9.06 -21.38
N GLY L 160 -3.00 9.20 -20.07
CA GLY L 160 -2.44 10.42 -19.53
C GLY L 160 -3.33 11.63 -19.63
N TYR L 161 -4.63 11.43 -19.84
CA TYR L 161 -5.60 12.50 -20.02
C TYR L 161 -5.14 13.47 -21.11
N THR L 162 -4.95 12.93 -22.31
CA THR L 162 -4.55 13.76 -23.43
C THR L 162 -5.58 14.84 -23.68
N LEU L 163 -5.10 16.01 -24.08
CA LEU L 163 -5.93 17.16 -24.37
C LEU L 163 -6.14 17.25 -25.88
N PHE L 164 -7.38 17.48 -26.29
CA PHE L 164 -7.70 17.72 -27.68
C PHE L 164 -8.54 18.99 -27.76
N VAL L 165 -8.13 19.91 -28.63
CA VAL L 165 -8.88 21.12 -28.94
C VAL L 165 -8.83 21.33 -30.44
N ALA L 166 -9.95 21.75 -31.02
CA ALA L 166 -10.06 21.87 -32.47
C ALA L 166 -10.21 23.33 -32.91
N GLY L 167 -11.07 23.61 -33.89
CA GLY L 167 -11.28 24.94 -34.44
C GLY L 167 -11.33 26.08 -33.44
N PHE L 168 -10.51 27.09 -33.70
CA PHE L 168 -10.24 28.17 -32.76
C PHE L 168 -10.80 29.46 -33.33
N GLU L 169 -11.69 30.10 -32.57
CA GLU L 169 -12.23 31.41 -32.89
C GLU L 169 -11.51 32.44 -32.04
N ASP L 170 -10.97 33.46 -32.68
CA ASP L 170 -10.10 34.40 -31.99
C ASP L 170 -10.90 35.40 -31.17
N GLY L 171 -10.47 35.59 -29.92
CA GLY L 171 -10.96 36.64 -29.06
C GLY L 171 -9.87 37.65 -28.87
N GLY L 172 -9.62 38.08 -27.63
CA GLY L 172 -8.54 39.00 -27.39
C GLY L 172 -7.17 38.35 -27.55
N ALA L 173 -7.00 37.16 -26.99
CA ALA L 173 -5.73 36.47 -27.00
C ALA L 173 -5.56 35.65 -28.27
N GLY L 174 -4.34 35.17 -28.49
CA GLY L 174 -4.05 34.33 -29.64
C GLY L 174 -4.42 32.88 -29.38
N ASP L 175 -3.86 32.00 -30.22
CA ASP L 175 -4.10 30.55 -30.14
C ASP L 175 -2.83 29.89 -29.60
N SER L 176 -2.83 29.63 -28.30
CA SER L 176 -1.75 28.92 -27.63
C SER L 176 -2.07 27.45 -27.38
N LEU L 177 -3.34 27.10 -27.21
CA LEU L 177 -3.69 25.73 -26.84
C LEU L 177 -3.56 24.75 -28.00
N SER L 178 -3.70 25.22 -29.25
CA SER L 178 -3.56 24.32 -30.39
C SER L 178 -2.19 23.66 -30.40
N TYR L 179 -1.18 24.36 -29.89
CA TYR L 179 0.14 23.74 -29.74
C TYR L 179 0.10 22.56 -28.78
N HIS L 180 -0.82 22.58 -27.80
CA HIS L 180 -0.86 21.59 -26.74
C HIS L 180 -1.73 20.37 -27.04
N SER L 181 -2.57 20.42 -28.08
CA SER L 181 -3.48 19.31 -28.35
C SER L 181 -2.71 18.04 -28.63
N GLY L 182 -3.19 16.94 -28.04
CA GLY L 182 -2.58 15.64 -28.20
C GLY L 182 -1.52 15.30 -27.16
N GLN L 183 -1.32 16.15 -26.17
CA GLN L 183 -0.27 15.99 -25.18
C GLN L 183 -0.87 15.53 -23.86
N LYS L 184 -0.20 14.60 -23.21
CA LYS L 184 -0.68 14.11 -21.93
C LYS L 184 -0.47 15.17 -20.87
N PHE L 185 -1.25 15.10 -19.81
CA PHE L 185 -1.13 16.05 -18.71
C PHE L 185 0.07 15.65 -17.89
N SER L 186 0.91 16.63 -17.56
CA SER L 186 2.20 16.38 -16.94
C SER L 186 2.27 17.17 -15.64
N THR L 187 2.90 16.56 -14.64
CA THR L 187 3.15 17.18 -13.35
C THR L 187 4.58 16.85 -12.96
N PHE L 188 5.08 17.52 -11.92
CA PHE L 188 6.37 17.13 -11.36
C PHE L 188 6.35 15.70 -10.81
N ASP L 189 5.17 15.15 -10.51
CA ASP L 189 5.06 13.72 -10.21
C ASP L 189 5.25 12.88 -11.47
N ARG L 190 4.50 13.20 -12.52
CA ARG L 190 4.46 12.41 -13.73
C ARG L 190 4.88 13.29 -14.89
N ASP L 191 6.07 13.02 -15.43
CA ASP L 191 6.59 13.73 -16.59
C ASP L 191 6.11 12.95 -17.81
N GLN L 192 5.17 13.54 -18.56
CA GLN L 192 4.71 12.98 -19.81
C GLN L 192 5.15 13.79 -21.02
N ASP L 193 5.68 14.99 -20.80
CA ASP L 193 6.02 15.91 -21.88
C ASP L 193 7.05 15.29 -22.83
N LEU L 194 7.21 15.92 -23.99
CA LEU L 194 8.16 15.46 -25.00
C LEU L 194 9.57 15.99 -24.75
N PHE L 195 9.82 16.66 -23.64
CA PHE L 195 11.11 17.30 -23.38
C PHE L 195 11.98 16.42 -22.50
N VAL L 196 13.29 16.44 -22.76
CA VAL L 196 14.22 15.66 -21.95
C VAL L 196 14.17 16.11 -20.49
N GLN L 197 14.03 17.41 -20.26
CA GLN L 197 13.88 17.93 -18.92
C GLN L 197 12.43 17.71 -18.46
N ASN L 198 12.11 18.18 -17.25
CA ASN L 198 10.77 18.11 -16.69
C ASN L 198 10.13 19.48 -16.88
N CYS L 199 9.43 19.64 -18.00
CA CYS L 199 8.83 20.92 -18.33
C CYS L 199 7.82 21.35 -17.29
N ALA L 200 7.14 20.40 -16.66
CA ALA L 200 6.23 20.75 -15.57
C ALA L 200 7.00 21.38 -14.41
N ALA L 201 8.18 20.83 -14.11
CA ALA L 201 8.98 21.36 -13.01
C ALA L 201 9.60 22.71 -13.35
N LEU L 202 10.12 22.86 -14.56
CA LEU L 202 10.75 24.12 -14.94
C LEU L 202 9.75 25.26 -15.01
N SER L 203 8.49 24.96 -15.32
CA SER L 203 7.45 25.97 -15.51
C SER L 203 6.65 26.28 -14.25
N SER L 204 6.94 25.62 -13.13
CA SER L 204 6.23 25.88 -11.87
C SER L 204 4.72 25.67 -12.02
N GLY L 205 4.33 24.60 -12.69
CA GLY L 205 2.90 24.35 -12.86
C GLY L 205 2.64 22.99 -13.48
N ALA L 206 1.39 22.78 -13.87
CA ALA L 206 0.94 21.55 -14.52
C ALA L 206 0.10 21.90 -15.75
N PHE L 207 0.37 21.20 -16.84
CA PHE L 207 -0.31 21.46 -18.11
C PHE L 207 0.02 20.33 -19.07
N TRP L 208 -0.68 20.30 -20.19
CA TRP L 208 -0.41 19.33 -21.25
C TRP L 208 0.80 19.83 -22.04
N PHE L 209 1.97 19.54 -21.50
CA PHE L 209 3.20 20.12 -22.03
C PHE L 209 3.73 19.31 -23.21
N ARG L 210 4.37 20.01 -24.15
CA ARG L 210 5.00 19.41 -25.33
C ARG L 210 6.52 19.51 -25.16
N SER L 211 7.24 20.14 -26.10
CA SER L 211 8.62 20.54 -25.82
C SER L 211 8.64 21.50 -24.64
N CYS L 212 7.74 22.48 -24.66
CA CYS L 212 7.32 23.22 -23.49
C CYS L 212 6.22 24.16 -23.94
N HIS L 213 5.51 24.71 -22.96
CA HIS L 213 4.22 25.34 -23.22
C HIS L 213 4.34 26.64 -24.02
N PHE L 214 3.24 26.95 -24.71
CA PHE L 214 2.85 28.31 -25.04
C PHE L 214 1.74 28.85 -24.14
N ALA L 215 1.11 27.99 -23.32
CA ALA L 215 0.13 28.42 -22.33
C ALA L 215 0.31 27.61 -21.06
N ASN L 216 0.58 28.30 -19.94
CA ASN L 216 0.78 27.67 -18.63
C ASN L 216 -0.17 28.31 -17.61
N LEU L 217 -1.46 28.07 -17.80
CA LEU L 217 -2.45 28.72 -16.93
C LEU L 217 -2.46 28.17 -15.51
N ASN L 218 -1.61 27.19 -15.17
CA ASN L 218 -1.43 26.72 -13.81
C ASN L 218 -0.05 27.05 -13.26
N GLY L 219 0.67 27.97 -13.90
CA GLY L 219 1.98 28.37 -13.43
C GLY L 219 1.88 29.09 -12.09
N PHE L 220 3.04 29.53 -11.62
CA PHE L 220 3.09 30.21 -10.33
C PHE L 220 2.56 31.62 -10.48
N TYR L 221 1.82 32.10 -9.47
CA TYR L 221 1.12 33.38 -9.59
C TYR L 221 2.13 34.49 -9.31
N LEU L 222 2.87 34.86 -10.35
CA LEU L 222 3.93 35.85 -10.28
C LEU L 222 3.43 37.28 -10.41
N GLY L 223 2.14 37.49 -10.65
CA GLY L 223 1.53 38.80 -10.53
C GLY L 223 2.14 39.96 -11.29
N GLY L 224 2.15 39.89 -12.62
CA GLY L 224 2.67 40.96 -13.45
C GLY L 224 3.82 40.48 -14.31
N SER L 225 4.80 41.35 -14.52
CA SER L 225 5.99 40.98 -15.27
C SER L 225 6.98 40.26 -14.37
N HIS L 226 7.79 39.40 -14.98
CA HIS L 226 8.79 38.64 -14.25
C HIS L 226 9.99 38.38 -15.15
N LEU L 227 11.18 38.37 -14.54
CA LEU L 227 12.42 38.16 -15.28
C LEU L 227 12.70 36.68 -15.55
N SER L 228 12.05 35.78 -14.83
CA SER L 228 12.18 34.35 -15.08
C SER L 228 11.38 33.96 -16.33
N TYR L 229 11.76 32.82 -16.91
CA TYR L 229 11.29 32.41 -18.23
C TYR L 229 10.15 31.41 -18.08
N ALA L 230 8.95 31.84 -18.47
CA ALA L 230 7.85 30.92 -18.82
C ALA L 230 7.48 30.02 -17.64
N ASN L 231 7.43 30.60 -16.44
CA ASN L 231 7.10 29.87 -15.24
C ASN L 231 5.91 30.46 -14.49
N GLY L 232 5.40 31.62 -14.92
CA GLY L 232 4.18 32.18 -14.37
C GLY L 232 2.95 31.79 -15.18
N ILE L 233 1.79 32.31 -14.76
CA ILE L 233 0.57 32.17 -15.55
C ILE L 233 0.78 32.92 -16.86
N ASN L 234 1.14 32.19 -17.92
CA ASN L 234 1.55 32.82 -19.18
C ASN L 234 0.67 32.32 -20.31
N TRP L 235 0.15 33.27 -21.09
CA TRP L 235 -0.44 33.03 -22.39
C TRP L 235 0.49 33.67 -23.42
N ALA L 236 1.25 32.84 -24.13
CA ALA L 236 2.34 33.34 -24.96
C ALA L 236 1.88 34.36 -25.98
N GLN L 237 0.79 34.06 -26.69
CA GLN L 237 0.40 34.89 -27.83
C GLN L 237 -0.19 36.23 -27.42
N TRP L 238 -0.64 36.39 -26.17
CA TRP L 238 -1.24 37.65 -25.75
C TRP L 238 -0.22 38.57 -25.08
N LYS L 239 0.40 38.11 -23.99
CA LYS L 239 1.34 38.93 -23.21
C LYS L 239 2.70 38.25 -23.05
N GLY L 240 3.01 37.29 -23.89
CA GLY L 240 4.34 36.75 -23.91
C GLY L 240 4.63 35.83 -22.74
N PHE L 241 5.91 35.42 -22.67
CA PHE L 241 6.37 34.50 -21.64
C PHE L 241 6.81 35.18 -20.35
N TYR L 242 7.04 36.50 -20.37
CA TYR L 242 7.52 37.24 -19.20
C TYR L 242 6.44 38.10 -18.56
N TYR L 243 5.17 37.70 -18.70
CA TYR L 243 4.07 38.43 -18.08
C TYR L 243 3.10 37.42 -17.52
N SER L 244 2.76 37.57 -16.23
CA SER L 244 1.85 36.69 -15.52
C SER L 244 0.52 37.40 -15.34
N LEU L 245 -0.55 36.77 -15.83
CA LEU L 245 -1.87 37.38 -15.80
C LEU L 245 -2.37 37.54 -14.37
N LYS L 246 -3.48 38.28 -14.23
CA LYS L 246 -4.13 38.52 -12.94
C LYS L 246 -5.29 37.59 -12.68
N ARG L 247 -6.13 37.34 -13.69
CA ARG L 247 -7.29 36.48 -13.56
C ARG L 247 -7.30 35.49 -14.72
N THR L 248 -7.87 34.32 -14.46
CA THR L 248 -7.83 33.22 -15.42
C THR L 248 -8.92 32.23 -15.07
N GLU L 249 -9.66 31.80 -16.09
CA GLU L 249 -10.68 30.77 -15.90
C GLU L 249 -11.00 30.13 -17.25
N MET L 250 -11.09 28.80 -17.24
CA MET L 250 -11.28 27.98 -18.44
C MET L 250 -12.66 27.34 -18.34
N LYS L 251 -13.53 27.67 -19.30
CA LYS L 251 -14.94 27.39 -19.23
C LYS L 251 -15.32 26.34 -20.25
N ILE L 252 -16.40 25.61 -19.96
CA ILE L 252 -16.87 24.51 -20.78
C ILE L 252 -18.39 24.56 -20.86
N ARG L 253 -18.95 24.34 -22.05
CA ARG L 253 -20.38 24.37 -22.27
C ARG L 253 -20.73 23.29 -23.28
N ARG L 254 -21.99 22.87 -23.27
CA ARG L 254 -22.42 21.82 -24.19
C ARG L 254 -22.32 22.30 -25.63
N ALA L 255 -21.68 21.47 -26.45
CA ALA L 255 -21.51 21.58 -27.91
C ALA L 255 -21.73 22.97 -28.53
N GLN M 1 -56.96 27.82 -6.00
CA GLN M 1 -56.14 28.38 -4.89
C GLN M 1 -56.17 27.43 -3.69
N MET M 2 -55.18 27.57 -2.81
CA MET M 2 -55.11 26.75 -1.60
C MET M 2 -56.30 27.03 -0.70
N GLN M 3 -57.23 26.08 -0.61
CA GLN M 3 -58.46 26.23 0.15
C GLN M 3 -58.78 24.92 0.83
N LEU M 4 -59.37 25.02 2.03
CA LEU M 4 -59.86 23.87 2.78
C LEU M 4 -61.36 24.04 2.97
N VAL M 5 -62.14 23.10 2.47
CA VAL M 5 -63.60 23.17 2.46
C VAL M 5 -64.11 22.19 3.50
N GLN M 6 -64.64 22.73 4.60
CA GLN M 6 -65.19 21.91 5.66
C GLN M 6 -66.65 21.55 5.38
N SER M 7 -67.15 20.61 6.17
CA SER M 7 -68.54 20.20 6.10
C SER M 7 -69.45 21.24 6.74
N GLY M 8 -70.73 21.14 6.42
CA GLY M 8 -71.73 22.01 7.01
C GLY M 8 -71.95 21.71 8.48
N PRO M 9 -72.76 22.54 9.14
CA PRO M 9 -73.00 22.37 10.57
C PRO M 9 -73.86 21.14 10.84
N GLU M 10 -73.73 20.62 12.06
CA GLU M 10 -74.51 19.47 12.50
C GLU M 10 -74.97 19.70 13.94
N VAL M 11 -76.18 19.20 14.23
CA VAL M 11 -76.75 19.24 15.57
C VAL M 11 -76.91 17.81 16.05
N LYS M 12 -76.36 17.51 17.23
CA LYS M 12 -76.30 16.15 17.74
C LYS M 12 -76.78 16.12 19.18
N LYS M 13 -77.34 14.99 19.59
CA LYS M 13 -77.74 14.80 20.97
C LYS M 13 -76.55 14.36 21.81
N PRO M 14 -76.62 14.51 23.14
CA PRO M 14 -75.49 14.08 23.97
C PRO M 14 -75.24 12.58 23.87
N GLY M 15 -73.96 12.21 23.88
CA GLY M 15 -73.55 10.83 23.80
C GLY M 15 -73.41 10.28 22.39
N THR M 16 -73.96 10.97 21.39
CA THR M 16 -73.86 10.52 20.01
C THR M 16 -72.50 10.93 19.45
N SER M 17 -72.28 10.59 18.16
CA SER M 17 -71.04 10.88 17.46
C SER M 17 -71.30 11.81 16.30
N VAL M 18 -70.30 12.65 16.00
CA VAL M 18 -70.32 13.56 14.86
C VAL M 18 -69.06 13.32 14.06
N LYS M 19 -69.16 13.45 12.73
CA LYS M 19 -68.05 13.24 11.80
C LYS M 19 -67.94 14.45 10.89
N VAL M 20 -66.82 15.16 11.00
CA VAL M 20 -66.58 16.40 10.26
C VAL M 20 -65.56 16.11 9.18
N SER M 21 -65.89 16.50 7.94
CA SER M 21 -64.99 16.36 6.81
C SER M 21 -64.35 17.70 6.47
N CYS M 22 -63.24 17.61 5.75
CA CYS M 22 -62.46 18.79 5.38
C CYS M 22 -61.68 18.45 4.11
N LYS M 23 -62.11 18.99 2.98
CA LYS M 23 -61.54 18.66 1.69
C LYS M 23 -60.53 19.71 1.25
N ALA M 24 -59.44 19.25 0.66
CA ALA M 24 -58.31 20.09 0.30
C ALA M 24 -58.24 20.26 -1.22
N SER M 25 -57.84 21.46 -1.65
CA SER M 25 -57.65 21.77 -3.06
C SER M 25 -56.61 22.86 -3.18
N GLY M 26 -55.90 22.85 -4.31
CA GLY M 26 -54.86 23.83 -4.56
C GLY M 26 -53.47 23.43 -4.10
N PHE M 27 -53.32 22.28 -3.45
CA PHE M 27 -52.02 21.80 -3.02
C PHE M 27 -52.07 20.29 -2.88
N THR M 28 -50.90 19.66 -3.06
CA THR M 28 -50.80 18.21 -2.91
C THR M 28 -51.14 17.82 -1.48
N PHE M 29 -52.23 17.08 -1.31
CA PHE M 29 -52.74 16.79 0.02
C PHE M 29 -51.78 15.95 0.84
N THR M 30 -51.00 15.08 0.18
CA THR M 30 -50.13 14.12 0.89
C THR M 30 -48.87 14.74 1.46
N SER M 31 -48.54 15.99 1.12
CA SER M 31 -47.25 16.55 1.50
C SER M 31 -47.25 17.20 2.87
N TYR M 32 -48.37 17.77 3.30
CA TYR M 32 -48.43 18.61 4.48
C TYR M 32 -49.18 17.94 5.63
N TRP M 33 -48.80 18.31 6.84
CA TRP M 33 -49.50 17.86 8.04
C TRP M 33 -50.82 18.62 8.18
N MET M 34 -51.80 17.95 8.80
CA MET M 34 -53.12 18.50 9.01
C MET M 34 -53.45 18.51 10.49
N HIS M 35 -53.90 19.67 10.99
CA HIS M 35 -54.23 19.88 12.39
C HIS M 35 -55.73 20.14 12.51
N TRP M 36 -56.27 19.84 13.69
CA TRP M 36 -57.67 20.07 14.00
C TRP M 36 -57.75 20.88 15.29
N VAL M 37 -58.48 21.98 15.25
CA VAL M 37 -58.58 22.94 16.35
C VAL M 37 -60.05 23.33 16.52
N ARG M 38 -60.47 23.52 17.77
CA ARG M 38 -61.81 23.98 18.08
C ARG M 38 -61.72 25.30 18.83
N GLN M 39 -62.68 26.19 18.56
CA GLN M 39 -62.75 27.51 19.18
C GLN M 39 -64.14 27.62 19.81
N ALA M 40 -64.22 27.35 21.11
CA ALA M 40 -65.45 27.65 21.83
C ALA M 40 -65.67 29.16 21.81
N ARG M 41 -66.93 29.55 21.66
CA ARG M 41 -67.27 30.96 21.52
C ARG M 41 -66.77 31.77 22.71
N GLY M 42 -66.03 32.83 22.41
CA GLY M 42 -65.51 33.72 23.45
C GLY M 42 -64.64 33.02 24.48
N GLN M 43 -63.82 32.06 24.03
CA GLN M 43 -63.02 31.25 24.93
C GLN M 43 -61.71 30.89 24.25
N ARG M 44 -60.84 30.21 24.98
CA ARG M 44 -59.51 29.88 24.51
C ARG M 44 -59.55 28.71 23.56
N LEU M 45 -58.80 28.82 22.47
CA LEU M 45 -58.77 27.79 21.43
C LEU M 45 -58.10 26.52 21.96
N GLU M 46 -58.60 25.37 21.51
CA GLU M 46 -58.09 24.07 21.92
C GLU M 46 -57.63 23.29 20.70
N TRP M 47 -56.39 22.81 20.75
CA TRP M 47 -55.80 22.00 19.69
C TRP M 47 -56.21 20.54 19.89
N ILE M 48 -56.88 19.97 18.89
CA ILE M 48 -57.37 18.59 18.99
C ILE M 48 -56.25 17.60 18.77
N GLY M 49 -55.69 17.59 17.57
CA GLY M 49 -54.65 16.63 17.23
C GLY M 49 -54.13 16.88 15.83
N VAL M 50 -53.35 15.93 15.33
CA VAL M 50 -52.70 16.05 14.03
C VAL M 50 -52.77 14.71 13.33
N ILE M 51 -52.80 14.75 12.00
CA ILE M 51 -52.71 13.57 11.17
C ILE M 51 -52.02 13.94 9.87
N HIS M 52 -51.16 13.04 9.37
CA HIS M 52 -50.52 13.22 8.06
C HIS M 52 -51.18 12.29 7.06
N PRO M 53 -51.63 12.77 5.89
CA PRO M 53 -52.36 11.85 4.99
C PRO M 53 -51.50 10.75 4.40
N ASN M 54 -50.25 11.02 4.07
CA ASN M 54 -49.44 10.04 3.37
C ASN M 54 -49.16 8.82 4.26
N SER M 55 -48.76 9.07 5.51
CA SER M 55 -48.42 7.99 6.42
C SER M 55 -49.59 7.51 7.28
N GLY M 56 -50.54 8.40 7.57
CA GLY M 56 -51.62 8.07 8.46
C GLY M 56 -51.30 8.12 9.94
N ASN M 57 -50.05 8.43 10.30
CA ASN M 57 -49.71 8.60 11.70
C ASN M 57 -50.52 9.74 12.31
N THR M 58 -50.88 9.56 13.58
CA THR M 58 -51.72 10.49 14.31
C THR M 58 -51.06 10.83 15.63
N LYS M 59 -51.32 12.04 16.11
CA LYS M 59 -50.93 12.43 17.46
C LYS M 59 -52.01 13.34 18.02
N TYR M 60 -52.67 12.89 19.09
CA TYR M 60 -53.84 13.54 19.64
C TYR M 60 -53.49 14.30 20.92
N ASN M 61 -54.39 15.20 21.29
CA ASN M 61 -54.32 15.83 22.61
C ASN M 61 -54.67 14.80 23.67
N GLU M 62 -54.01 14.92 24.83
CA GLU M 62 -54.13 13.90 25.87
C GLU M 62 -55.57 13.74 26.34
N LYS M 63 -56.27 14.87 26.52
CA LYS M 63 -57.62 14.83 27.08
C LYS M 63 -58.66 14.30 26.10
N PHE M 64 -58.38 14.32 24.79
CA PHE M 64 -59.32 13.88 23.78
C PHE M 64 -59.07 12.45 23.30
N ARG M 65 -57.98 11.81 23.72
CA ARG M 65 -57.75 10.42 23.34
C ARG M 65 -58.91 9.55 23.80
N SER M 66 -59.18 8.50 23.01
CA SER M 66 -60.27 7.53 23.20
C SER M 66 -61.60 8.07 22.65
N ARG M 67 -61.74 9.39 22.57
CA ARG M 67 -62.95 10.03 22.09
C ARG M 67 -62.88 10.40 20.61
N VAL M 68 -61.75 10.96 20.16
CA VAL M 68 -61.59 11.41 18.77
C VAL M 68 -60.71 10.43 18.02
N THR M 69 -61.06 10.19 16.75
CA THR M 69 -60.27 9.36 15.85
C THR M 69 -60.27 10.05 14.49
N MET M 70 -59.09 10.15 13.88
CA MET M 70 -58.88 10.86 12.63
C MET M 70 -58.56 9.89 11.50
N THR M 71 -59.17 10.14 10.34
CA THR M 71 -58.93 9.35 9.14
C THR M 71 -58.79 10.31 7.95
N THR M 72 -58.28 9.80 6.84
CA THR M 72 -58.10 10.57 5.62
C THR M 72 -58.39 9.70 4.42
N ASP M 73 -59.11 10.26 3.44
CA ASP M 73 -59.37 9.60 2.17
C ASP M 73 -58.42 10.23 1.14
N THR M 74 -57.40 9.47 0.74
CA THR M 74 -56.38 10.02 -0.15
C THR M 74 -56.92 10.26 -1.55
N SER M 75 -57.85 9.44 -2.02
CA SER M 75 -58.35 9.58 -3.38
C SER M 75 -59.09 10.91 -3.56
N THR M 76 -59.91 11.27 -2.57
CA THR M 76 -60.74 12.48 -2.64
C THR M 76 -60.09 13.70 -2.01
N SER M 77 -58.87 13.57 -1.48
CA SER M 77 -58.16 14.70 -0.84
C SER M 77 -58.97 15.27 0.32
N THR M 78 -59.59 14.39 1.11
CA THR M 78 -60.45 14.78 2.22
C THR M 78 -59.86 14.30 3.53
N ALA M 79 -59.98 15.13 4.56
CA ALA M 79 -59.54 14.82 5.91
C ALA M 79 -60.76 14.78 6.81
N TYR M 80 -60.83 13.75 7.66
CA TYR M 80 -61.98 13.54 8.53
C TYR M 80 -61.56 13.62 10.00
N MET M 81 -62.48 14.13 10.81
CA MET M 81 -62.34 14.19 12.25
C MET M 81 -63.69 13.81 12.84
N GLU M 82 -63.66 12.90 13.83
CA GLU M 82 -64.88 12.33 14.39
C GLU M 82 -64.73 12.26 15.89
N LEU M 83 -65.67 12.89 16.62
CA LEU M 83 -65.70 12.82 18.08
C LEU M 83 -66.80 11.84 18.49
N ARG M 84 -66.42 10.76 19.17
CA ARG M 84 -67.32 9.62 19.33
C ARG M 84 -68.44 9.92 20.30
N SER M 85 -68.13 10.20 21.56
CA SER M 85 -69.12 10.50 22.58
C SER M 85 -69.12 12.00 22.83
N LEU M 86 -70.26 12.65 22.56
CA LEU M 86 -70.36 14.10 22.65
C LEU M 86 -70.88 14.53 24.02
N ARG M 87 -70.58 15.78 24.35
CA ARG M 87 -70.82 16.36 25.67
C ARG M 87 -71.24 17.81 25.47
N SER M 88 -72.19 18.27 26.30
CA SER M 88 -72.82 19.57 26.10
C SER M 88 -71.82 20.71 25.95
N ASP M 89 -70.67 20.62 26.62
CA ASP M 89 -69.68 21.68 26.52
C ASP M 89 -68.91 21.66 25.21
N ASP M 90 -68.98 20.57 24.44
CA ASP M 90 -68.26 20.48 23.18
C ASP M 90 -68.81 21.40 22.09
N THR M 91 -69.94 22.07 22.33
CA THR M 91 -70.46 23.06 21.40
C THR M 91 -69.39 24.09 21.07
N ALA M 92 -68.91 24.08 19.83
CA ALA M 92 -67.87 25.01 19.40
C ALA M 92 -67.74 24.89 17.89
N VAL M 93 -66.90 25.77 17.33
CA VAL M 93 -66.59 25.79 15.91
C VAL M 93 -65.28 25.01 15.72
N TYR M 94 -65.32 24.01 14.85
CA TYR M 94 -64.20 23.09 14.62
C TYR M 94 -63.55 23.44 13.29
N TYR M 95 -62.24 23.70 13.31
CA TYR M 95 -61.49 24.05 12.11
C TYR M 95 -60.47 22.96 11.77
N CYS M 96 -60.20 22.84 10.47
CA CYS M 96 -59.09 22.08 9.93
C CYS M 96 -58.06 23.06 9.37
N ALA M 97 -56.79 22.84 9.73
CA ALA M 97 -55.73 23.77 9.37
C ALA M 97 -54.47 22.98 8.98
N ARG M 98 -53.74 23.53 8.02
CA ARG M 98 -52.54 22.91 7.47
C ARG M 98 -51.31 23.51 8.12
N GLU M 99 -50.41 22.64 8.56
CA GLU M 99 -49.10 23.06 9.06
C GLU M 99 -48.17 23.27 7.88
N MET M 100 -47.71 24.50 7.70
CA MET M 100 -46.69 24.75 6.71
C MET M 100 -45.37 24.11 7.15
N TRP M 101 -44.50 23.87 6.18
CA TRP M 101 -43.12 23.51 6.45
C TRP M 101 -42.28 24.77 6.34
N ASN M 102 -41.23 24.85 7.15
CA ASN M 102 -40.41 26.06 7.14
C ASN M 102 -39.09 25.89 7.88
N TYR M 103 -38.33 24.85 7.49
CA TYR M 103 -36.91 24.70 7.87
C TYR M 103 -36.68 24.93 9.36
N GLY M 104 -37.56 24.38 10.19
CA GLY M 104 -37.40 24.55 11.61
C GLY M 104 -38.57 24.06 12.42
N ASN M 105 -39.03 24.89 13.35
CA ASN M 105 -40.04 24.44 14.31
C ASN M 105 -41.33 24.08 13.60
N SER M 106 -41.69 24.89 12.59
CA SER M 106 -42.94 24.75 11.84
C SER M 106 -44.06 24.72 12.88
N TRP M 107 -45.00 23.79 12.79
CA TRP M 107 -45.99 23.60 13.85
C TRP M 107 -46.85 24.85 14.06
N TYR M 108 -47.00 25.65 13.02
CA TYR M 108 -47.91 26.78 13.01
C TYR M 108 -48.72 26.74 11.73
N PHE M 109 -49.97 27.22 11.83
CA PHE M 109 -51.01 26.90 10.87
C PHE M 109 -51.19 28.12 9.97
N ASP M 110 -50.86 27.95 8.68
CA ASP M 110 -50.85 29.07 7.74
C ASP M 110 -52.13 29.20 6.93
N VAL M 111 -52.91 28.14 6.79
CA VAL M 111 -54.14 28.15 6.00
C VAL M 111 -55.18 27.37 6.79
N TRP M 112 -56.37 27.94 6.89
CA TRP M 112 -57.43 27.42 7.74
C TRP M 112 -58.64 27.10 6.86
N GLY M 113 -59.53 26.28 7.39
CA GLY M 113 -60.79 26.06 6.70
C GLY M 113 -61.68 27.28 6.82
N GLN M 114 -62.93 27.06 7.18
CA GLN M 114 -63.82 28.20 7.43
C GLN M 114 -64.90 27.86 8.45
N GLY M 115 -64.66 26.88 9.32
CA GLY M 115 -65.52 26.58 10.43
C GLY M 115 -66.63 25.59 10.16
N THR M 116 -66.83 24.66 11.09
CA THR M 116 -67.98 23.75 11.11
C THR M 116 -68.59 23.93 12.50
N THR M 117 -69.57 24.82 12.60
CA THR M 117 -70.24 25.08 13.87
C THR M 117 -71.01 23.83 14.28
N VAL M 118 -70.58 23.20 15.38
CA VAL M 118 -71.19 21.98 15.92
C VAL M 118 -71.94 22.37 17.19
N THR M 119 -73.21 22.00 17.24
CA THR M 119 -74.08 22.26 18.38
C THR M 119 -74.51 20.92 18.98
N VAL M 120 -74.31 20.77 20.28
CA VAL M 120 -74.73 19.58 21.00
C VAL M 120 -75.69 20.01 22.09
N SER M 121 -76.89 19.45 22.08
CA SER M 121 -77.94 19.81 23.03
C SER M 121 -79.08 18.82 22.92
N SER M 122 -79.77 18.61 24.04
CA SER M 122 -80.94 17.75 24.10
C SER M 122 -82.22 18.44 23.62
N ALA M 123 -82.17 19.73 23.31
CA ALA M 123 -83.35 20.44 22.86
C ALA M 123 -83.73 20.00 21.45
N SER M 124 -85.01 20.11 21.14
CA SER M 124 -85.55 19.77 19.83
C SER M 124 -85.78 21.04 19.02
N THR M 125 -85.78 20.87 17.70
CA THR M 125 -85.93 22.00 16.80
C THR M 125 -87.33 22.61 16.94
N LYS M 126 -87.38 23.91 17.20
CA LYS M 126 -88.64 24.61 17.41
C LYS M 126 -88.59 25.95 16.69
N GLY M 127 -89.75 26.38 16.17
CA GLY M 127 -89.84 27.61 15.45
C GLY M 127 -90.02 28.80 16.38
N PRO M 128 -89.74 30.01 15.89
CA PRO M 128 -89.85 31.18 16.77
C PRO M 128 -91.28 31.68 16.92
N SER M 129 -91.47 32.47 17.97
CA SER M 129 -92.69 33.26 18.17
C SER M 129 -92.27 34.71 18.17
N VAL M 130 -92.75 35.47 17.19
CA VAL M 130 -92.34 36.86 17.00
C VAL M 130 -93.35 37.75 17.71
N PHE M 131 -92.84 38.73 18.46
CA PHE M 131 -93.65 39.67 19.23
C PHE M 131 -93.21 41.09 18.95
N PRO M 132 -94.14 42.03 18.74
CA PRO M 132 -93.73 43.40 18.43
C PRO M 132 -93.29 44.17 19.66
N LEU M 133 -92.36 45.10 19.45
CA LEU M 133 -91.93 46.06 20.47
C LEU M 133 -92.43 47.42 19.99
N ALA M 134 -93.67 47.75 20.34
CA ALA M 134 -94.34 48.91 19.76
C ALA M 134 -93.70 50.21 20.27
N PRO M 135 -93.65 51.25 19.44
CA PRO M 135 -93.21 52.55 19.94
C PRO M 135 -94.36 53.30 20.60
N SER M 136 -93.98 54.25 21.47
CA SER M 136 -94.95 55.06 22.20
C SER M 136 -94.44 56.49 22.26
N SER M 137 -95.34 57.40 22.62
CA SER M 137 -94.94 58.79 22.84
C SER M 137 -94.04 58.95 24.06
N LYS M 138 -94.05 57.99 24.99
CA LYS M 138 -93.20 58.09 26.18
C LYS M 138 -91.78 57.60 25.90
N SER M 139 -91.61 56.65 24.99
CA SER M 139 -90.30 56.21 24.55
C SER M 139 -89.73 57.07 23.42
N THR M 140 -90.30 58.26 23.21
CA THR M 140 -89.84 59.19 22.19
C THR M 140 -88.93 60.23 22.83
N SER M 141 -87.71 60.35 22.32
CA SER M 141 -86.74 61.35 22.76
C SER M 141 -86.66 62.38 21.65
N GLY M 142 -87.32 63.52 21.86
CA GLY M 142 -87.38 64.54 20.82
C GLY M 142 -88.23 64.08 19.65
N GLY M 143 -87.61 63.96 18.48
CA GLY M 143 -88.29 63.54 17.27
C GLY M 143 -88.01 62.13 16.78
N THR M 144 -87.30 61.30 17.55
CA THR M 144 -86.96 59.94 17.16
C THR M 144 -87.39 58.97 18.25
N ALA M 145 -88.18 57.97 17.86
CA ALA M 145 -88.61 56.89 18.72
C ALA M 145 -88.00 55.59 18.18
N ALA M 146 -88.12 54.54 18.98
CA ALA M 146 -87.52 53.25 18.66
C ALA M 146 -88.60 52.18 18.70
N LEU M 147 -88.46 51.19 17.83
CA LEU M 147 -89.34 50.04 17.79
C LEU M 147 -88.50 48.82 17.44
N GLY M 148 -89.09 47.65 17.62
CA GLY M 148 -88.34 46.43 17.35
C GLY M 148 -89.22 45.21 17.34
N CYS M 149 -88.56 44.06 17.15
CA CYS M 149 -89.20 42.75 17.19
C CYS M 149 -88.44 41.86 18.16
N LEU M 150 -89.18 41.01 18.88
CA LEU M 150 -88.63 40.05 19.82
C LEU M 150 -88.86 38.66 19.24
N VAL M 151 -87.80 38.06 18.71
CA VAL M 151 -87.85 36.71 18.17
C VAL M 151 -87.48 35.77 19.32
N LYS M 152 -88.49 35.18 19.96
CA LYS M 152 -88.32 34.44 21.20
C LYS M 152 -88.57 32.96 21.00
N ASP M 153 -87.83 32.16 21.77
CA ASP M 153 -88.00 30.71 21.83
C ASP M 153 -87.87 30.06 20.46
N TYR M 154 -86.64 29.77 20.06
CA TYR M 154 -86.38 29.05 18.82
C TYR M 154 -85.12 28.21 19.00
N PHE M 155 -85.07 27.10 18.26
CA PHE M 155 -83.93 26.21 18.29
C PHE M 155 -83.85 25.49 16.95
N PRO M 156 -82.65 25.31 16.36
CA PRO M 156 -81.30 25.80 16.72
C PRO M 156 -80.99 27.11 16.02
N GLU M 157 -79.82 27.68 16.25
CA GLU M 157 -79.36 28.82 15.47
C GLU M 157 -79.29 28.41 13.99
N PRO M 158 -79.29 29.38 13.05
CA PRO M 158 -79.46 30.84 13.15
C PRO M 158 -80.82 31.32 12.65
N VAL M 159 -81.17 32.55 12.98
CA VAL M 159 -82.37 33.22 12.49
C VAL M 159 -81.96 34.55 11.89
N THR M 160 -82.66 34.94 10.83
CA THR M 160 -82.37 36.15 10.06
C THR M 160 -83.52 37.14 10.22
N VAL M 161 -83.19 38.38 10.56
CA VAL M 161 -84.17 39.44 10.76
C VAL M 161 -83.86 40.56 9.76
N SER M 162 -84.90 41.04 9.09
CA SER M 162 -84.77 42.14 8.15
C SER M 162 -86.02 43.02 8.24
N TRP M 163 -85.85 44.31 7.99
CA TRP M 163 -86.91 45.30 8.15
C TRP M 163 -87.38 45.74 6.76
N ASN M 164 -88.69 45.61 6.52
CA ASN M 164 -89.30 45.95 5.23
C ASN M 164 -88.62 45.20 4.09
N SER M 165 -88.38 43.91 4.30
CA SER M 165 -87.73 43.04 3.32
C SER M 165 -86.34 43.56 2.93
N GLY M 166 -85.65 44.17 3.89
CA GLY M 166 -84.32 44.70 3.66
C GLY M 166 -84.26 46.12 3.14
N ALA M 167 -85.39 46.75 2.88
CA ALA M 167 -85.39 48.11 2.36
C ALA M 167 -84.96 49.14 3.40
N LEU M 168 -85.06 48.81 4.69
CA LEU M 168 -84.64 49.68 5.78
C LEU M 168 -83.43 49.06 6.46
N THR M 169 -82.32 49.79 6.51
CA THR M 169 -81.08 49.31 7.10
C THR M 169 -80.45 50.34 8.02
N SER M 170 -80.60 51.62 7.71
CA SER M 170 -80.01 52.66 8.52
C SER M 170 -80.68 52.70 9.88
N GLY M 171 -79.87 52.64 10.94
CA GLY M 171 -80.37 52.66 12.30
C GLY M 171 -80.74 51.30 12.87
N VAL M 172 -80.64 50.24 12.09
CA VAL M 172 -81.02 48.91 12.55
C VAL M 172 -79.93 48.35 13.46
N HIS M 173 -80.34 47.63 14.49
CA HIS M 173 -79.41 46.91 15.38
C HIS M 173 -80.06 45.59 15.76
N THR M 174 -79.62 44.52 15.12
CA THR M 174 -80.04 43.17 15.49
C THR M 174 -79.03 42.60 16.46
N PHE M 175 -79.48 42.24 17.69
CA PHE M 175 -78.51 41.86 18.70
C PHE M 175 -78.17 40.38 18.63
N PRO M 176 -76.99 39.97 19.10
CA PRO M 176 -76.69 38.54 19.18
C PRO M 176 -77.71 37.80 20.04
N ALA M 177 -78.02 36.58 19.63
CA ALA M 177 -79.00 35.79 20.36
C ALA M 177 -78.46 35.35 21.70
N VAL M 178 -79.37 35.14 22.65
CA VAL M 178 -79.06 34.66 23.99
C VAL M 178 -79.70 33.29 24.17
N LEU M 179 -78.99 32.40 24.85
CA LEU M 179 -79.50 31.08 25.18
C LEU M 179 -80.15 31.14 26.55
N GLN M 180 -81.48 31.05 26.61
CA GLN M 180 -82.15 31.09 27.90
C GLN M 180 -82.07 29.71 28.56
N SER M 181 -82.42 29.69 29.85
CA SER M 181 -82.32 28.47 30.64
C SER M 181 -83.19 27.34 30.11
N SER M 182 -84.25 27.66 29.36
CA SER M 182 -85.11 26.64 28.79
C SER M 182 -84.45 25.86 27.64
N GLY M 183 -83.25 26.25 27.22
CA GLY M 183 -82.58 25.60 26.11
C GLY M 183 -82.87 26.17 24.75
N LEU M 184 -83.74 27.17 24.65
CA LEU M 184 -84.11 27.80 23.39
C LEU M 184 -83.49 29.19 23.33
N TYR M 185 -83.25 29.67 22.10
CA TYR M 185 -82.64 30.98 21.90
C TYR M 185 -83.70 32.07 21.86
N SER M 186 -83.24 33.31 22.06
CA SER M 186 -84.09 34.48 22.04
C SER M 186 -83.23 35.69 21.71
N LEU M 187 -83.70 36.53 20.79
CA LEU M 187 -83.00 37.76 20.44
C LEU M 187 -84.02 38.87 20.28
N SER M 188 -83.51 40.08 20.05
CA SER M 188 -84.33 41.23 19.73
C SER M 188 -83.63 42.06 18.67
N SER M 189 -84.43 42.67 17.80
CA SER M 189 -83.95 43.52 16.71
C SER M 189 -84.72 44.82 16.76
N VAL M 190 -84.00 45.94 16.77
CA VAL M 190 -84.59 47.26 16.92
C VAL M 190 -84.10 48.16 15.80
N VAL M 191 -84.77 49.30 15.65
CA VAL M 191 -84.37 50.33 14.69
C VAL M 191 -84.93 51.65 15.17
N THR M 192 -84.14 52.70 15.04
CA THR M 192 -84.55 54.05 15.40
C THR M 192 -85.10 54.77 14.17
N VAL M 193 -86.27 55.38 14.30
CA VAL M 193 -86.91 56.11 13.22
C VAL M 193 -87.50 57.40 13.77
N PRO M 194 -87.71 58.40 12.90
CA PRO M 194 -88.35 59.63 13.37
C PRO M 194 -89.77 59.39 13.86
N SER M 195 -90.08 59.99 15.02
CA SER M 195 -91.42 59.88 15.60
C SER M 195 -92.50 60.49 14.71
N SER M 196 -92.14 61.42 13.83
CA SER M 196 -93.13 62.01 12.95
C SER M 196 -93.58 61.02 11.87
N SER M 197 -92.64 60.21 11.37
CA SER M 197 -92.91 59.26 10.30
C SER M 197 -93.68 58.03 10.75
N LEU M 198 -94.03 57.92 12.04
CA LEU M 198 -94.77 56.76 12.51
C LEU M 198 -96.14 56.66 11.85
N GLY M 199 -96.75 57.80 11.53
CA GLY M 199 -98.10 57.76 10.99
C GLY M 199 -98.16 57.26 9.56
N THR M 200 -97.25 57.74 8.71
CA THR M 200 -97.25 57.39 7.29
C THR M 200 -96.46 56.11 7.01
N GLN M 201 -95.26 55.97 7.58
CA GLN M 201 -94.40 54.85 7.25
C GLN M 201 -94.78 53.61 8.06
N THR M 202 -94.80 52.47 7.38
CA THR M 202 -95.07 51.17 7.98
C THR M 202 -93.76 50.43 8.20
N TYR M 203 -93.67 49.77 9.36
CA TYR M 203 -92.47 49.02 9.74
C TYR M 203 -92.85 47.57 9.96
N ILE M 204 -92.20 46.68 9.20
CA ILE M 204 -92.45 45.24 9.24
C ILE M 204 -91.09 44.55 9.34
N CYS M 205 -90.94 43.69 10.34
CA CYS M 205 -89.75 42.86 10.48
C CYS M 205 -90.04 41.48 9.90
N ASN M 206 -89.10 40.97 9.10
CA ASN M 206 -89.24 39.70 8.40
C ASN M 206 -88.27 38.70 9.03
N VAL M 207 -88.83 37.73 9.74
CA VAL M 207 -88.04 36.71 10.43
C VAL M 207 -88.13 35.43 9.61
N ASN M 208 -86.97 34.82 9.36
CA ASN M 208 -86.87 33.57 8.60
C ASN M 208 -86.06 32.58 9.42
N HIS M 209 -86.66 31.43 9.70
CA HIS M 209 -86.04 30.37 10.49
C HIS M 209 -85.98 29.13 9.60
N LYS M 210 -84.87 28.98 8.90
CA LYS M 210 -84.66 27.92 7.93
C LYS M 210 -84.64 26.51 8.54
N PRO M 211 -84.04 26.28 9.71
CA PRO M 211 -84.06 24.92 10.29
C PRO M 211 -85.45 24.30 10.41
N SER M 212 -86.47 25.09 10.69
CA SER M 212 -87.85 24.61 10.72
C SER M 212 -88.67 25.06 9.50
N ASN M 213 -88.08 25.83 8.59
CA ASN M 213 -88.76 26.36 7.40
C ASN M 213 -89.98 27.19 7.83
N THR M 214 -89.67 28.33 8.44
CA THR M 214 -90.67 29.27 8.93
C THR M 214 -90.33 30.65 8.42
N LYS M 215 -91.20 31.21 7.59
CA LYS M 215 -91.13 32.60 7.16
C LYS M 215 -92.29 33.36 7.79
N VAL M 216 -91.98 34.44 8.51
CA VAL M 216 -92.95 35.22 9.25
C VAL M 216 -92.72 36.69 8.96
N ASP M 217 -93.82 37.43 8.79
CA ASP M 217 -93.79 38.87 8.61
C ASP M 217 -94.69 39.49 9.66
N LYS M 218 -94.13 40.39 10.47
CA LYS M 218 -94.83 41.01 11.59
C LYS M 218 -94.79 42.52 11.45
N LYS M 219 -95.96 43.15 11.48
CA LYS M 219 -96.08 44.59 11.41
C LYS M 219 -96.09 45.20 12.81
N VAL M 220 -95.56 46.42 12.92
CA VAL M 220 -95.43 47.13 14.18
C VAL M 220 -96.07 48.51 14.03
N GLU M 221 -96.87 48.91 15.02
CA GLU M 221 -97.55 50.20 15.01
C GLU M 221 -97.37 50.92 16.34
N ASP N 1 -51.03 22.36 31.85
CA ASP N 1 -49.68 22.29 31.22
C ASP N 1 -49.50 23.40 30.18
N ILE N 2 -48.63 24.35 30.51
CA ILE N 2 -48.22 25.43 29.60
C ILE N 2 -49.43 26.31 29.32
N GLN N 3 -50.04 26.88 30.35
CA GLN N 3 -51.13 27.82 30.14
C GLN N 3 -50.63 29.10 29.47
N MET N 4 -51.52 29.74 28.71
CA MET N 4 -51.25 30.99 28.02
C MET N 4 -52.29 32.02 28.46
N THR N 5 -51.82 33.17 28.94
CA THR N 5 -52.68 34.24 29.43
C THR N 5 -52.28 35.53 28.73
N GLN N 6 -53.22 36.11 27.99
CA GLN N 6 -52.98 37.31 27.22
C GLN N 6 -53.39 38.54 28.02
N SER N 7 -52.76 39.68 27.71
CA SER N 7 -53.09 40.92 28.37
C SER N 7 -52.86 42.08 27.41
N PRO N 8 -53.75 43.10 27.41
CA PRO N 8 -54.98 43.27 28.19
C PRO N 8 -56.12 42.45 27.60
N SER N 9 -57.15 42.14 28.40
CA SER N 9 -58.28 41.38 27.90
C SER N 9 -59.01 42.13 26.80
N SER N 10 -59.09 43.46 26.91
CA SER N 10 -59.69 44.31 25.90
C SER N 10 -58.90 45.60 25.84
N LEU N 11 -58.58 46.04 24.62
CA LEU N 11 -57.82 47.26 24.39
C LEU N 11 -58.51 48.11 23.33
N SER N 12 -58.54 49.41 23.56
CA SER N 12 -59.19 50.37 22.69
C SER N 12 -58.18 51.44 22.28
N ALA N 13 -57.99 51.61 20.98
CA ALA N 13 -57.07 52.60 20.46
C ALA N 13 -57.56 53.07 19.10
N SER N 14 -56.99 54.19 18.64
CA SER N 14 -57.40 54.84 17.40
C SER N 14 -56.38 54.55 16.30
N VAL N 15 -56.74 54.99 15.08
CA VAL N 15 -55.88 54.78 13.93
C VAL N 15 -54.59 55.55 14.10
N GLY N 16 -53.50 55.01 13.54
CA GLY N 16 -52.20 55.65 13.57
C GLY N 16 -51.40 55.46 14.83
N ASP N 17 -52.00 54.93 15.90
CA ASP N 17 -51.31 54.80 17.17
C ASP N 17 -50.39 53.59 17.18
N ARG N 18 -49.44 53.61 18.10
CA ARG N 18 -48.59 52.45 18.39
C ARG N 18 -49.27 51.63 19.48
N VAL N 19 -49.48 50.34 19.20
CA VAL N 19 -50.21 49.45 20.08
C VAL N 19 -49.33 48.25 20.39
N THR N 20 -49.47 47.72 21.61
CA THR N 20 -48.69 46.58 22.06
C THR N 20 -49.60 45.61 22.79
N ILE N 21 -49.49 44.32 22.45
CA ILE N 21 -50.22 43.24 23.11
C ILE N 21 -49.17 42.28 23.65
N THR N 22 -49.46 41.67 24.79
CA THR N 22 -48.55 40.77 25.49
C THR N 22 -49.21 39.41 25.70
N CYS N 23 -48.43 38.35 25.47
CA CYS N 23 -48.80 36.99 25.80
C CYS N 23 -47.83 36.48 26.85
N ARG N 24 -48.38 35.89 27.91
CA ARG N 24 -47.61 35.40 29.05
C ARG N 24 -47.65 33.88 29.04
N ALA N 25 -46.54 33.27 29.48
CA ALA N 25 -46.40 31.82 29.55
C ALA N 25 -46.25 31.35 30.98
N SER N 26 -46.92 30.24 31.30
CA SER N 26 -46.84 29.68 32.65
C SER N 26 -45.49 29.02 32.88
N LYS N 27 -44.95 28.33 31.88
CA LYS N 27 -43.67 27.66 31.94
C LYS N 27 -42.78 28.17 30.80
N SER N 28 -41.48 27.98 30.96
CA SER N 28 -40.51 28.41 29.96
C SER N 28 -40.82 27.77 28.62
N ILE N 29 -41.02 28.61 27.60
CA ILE N 29 -41.52 28.18 26.30
C ILE N 29 -40.48 28.34 25.20
N SER N 30 -39.33 28.97 25.49
CA SER N 30 -38.24 29.18 24.54
C SER N 30 -38.65 30.20 23.48
N LYS N 31 -37.85 30.29 22.41
CA LYS N 31 -38.00 31.32 21.38
C LYS N 31 -39.33 31.27 20.65
N TYR N 32 -40.04 30.15 20.72
CA TYR N 32 -41.08 29.83 19.73
C TYR N 32 -42.46 30.27 20.20
N LEU N 33 -43.05 31.20 19.46
CA LEU N 33 -44.42 31.64 19.67
C LEU N 33 -44.97 32.15 18.33
N ALA N 34 -46.29 32.15 18.20
CA ALA N 34 -46.94 32.67 17.01
C ALA N 34 -48.21 33.40 17.39
N TRP N 35 -48.57 34.39 16.55
CA TRP N 35 -49.75 35.21 16.74
C TRP N 35 -50.69 35.02 15.56
N TYR N 36 -51.98 35.22 15.83
CA TYR N 36 -53.02 35.13 14.81
C TYR N 36 -53.92 36.36 14.86
N GLN N 37 -54.61 36.60 13.75
CA GLN N 37 -55.58 37.68 13.63
C GLN N 37 -56.90 37.09 13.15
N GLN N 38 -57.91 37.09 14.01
CA GLN N 38 -59.22 36.53 13.70
C GLN N 38 -60.22 37.67 13.58
N LYS N 39 -60.76 37.84 12.38
CA LYS N 39 -61.88 38.73 12.14
C LYS N 39 -63.17 38.05 12.61
N PRO N 40 -64.25 38.81 12.80
CA PRO N 40 -65.49 38.16 13.28
C PRO N 40 -66.06 37.19 12.26
N GLY N 41 -66.42 36.00 12.73
CA GLY N 41 -67.00 34.97 11.87
C GLY N 41 -66.09 34.52 10.75
N LYS N 42 -64.77 34.57 10.96
CA LYS N 42 -63.80 34.14 9.97
C LYS N 42 -62.78 33.22 10.62
N ALA N 43 -62.03 32.54 9.78
CA ALA N 43 -60.95 31.72 10.29
C ALA N 43 -59.78 32.62 10.68
N PRO N 44 -59.03 32.28 11.74
CA PRO N 44 -57.84 33.06 12.06
C PRO N 44 -56.82 33.03 10.94
N GLU N 45 -56.06 34.12 10.83
CA GLU N 45 -54.96 34.25 9.89
C GLU N 45 -53.68 34.42 10.69
N LEU N 46 -52.62 33.75 10.24
CA LEU N 46 -51.35 33.77 10.95
C LEU N 46 -50.55 35.01 10.57
N LEU N 47 -50.00 35.68 11.59
CA LEU N 47 -49.23 36.90 11.40
C LEU N 47 -47.76 36.64 11.72
N ILE N 48 -47.43 36.45 13.00
CA ILE N 48 -46.07 36.25 13.45
C ILE N 48 -45.91 34.79 13.83
N TYR N 49 -44.70 34.28 13.70
CA TYR N 49 -44.39 32.90 14.02
C TYR N 49 -42.96 32.82 14.55
N SER N 50 -42.74 31.83 15.41
CA SER N 50 -41.46 31.67 16.12
C SER N 50 -41.07 32.94 16.86
N GLY N 51 -42.05 33.66 17.37
CA GLY N 51 -41.83 34.80 18.24
C GLY N 51 -41.70 36.14 17.56
N SER N 52 -40.89 36.21 16.49
CA SER N 52 -40.52 37.47 15.88
C SER N 52 -40.59 37.50 14.37
N THR N 53 -40.82 36.38 13.69
CA THR N 53 -40.81 36.31 12.24
C THR N 53 -42.23 36.38 11.71
N LEU N 54 -42.44 37.22 10.70
CA LEU N 54 -43.76 37.43 10.11
C LEU N 54 -43.92 36.61 8.84
N GLN N 55 -45.17 36.25 8.56
CA GLN N 55 -45.53 35.49 7.37
C GLN N 55 -45.41 36.37 6.13
N SER N 56 -45.19 35.74 4.99
CA SER N 56 -45.16 36.48 3.74
C SER N 56 -46.51 37.13 3.48
N GLY N 57 -46.48 38.35 2.92
CA GLY N 57 -47.69 39.08 2.65
C GLY N 57 -48.24 39.88 3.81
N ILE N 58 -47.68 39.75 5.00
CA ILE N 58 -48.15 40.48 6.19
C ILE N 58 -47.51 41.86 6.17
N PRO N 59 -48.22 42.93 6.55
CA PRO N 59 -47.61 44.26 6.49
C PRO N 59 -46.40 44.40 7.40
N ALA N 60 -45.50 45.31 7.01
CA ALA N 60 -44.24 45.49 7.75
C ALA N 60 -44.49 46.05 9.15
N ARG N 61 -45.57 46.80 9.34
CA ARG N 61 -45.84 47.41 10.64
C ARG N 61 -46.06 46.38 11.74
N PHE N 62 -46.42 45.15 11.40
CA PHE N 62 -46.50 44.08 12.38
C PHE N 62 -45.09 43.63 12.76
N SER N 63 -44.85 43.49 14.06
CA SER N 63 -43.55 43.08 14.55
C SER N 63 -43.71 42.42 15.91
N GLY N 64 -42.93 41.38 16.14
CA GLY N 64 -42.99 40.63 17.38
C GLY N 64 -41.63 40.52 18.02
N SER N 65 -41.62 40.41 19.35
CA SER N 65 -40.40 40.28 20.11
C SER N 65 -40.70 39.49 21.38
N GLY N 66 -39.66 39.21 22.14
CA GLY N 66 -39.76 38.48 23.37
C GLY N 66 -39.16 37.09 23.27
N SER N 67 -38.89 36.51 24.43
CA SER N 67 -38.32 35.17 24.55
C SER N 67 -38.57 34.69 25.97
N GLY N 68 -38.51 33.37 26.14
CA GLY N 68 -38.70 32.81 27.46
C GLY N 68 -40.15 32.81 27.89
N THR N 69 -40.48 33.57 28.93
CA THR N 69 -41.83 33.57 29.48
C THR N 69 -42.69 34.71 28.94
N GLU N 70 -42.11 35.84 28.57
CA GLU N 70 -42.84 37.02 28.14
C GLU N 70 -42.67 37.26 26.65
N PHE N 71 -43.76 37.64 25.98
CA PHE N 71 -43.75 37.97 24.57
C PHE N 71 -44.63 39.20 24.35
N THR N 72 -44.37 39.88 23.25
CA THR N 72 -45.10 41.09 22.90
C THR N 72 -45.36 41.12 21.40
N LEU N 73 -46.51 41.65 21.02
CA LEU N 73 -46.86 41.94 19.64
C LEU N 73 -47.14 43.43 19.54
N THR N 74 -46.48 44.09 18.60
CA THR N 74 -46.59 45.54 18.47
C THR N 74 -46.86 45.91 17.02
N ILE N 75 -47.60 47.02 16.85
CA ILE N 75 -47.94 47.56 15.54
C ILE N 75 -47.55 49.03 15.55
N SER N 76 -46.75 49.44 14.56
CA SER N 76 -46.23 50.80 14.51
C SER N 76 -47.36 51.83 14.45
N SER N 77 -48.22 51.71 13.44
CA SER N 77 -49.35 52.63 13.25
C SER N 77 -50.55 51.82 12.78
N LEU N 78 -51.63 51.85 13.56
CA LEU N 78 -52.80 51.05 13.22
C LEU N 78 -53.42 51.50 11.90
N GLN N 79 -54.31 50.65 11.40
CA GLN N 79 -55.14 50.96 10.25
C GLN N 79 -56.49 50.29 10.46
N SER N 80 -57.48 50.72 9.67
CA SER N 80 -58.85 50.23 9.84
C SER N 80 -58.92 48.71 9.74
N GLU N 81 -58.09 48.11 8.90
CA GLU N 81 -58.05 46.65 8.77
C GLU N 81 -57.53 45.96 10.02
N ASP N 82 -56.78 46.67 10.88
CA ASP N 82 -56.10 46.02 11.99
C ASP N 82 -57.03 45.64 13.14
N PHE N 83 -58.22 46.21 13.21
CA PHE N 83 -59.08 45.98 14.38
C PHE N 83 -59.72 44.60 14.25
N ALA N 84 -59.43 43.74 15.22
CA ALA N 84 -59.87 42.34 15.22
C ALA N 84 -59.53 41.76 16.58
N VAL N 85 -59.59 40.43 16.70
CA VAL N 85 -59.15 39.71 17.89
C VAL N 85 -57.82 39.04 17.56
N TYR N 86 -56.86 39.15 18.47
CA TYR N 86 -55.54 38.55 18.28
C TYR N 86 -55.34 37.42 19.28
N TYR N 87 -54.82 36.30 18.79
CA TYR N 87 -54.59 35.10 19.58
C TYR N 87 -53.12 34.69 19.54
N CYS N 88 -52.65 34.19 20.68
CA CYS N 88 -51.29 33.74 20.90
C CYS N 88 -51.29 32.23 21.12
N GLN N 89 -50.36 31.53 20.46
CA GLN N 89 -50.29 30.07 20.53
C GLN N 89 -48.99 29.60 21.18
N GLN N 90 -49.05 28.36 21.69
CA GLN N 90 -47.98 27.82 22.52
C GLN N 90 -46.73 27.54 21.69
N HIS N 91 -46.84 26.64 20.71
CA HIS N 91 -45.90 26.52 19.60
C HIS N 91 -44.65 25.69 19.89
N ASN N 92 -44.17 25.68 21.13
CA ASN N 92 -42.90 25.05 21.48
C ASN N 92 -43.02 23.56 21.77
N GLU N 93 -43.95 23.22 22.64
CA GLU N 93 -44.21 21.87 23.12
C GLU N 93 -45.43 21.32 22.40
N TYR N 94 -45.70 20.02 22.59
CA TYR N 94 -46.72 19.34 21.80
C TYR N 94 -48.09 19.16 22.47
N PRO N 95 -48.31 19.54 23.74
CA PRO N 95 -49.71 19.70 24.18
C PRO N 95 -50.47 20.77 23.40
N PHE N 96 -49.80 21.85 22.98
CA PHE N 96 -50.34 22.93 22.17
C PHE N 96 -51.54 23.65 22.78
N THR N 97 -51.24 24.72 23.52
CA THR N 97 -52.21 25.62 24.12
C THR N 97 -52.30 26.90 23.31
N PHE N 98 -53.37 27.67 23.54
CA PHE N 98 -53.61 28.93 22.85
C PHE N 98 -53.85 30.04 23.85
N GLY N 99 -53.75 31.29 23.37
CA GLY N 99 -53.91 32.43 24.23
C GLY N 99 -55.37 32.83 24.39
N GLN N 100 -55.64 33.53 25.50
CA GLN N 100 -57.00 33.82 25.90
C GLN N 100 -57.76 34.70 24.90
N GLY N 101 -57.04 35.47 24.08
CA GLY N 101 -57.68 36.34 23.12
C GLY N 101 -57.75 37.78 23.61
N THR N 102 -57.41 38.72 22.72
CA THR N 102 -57.37 40.14 23.04
C THR N 102 -58.24 40.88 22.05
N LYS N 103 -59.22 41.63 22.56
CA LYS N 103 -60.08 42.44 21.71
C LYS N 103 -59.37 43.77 21.44
N LEU N 104 -59.18 44.09 20.16
CA LEU N 104 -58.66 45.39 19.73
C LEU N 104 -59.80 46.13 19.03
N GLU N 105 -60.30 47.18 19.68
CA GLU N 105 -61.45 47.95 19.22
C GLU N 105 -61.03 49.40 18.97
N ILE N 106 -61.84 50.09 18.17
CA ILE N 106 -61.57 51.49 17.87
C ILE N 106 -62.13 52.37 18.98
N LYS N 107 -61.43 53.47 19.25
CA LYS N 107 -61.81 54.44 20.28
C LYS N 107 -62.38 55.69 19.62
N ARG N 108 -63.56 56.10 20.07
CA ARG N 108 -64.23 57.32 19.62
C ARG N 108 -64.46 58.25 20.81
N THR N 109 -65.31 59.25 20.59
CA THR N 109 -65.68 60.20 21.63
C THR N 109 -66.75 59.60 22.53
N VAL N 110 -66.68 59.92 23.83
CA VAL N 110 -67.67 59.41 24.77
C VAL N 110 -69.04 59.94 24.40
N ALA N 111 -70.01 59.03 24.31
CA ALA N 111 -71.39 59.36 23.96
C ALA N 111 -72.33 58.62 24.90
N ALA N 112 -73.36 59.31 25.36
CA ALA N 112 -74.31 58.72 26.30
C ALA N 112 -75.32 57.85 25.55
N PRO N 113 -75.98 56.91 26.26
CA PRO N 113 -76.96 56.05 25.59
C PRO N 113 -78.34 56.65 25.51
N SER N 114 -78.94 56.64 24.32
CA SER N 114 -80.36 56.94 24.18
C SER N 114 -81.16 55.73 24.66
N VAL N 115 -81.93 55.90 25.73
CA VAL N 115 -82.58 54.79 26.42
C VAL N 115 -84.05 54.75 26.04
N PHE N 116 -84.53 53.57 25.68
CA PHE N 116 -85.94 53.32 25.41
C PHE N 116 -86.37 52.03 26.10
N ILE N 117 -87.58 52.02 26.64
CA ILE N 117 -88.16 50.85 27.29
C ILE N 117 -89.39 50.43 26.51
N PHE N 118 -89.54 49.12 26.31
CA PHE N 118 -90.62 48.54 25.51
C PHE N 118 -91.43 47.59 26.39
N PRO N 119 -92.71 47.83 26.67
CA PRO N 119 -93.48 46.88 27.49
C PRO N 119 -93.69 45.56 26.75
N PRO N 120 -94.33 44.58 27.40
CA PRO N 120 -94.70 43.35 26.68
C PRO N 120 -95.91 43.58 25.79
N SER N 121 -95.85 43.01 24.59
CA SER N 121 -96.96 43.11 23.66
C SER N 121 -98.14 42.27 24.14
N ASP N 122 -99.34 42.67 23.71
CA ASP N 122 -100.55 41.93 24.06
C ASP N 122 -100.52 40.51 23.54
N GLU N 123 -99.81 40.27 22.43
CA GLU N 123 -99.69 38.92 21.89
C GLU N 123 -98.96 38.01 22.87
N GLN N 124 -97.85 38.51 23.44
CA GLN N 124 -97.09 37.76 24.42
C GLN N 124 -97.95 37.40 25.62
N LEU N 125 -98.62 38.41 26.17
CA LEU N 125 -99.34 38.24 27.43
C LEU N 125 -100.43 37.19 27.32
N LYS N 126 -100.96 36.97 26.11
CA LYS N 126 -101.91 35.88 25.89
C LYS N 126 -101.24 34.52 26.06
N SER N 127 -100.01 34.37 25.57
CA SER N 127 -99.36 33.06 25.58
C SER N 127 -99.11 32.57 27.00
N GLY N 128 -98.85 33.47 27.94
CA GLY N 128 -98.56 33.13 29.32
C GLY N 128 -97.17 33.56 29.77
N THR N 129 -96.47 34.34 28.94
CA THR N 129 -95.13 34.83 29.27
C THR N 129 -95.03 36.29 28.86
N ALA N 130 -94.29 37.05 29.66
CA ALA N 130 -94.09 38.48 29.44
C ALA N 130 -92.61 38.79 29.44
N SER N 131 -92.17 39.58 28.45
CA SER N 131 -90.78 40.01 28.32
C SER N 131 -90.74 41.53 28.22
N VAL N 132 -90.00 42.16 29.12
CA VAL N 132 -89.79 43.61 29.11
C VAL N 132 -88.38 43.84 28.58
N VAL N 133 -88.25 44.80 27.65
CA VAL N 133 -86.99 45.06 26.95
C VAL N 133 -86.52 46.46 27.29
N CYS N 134 -85.20 46.61 27.40
CA CYS N 134 -84.55 47.89 27.65
C CYS N 134 -83.43 48.06 26.64
N LEU N 135 -83.54 49.09 25.80
CA LEU N 135 -82.60 49.36 24.72
C LEU N 135 -81.72 50.52 25.12
N LEU N 136 -80.42 50.36 24.95
CA LEU N 136 -79.43 51.43 25.10
C LEU N 136 -78.79 51.61 23.73
N ASN N 137 -79.18 52.65 23.01
CA ASN N 137 -78.81 52.81 21.61
C ASN N 137 -77.65 53.78 21.46
N ASN N 138 -76.65 53.37 20.67
CA ASN N 138 -75.54 54.22 20.26
C ASN N 138 -74.85 54.86 21.45
N PHE N 139 -73.91 54.15 22.05
CA PHE N 139 -73.27 54.61 23.27
C PHE N 139 -71.85 54.10 23.30
N TYR N 140 -70.97 54.89 23.91
CA TYR N 140 -69.57 54.52 24.04
C TYR N 140 -69.09 55.15 25.35
N PRO N 141 -68.23 54.46 26.13
CA PRO N 141 -67.56 53.16 25.95
C PRO N 141 -68.47 51.96 26.11
N ARG N 142 -67.95 50.79 25.75
CA ARG N 142 -68.73 49.55 25.80
C ARG N 142 -69.23 49.26 27.21
N GLU N 143 -68.46 49.64 28.22
CA GLU N 143 -68.82 49.34 29.61
C GLU N 143 -70.08 50.10 30.00
N ALA N 144 -71.12 49.34 30.36
CA ALA N 144 -72.37 49.90 30.83
C ALA N 144 -73.05 48.86 31.70
N LYS N 145 -73.98 49.32 32.54
CA LYS N 145 -74.66 48.46 33.50
C LYS N 145 -76.14 48.80 33.52
N VAL N 146 -76.97 47.76 33.48
CA VAL N 146 -78.43 47.89 33.51
C VAL N 146 -78.95 47.11 34.70
N GLN N 147 -79.79 47.75 35.52
CA GLN N 147 -80.41 47.14 36.68
C GLN N 147 -81.92 47.26 36.57
N TRP N 148 -82.62 46.14 36.70
CA TRP N 148 -84.06 46.10 36.62
C TRP N 148 -84.68 46.33 38.00
N LYS N 149 -85.71 47.19 38.03
CA LYS N 149 -86.44 47.50 39.26
C LYS N 149 -87.93 47.35 38.99
N VAL N 150 -88.58 46.49 39.78
CA VAL N 150 -90.03 46.29 39.71
C VAL N 150 -90.59 46.73 41.05
N ASP N 151 -91.43 47.76 41.03
CA ASP N 151 -91.93 48.41 42.25
C ASP N 151 -90.78 48.86 43.14
N ASN N 152 -89.73 49.39 42.53
CA ASN N 152 -88.55 49.88 43.24
C ASN N 152 -87.88 48.77 44.05
N ALA N 153 -87.88 47.56 43.48
CA ALA N 153 -87.24 46.39 44.07
C ALA N 153 -86.29 45.79 43.04
N LEU N 154 -85.00 45.73 43.39
CA LEU N 154 -83.99 45.24 42.45
C LEU N 154 -84.27 43.79 42.08
N GLN N 155 -83.92 43.44 40.84
CA GLN N 155 -84.14 42.12 40.27
C GLN N 155 -82.81 41.55 39.78
N SER N 156 -82.66 40.24 39.91
CA SER N 156 -81.45 39.57 39.46
C SER N 156 -81.78 38.12 39.13
N GLY N 157 -81.03 37.56 38.18
CA GLY N 157 -81.20 36.17 37.81
C GLY N 157 -82.36 35.90 36.88
N ASN N 158 -83.11 36.93 36.47
CA ASN N 158 -84.24 36.78 35.55
C ASN N 158 -84.14 37.72 34.35
N SER N 159 -82.98 38.34 34.15
CA SER N 159 -82.75 39.28 33.05
C SER N 159 -81.50 38.87 32.31
N GLN N 160 -81.57 38.93 30.98
CA GLN N 160 -80.45 38.63 30.11
C GLN N 160 -80.22 39.79 29.15
N GLU N 161 -78.95 40.06 28.84
CA GLU N 161 -78.58 41.15 27.96
C GLU N 161 -77.65 40.67 26.85
N SER N 162 -77.67 41.43 25.76
CA SER N 162 -76.81 41.19 24.60
C SER N 162 -76.33 42.53 24.07
N VAL N 163 -75.10 42.57 23.59
CA VAL N 163 -74.46 43.80 23.12
C VAL N 163 -74.03 43.58 21.68
N THR N 164 -74.50 44.43 20.77
CA THR N 164 -74.03 44.37 19.40
C THR N 164 -72.57 44.78 19.35
N GLU N 165 -71.86 44.26 18.36
CA GLU N 165 -70.46 44.66 18.17
C GLU N 165 -70.40 46.11 17.71
N GLN N 166 -69.19 46.66 17.74
CA GLN N 166 -68.98 48.07 17.45
C GLN N 166 -69.45 48.41 16.04
N ASP N 167 -70.24 49.48 15.93
CA ASP N 167 -70.81 49.89 14.66
C ASP N 167 -69.71 50.28 13.68
N SER N 168 -70.00 50.15 12.39
CA SER N 168 -69.01 50.46 11.36
C SER N 168 -68.94 51.95 11.07
N LYS N 169 -70.08 52.63 11.07
CA LYS N 169 -70.12 54.03 10.67
C LYS N 169 -69.70 54.96 11.80
N ASP N 170 -70.34 54.83 12.96
CA ASP N 170 -70.11 55.73 14.09
C ASP N 170 -69.39 55.06 15.26
N SER N 171 -69.09 53.76 15.18
CA SER N 171 -68.27 53.07 16.17
C SER N 171 -68.89 53.06 17.56
N THR N 172 -70.23 53.12 17.62
CA THR N 172 -70.96 53.09 18.88
C THR N 172 -71.60 51.72 19.06
N TYR N 173 -71.67 51.27 20.31
CA TYR N 173 -72.29 50.00 20.63
C TYR N 173 -73.78 50.19 20.86
N SER N 174 -74.46 49.10 21.16
CA SER N 174 -75.87 49.11 21.54
C SER N 174 -76.10 47.89 22.40
N LEU N 175 -76.97 48.03 23.40
CA LEU N 175 -77.21 46.99 24.38
C LEU N 175 -78.72 46.75 24.48
N SER N 176 -79.10 45.48 24.59
CA SER N 176 -80.49 45.08 24.71
C SER N 176 -80.61 44.12 25.88
N SER N 177 -81.37 44.52 26.90
CA SER N 177 -81.59 43.72 28.11
C SER N 177 -83.05 43.28 28.15
N THR N 178 -83.26 41.98 28.31
CA THR N 178 -84.58 41.36 28.31
C THR N 178 -84.86 40.78 29.68
N LEU N 179 -85.93 41.25 30.32
CA LEU N 179 -86.40 40.73 31.60
C LEU N 179 -87.63 39.86 31.35
N THR N 180 -87.50 38.55 31.57
CA THR N 180 -88.54 37.58 31.26
C THR N 180 -89.18 37.09 32.56
N LEU N 181 -90.49 37.38 32.71
CA LEU N 181 -91.30 36.90 33.82
C LEU N 181 -92.56 36.26 33.27
N SER N 182 -93.28 35.55 34.15
CA SER N 182 -94.52 34.90 33.78
C SER N 182 -95.68 35.89 33.78
N LYS N 183 -96.82 35.44 33.25
CA LYS N 183 -98.00 36.30 33.19
C LYS N 183 -98.45 36.71 34.58
N ALA N 184 -98.62 35.73 35.48
CA ALA N 184 -99.13 36.03 36.82
C ALA N 184 -98.18 36.96 37.57
N ASP N 185 -96.88 36.64 37.56
CA ASP N 185 -95.90 37.48 38.24
C ASP N 185 -95.87 38.88 37.65
N TYR N 186 -96.04 39.00 36.34
CA TYR N 186 -96.03 40.32 35.70
C TYR N 186 -97.21 41.15 36.17
N GLU N 187 -98.36 40.52 36.41
CA GLU N 187 -99.56 41.24 36.79
C GLU N 187 -99.58 41.64 38.26
N LYS N 188 -98.80 40.97 39.12
CA LYS N 188 -98.84 41.29 40.54
C LYS N 188 -98.27 42.68 40.81
N HIS N 189 -97.26 43.10 40.03
CA HIS N 189 -96.59 44.37 40.22
C HIS N 189 -97.05 45.36 39.14
N LYS N 190 -96.60 46.61 39.27
CA LYS N 190 -97.11 47.70 38.44
C LYS N 190 -96.01 48.44 37.69
N VAL N 191 -95.02 49.01 38.38
CA VAL N 191 -94.03 49.88 37.76
C VAL N 191 -92.80 49.05 37.46
N TYR N 192 -92.36 49.09 36.20
CA TYR N 192 -91.16 48.43 35.75
C TYR N 192 -90.24 49.47 35.14
N ALA N 193 -88.95 49.35 35.44
CA ALA N 193 -87.98 50.35 35.06
C ALA N 193 -86.61 49.70 35.00
N CYS N 194 -85.84 50.06 33.98
CA CYS N 194 -84.45 49.65 33.86
C CYS N 194 -83.57 50.85 34.16
N GLU N 195 -82.63 50.66 35.08
CA GLU N 195 -81.77 51.73 35.56
C GLU N 195 -80.41 51.60 34.88
N VAL N 196 -80.05 52.60 34.08
CA VAL N 196 -78.84 52.59 33.27
C VAL N 196 -77.76 53.39 33.97
N THR N 197 -76.60 52.77 34.18
CA THR N 197 -75.41 53.43 34.67
C THR N 197 -74.37 53.43 33.55
N HIS N 198 -73.82 54.61 33.25
CA HIS N 198 -72.86 54.75 32.18
C HIS N 198 -71.93 55.91 32.50
N GLN N 199 -70.71 55.82 31.94
CA GLN N 199 -69.66 56.80 32.25
C GLN N 199 -70.07 58.20 31.84
N GLY N 200 -70.77 58.34 30.71
CA GLY N 200 -71.18 59.65 30.21
C GLY N 200 -72.29 60.31 31.01
N LEU N 201 -72.87 59.63 31.99
CA LEU N 201 -73.94 60.16 32.81
C LEU N 201 -73.42 60.48 34.20
N SER N 202 -74.03 61.49 34.83
CA SER N 202 -73.66 61.84 36.20
C SER N 202 -74.27 60.86 37.19
N SER N 203 -75.57 60.63 37.09
CA SER N 203 -76.33 59.71 37.92
C SER N 203 -77.13 58.79 37.01
N PRO N 204 -77.52 57.61 37.49
CA PRO N 204 -78.17 56.65 36.60
C PRO N 204 -79.53 57.13 36.09
N VAL N 205 -79.76 56.91 34.79
CA VAL N 205 -81.04 57.21 34.16
C VAL N 205 -82.03 56.09 34.46
N THR N 206 -83.31 56.45 34.54
CA THR N 206 -84.39 55.50 34.78
C THR N 206 -85.49 55.79 33.76
N LYS N 207 -85.72 54.84 32.86
CA LYS N 207 -86.88 54.84 31.98
C LYS N 207 -87.87 53.81 32.49
N SER N 208 -89.13 54.23 32.65
CA SER N 208 -90.13 53.41 33.32
C SER N 208 -91.45 53.52 32.57
N PHE N 209 -92.38 52.66 32.97
CA PHE N 209 -93.75 52.66 32.48
C PHE N 209 -94.60 52.00 33.55
N ASN N 210 -95.92 52.07 33.35
CA ASN N 210 -96.89 51.49 34.27
C ASN N 210 -97.67 50.38 33.59
N ARG N 211 -97.92 49.31 34.34
CA ARG N 211 -98.67 48.18 33.84
C ARG N 211 -100.09 48.63 33.53
N GLY N 212 -100.58 48.28 32.34
CA GLY N 212 -101.92 48.69 31.96
C GLY N 212 -102.07 50.16 31.67
N GLU N 213 -100.98 50.85 31.34
CA GLU N 213 -101.06 52.26 30.97
C GLU N 213 -101.59 52.39 29.54
N CYS N 214 -101.10 51.54 28.64
CA CYS N 214 -101.52 51.48 27.24
C CYS N 214 -101.48 52.84 26.55
N LEU O 35 -40.86 5.13 -4.64
CA LEU O 35 -39.79 5.30 -5.63
C LEU O 35 -39.07 6.65 -5.44
N GLN O 36 -39.45 7.40 -4.42
CA GLN O 36 -38.82 8.67 -4.08
C GLN O 36 -38.10 8.50 -2.75
N GLN O 37 -36.85 9.01 -2.68
CA GLN O 37 -35.95 8.69 -1.58
C GLN O 37 -35.72 9.92 -0.69
N PRO O 38 -35.75 9.77 0.66
CA PRO O 38 -35.40 10.92 1.52
C PRO O 38 -33.92 10.93 1.85
N LEU O 39 -33.20 11.98 1.45
CA LEU O 39 -31.75 12.01 1.65
C LEU O 39 -31.36 12.47 3.05
N ASP O 40 -32.17 13.31 3.68
CA ASP O 40 -31.97 13.78 5.06
C ASP O 40 -33.17 13.32 5.88
N CYS O 41 -33.23 13.74 7.13
CA CYS O 41 -34.35 13.37 7.98
C CYS O 41 -35.45 14.42 8.04
N ASP O 42 -35.19 15.65 7.58
CA ASP O 42 -36.29 16.59 7.42
C ASP O 42 -37.24 16.15 6.31
N ASP O 43 -36.73 15.42 5.31
CA ASP O 43 -37.62 14.80 4.34
C ASP O 43 -38.52 13.78 5.02
N ILE O 44 -37.97 13.00 5.96
CA ILE O 44 -38.76 12.00 6.67
C ILE O 44 -39.93 12.66 7.39
N TYR O 45 -39.69 13.86 7.95
CA TYR O 45 -40.80 14.65 8.47
C TYR O 45 -41.85 14.89 7.40
N ALA O 46 -41.40 15.21 6.18
CA ALA O 46 -42.33 15.41 5.08
C ALA O 46 -42.94 14.08 4.59
N GLN O 47 -42.21 12.97 4.71
CA GLN O 47 -42.77 11.68 4.35
C GLN O 47 -44.02 11.37 5.18
N GLY O 48 -44.04 11.80 6.44
CA GLY O 48 -45.19 11.63 7.32
C GLY O 48 -44.89 10.90 8.61
N TYR O 49 -43.61 10.85 8.99
CA TYR O 49 -43.15 10.12 10.16
C TYR O 49 -42.53 11.10 11.16
N GLN O 50 -43.00 11.04 12.40
CA GLN O 50 -42.63 11.99 13.44
C GLN O 50 -42.15 11.32 14.72
N SER O 51 -42.18 10.00 14.80
CA SER O 51 -41.65 9.30 15.96
C SER O 51 -40.14 9.19 15.86
N ASP O 52 -39.44 9.66 16.88
CA ASP O 52 -37.98 9.63 16.87
C ASP O 52 -37.49 8.20 16.98
N GLY O 53 -36.61 7.81 16.07
CA GLY O 53 -36.10 6.45 16.06
C GLY O 53 -35.11 6.25 14.93
N VAL O 54 -34.87 4.99 14.61
CA VAL O 54 -33.94 4.64 13.55
C VAL O 54 -34.66 4.78 12.21
N TYR O 55 -33.99 5.40 11.24
CA TYR O 55 -34.56 5.59 9.91
C TYR O 55 -33.47 5.48 8.87
N LEU O 56 -33.88 5.15 7.65
CA LEU O 56 -32.96 5.05 6.51
C LEU O 56 -33.07 6.31 5.66
N ILE O 57 -31.92 6.94 5.41
CA ILE O 57 -31.80 8.08 4.51
C ILE O 57 -30.69 7.79 3.52
N TYR O 58 -30.78 8.44 2.36
CA TYR O 58 -29.91 8.16 1.21
C TYR O 58 -29.06 9.39 0.91
N PRO O 59 -27.99 9.62 1.67
CA PRO O 59 -27.15 10.80 1.40
C PRO O 59 -26.33 10.65 0.13
N SER O 60 -25.77 9.47 -0.12
CA SER O 60 -25.07 9.23 -1.37
C SER O 60 -26.08 9.23 -2.50
N GLY O 61 -26.91 8.19 -2.56
CA GLY O 61 -27.89 8.08 -3.59
C GLY O 61 -28.83 6.92 -3.33
N PRO O 62 -29.73 6.64 -4.26
CA PRO O 62 -30.67 5.51 -4.07
C PRO O 62 -29.99 4.15 -4.02
N SER O 63 -28.71 4.06 -4.39
CA SER O 63 -28.01 2.78 -4.39
C SER O 63 -27.90 2.20 -2.98
N VAL O 64 -27.27 2.95 -2.06
CA VAL O 64 -26.97 2.47 -0.72
C VAL O 64 -27.48 3.47 0.31
N PRO O 65 -28.32 3.06 1.26
CA PRO O 65 -28.64 3.94 2.39
C PRO O 65 -27.66 3.78 3.54
N VAL O 66 -27.83 4.65 4.53
CA VAL O 66 -27.11 4.57 5.80
C VAL O 66 -28.11 4.87 6.91
N PRO O 67 -28.25 4.03 7.94
CA PRO O 67 -29.22 4.33 8.99
C PRO O 67 -28.70 5.36 9.97
N VAL O 68 -29.62 6.19 10.48
CA VAL O 68 -29.34 7.21 11.49
C VAL O 68 -30.50 7.22 12.47
N PHE O 69 -30.25 7.88 13.61
CA PHE O 69 -31.29 8.14 14.60
C PHE O 69 -31.67 9.62 14.48
N CYS O 70 -32.98 9.89 14.53
CA CYS O 70 -33.53 11.22 14.35
C CYS O 70 -34.32 11.64 15.58
N ASP O 71 -34.10 12.88 16.02
CA ASP O 71 -34.81 13.45 17.17
C ASP O 71 -35.92 14.34 16.63
N MET O 72 -37.04 13.70 16.30
CA MET O 72 -38.24 14.41 15.84
C MET O 72 -38.98 15.13 16.96
N THR O 73 -38.51 15.12 18.20
CA THR O 73 -39.20 15.74 19.32
C THR O 73 -38.64 17.11 19.70
N THR O 74 -37.31 17.23 19.75
CA THR O 74 -36.69 18.41 20.33
C THR O 74 -36.83 19.61 19.40
N GLU O 75 -37.41 20.70 19.91
CA GLU O 75 -37.52 21.98 19.21
C GLU O 75 -38.10 21.81 17.81
N GLY O 76 -39.28 21.20 17.75
CA GLY O 76 -39.97 20.98 16.51
C GLY O 76 -39.56 19.72 15.77
N GLY O 77 -38.43 19.12 16.12
CA GLY O 77 -38.00 17.88 15.51
C GLY O 77 -37.19 18.09 14.24
N LYS O 78 -37.25 17.11 13.33
CA LYS O 78 -36.53 17.16 12.07
C LYS O 78 -35.02 17.20 12.28
N TRP O 79 -34.54 16.64 13.39
CA TRP O 79 -33.12 16.63 13.70
C TRP O 79 -32.50 15.35 13.17
N THR O 80 -31.43 15.50 12.39
CA THR O 80 -30.59 14.37 11.99
C THR O 80 -29.40 14.34 12.92
N VAL O 81 -29.17 13.19 13.54
CA VAL O 81 -28.14 13.04 14.56
C VAL O 81 -26.94 12.35 13.92
N PHE O 82 -25.78 13.01 13.97
CA PHE O 82 -24.53 12.46 13.44
C PHE O 82 -23.54 12.10 14.53
N GLN O 83 -24.03 11.93 15.77
CA GLN O 83 -23.17 11.81 16.95
C GLN O 83 -24.09 11.47 18.12
N LYS O 84 -23.83 10.35 18.80
CA LYS O 84 -24.56 9.98 20.01
C LYS O 84 -23.62 9.31 20.99
N ARG O 85 -23.75 9.66 22.26
CA ARG O 85 -22.95 9.07 23.32
C ARG O 85 -23.73 9.14 24.63
N PHE O 86 -23.66 8.07 25.41
CA PHE O 86 -24.37 8.02 26.69
C PHE O 86 -23.89 6.85 27.54
N ASN O 87 -23.76 5.66 26.93
CA ASN O 87 -23.35 4.47 27.66
C ASN O 87 -21.87 4.50 28.00
N GLY O 88 -21.06 5.13 27.15
CA GLY O 88 -19.62 5.05 27.26
C GLY O 88 -19.02 3.75 26.76
N SER O 89 -19.85 2.80 26.32
CA SER O 89 -19.36 1.49 25.92
C SER O 89 -18.52 1.58 24.66
N VAL O 90 -19.06 2.20 23.62
CA VAL O 90 -18.34 2.34 22.37
C VAL O 90 -17.18 3.31 22.58
N SER O 91 -15.98 2.90 22.17
CA SER O 91 -14.82 3.78 22.25
C SER O 91 -14.77 4.65 21.01
N PHE O 92 -14.64 5.96 21.22
CA PHE O 92 -14.53 6.91 20.12
C PHE O 92 -13.09 7.28 19.78
N PHE O 93 -12.11 6.67 20.45
CA PHE O 93 -10.70 6.88 20.07
C PHE O 93 -10.44 5.91 18.92
N ARG O 94 -10.85 6.33 17.73
CA ARG O 94 -10.77 5.57 16.50
C ARG O 94 -9.82 6.27 15.54
N GLY O 95 -9.57 5.63 14.40
CA GLY O 95 -8.65 6.13 13.41
C GLY O 95 -9.32 7.06 12.41
N TRP O 96 -8.49 7.62 11.52
CA TRP O 96 -9.01 8.51 10.50
C TRP O 96 -9.97 7.81 9.56
N ASN O 97 -9.71 6.53 9.27
CA ASN O 97 -10.58 5.80 8.35
C ASN O 97 -11.93 5.51 9.00
N ASP O 98 -11.94 5.09 10.26
CA ASP O 98 -13.20 4.83 10.93
C ASP O 98 -14.03 6.10 11.03
N TYR O 99 -13.38 7.24 11.26
CA TYR O 99 -14.11 8.49 11.35
C TYR O 99 -14.52 9.03 9.99
N LYS O 100 -13.88 8.60 8.91
CA LYS O 100 -14.33 8.99 7.57
C LYS O 100 -15.56 8.17 7.17
N LEU O 101 -15.49 6.85 7.33
CA LEU O 101 -16.56 5.97 6.89
C LEU O 101 -17.73 5.90 7.87
N GLY O 102 -17.53 6.29 9.13
CA GLY O 102 -18.55 6.15 10.14
C GLY O 102 -18.43 4.84 10.90
N PHE O 103 -19.00 4.84 12.10
CA PHE O 103 -18.85 3.71 13.00
C PHE O 103 -19.93 3.75 14.08
N GLY O 104 -20.42 2.58 14.47
CA GLY O 104 -21.33 2.46 15.59
C GLY O 104 -22.71 1.99 15.16
N ARG O 105 -23.60 1.99 16.15
CA ARG O 105 -24.99 1.55 15.98
C ARG O 105 -25.93 2.74 16.03
N ALA O 106 -26.79 2.86 15.01
CA ALA O 106 -27.79 3.93 15.02
C ALA O 106 -28.71 3.85 16.24
N ASP O 107 -28.85 2.68 16.86
CA ASP O 107 -29.64 2.58 18.08
C ASP O 107 -28.98 3.39 19.19
N GLY O 108 -27.79 2.95 19.61
CA GLY O 108 -27.08 3.57 20.70
C GLY O 108 -26.04 4.58 20.25
N GLU O 109 -24.83 4.48 20.81
CA GLU O 109 -23.78 5.43 20.48
C GLU O 109 -23.24 5.15 19.08
N TYR O 110 -22.97 6.22 18.33
CA TYR O 110 -22.43 6.07 16.99
C TYR O 110 -21.89 7.40 16.49
N TRP O 111 -21.23 7.32 15.34
CA TRP O 111 -20.72 8.47 14.61
C TRP O 111 -21.05 8.26 13.14
N LEU O 112 -21.75 9.22 12.54
CA LEU O 112 -22.32 8.97 11.22
C LEU O 112 -21.25 8.81 10.15
N GLY O 113 -20.14 9.52 10.27
CA GLY O 113 -19.07 9.42 9.26
C GLY O 113 -18.87 10.75 8.57
N LEU O 114 -17.61 11.15 8.47
CA LEU O 114 -17.29 12.49 7.94
C LEU O 114 -17.71 12.62 6.48
N GLN O 115 -17.58 11.55 5.70
CA GLN O 115 -17.95 11.64 4.30
C GLN O 115 -19.45 11.90 4.17
N ASN O 116 -20.29 11.09 4.83
CA ASN O 116 -21.73 11.30 4.84
C ASN O 116 -22.09 12.74 5.23
N MET O 117 -21.53 13.21 6.34
CA MET O 117 -21.74 14.60 6.77
C MET O 117 -21.40 15.58 5.66
N HIS O 118 -20.28 15.36 4.97
CA HIS O 118 -19.95 16.24 3.86
C HIS O 118 -20.99 16.16 2.74
N LEU O 119 -21.54 14.97 2.46
CA LEU O 119 -22.54 14.90 1.40
C LEU O 119 -23.78 15.73 1.76
N LEU O 120 -24.24 15.66 3.01
CA LEU O 120 -25.43 16.43 3.38
C LEU O 120 -25.17 17.94 3.27
N THR O 121 -24.17 18.43 4.01
CA THR O 121 -23.90 19.86 4.03
C THR O 121 -23.51 20.39 2.65
N LEU O 122 -23.09 19.52 1.73
CA LEU O 122 -22.69 19.98 0.41
C LEU O 122 -23.90 20.40 -0.41
N LYS O 123 -25.02 19.68 -0.29
CA LYS O 123 -26.18 19.90 -1.15
C LYS O 123 -27.30 20.67 -0.48
N GLN O 124 -27.23 20.90 0.84
CA GLN O 124 -28.22 21.72 1.52
C GLN O 124 -27.54 22.49 2.64
N LYS O 125 -28.14 23.63 3.02
CA LYS O 125 -27.68 24.43 4.14
C LYS O 125 -28.33 23.92 5.41
N TYR O 126 -27.55 23.82 6.47
CA TYR O 126 -27.96 23.12 7.69
C TYR O 126 -27.67 23.95 8.93
N GLU O 127 -28.43 23.65 9.98
CA GLU O 127 -28.32 24.27 11.29
C GLU O 127 -27.85 23.23 12.30
N LEU O 128 -27.04 23.66 13.27
CA LEU O 128 -26.47 22.78 14.27
C LEU O 128 -27.08 23.03 15.64
N ARG O 129 -27.29 21.94 16.38
CA ARG O 129 -27.64 21.96 17.79
C ARG O 129 -26.92 20.80 18.45
N VAL O 130 -26.27 21.05 19.58
CA VAL O 130 -25.66 20.01 20.40
C VAL O 130 -26.37 20.03 21.75
N ASP O 131 -26.71 18.85 22.26
CA ASP O 131 -27.42 18.70 23.52
C ASP O 131 -26.54 17.89 24.47
N LEU O 132 -26.35 18.40 25.68
CA LEU O 132 -25.39 17.86 26.63
C LEU O 132 -26.09 17.58 27.95
N GLU O 133 -25.50 16.67 28.73
CA GLU O 133 -26.00 16.35 30.05
C GLU O 133 -24.84 15.85 30.92
N ASP O 134 -24.79 16.33 32.15
CA ASP O 134 -23.79 15.97 33.13
C ASP O 134 -24.32 14.86 34.04
N PHE O 135 -23.60 14.58 35.13
CA PHE O 135 -24.02 13.58 36.11
C PHE O 135 -24.82 14.17 37.26
N GLU O 136 -25.24 15.43 37.16
CA GLU O 136 -26.03 16.09 38.19
C GLU O 136 -27.47 16.37 37.73
N ASN O 137 -27.95 15.66 36.72
CA ASN O 137 -29.33 15.82 36.21
C ASN O 137 -29.57 17.23 35.71
N ASN O 138 -28.60 17.78 34.97
CA ASN O 138 -28.72 19.09 34.35
C ASN O 138 -28.52 18.95 32.85
N THR O 139 -29.24 19.79 32.10
CA THR O 139 -29.20 19.77 30.64
C THR O 139 -28.76 21.14 30.15
N ALA O 140 -28.16 21.15 28.96
CA ALA O 140 -27.68 22.38 28.36
C ALA O 140 -27.56 22.14 26.86
N TYR O 141 -27.35 23.22 26.11
CA TYR O 141 -27.23 23.09 24.66
C TYR O 141 -26.66 24.38 24.08
N ALA O 142 -26.30 24.32 22.80
CA ALA O 142 -25.83 25.46 22.04
C ALA O 142 -26.21 25.25 20.58
N LYS O 143 -26.65 26.32 19.92
CA LYS O 143 -27.09 26.28 18.54
C LYS O 143 -26.23 27.18 17.67
N TYR O 144 -26.02 26.75 16.42
CA TYR O 144 -25.25 27.51 15.45
C TYR O 144 -26.05 27.58 14.15
N ALA O 145 -26.24 28.80 13.66
CA ALA O 145 -27.15 29.04 12.54
C ALA O 145 -26.72 28.29 11.29
N ASP O 146 -25.48 28.48 10.86
CA ASP O 146 -24.93 27.82 9.70
C ASP O 146 -23.98 26.72 10.14
N PHE O 147 -23.94 25.62 9.40
CA PHE O 147 -23.04 24.53 9.71
C PHE O 147 -22.73 23.77 8.43
N SER O 148 -21.45 23.51 8.19
CA SER O 148 -21.05 22.80 6.97
C SER O 148 -19.69 22.16 7.22
N ILE O 149 -19.46 21.04 6.53
CA ILE O 149 -18.16 20.36 6.52
C ILE O 149 -17.54 20.63 5.16
N SER O 150 -16.44 21.36 5.17
CA SER O 150 -15.67 21.68 3.97
C SER O 150 -16.56 22.22 2.85
N PRO O 151 -17.33 23.27 3.10
CA PRO O 151 -18.32 23.71 2.12
C PRO O 151 -17.66 24.23 0.85
N ASN O 152 -18.28 23.88 -0.29
CA ASN O 152 -17.82 24.30 -1.61
C ASN O 152 -16.41 23.82 -1.88
N ALA O 153 -16.05 22.66 -1.34
CA ALA O 153 -14.75 22.06 -1.57
C ALA O 153 -14.88 20.99 -2.63
N VAL O 154 -14.11 21.12 -3.71
CA VAL O 154 -14.18 20.17 -4.81
C VAL O 154 -13.74 18.77 -4.36
N SER O 155 -12.92 18.68 -3.32
CA SER O 155 -12.52 17.40 -2.74
C SER O 155 -12.39 17.59 -1.23
N ALA O 156 -13.15 16.79 -0.47
CA ALA O 156 -13.12 16.94 0.98
C ALA O 156 -11.79 16.49 1.56
N GLU O 157 -11.21 15.41 1.01
CA GLU O 157 -9.92 14.92 1.47
C GLU O 157 -8.85 16.00 1.39
N GLU O 158 -8.70 16.63 0.22
CA GLU O 158 -7.70 17.67 0.03
C GLU O 158 -7.91 18.81 1.04
N ASP O 159 -9.16 19.21 1.25
CA ASP O 159 -9.49 20.25 2.21
C ASP O 159 -9.56 19.75 3.65
N GLY O 160 -9.37 18.46 3.87
CA GLY O 160 -9.31 17.92 5.23
C GLY O 160 -10.61 17.94 5.99
N TYR O 161 -11.74 18.10 5.32
CA TYR O 161 -13.05 18.17 5.96
C TYR O 161 -13.08 19.27 7.03
N THR O 162 -12.80 20.49 6.58
CA THR O 162 -12.85 21.63 7.48
C THR O 162 -14.26 21.79 8.05
N LEU O 163 -14.32 22.24 9.29
CA LEU O 163 -15.57 22.55 9.97
C LEU O 163 -15.82 24.04 9.87
N PHE O 164 -17.06 24.42 9.53
CA PHE O 164 -17.45 25.82 9.51
C PHE O 164 -18.74 25.98 10.31
N VAL O 165 -18.74 26.95 11.23
CA VAL O 165 -19.92 27.33 11.99
C VAL O 165 -19.96 28.85 12.04
N ALA O 166 -21.16 29.41 11.89
CA ALA O 166 -21.34 30.86 11.85
C ALA O 166 -22.10 31.32 13.10
N GLY O 167 -23.05 32.24 12.96
CA GLY O 167 -23.83 32.78 14.06
C GLY O 167 -24.28 31.79 15.11
N PHE O 168 -24.04 32.13 16.38
CA PHE O 168 -24.23 31.24 17.51
C PHE O 168 -25.35 31.77 18.40
N GLU O 169 -26.38 30.95 18.62
CA GLU O 169 -27.46 31.26 19.53
C GLU O 169 -27.25 30.47 20.82
N ASP O 170 -27.24 31.18 21.94
CA ASP O 170 -26.86 30.58 23.22
C ASP O 170 -27.99 29.74 23.80
N GLY O 171 -27.63 28.56 24.27
CA GLY O 171 -28.51 27.73 25.08
C GLY O 171 -27.99 27.64 26.50
N GLY O 172 -27.98 26.44 27.07
CA GLY O 172 -27.43 26.29 28.42
C GLY O 172 -25.93 26.45 28.46
N ALA O 173 -25.22 25.84 27.52
CA ALA O 173 -23.77 25.86 27.45
C ALA O 173 -23.29 27.10 26.71
N GLY O 174 -21.99 27.36 26.79
CA GLY O 174 -21.38 28.48 26.10
C GLY O 174 -21.07 28.16 24.65
N ASP O 175 -20.19 28.98 24.08
CA ASP O 175 -19.76 28.86 22.68
C ASP O 175 -18.33 28.32 22.65
N SER O 176 -18.20 27.01 22.41
CA SER O 176 -16.90 26.36 22.24
C SER O 176 -16.54 26.10 20.78
N LEU O 177 -17.54 25.88 19.92
CA LEU O 177 -17.24 25.44 18.55
C LEU O 177 -16.73 26.57 17.66
N SER O 178 -17.11 27.83 17.93
CA SER O 178 -16.63 28.92 17.10
C SER O 178 -15.11 29.00 17.08
N TYR O 179 -14.48 28.58 18.17
CA TYR O 179 -13.02 28.48 18.20
C TYR O 179 -12.51 27.47 17.18
N HIS O 180 -13.30 26.44 16.87
CA HIS O 180 -12.86 25.36 16.01
C HIS O 180 -13.12 25.62 14.53
N SER O 181 -13.93 26.61 14.17
CA SER O 181 -14.31 26.80 12.78
C SER O 181 -13.09 27.07 11.92
N GLY O 182 -13.06 26.43 10.75
CA GLY O 182 -11.96 26.54 9.82
C GLY O 182 -10.86 25.52 9.99
N GLN O 183 -11.02 24.56 10.90
CA GLN O 183 -9.99 23.59 11.21
C GLN O 183 -10.32 22.24 10.61
N LYS O 184 -9.30 21.59 10.06
CA LYS O 184 -9.44 20.26 9.50
C LYS O 184 -9.59 19.24 10.63
N PHE O 185 -10.20 18.12 10.29
CA PHE O 185 -10.45 17.07 11.28
C PHE O 185 -9.18 16.26 11.47
N SER O 186 -8.83 16.00 12.73
CA SER O 186 -7.54 15.43 13.10
C SER O 186 -7.75 14.17 13.91
N THR O 187 -6.89 13.19 13.68
CA THR O 187 -6.84 11.95 14.45
C THR O 187 -5.39 11.62 14.71
N PHE O 188 -5.15 10.65 15.60
CA PHE O 188 -3.80 10.14 15.83
C PHE O 188 -3.19 9.52 14.57
N ASP O 189 -4.02 9.16 13.59
CA ASP O 189 -3.51 8.79 12.27
C ASP O 189 -3.00 10.01 11.50
N ARG O 190 -3.85 11.03 11.41
CA ARG O 190 -3.58 12.23 10.61
C ARG O 190 -3.63 13.45 11.51
N ASP O 191 -2.48 14.09 11.73
CA ASP O 191 -2.38 15.29 12.54
C ASP O 191 -2.54 16.48 11.60
N GLN O 192 -3.68 17.18 11.74
CA GLN O 192 -3.94 18.42 11.01
C GLN O 192 -3.94 19.65 11.90
N ASP O 193 -3.89 19.48 13.23
CA ASP O 193 -4.01 20.58 14.17
C ASP O 193 -2.86 21.58 13.99
N LEU O 194 -3.06 22.77 14.56
CA LEU O 194 -2.08 23.83 14.53
C LEU O 194 -1.02 23.70 15.62
N PHE O 195 -1.01 22.59 16.35
CA PHE O 195 -0.14 22.37 17.49
C PHE O 195 1.06 21.56 17.04
N VAL O 196 2.24 21.85 17.62
CA VAL O 196 3.42 21.04 17.31
C VAL O 196 3.16 19.60 17.70
N GLN O 197 2.53 19.37 18.84
CA GLN O 197 2.16 18.03 19.25
C GLN O 197 0.94 17.58 18.46
N ASN O 198 0.49 16.35 18.75
CA ASN O 198 -0.71 15.78 18.14
C ASN O 198 -1.82 15.92 19.17
N CYS O 199 -2.57 17.03 19.07
CA CYS O 199 -3.59 17.33 20.07
C CYS O 199 -4.66 16.25 20.13
N ALA O 200 -4.92 15.58 19.01
CA ALA O 200 -5.83 14.45 19.04
C ALA O 200 -5.29 13.35 19.94
N ALA O 201 -3.97 13.14 19.91
CA ALA O 201 -3.37 12.13 20.77
C ALA O 201 -3.39 12.57 22.23
N LEU O 202 -3.10 13.85 22.50
CA LEU O 202 -3.10 14.32 23.88
C LEU O 202 -4.50 14.33 24.47
N SER O 203 -5.52 14.54 23.64
CA SER O 203 -6.90 14.65 24.12
C SER O 203 -7.65 13.32 24.11
N SER O 204 -7.04 12.24 23.61
CA SER O 204 -7.70 10.92 23.57
C SER O 204 -9.03 11.00 22.84
N GLY O 205 -9.00 11.64 21.67
CA GLY O 205 -10.21 11.75 20.87
C GLY O 205 -9.90 12.29 19.50
N ALA O 206 -10.97 12.62 18.77
CA ALA O 206 -10.87 13.19 17.43
C ALA O 206 -11.77 14.41 17.33
N PHE O 207 -11.25 15.47 16.72
CA PHE O 207 -12.00 16.71 16.59
C PHE O 207 -11.24 17.62 15.63
N TRP O 208 -11.91 18.70 15.23
CA TRP O 208 -11.29 19.76 14.41
C TRP O 208 -10.45 20.64 15.34
N PHE O 209 -9.24 20.18 15.61
CA PHE O 209 -8.41 20.80 16.63
C PHE O 209 -7.64 22.00 16.07
N ARG O 210 -7.37 22.96 16.95
CA ARG O 210 -6.57 24.14 16.64
C ARG O 210 -5.25 24.01 17.41
N SER O 211 -4.84 24.98 18.22
CA SER O 211 -3.78 24.73 19.19
C SER O 211 -4.19 23.60 20.13
N CYS O 212 -5.43 23.64 20.62
CA CYS O 212 -6.12 22.51 21.20
C CYS O 212 -7.55 22.95 21.50
N HIS O 213 -8.40 21.97 21.77
CA HIS O 213 -9.84 22.17 21.75
C HIS O 213 -10.34 23.03 22.91
N PHE O 214 -11.51 23.63 22.68
CA PHE O 214 -12.44 23.96 23.75
C PHE O 214 -13.59 22.96 23.83
N ALA O 215 -13.76 22.10 22.84
CA ALA O 215 -14.78 21.05 22.87
C ALA O 215 -14.19 19.77 22.30
N ASN O 216 -14.21 18.72 23.11
CA ASN O 216 -13.68 17.40 22.74
C ASN O 216 -14.78 16.37 22.94
N LEU O 217 -15.85 16.47 22.16
CA LEU O 217 -16.99 15.58 22.35
C LEU O 217 -16.71 14.13 21.94
N ASN O 218 -15.49 13.82 21.47
CA ASN O 218 -15.07 12.45 21.18
C ASN O 218 -13.97 11.96 22.12
N GLY O 219 -13.77 12.64 23.25
CA GLY O 219 -12.77 12.21 24.21
C GLY O 219 -13.16 10.91 24.92
N PHE O 220 -12.30 10.51 25.85
CA PHE O 220 -12.53 9.28 26.60
C PHE O 220 -13.61 9.49 27.65
N TYR O 221 -14.46 8.49 27.83
CA TYR O 221 -15.62 8.62 28.72
C TYR O 221 -15.14 8.30 30.13
N LEU O 222 -14.63 9.32 30.81
CA LEU O 222 -14.09 9.20 32.16
C LEU O 222 -15.14 9.29 33.25
N GLY O 223 -16.40 9.54 32.90
CA GLY O 223 -17.50 9.45 33.83
C GLY O 223 -17.43 10.31 35.07
N GLY O 224 -17.48 11.64 34.88
CA GLY O 224 -17.51 12.58 35.98
C GLY O 224 -16.33 13.54 35.92
N SER O 225 -15.81 13.90 37.09
CA SER O 225 -14.65 14.77 37.17
C SER O 225 -13.37 13.97 37.01
N HIS O 226 -12.34 14.63 36.48
CA HIS O 226 -11.06 14.00 36.28
C HIS O 226 -9.97 15.04 36.50
N LEU O 227 -8.87 14.59 37.10
CA LEU O 227 -7.77 15.49 37.43
C LEU O 227 -6.83 15.71 36.25
N SER O 228 -6.90 14.86 35.22
CA SER O 228 -6.13 15.03 34.00
C SER O 228 -6.73 16.15 33.15
N TYR O 229 -5.90 16.67 32.25
CA TYR O 229 -6.20 17.91 31.54
C TYR O 229 -6.78 17.61 30.15
N ALA O 230 -8.07 17.93 29.98
CA ALA O 230 -8.66 18.16 28.66
C ALA O 230 -8.60 16.93 27.76
N ASN O 231 -8.95 15.76 28.33
CA ASN O 231 -8.91 14.51 27.60
C ASN O 231 -10.24 13.77 27.57
N GLY O 232 -11.22 14.17 28.38
CA GLY O 232 -12.53 13.57 28.35
C GLY O 232 -13.50 14.30 27.45
N ILE O 233 -14.72 13.77 27.39
CA ILE O 233 -15.82 14.48 26.74
C ILE O 233 -16.02 15.78 27.52
N ASN O 234 -15.44 16.87 27.00
CA ASN O 234 -15.40 18.14 27.70
C ASN O 234 -16.00 19.23 26.83
N TRP O 235 -16.90 20.00 27.43
CA TRP O 235 -17.36 21.28 26.89
C TRP O 235 -16.80 22.36 27.82
N ALA O 236 -15.79 23.08 27.34
CA ALA O 236 -15.05 24.00 28.19
C ALA O 236 -15.97 25.04 28.82
N GLN O 237 -16.84 25.65 28.02
CA GLN O 237 -17.61 26.78 28.51
C GLN O 237 -18.71 26.37 29.48
N TRP O 238 -19.12 25.11 29.52
CA TRP O 238 -20.21 24.67 30.41
C TRP O 238 -19.68 24.07 31.72
N LYS O 239 -18.83 23.04 31.63
CA LYS O 239 -18.31 22.37 32.82
C LYS O 239 -16.79 22.27 32.81
N GLY O 240 -16.12 23.09 32.02
CA GLY O 240 -14.68 23.20 32.10
C GLY O 240 -13.99 22.00 31.48
N PHE O 241 -12.67 21.99 31.65
CA PHE O 241 -11.82 20.95 31.08
C PHE O 241 -11.65 19.73 31.98
N TYR O 242 -12.02 19.81 33.26
CA TYR O 242 -11.82 18.71 34.21
C TYR O 242 -13.13 18.01 34.56
N TYR O 243 -14.11 18.02 33.64
CA TYR O 243 -15.39 17.37 33.88
C TYR O 243 -15.79 16.65 32.60
N SER O 244 -16.12 15.36 32.73
CA SER O 244 -16.50 14.49 31.63
C SER O 244 -18.01 14.28 31.66
N LEU O 245 -18.69 14.65 30.58
CA LEU O 245 -20.16 14.59 30.54
C LEU O 245 -20.64 13.14 30.63
N LYS O 246 -21.97 12.99 30.77
CA LYS O 246 -22.62 11.69 30.76
C LYS O 246 -23.25 11.35 29.42
N ARG O 247 -23.90 12.31 28.79
CA ARG O 247 -24.55 12.12 27.50
C ARG O 247 -24.16 13.25 26.56
N THR O 248 -24.18 12.95 25.26
CA THR O 248 -23.71 13.87 24.24
C THR O 248 -24.30 13.45 22.91
N GLU O 249 -24.80 14.43 22.16
CA GLU O 249 -25.31 14.16 20.82
C GLU O 249 -25.36 15.45 20.04
N MET O 250 -24.96 15.39 18.77
CA MET O 250 -24.87 16.56 17.90
C MET O 250 -25.87 16.39 16.77
N LYS O 251 -26.80 17.34 16.66
CA LYS O 251 -27.98 17.26 15.83
C LYS O 251 -27.88 18.24 14.66
N ILE O 252 -28.56 17.92 13.56
CA ILE O 252 -28.50 18.71 12.34
C ILE O 252 -29.90 18.77 11.72
N ARG O 253 -30.28 19.95 11.20
CA ARG O 253 -31.58 20.15 10.56
C ARG O 253 -31.42 21.10 9.38
N ARG O 254 -32.36 21.03 8.44
CA ARG O 254 -32.28 21.87 7.24
C ARG O 254 -32.42 23.35 7.58
N ALA O 255 -31.44 24.13 7.12
CA ALA O 255 -31.37 25.60 7.17
C ALA O 255 -32.26 26.33 8.16
N GLN P 1 49.98 -13.75 34.31
CA GLN P 1 48.78 -13.89 35.20
C GLN P 1 48.25 -12.50 35.58
N MET P 2 46.99 -12.45 35.99
CA MET P 2 46.36 -11.20 36.39
C MET P 2 47.05 -10.62 37.62
N GLN P 3 47.81 -9.54 37.44
CA GLN P 3 48.60 -8.97 38.52
C GLN P 3 48.62 -7.45 38.43
N LEU P 4 48.67 -6.82 39.61
CA LEU P 4 48.79 -5.38 39.75
C LEU P 4 50.07 -5.08 40.52
N VAL P 5 50.97 -4.31 39.90
CA VAL P 5 52.28 -3.99 40.46
C VAL P 5 52.26 -2.52 40.84
N GLN P 6 52.24 -2.24 42.14
CA GLN P 6 52.26 -0.89 42.65
C GLN P 6 53.69 -0.35 42.77
N SER P 7 53.79 0.96 43.00
CA SER P 7 55.07 1.62 43.21
C SER P 7 55.58 1.33 44.62
N GLY P 8 56.88 1.56 44.81
CA GLY P 8 57.49 1.40 46.11
C GLY P 8 57.04 2.46 47.10
N PRO P 9 57.42 2.31 48.37
CA PRO P 9 56.98 3.27 49.39
C PRO P 9 57.70 4.59 49.26
N GLU P 10 57.05 5.63 49.79
CA GLU P 10 57.61 6.98 49.80
C GLU P 10 57.35 7.62 51.15
N VAL P 11 58.30 8.47 51.57
CA VAL P 11 58.19 9.25 52.79
C VAL P 11 58.15 10.72 52.40
N LYS P 12 57.11 11.42 52.87
CA LYS P 12 56.82 12.78 52.44
C LYS P 12 56.60 13.66 53.66
N LYS P 13 56.91 14.94 53.51
CA LYS P 13 56.65 15.89 54.59
C LYS P 13 55.19 16.36 54.51
N PRO P 14 54.64 16.88 55.61
CA PRO P 14 53.26 17.37 55.56
C PRO P 14 53.11 18.54 54.60
N GLY P 15 51.97 18.58 53.91
CA GLY P 15 51.68 19.60 52.93
C GLY P 15 52.18 19.31 51.54
N THR P 16 53.09 18.34 51.39
CA THR P 16 53.62 17.98 50.08
C THR P 16 52.64 17.05 49.37
N SER P 17 53.02 16.64 48.15
CA SER P 17 52.21 15.77 47.31
C SER P 17 52.96 14.47 47.04
N VAL P 18 52.19 13.39 46.90
CA VAL P 18 52.71 12.07 46.56
C VAL P 18 51.93 11.54 45.36
N LYS P 19 52.63 10.79 44.49
CA LYS P 19 52.05 10.22 43.29
C LYS P 19 52.36 8.73 43.25
N VAL P 20 51.31 7.91 43.33
CA VAL P 20 51.42 6.46 43.40
C VAL P 20 51.01 5.89 42.04
N SER P 21 51.85 5.04 41.48
CA SER P 21 51.55 4.35 40.23
C SER P 21 51.14 2.92 40.54
N CYS P 22 50.45 2.30 39.58
CA CYS P 22 49.93 0.95 39.72
C CYS P 22 49.77 0.34 38.33
N LYS P 23 50.68 -0.58 37.99
CA LYS P 23 50.74 -1.16 36.65
C LYS P 23 50.07 -2.53 36.64
N ALA P 24 49.31 -2.76 35.57
CA ALA P 24 48.49 -3.96 35.41
C ALA P 24 49.07 -4.88 34.35
N SER P 25 48.91 -6.18 34.58
CA SER P 25 49.37 -7.19 33.63
C SER P 25 48.48 -8.42 33.76
N GLY P 26 48.35 -9.16 32.65
CA GLY P 26 47.55 -10.36 32.61
C GLY P 26 46.10 -10.17 32.21
N PHE P 27 45.65 -8.93 31.98
CA PHE P 27 44.29 -8.67 31.55
C PHE P 27 44.26 -7.35 30.80
N THR P 28 43.28 -7.22 29.90
CA THR P 28 43.09 -6.00 29.13
C THR P 28 42.77 -4.85 30.07
N PHE P 29 43.67 -3.86 30.12
CA PHE P 29 43.56 -2.79 31.11
C PHE P 29 42.32 -1.93 30.89
N THR P 30 41.89 -1.77 29.64
CA THR P 30 40.80 -0.85 29.31
C THR P 30 39.41 -1.37 29.64
N SER P 31 39.26 -2.66 29.97
CA SER P 31 37.93 -3.25 30.12
C SER P 31 37.34 -3.09 31.52
N TYR P 32 38.16 -3.04 32.56
CA TYR P 32 37.69 -3.10 33.94
C TYR P 32 37.84 -1.76 34.63
N TRP P 33 36.94 -1.49 35.58
CA TRP P 33 37.05 -0.30 36.42
C TRP P 33 38.15 -0.51 37.45
N MET P 34 38.78 0.60 37.86
CA MET P 34 39.88 0.59 38.81
C MET P 34 39.52 1.40 40.04
N HIS P 35 39.74 0.81 41.21
CA HIS P 35 39.44 1.41 42.50
C HIS P 35 40.73 1.65 43.26
N TRP P 36 40.67 2.62 44.17
CA TRP P 36 41.78 2.97 45.04
C TRP P 36 41.27 2.92 46.48
N VAL P 37 41.99 2.21 47.34
CA VAL P 37 41.59 1.98 48.73
C VAL P 37 42.82 2.15 49.61
N ARG P 38 42.63 2.75 50.79
CA ARG P 38 43.69 2.88 51.79
C ARG P 38 43.28 2.20 53.08
N GLN P 39 44.26 1.60 53.75
CA GLN P 39 44.03 0.86 55.00
C GLN P 39 44.97 1.44 56.06
N ALA P 40 44.44 2.32 56.89
CA ALA P 40 45.18 2.76 58.08
C ALA P 40 45.38 1.57 59.01
N ARG P 41 46.56 1.50 59.62
CA ARG P 41 46.91 0.36 60.47
C ARG P 41 45.90 0.18 61.60
N GLY P 42 45.37 -1.03 61.71
CA GLY P 42 44.42 -1.35 62.77
C GLY P 42 43.18 -0.48 62.75
N GLN P 43 42.69 -0.15 61.56
CA GLN P 43 41.56 0.77 61.43
C GLN P 43 40.75 0.40 60.20
N ARG P 44 39.65 1.13 59.99
CA ARG P 44 38.73 0.83 58.91
C ARG P 44 39.25 1.31 57.56
N LEU P 45 39.07 0.46 56.56
CA LEU P 45 39.49 0.76 55.20
C LEU P 45 38.62 1.88 54.63
N GLU P 46 39.24 2.75 53.84
CA GLU P 46 38.57 3.89 53.25
C GLU P 46 38.70 3.82 51.74
N TRP P 47 37.57 3.92 51.05
CA TRP P 47 37.54 3.91 49.59
C TRP P 47 37.86 5.30 49.07
N ILE P 48 38.89 5.41 48.25
CA ILE P 48 39.31 6.71 47.73
C ILE P 48 38.40 7.13 46.59
N GLY P 49 38.39 6.36 45.50
CA GLY P 49 37.59 6.71 44.34
C GLY P 49 37.71 5.63 43.29
N VAL P 50 37.22 5.94 42.09
CA VAL P 50 37.20 5.00 40.97
C VAL P 50 37.56 5.74 39.70
N ILE P 51 38.19 5.02 38.76
CA ILE P 51 38.49 5.55 37.44
C ILE P 51 38.45 4.39 36.45
N HIS P 52 37.95 4.66 35.25
CA HIS P 52 37.98 3.71 34.15
C HIS P 52 39.04 4.12 33.14
N PRO P 53 39.96 3.24 32.73
CA PRO P 53 41.01 3.71 31.81
C PRO P 53 40.52 4.11 30.43
N ASN P 54 39.53 3.39 29.88
CA ASN P 54 39.11 3.65 28.50
C ASN P 54 38.47 5.03 28.36
N SER P 55 37.55 5.35 29.26
CA SER P 55 36.82 6.61 29.17
C SER P 55 37.48 7.73 29.96
N GLY P 56 38.20 7.39 31.02
CA GLY P 56 38.75 8.40 31.89
C GLY P 56 37.77 8.97 32.89
N ASN P 57 36.51 8.52 32.86
CA ASN P 57 35.55 8.96 33.85
C ASN P 57 36.03 8.58 35.24
N THR P 58 35.73 9.45 36.21
CA THR P 58 36.17 9.30 37.58
C THR P 58 34.97 9.50 38.49
N LYS P 59 35.02 8.86 39.66
CA LYS P 59 34.06 9.17 40.72
C LYS P 59 34.77 9.04 42.06
N TYR P 60 34.86 10.17 42.78
CA TYR P 60 35.64 10.26 44.00
C TYR P 60 34.75 10.19 45.23
N ASN P 61 35.38 9.87 46.37
CA ASN P 61 34.72 10.00 47.65
C ASN P 61 34.57 11.48 47.98
N GLU P 62 33.49 11.81 48.68
CA GLU P 62 33.16 13.21 48.92
C GLU P 62 34.27 13.92 49.70
N LYS P 63 34.80 13.24 50.72
CA LYS P 63 35.76 13.90 51.60
C LYS P 63 37.14 14.07 50.97
N PHE P 64 37.46 13.32 49.91
CA PHE P 64 38.77 13.41 49.27
C PHE P 64 38.78 14.29 48.01
N ARG P 65 37.62 14.76 47.55
CA ARG P 65 37.61 15.68 46.41
C ARG P 65 38.46 16.91 46.70
N SER P 66 39.06 17.44 45.62
CA SER P 66 39.95 18.61 45.63
C SER P 66 41.37 18.24 46.03
N ARG P 67 41.53 17.16 46.79
CA ARG P 67 42.84 16.71 47.27
C ARG P 67 43.44 15.65 46.36
N VAL P 68 42.65 14.65 45.94
CA VAL P 68 43.15 13.53 45.15
C VAL P 68 42.71 13.72 43.70
N THR P 69 43.59 13.35 42.78
CA THR P 69 43.31 13.37 41.34
C THR P 69 43.87 12.11 40.70
N MET P 70 43.06 11.46 39.87
CA MET P 70 43.40 10.18 39.26
C MET P 70 43.63 10.35 37.77
N THR P 71 44.67 9.68 37.27
CA THR P 71 45.01 9.69 35.85
C THR P 71 45.36 8.27 35.43
N THR P 72 45.42 8.04 34.12
CA THR P 72 45.78 6.73 33.56
C THR P 72 46.58 6.92 32.29
N ASP P 73 47.65 6.14 32.15
CA ASP P 73 48.45 6.07 30.95
C ASP P 73 48.08 4.78 30.22
N THR P 74 47.39 4.92 29.08
CA THR P 74 46.91 3.74 28.37
C THR P 74 48.06 2.95 27.73
N SER P 75 49.10 3.65 27.28
CA SER P 75 50.18 2.97 26.57
C SER P 75 50.90 1.97 27.46
N THR P 76 51.19 2.36 28.70
CA THR P 76 51.93 1.52 29.64
C THR P 76 51.02 0.70 30.56
N SER P 77 49.69 0.83 30.40
CA SER P 77 48.73 0.09 31.23
C SER P 77 48.93 0.36 32.72
N THR P 78 49.20 1.63 33.05
CA THR P 78 49.48 2.05 34.42
C THR P 78 48.40 3.01 34.87
N ALA P 79 48.01 2.89 36.15
CA ALA P 79 47.02 3.76 36.77
C ALA P 79 47.68 4.54 37.89
N TYR P 80 47.42 5.84 37.94
CA TYR P 80 48.04 6.74 38.91
C TYR P 80 47.00 7.32 39.85
N MET P 81 47.42 7.53 41.09
CA MET P 81 46.63 8.21 42.12
C MET P 81 47.57 9.14 42.85
N GLU P 82 47.13 10.39 43.03
CA GLU P 82 47.97 11.44 43.58
C GLU P 82 47.17 12.22 44.59
N LEU P 83 47.66 12.29 45.82
CA LEU P 83 47.04 13.08 46.88
C LEU P 83 47.83 14.38 47.03
N ARG P 84 47.15 15.51 46.80
CA ARG P 84 47.86 16.78 46.58
C ARG P 84 48.45 17.31 47.88
N SER P 85 47.61 17.64 48.85
CA SER P 85 48.04 18.18 50.12
C SER P 85 47.97 17.08 51.18
N LEU P 86 49.12 16.72 51.75
CA LEU P 86 49.21 15.59 52.66
C LEU P 86 49.04 16.05 54.11
N ARG P 87 48.65 15.10 54.94
CA ARG P 87 48.25 15.32 56.32
C ARG P 87 48.71 14.14 57.14
N SER P 88 49.16 14.40 58.37
CA SER P 88 49.79 13.37 59.20
C SER P 88 48.97 12.11 59.34
N ASP P 89 47.63 12.23 59.33
CA ASP P 89 46.77 11.06 59.45
C ASP P 89 46.67 10.23 58.16
N ASP P 90 47.12 10.77 57.03
CA ASP P 90 47.07 10.01 55.78
C ASP P 90 48.05 8.84 55.74
N THR P 91 48.93 8.71 56.73
CA THR P 91 49.82 7.56 56.84
C THR P 91 49.00 6.27 56.83
N ALA P 92 49.13 5.49 55.76
CA ALA P 92 48.39 4.25 55.60
C ALA P 92 48.96 3.52 54.39
N VAL P 93 48.45 2.32 54.15
CA VAL P 93 48.83 1.51 53.01
C VAL P 93 47.80 1.74 51.92
N TYR P 94 48.26 2.14 50.74
CA TYR P 94 47.38 2.51 49.62
C TYR P 94 47.39 1.39 48.58
N TYR P 95 46.20 0.89 48.26
CA TYR P 95 46.02 -0.17 47.28
C TYR P 95 45.28 0.32 46.04
N CYS P 96 45.58 -0.29 44.91
CA CYS P 96 44.81 -0.19 43.68
C CYS P 96 44.12 -1.53 43.46
N ALA P 97 42.82 -1.48 43.15
CA ALA P 97 42.02 -2.69 43.07
C ALA P 97 41.11 -2.65 41.84
N ARG P 98 40.90 -3.84 41.27
CA ARG P 98 40.12 -4.01 40.06
C ARG P 98 38.71 -4.49 40.43
N GLU P 99 37.70 -3.83 39.87
CA GLU P 99 36.33 -4.26 40.00
C GLU P 99 36.02 -5.30 38.93
N MET P 100 35.72 -6.53 39.35
CA MET P 100 35.27 -7.52 38.38
C MET P 100 33.87 -7.15 37.88
N TRP P 101 33.53 -7.71 36.72
CA TRP P 101 32.17 -7.66 36.21
C TRP P 101 31.45 -8.97 36.54
N ASN P 102 30.14 -8.87 36.77
CA ASN P 102 29.37 -10.04 37.14
C ASN P 102 27.85 -9.79 37.05
N TYR P 103 27.37 -9.29 35.91
CA TYR P 103 25.94 -9.27 35.54
C TYR P 103 25.05 -8.78 36.68
N GLY P 104 25.48 -7.71 37.35
CA GLY P 104 24.66 -7.21 38.44
C GLY P 104 25.34 -6.11 39.22
N ASN P 105 25.32 -6.20 40.54
CA ASN P 105 25.79 -5.08 41.36
C ASN P 105 27.27 -4.81 41.11
N SER P 106 28.07 -5.85 40.92
CA SER P 106 29.53 -5.72 40.77
C SER P 106 30.02 -4.92 41.98
N TRP P 107 30.87 -3.92 41.82
CA TRP P 107 31.26 -3.02 42.91
C TRP P 107 31.96 -3.77 44.05
N TYR P 108 32.57 -4.91 43.74
CA TYR P 108 33.41 -5.63 44.68
C TYR P 108 34.70 -6.04 43.96
N PHE P 109 35.78 -6.08 44.72
CA PHE P 109 37.14 -6.05 44.19
C PHE P 109 37.74 -7.44 44.27
N ASP P 110 38.06 -8.02 43.11
CA ASP P 110 38.53 -9.40 43.04
C ASP P 110 40.05 -9.55 43.00
N VAL P 111 40.76 -8.50 42.59
CA VAL P 111 42.20 -8.54 42.38
C VAL P 111 42.79 -7.24 42.91
N TRP P 112 43.84 -7.36 43.72
CA TRP P 112 44.44 -6.23 44.42
C TRP P 112 45.91 -6.11 44.06
N GLY P 113 46.47 -4.94 44.33
CA GLY P 113 47.90 -4.75 44.21
C GLY P 113 48.64 -5.41 45.35
N GLN P 114 49.54 -4.67 46.00
CA GLN P 114 50.23 -5.19 47.18
C GLN P 114 50.59 -4.10 48.18
N GLY P 115 49.94 -2.93 48.10
CA GLY P 115 50.16 -1.92 49.11
C GLY P 115 51.33 -1.03 48.76
N THR P 116 51.17 0.27 48.98
CA THR P 116 52.26 1.24 48.91
C THR P 116 52.22 1.98 50.24
N THR P 117 53.04 1.50 51.18
CA THR P 117 53.10 2.11 52.51
C THR P 117 53.63 3.53 52.39
N VAL P 118 52.78 4.51 52.71
CA VAL P 118 53.13 5.92 52.64
C VAL P 118 53.20 6.45 54.07
N THR P 119 54.32 7.09 54.40
CA THR P 119 54.55 7.68 55.71
C THR P 119 54.67 9.18 55.55
N VAL P 120 53.85 9.92 56.28
CA VAL P 120 53.85 11.39 56.26
C VAL P 120 54.13 11.86 57.68
N SER P 121 55.16 12.67 57.83
CA SER P 121 55.60 13.17 59.13
C SER P 121 56.64 14.25 58.91
N SER P 122 56.71 15.19 59.85
CA SER P 122 57.71 16.23 59.78
C SER P 122 59.09 15.77 60.26
N ALA P 123 59.19 14.54 60.78
CA ALA P 123 60.48 14.04 61.23
C ALA P 123 61.38 13.73 60.04
N SER P 124 62.68 13.83 60.27
CA SER P 124 63.70 13.52 59.27
C SER P 124 64.27 12.13 59.54
N THR P 125 64.84 11.54 58.49
CA THR P 125 65.37 10.18 58.59
C THR P 125 66.53 10.15 59.58
N LYS P 126 66.44 9.25 60.56
CA LYS P 126 67.43 9.15 61.63
C LYS P 126 67.70 7.68 61.92
N GLY P 127 68.96 7.39 62.29
CA GLY P 127 69.38 6.04 62.59
C GLY P 127 69.07 5.62 64.01
N PRO P 128 69.09 4.31 64.28
CA PRO P 128 68.76 3.83 65.63
C PRO P 128 69.93 3.92 66.59
N SER P 129 69.59 3.86 67.88
CA SER P 129 70.56 3.68 68.95
C SER P 129 70.24 2.36 69.65
N VAL P 130 71.17 1.42 69.59
CA VAL P 130 70.95 0.08 70.11
C VAL P 130 71.49 0.04 71.54
N PHE P 131 70.69 -0.53 72.45
CA PHE P 131 71.03 -0.65 73.86
C PHE P 131 70.80 -2.08 74.32
N PRO P 132 71.70 -2.68 75.09
CA PRO P 132 71.49 -4.07 75.51
C PRO P 132 70.50 -4.16 76.66
N LEU P 133 69.79 -5.29 76.69
CA LEU P 133 68.92 -5.65 77.80
C LEU P 133 69.60 -6.86 78.46
N ALA P 134 70.51 -6.56 79.38
CA ALA P 134 71.38 -7.60 79.91
C ALA P 134 70.58 -8.58 80.77
N PRO P 135 70.95 -9.87 80.76
CA PRO P 135 70.33 -10.80 81.70
C PRO P 135 70.99 -10.71 83.07
N SER P 136 70.22 -11.14 84.08
CA SER P 136 70.68 -11.11 85.46
C SER P 136 70.21 -12.37 86.16
N SER P 137 70.82 -12.64 87.32
CA SER P 137 70.35 -13.74 88.17
C SER P 137 68.97 -13.47 88.75
N LYS P 138 68.56 -12.20 88.80
CA LYS P 138 67.25 -11.83 89.34
C LYS P 138 66.16 -12.00 88.29
N SER P 139 66.50 -11.82 87.01
CA SER P 139 65.60 -12.10 85.89
C SER P 139 65.68 -13.54 85.41
N THR P 140 66.26 -14.45 86.20
CA THR P 140 66.37 -15.86 85.83
C THR P 140 65.27 -16.64 86.54
N SER P 141 64.45 -17.36 85.77
CA SER P 141 63.40 -18.23 86.30
C SER P 141 63.83 -19.67 86.07
N GLY P 142 64.32 -20.31 87.14
CA GLY P 142 64.83 -21.67 87.03
C GLY P 142 66.11 -21.75 86.24
N GLY P 143 66.07 -22.47 85.11
CA GLY P 143 67.22 -22.65 84.25
C GLY P 143 67.17 -21.88 82.95
N THR P 144 66.19 -20.99 82.75
CA THR P 144 66.04 -20.21 81.53
C THR P 144 65.98 -18.73 81.88
N ALA P 145 66.87 -17.95 81.28
CA ALA P 145 66.91 -16.51 81.44
C ALA P 145 66.63 -15.84 80.10
N ALA P 146 66.42 -14.53 80.15
CA ALA P 146 66.05 -13.74 78.98
C ALA P 146 66.98 -12.55 78.84
N LEU P 147 67.27 -12.21 77.58
CA LEU P 147 68.07 -11.03 77.24
C LEU P 147 67.49 -10.42 75.98
N GLY P 148 67.93 -9.21 75.65
CA GLY P 148 67.39 -8.58 74.47
C GLY P 148 68.18 -7.33 74.10
N CYS P 149 67.69 -6.67 73.05
CA CYS P 149 68.22 -5.41 72.56
C CYS P 149 67.08 -4.42 72.42
N LEU P 150 67.37 -3.16 72.72
CA LEU P 150 66.40 -2.07 72.59
C LEU P 150 66.83 -1.17 71.44
N VAL P 151 66.12 -1.27 70.31
CA VAL P 151 66.39 -0.46 69.13
C VAL P 151 65.51 0.78 69.27
N LYS P 152 66.09 1.89 69.73
CA LYS P 152 65.36 3.09 70.09
C LYS P 152 65.70 4.25 69.16
N ASP P 153 64.69 5.09 68.92
CA ASP P 153 64.84 6.36 68.19
C ASP P 153 65.41 6.15 66.78
N TYR P 154 64.53 5.84 65.83
CA TYR P 154 64.91 5.72 64.43
C TYR P 154 63.71 6.12 63.57
N PHE P 155 64.00 6.61 62.37
CA PHE P 155 62.97 6.98 61.42
C PHE P 155 63.52 6.83 60.01
N PRO P 156 62.74 6.31 59.04
CA PRO P 156 61.40 5.69 59.07
C PRO P 156 61.48 4.17 59.25
N GLU P 157 60.32 3.51 59.28
CA GLU P 157 60.30 2.06 59.23
C GLU P 157 60.94 1.59 57.92
N PRO P 158 61.40 0.33 57.84
CA PRO P 158 61.52 -0.75 58.83
C PRO P 158 62.97 -1.01 59.26
N VAL P 159 63.13 -1.73 60.37
CA VAL P 159 64.43 -2.19 60.84
C VAL P 159 64.35 -3.69 61.08
N THR P 160 65.45 -4.38 60.81
CA THR P 160 65.53 -5.83 60.91
C THR P 160 66.52 -6.20 62.01
N VAL P 161 66.08 -7.08 62.91
CA VAL P 161 66.89 -7.53 64.04
C VAL P 161 67.07 -9.04 63.92
N SER P 162 68.31 -9.50 64.10
CA SER P 162 68.64 -10.92 64.06
C SER P 162 69.71 -11.21 65.11
N TRP P 163 69.67 -12.42 65.65
CA TRP P 163 70.55 -12.83 66.74
C TRP P 163 71.61 -13.79 66.22
N ASN P 164 72.88 -13.46 66.48
CA ASN P 164 74.01 -14.27 66.01
C ASN P 164 73.99 -14.45 64.49
N SER P 165 73.70 -13.35 63.78
CA SER P 165 73.67 -13.34 62.31
C SER P 165 72.65 -14.33 61.75
N GLY P 166 71.53 -14.51 62.46
CA GLY P 166 70.50 -15.43 62.03
C GLY P 166 70.69 -16.86 62.48
N ALA P 167 71.79 -17.18 63.16
CA ALA P 167 72.02 -18.53 63.63
C ALA P 167 71.11 -18.91 64.78
N LEU P 168 70.58 -17.92 65.50
CA LEU P 168 69.67 -18.14 66.63
C LEU P 168 68.30 -17.62 66.23
N THR P 169 67.31 -18.53 66.29
CA THR P 169 65.92 -18.24 65.94
C THR P 169 64.93 -18.78 66.97
N SER P 170 65.22 -19.94 67.57
CA SER P 170 64.32 -20.51 68.56
C SER P 170 64.27 -19.64 69.81
N GLY P 171 63.06 -19.31 70.26
CA GLY P 171 62.87 -18.50 71.44
C GLY P 171 62.87 -17.01 71.20
N VAL P 172 63.14 -16.57 69.97
CA VAL P 172 63.22 -15.14 69.65
C VAL P 172 61.81 -14.58 69.53
N HIS P 173 61.64 -13.34 69.98
CA HIS P 173 60.38 -12.60 69.82
C HIS P 173 60.76 -11.16 69.56
N THR P 174 60.68 -10.75 68.29
CA THR P 174 60.88 -9.36 67.90
C THR P 174 59.53 -8.67 67.90
N PHE P 175 59.39 -7.59 68.75
CA PHE P 175 58.06 -7.02 68.92
C PHE P 175 57.80 -5.95 67.86
N PRO P 176 56.52 -5.72 67.51
CA PRO P 176 56.21 -4.61 66.60
C PRO P 176 56.69 -3.28 67.14
N ALA P 177 57.14 -2.42 66.24
CA ALA P 177 57.64 -1.13 66.65
C ALA P 177 56.51 -0.23 67.12
N VAL P 178 56.87 0.72 67.98
CA VAL P 178 55.94 1.71 68.52
C VAL P 178 56.40 3.08 68.05
N LEU P 179 55.43 3.95 67.72
CA LEU P 179 55.70 5.33 67.35
C LEU P 179 55.58 6.19 68.60
N GLN P 180 56.72 6.69 69.08
CA GLN P 180 56.73 7.53 70.28
C GLN P 180 56.31 8.95 69.92
N SER P 181 56.03 9.74 70.96
CA SER P 181 55.54 11.11 70.75
C SER P 181 56.56 11.98 70.03
N SER P 182 57.84 11.64 70.09
CA SER P 182 58.88 12.41 69.41
C SER P 182 58.86 12.24 67.89
N GLY P 183 58.00 11.37 67.35
CA GLY P 183 57.95 11.12 65.93
C GLY P 183 58.87 10.02 65.45
N LEU P 184 59.67 9.43 66.34
CA LEU P 184 60.60 8.37 66.00
C LEU P 184 60.08 7.05 66.54
N TYR P 185 60.44 5.97 65.87
CA TYR P 185 59.99 4.64 66.28
C TYR P 185 60.96 4.01 67.27
N SER P 186 60.47 2.99 67.97
CA SER P 186 61.25 2.26 68.97
C SER P 186 60.67 0.87 69.12
N LEU P 187 61.54 -0.14 69.11
CA LEU P 187 61.14 -1.52 69.34
C LEU P 187 62.16 -2.19 70.23
N SER P 188 61.86 -3.43 70.59
CA SER P 188 62.78 -4.28 71.33
C SER P 188 62.64 -5.71 70.83
N SER P 189 63.76 -6.44 70.85
CA SER P 189 63.81 -7.83 70.43
C SER P 189 64.47 -8.64 71.53
N VAL P 190 63.82 -9.72 71.94
CA VAL P 190 64.26 -10.53 73.06
C VAL P 190 64.39 -11.97 72.60
N VAL P 191 65.06 -12.78 73.43
CA VAL P 191 65.17 -14.21 73.19
C VAL P 191 65.44 -14.87 74.53
N THR P 192 64.81 -16.04 74.73
CA THR P 192 65.00 -16.82 75.94
C THR P 192 66.10 -17.85 75.69
N VAL P 193 67.05 -17.93 76.61
CA VAL P 193 68.16 -18.87 76.51
C VAL P 193 68.37 -19.50 77.87
N PRO P 194 69.01 -20.68 77.93
CA PRO P 194 69.32 -21.25 79.24
C PRO P 194 70.27 -20.36 80.02
N SER P 195 69.96 -20.15 81.30
CA SER P 195 70.82 -19.34 82.15
C SER P 195 72.22 -19.93 82.27
N SER P 196 72.36 -21.25 82.07
CA SER P 196 73.66 -21.88 82.15
C SER P 196 74.55 -21.50 80.97
N SER P 197 73.97 -21.36 79.78
CA SER P 197 74.73 -21.08 78.57
C SER P 197 75.20 -19.62 78.47
N LEU P 198 74.89 -18.78 79.46
CA LEU P 198 75.31 -17.39 79.41
C LEU P 198 76.82 -17.24 79.45
N GLY P 199 77.52 -18.13 80.15
CA GLY P 199 78.96 -17.97 80.32
C GLY P 199 79.76 -18.28 79.07
N THR P 200 79.43 -19.38 78.39
CA THR P 200 80.18 -19.83 77.24
C THR P 200 79.69 -19.18 75.95
N GLN P 201 78.37 -19.14 75.74
CA GLN P 201 77.82 -18.67 74.48
C GLN P 201 77.74 -17.16 74.48
N THR P 202 78.13 -16.57 73.34
CA THR P 202 78.04 -15.13 73.11
C THR P 202 76.79 -14.82 72.30
N TYR P 203 76.09 -13.76 72.70
CA TYR P 203 74.84 -13.36 72.06
C TYR P 203 74.99 -11.96 71.51
N ILE P 204 74.77 -11.81 70.20
CA ILE P 204 74.91 -10.55 69.50
C ILE P 204 73.64 -10.34 68.68
N CYS P 205 73.01 -9.18 68.84
CA CYS P 205 71.87 -8.78 68.03
C CYS P 205 72.36 -7.88 66.89
N ASN P 206 71.91 -8.17 65.68
CA ASN P 206 72.34 -7.48 64.47
C ASN P 206 71.18 -6.64 63.96
N VAL P 207 71.31 -5.32 64.06
CA VAL P 207 70.28 -4.38 63.66
C VAL P 207 70.70 -3.77 62.32
N ASN P 208 69.77 -3.76 61.36
CA ASN P 208 70.02 -3.19 60.04
C ASN P 208 68.91 -2.20 59.73
N HIS P 209 69.30 -0.95 59.45
CA HIS P 209 68.39 0.15 59.14
C HIS P 209 68.75 0.69 57.76
N LYS P 210 68.09 0.15 56.74
CA LYS P 210 68.36 0.47 55.34
C LYS P 210 68.06 1.91 54.94
N PRO P 211 66.98 2.55 55.42
CA PRO P 211 66.73 3.95 55.04
C PRO P 211 67.89 4.89 55.30
N SER P 212 68.66 4.66 56.36
CA SER P 212 69.87 5.42 56.64
C SER P 212 71.14 4.62 56.36
N ASN P 213 71.01 3.35 55.95
CA ASN P 213 72.15 2.46 55.69
C ASN P 213 73.02 2.31 56.94
N THR P 214 72.44 1.65 57.94
CA THR P 214 73.10 1.45 59.23
C THR P 214 73.11 -0.02 59.57
N LYS P 215 74.31 -0.61 59.67
CA LYS P 215 74.51 -1.96 60.16
C LYS P 215 75.23 -1.88 61.50
N VAL P 216 74.63 -2.49 62.52
CA VAL P 216 75.14 -2.43 63.89
C VAL P 216 75.10 -3.83 64.49
N ASP P 217 76.14 -4.19 65.24
CA ASP P 217 76.21 -5.44 65.98
C ASP P 217 76.49 -5.10 67.43
N LYS P 218 75.60 -5.55 68.32
CA LYS P 218 75.70 -5.25 69.74
C LYS P 218 75.75 -6.54 70.56
N LYS P 219 76.78 -6.65 71.39
CA LYS P 219 76.97 -7.79 72.25
C LYS P 219 76.32 -7.53 73.61
N VAL P 220 75.91 -8.61 74.28
CA VAL P 220 75.22 -8.56 75.55
C VAL P 220 76.00 -9.40 76.55
N GLU P 221 76.20 -8.85 77.75
CA GLU P 221 76.94 -9.49 78.82
C GLU P 221 76.16 -9.39 80.12
N PRO P 222 76.51 -10.18 81.15
CA PRO P 222 75.82 -10.06 82.43
C PRO P 222 76.03 -8.70 83.10
N ASP Q 1 27.84 8.52 56.72
CA ASP Q 1 26.94 7.82 55.75
C ASP Q 1 27.31 6.34 55.61
N ILE Q 2 26.44 5.49 56.13
CA ILE Q 2 26.50 4.04 55.96
C ILE Q 2 27.71 3.48 56.71
N GLN Q 3 27.79 3.71 58.01
CA GLN Q 3 28.85 3.11 58.80
C GLN Q 3 28.68 1.59 58.87
N MET Q 4 29.80 0.89 59.03
CA MET Q 4 29.84 -0.55 59.14
C MET Q 4 30.53 -0.90 60.46
N THR Q 5 29.86 -1.70 61.29
CA THR Q 5 30.38 -2.09 62.59
C THR Q 5 30.35 -3.61 62.69
N GLN Q 6 31.51 -4.20 62.87
CA GLN Q 6 31.66 -5.65 62.91
C GLN Q 6 31.64 -6.15 64.35
N SER Q 7 31.24 -7.41 64.52
CA SER Q 7 31.22 -8.04 65.83
C SER Q 7 31.50 -9.52 65.67
N PRO Q 8 32.27 -10.15 66.58
CA PRO Q 8 33.00 -9.59 67.73
C PRO Q 8 34.30 -8.91 67.27
N SER Q 9 34.84 -8.02 68.10
CA SER Q 9 36.09 -7.35 67.74
C SER Q 9 37.24 -8.35 67.62
N SER Q 10 37.25 -9.39 68.44
CA SER Q 10 38.25 -10.45 68.39
C SER Q 10 37.58 -11.76 68.76
N LEU Q 11 37.87 -12.82 67.99
CA LEU Q 11 37.29 -14.13 68.22
C LEU Q 11 38.38 -15.20 68.21
N SER Q 12 38.28 -16.13 69.15
CA SER Q 12 39.25 -17.20 69.34
C SER Q 12 38.53 -18.54 69.27
N ALA Q 13 38.96 -19.40 68.34
CA ALA Q 13 38.37 -20.71 68.15
C ALA Q 13 39.43 -21.66 67.61
N SER Q 14 39.11 -22.95 67.65
CA SER Q 14 40.02 -24.01 67.25
C SER Q 14 39.65 -24.55 65.88
N VAL Q 15 40.53 -25.42 65.35
CA VAL Q 15 40.30 -26.02 64.04
C VAL Q 15 39.08 -26.95 64.11
N GLY Q 16 38.37 -27.05 62.99
CA GLY Q 16 37.20 -27.89 62.89
C GLY Q 16 35.91 -27.30 63.43
N ASP Q 17 35.97 -26.19 64.15
CA ASP Q 17 34.79 -25.62 64.78
C ASP Q 17 33.93 -24.87 63.76
N ARG Q 18 32.67 -24.67 64.12
CA ARG Q 18 31.77 -23.80 63.39
C ARG Q 18 31.88 -22.40 63.97
N VAL Q 19 32.18 -21.43 63.11
CA VAL Q 19 32.45 -20.06 63.52
C VAL Q 19 31.49 -19.16 62.75
N THR Q 20 31.08 -18.07 63.39
CA THR Q 20 30.16 -17.10 62.81
C THR Q 20 30.66 -15.70 63.10
N ILE Q 21 30.70 -14.87 62.07
CA ILE Q 21 31.05 -13.46 62.17
C ILE Q 21 29.86 -12.66 61.67
N THR Q 22 29.62 -11.50 62.28
CA THR Q 22 28.49 -10.64 61.96
C THR Q 22 28.98 -9.26 61.54
N CYS Q 23 28.39 -8.73 60.48
CA CYS Q 23 28.60 -7.36 60.03
C CYS Q 23 27.28 -6.62 60.12
N ARG Q 24 27.32 -5.43 60.73
CA ARG Q 24 26.14 -4.62 60.95
C ARG Q 24 26.18 -3.38 60.06
N ALA Q 25 24.99 -2.95 59.63
CA ALA Q 25 24.82 -1.79 58.77
C ALA Q 25 24.08 -0.70 59.52
N SER Q 26 24.51 0.55 59.30
CA SER Q 26 23.88 1.67 59.98
C SER Q 26 22.51 1.99 59.39
N LYS Q 27 22.39 1.93 58.07
CA LYS Q 27 21.15 2.19 57.35
C LYS Q 27 20.84 0.99 56.48
N SER Q 28 19.58 0.89 56.04
CA SER Q 28 19.15 -0.22 55.20
C SER Q 28 20.00 -0.31 53.95
N ILE Q 29 20.63 -1.46 53.74
CA ILE Q 29 21.63 -1.63 52.69
C ILE Q 29 21.20 -2.61 51.60
N SER Q 30 20.07 -3.31 51.79
CA SER Q 30 19.55 -4.28 50.84
C SER Q 30 20.44 -5.52 50.81
N LYS Q 31 20.25 -6.37 49.80
CA LYS Q 31 20.89 -7.67 49.70
C LYS Q 31 22.41 -7.59 49.61
N TYR Q 32 22.98 -6.45 49.26
CA TYR Q 32 24.33 -6.38 48.72
C TYR Q 32 25.38 -6.13 49.79
N LEU Q 33 26.26 -7.11 49.98
CA LEU Q 33 27.41 -7.03 50.87
C LEU Q 33 28.47 -7.98 50.34
N ALA Q 34 29.73 -7.71 50.72
CA ALA Q 34 30.83 -8.58 50.36
C ALA Q 34 31.81 -8.67 51.52
N TRP Q 35 32.49 -9.81 51.59
CA TRP Q 35 33.44 -10.12 52.64
C TRP Q 35 34.83 -10.31 52.02
N TYR Q 36 35.86 -10.03 52.82
CA TYR Q 36 37.25 -10.20 52.40
C TYR Q 36 38.03 -10.95 53.48
N GLN Q 37 39.17 -11.50 53.07
CA GLN Q 37 40.10 -12.18 53.96
C GLN Q 37 41.48 -11.57 53.75
N GLN Q 38 42.00 -10.89 54.77
CA GLN Q 38 43.32 -10.27 54.73
C GLN Q 38 44.26 -11.04 55.65
N LYS Q 39 45.30 -11.64 55.07
CA LYS Q 39 46.40 -12.21 55.81
C LYS Q 39 47.34 -11.08 56.26
N PRO Q 40 48.20 -11.32 57.25
CA PRO Q 40 49.08 -10.24 57.71
C PRO Q 40 50.08 -9.83 56.63
N GLY Q 41 50.19 -8.52 56.42
CA GLY Q 41 51.10 -8.00 55.43
C GLY Q 41 50.81 -8.43 54.01
N LYS Q 42 49.54 -8.69 53.70
CA LYS Q 42 49.11 -9.10 52.36
C LYS Q 42 47.90 -8.27 51.94
N ALA Q 43 47.59 -8.34 50.64
CA ALA Q 43 46.41 -7.68 50.13
C ALA Q 43 45.16 -8.48 50.52
N PRO Q 44 44.03 -7.80 50.76
CA PRO Q 44 42.80 -8.55 51.03
C PRO Q 44 42.39 -9.44 49.87
N GLU Q 45 41.77 -10.57 50.20
CA GLU Q 45 41.24 -11.51 49.22
C GLU Q 45 39.73 -11.59 49.39
N LEU Q 46 39.02 -11.58 48.28
CA LEU Q 46 37.56 -11.55 48.31
C LEU Q 46 37.01 -12.97 48.46
N LEU Q 47 36.04 -13.12 49.36
CA LEU Q 47 35.42 -14.40 49.65
C LEU Q 47 33.97 -14.45 49.16
N ILE Q 48 33.08 -13.72 49.82
CA ILE Q 48 31.66 -13.69 49.52
C ILE Q 48 31.34 -12.33 48.90
N TYR Q 49 30.30 -12.31 48.08
CA TYR Q 49 29.88 -11.08 47.42
C TYR Q 49 28.36 -11.12 47.27
N SER Q 50 27.75 -9.92 47.25
CA SER Q 50 26.30 -9.78 47.25
C SER Q 50 25.64 -10.57 48.38
N GLY Q 51 26.33 -10.66 49.51
CA GLY Q 51 25.77 -11.23 50.73
C GLY Q 51 25.97 -12.72 50.95
N SER Q 52 25.70 -13.53 49.91
CA SER Q 52 25.68 -14.98 50.07
C SER Q 52 26.39 -15.75 48.96
N THR Q 53 26.84 -15.10 47.89
CA THR Q 53 27.45 -15.79 46.76
C THR Q 53 28.96 -15.75 46.92
N LEU Q 54 29.61 -16.91 46.76
CA LEU Q 54 31.05 -17.02 46.96
C LEU Q 54 31.80 -16.93 45.65
N GLN Q 55 33.02 -16.42 45.73
CA GLN Q 55 33.89 -16.28 44.57
C GLN Q 55 34.41 -17.65 44.13
N SER Q 56 34.76 -17.75 42.86
CA SER Q 56 35.33 -18.99 42.35
C SER Q 56 36.65 -19.28 43.06
N GLY Q 57 36.89 -20.57 43.32
CA GLY Q 57 38.10 -21.00 44.00
C GLY Q 57 38.04 -20.95 45.51
N ILE Q 58 36.99 -20.39 46.09
CA ILE Q 58 36.86 -20.30 47.55
C ILE Q 58 36.26 -21.61 48.05
N PRO Q 59 36.71 -22.15 49.20
CA PRO Q 59 36.15 -23.43 49.65
C PRO Q 59 34.66 -23.35 49.97
N ALA Q 60 34.00 -24.50 49.86
CA ALA Q 60 32.56 -24.57 50.09
C ALA Q 60 32.19 -24.27 51.53
N ARG Q 61 33.10 -24.52 52.47
CA ARG Q 61 32.80 -24.30 53.89
C ARG Q 61 32.51 -22.84 54.20
N PHE Q 62 32.99 -21.92 53.36
CA PHE Q 62 32.63 -20.52 53.50
C PHE Q 62 31.21 -20.30 52.97
N SER Q 63 30.40 -19.59 53.75
CA SER Q 63 29.02 -19.33 53.36
C SER Q 63 28.55 -18.05 54.05
N GLY Q 64 27.78 -17.25 53.33
CA GLY Q 64 27.27 -16.00 53.85
C GLY Q 64 25.77 -15.92 53.72
N SER Q 65 25.16 -15.18 54.64
CA SER Q 65 23.72 -15.02 54.65
C SER Q 65 23.39 -13.66 55.27
N GLY Q 66 22.10 -13.33 55.27
CA GLY Q 66 21.59 -12.10 55.81
C GLY Q 66 21.09 -11.16 54.73
N SER Q 67 20.30 -10.18 55.16
CA SER Q 67 19.75 -9.17 54.27
C SER Q 67 19.29 -8.00 55.13
N GLY Q 68 19.16 -6.83 54.48
CA GLY Q 68 18.71 -5.66 55.20
C GLY Q 68 19.80 -5.05 56.07
N THR Q 69 19.63 -5.04 57.38
CA THR Q 69 20.60 -4.38 58.24
C THR Q 69 21.66 -5.33 58.80
N GLU Q 70 21.32 -6.61 58.97
CA GLU Q 70 22.21 -7.58 59.60
C GLU Q 70 22.72 -8.60 58.58
N PHE Q 71 24.00 -8.96 58.71
CA PHE Q 71 24.65 -9.94 57.86
C PHE Q 71 25.55 -10.82 58.71
N THR Q 72 25.84 -12.02 58.20
CA THR Q 72 26.67 -12.98 58.90
C THR Q 72 27.56 -13.71 57.90
N LEU Q 73 28.76 -14.06 58.36
CA LEU Q 73 29.67 -14.96 57.65
C LEU Q 73 29.95 -16.14 58.56
N THR Q 74 29.78 -17.35 58.03
CA THR Q 74 29.96 -18.57 58.82
C THR Q 74 30.84 -19.54 58.06
N ILE Q 75 31.57 -20.34 58.82
CA ILE Q 75 32.48 -21.36 58.29
C ILE Q 75 32.11 -22.68 58.96
N SER Q 76 31.87 -23.71 58.12
CA SER Q 76 31.44 -25.00 58.63
C SER Q 76 32.44 -25.59 59.60
N SER Q 77 33.69 -25.78 59.14
CA SER Q 77 34.76 -26.35 59.94
C SER Q 77 36.03 -25.59 59.62
N LEU Q 78 36.65 -24.96 60.62
CA LEU Q 78 37.83 -24.15 60.36
C LEU Q 78 38.98 -25.03 59.84
N GLN Q 79 39.99 -24.36 59.30
CA GLN Q 79 41.23 -24.99 58.90
C GLN Q 79 42.35 -24.00 59.14
N SER Q 80 43.58 -24.52 59.17
CA SER Q 80 44.74 -23.70 59.51
C SER Q 80 44.86 -22.48 58.59
N GLU Q 81 44.49 -22.64 57.31
CA GLU Q 81 44.53 -21.53 56.38
C GLU Q 81 43.52 -20.44 56.69
N ASP Q 82 42.45 -20.76 57.43
CA ASP Q 82 41.35 -19.82 57.63
C ASP Q 82 41.64 -18.69 58.61
N PHE Q 83 42.66 -18.83 59.47
CA PHE Q 83 42.87 -17.86 60.54
C PHE Q 83 43.53 -16.61 59.96
N ALA Q 84 42.85 -15.48 60.07
CA ALA Q 84 43.29 -14.22 59.48
C ALA Q 84 42.34 -13.13 60.00
N VAL Q 85 42.39 -11.97 59.34
CA VAL Q 85 41.46 -10.87 59.60
C VAL Q 85 40.47 -10.85 58.45
N TYR Q 86 39.19 -10.70 58.79
CA TYR Q 86 38.11 -10.64 57.81
C TYR Q 86 37.48 -9.26 57.84
N TYR Q 87 37.25 -8.69 56.66
CA TYR Q 87 36.67 -7.37 56.52
C TYR Q 87 35.36 -7.43 55.75
N CYS Q 88 34.42 -6.59 56.16
CA CYS Q 88 33.10 -6.45 55.58
C CYS Q 88 32.97 -5.11 54.88
N GLN Q 89 32.46 -5.11 53.65
CA GLN Q 89 32.35 -3.88 52.86
C GLN Q 89 30.90 -3.52 52.58
N GLN Q 90 30.72 -2.23 52.26
CA GLN Q 90 29.39 -1.65 52.18
C GLN Q 90 28.64 -2.16 50.95
N HIS Q 91 29.15 -1.85 49.74
CA HIS Q 91 28.78 -2.52 48.49
C HIS Q 91 27.52 -1.96 47.80
N ASN Q 92 26.54 -1.44 48.54
CA ASN Q 92 25.25 -1.06 47.96
C ASN Q 92 25.22 0.36 47.39
N GLU Q 93 25.67 1.34 48.19
CA GLU Q 93 25.69 2.75 47.85
C GLU Q 93 27.12 3.15 47.48
N TYR Q 94 27.27 4.37 46.97
CA TYR Q 94 28.55 4.80 46.41
C TYR Q 94 29.46 5.62 47.32
N PRO Q 95 29.08 5.98 48.56
CA PRO Q 95 30.14 6.41 49.50
C PRO Q 95 31.18 5.33 49.77
N PHE Q 96 30.80 4.05 49.78
CA PHE Q 96 31.66 2.89 49.98
C PHE Q 96 32.40 2.88 51.31
N THR Q 97 31.79 2.26 52.32
CA THR Q 97 32.36 2.07 53.64
C THR Q 97 32.84 0.64 53.79
N PHE Q 98 33.69 0.41 54.81
CA PHE Q 98 34.23 -0.91 55.10
C PHE Q 98 34.02 -1.24 56.57
N GLY Q 99 34.16 -2.53 56.89
CA GLY Q 99 33.94 -3.01 58.24
C GLY Q 99 35.14 -2.86 59.14
N GLN Q 100 34.87 -2.86 60.46
CA GLN Q 100 35.90 -2.56 61.44
C GLN Q 100 37.03 -3.59 61.47
N GLY Q 101 36.78 -4.80 60.99
CA GLY Q 101 37.79 -5.84 61.00
C GLY Q 101 37.62 -6.76 62.19
N THR Q 102 37.73 -8.06 61.95
CA THR Q 102 37.54 -9.08 62.98
C THR Q 102 38.77 -9.98 62.99
N LYS Q 103 39.42 -10.07 64.15
CA LYS Q 103 40.57 -10.95 64.31
C LYS Q 103 40.07 -12.36 64.61
N LEU Q 104 40.47 -13.33 63.79
CA LEU Q 104 40.19 -14.74 64.02
C LEU Q 104 41.53 -15.41 64.36
N GLU Q 105 41.69 -15.81 65.61
CA GLU Q 105 42.91 -16.37 66.17
C GLU Q 105 42.64 -17.79 66.65
N ILE Q 106 43.72 -18.57 66.77
CA ILE Q 106 43.61 -19.93 67.25
C ILE Q 106 43.56 -19.95 68.78
N LYS Q 107 42.81 -20.91 69.32
CA LYS Q 107 42.65 -21.08 70.76
C LYS Q 107 43.47 -22.28 71.22
N ARG Q 108 44.30 -22.05 72.22
CA ARG Q 108 45.13 -23.09 72.82
C ARG Q 108 44.83 -23.21 74.31
N THR Q 109 45.70 -23.88 75.05
CA THR Q 109 45.56 -24.02 76.49
C THR Q 109 46.02 -22.75 77.18
N VAL Q 110 45.32 -22.38 78.26
CA VAL Q 110 45.68 -21.18 79.00
C VAL Q 110 47.08 -21.33 79.57
N ALA Q 111 47.92 -20.33 79.36
CA ALA Q 111 49.30 -20.32 79.84
C ALA Q 111 49.62 -18.98 80.44
N ALA Q 112 50.26 -18.99 81.61
CA ALA Q 112 50.62 -17.76 82.29
C ALA Q 112 51.90 -17.16 81.71
N PRO Q 113 52.13 -15.85 81.91
CA PRO Q 113 53.33 -15.23 81.34
C PRO Q 113 54.56 -15.35 82.24
N SER Q 114 55.67 -15.81 81.67
CA SER Q 114 56.96 -15.71 82.33
C SER Q 114 57.44 -14.27 82.25
N VAL Q 115 57.59 -13.63 83.40
CA VAL Q 115 57.85 -12.20 83.48
C VAL Q 115 59.32 -11.97 83.78
N PHE Q 116 59.95 -11.08 83.01
CA PHE Q 116 61.30 -10.62 83.25
C PHE Q 116 61.34 -9.11 83.11
N ILE Q 117 62.12 -8.46 83.97
CA ILE Q 117 62.30 -7.02 83.94
C ILE Q 117 63.77 -6.74 83.65
N PHE Q 118 64.02 -5.78 82.76
CA PHE Q 118 65.35 -5.45 82.27
C PHE Q 118 65.65 -4.00 82.65
N PRO Q 119 66.64 -3.70 83.50
CA PRO Q 119 66.91 -2.28 83.82
C PRO Q 119 67.45 -1.53 82.62
N PRO Q 120 67.68 -0.23 82.74
CA PRO Q 120 68.34 0.51 81.66
C PRO Q 120 69.83 0.20 81.61
N SER Q 121 70.35 0.02 80.41
CA SER Q 121 71.77 -0.24 80.25
C SER Q 121 72.60 0.99 80.58
N ASP Q 122 73.85 0.76 81.00
CA ASP Q 122 74.74 1.86 81.32
C ASP Q 122 74.99 2.76 80.12
N GLU Q 123 74.93 2.20 78.91
CA GLU Q 123 75.13 3.01 77.71
C GLU Q 123 74.01 4.03 77.55
N GLN Q 124 72.76 3.58 77.75
CA GLN Q 124 71.61 4.47 77.65
C GLN Q 124 71.69 5.61 78.65
N LEU Q 125 71.99 5.28 79.91
CA LEU Q 125 71.95 6.27 80.98
C LEU Q 125 72.92 7.41 80.74
N LYS Q 126 73.99 7.16 79.99
CA LYS Q 126 74.92 8.23 79.62
C LYS Q 126 74.25 9.25 78.70
N SER Q 127 73.40 8.79 77.78
CA SER Q 127 72.83 9.69 76.79
C SER Q 127 71.92 10.74 77.42
N GLY Q 128 71.26 10.39 78.53
CA GLY Q 128 70.34 11.30 79.21
C GLY Q 128 68.91 10.82 79.27
N THR Q 129 68.66 9.56 78.87
CA THR Q 129 67.33 8.96 78.89
C THR Q 129 67.45 7.54 79.41
N ALA Q 130 66.42 7.11 80.14
CA ALA Q 130 66.36 5.79 80.74
C ALA Q 130 65.09 5.09 80.29
N SER Q 131 65.23 3.83 79.86
CA SER Q 131 64.11 3.01 79.41
C SER Q 131 64.12 1.71 80.19
N VAL Q 132 63.01 1.42 80.87
CA VAL Q 132 62.82 0.17 81.61
C VAL Q 132 61.87 -0.70 80.80
N VAL Q 133 62.22 -1.99 80.66
CA VAL Q 133 61.49 -2.92 79.83
C VAL Q 133 60.90 -4.02 80.71
N CYS Q 134 59.71 -4.46 80.37
CA CYS Q 134 59.04 -5.57 81.06
C CYS Q 134 58.53 -6.54 80.00
N LEU Q 135 59.02 -7.77 80.04
CA LEU Q 135 58.71 -8.79 79.06
C LEU Q 135 57.75 -9.80 79.67
N LEU Q 136 56.68 -10.11 78.94
CA LEU Q 136 55.74 -11.19 79.28
C LEU Q 136 55.83 -12.19 78.13
N ASN Q 137 56.55 -13.30 78.35
CA ASN Q 137 56.92 -14.22 77.28
C ASN Q 137 55.99 -15.42 77.27
N ASN Q 138 55.48 -15.76 76.08
CA ASN Q 138 54.70 -16.97 75.85
C ASN Q 138 53.55 -17.10 76.82
N PHE Q 139 52.42 -16.48 76.50
CA PHE Q 139 51.29 -16.42 77.41
C PHE Q 139 50.01 -16.40 76.60
N TYR Q 140 48.96 -17.00 77.15
CA TYR Q 140 47.67 -17.05 76.51
C TYR Q 140 46.63 -17.06 77.61
N PRO Q 141 45.48 -16.36 77.44
CA PRO Q 141 44.98 -15.59 76.29
C PRO Q 141 45.68 -14.25 76.08
N ARG Q 142 45.38 -13.63 74.93
CA ARG Q 142 46.04 -12.39 74.54
C ARG Q 142 45.80 -11.28 75.56
N GLU Q 143 44.63 -11.28 76.22
CA GLU Q 143 44.28 -10.22 77.14
C GLU Q 143 45.22 -10.20 78.34
N ALA Q 144 45.94 -9.10 78.51
CA ALA Q 144 46.83 -8.92 79.64
C ALA Q 144 46.97 -7.43 79.90
N LYS Q 145 47.36 -7.10 81.14
CA LYS Q 145 47.47 -5.71 81.58
C LYS Q 145 48.73 -5.56 82.40
N VAL Q 146 49.51 -4.51 82.11
CA VAL Q 146 50.76 -4.21 82.80
C VAL Q 146 50.65 -2.81 83.40
N GLN Q 147 51.00 -2.68 84.68
CA GLN Q 147 51.01 -1.42 85.39
C GLN Q 147 52.38 -1.15 85.97
N TRP Q 148 52.94 0.03 85.65
CA TRP Q 148 54.25 0.42 86.13
C TRP Q 148 54.13 1.12 87.47
N LYS Q 149 55.03 0.76 88.39
CA LYS Q 149 55.08 1.34 89.73
C LYS Q 149 56.51 1.75 90.03
N VAL Q 150 56.71 3.04 90.31
CA VAL Q 150 58.01 3.60 90.70
C VAL Q 150 57.86 4.10 92.13
N ASP Q 151 58.64 3.50 93.06
CA ASP Q 151 58.50 3.76 94.48
C ASP Q 151 57.07 3.52 94.96
N ASN Q 152 56.46 2.44 94.43
CA ASN Q 152 55.10 2.06 94.78
C ASN Q 152 54.11 3.17 94.43
N ALA Q 153 54.36 3.85 93.31
CA ALA Q 153 53.49 4.90 92.81
C ALA Q 153 53.13 4.59 91.36
N LEU Q 154 51.84 4.44 91.09
CA LEU Q 154 51.38 4.06 89.76
C LEU Q 154 51.78 5.13 88.74
N GLN Q 155 52.04 4.66 87.52
CA GLN Q 155 52.50 5.52 86.43
C GLN Q 155 51.58 5.39 85.22
N SER Q 156 51.40 6.48 84.50
CA SER Q 156 50.56 6.50 83.31
C SER Q 156 51.07 7.60 82.38
N GLY Q 157 50.85 7.38 81.08
CA GLY Q 157 51.21 8.35 80.08
C GLY Q 157 52.68 8.38 79.69
N ASN Q 158 53.50 7.51 80.27
CA ASN Q 158 54.92 7.42 79.93
C ASN Q 158 55.37 6.02 79.58
N SER Q 159 54.43 5.09 79.37
CA SER Q 159 54.74 3.70 79.02
C SER Q 159 53.96 3.28 77.78
N GLN Q 160 54.66 2.60 76.89
CA GLN Q 160 54.08 2.06 75.65
C GLN Q 160 54.41 0.58 75.57
N GLU Q 161 53.47 -0.21 75.04
CA GLU Q 161 53.64 -1.64 74.92
C GLU Q 161 53.37 -2.09 73.49
N SER Q 162 53.95 -3.25 73.16
CA SER Q 162 53.77 -3.88 71.87
C SER Q 162 53.63 -5.38 72.10
N VAL Q 163 52.80 -6.02 71.27
CA VAL Q 163 52.44 -7.43 71.41
C VAL Q 163 52.80 -8.12 70.10
N THR Q 164 53.65 -9.14 70.18
CA THR Q 164 53.95 -9.94 69.00
C THR Q 164 52.69 -10.71 68.60
N GLU Q 165 52.60 -11.02 67.31
CA GLU Q 165 51.48 -11.83 66.86
C GLU Q 165 51.61 -13.25 67.40
N GLN Q 166 50.52 -14.00 67.27
CA GLN Q 166 50.45 -15.35 67.84
C GLN Q 166 51.55 -16.22 67.25
N ASP Q 167 52.28 -16.91 68.12
CA ASP Q 167 53.40 -17.73 67.69
C ASP Q 167 52.92 -18.84 66.76
N SER Q 168 53.82 -19.28 65.89
CA SER Q 168 53.45 -20.32 64.93
C SER Q 168 53.50 -21.71 65.55
N LYS Q 169 54.50 -21.97 66.40
CA LYS Q 169 54.71 -23.32 66.91
C LYS Q 169 53.80 -23.61 68.11
N ASP Q 170 53.82 -22.74 69.11
CA ASP Q 170 53.07 -22.96 70.35
C ASP Q 170 51.87 -22.03 70.50
N SER Q 171 51.66 -21.10 69.56
CA SER Q 171 50.44 -20.29 69.52
C SER Q 171 50.31 -19.39 70.74
N THR Q 172 51.43 -19.05 71.36
CA THR Q 172 51.46 -18.17 72.52
C THR Q 172 51.94 -16.78 72.11
N TYR Q 173 51.39 -15.76 72.77
CA TYR Q 173 51.77 -14.40 72.50
C TYR Q 173 52.97 -14.01 73.36
N SER Q 174 53.42 -12.77 73.19
CA SER Q 174 54.45 -12.19 74.04
C SER Q 174 54.21 -10.69 74.02
N LEU Q 175 54.46 -10.06 75.16
CA LEU Q 175 54.17 -8.63 75.34
C LEU Q 175 55.41 -7.95 75.88
N SER Q 176 55.69 -6.75 75.34
CA SER Q 176 56.84 -5.95 75.75
C SER Q 176 56.38 -4.54 76.04
N SER Q 177 56.55 -4.10 77.28
CA SER Q 177 56.18 -2.78 77.74
C SER Q 177 57.44 -1.99 78.08
N THR Q 178 57.54 -0.77 77.52
CA THR Q 178 58.71 0.08 77.67
C THR Q 178 58.31 1.33 78.43
N LEU Q 179 58.96 1.56 79.58
CA LEU Q 179 58.76 2.77 80.38
C LEU Q 179 59.95 3.69 80.15
N THR Q 180 59.71 4.83 79.51
CA THR Q 180 60.76 5.76 79.11
C THR Q 180 60.71 6.99 80.02
N LEU Q 181 61.78 7.20 80.79
CA LEU Q 181 61.97 8.40 81.60
C LEU Q 181 63.34 8.99 81.30
N SER Q 182 63.52 10.23 81.74
CA SER Q 182 64.79 10.91 81.56
C SER Q 182 65.78 10.46 82.63
N LYS Q 183 67.05 10.84 82.44
CA LYS Q 183 68.10 10.44 83.38
C LYS Q 183 67.82 10.98 84.78
N ALA Q 184 67.56 12.27 84.90
CA ALA Q 184 67.38 12.89 86.21
C ALA Q 184 66.19 12.28 86.94
N ASP Q 185 65.05 12.16 86.25
CA ASP Q 185 63.86 11.58 86.87
C ASP Q 185 64.10 10.14 87.29
N TYR Q 186 64.89 9.40 86.51
CA TYR Q 186 65.18 8.01 86.84
C TYR Q 186 65.97 7.91 88.14
N GLU Q 187 66.86 8.86 88.38
CA GLU Q 187 67.72 8.81 89.57
C GLU Q 187 67.02 9.27 90.84
N LYS Q 188 65.95 10.07 90.73
CA LYS Q 188 65.29 10.57 91.93
C LYS Q 188 64.65 9.44 92.73
N HIS Q 189 64.16 8.41 92.03
CA HIS Q 189 63.45 7.30 92.67
C HIS Q 189 64.37 6.09 92.74
N LYS Q 190 63.89 5.04 93.41
CA LYS Q 190 64.73 3.89 93.76
C LYS Q 190 64.16 2.58 93.23
N VAL Q 191 62.94 2.22 93.59
CA VAL Q 191 62.36 0.92 93.28
C VAL Q 191 61.50 1.04 92.03
N TYR Q 192 61.76 0.20 91.04
CA TYR Q 192 60.99 0.14 89.79
C TYR Q 192 60.45 -1.27 89.62
N ALA Q 193 59.19 -1.34 89.17
CA ALA Q 193 58.48 -2.61 89.09
C ALA Q 193 57.35 -2.49 88.08
N CYS Q 194 57.16 -3.56 87.30
CA CYS Q 194 56.02 -3.69 86.41
C CYS Q 194 55.05 -4.72 87.00
N GLU Q 195 53.78 -4.33 87.12
CA GLU Q 195 52.76 -5.16 87.74
C GLU Q 195 51.90 -5.78 86.64
N VAL Q 196 51.96 -7.12 86.55
CA VAL Q 196 51.29 -7.87 85.49
C VAL Q 196 49.99 -8.45 86.02
N THR Q 197 48.89 -8.18 85.33
CA THR Q 197 47.60 -8.80 85.59
C THR Q 197 47.23 -9.70 84.41
N HIS Q 198 46.94 -10.97 84.70
CA HIS Q 198 46.62 -11.94 83.67
C HIS Q 198 45.70 -12.99 84.26
N GLN Q 199 44.89 -13.61 83.39
CA GLN Q 199 43.87 -14.55 83.84
C GLN Q 199 44.48 -15.76 84.55
N GLY Q 200 45.64 -16.22 84.11
CA GLY Q 200 46.31 -17.38 84.69
C GLY Q 200 46.93 -17.16 86.06
N LEU Q 201 46.92 -15.93 86.57
CA LEU Q 201 47.54 -15.58 87.85
C LEU Q 201 46.50 -15.36 88.94
N SER Q 202 46.91 -15.56 90.19
CA SER Q 202 46.01 -15.38 91.32
C SER Q 202 45.76 -13.90 91.58
N SER Q 203 46.84 -13.17 91.83
CA SER Q 203 46.91 -11.74 92.07
C SER Q 203 48.03 -11.26 91.15
N PRO Q 204 48.08 -9.98 90.82
CA PRO Q 204 49.07 -9.55 89.82
C PRO Q 204 50.50 -9.78 90.31
N VAL Q 205 51.33 -10.30 89.42
CA VAL Q 205 52.73 -10.55 89.69
C VAL Q 205 53.50 -9.23 89.57
N THR Q 206 54.58 -9.12 90.35
CA THR Q 206 55.43 -7.94 90.37
C THR Q 206 56.88 -8.40 90.26
N LYS Q 207 57.54 -8.06 89.15
CA LYS Q 207 58.98 -8.20 88.99
C LYS Q 207 59.61 -6.82 89.10
N SER Q 208 60.62 -6.69 89.96
CA SER Q 208 61.18 -5.40 90.32
C SER Q 208 62.70 -5.49 90.44
N PHE Q 209 63.30 -4.31 90.60
CA PHE Q 209 64.72 -4.15 90.86
C PHE Q 209 64.88 -2.83 91.60
N ASN Q 210 66.09 -2.56 92.08
CA ASN Q 210 66.38 -1.32 92.78
C ASN Q 210 67.40 -0.50 91.99
N ARG Q 211 67.12 0.80 91.87
CA ARG Q 211 68.01 1.70 91.14
C ARG Q 211 69.32 1.85 91.90
N GLY Q 212 70.43 1.70 91.19
CA GLY Q 212 71.73 1.77 91.83
C GLY Q 212 72.05 0.56 92.67
N GLU Q 213 71.45 -0.59 92.36
CA GLU Q 213 71.78 -1.82 93.06
C GLU Q 213 73.13 -2.35 92.57
N CYS Q 214 73.33 -2.33 91.26
CA CYS Q 214 74.57 -2.75 90.60
C CYS Q 214 75.12 -4.09 91.10
N GLN R 37 30.47 -1.94 19.42
CA GLN R 37 29.16 -1.34 19.63
C GLN R 37 28.50 -1.94 20.88
N PRO R 38 27.88 -1.10 21.75
CA PRO R 38 27.14 -1.67 22.89
C PRO R 38 25.68 -1.88 22.58
N LEU R 39 25.21 -3.12 22.64
CA LEU R 39 23.82 -3.38 22.26
C LEU R 39 22.87 -3.12 23.41
N ASP R 40 23.32 -3.30 24.65
CA ASP R 40 22.56 -2.99 25.85
C ASP R 40 23.31 -1.91 26.63
N CYS R 41 22.80 -1.57 27.80
CA CYS R 41 23.43 -0.55 28.62
C CYS R 41 24.35 -1.13 29.68
N ASP R 42 24.25 -2.43 29.98
CA ASP R 42 25.27 -3.05 30.82
C ASP R 42 26.61 -3.08 30.10
N ASP R 43 26.58 -3.15 28.75
CA ASP R 43 27.80 -2.97 28.00
C ASP R 43 28.38 -1.58 28.21
N ILE R 44 27.51 -0.57 28.25
CA ILE R 44 27.98 0.81 28.43
C ILE R 44 28.69 0.98 29.76
N TYR R 45 28.21 0.30 30.80
CA TYR R 45 28.96 0.27 32.06
C TYR R 45 30.38 -0.22 31.81
N ALA R 46 30.54 -1.27 31.01
CA ALA R 46 31.86 -1.78 30.68
C ALA R 46 32.62 -0.82 29.76
N GLN R 47 31.92 -0.05 28.92
CA GLN R 47 32.60 0.93 28.08
C GLN R 47 33.35 1.94 28.93
N GLY R 48 32.84 2.26 30.12
CA GLY R 48 33.48 3.15 31.06
C GLY R 48 32.64 4.34 31.47
N TYR R 49 31.33 4.25 31.28
CA TYR R 49 30.40 5.33 31.57
C TYR R 49 29.42 4.87 32.65
N GLN R 50 29.33 5.65 33.73
CA GLN R 50 28.55 5.28 34.90
C GLN R 50 27.60 6.37 35.38
N SER R 51 27.61 7.54 34.75
CA SER R 51 26.63 8.59 35.05
C SER R 51 25.34 8.29 34.32
N ASP R 52 24.24 8.21 35.06
CA ASP R 52 22.95 7.89 34.46
C ASP R 52 22.46 9.03 33.58
N GLY R 53 22.09 8.70 32.35
CA GLY R 53 21.63 9.70 31.40
C GLY R 53 21.26 9.05 30.09
N VAL R 54 21.18 9.86 29.04
CA VAL R 54 20.83 9.35 27.72
C VAL R 54 22.06 8.73 27.08
N TYR R 55 21.88 7.56 26.48
CA TYR R 55 22.97 6.83 25.84
C TYR R 55 22.45 6.13 24.58
N LEU R 56 23.37 5.87 23.66
CA LEU R 56 23.06 5.16 22.43
C LEU R 56 23.48 3.70 22.55
N ILE R 57 22.55 2.81 22.21
CA ILE R 57 22.81 1.38 22.14
C ILE R 57 22.31 0.88 20.79
N TYR R 58 22.91 -0.22 20.33
CA TYR R 58 22.65 -0.77 19.01
C TYR R 58 21.98 -2.14 19.16
N PRO R 59 20.67 -2.19 19.46
CA PRO R 59 20.02 -3.50 19.65
C PRO R 59 19.85 -4.27 18.37
N SER R 60 19.47 -3.60 17.27
CA SER R 60 19.39 -4.27 15.99
C SER R 60 20.80 -4.62 15.53
N GLY R 61 21.58 -3.60 15.21
CA GLY R 61 22.94 -3.80 14.76
C GLY R 61 23.65 -2.47 14.65
N PRO R 62 24.89 -2.49 14.14
CA PRO R 62 25.65 -1.23 14.01
C PRO R 62 25.01 -0.23 13.05
N SER R 63 24.01 -0.63 12.25
CA SER R 63 23.40 0.26 11.29
C SER R 63 22.71 1.45 11.95
N VAL R 64 21.77 1.17 12.86
CA VAL R 64 20.94 2.21 13.45
C VAL R 64 20.94 2.12 14.97
N PRO R 65 21.28 3.19 15.70
CA PRO R 65 21.08 3.19 17.15
C PRO R 65 19.70 3.69 17.56
N VAL R 66 19.41 3.53 18.84
CA VAL R 66 18.21 4.07 19.46
C VAL R 66 18.63 4.64 20.82
N PRO R 67 18.32 5.90 21.14
CA PRO R 67 18.75 6.43 22.44
C PRO R 67 17.86 5.92 23.56
N VAL R 68 18.46 5.68 24.72
CA VAL R 68 17.73 5.28 25.91
C VAL R 68 18.35 5.98 27.11
N PHE R 69 17.60 5.99 28.20
CA PHE R 69 18.06 6.48 29.48
C PHE R 69 18.38 5.28 30.34
N CYS R 70 19.52 5.33 31.02
CA CYS R 70 20.06 4.24 31.81
C CYS R 70 20.20 4.66 33.25
N ASP R 71 19.79 3.79 34.16
CA ASP R 71 19.88 4.05 35.60
C ASP R 71 21.11 3.31 36.13
N MET R 72 22.27 3.95 35.95
CA MET R 72 23.55 3.43 36.45
C MET R 72 23.70 3.56 37.97
N THR R 73 22.69 4.07 38.68
CA THR R 73 22.79 4.29 40.12
C THR R 73 22.08 3.21 40.93
N THR R 74 20.86 2.85 40.54
CA THR R 74 20.01 2.04 41.40
C THR R 74 20.54 0.61 41.47
N GLU R 75 20.82 0.16 42.69
CA GLU R 75 21.22 -1.21 43.00
C GLU R 75 22.38 -1.67 42.10
N GLY R 76 23.46 -0.90 42.12
CA GLY R 76 24.61 -1.20 41.31
C GLY R 76 24.57 -0.70 39.89
N GLY R 77 23.39 -0.32 39.39
CA GLY R 77 23.28 0.26 38.07
C GLY R 77 23.12 -0.72 36.93
N LYS R 78 23.59 -0.31 35.75
CA LYS R 78 23.54 -1.12 34.54
C LYS R 78 22.10 -1.40 34.10
N TRP R 79 21.18 -0.50 34.42
CA TRP R 79 19.78 -0.68 34.06
C TRP R 79 19.49 -0.01 32.72
N THR R 80 18.84 -0.74 31.82
CA THR R 80 18.27 -0.17 30.60
C THR R 80 16.78 0.07 30.85
N VAL R 81 16.34 1.30 30.63
CA VAL R 81 14.98 1.71 30.95
C VAL R 81 14.21 1.74 29.64
N PHE R 82 13.11 0.98 29.58
CA PHE R 82 12.25 0.91 28.40
C PHE R 82 10.91 1.58 28.63
N GLN R 83 10.81 2.45 29.63
CA GLN R 83 9.53 2.96 30.13
C GLN R 83 9.83 4.06 31.14
N LYS R 84 9.35 5.28 30.91
CA LYS R 84 9.54 6.38 31.85
C LYS R 84 8.29 7.26 31.87
N ARG R 85 7.87 7.65 33.07
CA ARG R 85 6.71 8.53 33.24
C ARG R 85 6.89 9.29 34.54
N PHE R 86 6.52 10.58 34.53
CA PHE R 86 6.66 11.43 35.70
C PHE R 86 5.96 12.77 35.50
N ASN R 87 6.17 13.39 34.33
CA ASN R 87 5.60 14.70 34.04
C ASN R 87 4.11 14.59 33.75
N GLY R 88 3.66 13.45 33.20
CA GLY R 88 2.32 13.29 32.71
C GLY R 88 2.07 13.92 31.35
N SER R 89 3.06 14.58 30.77
CA SER R 89 2.85 15.29 29.50
C SER R 89 2.60 14.31 28.38
N VAL R 90 3.49 13.34 28.19
CA VAL R 90 3.33 12.38 27.09
C VAL R 90 2.16 11.46 27.38
N SER R 91 1.25 11.34 26.42
CA SER R 91 0.12 10.42 26.52
C SER R 91 0.57 9.05 26.03
N PHE R 92 0.34 8.03 26.85
CA PHE R 92 0.69 6.66 26.51
C PHE R 92 -0.48 5.87 25.93
N PHE R 93 -1.63 6.51 25.73
CA PHE R 93 -2.76 5.88 25.04
C PHE R 93 -2.53 6.06 23.54
N ARG R 94 -1.62 5.24 23.01
CA ARG R 94 -1.20 5.26 21.61
C ARG R 94 -1.59 3.93 20.95
N GLY R 95 -1.32 3.85 19.64
CA GLY R 95 -1.68 2.70 18.85
C GLY R 95 -0.63 1.60 18.90
N TRP R 96 -0.99 0.47 18.27
CA TRP R 96 -0.06 -0.66 18.24
C TRP R 96 1.23 -0.31 17.51
N ASN R 97 1.17 0.54 16.48
CA ASN R 97 2.38 0.85 15.72
C ASN R 97 3.36 1.67 16.54
N ASP R 98 2.86 2.68 17.26
CA ASP R 98 3.75 3.50 18.08
C ASP R 98 4.40 2.65 19.17
N TYR R 99 3.64 1.69 19.72
CA TYR R 99 4.19 0.84 20.76
C TYR R 99 5.15 -0.22 20.22
N LYS R 100 5.09 -0.51 18.92
CA LYS R 100 6.07 -1.44 18.35
C LYS R 100 7.41 -0.73 18.16
N LEU R 101 7.38 0.42 17.47
CA LEU R 101 8.61 1.14 17.16
C LEU R 101 9.13 1.97 18.32
N GLY R 102 8.30 2.26 19.31
CA GLY R 102 8.67 3.13 20.40
C GLY R 102 8.28 4.57 20.14
N PHE R 103 8.15 5.33 21.21
CA PHE R 103 7.63 6.69 21.13
C PHE R 103 8.09 7.47 22.36
N GLY R 104 8.41 8.73 22.15
CA GLY R 104 8.74 9.63 23.24
C GLY R 104 10.20 10.06 23.16
N ARG R 105 10.60 10.80 24.19
CA ARG R 105 11.93 11.36 24.29
C ARG R 105 12.74 10.63 25.36
N ALA R 106 13.94 10.17 24.98
CA ALA R 106 14.83 9.50 25.92
C ALA R 106 15.14 10.35 27.15
N ASP R 107 15.03 11.68 27.04
CA ASP R 107 15.20 12.57 28.17
C ASP R 107 14.13 12.29 29.21
N GLY R 108 12.89 12.61 28.85
CA GLY R 108 11.76 12.49 29.74
C GLY R 108 10.97 11.22 29.61
N GLU R 109 9.65 11.34 29.49
CA GLU R 109 8.80 10.17 29.39
C GLU R 109 8.97 9.54 28.02
N TYR R 110 8.98 8.21 27.97
CA TYR R 110 9.14 7.51 26.70
C TYR R 110 8.78 6.05 26.85
N TRP R 111 8.74 5.38 25.70
CA TRP R 111 8.55 3.95 25.59
C TRP R 111 9.54 3.47 24.56
N LEU R 112 10.41 2.53 24.93
CA LEU R 112 11.54 2.21 24.07
C LEU R 112 11.09 1.57 22.76
N GLY R 113 10.01 0.80 22.80
CA GLY R 113 9.49 0.13 21.60
C GLY R 113 9.57 -1.37 21.81
N LEU R 114 8.45 -2.03 21.51
CA LEU R 114 8.36 -3.46 21.76
C LEU R 114 9.36 -4.24 20.92
N GLN R 115 9.62 -3.78 19.70
CA GLN R 115 10.55 -4.48 18.83
C GLN R 115 11.94 -4.48 19.44
N ASN R 116 12.46 -3.30 19.80
CA ASN R 116 13.76 -3.18 20.46
C ASN R 116 13.85 -4.09 21.68
N MET R 117 12.84 -4.04 22.56
CA MET R 117 12.79 -4.93 23.71
C MET R 117 12.95 -6.38 23.30
N HIS R 118 12.27 -6.80 22.23
CA HIS R 118 12.41 -8.17 21.76
C HIS R 118 13.83 -8.48 21.31
N LEU R 119 14.50 -7.55 20.62
CA LEU R 119 15.87 -7.83 20.21
C LEU R 119 16.78 -8.03 21.41
N LEU R 120 16.61 -7.22 22.46
CA LEU R 120 17.45 -7.42 23.64
C LEU R 120 17.17 -8.77 24.28
N THR R 121 15.92 -8.99 24.68
CA THR R 121 15.54 -10.23 25.36
C THR R 121 15.80 -11.48 24.53
N LEU R 122 15.88 -11.35 23.20
CA LEU R 122 16.05 -12.53 22.37
C LEU R 122 17.46 -13.09 22.50
N LYS R 123 18.48 -12.23 22.56
CA LYS R 123 19.87 -12.66 22.48
C LYS R 123 20.57 -12.72 23.83
N GLN R 124 19.96 -12.20 24.89
CA GLN R 124 20.50 -12.28 26.24
C GLN R 124 19.36 -12.49 27.22
N LYS R 125 19.70 -13.07 28.38
CA LYS R 125 18.75 -13.27 29.46
C LYS R 125 18.78 -12.05 30.37
N TYR R 126 17.61 -11.59 30.80
CA TYR R 126 17.48 -10.29 31.43
C TYR R 126 16.66 -10.36 32.71
N GLU R 127 16.90 -9.37 33.58
CA GLU R 127 16.22 -9.21 34.86
C GLU R 127 15.39 -7.93 34.82
N LEU R 128 14.23 -7.95 35.49
CA LEU R 128 13.31 -6.83 35.50
C LEU R 128 13.27 -6.17 36.87
N ARG R 129 13.18 -4.84 36.86
CA ARG R 129 12.89 -4.03 38.04
C ARG R 129 11.98 -2.89 37.59
N VAL R 130 10.89 -2.68 38.31
CA VAL R 130 10.00 -1.54 38.10
C VAL R 130 10.03 -0.72 39.38
N ASP R 131 10.17 0.60 39.23
CA ASP R 131 10.27 1.52 40.36
C ASP R 131 9.13 2.50 40.27
N LEU R 132 8.41 2.66 41.39
CA LEU R 132 7.17 3.41 41.43
C LEU R 132 7.22 4.46 42.54
N GLU R 133 6.41 5.49 42.39
CA GLU R 133 6.27 6.53 43.42
C GLU R 133 4.87 7.11 43.32
N ASP R 134 4.25 7.33 44.48
CA ASP R 134 2.94 7.93 44.61
C ASP R 134 3.07 9.43 44.87
N PHE R 135 1.95 10.07 45.21
CA PHE R 135 1.94 11.50 45.51
C PHE R 135 2.12 11.80 46.99
N GLU R 136 2.48 10.81 47.80
CA GLU R 136 2.71 10.98 49.22
C GLU R 136 4.19 10.84 49.58
N ASN R 137 5.09 11.01 48.61
CA ASN R 137 6.53 10.91 48.84
C ASN R 137 6.91 9.53 49.34
N ASN R 138 6.32 8.50 48.74
CA ASN R 138 6.67 7.11 49.03
C ASN R 138 7.12 6.43 47.75
N THR R 139 8.07 5.51 47.91
CA THR R 139 8.68 4.78 46.82
C THR R 139 8.43 3.30 47.05
N ALA R 140 8.42 2.56 45.95
CA ALA R 140 8.21 1.12 46.01
C ALA R 140 8.76 0.53 44.72
N TYR R 141 8.88 -0.79 44.69
CA TYR R 141 9.42 -1.45 43.52
C TYR R 141 9.12 -2.94 43.63
N ALA R 142 9.35 -3.64 42.52
CA ALA R 142 9.22 -5.08 42.46
C ALA R 142 10.22 -5.59 41.43
N LYS R 143 10.86 -6.72 41.74
CA LYS R 143 11.87 -7.31 40.88
C LYS R 143 11.44 -8.69 40.43
N TYR R 144 11.81 -9.03 39.19
CA TYR R 144 11.55 -10.33 38.61
C TYR R 144 12.84 -10.85 37.98
N ALA R 145 13.23 -12.06 38.37
CA ALA R 145 14.54 -12.59 38.00
C ALA R 145 14.69 -12.69 36.48
N ASP R 146 13.76 -13.37 35.81
CA ASP R 146 13.77 -13.52 34.37
C ASP R 146 12.72 -12.63 33.75
N PHE R 147 13.02 -12.11 32.56
CA PHE R 147 12.07 -11.28 31.83
C PHE R 147 12.39 -11.40 30.35
N SER R 148 11.36 -11.62 29.53
CA SER R 148 11.54 -11.79 28.11
C SER R 148 10.26 -11.40 27.38
N ILE R 149 10.45 -10.91 26.16
CA ILE R 149 9.35 -10.60 25.23
C ILE R 149 9.40 -11.64 24.13
N SER R 150 8.32 -12.42 24.01
CA SER R 150 8.17 -13.43 22.98
C SER R 150 9.37 -14.39 22.95
N PRO R 151 9.71 -15.01 24.07
CA PRO R 151 10.94 -15.79 24.11
C PRO R 151 10.83 -17.02 23.23
N ASN R 152 11.92 -17.30 22.51
CA ASN R 152 12.01 -18.47 21.64
C ASN R 152 10.92 -18.47 20.58
N ALA R 153 10.53 -17.28 20.11
CA ALA R 153 9.58 -17.12 19.03
C ALA R 153 10.31 -16.77 17.75
N VAL R 154 10.04 -17.53 16.69
CA VAL R 154 10.71 -17.27 15.42
C VAL R 154 10.35 -15.90 14.88
N SER R 155 9.19 -15.35 15.26
CA SER R 155 8.79 -13.99 14.90
C SER R 155 7.99 -13.42 16.05
N ALA R 156 8.42 -12.25 16.56
CA ALA R 156 7.73 -11.65 17.70
C ALA R 156 6.34 -11.17 17.33
N GLU R 157 6.18 -10.60 16.12
CA GLU R 157 4.88 -10.13 15.67
C GLU R 157 3.83 -11.23 15.74
N GLU R 158 4.12 -12.38 15.11
CA GLU R 158 3.15 -13.48 15.09
C GLU R 158 2.75 -13.88 16.51
N ASP R 159 3.71 -13.90 17.42
CA ASP R 159 3.44 -14.25 18.80
C ASP R 159 2.85 -13.09 19.59
N GLY R 160 2.65 -11.92 18.97
CA GLY R 160 2.03 -10.80 19.66
C GLY R 160 2.88 -10.19 20.75
N TYR R 161 4.18 -10.45 20.73
CA TYR R 161 5.12 -9.99 21.74
C TYR R 161 4.66 -10.39 23.15
N THR R 162 4.52 -11.70 23.33
CA THR R 162 4.10 -12.21 24.64
C THR R 162 5.11 -11.79 25.71
N LEU R 163 4.59 -11.51 26.89
CA LEU R 163 5.39 -11.14 28.05
C LEU R 163 5.59 -12.38 28.91
N PHE R 164 6.82 -12.61 29.33
CA PHE R 164 7.15 -13.69 30.24
C PHE R 164 7.97 -13.11 31.38
N VAL R 165 7.56 -13.41 32.61
CA VAL R 165 8.29 -13.08 33.82
C VAL R 165 8.25 -14.29 34.74
N ALA R 166 9.38 -14.57 35.39
CA ALA R 166 9.52 -15.75 36.23
C ALA R 166 9.65 -15.32 37.69
N GLY R 167 10.55 -15.94 38.46
CA GLY R 167 10.75 -15.65 39.88
C GLY R 167 10.75 -14.18 40.27
N PHE R 168 9.94 -13.86 41.27
CA PHE R 168 9.65 -12.49 41.66
C PHE R 168 10.21 -12.24 43.05
N GLU R 169 11.06 -11.23 43.17
CA GLU R 169 11.58 -10.78 44.46
C GLU R 169 10.85 -9.51 44.85
N ASP R 170 10.26 -9.52 46.05
CA ASP R 170 9.38 -8.43 46.45
C ASP R 170 10.16 -7.22 46.93
N GLY R 171 9.73 -6.05 46.46
CA GLY R 171 10.20 -4.77 46.97
C GLY R 171 9.07 -4.09 47.71
N GLY R 172 8.88 -2.79 47.46
CA GLY R 172 7.80 -2.09 48.12
C GLY R 172 6.44 -2.54 47.63
N ALA R 173 6.28 -2.68 46.32
CA ALA R 173 5.00 -3.02 45.72
C ALA R 173 4.82 -4.53 45.70
N GLY R 174 3.59 -4.96 45.43
CA GLY R 174 3.30 -6.37 45.34
C GLY R 174 3.64 -6.92 43.99
N ASP R 175 3.10 -8.11 43.70
CA ASP R 175 3.30 -8.82 42.44
C ASP R 175 2.05 -8.74 41.59
N SER R 176 2.06 -7.81 40.63
CA SER R 176 0.99 -7.69 39.65
C SER R 176 1.35 -8.31 38.31
N LEU R 177 2.64 -8.34 37.95
CA LEU R 177 3.02 -8.73 36.59
C LEU R 177 2.90 -10.24 36.37
N SER R 178 3.04 -11.05 37.44
CA SER R 178 2.91 -12.49 37.28
C SER R 178 1.54 -12.87 36.74
N TYR R 179 0.52 -12.08 37.06
CA TYR R 179 -0.81 -12.28 36.48
C TYR R 179 -0.78 -12.09 34.96
N HIS R 180 0.11 -11.24 34.46
CA HIS R 180 0.15 -10.89 33.05
C HIS R 180 1.02 -11.82 32.21
N SER R 181 1.87 -12.64 32.84
CA SER R 181 2.82 -13.44 32.09
C SER R 181 2.11 -14.39 31.15
N GLY R 182 2.62 -14.48 29.92
CA GLY R 182 2.04 -15.33 28.89
C GLY R 182 0.99 -14.68 28.03
N GLN R 183 0.75 -13.37 28.19
CA GLN R 183 -0.29 -12.66 27.47
C GLN R 183 0.34 -11.78 26.41
N LYS R 184 -0.28 -11.76 25.24
CA LYS R 184 0.20 -10.92 24.16
C LYS R 184 -0.07 -9.46 24.48
N PHE R 185 0.72 -8.59 23.86
CA PHE R 185 0.55 -7.15 24.08
C PHE R 185 -0.65 -6.68 23.29
N SER R 186 -1.50 -5.87 23.93
CA SER R 186 -2.79 -5.50 23.36
C SER R 186 -2.92 -3.98 23.33
N THR R 187 -3.56 -3.49 22.27
CA THR R 187 -3.87 -2.08 22.12
C THR R 187 -5.30 -1.98 21.61
N PHE R 188 -5.84 -0.76 21.64
CA PHE R 188 -7.14 -0.53 21.02
C PHE R 188 -7.13 -0.82 19.53
N ASP R 189 -5.96 -0.82 18.88
CA ASP R 189 -5.86 -1.31 17.51
C ASP R 189 -5.99 -2.82 17.46
N ARG R 190 -5.20 -3.52 18.28
CA ARG R 190 -5.10 -4.97 18.25
C ARG R 190 -5.48 -5.51 19.63
N ASP R 191 -6.64 -6.15 19.70
CA ASP R 191 -7.15 -6.75 20.93
C ASP R 191 -6.65 -8.19 20.95
N GLN R 192 -5.74 -8.47 21.88
CA GLN R 192 -5.27 -9.82 22.13
C GLN R 192 -5.74 -10.38 23.46
N ASP R 193 -6.32 -9.54 24.32
CA ASP R 193 -6.69 -9.93 25.67
C ASP R 193 -7.68 -11.09 25.67
N LEU R 194 -7.82 -11.73 26.83
CA LEU R 194 -8.75 -12.84 27.00
C LEU R 194 -10.16 -12.38 27.31
N PHE R 195 -10.45 -11.08 27.26
CA PHE R 195 -11.74 -10.53 27.64
C PHE R 195 -12.57 -10.32 26.38
N VAL R 196 -13.88 -10.54 26.49
CA VAL R 196 -14.78 -10.31 25.35
C VAL R 196 -14.71 -8.85 24.91
N GLN R 197 -14.62 -7.93 25.87
CA GLN R 197 -14.47 -6.52 25.56
C GLN R 197 -13.02 -6.24 25.17
N ASN R 198 -12.72 -4.98 24.89
CA ASN R 198 -11.37 -4.52 24.56
C ASN R 198 -10.80 -3.90 25.83
N CYS R 199 -10.11 -4.73 26.62
CA CYS R 199 -9.60 -4.28 27.90
C CYS R 199 -8.60 -3.13 27.75
N ALA R 200 -7.85 -3.11 26.64
CA ALA R 200 -6.96 -1.98 26.39
C ALA R 200 -7.75 -0.68 26.24
N ALA R 201 -8.91 -0.74 25.58
CA ALA R 201 -9.72 0.45 25.41
C ALA R 201 -10.37 0.86 26.73
N LEU R 202 -10.87 -0.10 27.51
CA LEU R 202 -11.51 0.22 28.78
C LEU R 202 -10.52 0.77 29.80
N SER R 203 -9.26 0.36 29.72
CA SER R 203 -8.24 0.75 30.70
C SER R 203 -7.45 2.00 30.29
N SER R 204 -7.73 2.58 29.12
CA SER R 204 -7.05 3.79 28.65
C SER R 204 -5.54 3.58 28.59
N GLY R 205 -5.12 2.45 28.04
CA GLY R 205 -3.70 2.19 27.96
C GLY R 205 -3.40 0.97 27.13
N ALA R 206 -2.14 0.54 27.22
CA ALA R 206 -1.65 -0.65 26.53
C ALA R 206 -0.87 -1.50 27.51
N PHE R 207 -1.10 -2.81 27.50
CA PHE R 207 -0.44 -3.73 28.40
C PHE R 207 -0.72 -5.15 27.93
N TRP R 208 0.00 -6.10 28.51
CA TRP R 208 -0.24 -7.52 28.24
C TRP R 208 -1.45 -7.95 29.07
N PHE R 209 -2.63 -7.66 28.53
CA PHE R 209 -3.87 -7.81 29.28
C PHE R 209 -4.37 -9.24 29.24
N ARG R 210 -5.04 -9.63 30.32
CA ARG R 210 -5.68 -10.94 30.46
C ARG R 210 -7.19 -10.75 30.45
N SER R 211 -7.95 -11.23 31.45
CA SER R 211 -9.32 -10.77 31.60
C SER R 211 -9.34 -9.26 31.80
N CYS R 212 -8.46 -8.75 32.64
CA CYS R 212 -8.05 -7.35 32.66
C CYS R 212 -6.93 -7.22 33.69
N HIS R 213 -6.25 -6.09 33.65
CA HIS R 213 -4.97 -5.95 34.31
C HIS R 213 -5.09 -5.96 35.82
N PHE R 214 -3.97 -6.35 36.47
CA PHE R 214 -3.61 -5.89 37.80
C PHE R 214 -2.56 -4.79 37.78
N ALA R 215 -1.92 -4.55 36.63
CA ALA R 215 -0.96 -3.47 36.48
C ALA R 215 -1.17 -2.81 35.13
N ASN R 216 -1.44 -1.50 35.14
CA ASN R 216 -1.65 -0.73 33.90
C ASN R 216 -0.70 0.45 33.89
N LEU R 217 0.60 0.18 33.82
CA LEU R 217 1.59 1.25 33.88
C LEU R 217 1.59 2.14 32.64
N ASN R 218 0.74 1.89 31.65
CA ASN R 218 0.53 2.78 30.52
C ASN R 218 -0.86 3.41 30.53
N GLY R 219 -1.56 3.33 31.66
CA GLY R 219 -2.87 3.92 31.77
C GLY R 219 -2.79 5.44 31.70
N PHE R 220 -3.95 6.06 31.81
CA PHE R 220 -4.01 7.51 31.68
C PHE R 220 -3.52 8.17 32.96
N TYR R 221 -2.78 9.26 32.82
CA TYR R 221 -2.10 9.89 33.96
C TYR R 221 -3.14 10.75 34.66
N LEU R 222 -3.90 10.11 35.56
CA LEU R 222 -4.97 10.75 36.31
C LEU R 222 -4.49 11.44 37.58
N GLY R 223 -3.21 11.34 37.91
CA GLY R 223 -2.62 12.15 38.97
C GLY R 223 -3.26 12.10 40.34
N GLY R 224 -3.22 10.94 41.00
CA GLY R 224 -3.75 10.76 42.34
C GLY R 224 -4.83 9.70 42.36
N SER R 225 -5.84 9.92 43.20
CA SER R 225 -6.97 9.01 43.26
C SER R 225 -7.99 9.38 42.18
N HIS R 226 -8.72 8.37 41.72
CA HIS R 226 -9.72 8.57 40.67
C HIS R 226 -10.89 7.63 40.91
N LEU R 227 -12.09 8.11 40.59
CA LEU R 227 -13.31 7.35 40.82
C LEU R 227 -13.60 6.36 39.70
N SER R 228 -12.94 6.50 38.55
CA SER R 228 -13.09 5.51 37.48
C SER R 228 -12.30 4.25 37.83
N TYR R 229 -12.67 3.15 37.18
CA TYR R 229 -12.20 1.82 37.57
C TYR R 229 -11.02 1.41 36.69
N ALA R 230 -9.84 1.37 37.29
CA ALA R 230 -8.72 0.60 36.76
C ALA R 230 -8.31 1.06 35.37
N ASN R 231 -8.26 2.39 35.17
CA ASN R 231 -7.92 2.98 33.89
C ASN R 231 -6.72 3.92 33.96
N GLY R 232 -6.23 4.26 35.16
CA GLY R 232 -5.03 5.05 35.30
C GLY R 232 -3.78 4.19 35.46
N ILE R 233 -2.63 4.88 35.60
CA ILE R 233 -1.39 4.18 35.93
C ILE R 233 -1.58 3.53 37.30
N ASN R 234 -1.92 2.24 37.29
CA ASN R 234 -2.29 1.50 38.50
C ASN R 234 -1.40 0.29 38.68
N TRP R 235 -0.89 0.13 39.89
CA TRP R 235 -0.31 -1.12 40.37
C TRP R 235 -1.27 -1.62 41.44
N ALA R 236 -2.04 -2.66 41.10
CA ALA R 236 -3.15 -3.09 41.96
C ALA R 236 -2.68 -3.41 43.37
N GLN R 237 -1.57 -4.16 43.49
CA GLN R 237 -1.18 -4.69 44.78
C GLN R 237 -0.62 -3.62 45.72
N TRP R 238 -0.18 -2.47 45.20
CA TRP R 238 0.41 -1.44 46.06
C TRP R 238 -0.62 -0.40 46.49
N LYS R 239 -1.29 0.25 45.52
CA LYS R 239 -2.25 1.31 45.80
C LYS R 239 -3.59 1.07 45.10
N GLY R 240 -3.88 -0.17 44.72
CA GLY R 240 -5.20 -0.51 44.24
C GLY R 240 -5.48 -0.01 42.83
N PHE R 241 -6.74 -0.18 42.44
CA PHE R 241 -7.19 0.19 41.10
C PHE R 241 -7.64 1.65 41.00
N TYR R 242 -7.86 2.33 42.13
CA TYR R 242 -8.38 3.70 42.15
C TYR R 242 -7.31 4.72 42.52
N TYR R 243 -6.04 4.43 42.25
CA TYR R 243 -4.96 5.36 42.56
C TYR R 243 -3.99 5.36 41.40
N SER R 244 -3.67 6.56 40.92
CA SER R 244 -2.78 6.79 39.80
C SER R 244 -1.44 7.31 40.34
N LEU R 245 -0.36 6.60 40.02
CA LEU R 245 0.96 6.96 40.54
C LEU R 245 1.40 8.32 39.97
N LYS R 246 2.52 8.83 40.51
CA LYS R 246 3.13 10.06 40.02
C LYS R 246 4.29 9.79 39.07
N ARG R 247 5.12 8.81 39.41
CA ARG R 247 6.29 8.45 38.62
C ARG R 247 6.30 6.95 38.42
N THR R 248 6.89 6.53 37.31
CA THR R 248 6.86 5.13 36.91
C THR R 248 7.97 4.89 35.90
N GLU R 249 8.73 3.82 36.10
CA GLU R 249 9.77 3.45 35.16
C GLU R 249 10.11 1.98 35.34
N MET R 250 10.30 1.28 34.22
CA MET R 250 10.54 -0.15 34.18
C MET R 250 11.93 -0.40 33.61
N LYS R 251 12.78 -1.07 34.40
CA LYS R 251 14.20 -1.18 34.14
C LYS R 251 14.56 -2.62 33.79
N ILE R 252 15.64 -2.77 33.02
CA ILE R 252 16.09 -4.07 32.55
C ILE R 252 17.62 -4.15 32.64
N ARG R 253 18.12 -5.31 33.06
CA ARG R 253 19.56 -5.53 33.25
C ARG R 253 19.89 -6.95 32.83
N ARG R 254 21.16 -7.16 32.49
CA ARG R 254 21.62 -8.48 32.06
C ARG R 254 21.53 -9.49 33.20
N ALA R 255 20.88 -10.62 32.91
CA ALA R 255 20.73 -11.80 33.78
C ALA R 255 20.96 -11.63 35.28
N GLN S 1 52.72 -32.01 17.10
CA GLN S 1 51.70 -32.88 16.46
C GLN S 1 50.54 -33.14 17.43
N MET S 2 49.39 -33.54 16.88
CA MET S 2 48.24 -33.86 17.70
C MET S 2 48.56 -35.02 18.62
N GLN S 3 48.69 -34.76 19.92
CA GLN S 3 49.05 -35.77 20.90
C GLN S 3 48.26 -35.53 22.18
N LEU S 4 47.90 -36.63 22.85
CA LEU S 4 47.21 -36.59 24.14
C LEU S 4 48.09 -37.33 25.15
N VAL S 5 48.50 -36.62 26.20
CA VAL S 5 49.42 -37.14 27.20
C VAL S 5 48.63 -37.37 28.48
N GLN S 6 48.42 -38.64 28.81
CA GLN S 6 47.69 -39.01 30.01
C GLN S 6 48.62 -39.03 31.22
N SER S 7 48.01 -39.12 32.40
CA SER S 7 48.76 -39.22 33.64
C SER S 7 49.36 -40.62 33.79
N GLY S 8 50.35 -40.72 34.67
CA GLY S 8 50.97 -42.00 34.96
C GLY S 8 50.01 -42.92 35.68
N PRO S 9 50.41 -44.18 35.85
CA PRO S 9 49.51 -45.14 36.50
C PRO S 9 49.36 -44.84 37.99
N GLU S 10 48.23 -45.28 38.53
CA GLU S 10 47.94 -45.12 39.94
C GLU S 10 47.33 -46.40 40.46
N VAL S 11 47.66 -46.73 41.71
CA VAL S 11 47.12 -47.88 42.41
C VAL S 11 46.34 -47.37 43.62
N LYS S 12 45.10 -47.81 43.74
CA LYS S 12 44.18 -47.30 44.75
C LYS S 12 43.52 -48.46 45.47
N LYS S 13 43.16 -48.22 46.72
CA LYS S 13 42.44 -49.22 47.51
C LYS S 13 40.96 -49.16 47.18
N PRO S 14 40.20 -50.22 47.48
CA PRO S 14 38.76 -50.19 47.22
C PRO S 14 38.07 -49.11 48.03
N GLY S 15 37.08 -48.47 47.41
CA GLY S 15 36.32 -47.41 48.04
C GLY S 15 36.92 -46.02 47.90
N THR S 16 38.19 -45.92 47.53
CA THR S 16 38.85 -44.63 47.36
C THR S 16 38.51 -44.05 45.98
N SER S 17 39.06 -42.88 45.70
CA SER S 17 38.86 -42.16 44.44
C SER S 17 40.19 -42.00 43.71
N VAL S 18 40.11 -41.99 42.38
CA VAL S 18 41.26 -41.74 41.52
C VAL S 18 40.89 -40.61 40.57
N LYS S 19 41.88 -39.78 40.23
CA LYS S 19 41.71 -38.64 39.33
C LYS S 19 42.76 -38.71 38.23
N VAL S 20 42.31 -38.92 37.00
CA VAL S 20 43.19 -39.11 35.85
C VAL S 20 43.15 -37.86 35.00
N SER S 21 44.33 -37.32 34.67
CA SER S 21 44.46 -36.17 33.81
C SER S 21 44.88 -36.59 32.41
N CYS S 22 44.61 -35.70 31.45
CA CYS S 22 44.86 -35.94 30.03
C CYS S 22 45.05 -34.59 29.34
N LYS S 23 46.30 -34.25 29.00
CA LYS S 23 46.63 -32.94 28.44
C LYS S 23 46.77 -33.02 26.93
N ALA S 24 46.27 -31.99 26.24
CA ALA S 24 46.19 -31.96 24.79
C ALA S 24 47.20 -30.97 24.22
N SER S 25 47.73 -31.32 23.04
CA SER S 25 48.66 -30.47 22.33
C SER S 25 48.53 -30.75 20.84
N GLY S 26 48.82 -29.73 20.04
CA GLY S 26 48.75 -29.85 18.59
C GLY S 26 47.41 -29.49 17.98
N PHE S 27 46.41 -29.17 18.78
CA PHE S 27 45.11 -28.76 18.26
C PHE S 27 44.41 -27.91 19.32
N THR S 28 43.54 -27.02 18.86
CA THR S 28 42.80 -26.17 19.77
C THR S 28 41.92 -27.03 20.68
N PHE S 29 42.22 -27.01 21.97
CA PHE S 29 41.58 -27.92 22.91
C PHE S 29 40.08 -27.66 23.01
N THR S 30 39.66 -26.41 22.83
CA THR S 30 38.26 -26.01 23.02
C THR S 30 37.34 -26.40 21.89
N SER S 31 37.85 -26.84 20.74
CA SER S 31 37.01 -27.08 19.57
C SER S 31 36.40 -28.48 19.53
N TYR S 32 37.09 -29.49 20.05
CA TYR S 32 36.70 -30.88 19.88
C TYR S 32 36.21 -31.48 21.19
N TRP S 33 35.29 -32.44 21.06
CA TRP S 33 34.78 -33.18 22.20
C TRP S 33 35.80 -34.19 22.69
N MET S 34 35.75 -34.50 23.98
CA MET S 34 36.66 -35.42 24.63
C MET S 34 35.87 -36.58 25.22
N HIS S 35 36.31 -37.80 24.92
CA HIS S 35 35.68 -39.03 25.37
C HIS S 35 36.62 -39.76 26.31
N TRP S 36 36.03 -40.55 27.20
CA TRP S 36 36.78 -41.36 28.15
C TRP S 36 36.30 -42.80 28.03
N VAL S 37 37.25 -43.71 27.85
CA VAL S 37 36.98 -45.11 27.57
C VAL S 37 37.94 -45.95 28.41
N ARG S 38 37.46 -47.08 28.91
CA ARG S 38 38.27 -48.04 29.66
C ARG S 38 38.27 -49.38 28.95
N GLN S 39 39.42 -50.07 29.01
CA GLN S 39 39.62 -51.37 28.38
C GLN S 39 40.05 -52.36 29.44
N ALA S 40 39.10 -53.12 29.98
CA ALA S 40 39.46 -54.24 30.83
C ALA S 40 40.26 -55.25 30.02
N ARG S 41 41.31 -55.81 30.63
CA ARG S 41 42.20 -56.71 29.93
C ARG S 41 41.45 -57.93 29.39
N GLY S 42 41.62 -58.19 28.09
CA GLY S 42 40.98 -59.34 27.46
C GLY S 42 39.47 -59.31 27.55
N GLN S 43 38.87 -58.13 27.45
CA GLN S 43 37.43 -57.99 27.61
C GLN S 43 36.96 -56.83 26.74
N ARG S 44 35.65 -56.61 26.74
CA ARG S 44 35.03 -55.63 25.87
C ARG S 44 35.22 -54.22 26.44
N LEU S 45 35.56 -53.29 25.54
CA LEU S 45 35.80 -51.91 25.93
C LEU S 45 34.51 -51.23 26.38
N GLU S 46 34.63 -50.35 27.36
CA GLU S 46 33.48 -49.63 27.92
C GLU S 46 33.68 -48.13 27.79
N TRP S 47 32.68 -47.46 27.22
CA TRP S 47 32.68 -46.02 27.05
C TRP S 47 32.19 -45.38 28.35
N ILE S 48 33.01 -44.50 28.94
CA ILE S 48 32.70 -43.86 30.21
C ILE S 48 31.73 -42.71 29.98
N GLY S 49 32.19 -41.68 29.27
CA GLY S 49 31.36 -40.50 29.07
C GLY S 49 32.07 -39.52 28.16
N VAL S 50 31.50 -38.32 28.07
CA VAL S 50 32.00 -37.27 27.19
C VAL S 50 31.90 -35.94 27.91
N ILE S 51 32.81 -35.03 27.56
CA ILE S 51 32.82 -33.66 28.07
C ILE S 51 33.39 -32.77 26.98
N HIS S 52 32.84 -31.56 26.84
CA HIS S 52 33.40 -30.56 25.93
C HIS S 52 34.12 -29.47 26.71
N PRO S 53 35.37 -29.13 26.38
CA PRO S 53 36.05 -28.12 27.22
C PRO S 53 35.45 -26.72 27.12
N ASN S 54 34.98 -26.31 25.94
CA ASN S 54 34.51 -24.94 25.76
C ASN S 54 33.25 -24.68 26.59
N SER S 55 32.27 -25.57 26.52
CA SER S 55 31.02 -25.38 27.24
C SER S 55 31.02 -26.05 28.61
N GLY S 56 31.78 -27.13 28.78
CA GLY S 56 31.76 -27.88 30.02
C GLY S 56 30.60 -28.83 30.17
N ASN S 57 29.68 -28.89 29.20
CA ASN S 57 28.59 -29.84 29.24
C ASN S 57 29.12 -31.27 29.25
N THR S 58 28.39 -32.14 29.96
CA THR S 58 28.80 -33.53 30.17
C THR S 58 27.64 -34.45 29.85
N LYS S 59 27.98 -35.66 29.40
CA LYS S 59 27.01 -36.74 29.24
C LYS S 59 27.70 -38.04 29.61
N TYR S 60 27.22 -38.69 30.66
CA TYR S 60 27.85 -39.86 31.24
C TYR S 60 27.11 -41.13 30.83
N ASN S 61 27.81 -42.25 30.99
CA ASN S 61 27.14 -43.55 30.89
C ASN S 61 26.26 -43.74 32.11
N GLU S 62 25.12 -44.41 31.89
CA GLU S 62 24.11 -44.54 32.93
C GLU S 62 24.66 -45.25 34.16
N LYS S 63 25.43 -46.31 33.95
CA LYS S 63 25.89 -47.11 35.08
C LYS S 63 26.98 -46.43 35.89
N PHE S 64 27.68 -45.44 35.31
CA PHE S 64 28.76 -44.75 35.99
C PHE S 64 28.32 -43.41 36.60
N ARG S 65 27.10 -42.96 36.33
CA ARG S 65 26.62 -41.73 36.97
C ARG S 65 26.67 -41.85 38.48
N SER S 66 26.94 -40.71 39.13
CA SER S 66 27.09 -40.56 40.58
C SER S 66 28.49 -40.94 41.04
N ARG S 67 29.16 -41.81 40.29
CA ARG S 67 30.51 -42.28 40.61
C ARG S 67 31.60 -41.49 39.90
N VAL S 68 31.42 -41.17 38.62
CA VAL S 68 32.43 -40.48 37.83
C VAL S 68 32.00 -39.03 37.63
N THR S 69 32.97 -38.12 37.67
CA THR S 69 32.77 -36.70 37.39
C THR S 69 33.92 -36.21 36.55
N MET S 70 33.61 -35.48 35.48
CA MET S 70 34.60 -35.00 34.52
C MET S 70 34.71 -33.48 34.62
N THR S 71 35.94 -32.99 34.56
CA THR S 71 36.21 -31.55 34.60
C THR S 71 37.28 -31.23 33.56
N THR S 72 37.44 -29.94 33.27
CA THR S 72 38.44 -29.48 32.31
C THR S 72 39.03 -28.15 32.77
N ASP S 73 40.35 -28.05 32.66
CA ASP S 73 41.08 -26.81 32.89
C ASP S 73 41.48 -26.24 31.52
N THR S 74 40.81 -25.17 31.11
CA THR S 74 41.04 -24.63 29.77
C THR S 74 42.43 -24.00 29.65
N SER S 75 42.94 -23.41 30.74
CA SER S 75 44.21 -22.70 30.67
C SER S 75 45.36 -23.62 30.32
N THR S 76 45.42 -24.81 30.93
CA THR S 76 46.50 -25.76 30.70
C THR S 76 46.17 -26.78 29.62
N SER S 77 44.99 -26.68 29.00
CA SER S 77 44.57 -27.62 27.97
C SER S 77 44.54 -29.06 28.49
N THR S 78 44.04 -29.22 29.71
CA THR S 78 44.00 -30.51 30.39
C THR S 78 42.55 -30.92 30.62
N ALA S 79 42.29 -32.22 30.45
CA ALA S 79 40.98 -32.81 30.72
C ALA S 79 41.14 -33.81 31.86
N TYR S 80 40.24 -33.76 32.83
CA TYR S 80 40.31 -34.60 34.01
C TYR S 80 39.10 -35.52 34.05
N MET S 81 39.33 -36.73 34.56
CA MET S 81 38.29 -37.72 34.79
C MET S 81 38.57 -38.35 36.14
N GLU S 82 37.53 -38.44 36.96
CA GLU S 82 37.67 -38.91 38.34
C GLU S 82 36.54 -39.86 38.67
N LEU S 83 36.89 -41.08 39.10
CA LEU S 83 35.93 -42.08 39.54
C LEU S 83 35.92 -42.09 41.08
N ARG S 84 34.77 -41.79 41.68
CA ARG S 84 34.74 -41.46 43.10
C ARG S 84 34.94 -42.71 43.96
N SER S 85 34.02 -43.67 43.86
CA SER S 85 34.09 -44.89 44.65
C SER S 85 34.58 -46.03 43.76
N LEU S 86 35.73 -46.60 44.10
CA LEU S 86 36.38 -47.61 43.28
C LEU S 86 35.98 -49.02 43.69
N ARG S 87 36.13 -49.95 42.75
CA ARG S 87 35.64 -51.32 42.86
C ARG S 87 36.64 -52.24 42.18
N SER S 88 36.86 -53.42 42.77
CA SER S 88 37.93 -54.32 42.33
C SER S 88 37.88 -54.62 40.83
N ASP S 89 36.67 -54.65 40.24
CA ASP S 89 36.55 -54.90 38.81
C ASP S 89 36.92 -53.69 37.95
N ASP S 90 37.01 -52.49 38.53
CA ASP S 90 37.38 -51.31 37.76
C ASP S 90 38.83 -51.32 37.30
N THR S 91 39.63 -52.29 37.76
CA THR S 91 40.99 -52.45 37.27
C THR S 91 40.99 -52.52 35.75
N ALA S 92 41.49 -51.49 35.10
CA ALA S 92 41.52 -51.46 33.64
C ALA S 92 42.37 -50.28 33.20
N VAL S 93 42.60 -50.22 31.89
CA VAL S 93 43.38 -49.15 31.27
C VAL S 93 42.40 -48.10 30.78
N TYR S 94 42.58 -46.86 31.22
CA TYR S 94 41.67 -45.76 30.93
C TYR S 94 42.31 -44.85 29.89
N TYR S 95 41.60 -44.62 28.78
CA TYR S 95 42.07 -43.76 27.70
C TYR S 95 41.18 -42.53 27.58
N CYS S 96 41.80 -41.43 27.14
CA CYS S 96 41.11 -40.22 26.70
C CYS S 96 41.24 -40.13 25.18
N ALA S 97 40.13 -39.86 24.50
CA ALA S 97 40.11 -39.86 23.04
C ALA S 97 39.30 -38.70 22.51
N ARG S 98 39.73 -38.20 21.35
CA ARG S 98 39.13 -37.04 20.70
C ARG S 98 38.16 -37.49 19.61
N GLU S 99 36.96 -36.93 19.63
CA GLU S 99 35.98 -37.11 18.57
C GLU S 99 36.24 -36.11 17.44
N MET S 100 36.57 -36.61 16.26
CA MET S 100 36.65 -35.71 15.12
C MET S 100 35.25 -35.24 14.72
N TRP S 101 35.20 -34.13 13.99
CA TRP S 101 33.99 -33.65 13.34
C TRP S 101 34.00 -34.08 11.88
N ASN S 102 32.81 -34.35 11.33
CA ASN S 102 32.73 -34.81 9.95
C ASN S 102 31.32 -34.76 9.38
N TYR S 103 30.65 -33.59 9.47
CA TYR S 103 29.42 -33.29 8.73
C TYR S 103 28.37 -34.40 8.82
N GLY S 104 28.18 -34.96 10.00
CA GLY S 104 27.21 -36.03 10.12
C GLY S 104 27.20 -36.71 11.46
N ASN S 105 27.25 -38.05 11.46
CA ASN S 105 27.11 -38.76 12.73
C ASN S 105 28.28 -38.46 13.64
N SER S 106 29.50 -38.42 13.08
CA SER S 106 30.75 -38.24 13.83
C SER S 106 30.73 -39.32 14.92
N TRP S 107 31.00 -38.99 16.18
CA TRP S 107 30.84 -39.94 17.29
C TRP S 107 31.76 -41.15 17.15
N TYR S 108 32.89 -40.98 16.47
CA TYR S 108 33.95 -41.96 16.39
C TYR S 108 35.28 -41.27 16.65
N PHE S 109 36.19 -41.99 17.28
CA PHE S 109 37.33 -41.39 17.97
C PHE S 109 38.57 -41.56 17.12
N ASP S 110 39.14 -40.45 16.66
CA ASP S 110 40.26 -40.47 15.73
C ASP S 110 41.62 -40.34 16.39
N VAL S 111 41.68 -39.82 17.62
CA VAL S 111 42.93 -39.54 18.31
C VAL S 111 42.76 -39.97 19.75
N TRP S 112 43.72 -40.74 20.25
CA TRP S 112 43.69 -41.36 21.56
C TRP S 112 44.90 -40.91 22.36
N GLY S 113 44.83 -41.11 23.67
CA GLY S 113 45.99 -40.90 24.51
C GLY S 113 46.97 -42.05 24.34
N GLN S 114 47.46 -42.59 25.46
CA GLN S 114 48.32 -43.77 25.38
C GLN S 114 48.20 -44.64 26.63
N GLY S 115 47.08 -44.54 27.34
CA GLY S 115 46.79 -45.44 28.45
C GLY S 115 47.25 -44.97 29.79
N THR S 116 46.40 -45.14 30.80
CA THR S 116 46.75 -44.98 32.20
C THR S 116 46.30 -46.25 32.91
N THR S 117 47.23 -47.19 33.08
CA THR S 117 46.89 -48.45 33.74
C THR S 117 46.52 -48.17 35.20
N VAL S 118 45.26 -48.40 35.53
CA VAL S 118 44.72 -48.17 36.88
C VAL S 118 44.47 -49.53 37.51
N THR S 119 45.04 -49.75 38.68
CA THR S 119 44.88 -50.99 39.43
C THR S 119 44.15 -50.67 40.74
N VAL S 120 43.07 -51.38 40.99
CA VAL S 120 42.31 -51.27 42.23
C VAL S 120 42.30 -52.65 42.87
N SER S 121 42.74 -52.70 44.13
CA SER S 121 42.86 -53.96 44.84
C SER S 121 43.17 -53.65 46.30
N SER S 122 42.76 -54.58 47.18
CA SER S 122 43.06 -54.44 48.59
C SER S 122 44.49 -54.86 48.93
N ALA S 123 45.25 -55.38 47.97
CA ALA S 123 46.63 -55.75 48.21
C ALA S 123 47.50 -54.51 48.37
N SER S 124 48.58 -54.66 49.14
CA SER S 124 49.54 -53.60 49.39
C SER S 124 50.78 -53.79 48.53
N THR S 125 51.49 -52.69 48.31
CA THR S 125 52.69 -52.72 47.46
C THR S 125 53.75 -53.61 48.11
N LYS S 126 54.22 -54.61 47.35
CA LYS S 126 55.19 -55.58 47.83
C LYS S 126 56.20 -55.88 46.74
N GLY S 127 57.46 -56.10 47.14
CA GLY S 127 58.51 -56.36 46.19
C GLY S 127 58.56 -57.82 45.77
N PRO S 128 59.23 -58.10 44.65
CA PRO S 128 59.26 -59.48 44.13
C PRO S 128 60.26 -60.35 44.86
N SER S 129 60.05 -61.66 44.71
CA SER S 129 61.00 -62.70 45.12
C SER S 129 61.43 -63.45 43.87
N VAL S 130 62.71 -63.37 43.54
CA VAL S 130 63.26 -63.95 42.32
C VAL S 130 63.81 -65.33 42.65
N PHE S 131 63.48 -66.32 41.84
CA PHE S 131 63.92 -67.70 42.00
C PHE S 131 64.51 -68.20 40.68
N PRO S 132 65.64 -68.91 40.70
CA PRO S 132 66.21 -69.40 39.44
C PRO S 132 65.51 -70.64 38.92
N LEU S 133 65.48 -70.77 37.60
CA LEU S 133 64.99 -71.96 36.91
C LEU S 133 66.20 -72.60 36.24
N ALA S 134 66.87 -73.48 36.98
CA ALA S 134 68.17 -73.99 36.56
C ALA S 134 68.01 -74.92 35.35
N PRO S 135 68.99 -74.92 34.44
CA PRO S 135 68.98 -75.93 33.37
C PRO S 135 69.58 -77.24 33.84
N SER S 136 69.22 -78.31 33.15
CA SER S 136 69.68 -79.65 33.49
C SER S 136 69.98 -80.42 32.21
N SER S 137 70.72 -81.52 32.37
CA SER S 137 70.96 -82.44 31.26
C SER S 137 69.68 -83.15 30.83
N LYS S 138 68.69 -83.23 31.72
CA LYS S 138 67.42 -83.88 31.41
C LYS S 138 66.49 -82.93 30.66
N SER S 139 66.58 -81.63 30.93
CA SER S 139 65.87 -80.60 30.17
C SER S 139 66.65 -80.11 28.97
N THR S 140 67.68 -80.83 28.53
CA THR S 140 68.48 -80.46 27.37
C THR S 140 68.02 -81.28 26.17
N SER S 141 67.63 -80.58 25.10
CA SER S 141 67.22 -81.19 23.84
C SER S 141 68.32 -80.95 22.82
N GLY S 142 69.14 -81.98 22.57
CA GLY S 142 70.26 -81.86 21.67
C GLY S 142 71.36 -80.97 22.22
N GLY S 143 71.64 -79.87 21.52
CA GLY S 143 72.65 -78.91 21.92
C GLY S 143 72.11 -77.59 22.46
N THR S 144 70.80 -77.47 22.68
CA THR S 144 70.20 -76.23 23.17
C THR S 144 69.38 -76.56 24.41
N ALA S 145 69.69 -75.88 25.50
CA ALA S 145 68.97 -76.00 26.77
C ALA S 145 68.32 -74.67 27.09
N ALA S 146 67.44 -74.69 28.10
CA ALA S 146 66.66 -73.53 28.50
C ALA S 146 66.85 -73.30 29.99
N LEU S 147 66.86 -72.02 30.37
CA LEU S 147 66.92 -71.60 31.76
C LEU S 147 66.07 -70.35 31.91
N GLY S 148 65.80 -69.98 33.16
CA GLY S 148 64.96 -68.82 33.36
C GLY S 148 64.97 -68.37 34.80
N CYS S 149 64.16 -67.34 35.07
CA CYS S 149 63.94 -66.81 36.40
C CYS S 149 62.43 -66.75 36.64
N LEU S 150 62.03 -67.02 37.88
CA LEU S 150 60.63 -66.99 38.29
C LEU S 150 60.46 -65.79 39.22
N VAL S 151 59.85 -64.73 38.69
CA VAL S 151 59.58 -63.53 39.46
C VAL S 151 58.18 -63.73 40.07
N LYS S 152 58.16 -64.14 41.34
CA LYS S 152 56.93 -64.57 42.01
C LYS S 152 56.56 -63.59 43.13
N ASP S 153 55.25 -63.43 43.32
CA ASP S 153 54.69 -62.66 44.43
C ASP S 153 55.19 -61.23 44.43
N TYR S 154 54.54 -60.37 43.65
CA TYR S 154 54.84 -58.94 43.66
C TYR S 154 53.56 -58.18 43.35
N PHE S 155 53.47 -56.96 43.88
CA PHE S 155 52.34 -56.10 43.62
C PHE S 155 52.83 -54.66 43.74
N PRO S 156 52.41 -53.75 42.85
CA PRO S 156 51.59 -53.84 41.64
C PRO S 156 52.43 -54.03 40.38
N GLU S 157 51.76 -54.14 39.23
CA GLU S 157 52.46 -54.08 37.96
C GLU S 157 53.17 -52.73 37.84
N PRO S 158 54.20 -52.62 36.99
CA PRO S 158 54.90 -53.60 36.16
C PRO S 158 56.30 -53.94 36.69
N VAL S 159 56.86 -55.04 36.22
CA VAL S 159 58.22 -55.44 36.51
C VAL S 159 58.94 -55.68 35.19
N THR S 160 60.23 -55.33 35.15
CA THR S 160 61.05 -55.43 33.96
C THR S 160 62.14 -56.47 34.20
N VAL S 161 62.29 -57.39 33.25
CA VAL S 161 63.27 -58.46 33.33
C VAL S 161 64.23 -58.34 32.15
N SER S 162 65.53 -58.43 32.43
CA SER S 162 66.55 -58.38 31.40
C SER S 162 67.68 -59.34 31.76
N TRP S 163 68.31 -59.90 30.74
CA TRP S 163 69.36 -60.91 30.89
C TRP S 163 70.72 -60.30 30.56
N ASN S 164 71.66 -60.41 31.50
CA ASN S 164 73.00 -59.86 31.37
C ASN S 164 72.94 -58.35 31.10
N SER S 165 72.09 -57.66 31.85
CA SER S 165 71.93 -56.21 31.75
C SER S 165 71.51 -55.78 30.34
N GLY S 166 70.71 -56.61 29.67
CA GLY S 166 70.25 -56.32 28.33
C GLY S 166 71.18 -56.77 27.22
N ALA S 167 72.35 -57.31 27.55
CA ALA S 167 73.28 -57.76 26.52
C ALA S 167 72.79 -59.01 25.81
N LEU S 168 71.91 -59.79 26.42
CA LEU S 168 71.35 -61.01 25.84
C LEU S 168 69.87 -60.78 25.53
N THR S 169 69.50 -60.95 24.26
CA THR S 169 68.13 -60.75 23.81
C THR S 169 67.64 -61.90 22.94
N SER S 170 68.55 -62.49 22.15
CA SER S 170 68.18 -63.57 21.25
C SER S 170 67.75 -64.81 22.03
N GLY S 171 66.57 -65.34 21.71
CA GLY S 171 66.03 -66.50 22.36
C GLY S 171 65.24 -66.22 23.62
N VAL S 172 65.17 -64.97 24.07
CA VAL S 172 64.48 -64.63 25.31
C VAL S 172 62.97 -64.61 25.07
N HIS S 173 62.22 -65.06 26.06
CA HIS S 173 60.76 -64.99 26.04
C HIS S 173 60.31 -64.65 27.46
N THR S 174 59.97 -63.39 27.68
CA THR S 174 59.39 -62.94 28.95
C THR S 174 57.88 -63.02 28.82
N PHE S 175 57.24 -63.84 29.69
CA PHE S 175 55.81 -64.06 29.49
C PHE S 175 55.00 -62.99 30.21
N PRO S 176 53.77 -62.71 29.76
CA PRO S 176 52.91 -61.80 30.51
C PRO S 176 52.67 -62.28 31.93
N ALA S 177 52.58 -61.33 32.85
CA ALA S 177 52.36 -61.68 34.24
C ALA S 177 50.94 -62.18 34.44
N VAL S 178 50.79 -63.04 35.46
CA VAL S 178 49.52 -63.62 35.84
C VAL S 178 49.16 -63.14 37.23
N LEU S 179 47.87 -62.89 37.46
CA LEU S 179 47.36 -62.49 38.77
C LEU S 179 46.91 -63.73 39.52
N GLN S 180 47.64 -64.10 40.56
CA GLN S 180 47.28 -65.28 41.33
C GLN S 180 46.17 -64.93 42.33
N SER S 181 45.59 -65.98 42.91
CA SER S 181 44.46 -65.81 43.82
C SER S 181 44.83 -65.01 45.06
N SER S 182 46.11 -64.97 45.43
CA SER S 182 46.55 -64.19 46.57
C SER S 182 46.50 -62.69 46.35
N GLY S 183 46.17 -62.24 45.13
CA GLY S 183 46.13 -60.83 44.82
C GLY S 183 47.45 -60.27 44.32
N LEU S 184 48.51 -61.07 44.30
CA LEU S 184 49.84 -60.66 43.86
C LEU S 184 50.12 -61.26 42.50
N TYR S 185 50.95 -60.58 41.72
CA TYR S 185 51.28 -61.04 40.38
C TYR S 185 52.49 -61.97 40.42
N SER S 186 52.64 -62.75 39.35
CA SER S 186 53.73 -63.70 39.21
C SER S 186 53.97 -63.95 37.73
N LEU S 187 55.23 -63.90 37.31
CA LEU S 187 55.60 -64.21 35.95
C LEU S 187 56.88 -65.03 35.96
N SER S 188 57.28 -65.48 34.77
CA SER S 188 58.54 -66.16 34.57
C SER S 188 59.12 -65.73 33.23
N SER S 189 60.45 -65.67 33.17
CA SER S 189 61.18 -65.27 31.98
C SER S 189 62.22 -66.33 31.70
N VAL S 190 62.23 -66.85 30.47
CA VAL S 190 63.10 -67.93 30.05
C VAL S 190 63.88 -67.49 28.83
N VAL S 191 64.91 -68.26 28.49
CA VAL S 191 65.70 -68.02 27.29
C VAL S 191 66.34 -69.33 26.90
N THR S 192 66.37 -69.59 25.60
CA THR S 192 67.02 -70.77 25.06
C THR S 192 68.44 -70.41 24.69
N VAL S 193 69.39 -71.21 25.16
CA VAL S 193 70.81 -70.97 24.90
C VAL S 193 71.45 -72.30 24.53
N PRO S 194 72.57 -72.26 23.82
CA PRO S 194 73.30 -73.51 23.59
C PRO S 194 73.76 -74.08 24.92
N SER S 195 73.66 -75.40 25.05
CA SER S 195 74.18 -76.06 26.25
C SER S 195 75.67 -75.79 26.45
N SER S 196 76.37 -75.37 25.38
CA SER S 196 77.79 -75.08 25.48
C SER S 196 78.07 -73.83 26.30
N SER S 197 77.25 -72.80 26.15
CA SER S 197 77.56 -71.56 26.86
C SER S 197 77.23 -71.64 28.35
N LEU S 198 76.71 -72.77 28.85
CA LEU S 198 76.44 -72.87 30.27
C LEU S 198 77.72 -72.78 31.09
N GLY S 199 78.80 -73.35 30.57
CA GLY S 199 80.06 -73.38 31.27
C GLY S 199 80.82 -72.06 31.19
N THR S 200 80.88 -71.47 30.00
CA THR S 200 81.67 -70.24 29.83
C THR S 200 80.85 -69.01 30.22
N GLN S 201 79.63 -68.90 29.70
CA GLN S 201 78.83 -67.71 29.89
C GLN S 201 78.09 -67.78 31.20
N THR S 202 78.04 -66.65 31.90
CA THR S 202 77.26 -66.50 33.11
C THR S 202 75.95 -65.83 32.75
N TYR S 203 74.86 -66.33 33.31
CA TYR S 203 73.53 -65.83 33.02
C TYR S 203 72.94 -65.23 34.28
N ILE S 204 72.59 -63.96 34.21
CA ILE S 204 72.04 -63.21 35.33
C ILE S 204 70.78 -62.51 34.81
N CYS S 205 69.67 -62.73 35.50
CA CYS S 205 68.43 -62.02 35.20
C CYS S 205 68.31 -60.83 36.15
N ASN S 206 67.97 -59.68 35.58
CA ASN S 206 67.91 -58.41 36.31
C ASN S 206 66.45 -58.01 36.45
N VAL S 207 65.93 -58.08 37.68
CA VAL S 207 64.54 -57.77 37.98
C VAL S 207 64.50 -56.40 38.62
N ASN S 208 63.63 -55.52 38.11
CA ASN S 208 63.45 -54.17 38.63
C ASN S 208 61.97 -53.95 38.88
N HIS S 209 61.61 -53.63 40.11
CA HIS S 209 60.24 -53.37 40.53
C HIS S 209 60.19 -51.94 41.06
N LYS S 210 59.86 -51.00 40.18
CA LYS S 210 59.89 -49.58 40.52
C LYS S 210 58.87 -49.17 41.58
N PRO S 211 57.62 -49.66 41.58
CA PRO S 211 56.68 -49.26 42.63
C PRO S 211 57.17 -49.45 44.07
N SER S 212 57.97 -50.47 44.34
CA SER S 212 58.56 -50.68 45.66
C SER S 212 60.05 -50.37 45.70
N ASN S 213 60.65 -49.98 44.58
CA ASN S 213 62.08 -49.66 44.49
C ASN S 213 62.93 -50.87 44.91
N THR S 214 62.89 -51.90 44.06
CA THR S 214 63.64 -53.12 44.27
C THR S 214 64.39 -53.47 42.98
N LYS S 215 65.72 -53.46 43.04
CA LYS S 215 66.58 -53.93 41.98
C LYS S 215 67.28 -55.20 42.44
N VAL S 216 67.13 -56.28 41.68
CA VAL S 216 67.65 -57.60 42.03
C VAL S 216 68.38 -58.19 40.82
N ASP S 217 69.51 -58.83 41.08
CA ASP S 217 70.28 -59.56 40.07
C ASP S 217 70.48 -60.97 40.59
N LYS S 218 70.03 -61.96 39.81
CA LYS S 218 70.06 -63.36 40.22
C LYS S 218 70.84 -64.20 39.21
N LYS S 219 71.84 -64.92 39.70
CA LYS S 219 72.65 -65.82 38.90
C LYS S 219 72.05 -67.21 38.89
N VAL S 220 72.29 -67.94 37.80
CA VAL S 220 71.71 -69.25 37.55
C VAL S 220 72.83 -70.26 37.30
N GLU S 221 72.68 -71.45 37.87
CA GLU S 221 73.62 -72.54 37.76
C GLU S 221 72.87 -73.79 37.34
N PRO S 222 73.59 -74.83 36.88
CA PRO S 222 72.90 -76.05 36.47
C PRO S 222 72.18 -76.76 37.61
N ASP T 1 21.84 -53.17 26.78
CA ASP T 1 21.41 -52.30 25.66
C ASP T 1 22.47 -52.25 24.55
N ILE T 2 22.14 -52.87 23.42
CA ILE T 2 22.94 -52.76 22.20
C ILE T 2 24.25 -53.50 22.38
N GLN T 3 24.18 -54.79 22.72
CA GLN T 3 25.39 -55.60 22.78
C GLN T 3 26.01 -55.76 21.40
N MET T 4 27.33 -55.90 21.39
CA MET T 4 28.11 -56.14 20.17
C MET T 4 28.88 -57.44 20.38
N THR T 5 28.73 -58.37 19.46
CA THR T 5 29.41 -59.66 19.53
C THR T 5 30.16 -59.87 18.23
N GLN T 6 31.48 -60.03 18.34
CA GLN T 6 32.33 -60.16 17.16
C GLN T 6 32.55 -61.63 16.85
N SER T 7 32.82 -61.92 15.57
CA SER T 7 33.11 -63.28 15.15
C SER T 7 34.05 -63.24 13.96
N PRO T 8 35.03 -64.18 13.88
CA PRO T 8 35.36 -65.24 14.84
C PRO T 8 36.15 -64.67 16.03
N SER T 9 36.13 -65.37 17.16
CA SER T 9 36.87 -64.90 18.33
C SER T 9 38.36 -64.84 18.06
N SER T 10 38.87 -65.76 17.25
CA SER T 10 40.27 -65.78 16.85
C SER T 10 40.36 -66.28 15.42
N LEU T 11 41.14 -65.59 14.58
CA LEU T 11 41.30 -65.95 13.18
C LEU T 11 42.78 -65.99 12.82
N SER T 12 43.16 -67.00 12.04
CA SER T 12 44.53 -67.22 11.60
C SER T 12 44.57 -67.29 10.09
N ALA T 13 45.40 -66.43 9.48
CA ALA T 13 45.55 -66.38 8.03
C ALA T 13 46.96 -65.90 7.71
N SER T 14 47.36 -66.07 6.46
CA SER T 14 48.71 -65.76 6.01
C SER T 14 48.72 -64.45 5.23
N VAL T 15 49.93 -63.99 4.91
CA VAL T 15 50.08 -62.75 4.15
C VAL T 15 49.50 -62.94 2.75
N GLY T 16 48.96 -61.85 2.20
CA GLY T 16 48.39 -61.87 0.87
C GLY T 16 46.97 -62.38 0.80
N ASP T 17 46.46 -63.00 1.85
CA ASP T 17 45.15 -63.63 1.82
C ASP T 17 44.03 -62.59 1.96
N ARG T 18 42.84 -62.98 1.53
CA ARG T 18 41.63 -62.21 1.76
C ARG T 18 41.00 -62.66 3.07
N VAL T 19 40.76 -61.71 3.96
CA VAL T 19 40.28 -61.97 5.32
C VAL T 19 39.00 -61.17 5.52
N THR T 20 38.09 -61.73 6.31
CA THR T 20 36.81 -61.09 6.62
C THR T 20 36.51 -61.27 8.10
N ILE T 21 36.13 -60.17 8.74
CA ILE T 21 35.71 -60.17 10.15
C ILE T 21 34.30 -59.62 10.17
N THR T 22 33.49 -60.13 11.10
CA THR T 22 32.09 -59.75 11.22
C THR T 22 31.78 -59.24 12.63
N CYS T 23 31.01 -58.16 12.70
CA CYS T 23 30.45 -57.65 13.95
C CYS T 23 28.93 -57.76 13.87
N ARG T 24 28.34 -58.31 14.91
CA ARG T 24 26.90 -58.56 15.00
C ARG T 24 26.26 -57.63 16.01
N ALA T 25 25.02 -57.23 15.73
CA ALA T 25 24.27 -56.32 16.59
C ALA T 25 23.02 -57.00 17.16
N SER T 26 22.76 -56.71 18.44
CA SER T 26 21.58 -57.26 19.09
C SER T 26 20.32 -56.56 18.61
N LYS T 27 20.39 -55.24 18.42
CA LYS T 27 19.26 -54.44 17.94
C LYS T 27 19.68 -53.66 16.70
N SER T 28 18.69 -53.24 15.93
CA SER T 28 18.94 -52.51 14.70
C SER T 28 19.73 -51.24 15.00
N ILE T 29 20.89 -51.11 14.35
CA ILE T 29 21.86 -50.07 14.64
C ILE T 29 22.03 -49.09 13.49
N SER T 30 21.41 -49.37 12.34
CA SER T 30 21.46 -48.53 11.15
C SER T 30 22.86 -48.54 10.53
N LYS T 31 23.09 -47.62 9.58
CA LYS T 31 24.30 -47.60 8.77
C LYS T 31 25.57 -47.43 9.60
N TYR T 32 25.46 -46.94 10.83
CA TYR T 32 26.59 -46.32 11.52
C TYR T 32 27.34 -47.34 12.36
N LEU T 33 28.58 -47.61 11.98
CA LEU T 33 29.50 -48.46 12.72
C LEU T 33 30.92 -48.00 12.40
N ALA T 34 31.85 -48.34 13.29
CA ALA T 34 33.25 -48.02 13.06
C ALA T 34 34.13 -49.16 13.57
N TRP T 35 35.29 -49.31 12.94
CA TRP T 35 36.26 -50.34 13.26
C TRP T 35 37.56 -49.71 13.72
N TYR T 36 38.29 -50.43 14.57
CA TYR T 36 39.59 -49.98 15.08
C TYR T 36 40.63 -51.09 14.92
N GLN T 37 41.90 -50.68 15.00
CA GLN T 37 43.04 -51.59 14.99
C GLN T 37 43.91 -51.30 16.20
N GLN T 38 43.97 -52.24 17.15
CA GLN T 38 44.78 -52.09 18.35
C GLN T 38 45.96 -53.04 18.31
N LYS T 39 47.16 -52.48 18.29
CA LYS T 39 48.40 -53.23 18.46
C LYS T 39 48.61 -53.52 19.95
N PRO T 40 49.48 -54.47 20.30
CA PRO T 40 49.66 -54.80 21.71
C PRO T 40 50.28 -53.65 22.50
N GLY T 41 49.69 -53.35 23.65
CA GLY T 41 50.18 -52.28 24.51
C GLY T 41 50.16 -50.91 23.87
N LYS T 42 49.21 -50.66 22.96
CA LYS T 42 49.08 -49.38 22.26
C LYS T 42 47.62 -48.93 22.30
N ALA T 43 47.42 -47.66 21.96
CA ALA T 43 46.07 -47.12 21.86
C ALA T 43 45.41 -47.61 20.57
N PRO T 44 44.09 -47.84 20.58
CA PRO T 44 43.42 -48.23 19.33
C PRO T 44 43.53 -47.15 18.26
N GLU T 45 43.59 -47.59 17.02
CA GLU T 45 43.64 -46.73 15.84
C GLU T 45 42.40 -46.99 15.00
N LEU T 46 41.78 -45.91 14.53
CA LEU T 46 40.53 -46.01 13.78
C LEU T 46 40.81 -46.29 12.31
N LEU T 47 40.04 -47.22 11.75
CA LEU T 47 40.14 -47.61 10.35
C LEU T 47 38.91 -47.18 9.57
N ILE T 48 37.77 -47.83 9.81
CA ILE T 48 36.53 -47.58 9.10
C ILE T 48 35.57 -46.89 10.05
N TYR T 49 34.69 -46.07 9.48
CA TYR T 49 33.71 -45.35 10.27
C TYR T 49 32.43 -45.21 9.45
N SER T 50 31.30 -45.11 10.16
CA SER T 50 29.97 -45.08 9.54
C SER T 50 29.75 -46.27 8.60
N GLY T 51 30.30 -47.42 8.96
CA GLY T 51 30.04 -48.67 8.25
C GLY T 51 30.96 -49.02 7.10
N SER T 52 31.21 -48.06 6.21
CA SER T 52 31.92 -48.33 4.97
C SER T 52 33.00 -47.32 4.60
N THR T 53 33.12 -46.19 5.31
CA THR T 53 34.05 -45.14 4.96
C THR T 53 35.32 -45.23 5.81
N LEU T 54 36.47 -45.14 5.15
CA LEU T 54 37.76 -45.26 5.79
C LEU T 54 38.35 -43.88 6.09
N GLN T 55 39.16 -43.82 7.14
CA GLN T 55 39.83 -42.59 7.53
C GLN T 55 40.96 -42.28 6.54
N SER T 56 41.30 -41.01 6.44
CA SER T 56 42.41 -40.61 5.59
C SER T 56 43.70 -41.25 6.07
N GLY T 57 44.57 -41.62 5.12
CA GLY T 57 45.82 -42.26 5.44
C GLY T 57 45.75 -43.75 5.63
N ILE T 58 44.57 -44.35 5.63
CA ILE T 58 44.40 -45.80 5.81
C ILE T 58 44.62 -46.45 4.46
N PRO T 59 45.26 -47.62 4.37
CA PRO T 59 45.50 -48.23 3.05
C PRO T 59 44.20 -48.58 2.34
N ALA T 60 44.27 -48.62 1.01
CA ALA T 60 43.09 -48.88 0.19
C ALA T 60 42.59 -50.31 0.38
N ARG T 61 43.46 -51.25 0.74
CA ARG T 61 43.06 -52.64 0.88
C ARG T 61 42.04 -52.85 1.99
N PHE T 62 41.97 -51.95 2.97
CA PHE T 62 40.92 -52.00 3.98
C PHE T 62 39.60 -51.52 3.39
N SER T 63 38.53 -52.25 3.69
CA SER T 63 37.21 -51.90 3.18
C SER T 63 36.16 -52.48 4.10
N GLY T 64 35.09 -51.71 4.31
CA GLY T 64 34.01 -52.13 5.19
C GLY T 64 32.67 -52.08 4.48
N SER T 65 31.77 -52.94 4.92
CA SER T 65 30.43 -53.01 4.35
C SER T 65 29.47 -53.50 5.41
N GLY T 66 28.19 -53.55 5.06
CA GLY T 66 27.13 -54.01 5.92
C GLY T 66 26.19 -52.89 6.34
N SER T 67 25.03 -53.30 6.82
CA SER T 67 24.00 -52.37 7.28
C SER T 67 23.02 -53.16 8.15
N GLY T 68 22.28 -52.44 8.98
CA GLY T 68 21.29 -53.08 9.83
C GLY T 68 21.93 -53.81 10.99
N THR T 69 21.79 -55.13 11.07
CA THR T 69 22.30 -55.86 12.23
C THR T 69 23.68 -56.47 12.02
N GLU T 70 24.04 -56.81 10.79
CA GLU T 70 25.30 -57.48 10.49
C GLU T 70 26.23 -56.54 9.76
N PHE T 71 27.52 -56.61 10.09
CA PHE T 71 28.55 -55.80 9.46
C PHE T 71 29.77 -56.66 9.22
N THR T 72 30.59 -56.23 8.26
CA THR T 72 31.78 -56.96 7.88
C THR T 72 32.92 -55.99 7.59
N LEU T 73 34.13 -56.41 7.95
CA LEU T 73 35.37 -55.73 7.60
C LEU T 73 36.23 -56.71 6.82
N THR T 74 36.71 -56.29 5.66
CA THR T 74 37.47 -57.16 4.77
C THR T 74 38.74 -56.46 4.31
N ILE T 75 39.78 -57.26 4.08
CA ILE T 75 41.08 -56.78 3.61
C ILE T 75 41.44 -57.59 2.38
N SER T 76 41.78 -56.88 1.30
CA SER T 76 42.08 -57.53 0.02
C SER T 76 43.25 -58.50 0.16
N SER T 77 44.40 -57.99 0.60
CA SER T 77 45.62 -58.78 0.75
C SER T 77 46.31 -58.35 2.03
N LEU T 78 46.48 -59.28 2.97
CA LEU T 78 47.09 -58.92 4.24
C LEU T 78 48.54 -58.47 4.04
N GLN T 79 49.08 -57.84 5.09
CA GLN T 79 50.48 -57.50 5.17
C GLN T 79 50.90 -57.60 6.62
N SER T 80 52.22 -57.61 6.84
CA SER T 80 52.77 -57.82 8.18
C SER T 80 52.22 -56.79 9.18
N GLU T 81 51.98 -55.56 8.72
CA GLU T 81 51.41 -54.53 9.59
C GLU T 81 49.97 -54.84 9.99
N ASP T 82 49.25 -55.64 9.21
CA ASP T 82 47.81 -55.81 9.43
C ASP T 82 47.49 -56.66 10.65
N PHE T 83 48.43 -57.45 11.15
CA PHE T 83 48.13 -58.41 12.21
C PHE T 83 48.05 -57.67 13.54
N ALA T 84 46.88 -57.74 14.17
CA ALA T 84 46.58 -57.02 15.39
C ALA T 84 45.22 -57.51 15.89
N VAL T 85 44.64 -56.80 16.84
CA VAL T 85 43.29 -57.03 17.31
C VAL T 85 42.41 -55.92 16.74
N TYR T 86 41.25 -56.29 16.22
CA TYR T 86 40.30 -55.35 15.64
C TYR T 86 39.06 -55.27 16.52
N TYR T 87 38.60 -54.05 16.76
CA TYR T 87 37.44 -53.79 17.60
C TYR T 87 36.35 -53.07 16.81
N CYS T 88 35.11 -53.44 17.12
CA CYS T 88 33.91 -52.90 16.51
C CYS T 88 33.15 -52.10 17.55
N GLN T 89 32.69 -50.90 17.18
CA GLN T 89 32.01 -50.01 18.10
C GLN T 89 30.57 -49.79 17.66
N GLN T 90 29.76 -49.41 18.65
CA GLN T 90 28.31 -49.32 18.48
C GLN T 90 27.93 -48.16 17.54
N HIS T 91 28.27 -46.93 17.93
CA HIS T 91 28.34 -45.76 17.05
C HIS T 91 27.04 -45.01 16.82
N ASN T 92 25.89 -45.69 16.80
CA ASN T 92 24.65 -45.05 16.41
C ASN T 92 23.94 -44.35 17.58
N GLU T 93 23.78 -45.06 18.69
CA GLU T 93 23.05 -44.61 19.87
C GLU T 93 24.05 -44.17 20.94
N TYR T 94 23.55 -43.58 22.03
CA TYR T 94 24.44 -42.99 23.02
C TYR T 94 24.73 -43.84 24.26
N PRO T 95 24.17 -45.05 24.45
CA PRO T 95 24.81 -45.92 25.44
C PRO T 95 26.26 -46.25 25.10
N PHE T 96 26.58 -46.40 23.82
CA PHE T 96 27.92 -46.67 23.31
C PHE T 96 28.54 -47.97 23.84
N THR T 97 28.35 -49.05 23.09
CA THR T 97 28.95 -50.34 23.36
C THR T 97 30.10 -50.57 22.37
N PHE T 98 30.94 -51.56 22.69
CA PHE T 98 32.08 -51.94 21.86
C PHE T 98 32.01 -53.42 21.57
N GLY T 99 32.79 -53.84 20.55
CA GLY T 99 32.84 -55.23 20.14
C GLY T 99 33.83 -56.04 20.96
N GLN T 100 33.57 -57.35 21.01
CA GLN T 100 34.30 -58.24 21.92
C GLN T 100 35.79 -58.33 21.61
N GLY T 101 36.21 -58.01 20.38
CA GLY T 101 37.60 -58.10 20.00
C GLY T 101 37.91 -59.38 19.23
N THR T 102 38.66 -59.24 18.14
CA THR T 102 39.00 -60.36 17.25
C THR T 102 40.51 -60.41 17.08
N LYS T 103 41.12 -61.55 17.41
CA LYS T 103 42.56 -61.72 17.22
C LYS T 103 42.85 -62.16 15.79
N LEU T 104 43.67 -61.37 15.08
CA LEU T 104 44.16 -61.71 13.74
C LEU T 104 45.64 -62.01 13.81
N GLU T 105 46.00 -63.28 13.62
CA GLU T 105 47.36 -63.79 13.72
C GLU T 105 47.81 -64.39 12.39
N ILE T 106 49.13 -64.47 12.22
CA ILE T 106 49.72 -65.01 11.00
C ILE T 106 49.76 -66.53 11.08
N LYS T 107 49.60 -67.18 9.94
CA LYS T 107 49.67 -68.63 9.84
C LYS T 107 50.97 -69.05 9.19
N ARG T 108 51.70 -69.94 9.87
CA ARG T 108 52.95 -70.51 9.38
C ARG T 108 52.83 -72.02 9.32
N THR T 109 53.96 -72.71 9.20
CA THR T 109 53.97 -74.17 9.18
C THR T 109 53.85 -74.71 10.61
N VAL T 110 53.12 -75.83 10.76
CA VAL T 110 52.95 -76.42 12.08
C VAL T 110 54.31 -76.86 12.60
N ALA T 111 54.62 -76.47 13.84
CA ALA T 111 55.86 -76.81 14.50
C ALA T 111 55.55 -77.23 15.93
N ALA T 112 56.17 -78.30 16.38
CA ALA T 112 55.91 -78.80 17.71
C ALA T 112 56.65 -77.98 18.76
N PRO T 113 56.21 -78.03 20.01
CA PRO T 113 56.92 -77.24 21.05
C PRO T 113 58.11 -78.01 21.61
N SER T 114 59.26 -77.35 21.69
CA SER T 114 60.37 -77.93 22.45
C SER T 114 60.04 -77.81 23.92
N VAL T 115 59.89 -78.94 24.60
CA VAL T 115 59.34 -78.98 25.96
C VAL T 115 60.49 -79.10 26.94
N PHE T 116 60.48 -78.25 27.96
CA PHE T 116 61.43 -78.29 29.06
C PHE T 116 60.67 -78.14 30.37
N ILE T 117 61.09 -78.89 31.37
CA ILE T 117 60.50 -78.85 32.71
C ILE T 117 61.59 -78.39 33.68
N PHE T 118 61.21 -77.46 34.57
CA PHE T 118 62.14 -76.84 35.51
C PHE T 118 61.65 -77.14 36.92
N PRO T 119 62.38 -77.87 37.76
CA PRO T 119 61.89 -78.10 39.14
C PRO T 119 61.89 -76.82 39.95
N PRO T 120 61.41 -76.87 41.20
CA PRO T 120 61.55 -75.71 42.08
C PRO T 120 62.97 -75.58 42.59
N SER T 121 63.47 -74.34 42.62
CA SER T 121 64.81 -74.09 43.12
C SER T 121 64.86 -74.31 44.63
N ASP T 122 66.06 -74.62 45.13
CA ASP T 122 66.25 -74.83 46.57
C ASP T 122 65.90 -73.57 47.37
N GLU T 123 66.06 -72.39 46.76
CA GLU T 123 65.71 -71.15 47.46
C GLU T 123 64.22 -71.09 47.74
N GLN T 124 63.41 -71.43 46.74
CA GLN T 124 61.95 -71.42 46.89
C GLN T 124 61.49 -72.37 47.98
N LEU T 125 62.02 -73.60 47.96
CA LEU T 125 61.56 -74.63 48.87
C LEU T 125 61.79 -74.26 50.33
N LYS T 126 62.77 -73.39 50.61
CA LYS T 126 62.98 -72.90 51.96
C LYS T 126 61.82 -72.03 52.43
N SER T 127 61.27 -71.20 51.54
CA SER T 127 60.25 -70.24 51.94
C SER T 127 58.98 -70.93 52.43
N GLY T 128 58.66 -72.09 51.88
CA GLY T 128 57.46 -72.82 52.23
C GLY T 128 56.52 -73.01 51.05
N THR T 129 56.98 -72.69 49.85
CA THR T 129 56.19 -72.82 48.64
C THR T 129 57.07 -73.41 47.53
N ALA T 130 56.43 -74.21 46.67
CA ALA T 130 57.10 -74.88 45.55
C ALA T 130 56.33 -74.55 44.27
N SER T 131 57.07 -74.17 43.23
CA SER T 131 56.49 -73.86 41.92
C SER T 131 57.21 -74.68 40.86
N VAL T 132 56.44 -75.45 40.08
CA VAL T 132 56.95 -76.24 38.97
C VAL T 132 56.56 -75.54 37.67
N VAL T 133 57.50 -75.44 36.74
CA VAL T 133 57.34 -74.71 35.49
C VAL T 133 57.43 -75.68 34.33
N CYS T 134 56.62 -75.44 33.29
CA CYS T 134 56.64 -76.21 32.05
C CYS T 134 56.68 -75.23 30.89
N LEU T 135 57.76 -75.29 30.11
CA LEU T 135 58.00 -74.36 29.01
C LEU T 135 57.76 -75.09 27.69
N LEU T 136 56.95 -74.47 26.82
CA LEU T 136 56.73 -74.92 25.46
C LEU T 136 57.23 -73.80 24.55
N ASN T 137 58.43 -73.96 23.98
CA ASN T 137 59.11 -72.89 23.27
C ASN T 137 58.92 -73.02 21.77
N ASN T 138 58.58 -71.91 21.12
CA ASN T 138 58.53 -71.81 19.66
C ASN T 138 57.63 -72.89 19.06
N PHE T 139 56.33 -72.63 18.99
CA PHE T 139 55.38 -73.63 18.55
C PHE T 139 54.21 -72.93 17.86
N TYR T 140 53.63 -73.61 16.87
CA TYR T 140 52.49 -73.08 16.16
C TYR T 140 51.66 -74.30 15.75
N PRO T 141 50.31 -74.22 15.83
CA PRO T 141 49.41 -73.11 16.18
C PRO T 141 49.34 -72.76 17.64
N ARG T 142 48.71 -71.61 17.90
CA ARG T 142 48.58 -71.11 19.26
C ARG T 142 47.83 -72.10 20.13
N GLU T 143 46.91 -72.86 19.54
CA GLU T 143 46.12 -73.81 20.30
C GLU T 143 47.03 -74.90 20.83
N ALA T 144 47.13 -74.98 22.16
CA ALA T 144 47.92 -76.00 22.82
C ALA T 144 47.32 -76.21 24.20
N LYS T 145 47.61 -77.38 24.78
CA LYS T 145 47.03 -77.76 26.06
C LYS T 145 48.12 -78.42 26.90
N VAL T 146 48.19 -78.01 28.16
CA VAL T 146 49.14 -78.55 29.13
C VAL T 146 48.34 -79.10 30.30
N GLN T 147 48.63 -80.35 30.67
CA GLN T 147 47.98 -81.02 31.79
C GLN T 147 49.05 -81.47 32.78
N TRP T 148 48.87 -81.07 34.04
CA TRP T 148 49.79 -81.42 35.10
C TRP T 148 49.40 -82.75 35.72
N LYS T 149 50.40 -83.61 35.93
CA LYS T 149 50.22 -84.92 36.55
C LYS T 149 51.24 -85.07 37.66
N VAL T 150 50.76 -85.31 38.88
CA VAL T 150 51.60 -85.57 40.04
C VAL T 150 51.32 -87.01 40.47
N ASP T 151 52.32 -87.87 40.38
CA ASP T 151 52.15 -89.31 40.57
C ASP T 151 51.05 -89.83 39.63
N ASN T 152 51.04 -89.31 38.41
CA ASN T 152 50.07 -89.68 37.39
C ASN T 152 48.64 -89.40 37.85
N ALA T 153 48.44 -88.27 38.53
CA ALA T 153 47.15 -87.84 39.01
C ALA T 153 46.89 -86.44 38.45
N LEU T 154 45.83 -86.31 37.64
CA LEU T 154 45.54 -85.05 36.99
C LEU T 154 45.26 -83.97 38.03
N GLN T 155 45.64 -82.75 37.70
CA GLN T 155 45.52 -81.58 38.56
C GLN T 155 44.72 -80.52 37.84
N SER T 156 43.92 -79.76 38.60
CA SER T 156 43.14 -78.69 38.02
C SER T 156 42.92 -77.63 39.09
N GLY T 157 42.83 -76.37 38.64
CA GLY T 157 42.54 -75.30 39.55
C GLY T 157 43.70 -74.82 40.40
N ASN T 158 44.90 -75.37 40.21
CA ASN T 158 46.10 -74.92 40.92
C ASN T 158 47.25 -74.61 39.97
N SER T 159 46.97 -74.47 38.67
CA SER T 159 47.98 -74.20 37.66
C SER T 159 47.56 -73.00 36.84
N GLN T 160 48.52 -72.13 36.52
CA GLN T 160 48.30 -70.95 35.70
C GLN T 160 49.24 -70.95 34.52
N GLU T 161 48.75 -70.49 33.37
CA GLU T 161 49.55 -70.41 32.16
C GLU T 161 49.44 -69.02 31.55
N SER T 162 50.48 -68.69 30.80
CA SER T 162 50.58 -67.44 30.07
C SER T 162 51.21 -67.75 28.71
N VAL T 163 50.79 -66.99 27.69
CA VAL T 163 51.24 -67.20 26.33
C VAL T 163 51.85 -65.89 25.86
N THR T 164 53.12 -65.94 25.44
CA THR T 164 53.73 -64.75 24.88
C THR T 164 53.06 -64.42 23.56
N GLU T 165 53.10 -63.15 23.20
CA GLU T 165 52.55 -62.77 21.92
C GLU T 165 53.40 -63.35 20.79
N GLN T 166 52.86 -63.28 19.58
CA GLN T 166 53.49 -63.88 18.42
C GLN T 166 54.87 -63.30 18.19
N ASP T 167 55.86 -64.18 18.01
CA ASP T 167 57.23 -63.72 17.83
C ASP T 167 57.32 -62.94 16.52
N SER T 168 58.27 -62.00 16.47
CA SER T 168 58.41 -61.14 15.30
C SER T 168 59.20 -61.81 14.19
N LYS T 169 60.24 -62.56 14.54
CA LYS T 169 61.17 -63.10 13.54
C LYS T 169 60.64 -64.38 12.90
N ASP T 170 60.26 -65.36 13.72
CA ASP T 170 59.85 -66.69 13.23
C ASP T 170 58.37 -66.97 13.40
N SER T 171 57.60 -66.05 13.99
CA SER T 171 56.13 -66.14 14.06
C SER T 171 55.66 -67.34 14.88
N THR T 172 56.48 -67.80 15.81
CA THR T 172 56.13 -68.91 16.70
C THR T 172 55.82 -68.38 18.10
N TYR T 173 54.86 -69.04 18.76
CA TYR T 173 54.47 -68.65 20.11
C TYR T 173 55.36 -69.37 21.14
N SER T 174 55.08 -69.09 22.41
CA SER T 174 55.72 -69.79 23.51
C SER T 174 54.74 -69.76 24.68
N LEU T 175 54.71 -70.84 25.45
CA LEU T 175 53.76 -71.02 26.55
C LEU T 175 54.50 -71.42 27.81
N SER T 176 54.09 -70.83 28.93
CA SER T 176 54.66 -71.12 30.24
C SER T 176 53.53 -71.38 31.22
N SER T 177 53.48 -72.57 31.79
CA SER T 177 52.47 -72.97 32.76
C SER T 177 53.14 -73.19 34.11
N THR T 178 52.56 -72.57 35.15
CA THR T 178 53.11 -72.59 36.50
C THR T 178 52.16 -73.35 37.42
N LEU T 179 52.66 -74.42 38.05
CA LEU T 179 51.92 -75.20 39.04
C LEU T 179 52.44 -74.84 40.42
N THR T 180 51.60 -74.20 41.23
CA THR T 180 51.99 -73.70 42.55
C THR T 180 51.32 -74.56 43.63
N LEU T 181 52.15 -75.24 44.42
CA LEU T 181 51.70 -75.99 45.59
C LEU T 181 52.56 -75.58 46.78
N SER T 182 52.11 -75.98 47.98
CA SER T 182 52.83 -75.67 49.21
C SER T 182 53.98 -76.65 49.42
N LYS T 183 54.82 -76.33 50.41
CA LYS T 183 55.99 -77.17 50.70
C LYS T 183 55.59 -78.59 51.08
N ALA T 184 54.67 -78.72 52.04
CA ALA T 184 54.28 -80.05 52.51
C ALA T 184 53.65 -80.86 51.39
N ASP T 185 52.73 -80.26 50.63
CA ASP T 185 52.08 -80.97 49.54
C ASP T 185 53.08 -81.42 48.48
N TYR T 186 54.10 -80.61 48.22
CA TYR T 186 55.09 -80.98 47.21
C TYR T 186 55.89 -82.21 47.62
N GLU T 187 56.17 -82.36 48.91
CA GLU T 187 57.01 -83.46 49.39
C GLU T 187 56.27 -84.78 49.49
N LYS T 188 54.94 -84.78 49.59
CA LYS T 188 54.21 -86.04 49.76
C LYS T 188 54.31 -86.93 48.53
N HIS T 189 54.36 -86.35 47.34
CA HIS T 189 54.37 -87.09 46.08
C HIS T 189 55.79 -87.12 45.51
N LYS T 190 55.95 -87.85 44.40
CA LYS T 190 57.27 -88.16 43.85
C LYS T 190 57.44 -87.67 42.42
N VAL T 191 56.60 -88.12 41.49
CA VAL T 191 56.79 -87.86 40.06
C VAL T 191 55.89 -86.70 39.66
N TYR T 192 56.49 -85.69 39.01
CA TYR T 192 55.77 -84.55 38.47
C TYR T 192 56.05 -84.45 36.98
N ALA T 193 55.01 -84.13 36.20
CA ALA T 193 55.10 -84.15 34.76
C ALA T 193 54.02 -83.24 34.18
N CYS T 194 54.37 -82.51 33.13
CA CYS T 194 53.40 -81.72 32.36
C CYS T 194 53.18 -82.42 31.02
N GLU T 195 51.92 -82.66 30.69
CA GLU T 195 51.54 -83.39 29.48
C GLU T 195 51.08 -82.39 28.41
N VAL T 196 51.81 -82.34 27.30
CA VAL T 196 51.57 -81.37 26.24
C VAL T 196 50.77 -82.04 25.14
N THR T 197 49.64 -81.45 24.78
CA THR T 197 48.85 -81.84 23.62
C THR T 197 48.95 -80.72 22.59
N HIS T 198 49.36 -81.06 21.37
CA HIS T 198 49.55 -80.06 20.33
C HIS T 198 49.29 -80.71 18.97
N GLN T 199 48.88 -79.87 18.01
CA GLN T 199 48.46 -80.35 16.70
C GLN T 199 49.60 -81.07 15.99
N GLY T 200 50.83 -80.60 16.16
CA GLY T 200 51.98 -81.19 15.51
C GLY T 200 52.41 -82.54 16.05
N LEU T 201 51.79 -83.02 17.13
CA LEU T 201 52.13 -84.29 17.75
C LEU T 201 51.06 -85.33 17.46
N SER T 202 51.50 -86.60 17.39
CA SER T 202 50.56 -87.71 17.22
C SER T 202 49.86 -88.01 18.54
N SER T 203 50.62 -88.19 19.60
CA SER T 203 50.15 -88.43 20.96
C SER T 203 50.84 -87.45 21.88
N PRO T 204 50.24 -87.14 23.04
CA PRO T 204 50.81 -86.09 23.89
C PRO T 204 52.19 -86.44 24.44
N VAL T 205 53.08 -85.45 24.41
CA VAL T 205 54.43 -85.57 24.98
C VAL T 205 54.35 -85.39 26.49
N THR T 206 55.27 -86.05 27.20
CA THR T 206 55.36 -85.98 28.65
C THR T 206 56.82 -85.73 29.03
N LYS T 207 57.09 -84.57 29.59
CA LYS T 207 58.37 -84.27 30.22
C LYS T 207 58.18 -84.33 31.74
N SER T 208 59.03 -85.08 32.42
CA SER T 208 58.84 -85.39 33.82
C SER T 208 60.17 -85.32 34.56
N PHE T 209 60.07 -85.34 35.89
CA PHE T 209 61.22 -85.40 36.78
C PHE T 209 60.74 -85.96 38.12
N ASN T 210 61.70 -86.23 39.00
CA ASN T 210 61.43 -86.77 40.33
C ASN T 210 61.85 -85.78 41.40
N ARG T 211 61.04 -85.65 42.45
CA ARG T 211 61.34 -84.74 43.54
C ARG T 211 62.61 -85.21 44.25
N GLY T 212 63.62 -84.36 44.31
CA GLY T 212 64.84 -84.81 44.97
C GLY T 212 65.58 -85.82 44.13
N GLU T 213 65.48 -85.73 42.80
CA GLU T 213 66.14 -86.71 41.94
C GLU T 213 67.65 -86.55 42.00
N CYS T 214 68.14 -85.31 41.97
CA CYS T 214 69.56 -84.97 42.07
C CYS T 214 70.47 -85.81 41.17
N LEU U 35 32.54 -12.74 20.24
CA LEU U 35 32.78 -12.90 18.81
C LEU U 35 32.54 -14.37 18.46
N GLN U 36 32.71 -14.74 17.19
CA GLN U 36 32.46 -16.10 16.70
C GLN U 36 31.01 -16.53 16.92
N GLN U 37 30.25 -16.61 15.83
CA GLN U 37 28.80 -16.82 15.85
C GLN U 37 28.43 -18.11 15.12
N PRO U 38 27.49 -18.93 15.66
CA PRO U 38 27.06 -20.11 14.90
C PRO U 38 25.88 -19.84 14.00
N LEU U 39 26.03 -20.01 12.68
CA LEU U 39 24.93 -19.72 11.78
C LEU U 39 23.97 -20.89 11.62
N ASP U 40 24.46 -22.12 11.78
CA ASP U 40 23.66 -23.33 11.77
C ASP U 40 23.79 -24.01 13.13
N CYS U 41 23.17 -25.18 13.26
CA CYS U 41 23.24 -25.92 14.51
C CYS U 41 24.33 -26.98 14.54
N ASP U 42 24.90 -27.32 13.38
CA ASP U 42 26.12 -28.14 13.41
C ASP U 42 27.28 -27.35 14.01
N ASP U 43 27.28 -26.02 13.86
CA ASP U 43 28.24 -25.21 14.58
C ASP U 43 28.02 -25.33 16.09
N ILE U 44 26.75 -25.30 16.52
CA ILE U 44 26.43 -25.38 17.95
C ILE U 44 26.98 -26.68 18.54
N TYR U 45 26.96 -27.75 17.75
CA TYR U 45 27.64 -28.97 18.17
C TYR U 45 29.10 -28.70 18.47
N ALA U 46 29.78 -27.93 17.59
CA ALA U 46 31.18 -27.62 17.83
C ALA U 46 31.35 -26.60 18.95
N GLN U 47 30.38 -25.71 19.15
CA GLN U 47 30.45 -24.77 20.27
C GLN U 47 30.53 -25.50 21.60
N GLY U 48 29.91 -26.68 21.70
CA GLY U 48 29.98 -27.52 22.88
C GLY U 48 28.65 -27.86 23.50
N TYR U 49 27.57 -27.72 22.74
CA TYR U 49 26.21 -27.95 23.21
C TYR U 49 25.61 -29.10 22.42
N GLN U 50 25.13 -30.11 23.15
CA GLN U 50 24.65 -31.35 22.57
C GLN U 50 23.28 -31.76 23.10
N SER U 51 22.71 -31.04 24.06
CA SER U 51 21.36 -31.32 24.53
C SER U 51 20.36 -30.71 23.55
N ASP U 52 19.43 -31.53 23.07
CA ASP U 52 18.46 -31.05 22.08
C ASP U 52 17.48 -30.07 22.75
N GLY U 53 17.34 -28.90 22.15
CA GLY U 53 16.48 -27.88 22.71
C GLY U 53 16.51 -26.64 21.85
N VAL U 54 16.03 -25.54 22.40
CA VAL U 54 16.01 -24.28 21.67
C VAL U 54 17.39 -23.64 21.73
N TYR U 55 17.85 -23.16 20.58
CA TYR U 55 19.15 -22.52 20.48
C TYR U 55 19.07 -21.36 19.50
N LEU U 56 19.99 -20.43 19.65
CA LEU U 56 20.10 -19.27 18.78
C LEU U 56 21.19 -19.53 17.75
N ILE U 57 20.83 -19.36 16.47
CA ILE U 57 21.79 -19.42 15.39
C ILE U 57 21.58 -18.18 14.54
N TYR U 58 22.65 -17.75 13.87
CA TYR U 58 22.68 -16.48 13.15
C TYR U 58 22.76 -16.70 11.64
N PRO U 59 21.63 -17.01 10.98
CA PRO U 59 21.69 -17.23 9.53
C PRO U 59 21.90 -15.96 8.75
N SER U 60 21.23 -14.87 9.14
CA SER U 60 21.49 -13.59 8.52
C SER U 60 22.88 -13.15 8.92
N GLY U 61 23.04 -12.74 10.17
CA GLY U 61 24.32 -12.29 10.63
C GLY U 61 24.33 -12.06 12.13
N PRO U 62 25.43 -11.53 12.65
CA PRO U 62 25.52 -11.28 14.09
C PRO U 62 24.52 -10.25 14.59
N SER U 63 23.88 -9.49 13.69
CA SER U 63 22.94 -8.47 14.12
C SER U 63 21.74 -9.08 14.84
N VAL U 64 21.02 -9.98 14.16
CA VAL U 64 19.78 -10.55 14.66
C VAL U 64 19.86 -12.06 14.58
N PRO U 65 19.66 -12.80 15.68
CA PRO U 65 19.52 -14.25 15.59
C PRO U 65 18.05 -14.63 15.37
N VAL U 66 17.85 -15.93 15.15
CA VAL U 66 16.51 -16.52 15.08
C VAL U 66 16.57 -17.84 15.85
N PRO U 67 15.71 -18.07 16.85
CA PRO U 67 15.82 -19.32 17.59
C PRO U 67 15.25 -20.48 16.80
N VAL U 68 15.88 -21.64 16.98
CA VAL U 68 15.42 -22.88 16.36
C VAL U 68 15.55 -23.99 17.40
N PHE U 69 14.86 -25.09 17.14
CA PHE U 69 14.99 -26.31 17.92
C PHE U 69 15.87 -27.25 17.12
N CYS U 70 16.79 -27.91 17.82
CA CYS U 70 17.75 -28.82 17.22
C CYS U 70 17.62 -30.20 17.84
N ASP U 71 17.65 -31.21 16.99
CA ASP U 71 17.60 -32.61 17.41
C ASP U 71 19.03 -33.13 17.39
N MET U 72 19.75 -32.86 18.48
CA MET U 72 21.10 -33.36 18.66
C MET U 72 21.16 -34.85 18.97
N THR U 73 20.03 -35.57 18.98
CA THR U 73 19.97 -36.97 19.33
C THR U 73 19.89 -37.89 18.12
N THR U 74 19.04 -37.57 17.16
CA THR U 74 18.71 -38.50 16.08
C THR U 74 19.88 -38.63 15.12
N GLU U 75 20.35 -39.87 14.94
CA GLU U 75 21.40 -40.20 13.96
C GLU U 75 22.61 -39.28 14.11
N GLY U 76 23.15 -39.23 15.33
CA GLY U 76 24.31 -38.41 15.61
C GLY U 76 24.02 -36.96 15.92
N GLY U 77 22.81 -36.48 15.62
CA GLY U 77 22.44 -35.12 15.97
C GLY U 77 22.81 -34.08 14.94
N LYS U 78 23.03 -32.85 15.41
CA LYS U 78 23.40 -31.72 14.55
C LYS U 78 22.29 -31.37 13.56
N TRP U 79 21.04 -31.64 13.93
CA TRP U 79 19.90 -31.36 13.06
C TRP U 79 19.34 -29.98 13.36
N THR U 80 19.16 -29.17 12.32
CA THR U 80 18.44 -27.90 12.42
C THR U 80 17.01 -28.17 11.97
N VAL U 81 16.04 -27.84 12.81
CA VAL U 81 14.64 -28.16 12.56
C VAL U 81 13.93 -26.91 12.07
N PHE U 82 13.34 -27.00 10.88
CA PHE U 82 12.60 -25.89 10.29
C PHE U 82 11.10 -26.18 10.21
N GLN U 83 10.60 -27.13 11.01
CA GLN U 83 9.24 -27.64 10.89
C GLN U 83 9.01 -28.57 12.09
N LYS U 84 7.99 -28.30 12.89
CA LYS U 84 7.59 -29.17 13.99
C LYS U 84 6.08 -29.13 14.15
N ARG U 85 5.47 -30.30 14.37
CA ARG U 85 4.03 -30.41 14.57
C ARG U 85 3.75 -31.64 15.41
N PHE U 86 2.78 -31.51 16.34
CA PHE U 86 2.46 -32.60 17.26
C PHE U 86 1.18 -32.32 18.02
N ASN U 87 1.03 -31.11 18.57
CA ASN U 87 -0.13 -30.75 19.35
C ASN U 87 -1.35 -30.49 18.47
N GLY U 88 -1.13 -30.01 17.25
CA GLY U 88 -2.21 -29.54 16.40
C GLY U 88 -2.76 -28.17 16.75
N SER U 89 -2.26 -27.54 17.81
CA SER U 89 -2.80 -26.25 18.24
C SER U 89 -2.50 -25.16 17.22
N VAL U 90 -1.22 -25.01 16.86
CA VAL U 90 -0.84 -23.97 15.90
C VAL U 90 -1.38 -24.33 14.53
N SER U 91 -2.09 -23.39 13.91
CA SER U 91 -2.60 -23.61 12.57
C SER U 91 -1.52 -23.23 11.56
N PHE U 92 -1.26 -24.12 10.62
CA PHE U 92 -0.30 -23.88 9.55
C PHE U 92 -0.96 -23.36 8.28
N PHE U 93 -2.27 -23.11 8.29
CA PHE U 93 -2.93 -22.47 7.15
C PHE U 93 -2.72 -20.97 7.32
N ARG U 94 -1.52 -20.54 6.96
CA ARG U 94 -1.06 -19.17 7.06
C ARG U 94 -0.79 -18.62 5.67
N GLY U 95 -0.46 -17.33 5.60
CA GLY U 95 -0.26 -16.66 4.34
C GLY U 95 1.16 -16.78 3.83
N TRP U 96 1.37 -16.24 2.63
CA TRP U 96 2.71 -16.25 2.03
C TRP U 96 3.69 -15.45 2.87
N ASN U 97 3.23 -14.37 3.51
CA ASN U 97 4.14 -13.54 4.29
C ASN U 97 4.57 -14.25 5.56
N ASP U 98 3.62 -14.90 6.26
CA ASP U 98 3.98 -15.63 7.48
C ASP U 98 4.95 -16.77 7.15
N TYR U 99 4.76 -17.42 6.01
CA TYR U 99 5.65 -18.50 5.62
C TYR U 99 6.99 -18.02 5.10
N LYS U 100 7.10 -16.76 4.67
CA LYS U 100 8.40 -16.22 4.30
C LYS U 100 9.19 -15.85 5.55
N LEU U 101 8.58 -15.09 6.46
CA LEU U 101 9.27 -14.61 7.65
C LEU U 101 9.37 -15.67 8.75
N GLY U 102 8.57 -16.72 8.68
CA GLY U 102 8.52 -17.72 9.72
C GLY U 102 7.46 -17.41 10.76
N PHE U 103 7.03 -18.46 11.45
CA PHE U 103 5.92 -18.32 12.40
C PHE U 103 5.94 -19.48 13.38
N GLY U 104 5.61 -19.19 14.62
CA GLY U 104 5.47 -20.19 15.66
C GLY U 104 6.52 -20.02 16.74
N ARG U 105 6.49 -20.95 17.69
CA ARG U 105 7.39 -20.97 18.83
C ARG U 105 8.38 -22.10 18.67
N ALA U 106 9.68 -21.78 18.76
CA ALA U 106 10.72 -22.80 18.64
C ALA U 106 10.57 -23.91 19.67
N ASP U 107 9.91 -23.64 20.81
CA ASP U 107 9.66 -24.70 21.78
C ASP U 107 8.77 -25.77 21.18
N GLY U 108 7.53 -25.40 20.83
CA GLY U 108 6.58 -26.32 20.27
C GLY U 108 6.52 -26.30 18.75
N GLU U 109 5.30 -26.22 18.21
CA GLU U 109 5.14 -26.24 16.76
C GLU U 109 5.56 -24.91 16.17
N TYR U 110 6.24 -24.95 15.03
CA TYR U 110 6.67 -23.72 14.38
C TYR U 110 7.11 -24.01 12.95
N TRP U 111 7.38 -22.93 12.24
CA TRP U 111 7.94 -22.97 10.89
C TRP U 111 9.02 -21.90 10.84
N LEU U 112 10.24 -22.31 10.51
CA LEU U 112 11.39 -21.40 10.68
C LEU U 112 11.32 -20.21 9.75
N GLY U 113 10.79 -20.39 8.53
CA GLY U 113 10.70 -19.28 7.58
C GLY U 113 11.52 -19.54 6.32
N LEU U 114 10.89 -19.29 5.18
CA LEU U 114 11.51 -19.61 3.90
C LEU U 114 12.77 -18.79 3.66
N GLN U 115 12.77 -17.53 4.10
CA GLN U 115 13.94 -16.67 3.87
C GLN U 115 15.16 -17.23 4.61
N ASN U 116 15.02 -17.50 5.91
CA ASN U 116 16.09 -18.13 6.69
C ASN U 116 16.58 -19.41 6.02
N MET U 117 15.65 -20.32 5.67
CA MET U 117 16.02 -21.55 4.98
C MET U 117 16.86 -21.27 3.74
N HIS U 118 16.47 -20.27 2.94
CA HIS U 118 17.28 -19.91 1.79
C HIS U 118 18.65 -19.41 2.20
N LEU U 119 18.72 -18.65 3.31
CA LEU U 119 20.03 -18.16 3.74
C LEU U 119 20.95 -19.33 4.10
N LEU U 120 20.44 -20.36 4.78
CA LEU U 120 21.29 -21.50 5.12
C LEU U 120 21.74 -22.24 3.86
N THR U 121 20.77 -22.71 3.06
CA THR U 121 21.07 -23.50 1.87
C THR U 121 21.92 -22.73 0.86
N LEU U 122 21.94 -21.40 0.94
CA LEU U 122 22.70 -20.62 -0.03
C LEU U 122 24.20 -20.74 0.23
N LYS U 123 24.61 -20.77 1.50
CA LYS U 123 26.02 -20.71 1.87
C LYS U 123 26.64 -22.05 2.26
N GLN U 124 25.83 -23.11 2.45
CA GLN U 124 26.37 -24.43 2.72
C GLN U 124 25.47 -25.48 2.07
N LYS U 125 26.05 -26.66 1.82
CA LYS U 125 25.30 -27.80 1.30
C LYS U 125 24.74 -28.59 2.48
N TYR U 126 23.48 -29.00 2.36
CA TYR U 126 22.73 -29.54 3.48
C TYR U 126 22.04 -30.83 3.09
N GLU U 127 21.75 -31.63 4.12
CA GLU U 127 21.08 -32.91 4.03
C GLU U 127 19.72 -32.80 4.70
N LEU U 128 18.72 -33.50 4.17
CA LEU U 128 17.36 -33.47 4.68
C LEU U 128 17.00 -34.80 5.34
N ARG U 129 16.24 -34.70 6.42
CA ARG U 129 15.57 -35.84 7.07
C ARG U 129 14.22 -35.33 7.56
N VAL U 130 13.17 -36.11 7.28
CA VAL U 130 11.82 -35.83 7.78
C VAL U 130 11.43 -36.98 8.69
N ASP U 131 10.84 -36.67 9.83
CA ASP U 131 10.45 -37.66 10.82
C ASP U 131 8.94 -37.59 11.01
N LEU U 132 8.29 -38.75 10.91
CA LEU U 132 6.84 -38.84 10.91
C LEU U 132 6.40 -39.84 11.96
N GLU U 133 5.17 -39.67 12.44
CA GLU U 133 4.59 -40.61 13.39
C GLU U 133 3.07 -40.54 13.25
N ASP U 134 2.44 -41.72 13.27
CA ASP U 134 1.00 -41.86 13.18
C ASP U 134 0.40 -41.98 14.57
N PHE U 135 -0.89 -42.31 14.64
CA PHE U 135 -1.57 -42.50 15.91
C PHE U 135 -1.56 -43.96 16.35
N GLU U 136 -0.77 -44.81 15.69
CA GLU U 136 -0.67 -46.23 16.02
C GLU U 136 0.69 -46.58 16.63
N ASN U 137 1.40 -45.59 17.17
CA ASN U 137 2.70 -45.80 17.82
C ASN U 137 3.72 -46.38 16.84
N ASN U 138 3.74 -45.85 15.63
CA ASN U 138 4.73 -46.22 14.62
C ASN U 138 5.48 -44.98 14.15
N THR U 139 6.75 -45.17 13.82
CA THR U 139 7.63 -44.10 13.38
C THR U 139 8.17 -44.42 12.00
N ALA U 140 8.51 -43.38 11.26
CA ALA U 140 9.04 -43.52 9.91
C ALA U 140 9.81 -42.27 9.56
N TYR U 141 10.55 -42.33 8.46
CA TYR U 141 11.35 -41.18 8.04
C TYR U 141 11.81 -41.39 6.60
N ALA U 142 12.37 -40.32 6.04
CA ALA U 142 12.95 -40.35 4.71
C ALA U 142 14.08 -39.33 4.67
N LYS U 143 15.19 -39.71 4.04
CA LYS U 143 16.38 -38.88 3.96
C LYS U 143 16.71 -38.54 2.52
N TYR U 144 17.22 -37.32 2.31
CA TYR U 144 17.64 -36.86 1.00
C TYR U 144 19.03 -36.25 1.11
N ALA U 145 19.94 -36.73 0.26
CA ALA U 145 21.35 -36.37 0.37
C ALA U 145 21.55 -34.86 0.22
N ASP U 146 21.03 -34.29 -0.85
CA ASP U 146 21.10 -32.86 -1.11
C ASP U 146 19.75 -32.23 -0.82
N PHE U 147 19.77 -31.00 -0.34
CA PHE U 147 18.55 -30.25 -0.08
C PHE U 147 18.89 -28.77 -0.21
N SER U 148 18.04 -28.04 -0.93
CA SER U 148 18.30 -26.63 -1.18
C SER U 148 16.98 -25.94 -1.48
N ILE U 149 16.92 -24.66 -1.13
CA ILE U 149 15.81 -23.78 -1.50
C ILE U 149 16.38 -22.80 -2.52
N SER U 150 15.88 -22.89 -3.74
CA SER U 150 16.25 -21.98 -4.83
C SER U 150 17.76 -21.83 -4.98
N PRO U 151 18.49 -22.93 -5.19
CA PRO U 151 19.94 -22.86 -5.15
C PRO U 151 20.52 -22.01 -6.27
N ASN U 152 21.55 -21.23 -5.92
CA ASN U 152 22.26 -20.37 -6.87
C ASN U 152 21.32 -19.34 -7.49
N ALA U 153 20.35 -18.87 -6.71
CA ALA U 153 19.39 -17.86 -7.15
C ALA U 153 19.84 -16.50 -6.64
N VAL U 154 20.00 -15.56 -7.57
CA VAL U 154 20.42 -14.22 -7.19
C VAL U 154 19.37 -13.53 -6.34
N SER U 155 18.10 -13.92 -6.49
CA SER U 155 17.01 -13.40 -5.67
C SER U 155 16.02 -14.53 -5.45
N ALA U 156 15.74 -14.85 -4.19
CA ALA U 156 14.86 -15.97 -3.89
C ALA U 156 13.43 -15.66 -4.31
N GLU U 157 12.99 -14.41 -4.09
CA GLU U 157 11.63 -14.01 -4.46
C GLU U 157 11.34 -14.28 -5.92
N GLU U 158 12.20 -13.78 -6.82
CA GLU U 158 11.98 -13.96 -8.25
C GLU U 158 11.87 -15.44 -8.61
N ASP U 159 12.72 -16.27 -8.02
CA ASP U 159 12.68 -17.71 -8.27
C ASP U 159 11.60 -18.43 -7.44
N GLY U 160 10.86 -17.71 -6.60
CA GLY U 160 9.76 -18.30 -5.87
C GLY U 160 10.15 -19.33 -4.82
N TYR U 161 11.41 -19.35 -4.41
CA TYR U 161 11.90 -20.30 -3.42
C TYR U 161 11.62 -21.74 -3.84
N THR U 162 12.13 -22.11 -5.01
CA THR U 162 12.00 -23.47 -5.49
C THR U 162 12.66 -24.44 -4.52
N LEU U 163 12.08 -25.62 -4.42
CA LEU U 163 12.61 -26.70 -3.60
C LEU U 163 13.42 -27.62 -4.50
N PHE U 164 14.60 -28.02 -4.04
CA PHE U 164 15.42 -28.99 -4.74
C PHE U 164 15.85 -30.07 -3.75
N VAL U 165 15.62 -31.34 -4.14
CA VAL U 165 16.08 -32.49 -3.40
C VAL U 165 16.64 -33.50 -4.39
N ALA U 166 17.75 -34.14 -4.03
CA ALA U 166 18.44 -35.08 -4.92
C ALA U 166 18.33 -36.49 -4.35
N GLY U 167 19.41 -37.28 -4.40
CA GLY U 167 19.42 -38.67 -3.95
C GLY U 167 18.68 -38.96 -2.66
N PHE U 168 17.83 -39.98 -2.70
CA PHE U 168 16.89 -40.31 -1.65
C PHE U 168 17.28 -41.64 -1.01
N GLU U 169 17.48 -41.64 0.30
CA GLU U 169 17.73 -42.85 1.08
C GLU U 169 16.46 -43.20 1.84
N ASP U 170 15.99 -44.44 1.67
CA ASP U 170 14.69 -44.84 2.22
C ASP U 170 14.80 -45.14 3.70
N GLY U 171 13.84 -44.60 4.46
CA GLY U 171 13.66 -44.94 5.85
C GLY U 171 12.38 -45.72 6.02
N GLY U 172 11.57 -45.37 7.02
CA GLY U 172 10.29 -46.03 7.16
C GLY U 172 9.31 -45.66 6.06
N ALA U 173 9.24 -44.38 5.74
CA ALA U 173 8.31 -43.85 4.75
C ALA U 173 8.93 -43.90 3.36
N GLY U 174 8.09 -43.67 2.35
CA GLY U 174 8.55 -43.66 0.98
C GLY U 174 9.14 -42.33 0.58
N ASP U 175 9.25 -42.13 -0.73
CA ASP U 175 9.81 -40.92 -1.33
C ASP U 175 8.66 -40.11 -1.95
N SER U 176 8.19 -39.11 -1.21
CA SER U 176 7.17 -38.19 -1.72
C SER U 176 7.74 -36.89 -2.23
N LEU U 177 8.88 -36.44 -1.70
CA LEU U 177 9.39 -35.11 -2.01
C LEU U 177 10.03 -35.02 -3.39
N SER U 178 10.56 -36.13 -3.92
CA SER U 178 11.17 -36.09 -5.26
C SER U 178 10.16 -35.62 -6.29
N TYR U 179 8.88 -35.91 -6.08
CA TYR U 179 7.83 -35.39 -6.93
C TYR U 179 7.75 -33.86 -6.86
N HIS U 180 8.13 -33.28 -5.71
CA HIS U 180 8.00 -31.84 -5.48
C HIS U 180 9.21 -31.03 -5.90
N SER U 181 10.35 -31.66 -6.17
CA SER U 181 11.56 -30.91 -6.47
C SER U 181 11.38 -30.07 -7.72
N GLY U 182 11.87 -28.83 -7.66
CA GLY U 182 11.76 -27.89 -8.74
C GLY U 182 10.52 -27.02 -8.71
N GLN U 183 9.70 -27.12 -7.67
CA GLN U 183 8.44 -26.41 -7.57
C GLN U 183 8.55 -25.26 -6.58
N LYS U 184 7.98 -24.12 -6.96
CA LYS U 184 7.95 -22.95 -6.11
C LYS U 184 6.99 -23.20 -4.95
N PHE U 185 7.21 -22.47 -3.87
CA PHE U 185 6.36 -22.61 -2.69
C PHE U 185 5.08 -21.82 -2.91
N SER U 186 3.94 -22.44 -2.60
CA SER U 186 2.63 -21.91 -2.94
C SER U 186 1.78 -21.79 -1.68
N THR U 187 0.99 -20.72 -1.62
CA THR U 187 0.03 -20.51 -0.55
C THR U 187 -1.25 -19.98 -1.19
N PHE U 188 -2.33 -19.96 -0.40
CA PHE U 188 -3.59 -19.37 -0.87
C PHE U 188 -3.44 -17.89 -1.21
N ASP U 189 -2.40 -17.22 -0.71
CA ASP U 189 -2.09 -15.88 -1.19
C ASP U 189 -1.48 -15.92 -2.59
N ARG U 190 -0.44 -16.74 -2.76
CA ARG U 190 0.32 -16.81 -4.01
C ARG U 190 0.27 -18.23 -4.54
N ASP U 191 -0.42 -18.40 -5.66
CA ASP U 191 -0.55 -19.69 -6.34
C ASP U 191 0.59 -19.81 -7.35
N GLN U 192 1.52 -20.72 -7.07
CA GLN U 192 2.59 -21.07 -8.00
C GLN U 192 2.41 -22.46 -8.57
N ASP U 193 1.46 -23.25 -8.06
CA ASP U 193 1.32 -24.64 -8.46
C ASP U 193 0.98 -24.75 -9.95
N LEU U 194 1.17 -25.95 -10.48
CA LEU U 194 0.90 -26.25 -11.88
C LEU U 194 -0.55 -26.60 -12.15
N PHE U 195 -1.43 -26.45 -11.16
CA PHE U 195 -2.83 -26.85 -11.26
C PHE U 195 -3.69 -25.63 -11.59
N VAL U 196 -4.73 -25.86 -12.40
CA VAL U 196 -5.66 -24.79 -12.73
C VAL U 196 -6.30 -24.22 -11.46
N GLN U 197 -6.64 -25.08 -10.52
CA GLN U 197 -7.16 -24.64 -9.23
C GLN U 197 -6.00 -24.17 -8.36
N ASN U 198 -6.32 -23.77 -7.13
CA ASN U 198 -5.32 -23.37 -6.14
C ASN U 198 -5.14 -24.56 -5.20
N CYS U 199 -4.16 -25.41 -5.54
CA CYS U 199 -3.96 -26.64 -4.77
C CYS U 199 -3.62 -26.36 -3.32
N ALA U 200 -2.96 -25.23 -3.05
CA ALA U 200 -2.71 -24.84 -1.66
C ALA U 200 -4.03 -24.60 -0.93
N ALA U 201 -5.00 -23.97 -1.60
CA ALA U 201 -6.29 -23.71 -0.98
C ALA U 201 -7.08 -25.00 -0.80
N LEU U 202 -7.07 -25.87 -1.81
CA LEU U 202 -7.83 -27.11 -1.72
C LEU U 202 -7.25 -28.06 -0.68
N SER U 203 -5.94 -27.99 -0.44
CA SER U 203 -5.26 -28.90 0.49
C SER U 203 -5.17 -28.34 1.90
N SER U 204 -5.64 -27.12 2.13
CA SER U 204 -5.63 -26.51 3.47
C SER U 204 -4.22 -26.49 4.06
N GLY U 205 -3.27 -26.08 3.24
CA GLY U 205 -1.90 -25.99 3.70
C GLY U 205 -1.04 -25.28 2.67
N ALA U 206 0.27 -25.32 2.92
CA ALA U 206 1.26 -24.70 2.05
C ALA U 206 2.38 -25.69 1.77
N PHE U 207 2.81 -25.75 0.52
CA PHE U 207 3.84 -26.68 0.10
C PHE U 207 4.29 -26.30 -1.29
N TRP U 208 5.39 -26.92 -1.73
CA TRP U 208 5.88 -26.77 -3.10
C TRP U 208 5.03 -27.66 -3.99
N PHE U 209 3.87 -27.14 -4.36
CA PHE U 209 2.86 -27.93 -5.04
C PHE U 209 3.11 -28.00 -6.54
N ARG U 210 2.70 -29.12 -7.13
CA ARG U 210 2.79 -29.38 -8.57
C ARG U 210 1.36 -29.39 -9.13
N SER U 211 0.95 -30.45 -9.84
CA SER U 211 -0.48 -30.64 -10.08
C SER U 211 -1.22 -30.75 -8.77
N CYS U 212 -0.66 -31.50 -7.82
CA CYS U 212 -1.01 -31.44 -6.40
C CYS U 212 -0.04 -32.38 -5.68
N HIS U 213 -0.02 -32.28 -4.36
CA HIS U 213 1.02 -32.88 -3.56
C HIS U 213 0.95 -34.40 -3.53
N PHE U 214 2.10 -35.01 -3.26
CA PHE U 214 2.19 -36.31 -2.61
C PHE U 214 2.55 -36.20 -1.12
N ALA U 215 2.97 -35.01 -0.67
CA ALA U 215 3.24 -34.78 0.75
C ALA U 215 2.71 -33.40 1.10
N ASN U 216 1.82 -33.33 2.08
CA ASN U 216 1.23 -32.08 2.55
C ASN U 216 1.48 -31.95 4.04
N LEU U 217 2.74 -31.82 4.44
CA LEU U 217 3.09 -31.78 5.85
C LEU U 217 2.65 -30.50 6.56
N ASN U 218 2.02 -29.55 5.85
CA ASN U 218 1.45 -28.34 6.44
C ASN U 218 -0.08 -28.33 6.34
N GLY U 219 -0.69 -29.47 6.08
CA GLY U 219 -2.14 -29.56 6.00
C GLY U 219 -2.79 -29.38 7.35
N PHE U 220 -4.12 -29.49 7.35
CA PHE U 220 -4.89 -29.32 8.56
C PHE U 220 -4.76 -30.55 9.45
N TYR U 221 -4.64 -30.32 10.75
CA TYR U 221 -4.38 -31.40 11.71
C TYR U 221 -5.72 -32.03 12.05
N LEU U 222 -6.12 -32.98 11.21
CA LEU U 222 -7.40 -33.67 11.32
C LEU U 222 -7.37 -34.84 12.29
N GLY U 223 -6.21 -35.17 12.85
CA GLY U 223 -6.12 -36.14 13.92
C GLY U 223 -6.65 -37.54 13.63
N GLY U 224 -6.02 -38.25 12.69
CA GLY U 224 -6.36 -39.61 12.36
C GLY U 224 -6.76 -39.75 10.90
N SER U 225 -7.74 -40.62 10.65
CA SER U 225 -8.26 -40.83 9.30
C SER U 225 -9.31 -39.78 8.98
N HIS U 226 -9.41 -39.47 7.69
CA HIS U 226 -10.37 -38.48 7.21
C HIS U 226 -10.87 -38.91 5.84
N LEU U 227 -12.15 -38.67 5.58
CA LEU U 227 -12.77 -39.08 4.33
C LEU U 227 -12.51 -38.08 3.21
N SER U 228 -12.08 -36.86 3.54
CA SER U 228 -11.71 -35.87 2.53
C SER U 228 -10.36 -36.21 1.91
N TYR U 229 -10.13 -35.67 0.71
CA TYR U 229 -9.04 -36.08 -0.14
C TYR U 229 -7.86 -35.11 -0.02
N ALA U 230 -6.76 -35.60 0.53
CA ALA U 230 -5.45 -34.98 0.34
C ALA U 230 -5.41 -33.56 0.90
N ASN U 231 -5.97 -33.40 2.11
CA ASN U 231 -6.03 -32.11 2.78
C ASN U 231 -5.42 -32.07 4.17
N GLY U 232 -5.13 -33.23 4.77
CA GLY U 232 -4.48 -33.27 6.07
C GLY U 232 -2.97 -33.38 5.97
N ILE U 233 -2.34 -33.42 7.14
CA ILE U 233 -0.91 -33.72 7.18
C ILE U 233 -0.75 -35.13 6.64
N ASN U 234 -0.38 -35.23 5.36
CA ASN U 234 -0.35 -36.49 4.62
C ASN U 234 1.03 -36.72 4.02
N TRP U 235 1.55 -37.92 4.23
CA TRP U 235 2.68 -38.45 3.49
C TRP U 235 2.13 -39.61 2.66
N ALA U 236 1.99 -39.39 1.35
CA ALA U 236 1.27 -40.33 0.49
C ALA U 236 1.86 -41.73 0.56
N GLN U 237 3.18 -41.84 0.41
CA GLN U 237 3.78 -43.16 0.25
C GLN U 237 3.78 -43.96 1.54
N TRP U 238 3.61 -43.33 2.71
CA TRP U 238 3.63 -44.06 3.97
C TRP U 238 2.22 -44.41 4.44
N LYS U 239 1.34 -43.40 4.56
CA LYS U 239 -0.02 -43.63 5.05
C LYS U 239 -1.08 -43.04 4.12
N GLY U 240 -0.74 -42.78 2.87
CA GLY U 240 -1.75 -42.45 1.90
C GLY U 240 -2.33 -41.07 2.07
N PHE U 241 -3.36 -40.80 1.27
CA PHE U 241 -4.01 -39.50 1.22
C PHE U 241 -5.15 -39.34 2.23
N TYR U 242 -5.64 -40.44 2.83
CA TYR U 242 -6.76 -40.38 3.75
C TYR U 242 -6.34 -40.63 5.21
N TYR U 243 -5.09 -40.30 5.56
CA TYR U 243 -4.62 -40.48 6.93
C TYR U 243 -3.79 -39.26 7.31
N SER U 244 -4.13 -38.67 8.45
CA SER U 244 -3.48 -37.47 8.97
C SER U 244 -2.54 -37.88 10.11
N LEU U 245 -1.25 -37.55 9.98
CA LEU U 245 -0.26 -37.96 10.96
C LEU U 245 -0.53 -37.29 12.32
N LYS U 246 0.22 -37.74 13.33
CA LYS U 246 0.17 -37.13 14.66
C LYS U 246 1.33 -36.19 14.90
N ARG U 247 2.54 -36.57 14.50
CA ARG U 247 3.73 -35.75 14.68
C ARG U 247 4.49 -35.67 13.37
N THR U 248 5.19 -34.56 13.18
CA THR U 248 5.85 -34.28 11.92
C THR U 248 6.93 -33.23 12.17
N GLU U 249 8.12 -33.46 11.62
CA GLU U 249 9.19 -32.49 11.76
C GLU U 249 10.23 -32.75 10.69
N MET U 250 10.73 -31.67 10.08
CA MET U 250 11.66 -31.73 8.96
C MET U 250 12.98 -31.11 9.39
N LYS U 251 14.04 -31.91 9.34
CA LYS U 251 15.34 -31.61 9.94
C LYS U 251 16.38 -31.37 8.85
N ILE U 252 17.42 -30.60 9.17
CA ILE U 252 18.46 -30.21 8.21
C ILE U 252 19.83 -30.29 8.90
N ARG U 253 20.84 -30.77 8.15
CA ARG U 253 22.19 -30.95 8.68
C ARG U 253 23.21 -30.59 7.60
N ARG U 254 24.42 -30.25 8.02
CA ARG U 254 25.48 -29.89 7.07
C ARG U 254 25.89 -31.09 6.24
N ALA U 255 25.89 -30.89 4.91
CA ALA U 255 26.33 -31.84 3.87
C ALA U 255 26.40 -33.32 4.25
N GLN V 1 61.80 -7.89 7.44
CA GLN V 1 61.50 -7.47 6.05
C GLN V 1 60.96 -8.66 5.23
N MET V 2 60.27 -8.36 4.13
CA MET V 2 59.71 -9.39 3.27
C MET V 2 60.80 -10.26 2.65
N GLN V 3 60.91 -11.50 3.12
CA GLN V 3 61.97 -12.40 2.70
C GLN V 3 61.42 -13.82 2.57
N LEU V 4 61.97 -14.56 1.62
CA LEU V 4 61.67 -15.97 1.42
C LEU V 4 62.97 -16.73 1.60
N VAL V 5 62.99 -17.65 2.56
CA VAL V 5 64.19 -18.42 2.93
C VAL V 5 64.00 -19.84 2.44
N GLN V 6 64.74 -20.20 1.40
CA GLN V 6 64.68 -21.53 0.83
C GLN V 6 65.60 -22.49 1.58
N SER V 7 65.44 -23.77 1.29
CA SER V 7 66.27 -24.83 1.85
C SER V 7 67.64 -24.84 1.18
N GLY V 8 68.60 -25.49 1.82
CA GLY V 8 69.92 -25.65 1.27
C GLY V 8 69.94 -26.57 0.07
N PRO V 9 71.08 -26.65 -0.63
CA PRO V 9 71.15 -27.49 -1.83
C PRO V 9 71.14 -28.97 -1.47
N GLU V 10 70.73 -29.77 -2.45
CA GLU V 10 70.67 -31.22 -2.30
C GLU V 10 71.21 -31.87 -3.57
N VAL V 11 71.86 -33.02 -3.38
CA VAL V 11 72.37 -33.85 -4.47
C VAL V 11 71.61 -35.16 -4.42
N LYS V 12 71.00 -35.54 -5.54
CA LYS V 12 70.12 -36.69 -5.61
C LYS V 12 70.53 -37.56 -6.80
N LYS V 13 70.28 -38.86 -6.69
CA LYS V 13 70.52 -39.76 -7.80
C LYS V 13 69.30 -39.75 -8.73
N PRO V 14 69.46 -40.19 -9.98
CA PRO V 14 68.31 -40.21 -10.89
C PRO V 14 67.21 -41.14 -10.40
N GLY V 15 65.97 -40.71 -10.61
CA GLY V 15 64.80 -41.47 -10.20
C GLY V 15 64.31 -41.22 -8.79
N THR V 16 65.12 -40.61 -7.94
CA THR V 16 64.72 -40.34 -6.56
C THR V 16 63.85 -39.09 -6.50
N SER V 17 63.44 -38.72 -5.29
CA SER V 17 62.61 -37.55 -5.03
C SER V 17 63.37 -36.56 -4.16
N VAL V 18 63.08 -35.28 -4.38
CA VAL V 18 63.64 -34.18 -3.60
C VAL V 18 62.49 -33.34 -3.08
N LYS V 19 62.66 -32.78 -1.88
CA LYS V 19 61.65 -31.95 -1.23
C LYS V 19 62.29 -30.65 -0.79
N VAL V 20 61.85 -29.54 -1.40
CA VAL V 20 62.43 -28.22 -1.19
C VAL V 20 61.45 -27.40 -0.35
N SER V 21 61.95 -26.80 0.72
CA SER V 21 61.16 -25.94 1.57
C SER V 21 61.48 -24.48 1.27
N CYS V 22 60.55 -23.61 1.64
CA CYS V 22 60.66 -22.17 1.41
C CYS V 22 59.82 -21.45 2.45
N LYS V 23 60.47 -20.83 3.42
CA LYS V 23 59.80 -20.20 4.54
C LYS V 23 59.67 -18.71 4.31
N ALA V 24 58.51 -18.18 4.68
CA ALA V 24 58.15 -16.79 4.44
C ALA V 24 58.19 -16.00 5.74
N SER V 25 58.60 -14.74 5.65
CA SER V 25 58.62 -13.85 6.79
C SER V 25 58.45 -12.43 6.28
N GLY V 26 57.87 -11.57 7.11
CA GLY V 26 57.66 -10.19 6.76
C GLY V 26 56.32 -9.88 6.10
N PHE V 27 55.50 -10.90 5.85
CA PHE V 27 54.18 -10.69 5.27
C PHE V 27 53.28 -11.84 5.68
N THR V 28 51.98 -11.57 5.73
CA THR V 28 51.01 -12.60 6.06
C THR V 28 51.09 -13.67 5.00
N PHE V 29 51.51 -14.88 5.39
CA PHE V 29 51.76 -15.94 4.42
C PHE V 29 50.48 -16.37 3.72
N THR V 30 49.34 -16.30 4.39
CA THR V 30 48.09 -16.81 3.85
C THR V 30 47.45 -15.89 2.81
N SER V 31 47.93 -14.66 2.65
CA SER V 31 47.25 -13.70 1.80
C SER V 31 47.65 -13.77 0.34
N TYR V 32 48.90 -14.15 0.05
CA TYR V 32 49.44 -14.07 -1.30
C TYR V 32 49.63 -15.46 -1.89
N TRP V 33 49.51 -15.53 -3.22
CA TRP V 33 49.79 -16.77 -3.93
C TRP V 33 51.29 -17.01 -3.98
N MET V 34 51.67 -18.29 -4.04
CA MET V 34 53.08 -18.71 -4.08
C MET V 34 53.36 -19.47 -5.36
N HIS V 35 54.41 -19.05 -6.05
CA HIS V 35 54.82 -19.62 -7.33
C HIS V 35 56.18 -20.29 -7.17
N TRP V 36 56.43 -21.27 -8.03
CA TRP V 36 57.69 -22.00 -8.06
C TRP V 36 58.25 -21.93 -9.47
N VAL V 37 59.51 -21.54 -9.58
CA VAL V 37 60.18 -21.34 -10.86
C VAL V 37 61.57 -21.94 -10.76
N ARG V 38 62.03 -22.56 -11.85
CA ARG V 38 63.37 -23.10 -11.94
C ARG V 38 64.10 -22.42 -13.09
N GLN V 39 65.41 -22.24 -12.92
CA GLN V 39 66.26 -21.60 -13.91
C GLN V 39 67.41 -22.55 -14.20
N ALA V 40 67.30 -23.32 -15.29
CA ALA V 40 68.45 -24.07 -15.78
C ALA V 40 69.54 -23.09 -16.19
N ARG V 41 70.79 -23.44 -15.88
CA ARG V 41 71.92 -22.54 -16.12
C ARG V 41 72.01 -22.17 -17.60
N GLY V 42 72.07 -20.87 -17.86
CA GLY V 42 72.20 -20.39 -19.23
C GLY V 42 71.06 -20.82 -20.14
N GLN V 43 69.85 -20.88 -19.62
CA GLN V 43 68.71 -21.38 -20.36
C GLN V 43 67.46 -20.64 -19.92
N ARG V 44 66.35 -20.94 -20.59
CA ARG V 44 65.11 -20.24 -20.36
C ARG V 44 64.43 -20.74 -19.09
N LEU V 45 63.93 -19.80 -18.30
CA LEU V 45 63.31 -20.13 -17.02
C LEU V 45 62.01 -20.89 -17.24
N GLU V 46 61.71 -21.82 -16.33
CA GLU V 46 60.50 -22.63 -16.40
C GLU V 46 59.66 -22.45 -15.15
N TRP V 47 58.38 -22.12 -15.35
CA TRP V 47 57.43 -21.94 -14.26
C TRP V 47 56.86 -23.30 -13.85
N ILE V 48 57.05 -23.66 -12.58
CA ILE V 48 56.62 -24.96 -12.09
C ILE V 48 55.11 -24.97 -11.89
N GLY V 49 54.63 -24.16 -10.94
CA GLY V 49 53.22 -24.16 -10.62
C GLY V 49 52.93 -23.10 -9.57
N VAL V 50 51.72 -23.16 -9.01
CA VAL V 50 51.26 -22.18 -8.04
C VAL V 50 50.48 -22.90 -6.95
N ILE V 51 50.49 -22.32 -5.75
CA ILE V 51 49.68 -22.79 -4.64
C ILE V 51 49.37 -21.58 -3.77
N HIS V 52 48.14 -21.56 -3.21
CA HIS V 52 47.77 -20.53 -2.23
C HIS V 52 47.78 -21.16 -0.85
N PRO V 53 48.45 -20.58 0.16
CA PRO V 53 48.49 -21.29 1.44
C PRO V 53 47.15 -21.36 2.16
N ASN V 54 46.32 -20.33 2.05
CA ASN V 54 45.10 -20.30 2.84
C ASN V 54 44.12 -21.38 2.39
N SER V 55 43.88 -21.51 1.08
CA SER V 55 42.92 -22.47 0.57
C SER V 55 43.54 -23.81 0.23
N GLY V 56 44.82 -23.82 -0.12
CA GLY V 56 45.46 -25.04 -0.58
C GLY V 56 45.21 -25.36 -2.03
N ASN V 57 44.42 -24.56 -2.74
CA ASN V 57 44.23 -24.76 -4.16
C ASN V 57 45.57 -24.65 -4.88
N THR V 58 45.73 -25.44 -5.93
CA THR V 58 46.98 -25.52 -6.67
C THR V 58 46.70 -25.40 -8.16
N LYS V 59 47.69 -24.90 -8.89
CA LYS V 59 47.63 -24.99 -10.35
C LYS V 59 49.04 -25.19 -10.90
N TYR V 60 49.25 -26.33 -11.56
CA TYR V 60 50.55 -26.79 -12.04
C TYR V 60 50.69 -26.55 -13.54
N ASN V 61 51.94 -26.60 -14.00
CA ASN V 61 52.22 -26.67 -15.43
C ASN V 61 51.91 -28.06 -15.95
N GLU V 62 51.46 -28.13 -17.20
CA GLU V 62 50.98 -29.39 -17.76
C GLU V 62 52.08 -30.44 -17.76
N LYS V 63 53.31 -30.05 -18.12
CA LYS V 63 54.38 -31.02 -18.28
C LYS V 63 54.91 -31.55 -16.96
N PHE V 64 54.68 -30.84 -15.84
CA PHE V 64 55.19 -31.27 -14.54
C PHE V 64 54.14 -32.00 -13.69
N ARG V 65 52.88 -32.05 -14.11
CA ARG V 65 51.88 -32.81 -13.37
C ARG V 65 52.31 -34.27 -13.23
N SER V 66 51.89 -34.87 -12.10
CA SER V 66 52.19 -36.25 -11.72
C SER V 66 53.57 -36.39 -11.08
N ARG V 67 54.49 -35.49 -11.41
CA ARG V 67 55.85 -35.51 -10.87
C ARG V 67 56.02 -34.60 -9.68
N VAL V 68 55.49 -33.37 -9.74
CA VAL V 68 55.64 -32.39 -8.67
C VAL V 68 54.34 -32.29 -7.90
N THR V 69 54.44 -32.13 -6.58
CA THR V 69 53.29 -31.93 -5.71
C THR V 69 53.65 -30.86 -4.69
N MET V 70 52.76 -29.89 -4.50
CA MET V 70 52.99 -28.74 -3.64
C MET V 70 52.10 -28.82 -2.41
N THR V 71 52.67 -28.44 -1.27
CA THR V 71 51.97 -28.40 0.00
C THR V 71 52.36 -27.12 0.72
N THR V 72 51.64 -26.81 1.80
CA THR V 72 51.91 -25.62 2.61
C THR V 72 51.66 -25.92 4.08
N ASP V 73 52.58 -25.45 4.93
CA ASP V 73 52.42 -25.52 6.38
C ASP V 73 52.03 -24.11 6.86
N THR V 74 50.77 -23.96 7.26
CA THR V 74 50.27 -22.64 7.64
C THR V 74 50.88 -22.18 8.97
N SER V 75 51.11 -23.10 9.89
CA SER V 75 51.62 -22.73 11.21
C SER V 75 53.02 -22.14 11.14
N THR V 76 53.89 -22.73 10.33
CA THR V 76 55.28 -22.30 10.22
C THR V 76 55.53 -21.32 9.08
N SER V 77 54.49 -20.95 8.34
CA SER V 77 54.61 -20.02 7.22
C SER V 77 55.60 -20.53 6.17
N THR V 78 55.56 -21.84 5.92
CA THR V 78 56.49 -22.49 5.00
C THR V 78 55.73 -23.12 3.84
N ALA V 79 56.33 -23.03 2.65
CA ALA V 79 55.82 -23.63 1.43
C ALA V 79 56.81 -24.69 0.96
N TYR V 80 56.29 -25.86 0.60
CA TYR V 80 57.12 -26.97 0.18
C TYR V 80 56.82 -27.31 -1.28
N MET V 81 57.86 -27.76 -1.99
CA MET V 81 57.76 -28.23 -3.36
C MET V 81 58.60 -29.50 -3.45
N GLU V 82 58.02 -30.53 -4.05
CA GLU V 82 58.65 -31.84 -4.09
C GLU V 82 58.48 -32.43 -5.48
N LEU V 83 59.60 -32.77 -6.12
CA LEU V 83 59.60 -33.41 -7.44
C LEU V 83 59.86 -34.90 -7.25
N ARG V 84 58.89 -35.73 -7.65
CA ARG V 84 58.88 -37.13 -7.24
C ARG V 84 59.95 -37.94 -7.95
N SER V 85 59.85 -38.05 -9.28
CA SER V 85 60.79 -38.83 -10.09
C SER V 85 61.74 -37.85 -10.78
N LEU V 86 63.03 -37.96 -10.48
CA LEU V 86 64.01 -37.02 -10.98
C LEU V 86 64.64 -37.52 -12.27
N ARG V 87 65.19 -36.56 -13.02
CA ARG V 87 65.70 -36.77 -14.37
C ARG V 87 66.94 -35.92 -14.53
N SER V 88 67.93 -36.45 -15.25
CA SER V 88 69.25 -35.81 -15.34
C SER V 88 69.17 -34.35 -15.80
N ASP V 89 68.19 -34.02 -16.65
CA ASP V 89 68.05 -32.65 -17.14
C ASP V 89 67.42 -31.70 -16.11
N ASP V 90 66.84 -32.21 -15.04
CA ASP V 90 66.21 -31.34 -14.04
C ASP V 90 67.21 -30.52 -13.22
N THR V 91 68.52 -30.77 -13.36
CA THR V 91 69.56 -29.98 -12.71
C THR V 91 69.37 -28.49 -13.03
N ALA V 92 69.01 -27.72 -12.02
CA ALA V 92 68.75 -26.29 -12.19
C ALA V 92 68.61 -25.66 -10.81
N VAL V 93 68.47 -24.33 -10.79
CA VAL V 93 68.26 -23.56 -9.58
C VAL V 93 66.76 -23.34 -9.42
N TYR V 94 66.22 -23.72 -8.27
CA TYR V 94 64.78 -23.68 -8.01
C TYR V 94 64.47 -22.51 -7.08
N TYR V 95 63.56 -21.64 -7.52
CA TYR V 95 63.14 -20.48 -6.74
C TYR V 95 61.68 -20.59 -6.34
N CYS V 96 61.38 -20.02 -5.17
CA CYS V 96 60.03 -19.76 -4.71
C CYS V 96 59.79 -18.26 -4.75
N ALA V 97 58.67 -17.85 -5.34
CA ALA V 97 58.39 -16.45 -5.59
C ALA V 97 56.93 -16.15 -5.30
N ARG V 98 56.70 -14.94 -4.79
CA ARG V 98 55.38 -14.48 -4.38
C ARG V 98 54.76 -13.62 -5.47
N GLU V 99 53.51 -13.91 -5.81
CA GLU V 99 52.73 -13.09 -6.72
C GLU V 99 52.14 -11.91 -5.94
N MET V 100 52.55 -10.70 -6.31
CA MET V 100 51.92 -9.53 -5.71
C MET V 100 50.47 -9.42 -6.18
N TRP V 101 49.68 -8.68 -5.41
CA TRP V 101 48.35 -8.29 -5.85
C TRP V 101 48.41 -6.87 -6.42
N ASN V 102 47.58 -6.60 -7.42
CA ASN V 102 47.63 -5.30 -8.07
C ASN V 102 46.44 -5.03 -8.99
N TYR V 103 45.21 -5.17 -8.48
CA TYR V 103 43.99 -4.64 -9.10
C TYR V 103 43.92 -4.93 -10.61
N GLY V 104 44.29 -6.13 -11.01
CA GLY V 104 44.26 -6.44 -12.41
C GLY V 104 44.89 -7.77 -12.72
N ASN V 105 45.78 -7.79 -13.72
CA ASN V 105 46.29 -9.07 -14.18
C ASN V 105 47.08 -9.75 -13.08
N SER V 106 47.84 -8.97 -12.31
CA SER V 106 48.71 -9.52 -11.28
C SER V 106 49.61 -10.56 -11.92
N TRP V 107 49.79 -11.72 -11.31
CA TRP V 107 50.48 -12.84 -11.95
C TRP V 107 51.93 -12.50 -12.32
N TYR V 108 52.55 -11.57 -11.58
CA TYR V 108 53.96 -11.26 -11.71
C TYR V 108 54.58 -11.21 -10.32
N PHE V 109 55.85 -11.60 -10.25
CA PHE V 109 56.49 -12.02 -9.01
C PHE V 109 57.39 -10.89 -8.53
N ASP V 110 57.06 -10.32 -7.36
CA ASP V 110 57.76 -9.14 -6.87
C ASP V 110 58.88 -9.43 -5.89
N VAL V 111 58.83 -10.56 -5.20
CA VAL V 111 59.82 -10.92 -4.18
C VAL V 111 60.11 -12.40 -4.34
N TRP V 112 61.39 -12.74 -4.35
CA TRP V 112 61.87 -14.08 -4.67
C TRP V 112 62.62 -14.63 -3.47
N GLY V 113 62.83 -15.94 -3.48
CA GLY V 113 63.71 -16.53 -2.51
C GLY V 113 65.14 -16.17 -2.84
N GLN V 114 66.03 -17.17 -2.85
CA GLN V 114 67.40 -16.89 -3.28
C GLN V 114 68.06 -18.14 -3.86
N GLY V 115 67.28 -19.09 -4.39
CA GLY V 115 67.81 -20.21 -5.12
C GLY V 115 68.13 -21.41 -4.28
N THR V 116 67.75 -22.60 -4.77
CA THR V 116 68.13 -23.89 -4.20
C THR V 116 68.74 -24.69 -5.36
N THR V 117 70.06 -24.62 -5.51
CA THR V 117 70.73 -25.35 -6.58
C THR V 117 70.60 -26.85 -6.34
N VAL V 118 69.89 -27.53 -7.24
CA VAL V 118 69.66 -28.96 -7.15
C VAL V 118 70.44 -29.64 -8.26
N THR V 119 71.26 -30.63 -7.89
CA THR V 119 72.06 -31.40 -8.84
C THR V 119 71.60 -32.85 -8.82
N VAL V 120 71.27 -33.37 -10.00
CA VAL V 120 70.84 -34.76 -10.18
C VAL V 120 71.80 -35.42 -11.15
N SER V 121 72.42 -36.51 -10.73
CA SER V 121 73.39 -37.22 -11.56
C SER V 121 73.73 -38.55 -10.88
N SER V 122 74.09 -39.52 -11.71
CA SER V 122 74.55 -40.82 -11.23
C SER V 122 76.03 -40.83 -10.84
N ALA V 123 76.76 -39.74 -11.07
CA ALA V 123 78.18 -39.70 -10.73
C ALA V 123 78.37 -39.68 -9.22
N SER V 124 79.52 -40.20 -8.80
CA SER V 124 79.89 -40.25 -7.38
C SER V 124 80.86 -39.14 -7.03
N THR V 125 80.85 -38.77 -5.74
CA THR V 125 81.71 -37.71 -5.24
C THR V 125 83.18 -38.14 -5.30
N LYS V 126 84.02 -37.31 -5.94
CA LYS V 126 85.43 -37.59 -6.12
C LYS V 126 86.24 -36.33 -5.87
N GLY V 127 87.44 -36.51 -5.31
CA GLY V 127 88.32 -35.40 -5.01
C GLY V 127 89.12 -34.95 -6.22
N PRO V 128 89.67 -33.73 -6.18
CA PRO V 128 90.39 -33.21 -7.34
C PRO V 128 91.83 -33.70 -7.41
N SER V 129 92.40 -33.58 -8.60
CA SER V 129 93.83 -33.76 -8.85
C SER V 129 94.38 -32.44 -9.36
N VAL V 130 95.28 -31.84 -8.59
CA VAL V 130 95.80 -30.51 -8.89
C VAL V 130 97.11 -30.68 -9.66
N PHE V 131 97.26 -29.92 -10.75
CA PHE V 131 98.44 -29.97 -11.60
C PHE V 131 98.98 -28.56 -11.81
N PRO V 132 100.30 -28.35 -11.72
CA PRO V 132 100.82 -27.00 -11.91
C PRO V 132 100.92 -26.61 -13.37
N LEU V 133 100.77 -25.30 -13.60
CA LEU V 133 100.97 -24.68 -14.92
C LEU V 133 102.21 -23.80 -14.78
N ALA V 134 103.38 -24.39 -15.00
CA ALA V 134 104.63 -23.72 -14.69
C ALA V 134 104.87 -22.55 -15.64
N PRO V 135 105.49 -21.47 -15.17
CA PRO V 135 105.90 -20.41 -16.08
C PRO V 135 107.24 -20.73 -16.73
N SER V 136 107.46 -20.10 -17.89
CA SER V 136 108.68 -20.30 -18.65
C SER V 136 109.12 -18.96 -19.24
N SER V 137 110.38 -18.92 -19.68
CA SER V 137 110.87 -17.75 -20.41
C SER V 137 110.18 -17.59 -21.76
N LYS V 138 109.60 -18.67 -22.29
CA LYS V 138 108.92 -18.63 -23.58
C LYS V 138 107.50 -18.10 -23.42
N SER V 139 106.87 -18.34 -22.27
CA SER V 139 105.59 -17.77 -21.92
C SER V 139 105.72 -16.41 -21.22
N THR V 140 106.89 -15.78 -21.29
CA THR V 140 107.14 -14.48 -20.67
C THR V 140 107.02 -13.39 -21.74
N SER V 141 106.13 -12.43 -21.50
CA SER V 141 105.93 -11.28 -22.38
C SER V 141 106.49 -10.04 -21.69
N GLY V 142 107.68 -9.62 -22.11
CA GLY V 142 108.35 -8.49 -21.49
C GLY V 142 108.81 -8.78 -20.09
N GLY V 143 108.26 -8.05 -19.11
CA GLY V 143 108.59 -8.21 -17.71
C GLY V 143 107.53 -8.89 -16.88
N THR V 144 106.46 -9.42 -17.49
CA THR V 144 105.37 -10.07 -16.78
C THR V 144 105.16 -11.46 -17.36
N ALA V 145 105.22 -12.48 -16.51
CA ALA V 145 104.96 -13.86 -16.87
C ALA V 145 103.71 -14.35 -16.13
N ALA V 146 103.21 -15.50 -16.55
CA ALA V 146 101.97 -16.06 -16.02
C ALA V 146 102.20 -17.49 -15.56
N LEU V 147 101.50 -17.87 -14.49
CA LEU V 147 101.50 -19.22 -13.98
C LEU V 147 100.09 -19.54 -13.46
N GLY V 148 99.85 -20.81 -13.17
CA GLY V 148 98.52 -21.20 -12.72
C GLY V 148 98.49 -22.61 -12.19
N CYS V 149 97.28 -23.02 -11.80
CA CYS V 149 96.99 -24.37 -11.33
C CYS V 149 95.82 -24.92 -12.11
N LEU V 150 95.85 -26.23 -12.39
CA LEU V 150 94.79 -26.94 -13.09
C LEU V 150 94.10 -27.88 -12.11
N VAL V 151 92.90 -27.50 -11.66
CA VAL V 151 92.09 -28.31 -10.76
C VAL V 151 91.20 -29.19 -11.63
N LYS V 152 91.59 -30.45 -11.82
CA LYS V 152 90.97 -31.34 -12.78
C LYS V 152 90.26 -32.50 -12.09
N ASP V 153 89.16 -32.93 -12.70
CA ASP V 153 88.42 -34.13 -12.28
C ASP V 153 87.97 -34.09 -10.84
N TYR V 154 86.82 -33.47 -10.58
CA TYR V 154 86.24 -33.45 -9.24
C TYR V 154 84.72 -33.42 -9.38
N PHE V 155 84.04 -33.96 -8.38
CA PHE V 155 82.59 -33.96 -8.36
C PHE V 155 82.11 -33.98 -6.91
N PRO V 156 81.06 -33.23 -6.55
CA PRO V 156 80.27 -32.23 -7.29
C PRO V 156 80.86 -30.84 -7.08
N GLU V 157 80.26 -29.80 -7.66
CA GLU V 157 80.66 -28.44 -7.33
C GLU V 157 80.43 -28.21 -5.83
N PRO V 158 81.08 -27.21 -5.22
CA PRO V 158 82.12 -26.27 -5.69
C PRO V 158 83.50 -26.54 -5.09
N VAL V 159 84.53 -25.94 -5.70
CA VAL V 159 85.89 -25.97 -5.20
C VAL V 159 86.37 -24.52 -5.12
N THR V 160 87.19 -24.24 -4.10
CA THR V 160 87.70 -22.90 -3.84
C THR V 160 89.21 -22.90 -4.05
N VAL V 161 89.70 -21.92 -4.83
CA VAL V 161 91.11 -21.79 -5.15
C VAL V 161 91.58 -20.43 -4.63
N SER V 162 92.73 -20.43 -3.95
CA SER V 162 93.34 -19.22 -3.44
C SER V 162 94.85 -19.35 -3.55
N TRP V 163 95.51 -18.21 -3.75
CA TRP V 163 96.95 -18.16 -3.97
C TRP V 163 97.64 -17.59 -2.74
N ASN V 164 98.62 -18.34 -2.21
CA ASN V 164 99.33 -17.96 -0.99
C ASN V 164 98.37 -17.73 0.17
N SER V 165 97.40 -18.63 0.32
CA SER V 165 96.40 -18.56 1.39
C SER V 165 95.60 -17.26 1.34
N GLY V 166 95.37 -16.75 0.12
CA GLY V 166 94.63 -15.52 -0.06
C GLY V 166 95.46 -14.25 -0.02
N ALA V 167 96.78 -14.36 0.24
CA ALA V 167 97.62 -13.18 0.30
C ALA V 167 97.85 -12.54 -1.05
N LEU V 168 97.65 -13.28 -2.15
CA LEU V 168 97.80 -12.78 -3.51
C LEU V 168 96.43 -12.74 -4.17
N THR V 169 96.04 -11.56 -4.64
CA THR V 169 94.75 -11.36 -5.28
C THR V 169 94.88 -10.58 -6.59
N SER V 170 95.82 -9.64 -6.64
CA SER V 170 96.00 -8.83 -7.83
C SER V 170 96.51 -9.68 -8.99
N GLY V 171 95.82 -9.59 -10.12
CA GLY V 171 96.18 -10.35 -11.31
C GLY V 171 95.61 -11.75 -11.37
N VAL V 172 94.91 -12.20 -10.33
CA VAL V 172 94.37 -13.56 -10.28
C VAL V 172 93.11 -13.64 -11.14
N HIS V 173 92.94 -14.77 -11.81
CA HIS V 173 91.72 -15.05 -12.59
C HIS V 173 91.42 -16.53 -12.43
N THR V 174 90.44 -16.85 -11.58
CA THR V 174 89.94 -18.21 -11.43
C THR V 174 88.77 -18.39 -12.39
N PHE V 175 88.90 -19.35 -13.36
CA PHE V 175 87.89 -19.42 -14.40
C PHE V 175 86.72 -20.31 -13.97
N PRO V 176 85.52 -20.09 -14.52
CA PRO V 176 84.40 -21.00 -14.23
C PRO V 176 84.72 -22.44 -14.63
N ALA V 177 84.21 -23.37 -13.82
CA ALA V 177 84.44 -24.78 -14.08
C ALA V 177 83.63 -25.25 -15.29
N VAL V 178 84.15 -26.29 -15.95
CA VAL V 178 83.52 -26.91 -17.10
C VAL V 178 83.17 -28.34 -16.72
N LEU V 179 82.02 -28.82 -17.20
CA LEU V 179 81.61 -30.22 -17.01
C LEU V 179 82.10 -31.03 -18.19
N GLN V 180 83.08 -31.90 -17.97
CA GLN V 180 83.63 -32.72 -19.02
C GLN V 180 82.71 -33.93 -19.27
N SER V 181 82.96 -34.62 -20.37
CA SER V 181 82.10 -35.74 -20.77
C SER V 181 82.12 -36.87 -19.74
N SER V 182 83.19 -36.98 -18.96
CA SER V 182 83.28 -38.03 -17.94
C SER V 182 82.36 -37.80 -16.74
N GLY V 183 81.66 -36.67 -16.67
CA GLY V 183 80.81 -36.37 -15.54
C GLY V 183 81.49 -35.64 -14.40
N LEU V 184 82.79 -35.38 -14.51
CA LEU V 184 83.57 -34.70 -13.48
C LEU V 184 83.90 -33.29 -13.97
N TYR V 185 84.05 -32.37 -13.03
CA TYR V 185 84.35 -30.97 -13.37
C TYR V 185 85.85 -30.74 -13.45
N SER V 186 86.23 -29.64 -14.11
CA SER V 186 87.62 -29.27 -14.27
C SER V 186 87.71 -27.77 -14.48
N LEU V 187 88.62 -27.12 -13.77
CA LEU V 187 88.87 -25.69 -13.94
C LEU V 187 90.36 -25.43 -13.85
N SER V 188 90.73 -24.18 -14.10
CA SER V 188 92.10 -23.72 -13.95
C SER V 188 92.09 -22.30 -13.39
N SER V 189 93.11 -21.98 -12.60
CA SER V 189 93.27 -20.67 -11.99
C SER V 189 94.68 -20.18 -12.27
N VAL V 190 94.79 -18.96 -12.80
CA VAL V 190 96.06 -18.37 -13.22
C VAL V 190 96.21 -17.02 -12.53
N VAL V 191 97.44 -16.50 -12.60
CA VAL V 191 97.75 -15.18 -12.07
C VAL V 191 98.98 -14.67 -12.80
N THR V 192 98.98 -13.37 -13.12
CA THR V 192 100.10 -12.72 -13.78
C THR V 192 101.02 -12.10 -12.73
N VAL V 193 102.31 -12.37 -12.86
CA VAL V 193 103.33 -11.87 -11.94
C VAL V 193 104.53 -11.38 -12.73
N PRO V 194 105.36 -10.51 -12.14
CA PRO V 194 106.59 -10.11 -12.84
C PRO V 194 107.53 -11.28 -13.03
N SER V 195 108.09 -11.39 -14.24
CA SER V 195 109.04 -12.45 -14.54
C SER V 195 110.30 -12.38 -13.68
N SER V 196 110.64 -11.19 -13.17
CA SER V 196 111.83 -11.04 -12.35
C SER V 196 111.65 -11.68 -10.97
N SER V 197 110.45 -11.59 -10.40
CA SER V 197 110.16 -12.06 -9.05
C SER V 197 110.05 -13.59 -8.96
N LEU V 198 110.23 -14.31 -10.05
CA LEU V 198 110.10 -15.76 -10.02
C LEU V 198 111.15 -16.41 -9.11
N GLY V 199 112.33 -15.81 -9.00
CA GLY V 199 113.40 -16.46 -8.26
C GLY V 199 113.21 -16.42 -6.75
N THR V 200 112.81 -15.27 -6.21
CA THR V 200 112.70 -15.10 -4.77
C THR V 200 111.35 -15.54 -4.23
N GLN V 201 110.25 -15.11 -4.87
CA GLN V 201 108.92 -15.34 -4.34
C GLN V 201 108.40 -16.73 -4.68
N THR V 202 107.76 -17.36 -3.71
CA THR V 202 107.10 -18.65 -3.88
C THR V 202 105.61 -18.47 -4.10
N TYR V 203 105.05 -19.23 -5.04
CA TYR V 203 103.65 -19.17 -5.42
C TYR V 203 102.99 -20.51 -5.17
N ILE V 204 101.94 -20.52 -4.36
CA ILE V 204 101.22 -21.73 -3.96
C ILE V 204 99.73 -21.48 -4.14
N CYS V 205 99.06 -22.37 -4.88
CA CYS V 205 97.61 -22.35 -4.99
C CYS V 205 97.01 -23.34 -4.00
N ASN V 206 95.97 -22.90 -3.29
CA ASN V 206 95.35 -23.68 -2.22
C ASN V 206 93.96 -24.10 -2.70
N VAL V 207 93.79 -25.40 -2.94
CA VAL V 207 92.53 -25.96 -3.42
C VAL V 207 91.84 -26.65 -2.26
N ASN V 208 90.55 -26.34 -2.07
CA ASN V 208 89.74 -26.93 -1.01
C ASN V 208 88.46 -27.45 -1.65
N HIS V 209 88.19 -28.74 -1.46
CA HIS V 209 87.00 -29.42 -1.99
C HIS V 209 86.24 -30.00 -0.80
N LYS V 210 85.29 -29.23 -0.29
CA LYS V 210 84.54 -29.57 0.91
C LYS V 210 83.63 -30.81 0.78
N PRO V 211 82.93 -31.04 -0.35
CA PRO V 211 82.09 -32.24 -0.44
C PRO V 211 82.80 -33.55 -0.14
N SER V 212 84.09 -33.69 -0.47
CA SER V 212 84.87 -34.87 -0.14
C SER V 212 85.87 -34.63 0.98
N ASN V 213 85.96 -33.42 1.52
CA ASN V 213 86.90 -33.06 2.59
C ASN V 213 88.34 -33.33 2.16
N THR V 214 88.79 -32.53 1.19
CA THR V 214 90.14 -32.60 0.65
C THR V 214 90.73 -31.19 0.66
N LYS V 215 91.80 -31.00 1.42
CA LYS V 215 92.58 -29.76 1.40
C LYS V 215 93.94 -30.06 0.78
N VAL V 216 94.27 -29.33 -0.28
CA VAL V 216 95.49 -29.54 -1.05
C VAL V 216 96.14 -28.19 -1.28
N ASP V 217 97.48 -28.15 -1.15
CA ASP V 217 98.29 -26.98 -1.44
C ASP V 217 99.35 -27.39 -2.45
N LYS V 218 99.41 -26.69 -3.59
CA LYS V 218 100.32 -27.02 -4.66
C LYS V 218 101.22 -25.83 -4.99
N LYS V 219 102.53 -26.08 -4.95
CA LYS V 219 103.54 -25.06 -5.26
C LYS V 219 103.88 -25.10 -6.74
N VAL V 220 104.25 -23.93 -7.27
CA VAL V 220 104.56 -23.76 -8.69
C VAL V 220 105.93 -23.09 -8.79
N GLU V 221 106.77 -23.60 -9.69
CA GLU V 221 108.10 -23.06 -9.91
C GLU V 221 108.37 -22.86 -11.41
N ASP W 1 53.72 -24.03 -26.60
CA ASP W 1 52.65 -23.01 -26.39
C ASP W 1 53.24 -21.70 -25.87
N ILE W 2 53.21 -20.67 -26.72
CA ILE W 2 53.56 -19.30 -26.35
C ILE W 2 55.05 -19.24 -26.04
N GLN W 3 55.89 -19.60 -27.02
CA GLN W 3 57.32 -19.43 -26.84
C GLN W 3 57.67 -17.94 -26.79
N MET W 4 58.74 -17.63 -26.08
CA MET W 4 59.26 -16.27 -25.94
C MET W 4 60.70 -16.27 -26.43
N THR W 5 61.01 -15.40 -27.38
CA THR W 5 62.35 -15.30 -27.97
C THR W 5 62.81 -13.86 -27.88
N GLN W 6 63.92 -13.65 -27.20
CA GLN W 6 64.48 -12.32 -26.97
C GLN W 6 65.53 -11.99 -28.02
N SER W 7 65.72 -10.69 -28.25
CA SER W 7 66.74 -10.23 -29.18
C SER W 7 67.27 -8.87 -28.71
N PRO W 8 68.58 -8.60 -28.84
CA PRO W 8 69.67 -9.45 -29.31
C PRO W 8 70.12 -10.44 -28.23
N SER W 9 70.78 -11.54 -28.65
CA SER W 9 71.25 -12.52 -27.69
C SER W 9 72.29 -11.93 -26.74
N SER W 10 73.14 -11.03 -27.24
CA SER W 10 74.12 -10.33 -26.42
C SER W 10 74.29 -8.92 -26.95
N LEU W 11 74.32 -7.95 -26.03
CA LEU W 11 74.46 -6.54 -26.37
C LEU W 11 75.53 -5.89 -25.51
N SER W 12 76.33 -5.03 -26.13
CA SER W 12 77.42 -4.33 -25.47
C SER W 12 77.23 -2.83 -25.69
N ALA W 13 77.16 -2.07 -24.60
CA ALA W 13 76.99 -0.63 -24.67
C ALA W 13 77.65 0.00 -23.45
N SER W 14 77.85 1.31 -23.51
CA SER W 14 78.56 2.05 -22.48
C SER W 14 77.58 2.82 -21.60
N VAL W 15 78.11 3.40 -20.52
CA VAL W 15 77.30 4.19 -19.61
C VAL W 15 76.76 5.42 -20.33
N GLY W 16 75.58 5.86 -19.92
CA GLY W 16 74.95 7.03 -20.48
C GLY W 16 74.22 6.83 -21.79
N ASP W 17 74.40 5.69 -22.45
CA ASP W 17 73.78 5.47 -23.75
C ASP W 17 72.31 5.08 -23.59
N ARG W 18 71.57 5.25 -24.67
CA ARG W 18 70.20 4.77 -24.75
C ARG W 18 70.23 3.36 -25.33
N VAL W 19 69.62 2.42 -24.62
CA VAL W 19 69.65 1.00 -24.96
C VAL W 19 68.22 0.50 -25.09
N THR W 20 68.02 -0.46 -25.99
CA THR W 20 66.71 -1.04 -26.25
C THR W 20 66.84 -2.56 -26.36
N ILE W 21 65.95 -3.27 -25.67
CA ILE W 21 65.86 -4.73 -25.72
C ILE W 21 64.46 -5.06 -26.19
N THR W 22 64.34 -6.14 -26.97
CA THR W 22 63.07 -6.56 -27.55
C THR W 22 62.76 -7.99 -27.14
N CYS W 23 61.50 -8.22 -26.74
CA CYS W 23 60.98 -9.55 -26.47
C CYS W 23 59.88 -9.85 -27.48
N ARG W 24 59.97 -11.02 -28.11
CA ARG W 24 59.04 -11.43 -29.16
C ARG W 24 58.16 -12.58 -28.69
N ALA W 25 56.92 -12.59 -29.19
CA ALA W 25 55.93 -13.61 -28.86
C ALA W 25 55.55 -14.41 -30.09
N SER W 26 55.41 -15.72 -29.91
CA SER W 26 55.00 -16.59 -31.02
C SER W 26 53.52 -16.39 -31.35
N LYS W 27 52.69 -16.21 -30.32
CA LYS W 27 51.25 -16.00 -30.47
C LYS W 27 50.85 -14.70 -29.78
N SER W 28 49.68 -14.19 -30.17
CA SER W 28 49.17 -12.94 -29.60
C SER W 28 49.04 -13.03 -28.09
N ILE W 29 49.69 -12.10 -27.40
CA ILE W 29 49.84 -12.15 -25.94
C ILE W 29 49.10 -11.01 -25.24
N SER W 30 48.59 -10.03 -25.99
CA SER W 30 47.85 -8.89 -25.43
C SER W 30 48.78 -7.95 -24.68
N LYS W 31 48.18 -7.02 -23.93
CA LYS W 31 48.93 -5.96 -23.26
C LYS W 31 49.91 -6.46 -22.22
N TYR W 32 49.77 -7.70 -21.75
CA TYR W 32 50.35 -8.11 -20.47
C TYR W 32 51.72 -8.76 -20.67
N LEU W 33 52.75 -8.10 -20.14
CA LEU W 33 54.11 -8.61 -20.12
C LEU W 33 54.84 -8.01 -18.93
N ALA W 34 55.91 -8.68 -18.48
CA ALA W 34 56.73 -8.18 -17.39
C ALA W 34 58.20 -8.49 -17.66
N TRP W 35 59.07 -7.65 -17.11
CA TRP W 35 60.51 -7.77 -17.25
C TRP W 35 61.15 -7.95 -15.88
N TYR W 36 62.29 -8.64 -15.86
CA TYR W 36 63.07 -8.85 -14.65
C TYR W 36 64.53 -8.48 -14.87
N GLN W 37 65.21 -8.23 -13.75
CA GLN W 37 66.64 -7.94 -13.73
C GLN W 37 67.29 -8.92 -12.77
N GLN W 38 68.10 -9.83 -13.32
CA GLN W 38 68.81 -10.84 -12.54
C GLN W 38 70.30 -10.51 -12.55
N LYS W 39 70.83 -10.21 -11.38
CA LYS W 39 72.27 -10.09 -11.18
C LYS W 39 72.88 -11.48 -11.06
N PRO W 40 74.20 -11.62 -11.24
CA PRO W 40 74.80 -12.96 -11.18
C PRO W 40 74.69 -13.58 -9.80
N GLY W 41 74.25 -14.84 -9.77
CA GLY W 41 74.10 -15.56 -8.51
C GLY W 41 73.12 -14.93 -7.55
N LYS W 42 72.12 -14.23 -8.06
CA LYS W 42 71.11 -13.57 -7.26
C LYS W 42 69.73 -13.92 -7.77
N ALA W 43 68.72 -13.62 -6.96
CA ALA W 43 67.35 -13.82 -7.40
C ALA W 43 66.94 -12.72 -8.38
N PRO W 44 66.09 -13.04 -9.38
CA PRO W 44 65.61 -11.99 -10.26
C PRO W 44 64.84 -10.92 -9.50
N GLU W 45 64.92 -9.69 -10.00
CA GLU W 45 64.19 -8.55 -9.47
C GLU W 45 63.25 -8.03 -10.55
N LEU W 46 62.02 -7.72 -10.15
CA LEU W 46 61.01 -7.31 -11.10
C LEU W 46 61.13 -5.82 -11.39
N LEU W 47 61.06 -5.46 -12.67
CA LEU W 47 61.17 -4.08 -13.13
C LEU W 47 59.85 -3.57 -13.70
N ILE W 48 59.45 -4.06 -14.87
CA ILE W 48 58.24 -3.62 -15.56
C ILE W 48 57.24 -4.76 -15.50
N TYR W 49 55.95 -4.40 -15.54
CA TYR W 49 54.88 -5.37 -15.49
C TYR W 49 53.71 -4.88 -16.32
N SER W 50 52.95 -5.83 -16.86
CA SER W 50 51.86 -5.57 -17.80
C SER W 50 52.31 -4.70 -18.98
N GLY W 51 53.54 -4.88 -19.41
CA GLY W 51 54.07 -4.23 -20.61
C GLY W 51 54.79 -2.89 -20.45
N SER W 52 54.19 -1.97 -19.69
CA SER W 52 54.67 -0.59 -19.64
C SER W 52 54.74 0.01 -18.24
N THR W 53 54.23 -0.66 -17.20
CA THR W 53 54.17 -0.09 -15.85
C THR W 53 55.34 -0.61 -15.03
N LEU W 54 56.01 0.31 -14.33
CA LEU W 54 57.19 -0.04 -13.54
C LEU W 54 56.82 -0.22 -12.08
N GLN W 55 57.58 -1.07 -11.41
CA GLN W 55 57.39 -1.34 -9.99
C GLN W 55 57.87 -0.15 -9.15
N SER W 56 57.31 -0.02 -7.95
CA SER W 56 57.75 1.02 -7.04
C SER W 56 59.22 0.82 -6.68
N GLY W 57 59.95 1.93 -6.54
CA GLY W 57 61.35 1.90 -6.22
C GLY W 57 62.27 1.73 -7.40
N ILE W 58 61.75 1.47 -8.60
CA ILE W 58 62.58 1.28 -9.78
C ILE W 58 62.90 2.66 -10.34
N PRO W 59 64.13 2.91 -10.81
CA PRO W 59 64.44 4.26 -11.31
C PRO W 59 63.59 4.66 -12.50
N ALA W 60 63.41 5.97 -12.65
CA ALA W 60 62.55 6.49 -13.71
C ALA W 60 63.10 6.20 -15.10
N ARG W 61 64.41 6.03 -15.24
CA ARG W 61 65.01 5.78 -16.54
C ARG W 61 64.54 4.46 -17.16
N PHE W 62 64.06 3.52 -16.36
CA PHE W 62 63.44 2.30 -16.90
C PHE W 62 62.05 2.61 -17.43
N SER W 63 61.74 2.10 -18.62
CA SER W 63 60.45 2.33 -19.26
C SER W 63 60.17 1.20 -20.23
N GLY W 64 58.92 0.80 -20.31
CA GLY W 64 58.50 -0.28 -21.19
C GLY W 64 57.36 0.13 -22.09
N SER W 65 57.30 -0.50 -23.26
CA SER W 65 56.27 -0.25 -24.25
C SER W 65 56.05 -1.51 -25.07
N GLY W 66 55.07 -1.45 -25.96
CA GLY W 66 54.74 -2.52 -26.86
C GLY W 66 53.40 -3.16 -26.53
N SER W 67 52.87 -3.90 -27.52
CA SER W 67 51.60 -4.59 -27.38
C SER W 67 51.51 -5.64 -28.48
N GLY W 68 50.64 -6.62 -28.27
CA GLY W 68 50.45 -7.64 -29.27
C GLY W 68 51.57 -8.66 -29.32
N THR W 69 52.30 -8.71 -30.43
CA THR W 69 53.35 -9.71 -30.58
C THR W 69 54.73 -9.19 -30.19
N GLU W 70 54.99 -7.90 -30.36
CA GLU W 70 56.30 -7.30 -30.12
C GLU W 70 56.28 -6.41 -28.89
N PHE W 71 57.36 -6.49 -28.10
CA PHE W 71 57.54 -5.66 -26.93
C PHE W 71 58.99 -5.20 -26.88
N THR W 72 59.19 -4.09 -26.17
CA THR W 72 60.52 -3.49 -26.05
C THR W 72 60.72 -2.96 -24.64
N LEU W 73 61.97 -3.05 -24.16
CA LEU W 73 62.40 -2.43 -22.93
C LEU W 73 63.54 -1.49 -23.26
N THR W 74 63.43 -0.24 -22.80
CA THR W 74 64.40 0.80 -23.10
C THR W 74 64.83 1.50 -21.82
N ILE W 75 66.08 1.96 -21.81
CA ILE W 75 66.66 2.70 -20.70
C ILE W 75 67.23 3.98 -21.27
N SER W 76 66.85 5.11 -20.68
CA SER W 76 67.26 6.41 -21.19
C SER W 76 68.78 6.56 -21.19
N SER W 77 69.40 6.41 -20.01
CA SER W 77 70.85 6.53 -19.86
C SER W 77 71.31 5.46 -18.89
N LEU W 78 72.20 4.58 -19.34
CA LEU W 78 72.66 3.48 -18.50
C LEU W 78 73.39 4.00 -17.27
N GLN W 79 73.58 3.09 -16.31
CA GLN W 79 74.39 3.34 -15.14
C GLN W 79 75.05 2.02 -14.75
N SER W 80 76.08 2.12 -13.91
CA SER W 80 76.88 0.94 -13.55
C SER W 80 76.01 -0.17 -12.96
N GLU W 81 74.97 0.20 -12.20
CA GLU W 81 74.06 -0.79 -11.64
C GLU W 81 73.22 -1.49 -12.71
N ASP W 82 73.06 -0.88 -13.89
CA ASP W 82 72.13 -1.41 -14.89
C ASP W 82 72.66 -2.66 -15.58
N PHE W 83 73.97 -2.93 -15.52
CA PHE W 83 74.55 -4.02 -16.28
C PHE W 83 74.20 -5.34 -15.59
N ALA W 84 73.48 -6.20 -16.29
CA ALA W 84 72.99 -7.46 -15.73
C ALA W 84 72.39 -8.27 -16.88
N VAL W 85 71.63 -9.31 -16.52
CA VAL W 85 70.84 -10.10 -17.46
C VAL W 85 69.39 -9.71 -17.25
N TYR W 86 68.67 -9.50 -18.35
CA TYR W 86 67.25 -9.13 -18.32
C TYR W 86 66.42 -10.26 -18.92
N TYR W 87 65.33 -10.60 -18.24
CA TYR W 87 64.42 -11.66 -18.66
C TYR W 87 63.02 -11.11 -18.85
N CYS W 88 62.34 -11.64 -19.87
CA CYS W 88 60.98 -11.28 -20.25
C CYS W 88 60.07 -12.46 -20.01
N GLN W 89 58.91 -12.22 -19.38
CA GLN W 89 57.98 -13.28 -19.02
C GLN W 89 56.67 -13.14 -19.78
N GLN W 90 55.96 -14.27 -19.86
CA GLN W 90 54.78 -14.38 -20.72
C GLN W 90 53.62 -13.59 -20.15
N HIS W 91 53.13 -13.96 -18.95
CA HIS W 91 52.28 -13.09 -18.13
C HIS W 91 50.79 -13.15 -18.46
N ASN W 92 50.40 -13.38 -19.71
CA ASN W 92 49.01 -13.26 -20.15
C ASN W 92 48.15 -14.50 -19.93
N GLU W 93 48.63 -15.66 -20.39
CA GLU W 93 47.99 -16.97 -20.34
C GLU W 93 48.63 -17.82 -19.23
N TYR W 94 48.06 -19.02 -18.97
CA TYR W 94 48.53 -19.83 -17.85
C TYR W 94 49.57 -20.93 -18.11
N PRO W 95 49.97 -21.23 -19.34
CA PRO W 95 51.21 -22.02 -19.48
C PRO W 95 52.42 -21.33 -18.88
N PHE W 96 52.51 -20.00 -19.00
CA PHE W 96 53.58 -19.18 -18.44
C PHE W 96 54.96 -19.55 -18.96
N THR W 97 55.37 -18.88 -20.02
CA THR W 97 56.70 -19.03 -20.61
C THR W 97 57.57 -17.85 -20.18
N PHE W 98 58.88 -18.00 -20.36
CA PHE W 98 59.85 -16.97 -20.01
C PHE W 98 60.73 -16.69 -21.22
N GLY W 99 61.40 -15.52 -21.19
CA GLY W 99 62.22 -15.10 -22.29
C GLY W 99 63.63 -15.68 -22.23
N GLN W 100 64.27 -15.76 -23.41
CA GLN W 100 65.54 -16.46 -23.54
C GLN W 100 66.67 -15.82 -22.74
N GLY W 101 66.57 -14.53 -22.40
CA GLY W 101 67.60 -13.84 -21.65
C GLY W 101 68.54 -13.01 -22.51
N THR W 102 68.85 -11.80 -22.04
CA THR W 102 69.69 -10.85 -22.77
C THR W 102 70.84 -10.42 -21.87
N LYS W 103 72.08 -10.61 -22.35
CA LYS W 103 73.27 -10.17 -21.62
C LYS W 103 73.56 -8.71 -21.97
N LEU W 104 73.59 -7.86 -20.94
CA LEU W 104 73.98 -6.46 -21.08
C LEU W 104 75.32 -6.23 -20.38
N GLU W 105 76.36 -5.97 -21.16
CA GLU W 105 77.73 -5.79 -20.67
C GLU W 105 78.20 -4.39 -21.02
N ILE W 106 79.21 -3.91 -20.29
CA ILE W 106 79.77 -2.59 -20.54
C ILE W 106 80.77 -2.67 -21.68
N LYS W 107 80.86 -1.58 -22.46
CA LYS W 107 81.78 -1.48 -23.58
C LYS W 107 82.94 -0.56 -23.21
N ARG W 108 84.16 -1.07 -23.40
CA ARG W 108 85.39 -0.32 -23.12
C ARG W 108 86.21 -0.19 -24.40
N THR W 109 87.49 0.16 -24.25
CA THR W 109 88.39 0.28 -25.39
C THR W 109 88.89 -1.10 -25.81
N VAL W 110 89.06 -1.29 -27.13
CA VAL W 110 89.56 -2.55 -27.64
C VAL W 110 90.97 -2.78 -27.11
N ALA W 111 91.19 -3.98 -26.57
CA ALA W 111 92.49 -4.38 -26.04
C ALA W 111 92.80 -5.79 -26.51
N ALA W 112 94.04 -6.02 -26.94
CA ALA W 112 94.43 -7.32 -27.44
C ALA W 112 94.73 -8.27 -26.28
N PRO W 113 94.68 -9.59 -26.51
CA PRO W 113 94.96 -10.54 -25.42
C PRO W 113 96.44 -10.86 -25.28
N SER W 114 96.98 -10.78 -24.07
CA SER W 114 98.30 -11.31 -23.78
C SER W 114 98.20 -12.82 -23.69
N VAL W 115 98.85 -13.53 -24.60
CA VAL W 115 98.67 -14.97 -24.77
C VAL W 115 99.86 -15.68 -24.14
N PHE W 116 99.56 -16.69 -23.32
CA PHE W 116 100.57 -17.57 -22.73
C PHE W 116 100.10 -19.01 -22.87
N ILE W 117 101.06 -19.91 -23.13
CA ILE W 117 100.81 -21.33 -23.26
C ILE W 117 101.55 -22.05 -22.14
N PHE W 118 100.87 -23.00 -21.51
CA PHE W 118 101.37 -23.72 -20.34
C PHE W 118 101.45 -25.21 -20.67
N PRO W 119 102.63 -25.86 -20.63
CA PRO W 119 102.67 -27.28 -20.99
C PRO W 119 101.92 -28.13 -19.99
N PRO W 120 101.78 -29.44 -20.25
CA PRO W 120 101.25 -30.34 -19.21
C PRO W 120 102.35 -30.63 -18.21
N SER W 121 101.98 -30.63 -16.93
CA SER W 121 102.96 -30.93 -15.90
C SER W 121 103.38 -32.40 -15.96
N ASP W 122 104.60 -32.66 -15.51
CA ASP W 122 105.11 -34.03 -15.48
C ASP W 122 104.27 -34.91 -14.57
N GLU W 123 103.63 -34.34 -13.56
CA GLU W 123 102.77 -35.11 -12.67
C GLU W 123 101.58 -35.67 -13.44
N GLN W 124 100.96 -34.83 -14.27
CA GLN W 124 99.83 -35.25 -15.09
C GLN W 124 100.22 -36.35 -16.05
N LEU W 125 101.32 -36.17 -16.77
CA LEU W 125 101.71 -37.09 -17.82
C LEU W 125 101.96 -38.49 -17.28
N LYS W 126 102.36 -38.59 -16.00
CA LYS W 126 102.51 -39.90 -15.38
C LYS W 126 101.16 -40.58 -15.22
N SER W 127 100.12 -39.82 -14.87
CA SER W 127 98.83 -40.42 -14.58
C SER W 127 98.25 -41.12 -15.80
N GLY W 128 98.58 -40.63 -17.00
CA GLY W 128 98.07 -41.18 -18.24
C GLY W 128 97.24 -40.20 -19.06
N THR W 129 97.22 -38.93 -18.66
CA THR W 129 96.47 -37.89 -19.35
C THR W 129 97.33 -36.64 -19.44
N ALA W 130 97.18 -35.91 -20.54
CA ALA W 130 97.92 -34.68 -20.80
C ALA W 130 96.92 -33.58 -21.11
N SER W 131 97.12 -32.41 -20.49
CA SER W 131 96.26 -31.25 -20.70
C SER W 131 97.13 -30.06 -21.06
N VAL W 132 96.85 -29.44 -22.21
CA VAL W 132 97.53 -28.23 -22.66
C VAL W 132 96.56 -27.06 -22.46
N VAL W 133 97.08 -25.95 -21.92
CA VAL W 133 96.28 -24.80 -21.56
C VAL W 133 96.72 -23.60 -22.39
N CYS W 134 95.76 -22.77 -22.79
CA CYS W 134 96.02 -21.53 -23.53
C CYS W 134 95.24 -20.41 -22.84
N LEU W 135 95.97 -19.41 -22.35
CA LEU W 135 95.41 -18.30 -21.58
C LEU W 135 95.38 -17.05 -22.44
N LEU W 136 94.23 -16.38 -22.47
CA LEU W 136 94.08 -15.06 -23.09
C LEU W 136 93.68 -14.09 -21.98
N ASN W 137 94.64 -13.29 -21.51
CA ASN W 137 94.46 -12.47 -20.31
C ASN W 137 94.15 -11.03 -20.69
N ASN W 138 93.13 -10.45 -20.04
CA ASN W 138 92.79 -9.04 -20.14
C ASN W 138 92.59 -8.61 -21.60
N PHE W 139 91.38 -8.79 -22.13
CA PHE W 139 91.12 -8.51 -23.53
C PHE W 139 89.67 -8.09 -23.70
N TYR W 140 89.44 -7.23 -24.70
CA TYR W 140 88.12 -6.73 -25.04
C TYR W 140 88.11 -6.52 -26.55
N PRO W 141 87.01 -6.85 -27.27
CA PRO W 141 85.68 -7.36 -26.88
C PRO W 141 85.65 -8.82 -26.47
N ARG W 142 84.51 -9.21 -25.89
CA ARG W 142 84.34 -10.57 -25.40
C ARG W 142 84.47 -11.58 -26.53
N GLU W 143 84.05 -11.20 -27.73
CA GLU W 143 84.09 -12.11 -28.86
C GLU W 143 85.53 -12.47 -29.20
N ALA W 144 85.85 -13.75 -29.08
CA ALA W 144 87.18 -14.24 -29.41
C ALA W 144 87.06 -15.71 -29.79
N LYS W 145 88.05 -16.19 -30.51
CA LYS W 145 88.06 -17.56 -31.03
C LYS W 145 89.45 -18.15 -30.83
N VAL W 146 89.50 -19.38 -30.32
CA VAL W 146 90.74 -20.10 -30.07
C VAL W 146 90.67 -21.41 -30.86
N GLN W 147 91.70 -21.70 -31.63
CA GLN W 147 91.80 -22.92 -32.41
C GLN W 147 93.08 -23.66 -32.04
N TRP W 148 92.93 -24.93 -31.67
CA TRP W 148 94.06 -25.77 -31.27
C TRP W 148 94.67 -26.44 -32.50
N LYS W 149 96.00 -26.45 -32.56
CA LYS W 149 96.75 -27.06 -33.64
C LYS W 149 97.82 -27.97 -33.06
N VAL W 150 97.77 -29.25 -33.43
CA VAL W 150 98.75 -30.25 -33.03
C VAL W 150 99.47 -30.69 -34.30
N ASP W 151 100.78 -30.45 -34.34
CA ASP W 151 101.58 -30.62 -35.56
C ASP W 151 100.96 -29.78 -36.68
N ASN W 152 100.47 -28.60 -36.32
CA ASN W 152 99.85 -27.68 -37.27
C ASN W 152 98.65 -28.32 -37.96
N ALA W 153 97.87 -29.09 -37.18
CA ALA W 153 96.67 -29.76 -37.65
C ALA W 153 95.51 -29.37 -36.74
N LEU W 154 94.46 -28.78 -37.32
CA LEU W 154 93.35 -28.25 -36.53
C LEU W 154 92.68 -29.35 -35.72
N GLN W 155 92.17 -28.96 -34.54
CA GLN W 155 91.56 -29.87 -33.59
C GLN W 155 90.17 -29.40 -33.23
N SER W 156 89.28 -30.36 -32.99
CA SER W 156 87.91 -30.08 -32.59
C SER W 156 87.38 -31.26 -31.78
N GLY W 157 86.46 -30.96 -30.86
CA GLY W 157 85.82 -31.98 -30.06
C GLY W 157 86.62 -32.50 -28.88
N ASN W 158 87.83 -31.98 -28.66
CA ASN W 158 88.67 -32.37 -27.52
C ASN W 158 89.15 -31.17 -26.71
N SER W 159 88.58 -29.99 -26.93
CA SER W 159 88.99 -28.76 -26.25
C SER W 159 87.76 -28.09 -25.66
N GLN W 160 87.90 -27.62 -24.42
CA GLN W 160 86.86 -26.88 -23.72
C GLN W 160 87.45 -25.58 -23.22
N GLU W 161 86.63 -24.51 -23.26
CA GLU W 161 87.05 -23.19 -22.82
C GLU W 161 86.04 -22.63 -21.84
N SER W 162 86.52 -21.70 -21.01
CA SER W 162 85.71 -20.98 -20.05
C SER W 162 86.17 -19.53 -20.04
N VAL W 163 85.23 -18.62 -19.81
CA VAL W 163 85.47 -17.18 -19.85
C VAL W 163 85.08 -16.61 -18.50
N THR W 164 86.03 -15.95 -17.85
CA THR W 164 85.70 -15.27 -16.60
C THR W 164 84.78 -14.10 -16.90
N GLU W 165 83.99 -13.73 -15.90
CA GLU W 165 83.13 -12.57 -16.07
C GLU W 165 83.98 -11.31 -16.14
N GLN W 166 83.33 -10.23 -16.54
CA GLN W 166 84.01 -8.95 -16.73
C GLN W 166 84.67 -8.48 -15.44
N ASP W 167 85.94 -8.11 -15.53
CA ASP W 167 86.67 -7.69 -14.35
C ASP W 167 86.05 -6.41 -13.77
N SER W 168 86.25 -6.21 -12.47
CA SER W 168 85.63 -5.06 -11.80
C SER W 168 86.44 -3.78 -12.00
N LYS W 169 87.77 -3.89 -11.99
CA LYS W 169 88.60 -2.68 -12.04
C LYS W 169 88.76 -2.16 -13.46
N ASP W 170 89.20 -3.02 -14.39
CA ASP W 170 89.51 -2.60 -15.75
C ASP W 170 88.51 -3.10 -16.79
N SER W 171 87.50 -3.88 -16.39
CA SER W 171 86.39 -4.27 -17.27
C SER W 171 86.86 -5.13 -18.45
N THR W 172 87.97 -5.85 -18.28
CA THR W 172 88.49 -6.73 -19.31
C THR W 172 88.20 -8.18 -18.94
N TYR W 173 87.94 -8.99 -19.96
CA TYR W 173 87.68 -10.41 -19.77
C TYR W 173 88.99 -11.20 -19.76
N SER W 174 88.86 -12.51 -19.60
CA SER W 174 89.97 -13.43 -19.72
C SER W 174 89.39 -14.77 -20.15
N LEU W 175 90.13 -15.50 -20.98
CA LEU W 175 89.68 -16.75 -21.56
C LEU W 175 90.73 -17.83 -21.32
N SER W 176 90.27 -19.02 -20.98
CA SER W 176 91.14 -20.18 -20.73
C SER W 176 90.60 -21.37 -21.49
N SER W 177 91.38 -21.89 -22.42
CA SER W 177 91.02 -23.04 -23.25
C SER W 177 91.91 -24.22 -22.87
N THR W 178 91.27 -25.37 -22.59
CA THR W 178 91.96 -26.58 -22.14
C THR W 178 91.80 -27.67 -23.19
N LEU W 179 92.93 -28.17 -23.70
CA LEU W 179 92.96 -29.28 -24.64
C LEU W 179 93.42 -30.53 -23.90
N THR W 180 92.52 -31.50 -23.77
CA THR W 180 92.76 -32.72 -22.99
C THR W 180 92.96 -33.89 -23.93
N LEU W 181 94.16 -34.48 -23.90
CA LEU W 181 94.48 -35.69 -24.65
C LEU W 181 95.10 -36.72 -23.70
N SER W 182 95.20 -37.95 -24.19
CA SER W 182 95.80 -39.04 -23.42
C SER W 182 97.33 -38.99 -23.51
N LYS W 183 97.98 -39.79 -22.66
CA LYS W 183 99.43 -39.82 -22.64
C LYS W 183 100.01 -40.28 -23.97
N ALA W 184 99.56 -41.44 -24.47
CA ALA W 184 100.10 -42.00 -25.70
C ALA W 184 99.86 -41.07 -26.88
N ASP W 185 98.63 -40.57 -27.02
CA ASP W 185 98.32 -39.65 -28.10
C ASP W 185 99.15 -38.38 -28.01
N TYR W 186 99.42 -37.91 -26.79
CA TYR W 186 100.23 -36.71 -26.62
C TYR W 186 101.66 -36.92 -27.12
N GLU W 187 102.19 -38.12 -26.95
CA GLU W 187 103.58 -38.41 -27.32
C GLU W 187 103.78 -38.65 -28.81
N LYS W 188 102.72 -39.02 -29.54
CA LYS W 188 102.90 -39.31 -30.96
C LYS W 188 103.28 -38.06 -31.75
N HIS W 189 102.77 -36.91 -31.35
CA HIS W 189 102.96 -35.65 -32.05
C HIS W 189 103.99 -34.80 -31.31
N LYS W 190 104.36 -33.66 -31.92
CA LYS W 190 105.48 -32.86 -31.44
C LYS W 190 105.08 -31.43 -31.12
N VAL W 191 104.56 -30.67 -32.08
CA VAL W 191 104.30 -29.24 -31.94
C VAL W 191 102.84 -29.03 -31.59
N TYR W 192 102.58 -28.28 -30.52
CA TYR W 192 101.24 -27.89 -30.12
C TYR W 192 101.17 -26.37 -30.05
N ALA W 193 100.05 -25.82 -30.51
CA ALA W 193 99.91 -24.37 -30.62
C ALA W 193 98.44 -24.02 -30.59
N CYS W 194 98.10 -22.93 -29.89
CA CYS W 194 96.75 -22.38 -29.87
C CYS W 194 96.72 -21.09 -30.69
N GLU W 195 95.77 -21.02 -31.62
CA GLU W 195 95.64 -19.91 -32.56
C GLU W 195 94.50 -18.99 -32.10
N VAL W 196 94.86 -17.74 -31.77
CA VAL W 196 93.91 -16.76 -31.25
C VAL W 196 93.49 -15.83 -32.36
N THR W 197 92.18 -15.71 -32.57
CA THR W 197 91.60 -14.72 -33.46
C THR W 197 90.85 -13.71 -32.61
N HIS W 198 91.18 -12.43 -32.77
CA HIS W 198 90.58 -11.39 -31.96
C HIS W 198 90.54 -10.09 -32.76
N GLN W 199 89.57 -9.24 -32.40
CA GLN W 199 89.32 -8.02 -33.15
C GLN W 199 90.54 -7.10 -33.15
N GLY W 200 91.25 -7.04 -32.03
CA GLY W 200 92.42 -6.18 -31.90
C GLY W 200 93.63 -6.63 -32.70
N LEU W 201 93.60 -7.82 -33.31
CA LEU W 201 94.71 -8.36 -34.08
C LEU W 201 94.40 -8.30 -35.57
N SER W 202 95.45 -8.13 -36.37
CA SER W 202 95.29 -8.14 -37.82
C SER W 202 95.14 -9.57 -38.33
N SER W 203 96.06 -10.44 -37.94
CA SER W 203 96.07 -11.86 -38.27
C SER W 203 96.21 -12.64 -36.98
N PRO W 204 95.79 -13.90 -36.95
CA PRO W 204 95.79 -14.64 -35.67
C PRO W 204 97.19 -14.88 -35.12
N VAL W 205 97.32 -14.71 -33.80
CA VAL W 205 98.55 -14.99 -33.08
C VAL W 205 98.67 -16.49 -32.82
N THR W 206 99.92 -16.98 -32.76
CA THR W 206 100.22 -18.38 -32.52
C THR W 206 101.29 -18.48 -31.45
N LYS W 207 100.94 -19.04 -30.29
CA LYS W 207 101.89 -19.42 -29.25
C LYS W 207 102.05 -20.93 -29.24
N SER W 208 103.31 -21.39 -29.23
CA SER W 208 103.64 -22.81 -29.39
C SER W 208 104.73 -23.16 -28.40
N PHE W 209 104.98 -24.47 -28.26
CA PHE W 209 106.04 -24.95 -27.38
C PHE W 209 106.48 -26.33 -27.86
N ASN W 210 107.52 -26.84 -27.21
CA ASN W 210 108.09 -28.16 -27.51
C ASN W 210 107.83 -29.08 -26.33
N ARG W 211 107.55 -30.34 -26.65
CA ARG W 211 107.19 -31.32 -25.62
C ARG W 211 108.34 -31.57 -24.65
N GLY W 212 109.56 -31.61 -25.15
CA GLY W 212 110.72 -31.87 -24.32
C GLY W 212 111.82 -30.85 -24.58
N GLU W 213 112.17 -30.08 -23.55
CA GLU W 213 113.22 -29.08 -23.69
C GLU W 213 113.62 -28.53 -22.32
N CYS W 214 112.80 -27.64 -21.77
CA CYS W 214 113.04 -27.03 -20.46
C CYS W 214 114.41 -26.34 -20.42
N GLN X 36 35.89 -13.19 8.01
CA GLN X 36 36.04 -12.04 7.12
C GLN X 36 35.33 -12.34 5.80
N GLN X 37 34.55 -11.35 5.30
CA GLN X 37 33.62 -11.55 4.19
C GLN X 37 34.14 -10.89 2.91
N PRO X 38 34.07 -11.57 1.74
CA PRO X 38 34.47 -10.91 0.49
C PRO X 38 33.29 -10.21 -0.18
N LEU X 39 33.38 -8.90 -0.39
CA LEU X 39 32.25 -8.19 -0.97
C LEU X 39 32.22 -8.28 -2.50
N ASP X 40 33.38 -8.38 -3.14
CA ASP X 40 33.54 -8.56 -4.58
C ASP X 40 34.28 -9.88 -4.81
N CYS X 41 34.62 -10.14 -6.07
CA CYS X 41 35.31 -11.38 -6.40
C CYS X 41 36.82 -11.22 -6.51
N ASP X 42 37.34 -10.00 -6.59
CA ASP X 42 38.79 -9.84 -6.44
C ASP X 42 39.21 -10.18 -5.02
N ASP X 43 38.32 -9.97 -4.06
CA ASP X 43 38.57 -10.45 -2.71
C ASP X 43 38.72 -11.96 -2.70
N ILE X 44 37.85 -12.65 -3.44
CA ILE X 44 37.89 -14.11 -3.50
C ILE X 44 39.20 -14.58 -4.11
N TYR X 45 39.73 -13.83 -5.07
CA TYR X 45 41.06 -14.13 -5.58
C TYR X 45 42.09 -14.20 -4.47
N ALA X 46 42.04 -13.23 -3.54
CA ALA X 46 42.96 -13.23 -2.42
C ALA X 46 42.61 -14.30 -1.40
N GLN X 47 41.32 -14.67 -1.28
CA GLN X 47 40.95 -15.75 -0.37
C GLN X 47 41.68 -17.03 -0.70
N GLY X 48 41.95 -17.27 -1.99
CA GLY X 48 42.71 -18.40 -2.45
C GLY X 48 41.95 -19.26 -3.44
N TYR X 49 40.90 -18.71 -4.04
CA TYR X 49 40.04 -19.44 -4.97
C TYR X 49 40.15 -18.76 -6.33
N GLN X 50 40.52 -19.54 -7.34
CA GLN X 50 40.83 -19.05 -8.66
C GLN X 50 40.13 -19.85 -9.76
N SER X 51 39.40 -20.91 -9.42
CA SER X 51 38.59 -21.63 -10.39
C SER X 51 37.29 -20.88 -10.61
N ASP X 52 37.00 -20.57 -11.88
CA ASP X 52 35.81 -19.78 -12.20
C ASP X 52 34.54 -20.60 -11.98
N GLY X 53 33.61 -20.01 -11.25
CA GLY X 53 32.37 -20.68 -10.92
C GLY X 53 31.50 -19.77 -10.08
N VAL X 54 30.49 -20.37 -9.44
CA VAL X 54 29.58 -19.64 -8.58
C VAL X 54 30.23 -19.44 -7.22
N TYR X 55 30.13 -18.22 -6.70
CA TYR X 55 30.71 -17.86 -5.41
C TYR X 55 29.78 -16.90 -4.70
N LEU X 56 29.90 -16.87 -3.37
CA LEU X 56 29.13 -15.97 -2.54
C LEU X 56 29.96 -14.75 -2.18
N ILE X 57 29.40 -13.57 -2.43
CA ILE X 57 29.98 -12.30 -2.06
C ILE X 57 28.93 -11.50 -1.31
N TYR X 58 29.40 -10.60 -0.44
CA TYR X 58 28.53 -9.85 0.48
C TYR X 58 28.64 -8.36 0.14
N PRO X 59 27.95 -7.91 -0.92
CA PRO X 59 28.08 -6.49 -1.29
C PRO X 59 27.39 -5.55 -0.31
N SER X 60 26.20 -5.90 0.18
CA SER X 60 25.57 -5.10 1.23
C SER X 60 26.34 -5.26 2.52
N GLY X 61 26.29 -6.45 3.12
CA GLY X 61 27.00 -6.68 4.34
C GLY X 61 26.97 -8.15 4.73
N PRO X 62 27.52 -8.48 5.90
CA PRO X 62 27.55 -9.89 6.31
C PRO X 62 26.18 -10.52 6.52
N SER X 63 25.11 -9.72 6.54
CA SER X 63 23.77 -10.26 6.78
C SER X 63 23.33 -11.20 5.66
N VAL X 64 23.34 -10.73 4.41
CA VAL X 64 22.82 -11.49 3.29
C VAL X 64 23.84 -11.54 2.16
N PRO X 65 24.25 -12.72 1.68
CA PRO X 65 25.05 -12.78 0.46
C PRO X 65 24.18 -12.86 -0.79
N VAL X 66 24.85 -12.73 -1.93
CA VAL X 66 24.23 -12.92 -3.24
C VAL X 66 25.22 -13.73 -4.06
N PRO X 67 24.83 -14.86 -4.68
CA PRO X 67 25.80 -15.63 -5.47
C PRO X 67 26.02 -14.99 -6.82
N VAL X 68 27.28 -15.07 -7.30
CA VAL X 68 27.62 -14.59 -8.63
C VAL X 68 28.59 -15.57 -9.26
N PHE X 69 28.74 -15.45 -10.57
CA PHE X 69 29.71 -16.21 -11.35
C PHE X 69 30.91 -15.30 -11.61
N CYS X 70 32.09 -15.85 -11.42
CA CYS X 70 33.33 -15.10 -11.53
C CYS X 70 34.18 -15.68 -12.64
N ASP X 71 34.73 -14.80 -13.47
CA ASP X 71 35.60 -15.22 -14.57
C ASP X 71 37.04 -15.00 -14.12
N MET X 72 37.54 -15.97 -13.36
CA MET X 72 38.92 -16.01 -12.90
C MET X 72 39.91 -16.37 -13.99
N THR X 73 39.47 -16.55 -15.24
CA THR X 73 40.33 -16.96 -16.34
C THR X 73 40.75 -15.79 -17.21
N THR X 74 39.80 -14.95 -17.60
CA THR X 74 40.04 -13.96 -18.65
C THR X 74 40.89 -12.80 -18.13
N GLU X 75 42.02 -12.57 -18.80
CA GLU X 75 42.90 -11.42 -18.56
C GLU X 75 43.23 -11.29 -17.07
N GLY X 76 43.81 -12.35 -16.51
CA GLY X 76 44.21 -12.36 -15.13
C GLY X 76 43.12 -12.74 -14.15
N GLY X 77 41.86 -12.71 -14.55
CA GLY X 77 40.78 -13.14 -13.68
C GLY X 77 40.25 -12.05 -12.78
N LYS X 78 39.73 -12.46 -11.62
CA LYS X 78 39.18 -11.55 -10.62
C LYS X 78 37.97 -10.78 -11.15
N TRP X 79 37.28 -11.33 -12.14
CA TRP X 79 36.12 -10.66 -12.73
C TRP X 79 34.86 -11.06 -11.98
N THR X 80 34.05 -10.07 -11.62
CA THR X 80 32.70 -10.28 -11.14
C THR X 80 31.75 -10.07 -12.31
N VAL X 81 30.89 -11.05 -12.57
CA VAL X 81 30.01 -11.04 -13.73
C VAL X 81 28.62 -10.69 -13.23
N PHE X 82 28.03 -9.60 -13.77
CA PHE X 82 26.70 -9.15 -13.39
C PHE X 82 25.68 -9.35 -14.51
N GLN X 83 25.97 -10.22 -15.47
CA GLN X 83 25.20 -10.32 -16.71
C GLN X 83 25.72 -11.53 -17.48
N LYS X 84 24.85 -12.51 -17.78
CA LYS X 84 25.24 -13.67 -18.57
C LYS X 84 24.12 -14.09 -19.49
N ARG X 85 24.47 -14.42 -20.73
CA ARG X 85 23.48 -14.86 -21.71
C ARG X 85 24.14 -15.79 -22.72
N PHE X 86 23.42 -16.86 -23.09
CA PHE X 86 23.96 -17.86 -24.01
C PHE X 86 22.91 -18.86 -24.49
N ASN X 87 22.15 -19.41 -23.54
CA ASN X 87 21.15 -20.42 -23.83
C ASN X 87 19.93 -19.80 -24.49
N GLY X 88 19.64 -18.54 -24.20
CA GLY X 88 18.43 -17.87 -24.60
C GLY X 88 17.22 -18.20 -23.77
N SER X 89 17.35 -19.10 -22.80
CA SER X 89 16.19 -19.57 -22.04
C SER X 89 15.59 -18.45 -21.19
N VAL X 90 16.43 -17.80 -20.37
CA VAL X 90 15.94 -16.75 -19.48
C VAL X 90 15.57 -15.52 -20.30
N SER X 91 14.36 -15.00 -20.08
CA SER X 91 13.90 -13.79 -20.74
C SER X 91 14.35 -12.57 -19.97
N PHE X 92 15.02 -11.66 -20.67
CA PHE X 92 15.48 -10.42 -20.06
C PHE X 92 14.53 -9.25 -20.30
N PHE X 93 13.40 -9.47 -20.95
CA PHE X 93 12.37 -8.44 -21.09
C PHE X 93 11.52 -8.52 -19.82
N ARG X 94 12.09 -7.99 -18.74
CA ARG X 94 11.51 -8.00 -17.40
C ARG X 94 11.24 -6.56 -16.94
N GLY X 95 10.63 -6.46 -15.74
CA GLY X 95 10.24 -5.18 -15.20
C GLY X 95 11.35 -4.50 -14.40
N TRP X 96 11.07 -3.26 -14.02
CA TRP X 96 12.06 -2.47 -13.27
C TRP X 96 12.37 -3.09 -11.92
N ASN X 97 11.41 -3.75 -11.29
CA ASN X 97 11.66 -4.33 -9.97
C ASN X 97 12.60 -5.51 -10.07
N ASP X 98 12.41 -6.38 -11.08
CA ASP X 98 13.29 -7.53 -11.25
C ASP X 98 14.71 -7.08 -11.57
N TYR X 99 14.86 -6.02 -12.36
CA TYR X 99 16.19 -5.54 -12.70
C TYR X 99 16.88 -4.80 -11.55
N LYS X 100 16.11 -4.30 -10.58
CA LYS X 100 16.73 -3.73 -9.38
C LYS X 100 17.21 -4.83 -8.46
N LEU X 101 16.31 -5.76 -8.11
CA LEU X 101 16.64 -6.81 -7.16
C LEU X 101 17.45 -7.94 -7.77
N GLY X 102 17.47 -8.06 -9.10
CA GLY X 102 18.17 -9.14 -9.76
C GLY X 102 17.27 -10.34 -10.02
N PHE X 103 17.69 -11.15 -10.98
CA PHE X 103 16.90 -12.28 -11.45
C PHE X 103 17.80 -13.28 -12.16
N GLY X 104 17.51 -14.55 -11.99
CA GLY X 104 18.18 -15.61 -12.72
C GLY X 104 19.01 -16.49 -11.80
N ARG X 105 19.72 -17.43 -12.44
CA ARG X 105 20.57 -18.39 -11.75
C ARG X 105 22.02 -18.04 -12.01
N ALA X 106 22.81 -17.95 -10.93
CA ALA X 106 24.24 -17.68 -11.05
C ALA X 106 24.97 -18.72 -11.91
N ASP X 107 24.41 -19.93 -12.03
CA ASP X 107 25.02 -20.92 -12.91
C ASP X 107 24.97 -20.46 -14.36
N GLY X 108 23.76 -20.34 -14.90
CA GLY X 108 23.55 -19.97 -16.28
C GLY X 108 23.33 -18.49 -16.48
N GLU X 109 22.27 -18.14 -17.23
CA GLU X 109 21.97 -16.75 -17.52
C GLU X 109 21.36 -16.08 -16.31
N TYR X 110 21.78 -14.85 -16.05
CA TYR X 110 21.26 -14.08 -14.92
C TYR X 110 21.64 -12.62 -15.05
N TRP X 111 21.06 -11.82 -14.16
CA TRP X 111 21.34 -10.40 -14.01
C TRP X 111 21.50 -10.15 -12.52
N LEU X 112 22.64 -9.61 -12.11
CA LEU X 112 22.98 -9.59 -10.70
C LEU X 112 22.01 -8.72 -9.90
N GLY X 113 21.54 -7.62 -10.49
CA GLY X 113 20.60 -6.71 -9.85
C GLY X 113 21.31 -5.37 -9.68
N LEU X 114 20.63 -4.31 -10.11
CA LEU X 114 21.28 -3.00 -10.11
C LEU X 114 21.62 -2.53 -8.71
N GLN X 115 20.80 -2.87 -7.72
CA GLN X 115 21.07 -2.40 -6.37
C GLN X 115 22.43 -2.92 -5.92
N ASN X 116 22.65 -4.24 -6.03
CA ASN X 116 23.95 -4.83 -5.74
C ASN X 116 25.06 -4.16 -6.54
N MET X 117 24.86 -4.00 -7.86
CA MET X 117 25.82 -3.30 -8.70
C MET X 117 26.16 -1.92 -8.14
N HIS X 118 25.15 -1.20 -7.67
CA HIS X 118 25.42 0.11 -7.08
C HIS X 118 26.26 0.01 -5.81
N LEU X 119 26.01 -1.01 -4.96
CA LEU X 119 26.83 -1.11 -3.75
C LEU X 119 28.28 -1.38 -4.09
N LEU X 120 28.57 -2.21 -5.10
CA LEU X 120 29.97 -2.46 -5.44
C LEU X 120 30.64 -1.18 -5.94
N THR X 121 30.11 -0.59 -7.02
CA THR X 121 30.74 0.60 -7.58
C THR X 121 30.78 1.76 -6.61
N LEU X 122 29.93 1.76 -5.57
CA LEU X 122 29.92 2.87 -4.65
C LEU X 122 31.18 2.89 -3.79
N LYS X 123 31.65 1.73 -3.35
CA LYS X 123 32.72 1.66 -2.36
C LYS X 123 34.09 1.34 -2.94
N GLN X 124 34.18 0.97 -4.21
CA GLN X 124 35.45 0.74 -4.87
C GLN X 124 35.34 1.21 -6.31
N LYS X 125 36.49 1.53 -6.91
CA LYS X 125 36.56 1.90 -8.32
C LYS X 125 36.77 0.64 -9.15
N TYR X 126 36.04 0.54 -10.26
CA TYR X 126 35.95 -0.71 -11.01
C TYR X 126 36.19 -0.51 -12.50
N GLU X 127 36.61 -1.59 -13.15
CA GLU X 127 36.89 -1.66 -14.57
C GLU X 127 35.86 -2.56 -15.24
N LEU X 128 35.49 -2.22 -16.48
CA LEU X 128 34.47 -2.95 -17.23
C LEU X 128 35.06 -3.73 -18.39
N ARG X 129 34.55 -4.92 -18.61
CA ARG X 129 34.81 -5.71 -19.82
C ARG X 129 33.53 -6.43 -20.19
N VAL X 130 33.17 -6.37 -21.47
CA VAL X 130 32.06 -7.13 -22.03
C VAL X 130 32.63 -8.07 -23.09
N ASP X 131 32.19 -9.32 -23.06
CA ASP X 131 32.68 -10.36 -23.97
C ASP X 131 31.50 -10.89 -24.78
N LEU X 132 31.68 -10.94 -26.11
CA LEU X 132 30.61 -11.26 -27.04
C LEU X 132 31.03 -12.39 -27.98
N GLU X 133 30.04 -13.09 -28.52
CA GLU X 133 30.28 -14.13 -29.51
C GLU X 133 29.05 -14.24 -30.41
N ASP X 134 29.30 -14.38 -31.71
CA ASP X 134 28.25 -14.54 -32.71
C ASP X 134 28.03 -16.03 -32.98
N PHE X 135 27.26 -16.33 -34.03
CA PHE X 135 26.98 -17.71 -34.41
C PHE X 135 27.94 -18.26 -35.45
N GLU X 136 29.03 -17.55 -35.73
CA GLU X 136 30.05 -18.01 -36.67
C GLU X 136 31.36 -18.36 -35.99
N ASN X 137 31.32 -18.65 -34.68
CA ASN X 137 32.51 -19.03 -33.91
C ASN X 137 33.57 -17.92 -33.92
N ASN X 138 33.12 -16.68 -33.72
CA ASN X 138 34.01 -15.53 -33.61
C ASN X 138 33.79 -14.85 -32.27
N THR X 139 34.86 -14.30 -31.72
CA THR X 139 34.85 -13.66 -30.42
C THR X 139 35.32 -12.22 -30.55
N ALA X 140 34.85 -11.40 -29.62
CA ALA X 140 35.21 -9.99 -29.58
C ALA X 140 34.95 -9.50 -28.16
N TYR X 141 35.42 -8.29 -27.87
CA TYR X 141 35.20 -7.72 -26.55
C TYR X 141 35.49 -6.23 -26.61
N ALA X 142 35.13 -5.55 -25.53
CA ALA X 142 35.39 -4.13 -25.37
C ALA X 142 35.60 -3.88 -23.88
N LYS X 143 36.57 -3.03 -23.56
CA LYS X 143 36.93 -2.68 -22.20
C LYS X 143 36.74 -1.20 -21.97
N TYR X 144 36.33 -0.84 -20.76
CA TYR X 144 36.19 0.54 -20.34
C TYR X 144 36.87 0.71 -18.99
N ALA X 145 37.79 1.68 -18.92
CA ALA X 145 38.65 1.83 -17.75
C ALA X 145 37.84 2.08 -16.48
N ASP X 146 36.98 3.10 -16.50
CA ASP X 146 36.13 3.45 -15.37
C ASP X 146 34.70 2.99 -15.65
N PHE X 147 34.02 2.56 -14.59
CA PHE X 147 32.63 2.12 -14.70
C PHE X 147 31.97 2.31 -13.34
N SER X 148 30.80 2.94 -13.33
CA SER X 148 30.11 3.24 -12.09
C SER X 148 28.62 3.34 -12.36
N ILE X 149 27.83 2.97 -11.35
CA ILE X 149 26.39 3.10 -11.36
C ILE X 149 26.00 4.19 -10.37
N SER X 150 25.40 5.26 -10.88
CA SER X 150 24.93 6.37 -10.07
C SER X 150 26.04 6.91 -9.17
N PRO X 151 27.19 7.27 -9.73
CA PRO X 151 28.34 7.60 -8.90
C PRO X 151 28.11 8.87 -8.11
N ASN X 152 28.53 8.84 -6.84
CA ASN X 152 28.41 9.98 -5.94
C ASN X 152 26.96 10.42 -5.80
N ALA X 153 26.05 9.46 -5.85
CA ALA X 153 24.62 9.71 -5.70
C ALA X 153 24.19 9.34 -4.29
N VAL X 154 23.55 10.29 -3.61
CA VAL X 154 23.09 10.03 -2.24
C VAL X 154 22.05 8.92 -2.22
N SER X 155 21.31 8.73 -3.32
CA SER X 155 20.37 7.63 -3.47
C SER X 155 20.35 7.20 -4.93
N ALA X 156 20.61 5.91 -5.19
CA ALA X 156 20.67 5.42 -6.56
C ALA X 156 19.31 5.46 -7.23
N GLU X 157 18.24 5.15 -6.48
CA GLU X 157 16.89 5.18 -7.03
C GLU X 157 16.54 6.52 -7.67
N GLU X 158 16.74 7.62 -6.92
CA GLU X 158 16.41 8.95 -7.44
C GLU X 158 17.17 9.24 -8.73
N ASP X 159 18.43 8.83 -8.79
CA ASP X 159 19.24 9.07 -9.97
C ASP X 159 18.98 8.06 -11.07
N GLY X 160 18.09 7.09 -10.88
CA GLY X 160 17.77 6.15 -11.93
C GLY X 160 18.86 5.18 -12.28
N TYR X 161 19.84 5.02 -11.39
CA TYR X 161 20.99 4.14 -11.60
C TYR X 161 21.70 4.47 -12.91
N THR X 162 22.11 5.72 -13.02
CA THR X 162 22.82 6.19 -14.20
C THR X 162 24.08 5.39 -14.42
N LEU X 163 24.40 5.20 -15.69
CA LEU X 163 25.61 4.51 -16.11
C LEU X 163 26.66 5.53 -16.44
N PHE X 164 27.88 5.30 -15.96
CA PHE X 164 29.03 6.12 -16.31
C PHE X 164 30.13 5.18 -16.78
N VAL X 165 30.68 5.46 -17.96
CA VAL X 165 31.86 4.77 -18.47
C VAL X 165 32.77 5.80 -19.10
N ALA X 166 34.07 5.65 -18.87
CA ALA X 166 35.08 6.60 -19.33
C ALA X 166 35.97 5.93 -20.37
N GLY X 167 37.28 6.16 -20.31
CA GLY X 167 38.24 5.63 -21.27
C GLY X 167 38.04 4.19 -21.72
N PHE X 168 38.03 4.01 -23.04
CA PHE X 168 37.65 2.77 -23.69
C PHE X 168 38.86 2.23 -24.43
N GLU X 169 39.25 1.00 -24.11
CA GLU X 169 40.31 0.30 -24.81
C GLU X 169 39.67 -0.72 -25.73
N ASP X 170 40.02 -0.66 -27.01
CA ASP X 170 39.31 -1.43 -28.02
C ASP X 170 39.75 -2.88 -28.04
N GLY X 171 38.77 -3.78 -28.12
CA GLY X 171 39.00 -5.19 -28.35
C GLY X 171 38.50 -5.53 -29.73
N GLY X 172 37.75 -6.62 -29.86
CA GLY X 172 37.19 -6.95 -31.16
C GLY X 172 36.08 -6.00 -31.58
N ALA X 173 35.17 -5.71 -30.66
CA ALA X 173 34.01 -4.89 -30.96
C ALA X 173 34.35 -3.41 -30.81
N GLY X 174 33.47 -2.57 -31.31
CA GLY X 174 33.65 -1.13 -31.22
C GLY X 174 33.19 -0.60 -29.87
N ASP X 175 33.00 0.71 -29.81
CA ASP X 175 32.57 1.40 -28.60
C ASP X 175 31.12 1.82 -28.76
N SER X 176 30.21 1.03 -28.18
CA SER X 176 28.80 1.36 -28.14
C SER X 176 28.36 1.99 -26.82
N LEU X 177 29.03 1.65 -25.72
CA LEU X 177 28.55 2.09 -24.41
C LEU X 177 28.84 3.56 -24.15
N SER X 178 29.88 4.12 -24.78
CA SER X 178 30.17 5.53 -24.57
C SER X 178 28.99 6.41 -24.97
N TYR X 179 28.22 5.96 -25.96
CA TYR X 179 26.98 6.66 -26.31
C TYR X 179 26.00 6.67 -25.16
N HIS X 180 26.04 5.66 -24.30
CA HIS X 180 25.06 5.49 -23.24
C HIS X 180 25.44 6.15 -21.92
N SER X 181 26.68 6.59 -21.77
CA SER X 181 27.13 7.10 -20.48
C SER X 181 26.30 8.31 -20.05
N GLY X 182 25.91 8.31 -18.79
CA GLY X 182 25.11 9.37 -18.22
C GLY X 182 23.62 9.17 -18.27
N GLN X 183 23.16 8.01 -18.74
CA GLN X 183 21.73 7.77 -18.95
C GLN X 183 21.19 6.84 -17.87
N LYS X 184 19.99 7.15 -17.40
CA LYS X 184 19.33 6.35 -16.38
C LYS X 184 18.88 5.02 -16.98
N PHE X 185 18.73 4.03 -16.11
CA PHE X 185 18.28 2.72 -16.56
C PHE X 185 16.78 2.78 -16.76
N SER X 186 16.32 2.25 -17.89
CA SER X 186 14.95 2.38 -18.34
C SER X 186 14.36 1.00 -18.58
N THR X 187 13.08 0.86 -18.25
CA THR X 187 12.34 -0.37 -18.51
C THR X 187 10.98 0.04 -19.06
N PHE X 188 10.23 -0.92 -19.60
CA PHE X 188 8.85 -0.66 -19.99
C PHE X 188 8.00 -0.23 -18.80
N ASP X 189 8.41 -0.53 -17.57
CA ASP X 189 7.75 0.05 -16.40
C ASP X 189 8.08 1.53 -16.27
N ARG X 190 9.37 1.86 -16.31
CA ARG X 190 9.85 3.21 -16.07
C ARG X 190 10.63 3.66 -17.30
N ASP X 191 10.07 4.61 -18.04
CA ASP X 191 10.71 5.19 -19.21
C ASP X 191 11.52 6.38 -18.70
N GLN X 192 12.85 6.25 -18.74
CA GLN X 192 13.77 7.33 -18.40
C GLN X 192 14.51 7.87 -19.61
N ASP X 193 14.41 7.20 -20.76
CA ASP X 193 15.19 7.57 -21.94
C ASP X 193 14.85 8.98 -22.40
N LEU X 194 15.70 9.50 -23.29
CA LEU X 194 15.51 10.82 -23.87
C LEU X 194 14.56 10.82 -25.06
N PHE X 195 13.92 9.70 -25.36
CA PHE X 195 13.11 9.55 -26.56
C PHE X 195 11.65 9.79 -26.21
N VAL X 196 10.92 10.41 -27.15
CA VAL X 196 9.48 10.62 -26.97
C VAL X 196 8.76 9.27 -26.82
N GLN X 197 9.18 8.28 -27.60
CA GLN X 197 8.65 6.93 -27.47
C GLN X 197 9.32 6.23 -26.28
N ASN X 198 8.93 4.98 -26.04
CA ASN X 198 9.49 4.14 -24.97
C ASN X 198 10.53 3.22 -25.62
N CYS X 199 11.77 3.70 -25.64
CA CYS X 199 12.83 2.96 -26.29
C CYS X 199 13.05 1.59 -25.67
N ALA X 200 12.78 1.44 -24.38
CA ALA X 200 12.88 0.12 -23.76
C ALA X 200 11.86 -0.85 -24.35
N ALA X 201 10.64 -0.38 -24.60
CA ALA X 201 9.62 -1.26 -25.16
C ALA X 201 9.91 -1.58 -26.62
N LEU X 202 10.34 -0.59 -27.40
CA LEU X 202 10.61 -0.84 -28.81
C LEU X 202 11.81 -1.76 -29.01
N SER X 203 12.76 -1.76 -28.08
CA SER X 203 13.97 -2.55 -28.20
C SER X 203 13.87 -3.92 -27.56
N SER X 204 12.73 -4.25 -26.96
CA SER X 204 12.51 -5.57 -26.34
C SER X 204 13.56 -5.86 -25.28
N GLY X 205 13.85 -4.88 -24.44
CA GLY X 205 14.84 -5.10 -23.40
C GLY X 205 14.91 -3.96 -22.42
N ALA X 206 15.96 -3.99 -21.60
CA ALA X 206 16.23 -2.95 -20.62
C ALA X 206 17.69 -2.54 -20.72
N PHE X 207 17.93 -1.24 -20.73
CA PHE X 207 19.29 -0.70 -20.89
C PHE X 207 19.24 0.78 -20.58
N TRP X 208 20.43 1.36 -20.45
CA TRP X 208 20.57 2.80 -20.25
C TRP X 208 20.38 3.49 -21.59
N PHE X 209 19.11 3.68 -21.97
CA PHE X 209 18.78 4.15 -23.31
C PHE X 209 18.85 5.67 -23.41
N ARG X 210 19.21 6.16 -24.60
CA ARG X 210 19.26 7.59 -24.91
C ARG X 210 18.12 7.91 -25.89
N SER X 211 18.39 8.52 -27.05
CA SER X 211 17.38 8.54 -28.10
C SER X 211 17.02 7.12 -28.47
N CYS X 212 18.03 6.27 -28.63
CA CYS X 212 17.92 4.82 -28.56
C CYS X 212 19.32 4.24 -28.68
N HIS X 213 19.42 2.97 -28.33
CA HIS X 213 20.70 2.34 -28.06
C HIS X 213 21.55 2.15 -29.31
N PHE X 214 22.86 2.06 -29.08
CA PHE X 214 23.77 1.31 -29.93
C PHE X 214 24.14 -0.05 -29.36
N ALA X 215 23.82 -0.32 -28.09
CA ALA X 215 24.04 -1.63 -27.50
C ALA X 215 22.85 -1.99 -26.63
N ASN X 216 22.19 -3.12 -26.96
CA ASN X 216 21.03 -3.60 -26.23
C ASN X 216 21.28 -5.05 -25.80
N LEU X 217 22.26 -5.22 -24.91
CA LEU X 217 22.66 -6.56 -24.49
C LEU X 217 21.63 -7.27 -23.62
N ASN X 218 20.47 -6.67 -23.35
CA ASN X 218 19.37 -7.34 -22.69
C ASN X 218 18.16 -7.51 -23.62
N GLY X 219 18.35 -7.36 -24.92
CA GLY X 219 17.28 -7.49 -25.88
C GLY X 219 16.76 -8.91 -25.97
N PHE X 220 15.82 -9.10 -26.88
CA PHE X 220 15.19 -10.41 -27.06
C PHE X 220 16.17 -11.32 -27.80
N TYR X 221 16.23 -12.58 -27.39
CA TYR X 221 17.26 -13.49 -27.92
C TYR X 221 16.77 -14.01 -29.25
N LEU X 222 17.04 -13.23 -30.30
CA LEU X 222 16.60 -13.52 -31.66
C LEU X 222 17.53 -14.46 -32.42
N GLY X 223 18.64 -14.87 -31.81
CA GLY X 223 19.44 -15.96 -32.32
C GLY X 223 19.90 -15.89 -33.77
N GLY X 224 20.71 -14.88 -34.12
CA GLY X 224 21.25 -14.75 -35.46
C GLY X 224 20.82 -13.44 -36.09
N SER X 225 20.57 -13.50 -37.40
CA SER X 225 20.09 -12.33 -38.12
C SER X 225 18.58 -12.21 -37.97
N HIS X 226 18.10 -10.97 -38.03
CA HIS X 226 16.67 -10.70 -37.90
C HIS X 226 16.33 -9.50 -38.75
N LEU X 227 15.12 -9.52 -39.32
CA LEU X 227 14.67 -8.44 -40.18
C LEU X 227 14.13 -7.27 -39.39
N SER X 228 13.82 -7.47 -38.11
CA SER X 228 13.39 -6.39 -37.24
C SER X 228 14.57 -5.51 -36.83
N TYR X 229 14.26 -4.28 -36.41
CA TYR X 229 15.26 -3.24 -36.20
C TYR X 229 15.59 -3.17 -34.71
N ALA X 230 16.81 -3.58 -34.37
CA ALA X 230 17.47 -3.18 -33.13
C ALA X 230 16.67 -3.59 -31.89
N ASN X 231 16.16 -4.82 -31.90
CA ASN X 231 15.39 -5.35 -30.78
C ASN X 231 15.98 -6.62 -30.20
N GLY X 232 17.01 -7.19 -30.83
CA GLY X 232 17.74 -8.31 -30.27
C GLY X 232 18.98 -7.88 -29.47
N ILE X 233 19.68 -8.87 -28.92
CA ILE X 233 20.98 -8.61 -28.30
C ILE X 233 21.93 -8.11 -29.38
N ASN X 234 22.08 -6.79 -29.49
CA ASN X 234 22.82 -6.16 -30.58
C ASN X 234 23.93 -5.30 -30.02
N TRP X 235 25.12 -5.46 -30.58
CA TRP X 235 26.23 -4.53 -30.42
C TRP X 235 26.42 -3.88 -31.77
N ALA X 236 25.98 -2.62 -31.89
CA ALA X 236 25.90 -1.97 -33.19
C ALA X 236 27.25 -1.95 -33.90
N GLN X 237 28.32 -1.61 -33.18
CA GLN X 237 29.60 -1.37 -33.83
C GLN X 237 30.28 -2.64 -34.31
N TRP X 238 29.88 -3.82 -33.80
CA TRP X 238 30.52 -5.07 -34.20
C TRP X 238 29.72 -5.76 -35.31
N LYS X 239 28.43 -6.05 -35.06
CA LYS X 239 27.58 -6.76 -36.01
C LYS X 239 26.27 -6.02 -36.29
N GLY X 240 26.21 -4.72 -36.01
CA GLY X 240 25.09 -3.92 -36.44
C GLY X 240 23.83 -4.16 -35.64
N PHE X 241 22.75 -3.54 -36.13
CA PHE X 241 21.46 -3.60 -35.46
C PHE X 241 20.60 -4.79 -35.86
N TYR X 242 20.95 -5.50 -36.96
CA TYR X 242 20.15 -6.60 -37.47
C TYR X 242 20.79 -7.96 -37.20
N TYR X 243 21.62 -8.07 -36.16
CA TYR X 243 22.27 -9.33 -35.82
C TYR X 243 22.25 -9.50 -34.31
N SER X 244 21.75 -10.65 -33.87
CA SER X 244 21.63 -10.99 -32.47
C SER X 244 22.73 -11.98 -32.11
N LEU X 245 23.57 -11.60 -31.14
CA LEU X 245 24.72 -12.42 -30.76
C LEU X 245 24.27 -13.75 -30.17
N LYS X 246 25.25 -14.62 -29.92
CA LYS X 246 25.00 -15.91 -29.29
C LYS X 246 25.33 -15.92 -27.81
N ARG X 247 26.46 -15.32 -27.42
CA ARG X 247 26.87 -15.27 -26.03
C ARG X 247 27.26 -13.84 -25.68
N THR X 248 27.04 -13.50 -24.42
CA THR X 248 27.20 -12.13 -23.93
C THR X 248 27.36 -12.18 -22.43
N GLU X 249 28.33 -11.44 -21.91
CA GLU X 249 28.51 -11.33 -20.47
C GLU X 249 29.32 -10.08 -20.19
N MET X 250 28.90 -9.34 -19.16
CA MET X 250 29.48 -8.06 -18.79
C MET X 250 30.17 -8.22 -17.44
N LYS X 251 31.48 -7.98 -17.43
CA LYS X 251 32.35 -8.34 -16.32
C LYS X 251 32.88 -7.09 -15.63
N ILE X 252 33.19 -7.24 -14.35
CA ILE X 252 33.66 -6.14 -13.50
C ILE X 252 34.79 -6.63 -12.60
N ARG X 253 35.84 -5.81 -12.46
CA ARG X 253 36.99 -6.15 -11.62
C ARG X 253 37.47 -4.86 -10.95
N ARG X 254 38.22 -5.02 -9.85
CA ARG X 254 38.71 -3.86 -9.12
C ARG X 254 39.65 -3.04 -10.00
N ALA X 255 39.37 -1.74 -10.06
CA ALA X 255 40.15 -0.69 -10.73
C ALA X 255 41.17 -1.12 -11.78
CA CA Y . -1.14 22.75 7.81
CA CA Z . 4.13 -20.37 -13.60
CA CA AA . -10.95 -15.71 20.21
CA CA BA . 10.30 15.04 -19.84
CA CA CA . 0.46 18.75 15.16
CA CA DA . -11.02 -8.83 23.67
CA CA EA . -3.07 -22.70 -9.63
CA CA FA . 10.49 8.09 -23.47
#